data_9C5X
#
_entry.id   9C5X
#
_cell.length_a   1.00
_cell.length_b   1.00
_cell.length_c   1.00
_cell.angle_alpha   90.00
_cell.angle_beta   90.00
_cell.angle_gamma   90.00
#
_symmetry.space_group_name_H-M   'P 1'
#
loop_
_entity.id
_entity.type
_entity.pdbx_description
1 polymer 'DUF4297 domain-containing protein'
2 polymer 'ATP-binding protein'
#
loop_
_entity_poly.entity_id
_entity_poly.type
_entity_poly.pdbx_seq_one_letter_code
_entity_poly.pdbx_strand_id
1 'polypeptide(L)'
;MMSREADHTIKGFLYQFNKTLNSILSSTDQDEIQIEGIIEDIDIKNSNITNAIQCKYHESKVRHNLSDIYKPILQMLLHF
LENDSLNIKYALYAYFPNEQVGVKEVTKSQIEEILSSSNFDYISKYISKIKPPKEQIIKELLGKTSKTTEDKTRIKKYYE
TSKLETIVDIDKFLRDHFVFEIGLSYEELMNETKNLLMKEGFSLEDVKDLFYPNSIQYIAELSILPEAEKRISSKNKLID
YLKGNKKTAMSRWTSEVLTRKQLLKVRKNQLVPSLNINSRSRYFIIDPDTIDNFDDEFILFVKDYLDKYNSKIKLHTETP
CFILKTDVNNLSEYHKRFVSRNIQIITGYIGDTFYFKEFNKEPKRIIKDNWVEFKARISCNSDEVIKCINYKKCDDLYIV
GGVDVSLLDTADVNIENLEINNFRELKYLLSMLKEI
;
A,B,C,D,E,F,G,H,I,J,K,L
2 'polypeptide(L)'
;MKIGSVIESSPHSILVKIDTLKIFEKAKSALQIGKYLKIQEGNHNFVLCVIQNIKISTDKDEDIFILTVQPVGIFKGEEF
FQGNSMLPSPTEPVFLVEDDILNKIFSNEKTKIFHLGNLAQNEEVSFTLDGDKFFSKHVAVVGSTGSGKSCAVAKILQNV
VGINDARNINKSDKKNSHIIIFDIHSEYKSAFEIDKNEDFNLNYLDVEKLKLPYWLMNSEELETLFIESNEQNSHNQVSQ
FKRAVVLNKEKYNPEFKKITYDSPVYFNINEVFNYIYNLNEEVINKIEGEPSLPKLSNGELVENRQIYFNEKLEFTSSNT
SKATKASNGPFNGEFNRFLSRFETKLTDKRLEFLLLNQDVEENSKYRTEHFEDILKQFMGYLDRSNVSIIDLSGIPFEVL
SITISLISRLIFDFAFHYSKLQHQKDELNDIPFMIVCEEAHNYIPRTGGIEFKAAKKSIERIAKEGRKYGLSLMVVSQRP
SEVSDTILSQCNNFINLRLTNINDQNYIKNLLPDNSRSISEILPTLGAGECLVVGDSTPIPSIVKLELPNPEPRSQSIKF
HKKWSESWRTPSFEEVIMRWRKENG
;
M,N,O,P,Q,R
#
# COMPACT_ATOMS: atom_id res chain seq x y z
N ARG A 267 -37.23 -44.07 12.17
CA ARG A 267 -36.43 -44.77 11.17
C ARG A 267 -35.92 -43.80 10.10
N LYS A 268 -36.68 -42.73 9.86
CA LYS A 268 -36.25 -41.71 8.91
C LYS A 268 -35.00 -41.00 9.39
N ASN A 269 -35.01 -40.53 10.65
CA ASN A 269 -33.90 -39.72 11.15
C ASN A 269 -32.61 -40.54 11.23
N GLN A 270 -32.72 -41.86 11.38
CA GLN A 270 -31.52 -42.69 11.33
C GLN A 270 -30.94 -42.72 9.93
N LEU A 271 -31.80 -42.70 8.90
CA LEU A 271 -31.36 -42.74 7.52
C LEU A 271 -31.06 -41.38 6.93
N VAL A 272 -31.36 -40.29 7.65
CA VAL A 272 -31.04 -38.95 7.13
C VAL A 272 -29.54 -38.78 6.91
N PRO A 273 -28.66 -39.16 7.83
CA PRO A 273 -27.25 -39.26 7.46
C PRO A 273 -27.03 -40.36 6.44
N SER A 274 -25.97 -40.19 5.64
CA SER A 274 -25.59 -41.09 4.55
C SER A 274 -26.57 -40.98 3.38
N LEU A 275 -27.63 -40.18 3.55
CA LEU A 275 -28.49 -39.78 2.44
C LEU A 275 -28.26 -38.34 2.03
N ASN A 276 -27.50 -37.58 2.82
CA ASN A 276 -27.11 -36.22 2.47
C ASN A 276 -25.77 -36.16 1.76
N ILE A 277 -25.14 -37.31 1.52
CA ILE A 277 -23.86 -37.36 0.84
C ILE A 277 -24.11 -37.56 -0.65
N ASN A 278 -23.49 -36.71 -1.47
CA ASN A 278 -23.75 -36.73 -2.91
C ASN A 278 -23.22 -38.00 -3.56
N SER A 279 -22.01 -38.40 -3.21
CA SER A 279 -21.35 -39.54 -3.86
C SER A 279 -21.44 -40.75 -2.92
N ARG A 280 -22.54 -41.48 -3.02
CA ARG A 280 -22.73 -42.72 -2.28
C ARG A 280 -23.33 -43.77 -3.20
N SER A 281 -22.79 -44.98 -3.13
CA SER A 281 -23.28 -46.10 -3.94
C SER A 281 -24.39 -46.80 -3.16
N ARG A 282 -25.63 -46.52 -3.52
CA ARG A 282 -26.80 -47.08 -2.86
C ARG A 282 -27.41 -48.15 -3.76
N TYR A 283 -27.51 -49.37 -3.25
CA TYR A 283 -28.08 -50.50 -3.97
C TYR A 283 -29.39 -50.91 -3.32
N PHE A 284 -30.34 -51.36 -4.14
CA PHE A 284 -31.66 -51.75 -3.67
C PHE A 284 -31.94 -53.19 -4.07
N ILE A 285 -32.54 -53.94 -3.15
CA ILE A 285 -32.84 -55.35 -3.35
C ILE A 285 -34.35 -55.52 -3.20
N ILE A 286 -35.10 -54.51 -3.65
CA ILE A 286 -36.55 -54.49 -3.47
C ILE A 286 -37.20 -55.76 -3.98
N ASP A 287 -38.15 -56.29 -3.21
CA ASP A 287 -38.92 -57.46 -3.60
C ASP A 287 -40.24 -57.01 -4.20
N PRO A 288 -40.55 -57.38 -5.45
CA PRO A 288 -41.77 -56.86 -6.09
C PRO A 288 -43.06 -57.23 -5.37
N ASP A 289 -43.13 -58.43 -4.77
CA ASP A 289 -44.40 -58.91 -4.23
C ASP A 289 -44.81 -58.20 -2.94
N THR A 290 -43.85 -57.63 -2.20
CA THR A 290 -44.17 -57.01 -0.92
C THR A 290 -44.98 -55.73 -1.10
N ILE A 291 -44.54 -54.87 -2.01
CA ILE A 291 -45.14 -53.55 -2.18
C ILE A 291 -46.43 -53.67 -2.98
N ASP A 292 -47.50 -53.07 -2.48
CA ASP A 292 -48.76 -53.03 -3.20
C ASP A 292 -48.65 -52.19 -4.46
N ASN A 293 -49.44 -52.55 -5.47
CA ASN A 293 -49.43 -51.92 -6.79
C ASN A 293 -48.02 -51.59 -7.26
N PHE A 294 -47.15 -52.59 -7.19
CA PHE A 294 -45.75 -52.41 -7.54
C PHE A 294 -45.57 -52.22 -9.04
N ASP A 295 -46.40 -52.87 -9.86
CA ASP A 295 -46.19 -52.83 -11.31
C ASP A 295 -46.41 -51.45 -11.88
N ASP A 296 -47.43 -50.73 -11.38
CA ASP A 296 -47.82 -49.45 -11.94
C ASP A 296 -47.19 -48.26 -11.24
N GLU A 297 -46.36 -48.47 -10.23
CA GLU A 297 -45.77 -47.37 -9.47
C GLU A 297 -44.25 -47.45 -9.32
N PHE A 298 -43.61 -48.54 -9.73
CA PHE A 298 -42.16 -48.64 -9.60
C PHE A 298 -41.44 -47.63 -10.47
N ILE A 299 -41.93 -47.42 -11.70
CA ILE A 299 -41.27 -46.49 -12.62
C ILE A 299 -41.35 -45.07 -12.09
N LEU A 300 -42.50 -44.67 -11.55
CA LEU A 300 -42.61 -43.34 -10.97
C LEU A 300 -41.68 -43.18 -9.77
N PHE A 301 -41.57 -44.20 -8.93
CA PHE A 301 -40.66 -44.14 -7.78
C PHE A 301 -39.21 -43.99 -8.24
N VAL A 302 -38.83 -44.70 -9.30
CA VAL A 302 -37.49 -44.54 -9.85
C VAL A 302 -37.31 -43.11 -10.37
N LYS A 303 -38.34 -42.59 -11.06
CA LYS A 303 -38.23 -41.26 -11.64
C LYS A 303 -38.06 -40.19 -10.57
N ASP A 304 -38.79 -40.30 -9.46
CA ASP A 304 -38.68 -39.31 -8.40
C ASP A 304 -37.58 -39.63 -7.40
N TYR A 305 -36.80 -40.68 -7.64
CA TYR A 305 -35.58 -40.92 -6.88
C TYR A 305 -34.35 -40.36 -7.58
N LEU A 306 -34.30 -40.48 -8.91
CA LEU A 306 -33.19 -39.98 -9.71
C LEU A 306 -33.24 -38.49 -9.94
N ASP A 307 -34.34 -37.82 -9.60
CA ASP A 307 -34.41 -36.37 -9.67
C ASP A 307 -34.00 -35.71 -8.36
N LYS A 308 -33.59 -36.50 -7.36
CA LYS A 308 -33.18 -35.95 -6.08
C LYS A 308 -31.78 -36.45 -5.70
N TYR A 309 -31.48 -37.70 -6.05
CA TYR A 309 -30.20 -38.31 -5.71
C TYR A 309 -29.31 -38.57 -6.92
N ASN A 310 -29.80 -38.35 -8.14
CA ASN A 310 -29.01 -38.57 -9.35
C ASN A 310 -29.25 -37.43 -10.33
N SER A 311 -29.24 -36.20 -9.84
CA SER A 311 -29.47 -35.02 -10.66
C SER A 311 -28.18 -34.35 -11.11
N LYS A 312 -27.32 -33.99 -10.16
CA LYS A 312 -26.09 -33.29 -10.48
C LYS A 312 -25.17 -34.17 -11.31
N ILE A 313 -24.53 -33.57 -12.33
CA ILE A 313 -23.67 -34.32 -13.23
C ILE A 313 -22.24 -34.43 -12.70
N LYS A 314 -21.83 -33.53 -11.81
CA LYS A 314 -20.48 -33.57 -11.26
C LYS A 314 -20.42 -34.05 -9.82
N LEU A 315 -21.51 -33.91 -9.05
CA LEU A 315 -21.53 -34.36 -7.67
C LEU A 315 -22.05 -35.78 -7.51
N HIS A 316 -23.14 -36.11 -8.22
CA HIS A 316 -23.73 -37.45 -8.15
C HIS A 316 -23.04 -38.34 -9.18
N THR A 317 -21.90 -38.91 -8.76
CA THR A 317 -21.02 -39.63 -9.66
C THR A 317 -21.19 -41.14 -9.60
N GLU A 318 -22.14 -41.66 -8.83
CA GLU A 318 -22.30 -43.10 -8.69
C GLU A 318 -23.74 -43.49 -8.99
N THR A 319 -23.90 -44.51 -9.82
CA THR A 319 -25.20 -44.91 -10.36
C THR A 319 -25.92 -45.85 -9.40
N PRO A 320 -27.18 -45.58 -9.07
CA PRO A 320 -27.94 -46.51 -8.24
C PRO A 320 -28.20 -47.83 -8.97
N CYS A 321 -28.30 -48.90 -8.19
CA CYS A 321 -28.61 -50.23 -8.70
C CYS A 321 -29.89 -50.73 -8.04
N PHE A 322 -30.85 -51.16 -8.85
CA PHE A 322 -32.13 -51.69 -8.37
C PHE A 322 -32.21 -53.16 -8.78
N ILE A 323 -31.99 -54.06 -7.83
CA ILE A 323 -32.06 -55.49 -8.07
C ILE A 323 -33.42 -55.99 -7.59
N LEU A 324 -34.17 -56.61 -8.50
CA LEU A 324 -35.51 -57.11 -8.20
C LEU A 324 -35.53 -58.63 -8.29
N LYS A 325 -36.18 -59.26 -7.31
CA LYS A 325 -36.34 -60.72 -7.29
C LYS A 325 -37.55 -61.07 -8.14
N THR A 326 -37.30 -61.35 -9.41
CA THR A 326 -38.36 -61.67 -10.36
C THR A 326 -37.78 -62.56 -11.45
N ASP A 327 -38.53 -62.74 -12.53
CA ASP A 327 -38.07 -63.52 -13.67
C ASP A 327 -37.36 -62.63 -14.68
N VAL A 328 -36.49 -63.24 -15.47
CA VAL A 328 -35.71 -62.49 -16.45
C VAL A 328 -36.64 -61.92 -17.53
N ASN A 329 -37.66 -62.67 -17.92
CA ASN A 329 -38.51 -62.27 -19.03
C ASN A 329 -39.33 -61.02 -18.70
N ASN A 330 -39.59 -60.77 -17.42
CA ASN A 330 -40.37 -59.61 -17.02
C ASN A 330 -39.53 -58.33 -16.95
N LEU A 331 -38.21 -58.48 -16.93
CA LEU A 331 -37.33 -57.33 -16.81
C LEU A 331 -37.39 -56.47 -18.06
N SER A 332 -37.52 -57.09 -19.23
CA SER A 332 -37.74 -56.32 -20.46
C SER A 332 -39.09 -55.62 -20.46
N GLU A 333 -40.10 -56.24 -19.84
CA GLU A 333 -41.38 -55.58 -19.67
C GLU A 333 -41.22 -54.29 -18.87
N TYR A 334 -40.36 -54.31 -17.85
CA TYR A 334 -40.04 -53.06 -17.16
C TYR A 334 -39.20 -52.10 -18.01
N HIS A 335 -38.31 -52.64 -18.86
CA HIS A 335 -37.47 -51.80 -19.71
C HIS A 335 -38.31 -50.96 -20.66
N LYS A 336 -39.35 -51.56 -21.25
CA LYS A 336 -40.24 -50.81 -22.13
C LYS A 336 -40.89 -49.64 -21.38
N ARG A 337 -41.33 -49.89 -20.14
CA ARG A 337 -41.90 -48.85 -19.31
C ARG A 337 -40.92 -47.71 -19.11
N PHE A 338 -39.65 -48.03 -18.82
CA PHE A 338 -38.66 -46.97 -18.68
C PHE A 338 -38.43 -46.19 -19.98
N VAL A 339 -38.37 -46.88 -21.11
CA VAL A 339 -38.14 -46.17 -22.38
C VAL A 339 -39.29 -45.22 -22.68
N SER A 340 -40.51 -45.61 -22.31
CA SER A 340 -41.65 -44.72 -22.55
C SER A 340 -41.56 -43.44 -21.72
N ARG A 341 -40.86 -43.48 -20.59
CA ARG A 341 -40.73 -42.33 -19.69
C ARG A 341 -39.45 -41.53 -19.92
N ASN A 342 -38.69 -41.83 -20.97
CA ASN A 342 -37.45 -41.12 -21.29
C ASN A 342 -36.45 -41.19 -20.14
N ILE A 343 -36.24 -42.40 -19.62
CA ILE A 343 -35.24 -42.67 -18.60
C ILE A 343 -34.31 -43.75 -19.14
N GLN A 344 -33.01 -43.47 -19.14
CA GLN A 344 -32.02 -44.39 -19.69
C GLN A 344 -31.50 -45.30 -18.59
N ILE A 345 -31.69 -46.61 -18.76
CA ILE A 345 -31.22 -47.61 -17.82
C ILE A 345 -30.56 -48.74 -18.60
N ILE A 346 -29.76 -49.54 -17.89
CA ILE A 346 -29.11 -50.70 -18.48
C ILE A 346 -29.56 -51.94 -17.71
N THR A 347 -30.21 -52.86 -18.43
CA THR A 347 -30.57 -54.15 -17.83
C THR A 347 -29.34 -55.05 -17.70
N GLY A 348 -28.48 -55.06 -18.70
CA GLY A 348 -27.31 -55.92 -18.69
C GLY A 348 -27.53 -57.31 -19.22
N TYR A 349 -28.63 -57.54 -19.95
CA TYR A 349 -28.96 -58.88 -20.44
C TYR A 349 -28.91 -58.98 -21.95
N ILE A 350 -29.66 -58.14 -22.67
CA ILE A 350 -29.80 -58.24 -24.12
C ILE A 350 -30.33 -59.63 -24.46
N GLY A 351 -31.60 -59.89 -24.14
CA GLY A 351 -32.20 -61.19 -24.36
C GLY A 351 -32.26 -62.00 -23.09
N ASP A 352 -31.79 -63.25 -23.16
CA ASP A 352 -31.72 -64.12 -22.00
C ASP A 352 -30.32 -64.29 -21.45
N THR A 353 -29.29 -64.11 -22.28
CA THR A 353 -27.91 -64.17 -21.84
C THR A 353 -27.60 -62.97 -20.94
N PHE A 354 -26.55 -63.09 -20.14
CA PHE A 354 -26.08 -62.01 -19.28
C PHE A 354 -24.67 -61.63 -19.66
N TYR A 355 -24.41 -60.32 -19.73
CA TYR A 355 -23.11 -59.78 -20.09
C TYR A 355 -22.62 -58.91 -18.93
N PHE A 356 -21.60 -59.37 -18.22
CA PHE A 356 -21.16 -58.67 -17.02
C PHE A 356 -20.38 -57.41 -17.36
N LYS A 357 -19.65 -57.39 -18.47
CA LYS A 357 -18.87 -56.21 -18.82
C LYS A 357 -19.74 -55.07 -19.33
N GLU A 358 -20.98 -55.35 -19.72
CA GLU A 358 -21.95 -54.30 -20.00
C GLU A 358 -22.79 -53.96 -18.78
N PHE A 359 -22.57 -54.63 -17.65
CA PHE A 359 -23.22 -54.29 -16.40
C PHE A 359 -22.31 -53.55 -15.43
N ASN A 360 -20.99 -53.78 -15.51
CA ASN A 360 -20.02 -53.11 -14.66
C ASN A 360 -19.44 -51.85 -15.31
N LYS A 361 -19.89 -51.51 -16.52
CA LYS A 361 -19.38 -50.34 -17.20
C LYS A 361 -19.81 -49.05 -16.47
N GLU A 362 -18.92 -48.06 -16.48
CA GLU A 362 -19.28 -46.80 -15.87
C GLU A 362 -19.94 -45.88 -16.89
N PRO A 363 -20.95 -45.13 -16.49
CA PRO A 363 -21.62 -44.23 -17.44
C PRO A 363 -20.67 -43.14 -17.92
N LYS A 364 -20.86 -42.73 -19.18
CA LYS A 364 -20.01 -41.74 -19.81
C LYS A 364 -20.67 -40.37 -19.70
N ARG A 365 -19.92 -39.39 -19.20
CA ARG A 365 -20.47 -38.10 -18.84
C ARG A 365 -19.97 -37.00 -19.78
N ILE A 366 -20.88 -36.09 -20.14
CA ILE A 366 -20.55 -34.86 -20.84
C ILE A 366 -21.11 -33.73 -19.99
N ILE A 367 -20.25 -33.09 -19.19
CA ILE A 367 -20.71 -32.12 -18.21
C ILE A 367 -21.33 -30.90 -18.90
N LYS A 368 -20.69 -30.41 -19.97
CA LYS A 368 -21.18 -29.21 -20.64
C LYS A 368 -22.55 -29.42 -21.28
N ASP A 369 -22.89 -30.66 -21.64
CA ASP A 369 -24.18 -30.96 -22.25
C ASP A 369 -25.18 -31.54 -21.27
N ASN A 370 -24.82 -31.68 -19.99
CA ASN A 370 -25.67 -32.32 -18.99
C ASN A 370 -26.12 -33.70 -19.45
N TRP A 371 -25.16 -34.48 -19.95
CA TRP A 371 -25.42 -35.77 -20.56
C TRP A 371 -24.76 -36.89 -19.76
N VAL A 372 -25.54 -37.93 -19.47
CA VAL A 372 -25.04 -39.18 -18.92
C VAL A 372 -25.78 -40.31 -19.62
N GLU A 373 -25.04 -41.33 -20.06
CA GLU A 373 -25.62 -42.32 -20.97
C GLU A 373 -26.70 -43.15 -20.29
N PHE A 374 -26.48 -43.56 -19.04
CA PHE A 374 -27.51 -44.23 -18.27
C PHE A 374 -27.47 -43.75 -16.83
N LYS A 375 -28.61 -43.86 -16.15
CA LYS A 375 -28.76 -43.32 -14.80
C LYS A 375 -29.21 -44.37 -13.78
N ALA A 376 -29.34 -45.63 -14.18
CA ALA A 376 -29.79 -46.66 -13.25
C ALA A 376 -29.35 -48.02 -13.76
N ARG A 377 -29.46 -49.03 -12.89
CA ARG A 377 -29.00 -50.38 -13.18
C ARG A 377 -30.05 -51.41 -12.75
N ILE A 378 -31.30 -51.21 -13.18
CA ILE A 378 -32.35 -52.19 -12.89
C ILE A 378 -31.96 -53.54 -13.48
N SER A 379 -31.99 -54.57 -12.65
CA SER A 379 -31.60 -55.91 -13.07
C SER A 379 -32.45 -56.92 -12.29
N CYS A 380 -32.04 -58.18 -12.33
CA CYS A 380 -32.77 -59.28 -11.70
C CYS A 380 -31.89 -59.96 -10.67
N ASN A 381 -32.54 -60.61 -9.69
CA ASN A 381 -31.84 -61.36 -8.66
C ASN A 381 -31.48 -62.72 -9.22
N SER A 382 -30.31 -62.80 -9.85
CA SER A 382 -29.82 -64.04 -10.45
C SER A 382 -28.37 -64.26 -10.02
N ASP A 383 -27.94 -65.52 -10.11
CA ASP A 383 -26.59 -65.87 -9.68
C ASP A 383 -25.54 -65.08 -10.44
N GLU A 384 -25.77 -64.81 -11.72
CA GLU A 384 -24.84 -64.00 -12.49
C GLU A 384 -24.78 -62.57 -11.97
N VAL A 385 -25.93 -62.01 -11.60
CA VAL A 385 -25.95 -60.64 -11.09
C VAL A 385 -25.30 -60.58 -9.71
N ILE A 386 -25.61 -61.54 -8.83
CA ILE A 386 -24.96 -61.58 -7.53
C ILE A 386 -23.48 -61.92 -7.66
N LYS A 387 -23.07 -62.53 -8.78
CA LYS A 387 -21.65 -62.67 -9.05
C LYS A 387 -21.00 -61.30 -9.24
N CYS A 388 -21.74 -60.37 -9.86
CA CYS A 388 -21.36 -58.96 -9.84
C CYS A 388 -21.78 -58.38 -8.49
N ILE A 389 -21.79 -57.05 -8.38
CA ILE A 389 -22.13 -56.36 -7.13
C ILE A 389 -21.06 -56.64 -6.09
N ASN A 390 -20.72 -57.93 -5.89
CA ASN A 390 -19.60 -58.28 -5.04
C ASN A 390 -18.29 -57.73 -5.60
N TYR A 391 -18.12 -57.81 -6.92
CA TYR A 391 -16.92 -57.28 -7.56
C TYR A 391 -16.80 -55.78 -7.37
N LYS A 392 -17.90 -55.06 -7.51
CA LYS A 392 -17.95 -53.61 -7.32
C LYS A 392 -18.85 -53.34 -6.11
N LYS A 393 -18.25 -53.39 -4.92
CA LYS A 393 -19.01 -53.24 -3.69
C LYS A 393 -19.53 -51.82 -3.54
N CYS A 394 -20.68 -51.69 -2.88
CA CYS A 394 -21.31 -50.41 -2.64
C CYS A 394 -20.97 -49.92 -1.23
N ASP A 395 -21.49 -48.75 -0.88
CA ASP A 395 -21.33 -48.19 0.46
C ASP A 395 -22.54 -48.43 1.34
N ASP A 396 -23.74 -48.44 0.77
CA ASP A 396 -24.97 -48.73 1.50
C ASP A 396 -25.80 -49.73 0.72
N LEU A 397 -26.57 -50.53 1.45
CA LEU A 397 -27.41 -51.55 0.83
C LEU A 397 -28.78 -51.50 1.52
N TYR A 398 -29.78 -51.00 0.80
CA TYR A 398 -31.14 -50.91 1.32
C TYR A 398 -31.95 -52.09 0.76
N ILE A 399 -32.39 -52.98 1.64
CA ILE A 399 -33.14 -54.17 1.26
C ILE A 399 -34.57 -53.99 1.71
N VAL A 400 -35.50 -54.21 0.78
CA VAL A 400 -36.94 -54.03 1.03
C VAL A 400 -37.61 -55.39 0.91
N GLY A 401 -38.42 -55.74 1.91
CA GLY A 401 -39.09 -57.01 1.92
C GLY A 401 -38.19 -58.14 2.37
N GLY A 402 -38.70 -59.36 2.23
CA GLY A 402 -37.94 -60.53 2.60
C GLY A 402 -37.17 -61.12 1.44
N VAL A 403 -35.88 -60.80 1.35
CA VAL A 403 -35.01 -61.28 0.28
C VAL A 403 -33.78 -61.90 0.91
N ASP A 404 -33.35 -63.03 0.36
CA ASP A 404 -32.17 -63.73 0.86
C ASP A 404 -30.93 -62.86 0.66
N VAL A 405 -30.39 -62.32 1.76
CA VAL A 405 -29.23 -61.45 1.69
C VAL A 405 -27.93 -62.23 1.50
N SER A 406 -27.97 -63.55 1.66
CA SER A 406 -26.77 -64.36 1.52
C SER A 406 -26.21 -64.28 0.11
N LEU A 407 -24.91 -64.57 -0.01
CA LEU A 407 -24.11 -64.53 -1.23
C LEU A 407 -23.85 -63.11 -1.71
N LEU A 408 -24.35 -62.09 -1.03
CA LEU A 408 -24.13 -60.70 -1.42
C LEU A 408 -22.86 -60.11 -0.81
N ASP A 409 -22.13 -60.89 -0.01
CA ASP A 409 -20.86 -60.44 0.58
C ASP A 409 -21.06 -59.16 1.40
N THR A 410 -21.86 -59.28 2.46
CA THR A 410 -22.18 -58.13 3.29
C THR A 410 -21.00 -57.74 4.17
N ALA A 411 -19.92 -57.27 3.55
CA ALA A 411 -18.73 -56.83 4.26
C ALA A 411 -18.50 -55.34 3.96
N ASP A 412 -18.26 -54.57 5.01
CA ASP A 412 -18.04 -53.13 4.91
C ASP A 412 -19.21 -52.41 4.25
N VAL A 413 -20.43 -52.91 4.48
CA VAL A 413 -21.64 -52.31 3.95
C VAL A 413 -22.63 -52.11 5.09
N ASN A 414 -23.56 -51.18 4.89
CA ASN A 414 -24.56 -50.83 5.89
C ASN A 414 -25.91 -51.39 5.42
N ILE A 415 -26.25 -52.58 5.91
CA ILE A 415 -27.52 -53.21 5.57
C ILE A 415 -28.63 -52.53 6.34
N GLU A 416 -29.66 -52.09 5.63
CA GLU A 416 -30.80 -51.41 6.23
C GLU A 416 -32.08 -52.09 5.75
N ASN A 417 -32.63 -52.96 6.59
CA ASN A 417 -33.85 -53.71 6.24
C ASN A 417 -35.05 -52.80 6.45
N LEU A 418 -35.65 -52.36 5.36
CA LEU A 418 -36.83 -51.49 5.40
C LEU A 418 -38.07 -52.31 5.08
N GLU A 419 -39.05 -52.28 5.98
CA GLU A 419 -40.32 -52.96 5.80
C GLU A 419 -41.39 -51.92 5.49
N ILE A 420 -42.07 -52.09 4.35
CA ILE A 420 -43.07 -51.15 3.88
C ILE A 420 -44.22 -51.93 3.24
N ASN A 421 -45.31 -51.22 2.97
CA ASN A 421 -46.47 -51.78 2.30
C ASN A 421 -46.73 -51.15 0.93
N ASN A 422 -46.53 -49.84 0.80
CA ASN A 422 -46.69 -49.14 -0.47
C ASN A 422 -45.52 -48.19 -0.65
N PHE A 423 -45.40 -47.66 -1.88
CA PHE A 423 -44.27 -46.81 -2.21
C PHE A 423 -44.30 -45.47 -1.48
N ARG A 424 -45.45 -45.07 -0.94
CA ARG A 424 -45.50 -43.80 -0.20
C ARG A 424 -44.66 -43.87 1.07
N GLU A 425 -44.71 -44.99 1.78
CA GLU A 425 -43.87 -45.16 2.96
C GLU A 425 -42.39 -45.18 2.59
N LEU A 426 -42.05 -45.81 1.46
CA LEU A 426 -40.65 -45.80 1.01
C LEU A 426 -40.19 -44.39 0.67
N LYS A 427 -41.05 -43.62 0.01
CA LYS A 427 -40.72 -42.22 -0.27
C LYS A 427 -40.54 -41.43 1.01
N TYR A 428 -41.39 -41.67 2.00
CA TYR A 428 -41.25 -41.00 3.29
C TYR A 428 -39.94 -41.37 3.97
N LEU A 429 -39.53 -42.65 3.87
CA LEU A 429 -38.30 -43.09 4.53
C LEU A 429 -37.08 -42.39 3.94
N LEU A 430 -37.02 -42.26 2.62
CA LEU A 430 -35.86 -41.67 1.94
C LEU A 430 -35.93 -40.15 1.86
N SER A 431 -36.75 -39.52 2.71
CA SER A 431 -36.85 -38.06 2.78
C SER A 431 -37.31 -37.44 1.47
N MET A 432 -38.03 -38.22 0.65
CA MET A 432 -38.59 -37.70 -0.59
C MET A 432 -40.00 -37.18 -0.42
N LEU A 433 -40.58 -37.30 0.78
CA LEU A 433 -41.93 -36.83 1.03
C LEU A 433 -42.08 -36.52 2.51
N LYS A 434 -42.86 -35.50 2.82
CA LYS A 434 -43.09 -35.08 4.20
C LYS A 434 -44.30 -35.73 4.84
N GLU A 435 -45.06 -36.53 4.08
CA GLU A 435 -46.25 -37.21 4.59
C GLU A 435 -46.47 -38.48 3.78
N ILE A 436 -47.31 -39.36 4.33
CA ILE A 436 -47.67 -40.58 3.63
C ILE A 436 -48.70 -40.25 2.55
N ARG B 267 56.89 -15.39 -2.53
CA ARG B 267 56.56 -15.61 -3.94
C ARG B 267 55.12 -16.08 -4.12
N LYS B 268 54.64 -16.90 -3.17
CA LYS B 268 53.28 -17.40 -3.26
C LYS B 268 52.27 -16.27 -3.15
N ASN B 269 52.49 -15.33 -2.24
CA ASN B 269 51.57 -14.21 -2.08
C ASN B 269 51.66 -13.21 -3.23
N GLN B 270 52.77 -13.21 -3.97
CA GLN B 270 52.87 -12.35 -5.14
C GLN B 270 51.98 -12.86 -6.27
N LEU B 271 51.82 -14.18 -6.38
CA LEU B 271 51.04 -14.80 -7.43
C LEU B 271 49.60 -15.09 -7.04
N VAL B 272 49.19 -14.79 -5.81
CA VAL B 272 47.82 -15.06 -5.40
C VAL B 272 46.83 -14.16 -6.15
N PRO B 273 47.19 -12.96 -6.63
CA PRO B 273 46.35 -12.31 -7.63
C PRO B 273 46.55 -12.95 -8.99
N SER B 274 45.55 -12.76 -9.86
CA SER B 274 45.45 -13.34 -11.19
C SER B 274 45.23 -14.85 -11.16
N LEU B 275 45.25 -15.47 -9.97
CA LEU B 275 44.84 -16.85 -9.80
C LEU B 275 43.46 -16.98 -9.20
N ASN B 276 42.93 -15.91 -8.62
CA ASN B 276 41.57 -15.88 -8.09
C ASN B 276 40.54 -15.49 -9.13
N ILE B 277 40.97 -15.16 -10.34
CA ILE B 277 40.06 -14.78 -11.42
C ILE B 277 39.65 -16.04 -12.18
N ASN B 278 38.34 -16.21 -12.35
CA ASN B 278 37.83 -17.43 -12.97
C ASN B 278 38.17 -17.47 -14.46
N SER B 279 37.69 -16.49 -15.22
CA SER B 279 37.95 -16.44 -16.67
C SER B 279 39.28 -15.75 -16.90
N ARG B 280 40.33 -16.56 -17.06
CA ARG B 280 41.67 -16.02 -17.26
C ARG B 280 42.53 -17.10 -17.92
N SER B 281 43.22 -16.74 -18.99
CA SER B 281 44.02 -17.69 -19.74
C SER B 281 45.41 -17.82 -19.12
N ARG B 282 45.80 -19.05 -18.80
CA ARG B 282 47.11 -19.35 -18.22
C ARG B 282 47.82 -20.37 -19.08
N TYR B 283 49.06 -20.05 -19.47
CA TYR B 283 49.88 -20.93 -20.29
C TYR B 283 51.12 -21.34 -19.50
N PHE B 284 51.59 -22.55 -19.75
CA PHE B 284 52.72 -23.12 -19.04
C PHE B 284 53.77 -23.62 -20.03
N ILE B 285 55.04 -23.41 -19.68
CA ILE B 285 56.17 -23.78 -20.52
C ILE B 285 57.04 -24.76 -19.76
N ILE B 286 56.39 -25.63 -18.97
CA ILE B 286 57.09 -26.55 -18.08
C ILE B 286 58.15 -27.34 -18.84
N ASP B 287 59.34 -27.44 -18.26
CA ASP B 287 60.44 -28.20 -18.83
C ASP B 287 60.57 -29.52 -18.08
N PRO B 288 60.37 -30.67 -18.74
CA PRO B 288 60.42 -31.94 -18.01
C PRO B 288 61.76 -32.23 -17.36
N ASP B 289 62.86 -31.69 -17.88
CA ASP B 289 64.17 -31.99 -17.33
C ASP B 289 64.35 -31.40 -15.94
N THR B 290 63.82 -30.20 -15.71
CA THR B 290 64.06 -29.52 -14.44
C THR B 290 63.40 -30.24 -13.27
N ILE B 291 62.11 -30.58 -13.41
CA ILE B 291 61.37 -31.19 -12.31
C ILE B 291 61.64 -32.70 -12.30
N ASP B 292 62.03 -33.20 -11.14
CA ASP B 292 62.28 -34.63 -10.98
C ASP B 292 60.98 -35.41 -10.94
N ASN B 293 61.05 -36.67 -11.37
CA ASN B 293 59.88 -37.56 -11.42
C ASN B 293 58.75 -36.94 -12.24
N PHE B 294 59.12 -36.27 -13.33
CA PHE B 294 58.13 -35.60 -14.17
C PHE B 294 57.17 -36.59 -14.81
N ASP B 295 57.70 -37.72 -15.30
CA ASP B 295 56.87 -38.66 -16.05
C ASP B 295 55.79 -39.30 -15.18
N ASP B 296 56.05 -39.45 -13.88
CA ASP B 296 55.13 -40.13 -12.98
C ASP B 296 54.26 -39.18 -12.17
N GLU B 297 54.45 -37.86 -12.30
CA GLU B 297 53.70 -36.90 -11.52
C GLU B 297 53.07 -35.79 -12.34
N PHE B 298 53.44 -35.64 -13.61
CA PHE B 298 52.90 -34.56 -14.44
C PHE B 298 51.40 -34.72 -14.63
N ILE B 299 50.95 -35.95 -14.87
CA ILE B 299 49.51 -36.19 -15.09
C ILE B 299 48.73 -35.87 -13.83
N LEU B 300 49.23 -36.29 -12.66
CA LEU B 300 48.54 -35.99 -11.41
C LEU B 300 48.52 -34.49 -11.15
N PHE B 301 49.62 -33.80 -11.45
CA PHE B 301 49.65 -32.35 -11.27
C PHE B 301 48.63 -31.67 -12.17
N VAL B 302 48.52 -32.10 -13.42
CA VAL B 302 47.54 -31.54 -14.33
C VAL B 302 46.12 -31.83 -13.81
N LYS B 303 45.89 -33.03 -13.30
CA LYS B 303 44.57 -33.39 -12.80
C LYS B 303 44.17 -32.50 -11.62
N ASP B 304 45.09 -32.31 -10.67
CA ASP B 304 44.75 -31.47 -9.51
C ASP B 304 44.72 -29.99 -9.87
N TYR B 305 45.38 -29.59 -10.96
CA TYR B 305 45.24 -28.21 -11.44
C TYR B 305 43.87 -28.00 -12.07
N LEU B 306 43.42 -28.94 -12.90
CA LEU B 306 42.12 -28.81 -13.55
C LEU B 306 40.98 -28.94 -12.54
N ASP B 307 41.15 -29.76 -11.51
CA ASP B 307 40.10 -29.93 -10.51
C ASP B 307 39.85 -28.64 -9.72
N LYS B 308 40.79 -27.71 -9.73
CA LYS B 308 40.65 -26.45 -9.01
C LYS B 308 40.45 -25.23 -9.91
N TYR B 309 41.14 -25.18 -11.06
CA TYR B 309 41.10 -24.03 -11.93
C TYR B 309 40.18 -24.20 -13.13
N ASN B 310 40.30 -25.31 -13.85
CA ASN B 310 39.38 -25.62 -14.95
C ASN B 310 38.31 -26.61 -14.50
N SER B 311 37.50 -26.18 -13.54
CA SER B 311 36.48 -27.04 -12.94
C SER B 311 35.07 -26.58 -13.25
N LYS B 312 34.74 -25.33 -12.94
CA LYS B 312 33.41 -24.82 -13.23
C LYS B 312 33.18 -24.74 -14.73
N ILE B 313 31.96 -25.06 -15.16
CA ILE B 313 31.67 -25.13 -16.59
C ILE B 313 31.17 -23.81 -17.15
N LYS B 314 30.64 -22.91 -16.33
CA LYS B 314 30.13 -21.64 -16.80
C LYS B 314 31.04 -20.46 -16.49
N LEU B 315 31.83 -20.54 -15.43
CA LEU B 315 32.71 -19.44 -15.05
C LEU B 315 34.14 -19.62 -15.50
N HIS B 316 34.56 -20.84 -15.81
CA HIS B 316 35.91 -21.12 -16.30
C HIS B 316 35.82 -21.39 -17.79
N THR B 317 35.92 -20.33 -18.59
CA THR B 317 35.72 -20.40 -20.02
C THR B 317 37.03 -20.41 -20.80
N GLU B 318 38.16 -20.58 -20.13
CA GLU B 318 39.47 -20.60 -20.78
C GLU B 318 40.15 -21.94 -20.54
N THR B 319 40.70 -22.51 -21.60
CA THR B 319 41.35 -23.81 -21.52
C THR B 319 42.85 -23.63 -21.34
N PRO B 320 43.43 -24.13 -20.25
CA PRO B 320 44.89 -23.99 -20.06
C PRO B 320 45.68 -24.75 -21.11
N CYS B 321 46.85 -24.22 -21.44
CA CYS B 321 47.74 -24.82 -22.41
C CYS B 321 49.07 -25.15 -21.75
N PHE B 322 49.50 -26.40 -21.90
CA PHE B 322 50.77 -26.86 -21.36
C PHE B 322 51.71 -27.20 -22.51
N ILE B 323 52.90 -26.60 -22.50
CA ILE B 323 53.90 -26.78 -23.55
C ILE B 323 55.14 -27.39 -22.92
N LEU B 324 55.58 -28.52 -23.46
CA LEU B 324 56.74 -29.24 -22.96
C LEU B 324 57.87 -29.21 -23.96
N LYS B 325 59.10 -29.09 -23.47
CA LYS B 325 60.28 -29.11 -24.32
C LYS B 325 60.75 -30.55 -24.44
N THR B 326 60.25 -31.23 -25.47
CA THR B 326 60.58 -32.64 -25.68
C THR B 326 60.32 -32.98 -27.14
N ASP B 327 60.65 -34.21 -27.53
CA ASP B 327 60.41 -34.66 -28.88
C ASP B 327 58.93 -34.90 -29.12
N VAL B 328 58.52 -34.82 -30.39
CA VAL B 328 57.13 -35.03 -30.74
C VAL B 328 56.68 -36.47 -30.49
N ASN B 329 57.62 -37.43 -30.49
CA ASN B 329 57.24 -38.83 -30.30
C ASN B 329 56.89 -39.11 -28.84
N ASN B 330 57.56 -38.47 -27.89
CA ASN B 330 57.33 -38.73 -26.48
C ASN B 330 55.98 -38.23 -25.99
N LEU B 331 55.31 -37.38 -26.77
CA LEU B 331 54.05 -36.79 -26.33
C LEU B 331 52.88 -37.77 -26.44
N SER B 332 52.99 -38.77 -27.33
CA SER B 332 51.96 -39.78 -27.44
C SER B 332 51.84 -40.60 -26.16
N GLU B 333 52.96 -40.84 -25.47
CA GLU B 333 52.91 -41.53 -24.19
C GLU B 333 52.12 -40.73 -23.16
N TYR B 334 52.33 -39.41 -23.13
CA TYR B 334 51.57 -38.55 -22.23
C TYR B 334 50.09 -38.58 -22.58
N HIS B 335 49.78 -38.55 -23.88
CA HIS B 335 48.38 -38.62 -24.30
C HIS B 335 47.75 -39.94 -23.87
N LYS B 336 48.48 -41.05 -24.00
CA LYS B 336 47.97 -42.34 -23.57
C LYS B 336 47.74 -42.39 -22.07
N ARG B 337 48.67 -41.81 -21.29
CA ARG B 337 48.49 -41.76 -19.84
C ARG B 337 47.26 -40.95 -19.47
N PHE B 338 47.06 -39.80 -20.13
CA PHE B 338 45.88 -38.97 -19.85
C PHE B 338 44.60 -39.70 -20.21
N VAL B 339 44.60 -40.43 -21.34
CA VAL B 339 43.42 -41.19 -21.74
C VAL B 339 43.14 -42.29 -20.71
N SER B 340 44.18 -42.96 -20.24
CA SER B 340 44.01 -44.01 -19.24
C SER B 340 43.44 -43.45 -17.95
N ARG B 341 43.90 -42.27 -17.53
CA ARG B 341 43.39 -41.64 -16.33
C ARG B 341 42.10 -40.86 -16.57
N ASN B 342 41.48 -41.03 -17.75
CA ASN B 342 40.17 -40.44 -18.07
C ASN B 342 40.20 -38.91 -17.99
N ILE B 343 41.15 -38.31 -18.72
CA ILE B 343 41.22 -36.87 -18.89
C ILE B 343 41.23 -36.57 -20.38
N GLN B 344 40.32 -35.71 -20.81
CA GLN B 344 40.16 -35.37 -22.23
C GLN B 344 41.04 -34.16 -22.55
N ILE B 345 42.04 -34.36 -23.40
CA ILE B 345 42.94 -33.30 -23.84
C ILE B 345 43.10 -33.41 -25.35
N ILE B 346 43.58 -32.32 -25.95
CA ILE B 346 43.87 -32.28 -27.38
C ILE B 346 45.35 -31.96 -27.56
N THR B 347 46.02 -32.76 -28.39
CA THR B 347 47.44 -32.58 -28.67
C THR B 347 47.66 -31.73 -29.93
N GLY B 348 46.83 -31.92 -30.95
CA GLY B 348 47.03 -31.27 -32.23
C GLY B 348 47.90 -32.03 -33.20
N TYR B 349 48.44 -33.18 -32.79
CA TYR B 349 49.29 -34.01 -33.64
C TYR B 349 48.56 -35.32 -33.94
N ILE B 350 48.49 -35.65 -35.22
CA ILE B 350 47.99 -36.95 -35.65
C ILE B 350 49.16 -37.91 -35.94
N GLY B 351 50.34 -37.59 -35.44
CA GLY B 351 51.52 -38.39 -35.68
C GLY B 351 52.48 -37.71 -36.65
N ASP B 352 53.49 -37.04 -36.10
CA ASP B 352 54.51 -36.30 -36.85
C ASP B 352 53.93 -35.20 -37.74
N THR B 353 52.64 -34.88 -37.59
CA THR B 353 52.00 -33.86 -38.40
C THR B 353 51.13 -32.98 -37.50
N PHE B 354 51.25 -31.67 -37.67
CA PHE B 354 50.55 -30.70 -36.86
C PHE B 354 49.42 -30.07 -37.66
N TYR B 355 48.22 -30.06 -37.09
CA TYR B 355 47.06 -29.41 -37.69
C TYR B 355 46.67 -28.22 -36.83
N PHE B 356 46.91 -27.01 -37.34
CA PHE B 356 46.61 -25.81 -36.57
C PHE B 356 45.12 -25.57 -36.44
N LYS B 357 44.30 -26.15 -37.33
CA LYS B 357 42.86 -26.00 -37.22
C LYS B 357 42.28 -26.78 -36.04
N GLU B 358 43.01 -27.76 -35.53
CA GLU B 358 42.57 -28.53 -34.37
C GLU B 358 43.13 -28.02 -33.05
N PHE B 359 44.33 -27.43 -33.07
CA PHE B 359 44.92 -26.91 -31.84
C PHE B 359 44.18 -25.67 -31.36
N ASN B 360 43.72 -24.83 -32.28
CA ASN B 360 43.11 -23.54 -31.95
C ASN B 360 41.60 -23.58 -32.01
N LYS B 361 40.99 -24.71 -31.63
CA LYS B 361 39.54 -24.84 -31.64
C LYS B 361 38.99 -24.70 -30.22
N GLU B 362 37.88 -23.99 -30.09
CA GLU B 362 37.25 -23.81 -28.79
C GLU B 362 36.46 -25.07 -28.42
N PRO B 363 36.67 -25.62 -27.23
CA PRO B 363 35.94 -26.83 -26.84
C PRO B 363 34.44 -26.58 -26.80
N LYS B 364 33.68 -27.59 -27.20
CA LYS B 364 32.22 -27.50 -27.17
C LYS B 364 31.71 -27.83 -25.77
N ARG B 365 30.87 -26.95 -25.24
CA ARG B 365 30.34 -27.10 -23.89
C ARG B 365 28.84 -27.33 -23.95
N ILE B 366 28.37 -28.28 -23.14
CA ILE B 366 26.95 -28.57 -22.99
C ILE B 366 26.65 -28.46 -21.50
N ILE B 367 26.07 -27.34 -21.09
CA ILE B 367 25.74 -27.19 -19.67
C ILE B 367 24.35 -27.75 -19.43
N LYS B 368 24.24 -29.07 -19.42
CA LYS B 368 23.13 -29.79 -18.82
C LYS B 368 23.56 -31.04 -18.08
N ASP B 369 24.70 -31.63 -18.43
CA ASP B 369 25.26 -32.80 -17.75
C ASP B 369 26.72 -32.57 -17.37
N ASN B 370 27.16 -31.31 -17.36
CA ASN B 370 28.55 -30.95 -17.02
C ASN B 370 29.53 -31.63 -17.97
N TRP B 371 29.44 -31.26 -19.24
CA TRP B 371 30.27 -31.84 -20.29
C TRP B 371 31.04 -30.74 -21.02
N VAL B 372 32.34 -30.96 -21.20
CA VAL B 372 33.19 -30.09 -21.99
C VAL B 372 34.10 -30.97 -22.83
N GLU B 373 34.34 -30.55 -24.08
CA GLU B 373 34.99 -31.43 -25.05
C GLU B 373 36.39 -31.82 -24.60
N PHE B 374 37.19 -30.87 -24.13
CA PHE B 374 38.51 -31.18 -23.60
C PHE B 374 38.88 -30.15 -22.54
N LYS B 375 39.80 -30.55 -21.66
CA LYS B 375 40.15 -29.76 -20.49
C LYS B 375 41.42 -28.92 -20.69
N ALA B 376 42.46 -29.47 -21.28
CA ALA B 376 43.73 -28.79 -21.40
C ALA B 376 44.34 -29.06 -22.77
N ARG B 377 45.35 -28.26 -23.12
CA ARG B 377 46.08 -28.39 -24.37
C ARG B 377 47.53 -28.71 -24.04
N ILE B 378 47.93 -29.97 -24.23
CA ILE B 378 49.31 -30.41 -24.01
C ILE B 378 49.93 -30.69 -25.36
N SER B 379 50.97 -29.94 -25.71
CA SER B 379 51.61 -30.05 -27.01
C SER B 379 53.12 -29.98 -26.82
N CYS B 380 53.84 -29.93 -27.93
CA CYS B 380 55.29 -29.89 -27.92
C CYS B 380 55.78 -28.44 -27.92
N ASN B 381 57.07 -28.24 -28.15
CA ASN B 381 57.68 -26.92 -28.24
C ASN B 381 58.14 -26.60 -29.66
N SER B 382 57.43 -27.13 -30.65
CA SER B 382 57.82 -26.93 -32.05
C SER B 382 57.50 -25.50 -32.49
N ASP B 383 57.90 -25.19 -33.72
CA ASP B 383 57.65 -23.85 -34.26
C ASP B 383 56.16 -23.65 -34.56
N GLU B 384 55.48 -24.72 -35.03
CA GLU B 384 54.08 -24.59 -35.39
C GLU B 384 53.21 -24.28 -34.17
N VAL B 385 53.43 -25.00 -33.07
CA VAL B 385 52.65 -24.74 -31.86
C VAL B 385 52.99 -23.37 -31.29
N ILE B 386 54.25 -22.94 -31.40
CA ILE B 386 54.62 -21.61 -30.94
C ILE B 386 53.91 -20.53 -31.74
N LYS B 387 53.84 -20.71 -33.07
CA LYS B 387 53.10 -19.78 -33.91
C LYS B 387 51.62 -19.78 -33.57
N CYS B 388 51.05 -20.95 -33.28
CA CYS B 388 49.66 -21.03 -32.88
C CYS B 388 49.41 -20.28 -31.58
N ILE B 389 50.33 -20.43 -30.62
CA ILE B 389 50.21 -19.70 -29.36
C ILE B 389 50.29 -18.20 -29.60
N ASN B 390 51.21 -17.78 -30.47
CA ASN B 390 51.33 -16.36 -30.79
C ASN B 390 50.08 -15.83 -31.47
N TYR B 391 49.40 -16.66 -32.26
CA TYR B 391 48.19 -16.22 -32.95
C TYR B 391 47.09 -15.86 -31.96
N LYS B 392 46.92 -16.66 -30.92
CA LYS B 392 45.93 -16.41 -29.88
C LYS B 392 46.69 -16.31 -28.55
N LYS B 393 47.14 -15.10 -28.24
CA LYS B 393 47.97 -14.89 -27.06
C LYS B 393 47.16 -15.03 -25.77
N CYS B 394 47.83 -15.46 -24.71
CA CYS B 394 47.21 -15.62 -23.41
C CYS B 394 47.36 -14.33 -22.61
N ASP B 395 47.06 -14.39 -21.32
CA ASP B 395 47.24 -13.25 -20.42
C ASP B 395 48.35 -13.45 -19.41
N ASP B 396 48.48 -14.63 -18.83
CA ASP B 396 49.56 -14.96 -17.90
C ASP B 396 50.35 -16.13 -18.47
N LEU B 397 51.65 -15.95 -18.63
CA LEU B 397 52.55 -16.98 -19.15
C LEU B 397 53.51 -17.38 -18.03
N TYR B 398 53.49 -18.67 -17.70
CA TYR B 398 54.34 -19.22 -16.64
C TYR B 398 55.43 -20.08 -17.26
N ILE B 399 56.67 -19.86 -16.83
CA ILE B 399 57.82 -20.58 -17.34
C ILE B 399 58.47 -21.32 -16.18
N VAL B 400 58.66 -22.63 -16.34
CA VAL B 400 59.30 -23.47 -15.34
C VAL B 400 60.51 -24.14 -16.00
N GLY B 401 61.67 -23.96 -15.39
CA GLY B 401 62.89 -24.57 -15.89
C GLY B 401 63.76 -23.70 -16.76
N GLY B 402 63.41 -22.43 -16.94
CA GLY B 402 64.22 -21.53 -17.74
C GLY B 402 64.27 -21.87 -19.22
N VAL B 403 63.12 -22.21 -19.81
CA VAL B 403 63.09 -22.52 -21.22
C VAL B 403 63.32 -21.24 -22.03
N ASP B 404 63.90 -21.40 -23.22
CA ASP B 404 64.25 -20.28 -24.09
C ASP B 404 62.96 -19.70 -24.68
N VAL B 405 62.31 -18.84 -23.90
CA VAL B 405 61.07 -18.19 -24.33
C VAL B 405 61.48 -16.89 -25.03
N SER B 406 61.78 -17.02 -26.31
CA SER B 406 62.23 -15.90 -27.13
C SER B 406 61.26 -15.55 -28.25
N LEU B 407 60.84 -16.52 -29.04
CA LEU B 407 59.95 -16.27 -30.17
C LEU B 407 58.48 -16.45 -29.78
N LEU B 408 58.04 -15.76 -28.73
CA LEU B 408 56.67 -15.87 -28.26
C LEU B 408 55.90 -14.56 -28.35
N ASP B 409 56.54 -13.46 -28.77
CA ASP B 409 55.88 -12.15 -28.87
C ASP B 409 55.23 -11.76 -27.54
N THR B 410 55.99 -11.94 -26.46
CA THR B 410 55.48 -11.71 -25.10
C THR B 410 55.42 -10.20 -24.81
N ALA B 411 54.52 -9.54 -25.53
CA ALA B 411 54.26 -8.10 -25.34
C ALA B 411 52.76 -7.92 -25.22
N ASP B 412 52.25 -8.11 -23.99
CA ASP B 412 50.85 -8.07 -23.55
C ASP B 412 50.67 -9.03 -22.39
N VAL B 413 51.36 -10.18 -22.45
CA VAL B 413 51.23 -11.18 -21.41
C VAL B 413 52.04 -10.78 -20.18
N ASN B 414 51.66 -11.33 -19.04
CA ASN B 414 52.35 -11.09 -17.77
C ASN B 414 53.30 -12.26 -17.54
N ILE B 415 54.52 -12.13 -18.04
CA ILE B 415 55.51 -13.19 -17.89
C ILE B 415 55.91 -13.32 -16.42
N GLU B 416 55.94 -14.55 -15.93
CA GLU B 416 56.23 -14.84 -14.52
C GLU B 416 57.07 -16.11 -14.47
N ASN B 417 58.39 -15.94 -14.42
CA ASN B 417 59.29 -17.08 -14.32
C ASN B 417 59.16 -17.74 -12.96
N LEU B 418 59.16 -19.08 -12.95
CA LEU B 418 59.05 -19.86 -11.73
C LEU B 418 60.25 -20.78 -11.61
N GLU B 419 60.90 -20.76 -10.45
CA GLU B 419 62.08 -21.57 -10.18
C GLU B 419 61.72 -22.60 -9.11
N ILE B 420 61.55 -23.85 -9.53
CA ILE B 420 61.15 -24.93 -8.65
C ILE B 420 62.04 -26.14 -8.91
N ASN B 421 61.89 -27.15 -8.06
CA ASN B 421 62.60 -28.41 -8.22
C ASN B 421 61.71 -29.64 -8.17
N ASN B 422 60.50 -29.54 -7.60
CA ASN B 422 59.57 -30.66 -7.55
C ASN B 422 58.15 -30.11 -7.70
N PHE B 423 57.22 -31.02 -8.03
CA PHE B 423 55.84 -30.60 -8.25
C PHE B 423 55.16 -30.12 -6.98
N ARG B 424 55.66 -30.50 -5.80
CA ARG B 424 55.07 -30.00 -4.56
C ARG B 424 55.25 -28.49 -4.43
N GLU B 425 56.43 -27.98 -4.77
CA GLU B 425 56.65 -26.54 -4.75
C GLU B 425 55.78 -25.83 -5.77
N LEU B 426 55.59 -26.45 -6.94
CA LEU B 426 54.70 -25.87 -7.95
C LEU B 426 53.26 -25.80 -7.44
N LYS B 427 52.80 -26.85 -6.77
CA LYS B 427 51.45 -26.83 -6.20
C LYS B 427 51.34 -25.76 -5.13
N TYR B 428 52.37 -25.62 -4.29
CA TYR B 428 52.34 -24.60 -3.24
C TYR B 428 52.30 -23.20 -3.83
N LEU B 429 53.08 -22.95 -4.89
CA LEU B 429 53.11 -21.63 -5.50
C LEU B 429 51.77 -21.26 -6.12
N LEU B 430 51.10 -22.22 -6.76
CA LEU B 430 49.82 -21.98 -7.41
C LEU B 430 48.64 -22.09 -6.44
N SER B 431 48.90 -22.00 -5.13
CA SER B 431 47.87 -22.00 -4.10
C SER B 431 47.03 -23.28 -4.12
N MET B 432 47.61 -24.38 -4.58
CA MET B 432 46.97 -25.67 -4.54
C MET B 432 47.31 -26.47 -3.29
N LEU B 433 48.16 -25.93 -2.42
CA LEU B 433 48.55 -26.61 -1.21
C LEU B 433 48.84 -25.56 -0.13
N LYS B 434 48.68 -25.96 1.13
CA LYS B 434 48.93 -25.06 2.24
C LYS B 434 50.37 -25.13 2.73
N GLU B 435 51.03 -26.26 2.55
CA GLU B 435 52.43 -26.45 2.92
C GLU B 435 53.22 -26.90 1.69
N ILE B 436 54.53 -27.06 1.88
CA ILE B 436 55.38 -27.53 0.80
C ILE B 436 55.26 -29.04 0.65
N ARG C 267 37.73 28.65 -36.18
CA ARG C 267 36.49 27.93 -35.86
C ARG C 267 36.71 27.11 -34.59
N LYS C 268 36.00 25.98 -34.48
CA LYS C 268 35.98 25.12 -33.30
C LYS C 268 35.33 25.86 -32.12
N ASN C 269 34.72 25.11 -31.20
CA ASN C 269 33.82 25.60 -30.16
C ASN C 269 32.53 26.11 -30.76
N GLN C 270 32.43 26.18 -32.08
CA GLN C 270 31.18 26.35 -32.80
C GLN C 270 30.89 25.21 -33.77
N LEU C 271 31.89 24.39 -34.10
CA LEU C 271 31.70 23.12 -34.79
C LEU C 271 31.31 21.99 -33.84
N VAL C 272 31.49 22.16 -32.53
CA VAL C 272 31.16 21.11 -31.58
C VAL C 272 29.65 20.88 -31.53
N PRO C 273 28.77 21.83 -31.87
CA PRO C 273 27.40 21.46 -32.22
C PRO C 273 27.34 20.88 -33.62
N SER C 274 26.39 19.97 -33.81
CA SER C 274 26.19 19.24 -35.07
C SER C 274 27.30 18.22 -35.30
N LEU C 275 28.32 18.24 -34.45
CA LEU C 275 29.30 17.17 -34.38
C LEU C 275 29.09 16.25 -33.18
N ASN C 276 28.22 16.66 -32.25
CA ASN C 276 27.84 15.85 -31.11
C ASN C 276 26.57 15.05 -31.37
N ILE C 277 26.01 15.11 -32.57
CA ILE C 277 24.80 14.39 -32.92
C ILE C 277 25.19 13.07 -33.59
N ASN C 278 24.67 11.96 -33.07
CA ASN C 278 25.00 10.66 -33.62
C ASN C 278 24.42 10.48 -35.01
N SER C 279 23.13 10.79 -35.18
CA SER C 279 22.43 10.60 -36.45
C SER C 279 22.50 11.90 -37.23
N ARG C 280 23.55 12.06 -38.03
CA ARG C 280 23.72 13.24 -38.87
C ARG C 280 24.57 12.89 -40.06
N SER C 281 24.28 13.50 -41.20
CA SER C 281 24.97 13.22 -42.46
C SER C 281 25.99 14.32 -42.71
N ARG C 282 27.25 13.93 -42.91
CA ARG C 282 28.33 14.86 -43.16
C ARG C 282 29.03 14.47 -44.45
N TYR C 283 29.09 15.41 -45.40
CA TYR C 283 29.75 15.20 -46.68
C TYR C 283 30.99 16.07 -46.74
N PHE C 284 32.11 15.49 -47.15
CA PHE C 284 33.40 16.18 -47.20
C PHE C 284 33.82 16.35 -48.66
N ILE C 285 34.09 17.58 -49.06
CA ILE C 285 34.60 17.87 -50.39
C ILE C 285 36.05 18.27 -50.27
N ILE C 286 36.96 17.30 -50.40
CA ILE C 286 38.38 17.51 -50.16
C ILE C 286 39.09 17.72 -51.49
N ASP C 287 39.92 18.75 -51.56
CA ASP C 287 40.72 19.03 -52.74
C ASP C 287 42.17 18.65 -52.47
N PRO C 288 42.70 17.61 -53.10
CA PRO C 288 44.11 17.26 -52.91
C PRO C 288 45.03 18.37 -53.42
N ASP C 289 46.32 18.19 -53.15
CA ASP C 289 47.41 19.12 -53.43
C ASP C 289 47.34 20.36 -52.56
N THR C 290 46.31 20.51 -51.72
CA THR C 290 46.24 21.57 -50.73
C THR C 290 46.65 21.11 -49.35
N ILE C 291 46.61 19.81 -49.09
CA ILE C 291 46.98 19.22 -47.81
C ILE C 291 48.32 18.50 -47.99
N ASP C 292 49.27 18.81 -47.11
CA ASP C 292 50.60 18.19 -47.21
C ASP C 292 50.52 16.70 -46.93
N ASN C 293 51.23 15.92 -47.75
CA ASN C 293 51.29 14.46 -47.61
C ASN C 293 49.90 13.84 -47.60
N PHE C 294 49.09 14.24 -48.58
CA PHE C 294 47.72 13.73 -48.67
C PHE C 294 47.70 12.24 -48.97
N ASP C 295 48.60 11.76 -49.83
CA ASP C 295 48.57 10.37 -50.26
C ASP C 295 48.83 9.42 -49.10
N ASP C 296 49.78 9.75 -48.23
CA ASP C 296 50.20 8.86 -47.16
C ASP C 296 49.44 9.06 -45.86
N GLU C 297 48.46 9.98 -45.83
CA GLU C 297 47.73 10.27 -44.60
C GLU C 297 46.21 10.26 -44.76
N PHE C 298 45.68 10.23 -45.97
CA PHE C 298 44.22 10.27 -46.15
C PHE C 298 43.58 9.00 -45.57
N ILE C 299 44.18 7.84 -45.81
CA ILE C 299 43.64 6.60 -45.29
C ILE C 299 43.63 6.60 -43.77
N LEU C 300 44.71 7.07 -43.16
CA LEU C 300 44.77 7.15 -41.71
C LEU C 300 43.74 8.14 -41.16
N PHE C 301 43.56 9.28 -41.84
CA PHE C 301 42.56 10.24 -41.40
C PHE C 301 41.16 9.66 -41.47
N VAL C 302 40.85 8.92 -42.54
CA VAL C 302 39.56 8.26 -42.63
C VAL C 302 39.41 7.23 -41.53
N LYS C 303 40.48 6.47 -41.25
CA LYS C 303 40.41 5.44 -40.22
C LYS C 303 40.14 6.04 -38.83
N ASP C 304 40.81 7.14 -38.50
CA ASP C 304 40.62 7.75 -37.19
C ASP C 304 39.48 8.76 -37.17
N TYR C 305 38.79 8.96 -38.28
CA TYR C 305 37.51 9.66 -38.28
C TYR C 305 36.36 8.69 -38.10
N LEU C 306 36.41 7.54 -38.78
CA LEU C 306 35.35 6.54 -38.67
C LEU C 306 35.28 5.95 -37.27
N ASP C 307 36.42 5.75 -36.62
CA ASP C 307 36.42 5.15 -35.29
C ASP C 307 35.82 6.07 -34.24
N LYS C 308 35.59 7.34 -34.55
CA LYS C 308 34.97 8.29 -33.65
C LYS C 308 33.55 8.67 -34.04
N TYR C 309 33.27 8.77 -35.34
CA TYR C 309 31.96 9.20 -35.81
C TYR C 309 31.16 8.10 -36.50
N ASN C 310 31.74 6.91 -36.70
CA ASN C 310 31.03 5.79 -37.30
C ASN C 310 31.32 4.51 -36.52
N SER C 311 31.24 4.60 -35.19
CA SER C 311 31.50 3.45 -34.32
C SER C 311 30.22 2.73 -33.90
N LYS C 312 29.24 3.48 -33.43
CA LYS C 312 28.01 2.87 -32.92
C LYS C 312 27.23 2.19 -34.05
N ILE C 313 26.63 1.05 -33.73
CA ILE C 313 25.97 0.24 -34.76
C ILE C 313 24.53 0.69 -35.00
N LYS C 314 23.83 1.19 -33.96
CA LYS C 314 22.45 1.62 -34.11
C LYS C 314 22.29 3.13 -34.02
N LEU C 315 23.22 3.83 -33.38
CA LEU C 315 23.10 5.27 -33.20
C LEU C 315 23.70 6.05 -34.36
N HIS C 316 24.65 5.46 -35.08
CA HIS C 316 25.29 6.11 -36.23
C HIS C 316 24.70 5.50 -37.49
N THR C 317 23.63 6.11 -37.98
CA THR C 317 22.87 5.58 -39.11
C THR C 317 23.12 6.34 -40.41
N GLU C 318 24.10 7.22 -40.45
CA GLU C 318 24.42 7.99 -41.65
C GLU C 318 25.85 7.70 -42.08
N THR C 319 26.04 7.42 -43.37
CA THR C 319 27.33 7.05 -43.92
C THR C 319 28.07 8.28 -44.42
N PRO C 320 29.29 8.54 -43.95
CA PRO C 320 30.05 9.69 -44.45
C PRO C 320 30.40 9.52 -45.92
N CYS C 321 30.53 10.66 -46.60
CA CYS C 321 30.91 10.69 -48.01
C CYS C 321 32.12 11.59 -48.16
N PHE C 322 33.14 11.10 -48.86
CA PHE C 322 34.38 11.84 -49.10
C PHE C 322 34.55 12.00 -50.61
N ILE C 323 34.06 13.12 -51.13
CA ILE C 323 34.13 13.40 -52.57
C ILE C 323 35.43 14.17 -52.81
N LEU C 324 36.46 13.44 -53.23
CA LEU C 324 37.73 14.06 -53.55
C LEU C 324 37.66 14.75 -54.91
N LYS C 325 38.60 15.66 -55.14
CA LYS C 325 38.70 16.40 -56.39
C LYS C 325 39.90 15.85 -57.16
N THR C 326 39.65 14.80 -57.95
CA THR C 326 40.70 14.14 -58.73
C THR C 326 40.06 13.59 -59.99
N ASP C 327 40.84 12.82 -60.74
CA ASP C 327 40.34 12.22 -61.98
C ASP C 327 39.49 10.99 -61.68
N VAL C 328 38.89 10.44 -62.73
CA VAL C 328 38.13 9.21 -62.60
C VAL C 328 39.03 8.06 -62.18
N ASN C 329 40.31 8.14 -62.52
CA ASN C 329 41.30 7.16 -62.07
C ASN C 329 41.80 7.56 -60.68
N ASN C 330 42.80 6.85 -60.18
CA ASN C 330 43.44 7.09 -58.89
C ASN C 330 42.50 6.78 -57.72
N LEU C 331 41.25 6.43 -58.02
CA LEU C 331 40.37 5.90 -56.98
C LEU C 331 40.67 4.44 -56.69
N SER C 332 41.19 3.72 -57.69
CA SER C 332 41.54 2.31 -57.48
C SER C 332 42.68 2.18 -56.46
N GLU C 333 43.67 3.07 -56.52
CA GLU C 333 44.77 3.02 -55.56
C GLU C 333 44.27 3.26 -54.13
N TYR C 334 43.39 4.25 -53.96
CA TYR C 334 42.82 4.50 -52.64
C TYR C 334 41.98 3.32 -52.17
N HIS C 335 41.21 2.71 -53.08
CA HIS C 335 40.43 1.54 -52.72
C HIS C 335 41.32 0.40 -52.27
N LYS C 336 42.42 0.17 -52.98
CA LYS C 336 43.37 -0.88 -52.58
C LYS C 336 43.98 -0.59 -51.22
N ARG C 337 44.38 0.67 -50.99
CA ARG C 337 45.01 1.01 -49.71
C ARG C 337 44.00 0.93 -48.57
N PHE C 338 42.72 1.15 -48.84
CA PHE C 338 41.69 0.99 -47.81
C PHE C 338 41.39 -0.48 -47.55
N VAL C 339 41.40 -1.30 -48.61
CA VAL C 339 41.18 -2.73 -48.43
C VAL C 339 42.31 -3.34 -47.62
N SER C 340 43.54 -2.90 -47.87
CA SER C 340 44.68 -3.41 -47.11
C SER C 340 44.59 -3.08 -45.62
N ARG C 341 43.78 -2.10 -45.25
CA ARG C 341 43.60 -1.72 -43.86
C ARG C 341 42.31 -2.27 -43.26
N ASN C 342 41.66 -3.22 -43.95
CA ASN C 342 40.42 -3.84 -43.49
C ASN C 342 39.33 -2.80 -43.24
N ILE C 343 39.19 -1.87 -44.18
CA ILE C 343 38.13 -0.87 -44.16
C ILE C 343 37.30 -1.03 -45.42
N GLN C 344 36.00 -1.16 -45.26
CA GLN C 344 35.09 -1.41 -46.39
C GLN C 344 34.48 -0.09 -46.84
N ILE C 345 34.71 0.26 -48.10
CA ILE C 345 34.15 1.46 -48.71
C ILE C 345 33.58 1.10 -50.06
N ILE C 346 32.74 1.99 -50.59
CA ILE C 346 32.16 1.85 -51.93
C ILE C 346 32.53 3.09 -52.72
N THR C 347 32.99 2.88 -53.96
CA THR C 347 33.35 3.97 -54.85
C THR C 347 32.27 4.27 -55.88
N GLY C 348 31.53 3.26 -56.33
CA GLY C 348 30.57 3.42 -57.38
C GLY C 348 31.12 3.29 -58.78
N TYR C 349 32.44 3.10 -58.92
CA TYR C 349 33.09 2.97 -60.22
C TYR C 349 33.58 1.54 -60.36
N ILE C 350 33.15 0.87 -61.43
CA ILE C 350 33.68 -0.44 -61.78
C ILE C 350 34.54 -0.27 -63.03
N GLY C 351 35.83 -0.05 -62.83
CA GLY C 351 36.69 0.30 -63.95
C GLY C 351 36.69 1.78 -64.20
N ASP C 352 35.88 2.22 -65.18
CA ASP C 352 35.70 3.64 -65.44
C ASP C 352 34.24 4.01 -65.62
N THR C 353 33.31 3.10 -65.31
CA THR C 353 31.89 3.34 -65.48
C THR C 353 31.23 3.58 -64.12
N PHE C 354 30.53 4.70 -64.00
CA PHE C 354 29.81 5.04 -62.77
C PHE C 354 28.44 4.39 -62.79
N TYR C 355 28.02 3.89 -61.62
CA TYR C 355 26.72 3.25 -61.46
C TYR C 355 25.94 4.01 -60.39
N PHE C 356 24.80 4.56 -60.78
CA PHE C 356 23.98 5.35 -59.86
C PHE C 356 23.40 4.50 -58.75
N LYS C 357 22.99 3.27 -59.07
CA LYS C 357 22.40 2.40 -58.06
C LYS C 357 23.41 1.93 -57.03
N GLU C 358 24.66 1.69 -57.45
CA GLU C 358 25.69 1.21 -56.53
C GLU C 358 26.20 2.29 -55.60
N PHE C 359 26.00 3.57 -55.93
CA PHE C 359 26.46 4.66 -55.08
C PHE C 359 25.40 5.17 -54.13
N ASN C 360 24.12 4.96 -54.43
CA ASN C 360 23.01 5.45 -53.62
C ASN C 360 22.27 4.31 -52.93
N LYS C 361 23.02 3.30 -52.46
CA LYS C 361 22.43 2.20 -51.72
C LYS C 361 22.70 2.37 -50.23
N GLU C 362 21.66 2.13 -49.43
CA GLU C 362 21.81 2.20 -47.98
C GLU C 362 22.48 0.92 -47.48
N PRO C 363 23.56 1.02 -46.71
CA PRO C 363 24.27 -0.19 -46.27
C PRO C 363 23.39 -1.05 -45.38
N LYS C 364 23.52 -2.36 -45.55
CA LYS C 364 22.80 -3.33 -44.72
C LYS C 364 23.62 -3.67 -43.49
N ARG C 365 23.01 -3.53 -42.32
CA ARG C 365 23.69 -3.78 -41.06
C ARG C 365 22.89 -4.76 -40.22
N ILE C 366 23.61 -5.53 -39.42
CA ILE C 366 23.01 -6.46 -38.46
C ILE C 366 23.44 -6.02 -37.06
N ILE C 367 22.48 -5.96 -36.14
CA ILE C 367 22.74 -5.37 -34.83
C ILE C 367 23.30 -6.38 -33.84
N LYS C 368 22.95 -7.66 -33.97
CA LYS C 368 23.52 -8.67 -33.07
C LYS C 368 25.02 -8.75 -33.23
N ASP C 369 25.51 -8.66 -34.46
CA ASP C 369 26.94 -8.51 -34.71
C ASP C 369 27.26 -7.02 -34.82
N ASN C 370 28.48 -6.70 -35.27
CA ASN C 370 28.86 -5.31 -35.49
C ASN C 370 29.23 -5.10 -36.95
N TRP C 371 28.41 -5.61 -37.85
CA TRP C 371 28.71 -5.61 -39.28
C TRP C 371 27.89 -4.56 -40.02
N VAL C 372 28.58 -3.75 -40.81
CA VAL C 372 27.95 -2.86 -41.78
C VAL C 372 28.60 -3.14 -43.12
N GLU C 373 27.81 -3.12 -44.20
CA GLU C 373 28.32 -3.46 -45.52
C GLU C 373 29.50 -2.56 -45.90
N PHE C 374 29.32 -1.25 -45.78
CA PHE C 374 30.40 -0.31 -46.01
C PHE C 374 30.30 0.81 -44.99
N LYS C 375 31.45 1.45 -44.71
CA LYS C 375 31.53 2.47 -43.68
C LYS C 375 31.73 3.87 -44.23
N ALA C 376 32.04 4.02 -45.52
CA ALA C 376 32.25 5.35 -46.10
C ALA C 376 32.07 5.27 -47.60
N ARG C 377 31.83 6.43 -48.21
CA ARG C 377 31.75 6.59 -49.65
C ARG C 377 32.87 7.51 -50.11
N ILE C 378 33.64 7.05 -51.09
CA ILE C 378 34.75 7.83 -51.64
C ILE C 378 34.65 7.80 -53.16
N SER C 379 34.68 8.98 -53.78
CA SER C 379 34.53 9.10 -55.22
C SER C 379 35.28 10.34 -55.69
N CYS C 380 35.25 10.56 -57.00
CA CYS C 380 35.91 11.71 -57.60
C CYS C 380 34.96 12.89 -57.71
N ASN C 381 35.45 13.99 -58.27
CA ASN C 381 34.63 15.20 -58.47
C ASN C 381 34.00 15.22 -59.86
N SER C 382 33.29 14.16 -60.21
CA SER C 382 32.63 14.07 -61.50
C SER C 382 31.23 14.67 -61.44
N ASP C 383 30.65 14.88 -62.63
CA ASP C 383 29.30 15.42 -62.68
C ASP C 383 28.26 14.40 -62.21
N GLU C 384 28.49 13.11 -62.50
CA GLU C 384 27.51 12.09 -62.14
C GLU C 384 27.37 11.97 -60.62
N VAL C 385 28.48 11.96 -59.91
CA VAL C 385 28.43 11.81 -58.46
C VAL C 385 27.79 13.05 -57.82
N ILE C 386 28.11 14.24 -58.33
CA ILE C 386 27.50 15.46 -57.81
C ILE C 386 25.99 15.44 -58.08
N LYS C 387 25.58 14.91 -59.23
CA LYS C 387 24.16 14.73 -59.48
C LYS C 387 23.54 13.76 -58.48
N CYS C 388 24.27 12.69 -58.14
CA CYS C 388 23.79 11.77 -57.12
C CYS C 388 23.77 12.41 -55.73
N ILE C 389 24.71 13.30 -55.45
CA ILE C 389 24.75 13.96 -54.15
C ILE C 389 23.50 14.81 -53.94
N ASN C 390 23.08 15.54 -54.98
CA ASN C 390 21.89 16.38 -54.86
C ASN C 390 20.63 15.54 -54.64
N TYR C 391 20.61 14.30 -55.16
CA TYR C 391 19.44 13.46 -54.99
C TYR C 391 19.22 13.10 -53.52
N LYS C 392 20.29 12.80 -52.79
CA LYS C 392 20.25 12.50 -51.36
C LYS C 392 21.14 13.52 -50.66
N LYS C 393 20.56 14.66 -50.29
CA LYS C 393 21.33 15.76 -49.72
C LYS C 393 21.73 15.45 -48.28
N CYS C 394 22.75 16.17 -47.82
CA CYS C 394 23.30 16.01 -46.48
C CYS C 394 22.88 17.18 -45.59
N ASP C 395 23.08 17.01 -44.30
CA ASP C 395 22.79 18.08 -43.33
C ASP C 395 23.97 19.03 -43.15
N ASP C 396 25.20 18.57 -43.36
CA ASP C 396 26.37 19.40 -43.24
C ASP C 396 27.31 19.11 -44.40
N LEU C 397 27.93 20.17 -44.94
CA LEU C 397 28.91 20.05 -46.01
C LEU C 397 30.19 20.75 -45.58
N TYR C 398 31.31 20.06 -45.72
CA TYR C 398 32.61 20.58 -45.32
C TYR C 398 33.48 20.76 -46.56
N ILE C 399 33.84 21.99 -46.86
CA ILE C 399 34.68 22.32 -48.02
C ILE C 399 36.10 22.56 -47.53
N VAL C 400 37.02 21.70 -47.95
CA VAL C 400 38.43 21.82 -47.61
C VAL C 400 39.17 22.27 -48.86
N GLY C 401 39.84 23.40 -48.76
CA GLY C 401 40.51 23.97 -49.92
C GLY C 401 39.54 24.68 -50.84
N GLY C 402 40.00 24.93 -52.06
CA GLY C 402 39.18 25.61 -53.04
C GLY C 402 38.62 24.68 -54.11
N VAL C 403 37.31 24.45 -54.05
CA VAL C 403 36.63 23.57 -55.00
C VAL C 403 35.37 24.28 -55.48
N ASP C 404 34.94 23.95 -56.69
CA ASP C 404 33.75 24.56 -57.29
C ASP C 404 32.51 24.03 -56.57
N VAL C 405 31.92 24.88 -55.72
CA VAL C 405 30.71 24.51 -54.98
C VAL C 405 29.47 24.53 -55.86
N SER C 406 29.56 25.09 -57.06
CA SER C 406 28.41 25.19 -57.96
C SER C 406 27.91 23.80 -58.36
N LEU C 407 26.75 23.80 -59.00
CA LEU C 407 26.05 22.58 -59.42
C LEU C 407 25.67 21.70 -58.23
N LEU C 408 25.55 22.28 -57.04
CA LEU C 408 25.21 21.53 -55.83
C LEU C 408 24.15 22.31 -55.08
N ASP C 409 22.98 21.71 -54.89
CA ASP C 409 21.89 22.38 -54.21
C ASP C 409 22.21 22.59 -52.74
N THR C 410 21.86 23.77 -52.22
CA THR C 410 22.12 24.16 -50.84
C THR C 410 20.85 24.69 -50.20
N ALA C 411 19.75 23.95 -50.35
CA ALA C 411 18.49 24.38 -49.77
C ALA C 411 18.52 24.28 -48.25
N ASP C 412 18.73 23.08 -47.73
CA ASP C 412 18.79 22.82 -46.29
C ASP C 412 20.14 22.25 -45.90
N VAL C 413 21.21 22.80 -46.48
CA VAL C 413 22.57 22.33 -46.24
C VAL C 413 23.37 23.45 -45.61
N ASN C 414 24.05 23.16 -44.52
CA ASN C 414 24.89 24.14 -43.82
C ASN C 414 26.32 23.98 -44.32
N ILE C 415 26.68 24.78 -45.33
CA ILE C 415 28.03 24.73 -45.88
C ILE C 415 29.00 25.36 -44.89
N GLU C 416 30.07 24.62 -44.56
CA GLU C 416 31.08 25.08 -43.63
C GLU C 416 32.43 25.03 -44.35
N ASN C 417 32.98 26.20 -44.65
CA ASN C 417 34.25 26.28 -45.37
C ASN C 417 35.40 26.14 -44.39
N LEU C 418 36.29 25.19 -44.65
CA LEU C 418 37.43 24.90 -43.79
C LEU C 418 38.71 25.05 -44.60
N GLU C 419 39.67 25.78 -44.05
CA GLU C 419 41.00 25.90 -44.62
C GLU C 419 42.02 25.28 -43.66
N ILE C 420 42.84 24.37 -44.18
CA ILE C 420 43.86 23.68 -43.39
C ILE C 420 45.12 23.59 -44.23
N ASN C 421 46.18 23.04 -43.63
CA ASN C 421 47.45 22.85 -44.32
C ASN C 421 47.90 21.40 -44.22
N ASN C 422 47.53 20.73 -43.13
CA ASN C 422 47.85 19.33 -42.92
C ASN C 422 46.68 18.67 -42.22
N PHE C 423 46.78 17.34 -42.02
CA PHE C 423 45.69 16.61 -41.41
C PHE C 423 45.64 16.75 -39.89
N ARG C 424 46.72 17.24 -39.28
CA ARG C 424 46.68 17.54 -37.85
C ARG C 424 45.67 18.66 -37.57
N GLU C 425 45.67 19.70 -38.40
CA GLU C 425 44.71 20.78 -38.24
C GLU C 425 43.28 20.29 -38.43
N LEU C 426 43.06 19.41 -39.42
CA LEU C 426 41.73 18.88 -39.64
C LEU C 426 41.25 18.07 -38.44
N LYS C 427 42.14 17.24 -37.87
CA LYS C 427 41.77 16.49 -36.68
C LYS C 427 41.47 17.41 -35.51
N TYR C 428 42.27 18.47 -35.35
CA TYR C 428 42.03 19.42 -34.28
C TYR C 428 40.67 20.11 -34.43
N LEU C 429 40.33 20.50 -35.66
CA LEU C 429 39.06 21.18 -35.90
C LEU C 429 37.88 20.25 -35.76
N LEU C 430 38.03 18.98 -36.13
CA LEU C 430 36.95 18.01 -36.01
C LEU C 430 36.87 17.38 -34.63
N SER C 431 37.52 17.98 -33.63
CA SER C 431 37.48 17.51 -32.24
C SER C 431 38.00 16.08 -32.09
N MET C 432 38.90 15.67 -32.97
CA MET C 432 39.54 14.36 -32.89
C MET C 432 40.92 14.42 -32.26
N LEU C 433 41.36 15.58 -31.80
CA LEU C 433 42.71 15.73 -31.26
C LEU C 433 42.69 16.91 -30.29
N LYS C 434 42.88 16.62 -29.00
CA LYS C 434 42.86 17.69 -28.00
C LYS C 434 44.00 18.67 -28.20
N GLU C 435 45.20 18.17 -28.47
CA GLU C 435 46.37 18.99 -28.71
C GLU C 435 46.69 19.04 -30.20
N ILE C 436 47.84 19.62 -30.54
CA ILE C 436 48.28 19.70 -31.92
C ILE C 436 48.55 18.31 -32.47
N ARG D 267 -54.99 -0.57 -18.73
CA ARG D 267 -54.53 -1.76 -19.44
C ARG D 267 -53.08 -1.59 -19.90
N LYS D 268 -52.74 -0.37 -20.31
CA LYS D 268 -51.37 -0.09 -20.74
C LYS D 268 -50.39 -0.29 -19.60
N ASN D 269 -50.71 0.22 -18.41
CA ASN D 269 -49.81 0.10 -17.27
C ASN D 269 -49.72 -1.32 -16.73
N GLN D 270 -50.65 -2.21 -17.09
CA GLN D 270 -50.58 -3.59 -16.67
C GLN D 270 -49.61 -4.41 -17.52
N LEU D 271 -49.33 -3.97 -18.75
CA LEU D 271 -48.47 -4.70 -19.66
C LEU D 271 -47.02 -4.22 -19.67
N VAL D 272 -46.72 -3.08 -19.03
CA VAL D 272 -45.35 -2.57 -19.04
C VAL D 272 -44.35 -3.50 -18.36
N PRO D 273 -44.64 -4.14 -17.22
CA PRO D 273 -43.59 -5.00 -16.62
C PRO D 273 -43.18 -6.15 -17.52
N SER D 274 -44.10 -6.72 -18.28
CA SER D 274 -43.77 -7.83 -19.17
C SER D 274 -43.06 -7.34 -20.43
N LEU D 275 -43.44 -6.17 -20.92
CA LEU D 275 -42.87 -5.61 -22.15
C LEU D 275 -41.51 -4.97 -21.94
N ASN D 276 -40.91 -5.13 -20.75
CA ASN D 276 -39.62 -4.54 -20.46
C ASN D 276 -38.47 -5.54 -20.46
N ILE D 277 -38.75 -6.82 -20.63
CA ILE D 277 -37.72 -7.85 -20.63
C ILE D 277 -37.22 -8.04 -22.06
N ASN D 278 -35.89 -7.99 -22.24
CA ASN D 278 -35.32 -8.11 -23.58
C ASN D 278 -35.53 -9.52 -24.14
N SER D 279 -35.21 -10.54 -23.35
CA SER D 279 -35.30 -11.94 -23.80
C SER D 279 -36.62 -12.52 -23.31
N ARG D 280 -37.69 -12.20 -24.03
CA ARG D 280 -39.01 -12.71 -23.70
C ARG D 280 -39.79 -12.94 -24.99
N SER D 281 -40.33 -14.15 -25.14
CA SER D 281 -41.04 -14.52 -26.35
C SER D 281 -42.48 -14.03 -26.31
N ARG D 282 -42.89 -13.35 -27.37
CA ARG D 282 -44.25 -12.83 -27.48
C ARG D 282 -44.88 -13.33 -28.77
N TYR D 283 -46.06 -13.94 -28.66
CA TYR D 283 -46.82 -14.42 -29.79
C TYR D 283 -48.11 -13.63 -29.93
N PHE D 284 -48.52 -13.39 -31.17
CA PHE D 284 -49.69 -12.59 -31.47
C PHE D 284 -50.70 -13.40 -32.28
N ILE D 285 -51.97 -13.30 -31.89
CA ILE D 285 -53.08 -13.94 -32.57
C ILE D 285 -54.04 -12.83 -32.96
N ILE D 286 -54.01 -12.43 -34.23
CA ILE D 286 -54.72 -11.24 -34.69
C ILE D 286 -55.77 -11.64 -35.71
N ASP D 287 -56.96 -11.05 -35.58
CA ASP D 287 -58.03 -11.22 -36.55
C ASP D 287 -58.07 -9.99 -37.45
N PRO D 288 -57.76 -10.12 -38.75
CA PRO D 288 -57.72 -8.93 -39.62
C PRO D 288 -59.04 -8.20 -39.72
N ASP D 289 -60.17 -8.91 -39.61
CA ASP D 289 -61.47 -8.27 -39.81
C ASP D 289 -61.82 -7.31 -38.69
N THR D 290 -61.38 -7.60 -37.46
CA THR D 290 -61.76 -6.77 -36.32
C THR D 290 -61.17 -5.36 -36.44
N ILE D 291 -59.93 -5.24 -36.88
CA ILE D 291 -59.25 -3.96 -36.97
C ILE D 291 -59.49 -3.37 -38.36
N ASP D 292 -59.47 -2.04 -38.45
CA ASP D 292 -59.72 -1.34 -39.70
C ASP D 292 -58.41 -0.99 -40.40
N ASN D 293 -58.48 -0.95 -41.74
CA ASN D 293 -57.32 -0.64 -42.58
C ASN D 293 -56.15 -1.57 -42.29
N PHE D 294 -56.46 -2.85 -42.09
CA PHE D 294 -55.42 -3.83 -41.79
C PHE D 294 -54.45 -4.02 -42.96
N ASP D 295 -54.98 -4.07 -44.18
CA ASP D 295 -54.16 -4.39 -45.34
C ASP D 295 -53.17 -3.29 -45.71
N ASP D 296 -53.33 -2.08 -45.17
CA ASP D 296 -52.46 -0.96 -45.51
C ASP D 296 -51.62 -0.46 -44.35
N GLU D 297 -51.80 -0.98 -43.14
CA GLU D 297 -51.05 -0.52 -41.97
C GLU D 297 -50.43 -1.63 -41.15
N PHE D 298 -50.69 -2.90 -41.46
CA PHE D 298 -50.09 -3.99 -40.70
C PHE D 298 -48.58 -4.03 -40.90
N ILE D 299 -48.13 -3.79 -42.13
CA ILE D 299 -46.69 -3.82 -42.41
C ILE D 299 -45.98 -2.71 -41.64
N LEU D 300 -46.59 -1.52 -41.57
CA LEU D 300 -46.00 -0.44 -40.79
C LEU D 300 -45.97 -0.78 -39.31
N PHE D 301 -47.02 -1.43 -38.80
CA PHE D 301 -47.04 -1.84 -37.40
C PHE D 301 -45.93 -2.83 -37.10
N VAL D 302 -45.71 -3.79 -37.99
CA VAL D 302 -44.60 -4.72 -37.81
C VAL D 302 -43.27 -3.98 -37.90
N LYS D 303 -43.15 -3.03 -38.82
CA LYS D 303 -41.89 -2.32 -39.01
C LYS D 303 -41.52 -1.51 -37.78
N ASP D 304 -42.49 -0.85 -37.16
CA ASP D 304 -42.21 -0.04 -35.98
C ASP D 304 -42.45 -0.80 -34.67
N TYR D 305 -42.74 -2.10 -34.75
CA TYR D 305 -42.69 -2.95 -33.56
C TYR D 305 -41.32 -3.59 -33.38
N LEU D 306 -40.70 -4.00 -34.48
CA LEU D 306 -39.38 -4.64 -34.40
C LEU D 306 -38.25 -3.65 -34.18
N ASP D 307 -38.38 -2.40 -34.63
CA ASP D 307 -37.34 -1.42 -34.37
C ASP D 307 -37.25 -1.06 -32.89
N LYS D 308 -38.24 -1.44 -32.08
CA LYS D 308 -38.29 -1.15 -30.66
C LYS D 308 -38.12 -2.39 -29.80
N TYR D 309 -38.66 -3.54 -30.22
CA TYR D 309 -38.62 -4.75 -29.43
C TYR D 309 -37.67 -5.82 -29.97
N ASN D 310 -37.22 -5.70 -31.21
CA ASN D 310 -36.35 -6.70 -31.82
C ASN D 310 -35.22 -6.02 -32.59
N SER D 311 -34.62 -5.00 -31.97
CA SER D 311 -33.54 -4.24 -32.59
C SER D 311 -32.15 -4.72 -32.17
N LYS D 312 -31.96 -4.99 -30.88
CA LYS D 312 -30.66 -5.43 -30.38
C LYS D 312 -30.33 -6.82 -30.90
N ILE D 313 -29.07 -7.01 -31.31
CA ILE D 313 -28.69 -8.27 -31.94
C ILE D 313 -28.31 -9.34 -30.92
N LYS D 314 -27.97 -8.96 -29.69
CA LYS D 314 -27.57 -9.91 -28.66
C LYS D 314 -28.63 -10.15 -27.60
N LEU D 315 -29.27 -9.09 -27.11
CA LEU D 315 -30.24 -9.23 -26.03
C LEU D 315 -31.64 -9.55 -26.52
N HIS D 316 -32.02 -9.09 -27.70
CA HIS D 316 -33.31 -9.44 -28.30
C HIS D 316 -33.11 -10.73 -29.10
N THR D 317 -33.10 -11.85 -28.37
CA THR D 317 -32.70 -13.14 -28.92
C THR D 317 -33.89 -14.08 -29.15
N GLU D 318 -35.09 -13.55 -29.23
CA GLU D 318 -36.26 -14.37 -29.52
C GLU D 318 -37.14 -13.67 -30.54
N THR D 319 -37.59 -14.43 -31.55
CA THR D 319 -38.28 -13.93 -32.73
C THR D 319 -39.79 -13.86 -32.49
N PRO D 320 -40.41 -12.71 -32.71
CA PRO D 320 -41.87 -12.62 -32.56
C PRO D 320 -42.60 -13.44 -33.62
N CYS D 321 -43.79 -13.89 -33.26
CA CYS D 321 -44.63 -14.67 -34.16
C CYS D 321 -45.99 -14.00 -34.28
N PHE D 322 -46.41 -13.72 -35.51
CA PHE D 322 -47.70 -13.11 -35.81
C PHE D 322 -48.53 -14.13 -36.59
N ILE D 323 -49.64 -14.56 -36.00
CA ILE D 323 -50.56 -15.50 -36.63
C ILE D 323 -51.82 -14.75 -37.00
N LEU D 324 -52.17 -14.76 -38.28
CA LEU D 324 -53.34 -14.05 -38.80
C LEU D 324 -54.42 -15.04 -39.17
N LYS D 325 -55.66 -14.71 -38.80
CA LYS D 325 -56.82 -15.56 -39.11
C LYS D 325 -57.27 -15.23 -40.54
N THR D 326 -56.59 -15.84 -41.50
CA THR D 326 -56.89 -15.63 -42.91
C THR D 326 -56.55 -16.90 -43.67
N ASP D 327 -56.58 -16.82 -44.99
CA ASP D 327 -56.29 -17.95 -45.85
C ASP D 327 -54.82 -17.95 -46.27
N VAL D 328 -54.36 -19.10 -46.77
CA VAL D 328 -52.97 -19.24 -47.16
C VAL D 328 -52.66 -18.37 -48.38
N ASN D 329 -53.61 -18.24 -49.30
CA ASN D 329 -53.38 -17.49 -50.54
C ASN D 329 -53.11 -16.01 -50.28
N ASN D 330 -53.54 -15.49 -49.13
CA ASN D 330 -53.32 -14.09 -48.81
C ASN D 330 -51.98 -13.83 -48.13
N LEU D 331 -51.24 -14.89 -47.76
CA LEU D 331 -49.96 -14.71 -47.10
C LEU D 331 -48.85 -14.30 -48.08
N SER D 332 -48.96 -14.71 -49.35
CA SER D 332 -47.97 -14.33 -50.34
C SER D 332 -47.95 -12.81 -50.57
N GLU D 333 -49.14 -12.20 -50.58
CA GLU D 333 -49.21 -10.75 -50.73
C GLU D 333 -48.52 -10.04 -49.58
N TYR D 334 -48.76 -10.50 -48.35
CA TYR D 334 -48.09 -9.92 -47.19
C TYR D 334 -46.57 -10.12 -47.27
N HIS D 335 -46.15 -11.31 -47.70
CA HIS D 335 -44.72 -11.59 -47.82
C HIS D 335 -44.05 -10.67 -48.82
N LYS D 336 -44.68 -10.47 -49.99
CA LYS D 336 -44.06 -9.60 -50.98
C LYS D 336 -44.14 -8.13 -50.58
N ARG D 337 -45.18 -7.73 -49.85
CA ARG D 337 -45.23 -6.37 -49.31
C ARG D 337 -44.10 -6.14 -48.31
N PHE D 338 -43.82 -7.14 -47.48
CA PHE D 338 -42.70 -7.04 -46.53
C PHE D 338 -41.38 -7.01 -47.27
N VAL D 339 -41.23 -7.82 -48.32
CA VAL D 339 -39.99 -7.85 -49.09
C VAL D 339 -39.75 -6.50 -49.75
N SER D 340 -40.81 -5.86 -50.26
CA SER D 340 -40.66 -4.55 -50.88
C SER D 340 -40.15 -3.51 -49.90
N ARG D 341 -40.40 -3.69 -48.60
CA ARG D 341 -39.94 -2.76 -47.58
C ARG D 341 -38.63 -3.20 -46.93
N ASN D 342 -37.98 -4.23 -47.48
CA ASN D 342 -36.68 -4.71 -46.99
C ASN D 342 -36.78 -5.20 -45.54
N ILE D 343 -37.76 -6.06 -45.28
CA ILE D 343 -37.92 -6.72 -43.99
C ILE D 343 -37.91 -8.22 -44.24
N GLN D 344 -37.02 -8.93 -43.54
CA GLN D 344 -36.86 -10.36 -43.72
C GLN D 344 -37.76 -11.10 -42.75
N ILE D 345 -38.72 -11.85 -43.30
CA ILE D 345 -39.64 -12.65 -42.50
C ILE D 345 -39.73 -14.05 -43.11
N ILE D 346 -40.21 -14.99 -42.31
CA ILE D 346 -40.48 -16.35 -42.78
C ILE D 346 -41.95 -16.65 -42.56
N THR D 347 -42.48 -17.54 -43.38
CA THR D 347 -43.88 -17.91 -43.36
C THR D 347 -44.11 -19.40 -43.11
N GLY D 348 -43.23 -20.26 -43.63
CA GLY D 348 -43.42 -21.69 -43.55
C GLY D 348 -44.19 -22.28 -44.71
N TYR D 349 -44.77 -21.45 -45.58
CA TYR D 349 -45.49 -21.91 -46.75
C TYR D 349 -44.73 -21.52 -48.00
N ILE D 350 -44.63 -22.45 -48.95
CA ILE D 350 -44.08 -22.19 -50.27
C ILE D 350 -45.09 -22.75 -51.28
N GLY D 351 -45.96 -21.90 -51.79
CA GLY D 351 -47.08 -22.34 -52.60
C GLY D 351 -48.29 -22.64 -51.74
N ASP D 352 -48.51 -23.92 -51.43
CA ASP D 352 -49.60 -24.30 -50.54
C ASP D 352 -49.19 -25.40 -49.57
N THR D 353 -47.91 -25.71 -49.45
CA THR D 353 -47.42 -26.78 -48.59
C THR D 353 -46.66 -26.18 -47.40
N PHE D 354 -47.06 -26.55 -46.20
CA PHE D 354 -46.41 -26.07 -44.99
C PHE D 354 -45.28 -27.01 -44.60
N TYR D 355 -44.16 -26.43 -44.15
CA TYR D 355 -42.98 -27.18 -43.77
C TYR D 355 -42.67 -26.92 -42.30
N PHE D 356 -42.64 -27.99 -41.51
CA PHE D 356 -42.42 -27.87 -40.07
C PHE D 356 -41.01 -27.34 -39.77
N LYS D 357 -40.01 -27.84 -40.49
CA LYS D 357 -38.62 -27.47 -40.20
C LYS D 357 -38.37 -25.99 -40.48
N GLU D 358 -38.94 -25.47 -41.57
CA GLU D 358 -38.69 -24.07 -41.93
C GLU D 358 -39.30 -23.12 -40.90
N PHE D 359 -40.49 -23.43 -40.40
CA PHE D 359 -41.16 -22.54 -39.47
C PHE D 359 -40.46 -22.51 -38.11
N ASN D 360 -39.99 -23.66 -37.64
CA ASN D 360 -39.41 -23.79 -36.31
C ASN D 360 -37.91 -23.56 -36.29
N LYS D 361 -37.29 -23.23 -37.41
CA LYS D 361 -35.85 -23.01 -37.42
C LYS D 361 -35.50 -21.73 -36.66
N GLU D 362 -34.33 -21.76 -36.02
CA GLU D 362 -33.86 -20.60 -35.26
C GLU D 362 -32.98 -19.72 -36.13
N PRO D 363 -33.21 -18.41 -36.17
CA PRO D 363 -32.43 -17.55 -37.04
C PRO D 363 -30.96 -17.49 -36.63
N LYS D 364 -30.10 -17.32 -37.62
CA LYS D 364 -28.67 -17.20 -37.41
C LYS D 364 -28.29 -15.73 -37.24
N ARG D 365 -27.39 -15.46 -36.29
CA ARG D 365 -26.98 -14.11 -35.97
C ARG D 365 -25.47 -13.95 -36.17
N ILE D 366 -25.09 -12.84 -36.77
CA ILE D 366 -23.68 -12.43 -36.89
C ILE D 366 -23.55 -11.13 -36.13
N ILE D 367 -22.95 -11.17 -34.94
CA ILE D 367 -22.91 -10.01 -34.06
C ILE D 367 -22.04 -8.91 -34.67
N LYS D 368 -20.89 -9.28 -35.23
CA LYS D 368 -19.97 -8.28 -35.77
C LYS D 368 -20.54 -7.58 -37.00
N ASP D 369 -21.54 -8.17 -37.66
CA ASP D 369 -22.18 -7.55 -38.81
C ASP D 369 -23.58 -7.04 -38.50
N ASN D 370 -24.08 -7.25 -37.28
CA ASN D 370 -25.42 -6.83 -36.88
C ASN D 370 -26.47 -7.38 -37.84
N TRP D 371 -26.36 -8.67 -38.14
CA TRP D 371 -27.20 -9.33 -39.12
C TRP D 371 -27.93 -10.51 -38.48
N VAL D 372 -29.23 -10.62 -38.78
CA VAL D 372 -30.04 -11.77 -38.41
C VAL D 372 -30.88 -12.16 -39.62
N GLU D 373 -30.97 -13.46 -39.89
CA GLU D 373 -31.51 -13.92 -41.16
C GLU D 373 -33.00 -13.62 -41.32
N PHE D 374 -33.76 -13.66 -40.24
CA PHE D 374 -35.14 -13.17 -40.28
C PHE D 374 -35.50 -12.63 -38.89
N LYS D 375 -36.51 -11.77 -38.88
CA LYS D 375 -36.88 -11.07 -37.66
C LYS D 375 -38.33 -11.27 -37.24
N ALA D 376 -39.11 -12.06 -37.97
CA ALA D 376 -40.49 -12.32 -37.60
C ALA D 376 -40.95 -13.63 -38.22
N ARG D 377 -41.93 -14.25 -37.59
CA ARG D 377 -42.61 -15.44 -38.10
C ARG D 377 -44.07 -15.07 -38.33
N ILE D 378 -44.37 -14.69 -39.57
CA ILE D 378 -45.71 -14.26 -39.95
C ILE D 378 -46.37 -15.40 -40.73
N SER D 379 -47.44 -15.97 -40.17
CA SER D 379 -48.11 -17.12 -40.75
C SER D 379 -49.61 -16.98 -40.54
N CYS D 380 -50.35 -17.98 -41.01
CA CYS D 380 -51.80 -17.99 -40.93
C CYS D 380 -52.28 -18.96 -39.85
N ASN D 381 -53.54 -18.82 -39.48
CA ASN D 381 -54.15 -19.68 -38.47
C ASN D 381 -54.57 -20.99 -39.13
N SER D 382 -53.90 -22.08 -38.76
CA SER D 382 -54.19 -23.39 -39.33
C SER D 382 -53.79 -24.45 -38.33
N ASP D 383 -54.28 -25.67 -38.57
CA ASP D 383 -53.98 -26.78 -37.67
C ASP D 383 -52.49 -27.08 -37.65
N GLU D 384 -51.84 -27.06 -38.82
CA GLU D 384 -50.40 -27.33 -38.88
C GLU D 384 -49.60 -26.26 -38.16
N VAL D 385 -49.97 -24.98 -38.35
CA VAL D 385 -49.24 -23.90 -37.72
C VAL D 385 -49.43 -23.93 -36.20
N ILE D 386 -50.65 -24.22 -35.75
CA ILE D 386 -50.93 -24.24 -34.31
C ILE D 386 -50.12 -25.33 -33.62
N LYS D 387 -49.96 -26.48 -34.29
CA LYS D 387 -49.16 -27.55 -33.71
C LYS D 387 -47.70 -27.12 -33.52
N CYS D 388 -47.18 -26.29 -34.44
CA CYS D 388 -45.83 -25.78 -34.28
C CYS D 388 -45.72 -24.87 -33.06
N ILE D 389 -46.75 -24.05 -32.81
CA ILE D 389 -46.74 -23.16 -31.65
C ILE D 389 -46.70 -23.97 -30.36
N ASN D 390 -47.49 -25.05 -30.30
CA ASN D 390 -47.52 -25.88 -29.10
C ASN D 390 -46.20 -26.59 -28.88
N TYR D 391 -45.48 -26.93 -29.95
CA TYR D 391 -44.20 -27.62 -29.80
C TYR D 391 -43.17 -26.73 -29.10
N LYS D 392 -43.14 -25.45 -29.43
CA LYS D 392 -42.23 -24.48 -28.83
C LYS D 392 -43.07 -23.41 -28.15
N LYS D 393 -43.38 -23.61 -26.88
CA LYS D 393 -44.24 -22.69 -26.14
C LYS D 393 -43.54 -21.35 -25.94
N CYS D 394 -44.35 -20.29 -25.94
CA CYS D 394 -43.88 -18.93 -25.77
C CYS D 394 -44.03 -18.52 -24.30
N ASP D 395 -43.82 -17.23 -24.04
CA ASP D 395 -43.97 -16.67 -22.70
C ASP D 395 -45.23 -15.83 -22.55
N ASP D 396 -45.51 -14.96 -23.52
CA ASP D 396 -46.72 -14.15 -23.53
C ASP D 396 -47.46 -14.37 -24.83
N LEU D 397 -48.79 -14.48 -24.74
CA LEU D 397 -49.65 -14.65 -25.91
C LEU D 397 -50.69 -13.53 -25.90
N TYR D 398 -50.73 -12.75 -26.98
CA TYR D 398 -51.64 -11.62 -27.11
C TYR D 398 -52.69 -11.95 -28.15
N ILE D 399 -53.92 -12.21 -27.70
CA ILE D 399 -55.04 -12.45 -28.61
C ILE D 399 -55.72 -11.12 -28.87
N VAL D 400 -55.78 -10.72 -30.14
CA VAL D 400 -56.29 -9.42 -30.54
C VAL D 400 -57.49 -9.63 -31.44
N GLY D 401 -58.61 -8.98 -31.09
CA GLY D 401 -59.82 -9.03 -31.87
C GLY D 401 -60.79 -10.13 -31.48
N GLY D 402 -60.33 -11.15 -30.76
CA GLY D 402 -61.19 -12.24 -30.35
C GLY D 402 -61.07 -13.45 -31.25
N VAL D 403 -60.33 -14.45 -30.80
CA VAL D 403 -60.12 -15.69 -31.54
C VAL D 403 -60.42 -16.85 -30.62
N ASP D 404 -60.80 -17.98 -31.21
CA ASP D 404 -61.15 -19.17 -30.43
C ASP D 404 -60.01 -19.57 -29.51
N VAL D 405 -58.87 -19.95 -30.11
CA VAL D 405 -57.69 -20.41 -29.38
C VAL D 405 -58.13 -21.55 -28.44
N SER D 406 -58.49 -22.68 -29.03
CA SER D 406 -58.90 -23.85 -28.27
C SER D 406 -58.00 -25.05 -28.49
N LEU D 407 -57.11 -25.01 -29.48
CA LEU D 407 -56.16 -26.08 -29.75
C LEU D 407 -54.74 -25.71 -29.37
N LEU D 408 -54.57 -24.66 -28.57
CA LEU D 408 -53.27 -24.17 -28.14
C LEU D 408 -53.08 -24.51 -26.67
N ASP D 409 -51.93 -25.08 -26.33
CA ASP D 409 -51.64 -25.51 -24.96
C ASP D 409 -51.26 -24.29 -24.14
N THR D 410 -52.22 -23.78 -23.37
CA THR D 410 -51.98 -22.64 -22.49
C THR D 410 -51.63 -23.12 -21.08
N ALA D 411 -50.55 -23.91 -21.01
CA ALA D 411 -50.13 -24.49 -19.74
C ALA D 411 -49.42 -23.45 -18.87
N ASP D 412 -48.31 -22.91 -19.35
CA ASP D 412 -47.51 -21.94 -18.63
C ASP D 412 -47.30 -20.68 -19.46
N VAL D 413 -48.34 -20.25 -20.17
CA VAL D 413 -48.26 -19.11 -21.08
C VAL D 413 -49.32 -18.09 -20.68
N ASN D 414 -48.91 -16.82 -20.53
CA ASN D 414 -49.86 -15.76 -20.28
C ASN D 414 -50.76 -15.59 -21.50
N ILE D 415 -52.05 -15.34 -21.24
CA ILE D 415 -53.06 -15.34 -22.29
C ILE D 415 -53.71 -13.97 -22.38
N GLU D 416 -52.94 -12.92 -22.10
CA GLU D 416 -53.44 -11.55 -22.10
C GLU D 416 -54.22 -11.23 -23.36
N ASN D 417 -55.50 -10.92 -23.19
CA ASN D 417 -56.38 -10.58 -24.31
C ASN D 417 -56.39 -9.07 -24.48
N LEU D 418 -55.98 -8.60 -25.66
CA LEU D 418 -56.00 -7.18 -25.99
C LEU D 418 -57.13 -6.90 -26.97
N GLU D 419 -57.93 -5.89 -26.67
CA GLU D 419 -59.03 -5.46 -27.53
C GLU D 419 -58.72 -4.06 -28.05
N ILE D 420 -58.87 -3.88 -29.37
CA ILE D 420 -58.58 -2.61 -30.03
C ILE D 420 -59.55 -2.44 -31.19
N ASN D 421 -59.54 -1.24 -31.78
CA ASN D 421 -60.30 -0.96 -32.99
C ASN D 421 -59.44 -0.37 -34.10
N ASN D 422 -58.21 0.05 -33.81
CA ASN D 422 -57.31 0.59 -34.82
C ASN D 422 -55.88 0.35 -34.37
N PHE D 423 -54.94 0.46 -35.32
CA PHE D 423 -53.54 0.18 -35.02
C PHE D 423 -52.93 1.23 -34.09
N ARG D 424 -53.49 2.43 -34.04
CA ARG D 424 -53.00 3.43 -33.09
C ARG D 424 -53.20 2.96 -31.65
N GLU D 425 -54.36 2.36 -31.36
CA GLU D 425 -54.63 1.87 -30.02
C GLU D 425 -53.67 0.74 -29.65
N LEU D 426 -53.36 -0.14 -30.60
CA LEU D 426 -52.42 -1.22 -30.33
C LEU D 426 -51.02 -0.66 -30.01
N LYS D 427 -50.59 0.35 -30.76
CA LYS D 427 -49.29 0.97 -30.47
C LYS D 427 -49.29 1.66 -29.12
N TYR D 428 -50.40 2.32 -28.77
CA TYR D 428 -50.50 2.95 -27.46
C TYR D 428 -50.45 1.92 -26.34
N LEU D 429 -51.12 0.77 -26.52
CA LEU D 429 -51.12 -0.26 -25.49
C LEU D 429 -49.75 -0.91 -25.36
N LEU D 430 -49.04 -1.07 -26.47
CA LEU D 430 -47.73 -1.71 -26.47
C LEU D 430 -46.59 -0.73 -26.18
N SER D 431 -46.91 0.45 -25.68
CA SER D 431 -45.91 1.44 -25.25
C SER D 431 -45.01 1.88 -26.41
N MET D 432 -45.54 1.89 -27.63
CA MET D 432 -44.82 2.39 -28.78
C MET D 432 -45.25 3.80 -29.18
N LEU D 433 -46.17 4.41 -28.42
CA LEU D 433 -46.66 5.74 -28.74
C LEU D 433 -47.18 6.38 -27.46
N LYS D 434 -46.83 7.64 -27.25
CA LYS D 434 -47.16 8.34 -26.00
C LYS D 434 -48.58 8.86 -25.96
N GLU D 435 -49.30 8.84 -27.08
CA GLU D 435 -50.67 9.35 -27.13
C GLU D 435 -51.55 8.36 -27.90
N ILE D 436 -52.85 8.45 -27.64
CA ILE D 436 -53.82 7.59 -28.30
C ILE D 436 -54.00 8.02 -29.76
N ARG E 267 -17.45 36.19 -44.20
CA ARG E 267 -18.04 34.88 -43.96
C ARG E 267 -17.11 33.96 -43.17
N LYS E 268 -15.92 34.47 -42.83
CA LYS E 268 -15.01 33.73 -41.98
C LYS E 268 -15.40 33.95 -40.52
N ASN E 269 -15.14 32.93 -39.70
CA ASN E 269 -15.58 32.73 -38.32
C ASN E 269 -17.01 32.21 -38.27
N GLN E 270 -17.67 32.03 -39.41
CA GLN E 270 -18.92 31.28 -39.50
C GLN E 270 -18.71 29.88 -40.06
N LEU E 271 -17.80 29.73 -41.02
CA LEU E 271 -17.40 28.42 -41.51
C LEU E 271 -16.34 27.74 -40.64
N VAL E 272 -15.70 28.49 -39.74
CA VAL E 272 -14.66 27.90 -38.89
C VAL E 272 -15.19 26.75 -38.03
N PRO E 273 -16.35 26.86 -37.37
CA PRO E 273 -16.83 25.69 -36.61
C PRO E 273 -17.02 24.45 -37.45
N SER E 274 -17.46 24.60 -38.70
CA SER E 274 -17.62 23.45 -39.58
C SER E 274 -16.33 23.01 -40.24
N LEU E 275 -15.29 23.86 -40.22
CA LEU E 275 -14.00 23.51 -40.81
C LEU E 275 -13.02 22.97 -39.79
N ASN E 276 -13.40 22.88 -38.52
CA ASN E 276 -12.54 22.34 -37.48
C ASN E 276 -12.77 20.85 -37.24
N ILE E 277 -13.68 20.23 -37.99
CA ILE E 277 -14.00 18.82 -37.81
C ILE E 277 -13.07 17.98 -38.68
N ASN E 278 -12.43 16.98 -38.08
CA ASN E 278 -11.48 16.14 -38.82
C ASN E 278 -12.21 15.25 -39.82
N SER E 279 -13.27 14.59 -39.38
CA SER E 279 -14.02 13.67 -40.23
C SER E 279 -15.28 14.37 -40.72
N ARG E 280 -15.19 15.00 -41.89
CA ARG E 280 -16.31 15.71 -42.47
C ARG E 280 -16.18 15.69 -43.99
N SER E 281 -17.29 15.39 -44.66
CA SER E 281 -17.31 15.30 -46.12
C SER E 281 -17.66 16.67 -46.69
N ARG E 282 -16.76 17.21 -47.52
CA ARG E 282 -16.94 18.52 -48.12
C ARG E 282 -17.00 18.38 -49.63
N TYR E 283 -18.09 18.87 -50.22
CA TYR E 283 -18.29 18.85 -51.67
C TYR E 283 -18.28 20.27 -52.18
N PHE E 284 -17.42 20.56 -53.15
CA PHE E 284 -17.32 21.88 -53.76
C PHE E 284 -17.85 21.86 -55.18
N ILE E 285 -18.69 22.84 -55.49
CA ILE E 285 -19.18 23.07 -56.85
C ILE E 285 -18.61 24.39 -57.33
N ILE E 286 -17.86 24.35 -58.42
CA ILE E 286 -17.06 25.49 -58.87
C ILE E 286 -17.41 25.82 -60.31
N ASP E 287 -17.67 27.10 -60.58
CA ASP E 287 -17.79 27.59 -61.95
C ASP E 287 -16.45 28.15 -62.36
N PRO E 288 -15.75 27.54 -63.33
CA PRO E 288 -14.38 27.98 -63.65
C PRO E 288 -14.29 29.40 -64.19
N ASP E 289 -15.38 29.96 -64.70
CA ASP E 289 -15.34 31.25 -65.38
C ASP E 289 -15.53 32.44 -64.46
N THR E 290 -15.65 32.22 -63.14
CA THR E 290 -15.91 33.31 -62.22
C THR E 290 -14.84 33.43 -61.13
N ILE E 291 -13.72 32.74 -61.24
CA ILE E 291 -12.68 32.80 -60.22
C ILE E 291 -11.39 33.28 -60.86
N ASP E 292 -11.51 34.14 -61.87
CA ASP E 292 -10.37 34.81 -62.52
C ASP E 292 -9.47 33.73 -63.12
N ASN E 293 -8.17 33.71 -62.82
CA ASN E 293 -7.24 32.75 -63.42
C ASN E 293 -7.45 31.38 -62.76
N PHE E 294 -8.53 30.72 -63.18
CA PHE E 294 -8.85 29.41 -62.62
C PHE E 294 -7.92 28.33 -63.16
N ASP E 295 -7.58 28.39 -64.45
CA ASP E 295 -6.80 27.33 -65.06
C ASP E 295 -5.40 27.24 -64.47
N ASP E 296 -4.78 28.38 -64.18
CA ASP E 296 -3.40 28.41 -63.71
C ASP E 296 -3.29 28.43 -62.19
N GLU E 297 -4.40 28.35 -61.46
CA GLU E 297 -4.35 28.38 -60.00
C GLU E 297 -5.24 27.35 -59.32
N PHE E 298 -6.00 26.55 -60.08
CA PHE E 298 -6.83 25.53 -59.46
C PHE E 298 -5.97 24.44 -58.81
N ILE E 299 -4.92 24.01 -59.50
CA ILE E 299 -4.07 22.93 -58.98
C ILE E 299 -3.38 23.36 -57.70
N LEU E 300 -2.88 24.60 -57.65
CA LEU E 300 -2.25 25.08 -56.43
C LEU E 300 -3.24 25.17 -55.29
N PHE E 301 -4.48 25.61 -55.57
CA PHE E 301 -5.50 25.67 -54.54
C PHE E 301 -5.83 24.28 -54.01
N VAL E 302 -5.95 23.30 -54.89
CA VAL E 302 -6.19 21.93 -54.45
C VAL E 302 -5.01 21.43 -53.62
N LYS E 303 -3.79 21.78 -54.03
CA LYS E 303 -2.61 21.34 -53.28
C LYS E 303 -2.59 21.93 -51.88
N ASP E 304 -2.95 23.21 -51.74
CA ASP E 304 -2.95 23.84 -50.42
C ASP E 304 -4.25 23.59 -49.65
N TYR E 305 -5.22 22.90 -50.24
CA TYR E 305 -6.38 22.44 -49.50
C TYR E 305 -6.18 21.03 -48.97
N LEU E 306 -5.55 20.16 -49.76
CA LEU E 306 -5.31 18.77 -49.40
C LEU E 306 -4.02 18.58 -48.61
N ASP E 307 -3.47 19.63 -48.02
CA ASP E 307 -2.38 19.51 -47.05
C ASP E 307 -2.77 20.02 -45.67
N LYS E 308 -3.99 20.53 -45.52
CA LYS E 308 -4.52 21.02 -44.25
C LYS E 308 -5.84 20.37 -43.88
N TYR E 309 -6.72 20.11 -44.85
CA TYR E 309 -8.00 19.50 -44.58
C TYR E 309 -8.05 18.01 -44.94
N ASN E 310 -7.02 17.49 -45.60
CA ASN E 310 -6.89 16.04 -45.78
C ASN E 310 -5.39 15.73 -45.78
N SER E 311 -4.85 15.49 -44.59
CA SER E 311 -3.44 15.15 -44.43
C SER E 311 -3.18 14.02 -43.44
N LYS E 312 -4.09 13.74 -42.52
CA LYS E 312 -3.90 12.71 -41.50
C LYS E 312 -4.61 11.44 -41.93
N ILE E 313 -3.89 10.33 -41.92
CA ILE E 313 -4.43 9.07 -42.45
C ILE E 313 -5.60 8.60 -41.60
N LYS E 314 -5.45 8.64 -40.27
CA LYS E 314 -6.47 8.08 -39.39
C LYS E 314 -7.60 9.07 -39.11
N LEU E 315 -7.28 10.35 -38.96
CA LEU E 315 -8.28 11.33 -38.57
C LEU E 315 -9.04 11.92 -39.75
N HIS E 316 -8.39 12.09 -40.90
CA HIS E 316 -9.04 12.60 -42.10
C HIS E 316 -9.43 11.39 -42.94
N THR E 317 -10.66 10.94 -42.76
CA THR E 317 -11.12 9.67 -43.35
C THR E 317 -12.21 9.87 -44.39
N GLU E 318 -12.42 11.09 -44.87
CA GLU E 318 -13.41 11.35 -45.91
C GLU E 318 -12.80 12.25 -46.97
N THR E 319 -12.93 11.83 -48.23
CA THR E 319 -12.29 12.46 -49.39
C THR E 319 -13.13 13.63 -49.90
N PRO E 320 -12.55 14.81 -50.05
CA PRO E 320 -13.28 15.93 -50.65
C PRO E 320 -13.57 15.67 -52.12
N CYS E 321 -14.67 16.25 -52.60
CA CYS E 321 -15.11 16.08 -53.97
C CYS E 321 -15.31 17.45 -54.61
N PHE E 322 -14.53 17.73 -55.66
CA PHE E 322 -14.67 18.96 -56.43
C PHE E 322 -15.39 18.65 -57.74
N ILE E 323 -16.38 19.47 -58.08
CA ILE E 323 -17.14 19.31 -59.32
C ILE E 323 -17.08 20.63 -60.07
N LEU E 324 -16.54 20.60 -61.28
CA LEU E 324 -16.39 21.79 -62.11
C LEU E 324 -17.42 21.77 -63.22
N LYS E 325 -17.95 22.96 -63.55
CA LYS E 325 -18.93 23.11 -64.61
C LYS E 325 -18.19 23.25 -65.94
N THR E 326 -17.91 22.11 -66.56
CA THR E 326 -17.18 22.08 -67.82
C THR E 326 -17.48 20.76 -68.53
N ASP E 327 -17.11 20.70 -69.80
CA ASP E 327 -17.28 19.49 -70.59
C ASP E 327 -16.23 18.46 -70.20
N VAL E 328 -16.46 17.21 -70.62
CA VAL E 328 -15.59 16.10 -70.25
C VAL E 328 -14.20 16.22 -70.87
N ASN E 329 -14.06 16.96 -71.97
CA ASN E 329 -12.77 17.06 -72.64
C ASN E 329 -11.75 17.82 -71.78
N ASN E 330 -12.18 18.91 -71.13
CA ASN E 330 -11.27 19.72 -70.35
C ASN E 330 -10.81 19.03 -69.07
N LEU E 331 -11.47 17.94 -68.66
CA LEU E 331 -11.07 17.24 -67.44
C LEU E 331 -9.72 16.54 -67.62
N SER E 332 -9.42 16.10 -68.83
CA SER E 332 -8.14 15.42 -69.08
C SER E 332 -6.96 16.37 -68.86
N GLU E 333 -7.10 17.64 -69.27
CA GLU E 333 -6.03 18.60 -69.04
C GLU E 333 -5.80 18.82 -67.54
N TYR E 334 -6.88 18.91 -66.77
CA TYR E 334 -6.76 19.05 -65.32
C TYR E 334 -6.07 17.83 -64.71
N HIS E 335 -6.44 16.63 -65.17
CA HIS E 335 -5.80 15.42 -64.66
C HIS E 335 -4.31 15.40 -65.00
N LYS E 336 -3.97 15.82 -66.23
CA LYS E 336 -2.56 15.89 -66.62
C LYS E 336 -1.79 16.86 -65.75
N ARG E 337 -2.38 18.03 -65.47
CA ARG E 337 -1.73 19.01 -64.60
C ARG E 337 -1.56 18.46 -63.19
N PHE E 338 -2.55 17.72 -62.70
CA PHE E 338 -2.46 17.13 -61.37
C PHE E 338 -1.37 16.07 -61.29
N VAL E 339 -1.24 15.25 -62.33
CA VAL E 339 -0.25 14.17 -62.31
C VAL E 339 1.17 14.73 -62.22
N SER E 340 1.43 15.83 -62.94
CA SER E 340 2.75 16.44 -62.91
C SER E 340 3.11 17.00 -61.53
N ARG E 341 2.12 17.26 -60.69
CA ARG E 341 2.34 17.78 -59.35
C ARG E 341 2.39 16.68 -58.29
N ASN E 342 2.37 15.41 -58.72
CA ASN E 342 2.41 14.26 -57.80
C ASN E 342 1.23 14.29 -56.82
N ILE E 343 0.03 14.52 -57.36
CA ILE E 343 -1.20 14.49 -56.60
C ILE E 343 -2.11 13.44 -57.22
N GLN E 344 -2.58 12.50 -56.40
CA GLN E 344 -3.40 11.39 -56.88
C GLN E 344 -4.87 11.76 -56.79
N ILE E 345 -5.54 11.85 -57.94
CA ILE E 345 -6.96 12.13 -58.01
C ILE E 345 -7.61 11.14 -58.96
N ILE E 346 -8.93 11.01 -58.83
CA ILE E 346 -9.72 10.19 -59.74
C ILE E 346 -10.85 11.04 -60.30
N THR E 347 -11.31 10.67 -61.49
CA THR E 347 -12.37 11.40 -62.18
C THR E 347 -13.59 10.55 -62.49
N GLY E 348 -13.44 9.24 -62.60
CA GLY E 348 -14.54 8.37 -62.99
C GLY E 348 -14.80 8.33 -64.49
N TYR E 349 -14.03 9.07 -65.28
CA TYR E 349 -14.18 9.10 -66.73
C TYR E 349 -12.97 8.45 -67.38
N ILE E 350 -13.23 7.45 -68.21
CA ILE E 350 -12.19 6.86 -69.04
C ILE E 350 -12.50 7.23 -70.49
N GLY E 351 -11.89 8.31 -70.97
CA GLY E 351 -12.21 8.80 -72.30
C GLY E 351 -13.44 9.68 -72.29
N ASP E 352 -14.58 9.12 -72.69
CA ASP E 352 -15.84 9.84 -72.66
C ASP E 352 -16.96 9.03 -72.00
N THR E 353 -16.62 7.95 -71.30
CA THR E 353 -17.60 7.10 -70.63
C THR E 353 -17.41 7.18 -69.13
N PHE E 354 -18.51 7.28 -68.40
CA PHE E 354 -18.49 7.40 -66.95
C PHE E 354 -18.82 6.06 -66.31
N TYR E 355 -18.11 5.75 -65.22
CA TYR E 355 -18.30 4.50 -64.49
C TYR E 355 -18.70 4.81 -63.06
N PHE E 356 -19.85 4.27 -62.63
CA PHE E 356 -20.35 4.52 -61.29
C PHE E 356 -19.42 3.92 -60.22
N LYS E 357 -18.93 2.71 -60.47
CA LYS E 357 -18.12 2.03 -59.46
C LYS E 357 -16.79 2.75 -59.22
N GLU E 358 -16.16 3.25 -60.28
CA GLU E 358 -14.89 3.95 -60.12
C GLU E 358 -15.05 5.23 -59.30
N PHE E 359 -16.10 6.00 -59.58
CA PHE E 359 -16.31 7.24 -58.84
C PHE E 359 -16.73 6.98 -57.41
N ASN E 360 -17.61 6.00 -57.19
CA ASN E 360 -18.11 5.69 -55.85
C ASN E 360 -17.34 4.50 -55.29
N LYS E 361 -16.11 4.79 -54.84
CA LYS E 361 -15.31 3.79 -54.16
C LYS E 361 -14.45 4.49 -53.11
N GLU E 362 -14.09 3.74 -52.07
CA GLU E 362 -13.28 4.37 -51.04
C GLU E 362 -11.81 4.03 -51.22
N PRO E 363 -10.92 5.00 -50.99
CA PRO E 363 -9.49 4.71 -51.11
C PRO E 363 -9.01 3.74 -50.06
N LYS E 364 -8.00 2.96 -50.41
CA LYS E 364 -7.38 2.00 -49.50
C LYS E 364 -6.23 2.68 -48.78
N ARG E 365 -6.18 2.51 -47.46
CA ARG E 365 -5.21 3.18 -46.61
C ARG E 365 -4.22 2.18 -46.01
N ILE E 366 -2.95 2.55 -46.01
CA ILE E 366 -1.90 1.83 -45.31
C ILE E 366 -1.31 2.81 -44.31
N ILE E 367 -1.70 2.68 -43.04
CA ILE E 367 -1.33 3.66 -42.03
C ILE E 367 0.17 3.62 -41.77
N LYS E 368 0.77 2.43 -41.79
CA LYS E 368 2.19 2.31 -41.50
C LYS E 368 3.08 2.92 -42.58
N ASP E 369 2.52 3.27 -43.74
CA ASP E 369 3.29 3.87 -44.82
C ASP E 369 2.78 5.24 -45.23
N ASN E 370 1.74 5.77 -44.57
CA ASN E 370 1.16 7.07 -44.91
C ASN E 370 0.76 7.13 -46.39
N TRP E 371 0.14 6.06 -46.86
CA TRP E 371 -0.26 5.92 -48.26
C TRP E 371 -1.78 5.89 -48.38
N VAL E 372 -2.31 6.70 -49.27
CA VAL E 372 -3.73 6.70 -49.62
C VAL E 372 -3.84 6.65 -51.14
N GLU E 373 -4.80 5.87 -51.63
CA GLU E 373 -4.90 5.61 -53.06
C GLU E 373 -5.11 6.91 -53.83
N PHE E 374 -6.10 7.71 -53.43
CA PHE E 374 -6.32 9.02 -54.01
C PHE E 374 -6.81 9.97 -52.92
N LYS E 375 -6.55 11.25 -53.11
CA LYS E 375 -6.84 12.25 -52.11
C LYS E 375 -7.98 13.20 -52.48
N ALA E 376 -8.45 13.17 -53.72
CA ALA E 376 -9.53 14.06 -54.13
C ALA E 376 -10.35 13.41 -55.23
N ARG E 377 -11.59 13.86 -55.36
CA ARG E 377 -12.48 13.45 -56.45
C ARG E 377 -12.80 14.69 -57.27
N ILE E 378 -12.48 14.65 -58.56
CA ILE E 378 -12.68 15.78 -59.46
C ILE E 378 -13.35 15.28 -60.72
N SER E 379 -14.53 15.80 -61.02
CA SER E 379 -15.31 15.34 -62.16
C SER E 379 -16.04 16.54 -62.76
N CYS E 380 -17.00 16.26 -63.64
CA CYS E 380 -17.76 17.29 -64.33
C CYS E 380 -19.16 17.41 -63.74
N ASN E 381 -19.88 18.45 -64.17
CA ASN E 381 -21.24 18.71 -63.71
C ASN E 381 -22.25 18.03 -64.64
N SER E 382 -22.10 16.73 -64.79
CA SER E 382 -22.97 15.94 -65.64
C SER E 382 -24.12 15.34 -64.84
N ASP E 383 -25.12 14.83 -65.55
CA ASP E 383 -26.25 14.19 -64.90
C ASP E 383 -25.82 12.93 -64.17
N GLU E 384 -24.91 12.16 -64.76
CA GLU E 384 -24.43 10.93 -64.13
C GLU E 384 -23.70 11.22 -62.83
N VAL E 385 -22.87 12.27 -62.79
CA VAL E 385 -22.12 12.59 -61.59
C VAL E 385 -23.06 13.08 -60.49
N ILE E 386 -24.08 13.87 -60.86
CA ILE E 386 -25.03 14.38 -59.86
C ILE E 386 -25.76 13.22 -59.21
N LYS E 387 -26.09 12.19 -59.98
CA LYS E 387 -26.72 10.99 -59.40
C LYS E 387 -25.79 10.32 -58.40
N CYS E 388 -24.49 10.26 -58.70
CA CYS E 388 -23.53 9.68 -57.76
C CYS E 388 -23.46 10.51 -56.48
N ILE E 389 -23.48 11.84 -56.62
CA ILE E 389 -23.47 12.71 -55.43
C ILE E 389 -24.72 12.48 -54.60
N ASN E 390 -25.87 12.34 -55.26
CA ASN E 390 -27.11 12.06 -54.55
C ASN E 390 -27.06 10.71 -53.85
N TYR E 391 -26.37 9.73 -54.44
CA TYR E 391 -26.30 8.40 -53.85
C TYR E 391 -25.59 8.44 -52.50
N LYS E 392 -24.44 9.11 -52.43
CA LYS E 392 -23.67 9.25 -51.21
C LYS E 392 -23.64 10.73 -50.83
N LYS E 393 -24.51 11.12 -49.92
CA LYS E 393 -24.63 12.52 -49.53
C LYS E 393 -23.45 12.95 -48.66
N CYS E 394 -23.19 14.25 -48.66
CA CYS E 394 -22.11 14.85 -47.89
C CYS E 394 -22.71 15.58 -46.68
N ASP E 395 -21.84 16.24 -45.93
CA ASP E 395 -22.25 17.03 -44.78
C ASP E 395 -22.25 18.53 -45.06
N ASP E 396 -21.32 19.01 -45.88
CA ASP E 396 -21.27 20.42 -46.27
C ASP E 396 -21.11 20.51 -47.78
N LEU E 397 -21.96 21.31 -48.41
CA LEU E 397 -21.91 21.55 -49.85
C LEU E 397 -21.59 23.01 -50.09
N TYR E 398 -20.52 23.27 -50.83
CA TYR E 398 -20.06 24.63 -51.12
C TYR E 398 -20.29 24.93 -52.59
N ILE E 399 -20.93 26.06 -52.87
CA ILE E 399 -21.25 26.48 -54.22
C ILE E 399 -20.52 27.78 -54.50
N VAL E 400 -19.70 27.78 -55.56
CA VAL E 400 -18.92 28.94 -55.97
C VAL E 400 -19.33 29.31 -57.39
N GLY E 401 -19.65 30.58 -57.61
CA GLY E 401 -20.05 31.06 -58.91
C GLY E 401 -21.52 30.90 -59.24
N GLY E 402 -22.35 30.51 -58.26
CA GLY E 402 -23.77 30.35 -58.50
C GLY E 402 -24.14 29.25 -59.46
N VAL E 403 -23.48 28.10 -59.36
CA VAL E 403 -23.81 26.95 -60.21
C VAL E 403 -25.19 26.42 -59.81
N ASP E 404 -25.90 25.88 -60.80
CA ASP E 404 -27.26 25.37 -60.59
C ASP E 404 -27.27 24.30 -59.52
N VAL E 405 -27.92 24.59 -58.39
CA VAL E 405 -28.00 23.64 -57.27
C VAL E 405 -29.11 22.62 -57.47
N SER E 406 -30.02 22.85 -58.42
CA SER E 406 -31.12 21.94 -58.66
C SER E 406 -30.59 20.57 -59.11
N LEU E 407 -31.48 19.58 -59.10
CA LEU E 407 -31.23 18.18 -59.41
C LEU E 407 -30.40 17.50 -58.32
N LEU E 408 -29.95 18.24 -57.31
CA LEU E 408 -29.22 17.68 -56.18
C LEU E 408 -30.10 17.73 -54.94
N ASP E 409 -30.25 16.58 -54.27
CA ASP E 409 -31.07 16.52 -53.08
C ASP E 409 -30.36 17.21 -51.92
N THR E 410 -31.08 18.06 -51.20
CA THR E 410 -30.53 18.83 -50.09
C THR E 410 -31.28 18.52 -48.80
N ALA E 411 -31.53 17.24 -48.55
CA ALA E 411 -32.27 16.85 -47.35
C ALA E 411 -31.47 17.15 -46.09
N ASP E 412 -30.16 16.88 -46.09
CA ASP E 412 -29.33 17.06 -44.91
C ASP E 412 -28.06 17.86 -45.14
N VAL E 413 -27.70 18.16 -46.39
CA VAL E 413 -26.47 18.90 -46.64
C VAL E 413 -26.64 20.36 -46.23
N ASN E 414 -25.54 20.98 -45.84
CA ASN E 414 -25.52 22.38 -45.43
C ASN E 414 -24.98 23.20 -46.60
N ILE E 415 -25.88 23.88 -47.30
CA ILE E 415 -25.50 24.67 -48.47
C ILE E 415 -24.84 25.95 -48.01
N GLU E 416 -23.64 26.23 -48.54
CA GLU E 416 -22.90 27.45 -48.24
C GLU E 416 -22.58 28.14 -49.56
N ASN E 417 -23.41 29.12 -49.92
CA ASN E 417 -23.17 29.88 -51.15
C ASN E 417 -21.98 30.82 -50.97
N LEU E 418 -21.04 30.78 -51.91
CA LEU E 418 -19.83 31.58 -51.85
C LEU E 418 -19.70 32.37 -53.15
N GLU E 419 -19.63 33.69 -53.05
CA GLU E 419 -19.36 34.55 -54.18
C GLU E 419 -17.99 35.18 -53.98
N ILE E 420 -17.08 34.92 -54.93
CA ILE E 420 -15.71 35.39 -54.86
C ILE E 420 -15.26 35.80 -56.26
N ASN E 421 -14.06 36.39 -56.33
CA ASN E 421 -13.48 36.81 -57.60
C ASN E 421 -12.17 36.10 -57.93
N ASN E 422 -11.36 35.76 -56.93
CA ASN E 422 -10.11 35.04 -57.16
C ASN E 422 -9.92 34.02 -56.03
N PHE E 423 -8.92 33.15 -56.22
CA PHE E 423 -8.67 32.10 -55.24
C PHE E 423 -8.10 32.65 -53.93
N ARG E 424 -7.59 33.88 -53.93
CA ARG E 424 -7.07 34.45 -52.69
C ARG E 424 -8.18 34.62 -51.65
N GLU E 425 -9.35 35.07 -52.08
CA GLU E 425 -10.49 35.16 -51.17
C GLU E 425 -10.99 33.77 -50.76
N LEU E 426 -10.93 32.80 -51.68
CA LEU E 426 -11.36 31.44 -51.35
C LEU E 426 -10.51 30.84 -50.25
N LYS E 427 -9.20 31.05 -50.32
CA LYS E 427 -8.30 30.55 -49.27
C LYS E 427 -8.55 31.27 -47.95
N TYR E 428 -8.84 32.56 -47.99
CA TYR E 428 -9.08 33.32 -46.76
C TYR E 428 -10.38 32.87 -46.10
N LEU E 429 -11.43 32.60 -46.90
CA LEU E 429 -12.69 32.16 -46.34
C LEU E 429 -12.55 30.80 -45.65
N LEU E 430 -11.79 29.89 -46.25
CA LEU E 430 -11.59 28.55 -45.72
C LEU E 430 -10.44 28.48 -44.71
N SER E 431 -10.04 29.63 -44.16
CA SER E 431 -9.02 29.70 -43.10
C SER E 431 -7.69 29.12 -43.55
N MET E 432 -7.38 29.21 -44.85
CA MET E 432 -6.08 28.80 -45.36
C MET E 432 -5.10 29.95 -45.49
N LEU E 433 -5.52 31.18 -45.19
CA LEU E 433 -4.68 32.34 -45.34
C LEU E 433 -4.97 33.32 -44.21
N LYS E 434 -3.91 33.80 -43.55
CA LYS E 434 -4.09 34.73 -42.43
C LYS E 434 -4.65 36.06 -42.89
N GLU E 435 -4.15 36.58 -44.01
CA GLU E 435 -4.61 37.87 -44.51
C GLU E 435 -4.43 37.91 -46.02
N ILE E 436 -5.35 38.59 -46.70
CA ILE E 436 -5.29 38.72 -48.14
C ILE E 436 -4.72 40.09 -48.53
N ARG F 267 19.04 -50.70 20.37
CA ARG F 267 19.59 -50.87 19.03
C ARG F 267 18.66 -50.29 17.98
N LYS F 268 17.35 -50.42 18.21
CA LYS F 268 16.36 -49.89 17.27
C LYS F 268 16.46 -48.37 17.17
N ASN F 269 16.63 -47.69 18.31
CA ASN F 269 16.75 -46.24 18.29
C ASN F 269 18.01 -45.77 17.56
N GLN F 270 19.03 -46.61 17.48
CA GLN F 270 20.22 -46.25 16.72
C GLN F 270 19.97 -46.29 15.22
N LEU F 271 19.07 -47.16 14.77
CA LEU F 271 18.77 -47.31 13.35
C LEU F 271 17.69 -46.37 12.86
N VAL F 272 17.04 -45.61 13.76
CA VAL F 272 16.02 -44.67 13.32
C VAL F 272 16.59 -43.61 12.38
N PRO F 273 17.74 -43.00 12.65
CA PRO F 273 18.39 -42.20 11.60
C PRO F 273 18.79 -43.07 10.42
N SER F 274 18.76 -42.46 9.23
CA SER F 274 19.05 -43.12 7.95
C SER F 274 17.91 -44.06 7.55
N LEU F 275 16.91 -44.21 8.42
CA LEU F 275 15.67 -44.89 8.08
C LEU F 275 14.52 -43.90 7.92
N ASN F 276 14.75 -42.62 8.16
CA ASN F 276 13.76 -41.57 8.00
C ASN F 276 14.01 -40.74 6.75
N ILE F 277 14.78 -41.26 5.79
CA ILE F 277 15.11 -40.57 4.56
C ILE F 277 14.46 -41.30 3.40
N ASN F 278 13.69 -40.57 2.59
CA ASN F 278 12.99 -41.19 1.47
C ASN F 278 13.96 -41.66 0.40
N SER F 279 14.90 -40.80 0.01
CA SER F 279 15.85 -41.12 -1.06
C SER F 279 17.11 -41.69 -0.42
N ARG F 280 17.20 -43.02 -0.38
CA ARG F 280 18.35 -43.68 0.20
C ARG F 280 18.34 -45.14 -0.24
N SER F 281 19.50 -45.65 -0.63
CA SER F 281 19.64 -47.01 -1.13
C SER F 281 19.95 -47.95 0.04
N ARG F 282 19.07 -48.93 0.27
CA ARG F 282 19.23 -49.91 1.34
C ARG F 282 19.35 -51.29 0.72
N TYR F 283 20.45 -51.98 1.02
CA TYR F 283 20.72 -53.32 0.50
C TYR F 283 20.70 -54.32 1.64
N PHE F 284 20.09 -55.47 1.40
CA PHE F 284 19.94 -56.51 2.41
C PHE F 284 20.61 -57.80 1.93
N ILE F 285 21.42 -58.40 2.80
CA ILE F 285 22.01 -59.71 2.55
C ILE F 285 21.49 -60.62 3.66
N ILE F 286 20.56 -61.51 3.31
CA ILE F 286 19.83 -62.31 4.27
C ILE F 286 20.25 -63.76 4.13
N ASP F 287 20.59 -64.39 5.26
CA ASP F 287 20.89 -65.82 5.27
C ASP F 287 19.60 -66.58 5.57
N PRO F 288 19.10 -67.40 4.65
CA PRO F 288 17.84 -68.11 4.91
C PRO F 288 17.89 -69.04 6.11
N ASP F 289 19.04 -69.64 6.41
CA ASP F 289 19.14 -70.59 7.51
C ASP F 289 19.45 -69.87 8.83
N THR F 290 18.66 -68.83 9.11
CA THR F 290 18.75 -68.14 10.39
C THR F 290 17.36 -67.82 10.93
N ILE F 291 16.35 -67.91 10.07
CA ILE F 291 14.99 -67.54 10.42
C ILE F 291 14.20 -68.82 10.71
N ASP F 292 13.29 -68.73 11.68
CA ASP F 292 12.49 -69.89 12.05
C ASP F 292 11.66 -70.39 10.87
N ASN F 293 10.99 -69.48 10.18
CA ASN F 293 10.20 -69.80 8.99
C ASN F 293 10.51 -68.75 7.92
N PHE F 294 11.54 -69.03 7.12
CA PHE F 294 11.91 -68.11 6.04
C PHE F 294 11.10 -68.31 4.77
N ASP F 295 10.40 -69.43 4.65
CA ASP F 295 9.65 -69.74 3.43
C ASP F 295 8.16 -69.43 3.56
N ASP F 296 7.75 -68.79 4.65
CA ASP F 296 6.33 -68.50 4.85
C ASP F 296 6.09 -67.02 5.16
N GLU F 297 7.08 -66.35 5.75
CA GLU F 297 6.93 -64.97 6.16
C GLU F 297 7.86 -64.01 5.41
N PHE F 298 8.75 -64.51 4.57
CA PHE F 298 9.62 -63.62 3.80
C PHE F 298 8.82 -62.75 2.83
N ILE F 299 7.84 -63.36 2.16
CA ILE F 299 7.01 -62.59 1.23
C ILE F 299 6.21 -61.53 1.97
N LEU F 300 5.63 -61.89 3.12
CA LEU F 300 4.89 -60.91 3.90
C LEU F 300 5.80 -59.82 4.44
N PHE F 301 7.02 -60.19 4.85
CA PHE F 301 7.98 -59.20 5.31
C PHE F 301 8.34 -58.21 4.19
N VAL F 302 8.57 -58.72 2.98
CA VAL F 302 8.86 -57.83 1.86
C VAL F 302 7.65 -56.95 1.56
N LYS F 303 6.45 -57.53 1.62
CA LYS F 303 5.25 -56.76 1.31
C LYS F 303 5.08 -55.60 2.29
N ASP F 304 5.14 -55.86 3.59
CA ASP F 304 4.93 -54.78 4.55
C ASP F 304 6.20 -53.96 4.80
N TYR F 305 7.34 -54.33 4.20
CA TYR F 305 8.47 -53.42 4.17
C TYR F 305 8.35 -52.42 3.03
N LEU F 306 7.95 -52.89 1.84
CA LEU F 306 7.73 -51.99 0.72
C LEU F 306 6.46 -51.17 0.86
N ASP F 307 5.50 -51.61 1.69
CA ASP F 307 4.35 -50.77 1.96
C ASP F 307 4.70 -49.57 2.84
N LYS F 308 5.90 -49.52 3.39
CA LYS F 308 6.35 -48.44 4.25
C LYS F 308 7.55 -47.67 3.72
N TYR F 309 8.48 -48.35 3.04
CA TYR F 309 9.72 -47.73 2.62
C TYR F 309 9.83 -47.48 1.12
N ASN F 310 9.03 -48.18 0.29
CA ASN F 310 8.94 -47.87 -1.13
C ASN F 310 7.45 -47.79 -1.49
N SER F 311 6.85 -46.65 -1.22
CA SER F 311 5.44 -46.42 -1.52
C SER F 311 5.20 -45.12 -2.27
N LYS F 312 5.94 -44.07 -1.96
CA LYS F 312 5.77 -42.80 -2.63
C LYS F 312 6.48 -42.85 -3.98
N ILE F 313 5.72 -42.61 -5.05
CA ILE F 313 6.25 -42.81 -6.40
C ILE F 313 7.34 -41.78 -6.71
N LYS F 314 7.28 -40.60 -6.10
CA LYS F 314 8.20 -39.52 -6.43
C LYS F 314 9.38 -39.42 -5.46
N LEU F 315 9.14 -39.61 -4.16
CA LEU F 315 10.21 -39.45 -3.18
C LEU F 315 11.00 -40.73 -2.97
N HIS F 316 10.34 -41.88 -2.97
CA HIS F 316 11.02 -43.16 -2.80
C HIS F 316 11.57 -43.58 -4.15
N THR F 317 12.76 -43.07 -4.48
CA THR F 317 13.35 -43.24 -5.80
C THR F 317 14.45 -44.30 -5.84
N GLU F 318 14.56 -45.13 -4.81
CA GLU F 318 15.58 -46.16 -4.74
C GLU F 318 14.93 -47.52 -4.58
N THR F 319 15.48 -48.51 -5.29
CA THR F 319 14.92 -49.86 -5.29
C THR F 319 15.69 -50.75 -4.31
N PRO F 320 15.03 -51.30 -3.30
CA PRO F 320 15.74 -52.18 -2.36
C PRO F 320 16.22 -53.45 -3.06
N CYS F 321 17.33 -53.98 -2.57
CA CYS F 321 17.93 -55.20 -3.08
C CYS F 321 18.01 -56.23 -1.96
N PHE F 322 17.48 -57.43 -2.23
CA PHE F 322 17.48 -58.53 -1.27
C PHE F 322 18.31 -59.66 -1.84
N ILE F 323 19.54 -59.78 -1.37
CA ILE F 323 20.50 -60.77 -1.88
C ILE F 323 20.47 -61.96 -0.92
N LEU F 324 19.68 -62.97 -1.25
CA LEU F 324 19.58 -64.16 -0.44
C LEU F 324 20.79 -65.07 -0.62
N LYS F 325 21.10 -65.84 0.41
CA LYS F 325 22.21 -66.79 0.38
C LYS F 325 21.63 -68.18 0.13
N THR F 326 21.34 -68.47 -1.13
CA THR F 326 20.71 -69.73 -1.52
C THR F 326 21.19 -70.11 -2.92
N ASP F 327 20.55 -71.11 -3.50
CA ASP F 327 20.88 -71.59 -4.83
C ASP F 327 20.04 -70.87 -5.88
N VAL F 328 20.55 -70.85 -7.12
CA VAL F 328 19.86 -70.16 -8.20
C VAL F 328 18.55 -70.86 -8.54
N ASN F 329 18.49 -72.19 -8.40
CA ASN F 329 17.28 -72.93 -8.74
C ASN F 329 16.19 -72.81 -7.70
N ASN F 330 16.50 -72.33 -6.49
CA ASN F 330 15.53 -72.18 -5.42
C ASN F 330 14.90 -70.78 -5.39
N LEU F 331 15.22 -69.94 -6.35
CA LEU F 331 14.74 -68.55 -6.36
C LEU F 331 13.51 -68.35 -7.25
N SER F 332 13.31 -69.22 -8.24
CA SER F 332 12.08 -69.14 -9.04
C SER F 332 10.85 -69.37 -8.19
N GLU F 333 10.96 -70.18 -7.14
CA GLU F 333 9.84 -70.36 -6.22
C GLU F 333 9.48 -69.05 -5.53
N TYR F 334 10.48 -68.30 -5.08
CA TYR F 334 10.23 -66.99 -4.49
C TYR F 334 9.63 -66.04 -5.53
N HIS F 335 10.13 -66.09 -6.77
CA HIS F 335 9.61 -65.22 -7.81
C HIS F 335 8.13 -65.50 -8.07
N LYS F 336 7.76 -66.77 -8.18
CA LYS F 336 6.36 -67.10 -8.45
C LYS F 336 5.48 -66.85 -7.24
N ARG F 337 6.00 -67.01 -6.03
CA ARG F 337 5.23 -66.63 -4.85
C ARG F 337 4.94 -65.14 -4.83
N PHE F 338 5.95 -64.32 -5.16
CA PHE F 338 5.73 -62.88 -5.24
C PHE F 338 4.74 -62.52 -6.34
N VAL F 339 4.83 -63.21 -7.49
CA VAL F 339 3.90 -62.95 -8.58
C VAL F 339 2.47 -63.27 -8.15
N SER F 340 2.29 -64.41 -7.45
CA SER F 340 0.97 -64.76 -6.93
C SER F 340 0.49 -63.74 -5.91
N ARG F 341 1.41 -63.16 -5.14
CA ARG F 341 1.05 -62.11 -4.19
C ARG F 341 0.88 -60.75 -4.84
N ASN F 342 0.93 -60.67 -6.18
CA ASN F 342 0.74 -59.43 -6.92
C ASN F 342 1.79 -58.38 -6.54
N ILE F 343 3.05 -58.81 -6.53
CA ILE F 343 4.18 -57.92 -6.29
C ILE F 343 5.16 -58.07 -7.45
N GLN F 344 5.56 -56.96 -8.04
CA GLN F 344 6.44 -56.96 -9.21
C GLN F 344 7.88 -56.79 -8.75
N ILE F 345 8.72 -57.77 -9.08
CA ILE F 345 10.13 -57.77 -8.72
C ILE F 345 10.94 -58.23 -9.92
N ILE F 346 12.26 -58.09 -9.82
CA ILE F 346 13.17 -58.57 -10.85
C ILE F 346 14.21 -59.46 -10.20
N THR F 347 14.60 -60.52 -10.91
CA THR F 347 15.59 -61.49 -10.45
C THR F 347 16.96 -61.30 -11.11
N GLY F 348 16.98 -61.02 -12.41
CA GLY F 348 18.21 -60.98 -13.16
C GLY F 348 18.63 -62.30 -13.75
N TYR F 349 17.92 -63.39 -13.44
CA TYR F 349 18.19 -64.71 -13.98
C TYR F 349 17.02 -65.13 -14.86
N ILE F 350 17.33 -65.64 -16.04
CA ILE F 350 16.34 -66.23 -16.93
C ILE F 350 16.73 -67.70 -17.08
N GLY F 351 16.18 -68.55 -16.21
CA GLY F 351 16.59 -69.94 -16.17
C GLY F 351 17.79 -70.12 -15.28
N ASP F 352 18.97 -70.25 -15.88
CA ASP F 352 20.22 -70.40 -15.14
C ASP F 352 21.29 -69.42 -15.60
N THR F 353 20.94 -68.40 -16.37
CA THR F 353 21.89 -67.43 -16.90
C THR F 353 21.58 -66.06 -16.33
N PHE F 354 22.61 -65.40 -15.81
CA PHE F 354 22.48 -64.06 -15.25
C PHE F 354 22.69 -63.01 -16.35
N TYR F 355 21.95 -61.90 -16.25
CA TYR F 355 22.03 -60.82 -17.23
C TYR F 355 22.33 -59.53 -16.49
N PHE F 356 23.50 -58.94 -16.77
CA PHE F 356 23.92 -57.73 -16.08
C PHE F 356 23.01 -56.56 -16.41
N LYS F 357 22.61 -56.43 -17.68
CA LYS F 357 21.78 -55.30 -18.09
C LYS F 357 20.37 -55.36 -17.52
N GLU F 358 19.90 -56.56 -17.15
CA GLU F 358 18.56 -56.73 -16.61
C GLU F 358 18.50 -56.60 -15.09
N PHE F 359 19.62 -56.30 -14.44
CA PHE F 359 19.65 -56.14 -12.99
C PHE F 359 19.97 -54.73 -12.53
N ASN F 360 20.70 -53.95 -13.34
CA ASN F 360 21.00 -52.55 -13.04
C ASN F 360 20.01 -51.58 -13.66
N LYS F 361 19.00 -52.07 -14.38
CA LYS F 361 18.05 -51.18 -15.02
C LYS F 361 17.26 -50.39 -13.98
N GLU F 362 17.15 -49.09 -14.19
CA GLU F 362 16.36 -48.25 -13.30
C GLU F 362 14.89 -48.36 -13.66
N PRO F 363 14.01 -48.65 -12.71
CA PRO F 363 12.59 -48.81 -13.03
C PRO F 363 11.98 -47.53 -13.56
N LYS F 364 11.08 -47.67 -14.53
CA LYS F 364 10.38 -46.54 -15.09
C LYS F 364 9.16 -46.19 -14.23
N ARG F 365 8.87 -44.90 -14.14
CA ARG F 365 7.82 -44.40 -13.27
C ARG F 365 6.80 -43.59 -14.08
N ILE F 366 5.54 -43.70 -13.67
CA ILE F 366 4.44 -42.91 -14.22
C ILE F 366 3.74 -42.29 -13.02
N ILE F 367 4.06 -41.03 -12.71
CA ILE F 367 3.54 -40.41 -11.50
C ILE F 367 2.03 -40.21 -11.59
N LYS F 368 1.53 -39.86 -12.78
CA LYS F 368 0.10 -39.64 -12.95
C LYS F 368 -0.73 -40.91 -12.79
N ASP F 369 -0.09 -42.08 -12.82
CA ASP F 369 -0.79 -43.34 -12.65
C ASP F 369 -0.32 -44.13 -11.44
N ASN F 370 0.69 -43.64 -10.72
CA ASN F 370 1.26 -44.32 -9.55
C ASN F 370 1.69 -45.74 -9.90
N TRP F 371 2.58 -45.83 -10.90
CA TRP F 371 3.03 -47.10 -11.44
C TRP F 371 4.54 -47.13 -11.54
N VAL F 372 5.14 -48.20 -11.04
CA VAL F 372 6.57 -48.47 -11.21
C VAL F 372 6.71 -49.94 -11.58
N GLU F 373 7.57 -50.22 -12.58
CA GLU F 373 7.58 -51.55 -13.18
C GLU F 373 7.99 -52.63 -12.20
N PHE F 374 9.04 -52.38 -11.41
CA PHE F 374 9.41 -53.30 -10.35
C PHE F 374 9.78 -52.51 -9.10
N LYS F 375 9.48 -53.10 -7.95
CA LYS F 375 9.64 -52.41 -6.67
C LYS F 375 10.77 -52.96 -5.81
N ALA F 376 11.40 -54.07 -6.20
CA ALA F 376 12.47 -54.65 -5.41
C ALA F 376 13.34 -55.51 -6.31
N ARG F 377 14.54 -55.82 -5.81
CA ARG F 377 15.48 -56.71 -6.48
C ARG F 377 15.78 -57.87 -5.55
N ILE F 378 15.45 -59.09 -5.99
CA ILE F 378 15.72 -60.31 -5.22
C ILE F 378 16.57 -61.22 -6.09
N SER F 379 17.74 -61.58 -5.59
CA SER F 379 18.68 -62.41 -6.35
C SER F 379 19.55 -63.19 -5.37
N CYS F 380 20.44 -64.01 -5.91
CA CYS F 380 21.32 -64.85 -5.12
C CYS F 380 22.63 -64.12 -4.82
N ASN F 381 23.45 -64.75 -3.98
CA ASN F 381 24.74 -64.20 -3.58
C ASN F 381 25.89 -64.71 -4.44
N SER F 382 25.63 -65.06 -5.69
CA SER F 382 26.67 -65.56 -6.57
C SER F 382 27.67 -64.45 -6.90
N ASP F 383 28.81 -64.87 -7.47
CA ASP F 383 29.86 -63.91 -7.81
C ASP F 383 29.39 -62.92 -8.87
N GLU F 384 28.48 -63.35 -9.76
CA GLU F 384 27.96 -62.44 -10.78
C GLU F 384 27.16 -61.31 -10.15
N VAL F 385 26.34 -61.62 -9.15
CA VAL F 385 25.50 -60.59 -8.52
C VAL F 385 26.35 -59.64 -7.70
N ILE F 386 27.32 -60.17 -6.96
CA ILE F 386 28.15 -59.32 -6.09
C ILE F 386 28.97 -58.35 -6.93
N LYS F 387 29.52 -58.82 -8.06
CA LYS F 387 30.23 -57.93 -8.97
C LYS F 387 29.30 -56.83 -9.49
N CYS F 388 28.01 -57.11 -9.62
CA CYS F 388 27.06 -56.12 -10.07
C CYS F 388 26.74 -55.11 -8.97
N ILE F 389 26.77 -55.53 -7.70
CA ILE F 389 26.47 -54.62 -6.60
C ILE F 389 27.52 -53.53 -6.51
N ASN F 390 28.79 -53.88 -6.67
CA ASN F 390 29.87 -52.90 -6.57
C ASN F 390 29.76 -51.84 -7.66
N TYR F 391 29.12 -52.16 -8.79
CA TYR F 391 28.97 -51.19 -9.86
C TYR F 391 28.10 -50.01 -9.41
N LYS F 392 27.02 -50.31 -8.68
CA LYS F 392 26.11 -49.29 -8.16
C LYS F 392 26.07 -49.44 -6.64
N LYS F 393 26.97 -48.75 -5.96
CA LYS F 393 27.08 -48.89 -4.52
C LYS F 393 25.89 -48.24 -3.81
N CYS F 394 25.61 -48.73 -2.62
CA CYS F 394 24.50 -48.25 -1.80
C CYS F 394 25.01 -47.38 -0.66
N ASP F 395 24.06 -46.81 0.08
CA ASP F 395 24.38 -46.00 1.24
C ASP F 395 24.34 -46.82 2.53
N ASP F 396 23.29 -47.61 2.72
CA ASP F 396 23.16 -48.49 3.87
C ASP F 396 23.12 -49.94 3.37
N LEU F 397 23.94 -50.79 3.97
CA LEU F 397 24.02 -52.20 3.61
C LEU F 397 23.79 -53.02 4.88
N TYR F 398 22.58 -53.56 5.02
CA TYR F 398 22.21 -54.31 6.20
C TYR F 398 22.59 -55.77 6.05
N ILE F 399 23.32 -56.29 7.03
CA ILE F 399 23.75 -57.69 7.06
C ILE F 399 23.00 -58.37 8.19
N VAL F 400 22.25 -59.42 7.85
CA VAL F 400 21.51 -60.20 8.84
C VAL F 400 21.89 -61.67 8.68
N GLY F 401 22.09 -62.35 9.80
CA GLY F 401 22.56 -63.71 9.77
C GLY F 401 24.06 -63.78 9.53
N GLY F 402 24.53 -65.00 9.31
CA GLY F 402 25.94 -65.21 9.03
C GLY F 402 26.23 -65.32 7.54
N VAL F 403 26.69 -64.23 6.94
CA VAL F 403 27.01 -64.20 5.52
C VAL F 403 28.37 -63.53 5.33
N ASP F 404 29.02 -63.87 4.22
CA ASP F 404 30.34 -63.33 3.92
C ASP F 404 30.23 -61.86 3.51
N VAL F 405 31.26 -61.11 3.84
CA VAL F 405 31.33 -59.69 3.49
C VAL F 405 32.41 -59.40 2.46
N SER F 406 33.40 -60.28 2.29
CA SER F 406 34.48 -60.06 1.34
C SER F 406 33.93 -60.06 -0.10
N LEU F 407 34.81 -59.70 -1.03
CA LEU F 407 34.50 -59.55 -2.45
C LEU F 407 33.48 -58.46 -2.73
N LEU F 408 33.14 -57.64 -1.72
CA LEU F 408 32.21 -56.53 -1.86
C LEU F 408 32.94 -55.25 -1.50
N ASP F 409 32.84 -54.25 -2.37
CA ASP F 409 33.56 -52.98 -2.17
C ASP F 409 32.82 -52.16 -1.12
N THR F 410 33.31 -52.20 0.10
CA THR F 410 32.75 -51.40 1.20
C THR F 410 33.54 -50.10 1.36
N ALA F 411 33.47 -49.27 0.32
CA ALA F 411 34.22 -48.02 0.30
C ALA F 411 33.57 -46.96 1.19
N ASP F 412 32.33 -46.59 0.86
CA ASP F 412 31.61 -45.55 1.60
C ASP F 412 30.25 -46.05 2.11
N VAL F 413 30.06 -47.36 2.18
CA VAL F 413 28.79 -47.90 2.64
C VAL F 413 28.78 -47.93 4.17
N ASN F 414 27.56 -47.91 4.73
CA ASN F 414 27.34 -47.97 6.17
C ASN F 414 26.84 -49.38 6.50
N ILE F 415 27.77 -50.27 6.83
CA ILE F 415 27.44 -51.65 7.16
C ILE F 415 26.88 -51.67 8.58
N GLU F 416 25.59 -51.92 8.70
CA GLU F 416 24.90 -51.99 9.98
C GLU F 416 24.51 -53.46 10.21
N ASN F 417 25.43 -54.22 10.81
CA ASN F 417 25.23 -55.65 10.99
C ASN F 417 24.09 -55.91 11.97
N LEU F 418 23.24 -56.87 11.63
CA LEU F 418 22.09 -57.25 12.44
C LEU F 418 22.13 -58.75 12.69
N GLU F 419 21.77 -59.16 13.90
CA GLU F 419 21.62 -60.57 14.25
C GLU F 419 20.23 -60.76 14.84
N ILE F 420 19.36 -61.45 14.10
CA ILE F 420 17.95 -61.61 14.46
C ILE F 420 17.63 -63.09 14.50
N ASN F 421 16.41 -63.39 14.96
CA ASN F 421 15.94 -64.77 15.04
C ASN F 421 14.58 -64.93 14.38
N ASN F 422 13.77 -63.87 14.39
CA ASN F 422 12.42 -63.91 13.84
C ASN F 422 12.15 -62.65 13.04
N PHE F 423 11.22 -62.75 12.09
CA PHE F 423 10.85 -61.59 11.29
C PHE F 423 10.16 -60.51 12.12
N ARG F 424 9.41 -60.92 13.15
CA ARG F 424 8.78 -59.93 14.02
C ARG F 424 9.82 -59.03 14.69
N GLU F 425 10.93 -59.63 15.14
CA GLU F 425 12.02 -58.85 15.71
C GLU F 425 12.66 -57.95 14.66
N LEU F 426 12.81 -58.44 13.43
CA LEU F 426 13.34 -57.60 12.35
C LEU F 426 12.41 -56.44 12.06
N LYS F 427 11.09 -56.68 12.04
CA LYS F 427 10.14 -55.60 11.88
C LYS F 427 10.25 -54.59 13.02
N TYR F 428 10.47 -55.08 14.24
CA TYR F 428 10.66 -54.18 15.38
C TYR F 428 11.88 -53.31 15.19
N LEU F 429 12.99 -53.89 14.73
CA LEU F 429 14.20 -53.10 14.50
C LEU F 429 14.00 -52.08 13.40
N LEU F 430 13.32 -52.48 12.33
CA LEU F 430 13.09 -51.59 11.19
C LEU F 430 11.92 -50.63 11.39
N SER F 431 11.45 -50.48 12.63
CA SER F 431 10.40 -49.53 12.99
C SER F 431 9.09 -49.81 12.24
N MET F 432 8.87 -51.05 11.85
CA MET F 432 7.63 -51.47 11.20
C MET F 432 6.62 -52.05 12.19
N LEU F 433 6.95 -52.08 13.48
CA LEU F 433 6.06 -52.65 14.48
C LEU F 433 6.32 -51.94 15.80
N LYS F 434 5.26 -51.36 16.38
CA LYS F 434 5.42 -50.59 17.62
C LYS F 434 5.87 -51.49 18.76
N GLU F 435 5.25 -52.67 18.91
CA GLU F 435 5.57 -53.60 19.97
C GLU F 435 5.69 -55.00 19.41
N ILE F 436 6.57 -55.80 20.01
CA ILE F 436 6.79 -57.17 19.57
C ILE F 436 5.56 -58.03 19.87
N VAL G 257 -20.70 -45.69 -80.84
CA VAL G 257 -20.58 -44.86 -79.66
C VAL G 257 -19.13 -44.36 -79.60
N LEU G 258 -18.27 -45.01 -80.39
CA LEU G 258 -16.85 -44.68 -80.43
C LEU G 258 -16.62 -43.20 -80.63
N THR G 259 -17.13 -42.65 -81.74
CA THR G 259 -16.93 -41.23 -82.01
C THR G 259 -17.60 -40.36 -80.96
N ARG G 260 -18.74 -40.79 -80.43
CA ARG G 260 -19.40 -40.05 -79.38
C ARG G 260 -18.50 -39.92 -78.14
N LYS G 261 -17.98 -41.06 -77.66
CA LYS G 261 -17.17 -41.04 -76.46
C LYS G 261 -15.75 -40.53 -76.72
N GLN G 262 -15.37 -40.30 -77.98
CA GLN G 262 -14.14 -39.55 -78.24
C GLN G 262 -14.37 -38.04 -78.25
N LEU G 263 -15.41 -37.56 -78.94
CA LEU G 263 -15.74 -36.14 -78.90
C LEU G 263 -16.03 -35.68 -77.48
N LEU G 264 -16.75 -36.49 -76.71
CA LEU G 264 -17.03 -36.11 -75.33
C LEU G 264 -15.78 -36.13 -74.45
N LYS G 265 -14.83 -37.02 -74.71
CA LYS G 265 -13.56 -36.97 -74.01
C LYS G 265 -12.80 -35.69 -74.33
N VAL G 266 -12.82 -35.28 -75.61
CA VAL G 266 -12.18 -34.03 -76.02
C VAL G 266 -12.82 -32.87 -75.28
N ARG G 267 -14.16 -32.83 -75.23
CA ARG G 267 -14.86 -31.80 -74.48
C ARG G 267 -14.50 -31.80 -72.99
N LYS G 268 -14.43 -32.99 -72.38
CA LYS G 268 -14.04 -33.08 -70.98
C LYS G 268 -12.68 -32.43 -70.76
N ASN G 269 -11.67 -32.84 -71.54
CA ASN G 269 -10.33 -32.28 -71.36
C ASN G 269 -10.26 -30.81 -71.76
N GLN G 270 -11.19 -30.32 -72.57
CA GLN G 270 -11.26 -28.90 -72.87
C GLN G 270 -11.99 -28.09 -71.80
N LEU G 271 -12.72 -28.76 -70.90
CA LEU G 271 -13.46 -28.07 -69.84
C LEU G 271 -12.75 -28.10 -68.49
N VAL G 272 -11.79 -29.00 -68.29
CA VAL G 272 -11.15 -29.17 -66.98
C VAL G 272 -10.26 -27.99 -66.54
N PRO G 273 -9.59 -27.22 -67.42
CA PRO G 273 -8.75 -26.14 -66.90
C PRO G 273 -9.52 -25.10 -66.10
N SER G 274 -10.76 -24.81 -66.46
CA SER G 274 -11.56 -23.81 -65.77
C SER G 274 -12.39 -24.38 -64.63
N LEU G 275 -12.50 -25.70 -64.52
CA LEU G 275 -13.29 -26.32 -63.46
C LEU G 275 -12.48 -26.62 -62.20
N ASN G 276 -11.16 -26.43 -62.24
CA ASN G 276 -10.32 -26.68 -61.08
C ASN G 276 -10.08 -25.45 -60.22
N ILE G 277 -10.63 -24.30 -60.61
CA ILE G 277 -10.50 -23.09 -59.82
C ILE G 277 -11.59 -23.08 -58.76
N ASN G 278 -11.18 -22.92 -57.50
CA ASN G 278 -12.14 -22.99 -56.39
C ASN G 278 -13.12 -21.83 -56.43
N SER G 279 -12.63 -20.62 -56.63
CA SER G 279 -13.46 -19.41 -56.65
C SER G 279 -13.70 -19.01 -58.10
N ARG G 280 -14.89 -19.34 -58.61
CA ARG G 280 -15.24 -18.99 -59.98
C ARG G 280 -16.76 -18.97 -60.11
N SER G 281 -17.26 -18.01 -60.88
CA SER G 281 -18.69 -17.93 -61.17
C SER G 281 -19.04 -18.85 -62.33
N ARG G 282 -20.13 -19.61 -62.16
CA ARG G 282 -20.58 -20.54 -63.18
C ARG G 282 -22.09 -20.44 -63.30
N TYR G 283 -22.56 -20.11 -64.50
CA TYR G 283 -23.99 -20.00 -64.79
C TYR G 283 -24.37 -21.08 -65.79
N PHE G 284 -25.48 -21.78 -65.50
CA PHE G 284 -25.94 -22.89 -66.33
C PHE G 284 -27.30 -22.55 -66.91
N ILE G 285 -27.36 -22.36 -68.22
CA ILE G 285 -28.63 -22.19 -68.93
C ILE G 285 -29.04 -23.55 -69.47
N ILE G 286 -30.16 -24.08 -68.96
CA ILE G 286 -30.56 -25.45 -69.21
C ILE G 286 -31.93 -25.46 -69.86
N ASP G 287 -32.07 -26.21 -70.95
CA ASP G 287 -33.37 -26.45 -71.57
C ASP G 287 -33.91 -27.78 -71.07
N PRO G 288 -35.02 -27.80 -70.31
CA PRO G 288 -35.50 -29.08 -69.77
C PRO G 288 -35.86 -30.11 -70.84
N ASP G 289 -36.35 -29.67 -72.00
CA ASP G 289 -36.74 -30.61 -73.04
C ASP G 289 -35.56 -31.27 -73.73
N THR G 290 -34.34 -30.79 -73.50
CA THR G 290 -33.17 -31.37 -74.15
C THR G 290 -32.65 -32.59 -73.39
N ILE G 291 -32.58 -32.50 -72.06
CA ILE G 291 -32.01 -33.55 -71.23
C ILE G 291 -33.09 -34.59 -70.93
N ASP G 292 -32.77 -35.86 -71.16
CA ASP G 292 -33.70 -36.93 -70.90
C ASP G 292 -33.91 -37.12 -69.39
N ASN G 293 -35.09 -37.61 -69.03
CA ASN G 293 -35.45 -37.89 -67.64
C ASN G 293 -35.32 -36.65 -66.76
N PHE G 294 -35.72 -35.50 -67.29
CA PHE G 294 -35.81 -34.30 -66.48
C PHE G 294 -37.01 -34.38 -65.55
N ASP G 295 -37.06 -33.46 -64.58
CA ASP G 295 -38.09 -33.33 -63.56
C ASP G 295 -38.05 -34.47 -62.55
N ASP G 296 -37.17 -35.46 -62.74
CA ASP G 296 -37.01 -36.55 -61.78
C ASP G 296 -35.56 -36.79 -61.39
N GLU G 297 -34.60 -36.10 -62.02
CA GLU G 297 -33.20 -36.29 -61.71
C GLU G 297 -32.44 -34.96 -61.63
N PHE G 298 -33.13 -33.82 -61.69
CA PHE G 298 -32.46 -32.53 -61.69
C PHE G 298 -31.85 -32.23 -60.33
N ILE G 299 -32.62 -32.42 -59.26
CA ILE G 299 -32.12 -32.04 -57.94
C ILE G 299 -31.00 -32.96 -57.49
N LEU G 300 -31.00 -34.21 -57.95
CA LEU G 300 -29.87 -35.09 -57.66
C LEU G 300 -28.59 -34.58 -58.31
N PHE G 301 -28.70 -34.12 -59.56
CA PHE G 301 -27.55 -33.52 -60.24
C PHE G 301 -27.08 -32.26 -59.52
N VAL G 302 -28.03 -31.44 -59.07
CA VAL G 302 -27.66 -30.22 -58.33
C VAL G 302 -26.96 -30.57 -57.03
N LYS G 303 -27.46 -31.60 -56.33
CA LYS G 303 -26.83 -32.04 -55.09
C LYS G 303 -25.41 -32.53 -55.33
N ASP G 304 -25.21 -33.32 -56.40
CA ASP G 304 -23.86 -33.78 -56.72
C ASP G 304 -22.95 -32.61 -57.06
N TYR G 305 -23.45 -31.65 -57.84
CA TYR G 305 -22.64 -30.48 -58.21
C TYR G 305 -22.23 -29.68 -56.98
N LEU G 306 -23.17 -29.46 -56.06
CA LEU G 306 -22.85 -28.75 -54.83
C LEU G 306 -21.92 -29.55 -53.93
N ASP G 307 -22.02 -30.89 -53.98
CA ASP G 307 -21.11 -31.72 -53.21
C ASP G 307 -19.69 -31.65 -53.75
N LYS G 308 -19.54 -31.49 -55.06
CA LYS G 308 -18.19 -31.41 -55.63
C LYS G 308 -17.63 -30.00 -55.69
N TYR G 309 -18.47 -29.01 -56.02
CA TYR G 309 -17.97 -27.66 -56.31
C TYR G 309 -18.39 -26.61 -55.29
N ASN G 310 -19.28 -26.92 -54.37
CA ASN G 310 -19.73 -25.95 -53.36
C ASN G 310 -19.83 -26.59 -52.00
N SER G 311 -18.83 -27.39 -51.62
CA SER G 311 -18.86 -28.14 -50.37
C SER G 311 -18.05 -27.46 -49.27
N LYS G 312 -16.76 -27.24 -49.51
CA LYS G 312 -15.88 -26.67 -48.50
C LYS G 312 -16.18 -25.19 -48.33
N ILE G 313 -16.63 -24.79 -47.14
CA ILE G 313 -16.83 -23.36 -46.92
C ILE G 313 -15.55 -22.77 -46.35
N LYS G 314 -14.52 -22.69 -47.20
CA LYS G 314 -13.40 -21.76 -47.06
C LYS G 314 -12.91 -21.21 -48.38
N LEU G 315 -13.13 -21.90 -49.49
CA LEU G 315 -12.58 -21.61 -50.81
C LEU G 315 -13.64 -21.49 -51.88
N HIS G 316 -14.68 -22.31 -51.84
CA HIS G 316 -15.79 -22.23 -52.79
C HIS G 316 -16.66 -21.04 -52.39
N THR G 317 -16.16 -19.85 -52.71
CA THR G 317 -16.75 -18.60 -52.26
C THR G 317 -17.72 -18.00 -53.27
N GLU G 318 -18.04 -18.73 -54.34
CA GLU G 318 -18.95 -18.25 -55.37
C GLU G 318 -20.16 -19.17 -55.47
N THR G 319 -21.34 -18.58 -55.58
CA THR G 319 -22.58 -19.34 -55.62
C THR G 319 -22.94 -19.70 -57.05
N PRO G 320 -23.11 -20.97 -57.38
CA PRO G 320 -23.53 -21.33 -58.74
C PRO G 320 -24.95 -20.86 -59.03
N CYS G 321 -25.19 -20.55 -60.29
CA CYS G 321 -26.49 -20.08 -60.76
C CYS G 321 -26.99 -20.98 -61.88
N PHE G 322 -28.29 -21.29 -61.84
CA PHE G 322 -28.95 -22.06 -62.87
C PHE G 322 -30.13 -21.27 -63.39
N ILE G 323 -30.45 -21.47 -64.67
CA ILE G 323 -31.59 -20.81 -65.31
C ILE G 323 -32.23 -21.82 -66.26
N LEU G 324 -33.47 -22.19 -65.98
CA LEU G 324 -34.19 -23.18 -66.76
C LEU G 324 -35.17 -22.51 -67.73
N LYS G 325 -35.57 -23.26 -68.74
CA LYS G 325 -36.57 -22.79 -69.71
C LYS G 325 -37.94 -23.36 -69.34
N THR G 326 -38.52 -22.77 -68.30
CA THR G 326 -39.82 -23.18 -67.79
C THR G 326 -40.60 -21.93 -67.40
N ASP G 327 -41.71 -22.14 -66.71
CA ASP G 327 -42.56 -21.07 -66.20
C ASP G 327 -42.56 -21.10 -64.67
N VAL G 328 -43.26 -20.12 -64.07
CA VAL G 328 -43.12 -19.89 -62.63
C VAL G 328 -43.75 -21.01 -61.84
N ASN G 329 -44.88 -21.57 -62.30
CA ASN G 329 -45.55 -22.60 -61.51
C ASN G 329 -44.76 -23.91 -61.50
N ASN G 330 -43.95 -24.15 -62.53
CA ASN G 330 -43.06 -25.29 -62.52
C ASN G 330 -41.81 -25.06 -61.69
N LEU G 331 -41.59 -23.83 -61.20
CA LEU G 331 -40.46 -23.53 -60.33
C LEU G 331 -40.80 -23.74 -58.86
N SER G 332 -42.07 -23.58 -58.49
CA SER G 332 -42.46 -23.78 -57.09
C SER G 332 -42.28 -25.24 -56.68
N GLU G 333 -42.61 -26.18 -57.58
CA GLU G 333 -42.43 -27.59 -57.27
C GLU G 333 -40.95 -27.94 -57.07
N TYR G 334 -40.07 -27.33 -57.87
CA TYR G 334 -38.64 -27.53 -57.68
C TYR G 334 -38.20 -27.01 -56.31
N HIS G 335 -38.72 -25.84 -55.91
CA HIS G 335 -38.38 -25.30 -54.60
C HIS G 335 -38.87 -26.22 -53.48
N LYS G 336 -40.09 -26.75 -53.62
CA LYS G 336 -40.63 -27.67 -52.63
C LYS G 336 -39.81 -28.95 -52.54
N ARG G 337 -39.34 -29.45 -53.68
CA ARG G 337 -38.53 -30.66 -53.67
C ARG G 337 -37.12 -30.38 -53.14
N PHE G 338 -36.62 -29.15 -53.31
CA PHE G 338 -35.30 -28.82 -52.79
C PHE G 338 -35.32 -28.66 -51.28
N VAL G 339 -36.35 -28.00 -50.75
CA VAL G 339 -36.40 -27.80 -49.30
C VAL G 339 -36.58 -29.12 -48.57
N SER G 340 -37.34 -30.05 -49.16
CA SER G 340 -37.54 -31.35 -48.53
C SER G 340 -36.28 -32.22 -48.56
N ARG G 341 -35.29 -31.86 -49.38
CA ARG G 341 -34.02 -32.56 -49.44
C ARG G 341 -32.92 -31.83 -48.68
N ASN G 342 -33.29 -30.85 -47.85
CA ASN G 342 -32.33 -30.08 -47.05
C ASN G 342 -31.29 -29.40 -47.93
N ILE G 343 -31.72 -28.86 -49.06
CA ILE G 343 -30.87 -28.08 -49.95
C ILE G 343 -31.46 -26.68 -50.03
N GLN G 344 -30.66 -25.67 -49.64
CA GLN G 344 -31.10 -24.29 -49.72
C GLN G 344 -30.98 -23.78 -51.15
N ILE G 345 -32.01 -23.04 -51.59
CA ILE G 345 -32.03 -22.41 -52.90
C ILE G 345 -32.74 -21.07 -52.78
N ILE G 346 -32.53 -20.22 -53.79
CA ILE G 346 -33.26 -18.97 -53.92
C ILE G 346 -33.70 -18.82 -55.37
N THR G 347 -34.97 -18.46 -55.58
CA THR G 347 -35.52 -18.27 -56.91
C THR G 347 -35.85 -16.83 -57.25
N GLY G 348 -35.98 -15.96 -56.25
CA GLY G 348 -36.32 -14.57 -56.48
C GLY G 348 -37.79 -14.30 -56.67
N TYR G 349 -38.65 -15.31 -56.58
CA TYR G 349 -40.09 -15.15 -56.77
C TYR G 349 -40.80 -15.33 -55.44
N ILE G 350 -41.68 -14.38 -55.12
CA ILE G 350 -42.41 -14.38 -53.86
C ILE G 350 -43.91 -14.45 -54.18
N GLY G 351 -44.25 -15.14 -55.25
CA GLY G 351 -45.64 -15.20 -55.67
C GLY G 351 -45.85 -14.69 -57.07
N ASP G 352 -44.92 -15.04 -57.96
CA ASP G 352 -44.91 -14.66 -59.36
C ASP G 352 -44.58 -13.19 -59.55
N THR G 353 -43.77 -12.64 -58.66
CA THR G 353 -43.23 -11.29 -58.80
C THR G 353 -41.74 -11.35 -58.51
N PHE G 354 -40.92 -11.16 -59.54
CA PHE G 354 -39.47 -11.20 -59.36
C PHE G 354 -38.99 -9.98 -58.58
N TYR G 355 -37.95 -10.19 -57.79
CA TYR G 355 -37.34 -9.12 -57.00
C TYR G 355 -35.85 -9.07 -57.28
N PHE G 356 -35.37 -7.91 -57.71
CA PHE G 356 -33.95 -7.76 -58.03
C PHE G 356 -33.09 -7.90 -56.79
N LYS G 357 -33.55 -7.35 -55.66
CA LYS G 357 -32.76 -7.42 -54.43
C LYS G 357 -32.66 -8.84 -53.88
N GLU G 358 -33.71 -9.64 -54.06
CA GLU G 358 -33.72 -11.00 -53.53
C GLU G 358 -32.92 -11.97 -54.38
N PHE G 359 -32.47 -11.59 -55.56
CA PHE G 359 -31.65 -12.44 -56.40
C PHE G 359 -30.18 -12.04 -56.39
N ASN G 360 -29.87 -10.74 -56.48
CA ASN G 360 -28.50 -10.26 -56.34
C ASN G 360 -28.24 -10.04 -54.86
N LYS G 361 -27.69 -11.05 -54.21
CA LYS G 361 -27.41 -10.99 -52.78
C LYS G 361 -26.41 -12.07 -52.44
N GLU G 362 -25.26 -11.67 -51.88
CA GLU G 362 -24.22 -12.62 -51.52
C GLU G 362 -24.61 -13.36 -50.25
N PRO G 363 -24.54 -14.69 -50.22
CA PRO G 363 -24.88 -15.42 -49.01
C PRO G 363 -23.89 -15.13 -47.88
N LYS G 364 -24.40 -15.18 -46.66
CA LYS G 364 -23.59 -14.96 -45.47
C LYS G 364 -22.97 -16.28 -45.02
N ARG G 365 -21.69 -16.25 -44.70
CA ARG G 365 -20.94 -17.46 -44.36
C ARG G 365 -20.43 -17.35 -42.93
N ILE G 366 -20.73 -18.36 -42.12
CA ILE G 366 -20.20 -18.49 -40.77
C ILE G 366 -19.17 -19.63 -40.84
N ILE G 367 -17.89 -19.27 -40.85
CA ILE G 367 -16.84 -20.25 -41.07
C ILE G 367 -16.72 -21.21 -39.89
N LYS G 368 -17.05 -20.75 -38.68
CA LYS G 368 -16.96 -21.62 -37.51
C LYS G 368 -17.87 -22.84 -37.66
N ASP G 369 -19.09 -22.63 -38.16
CA ASP G 369 -19.96 -23.73 -38.53
C ASP G 369 -19.79 -24.05 -40.02
N ASN G 370 -20.48 -25.07 -40.49
CA ASN G 370 -20.57 -25.35 -41.92
C ASN G 370 -21.87 -24.78 -42.48
N TRP G 371 -22.05 -23.47 -42.31
CA TRP G 371 -23.29 -22.80 -42.66
C TRP G 371 -23.05 -21.78 -43.76
N VAL G 372 -23.90 -21.81 -44.79
CA VAL G 372 -23.93 -20.81 -45.84
C VAL G 372 -25.37 -20.70 -46.31
N GLU G 373 -25.78 -19.49 -46.67
CA GLU G 373 -27.21 -19.18 -46.80
C GLU G 373 -27.84 -19.88 -47.99
N PHE G 374 -27.34 -19.60 -49.20
CA PHE G 374 -28.05 -19.98 -50.42
C PHE G 374 -27.52 -21.27 -51.04
N LYS G 375 -26.24 -21.30 -51.41
CA LYS G 375 -25.59 -22.42 -52.08
C LYS G 375 -26.05 -22.61 -53.53
N ALA G 376 -27.05 -21.86 -53.97
CA ALA G 376 -27.56 -22.02 -55.34
C ALA G 376 -28.61 -20.95 -55.62
N ARG G 377 -28.74 -20.62 -56.91
CA ARG G 377 -29.87 -19.88 -57.46
C ARG G 377 -30.44 -20.73 -58.59
N ILE G 378 -31.62 -21.30 -58.37
CA ILE G 378 -32.08 -22.39 -59.22
C ILE G 378 -32.58 -21.90 -60.58
N SER G 379 -33.40 -20.84 -60.60
CA SER G 379 -33.95 -20.45 -61.89
C SER G 379 -34.51 -19.05 -61.86
N CYS G 380 -34.22 -18.30 -62.92
CA CYS G 380 -34.97 -17.11 -63.30
C CYS G 380 -36.01 -17.42 -64.37
N ASN G 381 -36.21 -18.71 -64.66
CA ASN G 381 -37.06 -19.26 -65.72
C ASN G 381 -36.93 -18.49 -67.03
N SER G 382 -35.72 -18.01 -67.33
CA SER G 382 -35.38 -17.42 -68.63
C SER G 382 -36.40 -16.36 -69.05
N ASP G 383 -36.84 -15.56 -68.09
CA ASP G 383 -37.88 -14.57 -68.33
C ASP G 383 -37.27 -13.29 -68.89
N GLU G 384 -38.13 -12.28 -69.09
CA GLU G 384 -37.69 -10.98 -69.60
C GLU G 384 -36.88 -10.21 -68.57
N VAL G 385 -36.82 -10.68 -67.33
CA VAL G 385 -36.05 -10.03 -66.28
C VAL G 385 -34.63 -10.62 -66.22
N ILE G 386 -34.22 -11.34 -67.27
CA ILE G 386 -32.87 -11.89 -67.36
C ILE G 386 -31.79 -10.82 -67.30
N LYS G 387 -32.17 -9.54 -67.37
CA LYS G 387 -31.19 -8.46 -67.22
C LYS G 387 -30.54 -8.44 -65.85
N CYS G 388 -31.14 -9.13 -64.87
CA CYS G 388 -30.50 -9.27 -63.57
C CYS G 388 -29.17 -10.01 -63.69
N ILE G 389 -29.12 -11.04 -64.53
CA ILE G 389 -27.87 -11.75 -64.77
C ILE G 389 -26.85 -10.85 -65.43
N ASN G 390 -27.29 -10.03 -66.39
CA ASN G 390 -26.37 -9.13 -67.09
C ASN G 390 -25.74 -8.10 -66.17
N TYR G 391 -26.38 -7.78 -65.05
CA TYR G 391 -25.81 -6.81 -64.11
C TYR G 391 -24.49 -7.32 -63.53
N LYS G 392 -24.44 -8.60 -63.18
CA LYS G 392 -23.23 -9.22 -62.63
C LYS G 392 -22.86 -10.38 -63.55
N LYS G 393 -21.91 -10.11 -64.45
CA LYS G 393 -21.53 -11.11 -65.44
C LYS G 393 -20.71 -12.23 -64.80
N CYS G 394 -20.75 -13.40 -65.43
CA CYS G 394 -20.13 -14.60 -64.91
C CYS G 394 -18.81 -14.89 -65.63
N ASP G 395 -17.90 -15.57 -64.92
CA ASP G 395 -16.63 -15.93 -65.52
C ASP G 395 -16.82 -16.99 -66.60
N ASP G 396 -17.63 -18.01 -66.32
CA ASP G 396 -17.93 -19.07 -67.27
C ASP G 396 -19.43 -19.22 -67.40
N LEU G 397 -19.91 -19.25 -68.64
CA LEU G 397 -21.34 -19.38 -68.93
C LEU G 397 -21.54 -20.66 -69.75
N TYR G 398 -22.19 -21.65 -69.15
CA TYR G 398 -22.44 -22.93 -69.81
C TYR G 398 -23.88 -22.96 -70.31
N ILE G 399 -24.05 -23.23 -71.61
CA ILE G 399 -25.36 -23.31 -72.23
C ILE G 399 -25.59 -24.77 -72.62
N VAL G 400 -26.70 -25.33 -72.14
CA VAL G 400 -27.06 -26.71 -72.39
C VAL G 400 -28.34 -26.73 -73.22
N GLY G 401 -28.28 -27.38 -74.38
CA GLY G 401 -29.43 -27.45 -75.26
C GLY G 401 -29.39 -26.39 -76.34
N GLY G 402 -30.56 -25.85 -76.69
CA GLY G 402 -30.65 -24.83 -77.72
C GLY G 402 -31.32 -23.56 -77.25
N VAL G 403 -31.05 -23.16 -76.01
CA VAL G 403 -31.67 -21.95 -75.46
C VAL G 403 -31.12 -20.73 -76.19
N ASP G 404 -32.02 -19.85 -76.59
CA ASP G 404 -31.63 -18.65 -77.34
C ASP G 404 -30.90 -17.68 -76.43
N VAL G 405 -29.58 -17.59 -76.59
CA VAL G 405 -28.76 -16.62 -75.84
C VAL G 405 -28.72 -15.35 -76.67
N SER G 406 -29.76 -14.53 -76.52
CA SER G 406 -29.91 -13.30 -77.27
C SER G 406 -29.92 -12.06 -76.39
N LEU G 407 -30.70 -12.08 -75.31
CA LEU G 407 -30.79 -10.93 -74.42
C LEU G 407 -29.68 -10.87 -73.38
N LEU G 408 -28.80 -11.87 -73.34
CA LEU G 408 -27.67 -11.88 -72.43
C LEU G 408 -26.49 -11.14 -73.04
N ASP G 409 -25.69 -10.53 -72.17
CA ASP G 409 -24.48 -9.82 -72.59
C ASP G 409 -23.34 -10.82 -72.71
N THR G 410 -22.88 -11.06 -73.93
CA THR G 410 -21.80 -11.99 -74.20
C THR G 410 -20.43 -11.31 -74.28
N ALA G 411 -20.37 -10.02 -73.96
CA ALA G 411 -19.12 -9.28 -74.06
C ALA G 411 -18.15 -9.73 -72.96
N ASP G 412 -16.98 -10.21 -73.38
CA ASP G 412 -15.91 -10.61 -72.46
C ASP G 412 -16.37 -11.69 -71.49
N VAL G 413 -17.23 -12.59 -71.97
CA VAL G 413 -17.74 -13.70 -71.19
C VAL G 413 -17.40 -15.00 -71.90
N ASN G 414 -16.78 -15.94 -71.18
CA ASN G 414 -16.38 -17.22 -71.76
C ASN G 414 -17.60 -18.11 -71.87
N ILE G 415 -18.15 -18.22 -73.08
CA ILE G 415 -19.33 -19.03 -73.33
C ILE G 415 -18.89 -20.39 -73.85
N GLU G 416 -19.36 -21.45 -73.20
CA GLU G 416 -19.04 -22.82 -73.58
C GLU G 416 -20.35 -23.59 -73.74
N ASN G 417 -20.60 -24.06 -74.96
CA ASN G 417 -21.84 -24.74 -75.29
C ASN G 417 -21.63 -26.25 -75.22
N LEU G 418 -22.56 -26.94 -74.57
CA LEU G 418 -22.48 -28.39 -74.37
C LEU G 418 -23.60 -29.07 -75.15
N GLU G 419 -23.26 -30.17 -75.81
CA GLU G 419 -24.21 -30.95 -76.60
C GLU G 419 -24.39 -32.30 -75.90
N ILE G 420 -25.45 -32.43 -75.11
CA ILE G 420 -25.71 -33.62 -74.32
C ILE G 420 -27.18 -34.02 -74.51
N ASN G 421 -27.50 -35.23 -74.06
CA ASN G 421 -28.87 -35.70 -74.04
C ASN G 421 -29.22 -36.45 -72.75
N ASN G 422 -28.32 -36.49 -71.77
CA ASN G 422 -28.56 -37.17 -70.52
C ASN G 422 -27.76 -36.47 -69.42
N PHE G 423 -28.19 -36.68 -68.17
CA PHE G 423 -27.41 -36.16 -67.05
C PHE G 423 -26.08 -36.88 -66.89
N ARG G 424 -26.01 -38.14 -67.31
CA ARG G 424 -24.76 -38.89 -67.18
C ARG G 424 -23.64 -38.24 -68.00
N GLU G 425 -23.96 -37.79 -69.22
CA GLU G 425 -22.97 -37.10 -70.02
C GLU G 425 -22.64 -35.72 -69.45
N LEU G 426 -23.63 -35.04 -68.88
CA LEU G 426 -23.38 -33.73 -68.28
C LEU G 426 -22.40 -33.83 -67.12
N LYS G 427 -22.57 -34.85 -66.26
CA LYS G 427 -21.63 -35.05 -65.17
C LYS G 427 -20.25 -35.44 -65.69
N TYR G 428 -20.21 -36.26 -66.75
CA TYR G 428 -18.92 -36.65 -67.33
C TYR G 428 -18.17 -35.44 -67.87
N LEU G 429 -18.88 -34.53 -68.53
CA LEU G 429 -18.24 -33.32 -69.04
C LEU G 429 -17.73 -32.44 -67.91
N LEU G 430 -18.50 -32.33 -66.82
CA LEU G 430 -18.12 -31.51 -65.67
C LEU G 430 -17.24 -32.24 -64.68
N SER G 431 -16.61 -33.34 -65.11
CA SER G 431 -15.64 -34.07 -64.28
C SER G 431 -16.25 -34.55 -62.97
N MET G 432 -17.48 -35.03 -63.03
CA MET G 432 -18.12 -35.66 -61.88
C MET G 432 -18.18 -37.18 -61.98
N LEU G 433 -18.06 -37.74 -63.17
CA LEU G 433 -17.99 -39.18 -63.37
C LEU G 433 -16.68 -39.53 -64.05
N LYS G 434 -15.95 -40.48 -63.46
CA LYS G 434 -14.66 -40.87 -64.03
C LYS G 434 -14.83 -41.52 -65.40
N GLU G 435 -15.84 -42.40 -65.54
CA GLU G 435 -16.09 -43.08 -66.80
C GLU G 435 -17.59 -43.08 -67.06
N ILE G 436 -17.98 -42.74 -68.28
CA ILE G 436 -19.39 -42.62 -68.64
C ILE G 436 -20.07 -43.98 -68.63
N VAL H 257 22.14 -36.90 -85.58
CA VAL H 257 21.72 -35.81 -84.70
C VAL H 257 21.15 -36.38 -83.41
N LEU H 258 20.43 -37.50 -83.52
CA LEU H 258 19.72 -38.10 -82.39
C LEU H 258 20.56 -39.12 -81.65
N THR H 259 21.89 -39.00 -81.69
CA THR H 259 22.79 -39.89 -80.98
C THR H 259 23.56 -39.21 -79.85
N ARG H 260 23.98 -37.97 -80.06
CA ARG H 260 24.75 -37.25 -79.05
C ARG H 260 23.93 -37.04 -77.77
N LYS H 261 22.65 -36.68 -77.91
CA LYS H 261 21.80 -36.42 -76.75
C LYS H 261 21.57 -37.70 -75.94
N GLN H 262 21.44 -38.84 -76.63
CA GLN H 262 21.25 -40.10 -75.91
C GLN H 262 22.46 -40.43 -75.06
N LEU H 263 23.67 -40.15 -75.58
CA LEU H 263 24.88 -40.35 -74.79
C LEU H 263 24.95 -39.35 -73.64
N LEU H 264 24.56 -38.10 -73.89
CA LEU H 264 24.56 -37.09 -72.83
C LEU H 264 23.56 -37.43 -71.72
N LYS H 265 22.53 -38.22 -72.02
CA LYS H 265 21.59 -38.64 -70.99
C LYS H 265 22.30 -39.43 -69.89
N VAL H 266 23.24 -40.29 -70.27
CA VAL H 266 23.98 -41.07 -69.28
C VAL H 266 24.76 -40.16 -68.34
N ARG H 267 25.46 -39.17 -68.91
CA ARG H 267 26.23 -38.24 -68.09
C ARG H 267 25.31 -37.42 -67.18
N LYS H 268 24.15 -37.00 -67.71
CA LYS H 268 23.20 -36.25 -66.90
C LYS H 268 22.73 -37.08 -65.71
N ASN H 269 22.37 -38.34 -65.97
CA ASN H 269 21.93 -39.20 -64.87
C ASN H 269 23.04 -39.47 -63.88
N GLN H 270 24.29 -39.53 -64.36
CA GLN H 270 25.43 -39.66 -63.45
C GLN H 270 25.55 -38.43 -62.55
N LEU H 271 25.32 -37.25 -63.12
CA LEU H 271 25.47 -36.01 -62.36
C LEU H 271 24.29 -35.70 -61.43
N VAL H 272 23.11 -36.26 -61.70
CA VAL H 272 21.93 -35.93 -60.88
C VAL H 272 22.13 -36.17 -59.40
N PRO H 273 22.67 -37.31 -58.94
CA PRO H 273 22.68 -37.56 -57.48
C PRO H 273 23.40 -36.49 -56.67
N SER H 274 24.47 -35.90 -57.21
CA SER H 274 25.25 -34.93 -56.44
C SER H 274 24.67 -33.52 -56.51
N LEU H 275 23.70 -33.27 -57.40
CA LEU H 275 23.13 -31.94 -57.56
C LEU H 275 21.87 -31.71 -56.73
N ASN H 276 21.34 -32.74 -56.07
CA ASN H 276 20.13 -32.60 -55.28
C ASN H 276 20.39 -32.18 -53.84
N ILE H 277 21.65 -32.11 -53.42
CA ILE H 277 21.98 -31.65 -52.08
C ILE H 277 21.86 -30.14 -52.02
N ASN H 278 21.05 -29.64 -51.09
CA ASN H 278 20.81 -28.20 -51.00
C ASN H 278 22.08 -27.44 -50.64
N SER H 279 22.85 -27.94 -49.68
CA SER H 279 24.07 -27.29 -49.21
C SER H 279 25.26 -28.07 -49.77
N ARG H 280 25.86 -27.54 -50.83
CA ARG H 280 27.02 -28.16 -51.44
C ARG H 280 27.88 -27.09 -52.11
N SER H 281 29.19 -27.26 -52.04
CA SER H 281 30.14 -26.34 -52.64
C SER H 281 30.59 -26.91 -53.98
N ARG H 282 30.30 -26.18 -55.06
CA ARG H 282 30.65 -26.60 -56.41
C ARG H 282 31.49 -25.52 -57.07
N TYR H 283 32.61 -25.93 -57.65
CA TYR H 283 33.52 -25.02 -58.35
C TYR H 283 33.55 -25.38 -59.83
N PHE H 284 33.54 -24.36 -60.68
CA PHE H 284 33.54 -24.54 -62.12
C PHE H 284 34.80 -23.92 -62.72
N ILE H 285 35.51 -24.72 -63.52
CA ILE H 285 36.69 -24.25 -64.25
C ILE H 285 36.38 -24.48 -65.72
N ILE H 286 35.88 -23.45 -66.40
CA ILE H 286 35.43 -23.55 -67.78
C ILE H 286 36.30 -22.67 -68.67
N ASP H 287 36.77 -23.25 -69.77
CA ASP H 287 37.59 -22.51 -70.72
C ASP H 287 36.69 -21.68 -71.64
N PRO H 288 36.85 -20.36 -71.68
CA PRO H 288 35.95 -19.54 -72.51
C PRO H 288 35.97 -19.88 -73.99
N ASP H 289 37.14 -20.22 -74.54
CA ASP H 289 37.22 -20.54 -75.97
C ASP H 289 36.92 -22.01 -76.24
N THR H 290 35.82 -22.51 -75.69
CA THR H 290 35.32 -23.84 -75.98
C THR H 290 33.81 -23.86 -76.17
N ILE H 291 33.09 -22.91 -75.61
CA ILE H 291 31.64 -22.83 -75.71
C ILE H 291 31.28 -21.69 -76.68
N ASP H 292 30.41 -21.99 -77.63
CA ASP H 292 30.01 -20.99 -78.60
C ASP H 292 29.21 -19.87 -77.92
N ASN H 293 29.44 -18.64 -78.37
CA ASN H 293 28.75 -17.46 -77.85
C ASN H 293 28.93 -17.33 -76.34
N PHE H 294 30.19 -17.46 -75.90
CA PHE H 294 30.48 -17.33 -74.48
C PHE H 294 30.28 -15.90 -73.99
N ASP H 295 30.63 -14.91 -74.82
CA ASP H 295 30.56 -13.52 -74.42
C ASP H 295 29.13 -12.99 -74.33
N ASP H 296 28.14 -13.73 -74.85
CA ASP H 296 26.76 -13.26 -74.88
C ASP H 296 25.80 -14.14 -74.09
N GLU H 297 26.23 -15.31 -73.63
CA GLU H 297 25.35 -16.22 -72.91
C GLU H 297 25.87 -16.62 -71.54
N PHE H 298 27.04 -16.14 -71.13
CA PHE H 298 27.64 -16.58 -69.88
C PHE H 298 26.86 -16.07 -68.67
N ILE H 299 26.55 -14.77 -68.65
CA ILE H 299 25.91 -14.22 -67.46
C ILE H 299 24.45 -14.69 -67.38
N LEU H 300 23.79 -14.90 -68.52
CA LEU H 300 22.47 -15.50 -68.49
C LEU H 300 22.51 -16.91 -67.93
N PHE H 301 23.54 -17.69 -68.30
CA PHE H 301 23.71 -19.01 -67.72
C PHE H 301 23.94 -18.95 -66.22
N VAL H 302 24.74 -17.98 -65.76
CA VAL H 302 24.98 -17.83 -64.33
C VAL H 302 23.67 -17.47 -63.62
N LYS H 303 22.89 -16.57 -64.19
CA LYS H 303 21.62 -16.18 -63.59
C LYS H 303 20.66 -17.37 -63.52
N ASP H 304 20.61 -18.18 -64.57
CA ASP H 304 19.77 -19.37 -64.56
C ASP H 304 20.24 -20.37 -63.51
N TYR H 305 21.57 -20.53 -63.36
CA TYR H 305 22.10 -21.44 -62.37
C TYR H 305 21.73 -20.99 -60.95
N LEU H 306 21.82 -19.68 -60.69
CA LEU H 306 21.49 -19.16 -59.36
C LEU H 306 19.99 -19.19 -59.08
N ASP H 307 19.15 -19.37 -60.10
CA ASP H 307 17.71 -19.46 -59.90
C ASP H 307 17.26 -20.86 -59.51
N LYS H 308 18.16 -21.84 -59.51
CA LYS H 308 17.82 -23.20 -59.13
C LYS H 308 18.65 -23.76 -57.99
N TYR H 309 19.92 -23.37 -57.89
CA TYR H 309 20.81 -23.90 -56.86
C TYR H 309 21.24 -22.87 -55.82
N ASN H 310 20.92 -21.59 -56.02
CA ASN H 310 21.21 -20.56 -55.04
C ASN H 310 20.04 -19.59 -54.92
N SER H 311 18.81 -20.12 -54.90
CA SER H 311 17.61 -19.31 -54.84
C SER H 311 17.02 -19.25 -53.43
N LYS H 312 16.84 -20.39 -52.78
CA LYS H 312 16.27 -20.41 -51.44
C LYS H 312 17.30 -19.89 -50.43
N ILE H 313 16.86 -18.95 -49.61
CA ILE H 313 17.78 -18.30 -48.67
C ILE H 313 18.17 -19.28 -47.55
N LYS H 314 17.19 -19.98 -46.99
CA LYS H 314 17.47 -20.83 -45.84
C LYS H 314 18.20 -22.11 -46.24
N LEU H 315 17.81 -22.74 -47.34
CA LEU H 315 18.35 -24.06 -47.68
C LEU H 315 19.73 -23.95 -48.32
N HIS H 316 19.82 -23.24 -49.44
CA HIS H 316 21.08 -23.11 -50.17
C HIS H 316 22.01 -22.18 -49.37
N THR H 317 22.99 -22.77 -48.69
CA THR H 317 23.90 -22.02 -47.82
C THR H 317 25.33 -22.04 -48.33
N GLU H 318 25.54 -22.32 -49.62
CA GLU H 318 26.87 -22.33 -50.20
C GLU H 318 26.88 -21.50 -51.47
N THR H 319 28.04 -20.90 -51.76
CA THR H 319 28.19 -19.97 -52.87
C THR H 319 29.01 -20.60 -53.98
N PRO H 320 28.52 -20.59 -55.21
CA PRO H 320 29.28 -21.17 -56.33
C PRO H 320 30.53 -20.36 -56.62
N CYS H 321 31.42 -20.97 -57.41
CA CYS H 321 32.68 -20.34 -57.80
C CYS H 321 32.97 -20.68 -59.24
N PHE H 322 32.77 -19.71 -60.15
CA PHE H 322 33.09 -19.86 -61.55
C PHE H 322 34.45 -19.23 -61.81
N ILE H 323 35.38 -20.01 -62.35
CA ILE H 323 36.73 -19.54 -62.66
C ILE H 323 36.95 -19.71 -64.16
N LEU H 324 37.31 -18.62 -64.83
CA LEU H 324 37.50 -18.62 -66.27
C LEU H 324 38.99 -18.53 -66.61
N LYS H 325 39.33 -18.92 -67.83
CA LYS H 325 40.69 -18.81 -68.34
C LYS H 325 40.76 -17.58 -69.25
N THR H 326 40.90 -16.42 -68.62
CA THR H 326 41.00 -15.15 -69.33
C THR H 326 42.05 -14.30 -68.63
N ASP H 327 42.10 -13.02 -68.99
CA ASP H 327 42.96 -12.04 -68.36
C ASP H 327 42.12 -11.08 -67.52
N VAL H 328 42.83 -10.27 -66.72
CA VAL H 328 42.17 -9.51 -65.66
C VAL H 328 41.21 -8.46 -66.23
N ASN H 329 41.58 -7.83 -67.35
CA ASN H 329 40.73 -6.78 -67.90
C ASN H 329 39.44 -7.34 -68.48
N ASN H 330 39.48 -8.54 -69.04
CA ASN H 330 38.26 -9.17 -69.54
C ASN H 330 37.29 -9.53 -68.42
N LEU H 331 37.78 -9.67 -67.19
CA LEU H 331 36.89 -9.93 -66.07
C LEU H 331 36.11 -8.68 -65.69
N SER H 332 36.68 -7.50 -65.92
CA SER H 332 36.01 -6.26 -65.53
C SER H 332 34.71 -6.06 -66.31
N GLU H 333 34.71 -6.38 -67.61
CA GLU H 333 33.50 -6.20 -68.40
C GLU H 333 32.39 -7.13 -67.94
N TYR H 334 32.74 -8.37 -67.57
CA TYR H 334 31.73 -9.28 -67.01
C TYR H 334 31.17 -8.74 -65.71
N HIS H 335 32.04 -8.18 -64.85
CA HIS H 335 31.57 -7.61 -63.60
C HIS H 335 30.65 -6.43 -63.85
N LYS H 336 30.96 -5.61 -64.86
CA LYS H 336 30.07 -4.51 -65.23
C LYS H 336 28.73 -5.04 -65.71
N ARG H 337 28.75 -6.10 -66.51
CA ARG H 337 27.51 -6.65 -67.05
C ARG H 337 26.66 -7.33 -65.98
N PHE H 338 27.29 -7.83 -64.91
CA PHE H 338 26.53 -8.48 -63.85
C PHE H 338 25.76 -7.47 -63.01
N VAL H 339 26.39 -6.34 -62.65
CA VAL H 339 25.73 -5.37 -61.81
C VAL H 339 24.59 -4.66 -62.54
N SER H 340 24.60 -4.67 -63.88
CA SER H 340 23.48 -4.13 -64.63
C SER H 340 22.24 -5.01 -64.52
N ARG H 341 22.40 -6.29 -64.21
CA ARG H 341 21.30 -7.22 -64.02
C ARG H 341 20.96 -7.44 -62.55
N ASN H 342 21.51 -6.61 -61.65
CA ASN H 342 21.29 -6.73 -60.21
C ASN H 342 21.71 -8.11 -59.69
N ILE H 343 22.84 -8.60 -60.18
CA ILE H 343 23.46 -9.83 -59.69
C ILE H 343 24.74 -9.46 -58.96
N GLN H 344 24.80 -9.77 -57.68
CA GLN H 344 25.93 -9.38 -56.84
C GLN H 344 26.97 -10.50 -56.84
N ILE H 345 28.17 -10.18 -57.32
CA ILE H 345 29.28 -11.11 -57.36
C ILE H 345 30.53 -10.43 -56.80
N ILE H 346 31.50 -11.25 -56.41
CA ILE H 346 32.81 -10.76 -56.00
C ILE H 346 33.86 -11.43 -56.87
N THR H 347 34.94 -10.70 -57.13
CA THR H 347 36.00 -11.17 -58.01
C THR H 347 37.38 -11.20 -57.35
N GLY H 348 37.56 -10.54 -56.21
CA GLY H 348 38.86 -10.51 -55.55
C GLY H 348 39.84 -9.53 -56.12
N TYR H 349 39.44 -8.71 -57.10
CA TYR H 349 40.31 -7.74 -57.72
C TYR H 349 39.82 -6.33 -57.42
N ILE H 350 40.73 -5.49 -56.93
CA ILE H 350 40.42 -4.09 -56.66
C ILE H 350 41.22 -3.26 -57.66
N GLY H 351 41.45 -3.85 -58.84
CA GLY H 351 42.28 -3.24 -59.85
C GLY H 351 43.04 -4.31 -60.62
N ASP H 352 44.36 -4.20 -60.65
CA ASP H 352 45.21 -5.23 -61.23
C ASP H 352 45.84 -6.13 -60.17
N THR H 353 45.44 -5.98 -58.91
CA THR H 353 46.01 -6.73 -57.80
C THR H 353 44.93 -7.58 -57.14
N PHE H 354 45.24 -8.84 -56.89
CA PHE H 354 44.32 -9.77 -56.25
C PHE H 354 44.45 -9.67 -54.73
N TYR H 355 43.32 -9.87 -54.05
CA TYR H 355 43.27 -9.80 -52.60
C TYR H 355 42.68 -11.09 -52.05
N PHE H 356 43.45 -11.81 -51.24
CA PHE H 356 43.02 -13.11 -50.73
C PHE H 356 41.88 -12.98 -49.74
N LYS H 357 41.94 -11.98 -48.85
CA LYS H 357 40.94 -11.84 -47.80
C LYS H 357 39.58 -11.37 -48.34
N GLU H 358 39.51 -10.93 -49.59
CA GLU H 358 38.24 -10.54 -50.19
C GLU H 358 37.57 -11.71 -50.90
N PHE H 359 38.33 -12.47 -51.69
CA PHE H 359 37.78 -13.63 -52.37
C PHE H 359 37.35 -14.70 -51.38
N ASN H 360 38.16 -14.94 -50.34
CA ASN H 360 37.86 -15.97 -49.34
C ASN H 360 37.06 -15.35 -48.20
N LYS H 361 35.82 -14.98 -48.54
CA LYS H 361 34.91 -14.36 -47.58
C LYS H 361 33.56 -15.07 -47.63
N GLU H 362 32.98 -15.29 -46.46
CA GLU H 362 31.67 -15.94 -46.36
C GLU H 362 30.57 -14.89 -46.42
N PRO H 363 29.61 -15.03 -47.34
CA PRO H 363 28.55 -14.03 -47.46
C PRO H 363 27.67 -13.96 -46.22
N LYS H 364 27.19 -12.76 -45.93
CA LYS H 364 26.29 -12.53 -44.80
C LYS H 364 24.85 -12.62 -45.28
N ARG H 365 24.01 -13.26 -44.47
CA ARG H 365 22.64 -13.54 -44.84
C ARG H 365 21.66 -12.91 -43.85
N ILE H 366 20.59 -12.33 -44.37
CA ILE H 366 19.48 -11.82 -43.57
C ILE H 366 18.24 -12.55 -44.04
N ILE H 367 17.65 -13.36 -43.16
CA ILE H 367 16.50 -14.18 -43.53
C ILE H 367 15.28 -13.32 -43.77
N LYS H 368 15.07 -12.30 -42.94
CA LYS H 368 13.87 -11.48 -43.00
C LYS H 368 13.80 -10.60 -44.23
N ASP H 369 14.88 -10.46 -44.98
CA ASP H 369 14.90 -9.59 -46.15
C ASP H 369 15.36 -10.29 -47.42
N ASN H 370 15.72 -11.58 -47.35
CA ASN H 370 16.19 -12.34 -48.50
C ASN H 370 17.41 -11.67 -49.14
N TRP H 371 18.45 -11.50 -48.34
CA TRP H 371 19.68 -10.85 -48.76
C TRP H 371 20.86 -11.76 -48.43
N VAL H 372 21.69 -12.05 -49.43
CA VAL H 372 22.82 -12.96 -49.26
C VAL H 372 24.12 -12.31 -49.71
N GLU H 373 24.19 -10.98 -49.60
CA GLU H 373 25.34 -10.20 -50.05
C GLU H 373 25.66 -10.50 -51.51
N PHE H 374 26.68 -11.32 -51.76
CA PHE H 374 27.07 -11.71 -53.10
C PHE H 374 26.63 -13.15 -53.36
N LYS H 375 26.08 -13.39 -54.54
CA LYS H 375 25.50 -14.69 -54.89
C LYS H 375 26.49 -15.64 -55.56
N ALA H 376 27.64 -15.14 -56.01
CA ALA H 376 28.60 -16.01 -56.68
C ALA H 376 29.98 -15.38 -56.63
N ARG H 377 30.99 -16.23 -56.84
CA ARG H 377 32.40 -15.82 -56.93
C ARG H 377 32.86 -16.16 -58.34
N ILE H 378 32.87 -15.16 -59.22
CA ILE H 378 33.02 -15.38 -60.65
C ILE H 378 34.32 -14.75 -61.13
N SER H 379 35.36 -14.81 -60.31
CA SER H 379 36.66 -14.32 -60.72
C SER H 379 37.12 -15.02 -61.99
N CYS H 380 37.17 -14.28 -63.10
CA CYS H 380 37.43 -14.86 -64.42
C CYS H 380 38.93 -14.93 -64.72
N ASN H 381 39.69 -15.55 -63.81
CA ASN H 381 41.12 -15.72 -64.01
C ASN H 381 41.58 -17.04 -63.41
N SER H 382 42.30 -17.83 -64.20
CA SER H 382 42.99 -19.01 -63.69
C SER H 382 44.41 -18.66 -63.28
N ASP H 383 44.53 -17.62 -62.45
CA ASP H 383 45.82 -17.10 -62.04
C ASP H 383 46.46 -18.01 -60.99
N GLU H 384 47.78 -17.87 -60.84
CA GLU H 384 48.50 -18.63 -59.84
C GLU H 384 48.11 -18.21 -58.42
N VAL H 385 47.56 -17.01 -58.25
CA VAL H 385 47.14 -16.57 -56.93
C VAL H 385 45.76 -17.11 -56.59
N ILE H 386 44.85 -17.12 -57.57
CA ILE H 386 43.50 -17.64 -57.34
C ILE H 386 43.54 -19.16 -57.18
N LYS H 387 44.37 -19.84 -57.97
CA LYS H 387 44.52 -21.28 -57.82
C LYS H 387 45.23 -21.67 -56.54
N CYS H 388 45.86 -20.72 -55.84
CA CYS H 388 46.46 -20.96 -54.54
C CYS H 388 45.48 -20.76 -53.40
N ILE H 389 44.18 -20.92 -53.66
CA ILE H 389 43.14 -20.75 -52.65
C ILE H 389 42.50 -22.11 -52.43
N ASN H 390 43.33 -23.16 -52.50
CA ASN H 390 42.90 -24.51 -52.14
C ASN H 390 42.71 -24.63 -50.63
N TYR H 391 42.82 -23.49 -49.94
CA TYR H 391 42.62 -23.46 -48.49
C TYR H 391 41.23 -23.95 -48.10
N LYS H 392 40.25 -23.86 -49.01
CA LYS H 392 38.89 -24.28 -48.72
C LYS H 392 38.59 -25.68 -49.29
N LYS H 393 38.79 -25.85 -50.60
CA LYS H 393 38.53 -27.09 -51.33
C LYS H 393 37.02 -27.33 -51.44
N CYS H 394 36.58 -27.84 -52.59
CA CYS H 394 35.16 -27.97 -52.89
C CYS H 394 34.75 -29.44 -52.93
N ASP H 395 33.46 -29.68 -52.64
CA ASP H 395 32.94 -31.05 -52.69
C ASP H 395 32.95 -31.59 -54.11
N ASP H 396 32.50 -30.78 -55.08
CA ASP H 396 32.46 -31.18 -56.48
C ASP H 396 33.17 -30.12 -57.31
N LEU H 397 34.15 -30.54 -58.10
CA LEU H 397 34.87 -29.67 -59.02
C LEU H 397 34.50 -30.06 -60.45
N TYR H 398 33.94 -29.12 -61.20
CA TYR H 398 33.52 -29.35 -62.58
C TYR H 398 34.49 -28.64 -63.52
N ILE H 399 35.05 -29.41 -64.45
CA ILE H 399 35.90 -28.88 -65.51
C ILE H 399 35.11 -28.94 -66.80
N VAL H 400 34.91 -27.79 -67.42
CA VAL H 400 34.01 -27.68 -68.58
C VAL H 400 34.84 -27.30 -69.79
N GLY H 401 36.08 -27.77 -69.83
CA GLY H 401 36.94 -27.48 -70.96
C GLY H 401 38.23 -28.25 -70.87
N GLY H 402 39.17 -27.87 -71.74
CA GLY H 402 40.48 -28.50 -71.75
C GLY H 402 41.49 -27.74 -70.93
N VAL H 403 41.07 -27.25 -69.75
CA VAL H 403 41.98 -26.48 -68.91
C VAL H 403 43.03 -27.38 -68.29
N ASP H 404 44.17 -26.79 -67.95
CA ASP H 404 45.29 -27.50 -67.35
C ASP H 404 45.18 -27.37 -65.84
N VAL H 405 44.58 -28.36 -65.20
CA VAL H 405 44.44 -28.38 -63.74
C VAL H 405 45.68 -29.08 -63.19
N SER H 406 46.75 -28.30 -63.04
CA SER H 406 48.01 -28.80 -62.51
C SER H 406 48.36 -28.23 -61.14
N LEU H 407 48.00 -26.98 -60.87
CA LEU H 407 48.27 -26.36 -59.58
C LEU H 407 47.17 -26.62 -58.56
N LEU H 408 46.05 -27.20 -58.97
CA LEU H 408 44.97 -27.50 -58.06
C LEU H 408 45.28 -28.78 -57.28
N ASP H 409 44.61 -28.91 -56.12
CA ASP H 409 44.73 -30.09 -55.28
C ASP H 409 43.52 -30.98 -55.52
N THR H 410 43.69 -31.98 -56.37
CA THR H 410 42.61 -32.92 -56.70
C THR H 410 42.50 -34.05 -55.69
N ALA H 411 43.36 -34.10 -54.69
CA ALA H 411 43.29 -35.16 -53.68
C ALA H 411 42.03 -34.98 -52.84
N ASP H 412 41.26 -36.07 -52.74
CA ASP H 412 40.00 -36.09 -51.96
C ASP H 412 39.01 -35.05 -52.46
N VAL H 413 39.07 -34.73 -53.75
CA VAL H 413 38.14 -33.79 -54.38
C VAL H 413 37.51 -34.49 -55.58
N ASN H 414 36.19 -34.46 -55.65
CA ASN H 414 35.47 -35.14 -56.72
C ASN H 414 35.61 -34.36 -58.03
N ILE H 415 36.16 -35.02 -59.04
CA ILE H 415 36.34 -34.42 -60.37
C ILE H 415 35.23 -34.92 -61.28
N GLU H 416 34.61 -34.00 -62.00
CA GLU H 416 33.42 -34.27 -62.80
C GLU H 416 33.58 -33.66 -64.20
N ASN H 417 34.69 -33.98 -64.85
CA ASN H 417 35.00 -33.49 -66.20
C ASN H 417 33.80 -33.59 -67.13
N LEU H 418 33.46 -32.47 -67.77
CA LEU H 418 32.35 -32.38 -68.70
C LEU H 418 32.87 -31.99 -70.07
N GLU H 419 32.41 -32.70 -71.10
CA GLU H 419 32.79 -32.43 -72.49
C GLU H 419 31.54 -31.98 -73.24
N ILE H 420 31.44 -30.68 -73.51
CA ILE H 420 30.30 -30.08 -74.17
C ILE H 420 30.80 -29.09 -75.21
N ASN H 421 29.86 -28.51 -75.96
CA ASN H 421 30.19 -27.50 -76.96
C ASN H 421 29.33 -26.26 -76.79
N ASN H 422 28.10 -26.43 -76.30
CA ASN H 422 27.15 -25.33 -76.18
C ASN H 422 26.75 -25.16 -74.72
N PHE H 423 26.12 -24.01 -74.42
CA PHE H 423 25.61 -23.77 -73.08
C PHE H 423 24.34 -24.58 -72.80
N ARG H 424 23.55 -24.88 -73.84
CA ARG H 424 22.36 -25.70 -73.65
C ARG H 424 22.73 -27.09 -73.16
N GLU H 425 23.83 -27.64 -73.69
CA GLU H 425 24.31 -28.93 -73.21
C GLU H 425 24.71 -28.87 -71.74
N LEU H 426 25.35 -27.76 -71.33
CA LEU H 426 25.72 -27.60 -69.92
C LEU H 426 24.49 -27.54 -69.04
N LYS H 427 23.46 -26.78 -69.47
CA LYS H 427 22.24 -26.70 -68.69
C LYS H 427 21.54 -28.04 -68.61
N TYR H 428 21.56 -28.81 -69.71
CA TYR H 428 20.98 -30.14 -69.69
C TYR H 428 21.72 -31.05 -68.72
N LEU H 429 23.05 -31.00 -68.73
CA LEU H 429 23.83 -31.85 -67.83
C LEU H 429 23.61 -31.49 -66.37
N LEU H 430 23.53 -30.19 -66.07
CA LEU H 430 23.32 -29.72 -64.71
C LEU H 430 21.84 -29.66 -64.33
N SER H 431 20.99 -30.41 -65.03
CA SER H 431 19.57 -30.53 -64.69
C SER H 431 18.86 -29.18 -64.69
N MET H 432 19.15 -28.35 -65.68
CA MET H 432 18.43 -27.10 -65.88
C MET H 432 17.45 -27.16 -67.04
N LEU H 433 17.67 -28.04 -68.02
CA LEU H 433 16.75 -28.26 -69.12
C LEU H 433 16.51 -29.76 -69.27
N LYS H 434 15.60 -30.12 -70.18
CA LYS H 434 15.30 -31.52 -70.43
C LYS H 434 15.11 -31.81 -71.92
N GLU H 435 15.57 -30.93 -72.81
CA GLU H 435 15.32 -31.05 -74.23
C GLU H 435 16.58 -31.37 -75.02
N ILE H 436 17.61 -30.54 -74.91
CA ILE H 436 18.82 -30.73 -75.71
C ILE H 436 20.06 -30.39 -74.89
N VAL I 257 -1.98 -31.07 -89.42
CA VAL I 257 -2.14 -30.36 -88.16
C VAL I 257 -1.38 -31.06 -87.04
N LEU I 258 -1.20 -32.38 -87.19
CA LEU I 258 -0.51 -33.16 -86.17
C LEU I 258 0.95 -32.74 -86.04
N THR I 259 1.61 -32.48 -87.16
CA THR I 259 2.99 -32.00 -87.11
C THR I 259 3.07 -30.64 -86.42
N ARG I 260 2.10 -29.75 -86.70
CA ARG I 260 2.12 -28.43 -86.07
C ARG I 260 1.93 -28.53 -84.57
N LYS I 261 0.98 -29.37 -84.11
CA LYS I 261 0.81 -29.50 -82.67
C LYS I 261 1.99 -30.21 -82.03
N GLN I 262 2.65 -31.11 -82.75
CA GLN I 262 3.87 -31.72 -82.22
C GLN I 262 4.97 -30.67 -82.03
N LEU I 263 5.16 -29.80 -83.01
CA LEU I 263 6.15 -28.72 -82.87
C LEU I 263 5.76 -27.77 -81.75
N LEU I 264 4.47 -27.47 -81.61
CA LEU I 264 4.02 -26.62 -80.53
C LEU I 264 4.29 -27.26 -79.17
N LYS I 265 4.09 -28.58 -79.06
CA LYS I 265 4.40 -29.27 -77.81
C LYS I 265 5.90 -29.22 -77.52
N VAL I 266 6.73 -29.41 -78.56
CA VAL I 266 8.17 -29.34 -78.37
C VAL I 266 8.59 -27.98 -77.86
N ARG I 267 8.03 -26.91 -78.45
CA ARG I 267 8.38 -25.57 -77.98
C ARG I 267 7.77 -25.28 -76.60
N LYS I 268 6.59 -25.84 -76.31
CA LYS I 268 5.96 -25.65 -75.01
C LYS I 268 6.82 -26.25 -73.90
N ASN I 269 7.39 -27.43 -74.13
CA ASN I 269 8.27 -28.03 -73.13
C ASN I 269 9.55 -27.22 -72.93
N GLN I 270 9.86 -26.29 -73.84
CA GLN I 270 11.04 -25.44 -73.70
C GLN I 270 10.80 -24.23 -72.81
N LEU I 271 9.54 -23.92 -72.48
CA LEU I 271 9.22 -22.74 -71.69
C LEU I 271 8.72 -23.06 -70.28
N VAL I 272 8.46 -24.32 -69.96
CA VAL I 272 7.98 -24.70 -68.64
C VAL I 272 9.01 -24.52 -67.53
N PRO I 273 10.34 -24.62 -67.78
CA PRO I 273 11.27 -24.34 -66.67
C PRO I 273 11.18 -22.91 -66.16
N SER I 274 10.88 -21.94 -67.02
CA SER I 274 10.82 -20.54 -66.62
C SER I 274 9.42 -20.08 -66.24
N LEU I 275 8.38 -20.82 -66.64
CA LEU I 275 7.01 -20.46 -66.31
C LEU I 275 6.57 -20.96 -64.95
N ASN I 276 7.36 -21.82 -64.30
CA ASN I 276 7.03 -22.33 -62.98
C ASN I 276 7.59 -21.47 -61.85
N ILE I 277 8.40 -20.47 -62.16
CA ILE I 277 8.95 -19.60 -61.14
C ILE I 277 7.88 -18.60 -60.70
N ASN I 278 7.63 -18.54 -59.39
CA ASN I 278 6.53 -17.73 -58.88
C ASN I 278 6.77 -16.24 -59.14
N SER I 279 8.00 -15.77 -58.91
CA SER I 279 8.34 -14.36 -59.06
C SER I 279 9.27 -14.21 -60.25
N ARG I 280 8.77 -13.59 -61.32
CA ARG I 280 9.56 -13.34 -62.51
C ARG I 280 8.90 -12.25 -63.33
N SER I 281 9.72 -11.39 -63.93
CA SER I 281 9.23 -10.31 -64.78
C SER I 281 9.06 -10.83 -66.20
N ARG I 282 7.84 -10.72 -66.74
CA ARG I 282 7.51 -11.24 -68.05
C ARG I 282 6.89 -10.12 -68.88
N TYR I 283 7.49 -9.86 -70.05
CA TYR I 283 7.00 -8.84 -70.97
C TYR I 283 6.55 -9.51 -72.26
N PHE I 284 5.39 -9.10 -72.77
CA PHE I 284 4.84 -9.65 -74.00
C PHE I 284 4.72 -8.54 -75.04
N ILE I 285 5.49 -8.65 -76.11
CA ILE I 285 5.40 -7.74 -77.24
C ILE I 285 4.46 -8.39 -78.26
N ILE I 286 3.24 -7.86 -78.38
CA ILE I 286 2.17 -8.51 -79.12
C ILE I 286 1.82 -7.67 -80.33
N ASP I 287 1.73 -8.32 -81.50
CA ASP I 287 1.22 -7.68 -82.70
C ASP I 287 -0.23 -8.10 -82.91
N PRO I 288 -1.18 -7.19 -82.80
CA PRO I 288 -2.61 -7.60 -82.90
C PRO I 288 -2.98 -8.23 -84.23
N ASP I 289 -2.34 -7.82 -85.32
CA ASP I 289 -2.76 -8.27 -86.65
C ASP I 289 -2.38 -9.72 -86.96
N THR I 290 -1.51 -10.33 -86.17
CA THR I 290 -1.10 -11.71 -86.41
C THR I 290 -1.93 -12.72 -85.62
N ILE I 291 -2.90 -12.27 -84.83
CA ILE I 291 -3.74 -13.14 -84.03
C ILE I 291 -5.19 -12.93 -84.44
N ASP I 292 -5.87 -14.02 -84.79
CA ASP I 292 -7.26 -13.94 -85.21
C ASP I 292 -8.16 -13.57 -84.04
N ASN I 293 -9.14 -12.70 -84.31
CA ASN I 293 -10.10 -12.24 -83.31
C ASN I 293 -9.40 -11.67 -82.08
N PHE I 294 -8.38 -10.84 -82.31
CA PHE I 294 -7.64 -10.24 -81.21
C PHE I 294 -8.53 -9.29 -80.39
N ASP I 295 -9.38 -8.52 -81.07
CA ASP I 295 -10.20 -7.53 -80.38
C ASP I 295 -11.19 -8.19 -79.43
N ASP I 296 -11.76 -9.33 -79.83
CA ASP I 296 -12.81 -9.98 -79.06
C ASP I 296 -12.29 -11.06 -78.12
N GLU I 297 -10.97 -11.26 -78.03
CA GLU I 297 -10.43 -12.32 -77.18
C GLU I 297 -9.22 -11.90 -76.36
N PHE I 298 -8.73 -10.67 -76.49
CA PHE I 298 -7.53 -10.27 -75.75
C PHE I 298 -7.83 -10.12 -74.26
N ILE I 299 -8.99 -9.56 -73.92
CA ILE I 299 -9.34 -9.35 -72.52
C ILE I 299 -9.49 -10.69 -71.80
N LEU I 300 -10.10 -11.67 -72.47
CA LEU I 300 -10.22 -13.00 -71.88
C LEU I 300 -8.86 -13.65 -71.69
N PHE I 301 -7.95 -13.45 -72.65
CA PHE I 301 -6.60 -13.98 -72.51
C PHE I 301 -5.89 -13.36 -71.32
N VAL I 302 -6.02 -12.05 -71.14
CA VAL I 302 -5.39 -11.38 -70.00
C VAL I 302 -5.98 -11.88 -68.70
N LYS I 303 -7.31 -12.02 -68.64
CA LYS I 303 -7.97 -12.49 -67.43
C LYS I 303 -7.53 -13.92 -67.09
N ASP I 304 -7.42 -14.79 -68.10
CA ASP I 304 -6.98 -16.15 -67.86
C ASP I 304 -5.51 -16.22 -67.48
N TYR I 305 -4.68 -15.34 -68.05
CA TYR I 305 -3.26 -15.32 -67.70
C TYR I 305 -3.06 -14.96 -66.24
N LEU I 306 -3.77 -13.93 -65.77
CA LEU I 306 -3.60 -13.50 -64.39
C LEU I 306 -4.26 -14.44 -63.40
N ASP I 307 -5.21 -15.28 -63.85
CA ASP I 307 -5.80 -16.27 -62.97
C ASP I 307 -4.85 -17.40 -62.63
N LYS I 308 -3.72 -17.51 -63.31
CA LYS I 308 -2.74 -18.55 -63.06
C LYS I 308 -1.37 -18.03 -62.66
N TYR I 309 -0.91 -16.93 -63.25
CA TYR I 309 0.42 -16.40 -62.99
C TYR I 309 0.41 -15.17 -62.09
N ASN I 310 -0.75 -14.58 -61.81
CA ASN I 310 -0.85 -13.42 -60.92
C ASN I 310 -2.06 -13.55 -60.01
N SER I 311 -2.27 -14.76 -59.46
CA SER I 311 -3.42 -15.01 -58.60
C SER I 311 -3.07 -15.06 -57.13
N LYS I 312 -1.86 -15.46 -56.77
CA LYS I 312 -1.44 -15.57 -55.38
C LYS I 312 -0.78 -14.26 -54.96
N ILE I 313 -1.34 -13.62 -53.93
CA ILE I 313 -0.85 -12.31 -53.51
C ILE I 313 0.54 -12.42 -52.87
N LYS I 314 0.79 -13.51 -52.14
CA LYS I 314 2.05 -13.61 -51.39
C LYS I 314 3.19 -14.12 -52.27
N LEU I 315 2.91 -15.06 -53.17
CA LEU I 315 3.95 -15.67 -53.98
C LEU I 315 4.20 -14.89 -55.26
N HIS I 316 3.17 -14.68 -56.07
CA HIS I 316 3.30 -13.96 -57.33
C HIS I 316 3.45 -12.47 -57.04
N THR I 317 4.66 -11.94 -57.23
CA THR I 317 4.96 -10.54 -56.92
C THR I 317 5.08 -9.67 -58.16
N GLU I 318 5.84 -10.12 -59.16
CA GLU I 318 6.10 -9.29 -60.33
C GLU I 318 4.85 -9.15 -61.19
N THR I 319 4.64 -7.94 -61.71
CA THR I 319 3.49 -7.58 -62.53
C THR I 319 3.81 -7.79 -64.01
N PRO I 320 3.01 -8.57 -64.73
CA PRO I 320 3.27 -8.75 -66.16
C PRO I 320 3.03 -7.49 -66.95
N CYS I 321 3.71 -7.38 -68.09
CA CYS I 321 3.60 -6.24 -68.98
C CYS I 321 3.20 -6.70 -70.37
N PHE I 322 2.26 -5.98 -70.98
CA PHE I 322 1.83 -6.23 -72.34
C PHE I 322 2.01 -4.96 -73.16
N ILE I 323 2.70 -5.07 -74.29
CA ILE I 323 2.94 -3.94 -75.18
C ILE I 323 2.39 -4.29 -76.55
N LEU I 324 1.41 -3.54 -77.01
CA LEU I 324 0.71 -3.80 -78.26
C LEU I 324 1.18 -2.85 -79.35
N LYS I 325 1.00 -3.28 -80.59
CA LYS I 325 1.30 -2.45 -81.75
C LYS I 325 0.03 -1.77 -82.25
N THR I 326 -0.49 -0.88 -81.42
CA THR I 326 -1.71 -0.16 -81.73
C THR I 326 -1.53 1.34 -81.53
N ASP I 327 -2.61 2.09 -81.65
CA ASP I 327 -2.61 3.53 -81.43
C ASP I 327 -3.13 3.85 -80.04
N VAL I 328 -2.89 5.11 -79.62
CA VAL I 328 -3.26 5.52 -78.27
C VAL I 328 -4.78 5.56 -78.11
N ASN I 329 -5.52 5.83 -79.18
CA ASN I 329 -6.97 5.86 -79.09
C ASN I 329 -7.56 4.46 -79.02
N ASN I 330 -6.91 3.48 -79.65
CA ASN I 330 -7.39 2.10 -79.57
C ASN I 330 -7.13 1.51 -78.20
N LEU I 331 -6.09 1.99 -77.49
CA LEU I 331 -5.81 1.50 -76.15
C LEU I 331 -6.90 1.95 -75.16
N SER I 332 -7.51 3.10 -75.41
CA SER I 332 -8.57 3.59 -74.52
C SER I 332 -9.76 2.65 -74.50
N GLU I 333 -10.12 2.10 -75.66
CA GLU I 333 -11.23 1.14 -75.71
C GLU I 333 -10.91 -0.11 -74.92
N TYR I 334 -9.67 -0.61 -75.03
CA TYR I 334 -9.26 -1.76 -74.23
C TYR I 334 -9.33 -1.44 -72.74
N HIS I 335 -8.88 -0.24 -72.35
CA HIS I 335 -8.93 0.13 -70.94
C HIS I 335 -10.37 0.24 -70.46
N LYS I 336 -11.27 0.74 -71.30
CA LYS I 336 -12.69 0.78 -70.97
C LYS I 336 -13.22 -0.63 -70.75
N ARG I 337 -12.89 -1.56 -71.65
CA ARG I 337 -13.41 -2.92 -71.54
C ARG I 337 -12.84 -3.65 -70.34
N PHE I 338 -11.60 -3.36 -69.96
CA PHE I 338 -11.00 -4.04 -68.82
C PHE I 338 -11.70 -3.68 -67.51
N VAL I 339 -11.99 -2.40 -67.30
CA VAL I 339 -12.59 -1.98 -66.03
C VAL I 339 -14.02 -2.51 -65.90
N SER I 340 -14.72 -2.70 -67.03
CA SER I 340 -16.04 -3.30 -66.96
C SER I 340 -15.99 -4.78 -66.60
N ARG I 341 -14.82 -5.42 -66.76
CA ARG I 341 -14.60 -6.80 -66.35
C ARG I 341 -14.15 -6.90 -64.90
N ASN I 342 -13.95 -5.75 -64.23
CA ASN I 342 -13.50 -5.69 -62.84
C ASN I 342 -12.07 -6.22 -62.70
N ILE I 343 -11.20 -5.79 -63.60
CA ILE I 343 -9.77 -6.09 -63.55
C ILE I 343 -9.01 -4.80 -63.73
N GLN I 344 -8.01 -4.57 -62.87
CA GLN I 344 -7.32 -3.29 -62.80
C GLN I 344 -6.01 -3.35 -63.58
N ILE I 345 -5.83 -2.40 -64.49
CA ILE I 345 -4.62 -2.27 -65.29
C ILE I 345 -4.19 -0.81 -65.30
N ILE I 346 -2.93 -0.57 -65.66
CA ILE I 346 -2.39 0.77 -65.85
C ILE I 346 -1.84 0.88 -67.26
N THR I 347 -2.13 2.00 -67.92
CA THR I 347 -1.69 2.22 -69.29
C THR I 347 -0.53 3.19 -69.40
N GLY I 348 -0.31 4.03 -68.39
CA GLY I 348 0.72 5.05 -68.46
C GLY I 348 0.30 6.32 -69.16
N TYR I 349 -0.92 6.39 -69.68
CA TYR I 349 -1.42 7.57 -70.37
C TYR I 349 -2.51 8.23 -69.54
N ILE I 350 -2.37 9.52 -69.30
CA ILE I 350 -3.39 10.31 -68.63
C ILE I 350 -4.19 11.12 -69.66
N GLY I 351 -4.22 10.66 -70.91
CA GLY I 351 -4.81 11.38 -72.00
C GLY I 351 -4.12 11.02 -73.30
N ASP I 352 -3.62 12.00 -74.03
CA ASP I 352 -2.80 11.76 -75.21
C ASP I 352 -1.31 11.79 -74.90
N THR I 353 -0.94 11.95 -73.63
CA THR I 353 0.46 12.03 -73.23
C THR I 353 0.81 10.88 -72.30
N PHE I 354 2.09 10.48 -72.33
CA PHE I 354 2.59 9.37 -71.55
C PHE I 354 3.46 9.90 -70.41
N TYR I 355 3.27 9.34 -69.22
CA TYR I 355 3.99 9.77 -68.02
C TYR I 355 4.89 8.65 -67.53
N PHE I 356 6.16 9.01 -67.28
CA PHE I 356 7.13 8.03 -66.79
C PHE I 356 6.77 7.54 -65.39
N LYS I 357 6.28 8.44 -64.53
CA LYS I 357 6.02 8.09 -63.14
C LYS I 357 4.79 7.19 -62.98
N GLU I 358 3.87 7.21 -63.93
CA GLU I 358 2.65 6.42 -63.84
C GLU I 358 2.81 5.01 -64.44
N PHE I 359 3.97 4.70 -65.00
CA PHE I 359 4.21 3.39 -65.59
C PHE I 359 5.24 2.55 -64.85
N ASN I 360 6.16 3.18 -64.12
CA ASN I 360 7.18 2.48 -63.35
C ASN I 360 6.78 2.30 -61.89
N LYS I 361 5.56 2.69 -61.52
CA LYS I 361 5.14 2.60 -60.13
C LYS I 361 4.91 1.15 -59.74
N GLU I 362 5.51 0.75 -58.62
CA GLU I 362 5.34 -0.60 -58.10
C GLU I 362 4.01 -0.71 -57.36
N PRO I 363 3.19 -1.70 -57.65
CA PRO I 363 1.87 -1.78 -57.01
C PRO I 363 2.00 -2.08 -55.52
N LYS I 364 1.01 -1.59 -54.77
CA LYS I 364 0.94 -1.79 -53.32
C LYS I 364 -0.02 -2.93 -53.01
N ARG I 365 0.36 -3.76 -52.04
CA ARG I 365 -0.39 -4.96 -51.71
C ARG I 365 -0.88 -4.90 -50.26
N ILE I 366 -2.12 -5.31 -50.06
CA ILE I 366 -2.69 -5.52 -48.73
C ILE I 366 -3.02 -7.00 -48.64
N ILE I 367 -2.18 -7.77 -47.95
CA ILE I 367 -2.33 -9.22 -47.93
C ILE I 367 -3.58 -9.62 -47.16
N LYS I 368 -3.88 -8.93 -46.07
CA LYS I 368 -5.04 -9.30 -45.25
C LYS I 368 -6.35 -9.15 -46.03
N ASP I 369 -6.43 -8.13 -46.89
CA ASP I 369 -7.63 -7.90 -47.69
C ASP I 369 -7.55 -8.52 -49.08
N ASN I 370 -6.41 -9.13 -49.43
CA ASN I 370 -6.21 -9.73 -50.75
C ASN I 370 -6.45 -8.70 -51.86
N TRP I 371 -5.64 -7.64 -51.85
CA TRP I 371 -5.83 -6.52 -52.74
C TRP I 371 -4.50 -6.01 -53.27
N VAL I 372 -4.46 -5.75 -54.57
CA VAL I 372 -3.34 -5.07 -55.22
C VAL I 372 -3.92 -4.03 -56.17
N GLU I 373 -3.27 -2.86 -56.23
CA GLU I 373 -3.90 -1.71 -56.89
C GLU I 373 -4.07 -1.95 -58.39
N PHE I 374 -3.11 -2.60 -59.04
CA PHE I 374 -3.27 -3.01 -60.42
C PHE I 374 -2.58 -4.34 -60.64
N LYS I 375 -3.09 -5.09 -61.63
CA LYS I 375 -2.63 -6.44 -61.88
C LYS I 375 -1.76 -6.60 -63.12
N ALA I 376 -1.79 -5.65 -64.05
CA ALA I 376 -1.03 -5.78 -65.28
C ALA I 376 -0.73 -4.41 -65.86
N ARG I 377 0.25 -4.37 -66.76
CA ARG I 377 0.60 -3.17 -67.51
C ARG I 377 0.32 -3.42 -68.98
N ILE I 378 -0.48 -2.55 -69.58
CA ILE I 378 -0.83 -2.63 -70.99
C ILE I 378 -0.63 -1.27 -71.63
N SER I 379 0.14 -1.22 -72.70
CA SER I 379 0.45 0.05 -73.36
C SER I 379 0.79 -0.22 -74.82
N CYS I 380 0.95 0.87 -75.58
CA CYS I 380 1.29 0.78 -76.99
C CYS I 380 2.80 0.57 -77.14
N ASN I 381 3.29 0.62 -78.38
CA ASN I 381 4.70 0.39 -78.68
C ASN I 381 5.42 1.67 -79.05
N SER I 382 4.97 2.80 -78.52
CA SER I 382 5.60 4.08 -78.82
C SER I 382 7.02 4.14 -78.26
N ASP I 383 7.79 5.10 -78.77
CA ASP I 383 9.17 5.24 -78.33
C ASP I 383 9.29 5.64 -76.87
N GLU I 384 8.23 6.22 -76.30
CA GLU I 384 8.27 6.60 -74.88
C GLU I 384 8.29 5.39 -73.98
N VAL I 385 7.43 4.39 -74.25
CA VAL I 385 7.36 3.22 -73.39
C VAL I 385 8.57 2.32 -73.54
N ILE I 386 9.25 2.37 -74.70
CA ILE I 386 10.46 1.58 -74.88
C ILE I 386 11.56 2.05 -73.93
N LYS I 387 11.61 3.36 -73.67
CA LYS I 387 12.56 3.88 -72.68
C LYS I 387 12.25 3.34 -71.29
N CYS I 388 10.97 3.22 -70.96
CA CYS I 388 10.59 2.65 -69.66
C CYS I 388 11.03 1.20 -69.55
N ILE I 389 10.85 0.43 -70.62
CA ILE I 389 11.23 -0.99 -70.60
C ILE I 389 12.73 -1.14 -70.39
N ASN I 390 13.53 -0.35 -71.09
CA ASN I 390 14.99 -0.42 -70.95
C ASN I 390 15.46 0.08 -69.59
N TYR I 391 14.63 0.81 -68.85
CA TYR I 391 15.03 1.31 -67.55
C TYR I 391 15.03 0.21 -66.49
N LYS I 392 14.15 -0.78 -66.61
CA LYS I 392 14.03 -1.87 -65.65
C LYS I 392 14.53 -3.20 -66.19
N LYS I 393 14.13 -3.56 -67.41
CA LYS I 393 14.51 -4.80 -68.08
C LYS I 393 13.84 -6.00 -67.44
N CYS I 394 13.45 -6.98 -68.25
CA CYS I 394 12.71 -8.14 -67.80
C CYS I 394 13.60 -9.38 -67.81
N ASP I 395 13.25 -10.35 -66.96
CA ASP I 395 13.94 -11.63 -66.97
C ASP I 395 13.66 -12.40 -68.25
N ASP I 396 12.39 -12.42 -68.69
CA ASP I 396 12.00 -13.07 -69.92
C ASP I 396 11.22 -12.08 -70.79
N LEU I 397 11.50 -12.11 -72.09
CA LEU I 397 10.84 -11.24 -73.06
C LEU I 397 10.22 -12.10 -74.15
N TYR I 398 8.90 -12.09 -74.25
CA TYR I 398 8.18 -12.89 -75.23
C TYR I 398 7.73 -12.02 -76.38
N ILE I 399 7.97 -12.50 -77.60
CA ILE I 399 7.62 -11.79 -78.83
C ILE I 399 6.70 -12.69 -79.64
N VAL I 400 5.50 -12.20 -79.93
CA VAL I 400 4.57 -12.87 -80.82
C VAL I 400 4.31 -11.96 -82.01
N GLY I 401 4.37 -12.53 -83.21
CA GLY I 401 4.28 -11.74 -84.42
C GLY I 401 5.65 -11.33 -84.92
N GLY I 402 5.64 -10.49 -85.96
CA GLY I 402 6.86 -10.05 -86.58
C GLY I 402 7.22 -8.61 -86.26
N VAL I 403 7.03 -8.22 -85.00
CA VAL I 403 7.31 -6.85 -84.58
C VAL I 403 8.82 -6.60 -84.65
N ASP I 404 9.17 -5.32 -84.86
CA ASP I 404 10.57 -4.91 -84.97
C ASP I 404 11.09 -4.63 -83.57
N VAL I 405 11.65 -5.65 -82.93
CA VAL I 405 12.23 -5.51 -81.59
C VAL I 405 13.68 -5.11 -81.81
N SER I 406 13.90 -3.82 -82.02
CA SER I 406 15.26 -3.29 -82.21
C SER I 406 15.55 -2.03 -81.40
N LEU I 407 14.54 -1.26 -81.00
CA LEU I 407 14.78 -0.05 -80.22
C LEU I 407 15.13 -0.35 -78.77
N LEU I 408 14.55 -1.42 -78.21
CA LEU I 408 14.80 -1.78 -76.83
C LEU I 408 16.06 -2.62 -76.71
N ASP I 409 16.73 -2.49 -75.56
CA ASP I 409 17.98 -3.20 -75.30
C ASP I 409 17.68 -4.68 -75.10
N THR I 410 17.98 -5.48 -76.11
CA THR I 410 17.78 -6.93 -76.05
C THR I 410 18.97 -7.64 -75.41
N ALA I 411 20.03 -6.92 -75.07
CA ALA I 411 21.21 -7.55 -74.50
C ALA I 411 20.92 -8.09 -73.10
N ASP I 412 21.41 -9.28 -72.81
CA ASP I 412 21.35 -9.89 -71.48
C ASP I 412 19.93 -10.13 -71.03
N VAL I 413 19.01 -10.30 -71.98
CA VAL I 413 17.61 -10.56 -71.69
C VAL I 413 17.15 -11.74 -72.53
N ASN I 414 16.51 -12.71 -71.89
CA ASN I 414 16.01 -13.88 -72.62
C ASN I 414 14.95 -13.47 -73.61
N ILE I 415 15.06 -13.97 -74.84
CA ILE I 415 14.12 -13.67 -75.92
C ILE I 415 13.50 -14.99 -76.36
N GLU I 416 12.18 -15.06 -76.32
CA GLU I 416 11.42 -16.25 -76.71
C GLU I 416 10.44 -15.85 -77.81
N ASN I 417 10.79 -16.14 -79.05
CA ASN I 417 9.95 -15.79 -80.20
C ASN I 417 8.89 -16.87 -80.38
N LEU I 418 7.65 -16.56 -80.01
CA LEU I 418 6.54 -17.48 -80.17
C LEU I 418 5.86 -17.25 -81.51
N GLU I 419 5.76 -18.30 -82.32
CA GLU I 419 5.11 -18.24 -83.63
C GLU I 419 3.73 -18.88 -83.50
N ILE I 420 2.70 -18.04 -83.45
CA ILE I 420 1.33 -18.48 -83.25
C ILE I 420 0.43 -17.77 -84.24
N ASN I 421 -0.82 -18.26 -84.34
CA ASN I 421 -1.82 -17.63 -85.19
C ASN I 421 -3.17 -17.50 -84.52
N ASN I 422 -3.35 -17.98 -83.29
CA ASN I 422 -4.59 -17.81 -82.55
C ASN I 422 -4.29 -17.93 -81.07
N PHE I 423 -5.25 -17.50 -80.24
CA PHE I 423 -5.03 -17.47 -78.80
C PHE I 423 -4.99 -18.85 -78.18
N ARG I 424 -5.59 -19.86 -78.82
CA ARG I 424 -5.50 -21.22 -78.31
C ARG I 424 -4.05 -21.70 -78.28
N GLU I 425 -3.30 -21.44 -79.36
CA GLU I 425 -1.90 -21.83 -79.39
C GLU I 425 -1.07 -21.01 -78.40
N LEU I 426 -1.42 -19.75 -78.21
CA LEU I 426 -0.72 -18.93 -77.22
C LEU I 426 -0.92 -19.49 -75.81
N LYS I 427 -2.15 -19.89 -75.49
CA LYS I 427 -2.41 -20.48 -74.18
C LYS I 427 -1.72 -21.83 -74.04
N TYR I 428 -1.70 -22.63 -75.10
CA TYR I 428 -1.04 -23.93 -75.04
C TYR I 428 0.47 -23.78 -74.83
N LEU I 429 1.09 -22.81 -75.53
CA LEU I 429 2.52 -22.59 -75.38
C LEU I 429 2.87 -22.08 -73.98
N LEU I 430 2.00 -21.28 -73.38
CA LEU I 430 2.24 -20.72 -72.06
C LEU I 430 1.72 -21.61 -70.94
N SER I 431 1.35 -22.86 -71.26
CA SER I 431 0.90 -23.84 -70.28
C SER I 431 -0.36 -23.37 -69.54
N MET I 432 -1.43 -23.16 -70.32
CA MET I 432 -2.75 -22.93 -69.76
C MET I 432 -3.79 -23.92 -70.24
N LEU I 433 -3.55 -24.63 -71.35
CA LEU I 433 -4.46 -25.62 -71.88
C LEU I 433 -3.71 -26.91 -72.17
N LYS I 434 -4.38 -28.03 -71.95
CA LYS I 434 -3.80 -29.33 -72.25
C LYS I 434 -4.10 -29.78 -73.68
N GLU I 435 -5.32 -29.55 -74.16
CA GLU I 435 -5.71 -29.88 -75.51
C GLU I 435 -6.13 -28.62 -76.24
N ILE I 436 -5.57 -28.40 -77.43
CA ILE I 436 -5.88 -27.22 -78.21
C ILE I 436 -7.32 -27.29 -78.71
N VAL J 257 8.50 -73.23 -63.25
CA VAL J 257 8.81 -72.88 -61.88
C VAL J 257 8.35 -71.42 -61.69
N LEU J 258 7.10 -71.17 -62.10
CA LEU J 258 6.46 -69.88 -61.90
C LEU J 258 5.09 -69.98 -61.26
N THR J 259 4.51 -71.17 -61.14
CA THR J 259 3.20 -71.31 -60.53
C THR J 259 3.23 -70.89 -59.06
N ARG J 260 4.28 -71.27 -58.34
CA ARG J 260 4.43 -70.83 -56.95
C ARG J 260 4.61 -69.32 -56.87
N LYS J 261 5.29 -68.72 -57.84
CA LYS J 261 5.45 -67.27 -57.84
C LYS J 261 4.10 -66.56 -57.93
N GLN J 262 3.22 -67.04 -58.82
CA GLN J 262 1.90 -66.44 -58.96
C GLN J 262 0.96 -66.81 -57.82
N LEU J 263 1.13 -68.00 -57.25
CA LEU J 263 0.25 -68.44 -56.16
C LEU J 263 0.40 -67.54 -54.93
N LEU J 264 1.63 -67.14 -54.62
CA LEU J 264 1.85 -66.25 -53.48
C LEU J 264 1.54 -64.79 -53.81
N LYS J 265 1.45 -64.43 -55.10
CA LYS J 265 1.11 -63.06 -55.45
C LYS J 265 -0.34 -62.75 -55.10
N VAL J 266 -1.26 -63.63 -55.48
CA VAL J 266 -2.66 -63.45 -55.09
C VAL J 266 -2.81 -63.61 -53.58
N ARG J 267 -2.03 -64.50 -52.98
CA ARG J 267 -2.05 -64.66 -51.53
C ARG J 267 -1.60 -63.38 -50.83
N LYS J 268 -0.56 -62.73 -51.36
CA LYS J 268 -0.04 -61.51 -50.75
C LYS J 268 -1.03 -60.36 -50.85
N ASN J 269 -1.62 -60.16 -52.04
CA ASN J 269 -2.54 -59.04 -52.22
C ASN J 269 -3.81 -59.22 -51.39
N GLN J 270 -4.20 -60.46 -51.11
CA GLN J 270 -5.37 -60.69 -50.26
C GLN J 270 -5.12 -60.21 -48.83
N LEU J 271 -3.88 -60.31 -48.36
CA LEU J 271 -3.53 -59.94 -46.99
C LEU J 271 -3.16 -58.46 -46.85
N VAL J 272 -3.01 -57.73 -47.96
CA VAL J 272 -2.62 -56.33 -47.88
C VAL J 272 -3.66 -55.46 -47.16
N PRO J 273 -4.96 -55.55 -47.46
CA PRO J 273 -5.90 -54.61 -46.82
C PRO J 273 -5.93 -54.66 -45.32
N SER J 274 -5.73 -55.84 -44.71
CA SER J 274 -5.78 -55.97 -43.26
C SER J 274 -4.45 -55.66 -42.58
N LEU J 275 -3.37 -55.53 -43.33
CA LEU J 275 -2.05 -55.26 -42.76
C LEU J 275 -1.66 -53.80 -42.77
N ASN J 276 -2.45 -52.93 -43.40
CA ASN J 276 -2.13 -51.52 -43.49
C ASN J 276 -2.79 -50.68 -42.41
N ILE J 277 -3.55 -51.30 -41.50
CA ILE J 277 -4.19 -50.59 -40.41
C ILE J 277 -3.23 -50.58 -39.21
N ASN J 278 -3.00 -49.39 -38.66
CA ASN J 278 -2.03 -49.26 -37.58
C ASN J 278 -2.48 -49.99 -36.32
N SER J 279 -3.77 -49.92 -35.98
CA SER J 279 -4.29 -50.51 -34.75
C SER J 279 -5.04 -51.79 -35.08
N ARG J 280 -4.31 -52.90 -35.11
CA ARG J 280 -4.90 -54.21 -35.31
C ARG J 280 -4.24 -55.22 -34.38
N SER J 281 -5.03 -56.19 -33.93
CA SER J 281 -4.54 -57.27 -33.08
C SER J 281 -4.33 -58.50 -33.96
N ARG J 282 -3.08 -58.88 -34.16
CA ARG J 282 -2.71 -60.00 -35.02
C ARG J 282 -2.12 -61.12 -34.17
N TYR J 283 -2.69 -62.31 -34.30
CA TYR J 283 -2.23 -63.48 -33.57
C TYR J 283 -1.64 -64.48 -34.56
N PHE J 284 -0.46 -65.01 -34.24
CA PHE J 284 0.23 -65.96 -35.10
C PHE J 284 0.31 -67.31 -34.40
N ILE J 285 -0.18 -68.34 -35.08
CA ILE J 285 -0.08 -69.71 -34.58
C ILE J 285 0.94 -70.45 -35.45
N ILE J 286 2.19 -70.47 -35.02
CA ILE J 286 3.29 -70.96 -35.83
C ILE J 286 3.68 -72.35 -35.35
N ASP J 287 3.82 -73.28 -36.30
CA ASP J 287 4.28 -74.63 -36.00
C ASP J 287 5.72 -74.79 -36.44
N PRO J 288 6.67 -74.96 -35.53
CA PRO J 288 8.04 -75.27 -35.94
C PRO J 288 8.10 -76.61 -36.66
N ASP J 289 9.28 -76.91 -37.21
CA ASP J 289 9.59 -78.07 -38.03
C ASP J 289 8.90 -78.03 -39.39
N THR J 290 8.08 -77.03 -39.66
CA THR J 290 7.53 -76.78 -40.99
C THR J 290 8.20 -75.62 -41.69
N ILE J 291 9.10 -74.91 -41.00
CA ILE J 291 9.84 -73.79 -41.56
C ILE J 291 11.32 -74.12 -41.47
N ASP J 292 12.04 -73.98 -42.58
CA ASP J 292 13.46 -74.30 -42.61
C ASP J 292 14.23 -73.32 -41.73
N ASN J 293 15.10 -73.86 -40.87
CA ASN J 293 15.93 -73.06 -39.97
C ASN J 293 15.08 -72.13 -39.11
N PHE J 294 14.06 -72.70 -38.47
CA PHE J 294 13.19 -71.91 -37.60
C PHE J 294 13.95 -71.37 -36.40
N ASP J 295 14.73 -72.23 -35.74
CA ASP J 295 15.42 -71.81 -34.53
C ASP J 295 16.56 -70.84 -34.81
N ASP J 296 17.10 -70.82 -36.03
CA ASP J 296 18.17 -69.89 -36.38
C ASP J 296 17.66 -68.58 -36.95
N GLU J 297 16.36 -68.45 -37.21
CA GLU J 297 15.83 -67.26 -37.87
C GLU J 297 14.58 -66.68 -37.21
N PHE J 298 14.07 -67.30 -36.14
CA PHE J 298 12.87 -66.78 -35.50
C PHE J 298 13.12 -65.41 -34.87
N ILE J 299 14.28 -65.23 -34.25
CA ILE J 299 14.59 -63.96 -33.60
C ILE J 299 14.62 -62.83 -34.61
N LEU J 300 15.28 -63.05 -35.75
CA LEU J 300 15.35 -62.02 -36.78
C LEU J 300 13.98 -61.75 -37.39
N PHE J 301 13.16 -62.80 -37.57
CA PHE J 301 11.81 -62.59 -38.08
C PHE J 301 10.99 -61.73 -37.13
N VAL J 302 11.06 -62.02 -35.83
CA VAL J 302 10.34 -61.19 -34.86
C VAL J 302 10.87 -59.76 -34.88
N LYS J 303 12.19 -59.61 -34.94
CA LYS J 303 12.80 -58.27 -34.89
C LYS J 303 12.37 -57.43 -36.09
N ASP J 304 12.42 -58.01 -37.29
CA ASP J 304 12.07 -57.22 -38.47
C ASP J 304 10.57 -57.16 -38.74
N TYR J 305 9.77 -57.99 -38.06
CA TYR J 305 8.33 -57.75 -38.03
C TYR J 305 7.98 -56.59 -37.12
N LEU J 306 8.64 -56.52 -35.95
CA LEU J 306 8.42 -55.42 -35.03
C LEU J 306 8.94 -54.11 -35.61
N ASP J 307 10.06 -54.13 -36.32
CA ASP J 307 10.62 -52.91 -36.89
C ASP J 307 9.68 -52.26 -37.89
N LYS J 308 8.71 -53.01 -38.42
CA LYS J 308 7.75 -52.48 -39.40
C LYS J 308 6.36 -52.28 -38.83
N TYR J 309 5.86 -53.22 -38.03
CA TYR J 309 4.47 -53.17 -37.58
C TYR J 309 4.28 -52.65 -36.16
N ASN J 310 5.32 -52.73 -35.31
CA ASN J 310 5.27 -52.15 -33.97
C ASN J 310 6.52 -51.30 -33.77
N SER J 311 6.49 -50.06 -34.28
CA SER J 311 7.62 -49.16 -34.16
C SER J 311 7.24 -47.74 -33.80
N LYS J 312 5.97 -47.34 -33.92
CA LYS J 312 5.53 -46.00 -33.60
C LYS J 312 4.67 -46.05 -32.35
N ILE J 313 5.06 -45.28 -31.33
CA ILE J 313 4.33 -45.29 -30.07
C ILE J 313 2.94 -44.71 -30.23
N LYS J 314 2.82 -43.59 -30.96
CA LYS J 314 1.54 -42.90 -31.08
C LYS J 314 0.59 -43.58 -32.06
N LEU J 315 1.07 -44.46 -32.92
CA LEU J 315 0.26 -45.07 -33.96
C LEU J 315 0.01 -46.55 -33.71
N HIS J 316 1.07 -47.34 -33.56
CA HIS J 316 0.93 -48.77 -33.31
C HIS J 316 0.63 -48.99 -31.83
N THR J 317 -0.62 -49.34 -31.52
CA THR J 317 -1.08 -49.45 -30.14
C THR J 317 -1.56 -50.85 -29.80
N GLU J 318 -1.06 -51.87 -30.51
CA GLU J 318 -1.41 -53.25 -30.24
C GLU J 318 -0.15 -54.10 -30.25
N THR J 319 -0.19 -55.20 -29.50
CA THR J 319 0.96 -56.07 -29.31
C THR J 319 0.78 -57.37 -30.05
N PRO J 320 1.73 -57.77 -30.90
CA PRO J 320 1.62 -59.07 -31.57
C PRO J 320 1.73 -60.21 -30.57
N CYS J 321 1.07 -61.31 -30.91
CA CYS J 321 1.05 -62.52 -30.08
C CYS J 321 1.50 -63.69 -30.92
N PHE J 322 2.65 -64.28 -30.56
CA PHE J 322 3.17 -65.47 -31.22
C PHE J 322 2.96 -66.67 -30.31
N ILE J 323 2.34 -67.71 -30.85
CA ILE J 323 2.09 -68.95 -30.11
C ILE J 323 2.69 -70.10 -30.91
N LEU J 324 3.63 -70.81 -30.29
CA LEU J 324 4.36 -71.88 -30.95
C LEU J 324 3.95 -73.23 -30.38
N LYS J 325 4.17 -74.27 -31.19
CA LYS J 325 3.88 -75.65 -30.78
C LYS J 325 5.20 -76.29 -30.37
N THR J 326 5.60 -76.01 -29.12
CA THR J 326 6.86 -76.52 -28.59
C THR J 326 6.70 -76.71 -27.08
N ASP J 327 7.81 -76.92 -26.40
CA ASP J 327 7.83 -77.15 -24.97
C ASP J 327 8.23 -75.89 -24.21
N VAL J 328 8.08 -75.93 -22.89
CA VAL J 328 8.38 -74.77 -22.06
C VAL J 328 9.87 -74.50 -22.02
N ASN J 329 10.70 -75.55 -22.01
CA ASN J 329 12.15 -75.36 -21.96
C ASN J 329 12.67 -74.69 -23.23
N ASN J 330 12.17 -75.12 -24.39
CA ASN J 330 12.56 -74.48 -25.64
C ASN J 330 12.11 -73.02 -25.68
N LEU J 331 10.92 -72.75 -25.12
CA LEU J 331 10.44 -71.38 -25.04
C LEU J 331 11.35 -70.53 -24.15
N SER J 332 11.80 -71.10 -23.03
CA SER J 332 12.73 -70.38 -22.15
C SER J 332 14.05 -70.11 -22.85
N GLU J 333 14.54 -71.10 -23.62
CA GLU J 333 15.75 -70.87 -24.41
C GLU J 333 15.56 -69.77 -25.43
N TYR J 334 14.38 -69.73 -26.06
CA TYR J 334 14.08 -68.65 -27.00
C TYR J 334 14.04 -67.30 -26.30
N HIS J 335 13.49 -67.26 -25.08
CA HIS J 335 13.29 -65.98 -24.39
C HIS J 335 14.61 -65.30 -24.08
N LYS J 336 15.62 -66.06 -23.66
CA LYS J 336 16.90 -65.46 -23.33
C LYS J 336 17.68 -65.00 -24.55
N ARG J 337 17.30 -65.45 -25.75
CA ARG J 337 17.91 -64.93 -26.96
C ARG J 337 17.31 -63.58 -27.36
N PHE J 338 16.07 -63.31 -26.96
CA PHE J 338 15.47 -62.01 -27.22
C PHE J 338 16.06 -60.93 -26.33
N VAL J 339 16.49 -61.30 -25.11
CA VAL J 339 17.07 -60.33 -24.20
C VAL J 339 18.42 -59.84 -24.72
N SER J 340 19.23 -60.76 -25.26
CA SER J 340 20.54 -60.38 -25.78
C SER J 340 20.44 -59.44 -26.98
N ARG J 341 19.28 -59.41 -27.65
CA ARG J 341 19.04 -58.51 -28.76
C ARG J 341 18.28 -57.26 -28.34
N ASN J 342 18.17 -57.01 -27.03
CA ASN J 342 17.46 -55.84 -26.49
C ASN J 342 16.02 -55.79 -26.98
N ILE J 343 15.36 -56.95 -27.01
CA ILE J 343 13.95 -57.06 -27.36
C ILE J 343 13.21 -57.58 -26.13
N GLN J 344 12.16 -56.85 -25.74
CA GLN J 344 11.41 -57.15 -24.53
C GLN J 344 10.12 -57.88 -24.91
N ILE J 345 9.95 -59.09 -24.35
CA ILE J 345 8.76 -59.90 -24.56
C ILE J 345 8.30 -60.44 -23.22
N ILE J 346 7.03 -60.85 -23.17
CA ILE J 346 6.45 -61.51 -22.01
C ILE J 346 6.03 -62.92 -22.41
N THR J 347 6.34 -63.88 -21.53
CA THR J 347 6.06 -65.29 -21.75
C THR J 347 4.83 -65.78 -21.01
N GLY J 348 4.64 -65.34 -19.77
CA GLY J 348 3.60 -65.87 -18.92
C GLY J 348 4.02 -67.04 -18.07
N TYR J 349 5.21 -67.60 -18.30
CA TYR J 349 5.76 -68.70 -17.52
C TYR J 349 6.86 -68.17 -16.60
N ILE J 350 6.81 -68.57 -15.33
CA ILE J 350 7.75 -68.08 -14.34
C ILE J 350 8.47 -69.31 -13.78
N GLY J 351 8.75 -70.29 -14.63
CA GLY J 351 9.28 -71.55 -14.14
C GLY J 351 8.39 -72.75 -14.39
N ASP J 352 7.67 -72.76 -15.51
CA ASP J 352 6.72 -73.79 -15.92
C ASP J 352 5.40 -73.70 -15.19
N THR J 353 5.10 -72.53 -14.62
CA THR J 353 3.82 -72.23 -14.01
C THR J 353 3.24 -71.02 -14.73
N PHE J 354 2.24 -71.25 -15.58
CA PHE J 354 1.64 -70.16 -16.33
C PHE J 354 0.80 -69.27 -15.42
N TYR J 355 0.82 -67.97 -15.68
CA TYR J 355 0.05 -67.00 -14.92
C TYR J 355 -0.85 -66.23 -15.86
N PHE J 356 -2.14 -66.20 -15.55
CA PHE J 356 -3.11 -65.55 -16.42
C PHE J 356 -2.88 -64.04 -16.48
N LYS J 357 -2.61 -63.42 -15.33
CA LYS J 357 -2.49 -61.96 -15.29
C LYS J 357 -1.18 -61.48 -15.91
N GLU J 358 -0.13 -62.30 -15.89
CA GLU J 358 1.13 -61.91 -16.50
C GLU J 358 1.07 -61.96 -18.02
N PHE J 359 0.08 -62.65 -18.59
CA PHE J 359 -0.11 -62.72 -20.03
C PHE J 359 -1.20 -61.80 -20.54
N ASN J 360 -2.05 -61.27 -19.66
CA ASN J 360 -3.21 -60.48 -20.04
C ASN J 360 -3.01 -58.99 -19.86
N LYS J 361 -1.82 -58.56 -19.45
CA LYS J 361 -1.59 -57.14 -19.14
C LYS J 361 -1.28 -56.35 -20.39
N GLU J 362 -1.78 -55.10 -20.43
CA GLU J 362 -1.49 -54.16 -21.51
C GLU J 362 -0.20 -53.41 -21.22
N PRO J 363 0.74 -53.36 -22.16
CA PRO J 363 2.01 -52.67 -21.90
C PRO J 363 1.81 -51.19 -21.69
N LYS J 364 2.67 -50.60 -20.86
CA LYS J 364 2.63 -49.18 -20.57
C LYS J 364 3.52 -48.43 -21.55
N ARG J 365 3.07 -47.24 -21.95
CA ARG J 365 3.76 -46.43 -22.95
C ARG J 365 4.15 -45.08 -22.38
N ILE J 366 5.38 -44.67 -22.66
CA ILE J 366 5.87 -43.33 -22.34
C ILE J 366 6.30 -42.71 -23.67
N ILE J 367 5.45 -41.86 -24.23
CA ILE J 367 5.71 -41.34 -25.57
C ILE J 367 6.91 -40.39 -25.57
N LYS J 368 7.14 -39.68 -24.47
CA LYS J 368 8.24 -38.72 -24.45
C LYS J 368 9.60 -39.41 -24.40
N ASP J 369 9.66 -40.63 -23.87
CA ASP J 369 10.90 -41.39 -23.78
C ASP J 369 11.02 -42.47 -24.82
N ASN J 370 10.03 -42.61 -25.72
CA ASN J 370 10.03 -43.64 -26.75
C ASN J 370 10.22 -45.03 -26.15
N TRP J 371 9.49 -45.29 -25.07
CA TRP J 371 9.62 -46.52 -24.31
C TRP J 371 8.28 -47.24 -24.24
N VAL J 372 8.32 -48.55 -24.46
CA VAL J 372 7.18 -49.43 -24.27
C VAL J 372 7.63 -50.63 -23.43
N GLU J 373 6.72 -51.13 -22.60
CA GLU J 373 7.08 -52.19 -21.66
C GLU J 373 7.55 -53.45 -22.39
N PHE J 374 6.66 -54.07 -23.15
CA PHE J 374 7.00 -55.24 -23.93
C PHE J 374 6.39 -55.10 -25.32
N LYS J 375 7.02 -55.75 -26.30
CA LYS J 375 6.63 -55.59 -27.69
C LYS J 375 6.05 -56.86 -28.32
N ALA J 376 6.07 -57.98 -27.62
CA ALA J 376 5.52 -59.21 -28.16
C ALA J 376 5.06 -60.12 -27.02
N ARG J 377 4.14 -61.02 -27.35
CA ARG J 377 3.64 -62.04 -26.43
C ARG J 377 3.94 -63.40 -27.05
N ILE J 378 5.06 -64.00 -26.67
CA ILE J 378 5.52 -65.26 -27.22
C ILE J 378 5.30 -66.34 -26.17
N SER J 379 4.56 -67.39 -26.55
CA SER J 379 4.20 -68.45 -25.62
C SER J 379 4.05 -69.76 -26.40
N CYS J 380 3.70 -70.82 -25.67
CA CYS J 380 3.52 -72.15 -26.25
C CYS J 380 2.05 -72.41 -26.55
N ASN J 381 1.78 -73.63 -27.02
CA ASN J 381 0.43 -74.07 -27.39
C ASN J 381 -0.29 -74.77 -26.26
N SER J 382 -0.01 -74.40 -25.01
CA SER J 382 -0.59 -75.08 -23.86
C SER J 382 -2.10 -74.82 -23.79
N ASP J 383 -2.78 -75.68 -23.03
CA ASP J 383 -4.22 -75.51 -22.83
C ASP J 383 -4.55 -74.21 -22.11
N GLU J 384 -3.75 -73.85 -21.11
CA GLU J 384 -4.00 -72.63 -20.36
C GLU J 384 -3.76 -71.38 -21.21
N VAL J 385 -2.80 -71.43 -22.12
CA VAL J 385 -2.52 -70.29 -22.98
C VAL J 385 -3.69 -70.02 -23.92
N ILE J 386 -4.28 -71.08 -24.46
CA ILE J 386 -5.40 -70.92 -25.39
C ILE J 386 -6.60 -70.29 -24.69
N LYS J 387 -6.82 -70.67 -23.42
CA LYS J 387 -7.90 -70.06 -22.65
C LYS J 387 -7.69 -68.56 -22.49
N CYS J 388 -6.44 -68.14 -22.25
CA CYS J 388 -6.15 -66.71 -22.17
C CYS J 388 -6.38 -66.03 -23.52
N ILE J 389 -6.02 -66.72 -24.61
CA ILE J 389 -6.25 -66.16 -25.94
C ILE J 389 -7.73 -65.97 -26.20
N ASN J 390 -8.55 -66.96 -25.81
CA ASN J 390 -9.99 -66.87 -26.01
C ASN J 390 -10.63 -65.75 -25.21
N TYR J 391 -9.98 -65.29 -24.14
CA TYR J 391 -10.51 -64.18 -23.36
C TYR J 391 -10.51 -62.89 -24.18
N LYS J 392 -9.44 -62.62 -24.90
CA LYS J 392 -9.32 -61.45 -25.77
C LYS J 392 -9.20 -61.93 -27.21
N LYS J 393 -10.32 -61.94 -27.92
CA LYS J 393 -10.32 -62.36 -29.32
C LYS J 393 -9.55 -61.35 -30.18
N CYS J 394 -8.94 -61.85 -31.25
CA CYS J 394 -8.09 -61.05 -32.10
C CYS J 394 -8.81 -60.68 -33.39
N ASP J 395 -8.43 -59.52 -33.94
CA ASP J 395 -8.98 -59.09 -35.22
C ASP J 395 -8.57 -60.04 -36.34
N ASP J 396 -7.31 -60.48 -36.34
CA ASP J 396 -6.79 -61.41 -37.34
C ASP J 396 -6.11 -62.56 -36.63
N LEU J 397 -6.23 -63.75 -37.23
CA LEU J 397 -5.65 -64.98 -36.67
C LEU J 397 -4.95 -65.73 -37.80
N TYR J 398 -3.64 -65.50 -37.92
CA TYR J 398 -2.83 -66.16 -38.93
C TYR J 398 -2.33 -67.50 -38.39
N ILE J 399 -2.62 -68.57 -39.12
CA ILE J 399 -2.22 -69.92 -38.73
C ILE J 399 -1.15 -70.37 -39.72
N VAL J 400 0.07 -70.55 -39.22
CA VAL J 400 1.20 -70.98 -40.05
C VAL J 400 1.53 -72.42 -39.67
N GLY J 401 1.54 -73.30 -40.67
CA GLY J 401 1.79 -74.70 -40.43
C GLY J 401 0.52 -75.53 -40.38
N GLY J 402 0.48 -76.52 -39.50
CA GLY J 402 -0.67 -77.39 -39.40
C GLY J 402 -1.19 -77.57 -37.99
N VAL J 403 -1.12 -76.50 -37.18
CA VAL J 403 -1.61 -76.58 -35.80
C VAL J 403 -3.13 -76.71 -35.82
N ASP J 404 -3.65 -77.62 -34.98
CA ASP J 404 -5.09 -77.81 -34.87
C ASP J 404 -5.73 -76.57 -34.26
N VAL J 405 -6.64 -75.95 -35.01
CA VAL J 405 -7.34 -74.75 -34.54
C VAL J 405 -8.45 -75.07 -33.57
N SER J 406 -8.73 -76.35 -33.34
CA SER J 406 -9.77 -76.74 -32.40
C SER J 406 -9.43 -76.27 -30.99
N LEU J 407 -10.45 -76.26 -30.13
CA LEU J 407 -10.39 -75.78 -28.75
C LEU J 407 -10.17 -74.28 -28.66
N LEU J 408 -10.16 -73.58 -29.80
CA LEU J 408 -10.01 -72.13 -29.84
C LEU J 408 -11.30 -71.54 -30.41
N ASP J 409 -11.78 -70.47 -29.78
CA ASP J 409 -13.05 -69.88 -30.16
C ASP J 409 -12.94 -69.09 -31.46
N THR J 410 -13.14 -69.76 -32.59
CA THR J 410 -13.16 -69.10 -33.90
C THR J 410 -14.58 -68.69 -34.29
N ALA J 411 -15.23 -67.93 -33.42
CA ALA J 411 -16.62 -67.54 -33.66
C ALA J 411 -16.71 -66.45 -34.72
N ASP J 412 -16.10 -65.30 -34.47
CA ASP J 412 -16.17 -64.15 -35.37
C ASP J 412 -14.80 -63.52 -35.53
N VAL J 413 -13.78 -64.36 -35.75
CA VAL J 413 -12.42 -63.90 -35.95
C VAL J 413 -11.95 -64.31 -37.34
N ASN J 414 -11.26 -63.40 -38.02
CA ASN J 414 -10.72 -63.70 -39.34
C ASN J 414 -9.60 -64.72 -39.23
N ILE J 415 -9.65 -65.76 -40.05
CA ILE J 415 -8.65 -66.80 -40.07
C ILE J 415 -7.98 -66.78 -41.44
N GLU J 416 -6.66 -66.62 -41.45
CA GLU J 416 -5.87 -66.56 -42.68
C GLU J 416 -4.84 -67.69 -42.63
N ASN J 417 -5.19 -68.82 -43.21
CA ASN J 417 -4.25 -69.94 -43.29
C ASN J 417 -3.13 -69.60 -44.26
N LEU J 418 -1.88 -69.78 -43.81
CA LEU J 418 -0.71 -69.45 -44.59
C LEU J 418 0.11 -70.72 -44.83
N GLU J 419 0.39 -71.02 -46.09
CA GLU J 419 1.16 -72.20 -46.47
C GLU J 419 2.53 -71.74 -46.96
N ILE J 420 3.54 -71.90 -46.11
CA ILE J 420 4.89 -71.46 -46.40
C ILE J 420 5.87 -72.58 -46.07
N ASN J 421 7.07 -72.47 -46.61
CA ASN J 421 8.15 -73.41 -46.35
C ASN J 421 9.33 -72.80 -45.62
N ASN J 422 9.56 -71.50 -45.76
CA ASN J 422 10.65 -70.82 -45.07
C ASN J 422 10.20 -69.40 -44.72
N PHE J 423 11.02 -68.73 -43.91
CA PHE J 423 10.69 -67.38 -43.47
C PHE J 423 10.71 -66.36 -44.59
N ARG J 424 11.40 -66.65 -45.70
CA ARG J 424 11.40 -65.73 -46.83
C ARG J 424 10.01 -65.56 -47.41
N GLU J 425 9.26 -66.67 -47.54
CA GLU J 425 7.89 -66.59 -48.01
C GLU J 425 6.98 -65.93 -46.99
N LEU J 426 7.22 -66.16 -45.69
CA LEU J 426 6.40 -65.55 -44.66
C LEU J 426 6.51 -64.03 -44.69
N LYS J 427 7.73 -63.50 -44.84
CA LYS J 427 7.91 -62.06 -44.92
C LYS J 427 7.30 -61.50 -46.20
N TYR J 428 7.37 -62.24 -47.30
CA TYR J 428 6.75 -61.78 -48.54
C TYR J 428 5.24 -61.65 -48.40
N LEU J 429 4.61 -62.64 -47.76
CA LEU J 429 3.16 -62.61 -47.60
C LEU J 429 2.70 -61.52 -46.64
N LEU J 430 3.58 -61.08 -45.73
CA LEU J 430 3.26 -60.03 -44.78
C LEU J 430 3.77 -58.67 -45.22
N SER J 431 4.18 -58.54 -46.48
CA SER J 431 4.60 -57.26 -47.07
C SER J 431 5.80 -56.67 -46.32
N MET J 432 6.84 -57.49 -46.17
CA MET J 432 8.10 -57.03 -45.59
C MET J 432 9.26 -57.04 -46.58
N LEU J 433 9.14 -57.75 -47.68
CA LEU J 433 10.12 -57.72 -48.77
C LEU J 433 9.40 -57.46 -50.08
N LYS J 434 10.04 -56.68 -50.96
CA LYS J 434 9.44 -56.37 -52.24
C LYS J 434 9.29 -57.61 -53.10
N GLU J 435 10.32 -58.45 -53.15
CA GLU J 435 10.29 -59.68 -53.93
C GLU J 435 10.91 -60.80 -53.11
N ILE J 436 10.51 -62.04 -53.43
CA ILE J 436 11.00 -63.21 -52.72
C ILE J 436 12.46 -63.46 -53.09
N VAL K 257 29.63 -60.66 -71.02
CA VAL K 257 30.11 -59.73 -70.00
C VAL K 257 28.94 -58.93 -69.46
N LEU K 258 27.89 -58.80 -70.27
CA LEU K 258 26.77 -57.93 -69.93
C LEU K 258 25.98 -58.44 -68.72
N THR K 259 25.84 -59.75 -68.58
CA THR K 259 24.94 -60.34 -67.59
C THR K 259 25.50 -60.23 -66.17
N ARG K 260 25.62 -58.99 -65.70
CA ARG K 260 26.01 -58.73 -64.33
C ARG K 260 25.11 -57.66 -63.71
N LYS K 261 24.61 -56.76 -64.56
CA LYS K 261 23.78 -55.68 -64.04
C LYS K 261 22.45 -56.19 -63.51
N GLN K 262 21.93 -57.28 -64.08
CA GLN K 262 20.69 -57.87 -63.56
C GLN K 262 20.89 -58.39 -62.14
N LEU K 263 22.00 -59.11 -61.91
CA LEU K 263 22.30 -59.59 -60.57
C LEU K 263 22.53 -58.43 -59.60
N LEU K 264 23.24 -57.40 -60.05
CA LEU K 264 23.47 -56.24 -59.19
C LEU K 264 22.16 -55.57 -58.82
N LYS K 265 21.25 -55.41 -59.80
CA LYS K 265 19.95 -54.80 -59.53
C LYS K 265 19.12 -55.66 -58.58
N VAL K 266 19.16 -56.98 -58.74
CA VAL K 266 18.42 -57.86 -57.84
C VAL K 266 18.95 -57.73 -56.41
N ARG K 267 20.27 -57.71 -56.25
CA ARG K 267 20.83 -57.58 -54.91
C ARG K 267 20.53 -56.20 -54.32
N LYS K 268 20.56 -55.16 -55.15
CA LYS K 268 20.21 -53.83 -54.67
C LYS K 268 18.76 -53.78 -54.20
N ASN K 269 17.85 -54.39 -54.95
CA ASN K 269 16.45 -54.44 -54.53
C ASN K 269 16.28 -55.25 -53.25
N GLN K 270 17.12 -56.27 -53.07
CA GLN K 270 17.11 -57.00 -51.81
C GLN K 270 17.59 -56.12 -50.66
N LEU K 271 18.56 -55.24 -50.91
CA LEU K 271 19.17 -54.47 -49.84
C LEU K 271 18.41 -53.20 -49.48
N VAL K 272 17.64 -52.63 -50.42
CA VAL K 272 16.98 -51.34 -50.14
C VAL K 272 16.05 -51.33 -48.94
N PRO K 273 15.21 -52.35 -48.68
CA PRO K 273 14.22 -52.19 -47.59
C PRO K 273 14.83 -51.92 -46.24
N SER K 274 16.01 -52.48 -45.95
CA SER K 274 16.66 -52.27 -44.66
C SER K 274 17.49 -50.99 -44.61
N LEU K 275 17.75 -50.35 -45.74
CA LEU K 275 18.54 -49.13 -45.78
C LEU K 275 17.70 -47.86 -45.70
N ASN K 276 16.37 -47.99 -45.64
CA ASN K 276 15.49 -46.83 -45.56
C ASN K 276 15.14 -46.45 -44.12
N ILE K 277 15.60 -47.22 -43.14
CA ILE K 277 15.33 -46.91 -41.74
C ILE K 277 16.32 -45.84 -41.28
N ASN K 278 15.79 -44.76 -40.71
CA ASN K 278 16.62 -43.63 -40.34
C ASN K 278 17.62 -43.99 -39.25
N SER K 279 17.17 -44.74 -38.24
CA SER K 279 18.00 -45.08 -37.09
C SER K 279 18.32 -46.57 -37.13
N ARG K 280 19.53 -46.90 -37.58
CA ARG K 280 20.00 -48.28 -37.61
C ARG K 280 21.50 -48.30 -37.41
N SER K 281 22.01 -49.46 -36.98
CA SER K 281 23.43 -49.65 -36.78
C SER K 281 23.97 -50.51 -37.92
N ARG K 282 24.92 -49.97 -38.68
CA ARG K 282 25.49 -50.65 -39.83
C ARG K 282 27.00 -50.70 -39.68
N TYR K 283 27.55 -51.92 -39.74
CA TYR K 283 28.99 -52.15 -39.65
C TYR K 283 29.48 -52.70 -40.98
N PHE K 284 30.60 -52.19 -41.47
CA PHE K 284 31.17 -52.59 -42.75
C PHE K 284 32.57 -53.16 -42.52
N ILE K 285 32.72 -54.46 -42.77
CA ILE K 285 34.03 -55.10 -42.75
C ILE K 285 34.53 -55.15 -44.19
N ILE K 286 35.59 -54.39 -44.47
CA ILE K 286 36.07 -54.19 -45.84
C ILE K 286 37.52 -54.63 -45.94
N ASP K 287 37.83 -55.36 -47.01
CA ASP K 287 39.20 -55.74 -47.31
C ASP K 287 39.73 -54.85 -48.42
N PRO K 288 40.75 -54.03 -48.18
CA PRO K 288 41.23 -53.11 -49.22
C PRO K 288 41.75 -53.80 -50.47
N ASP K 289 42.25 -55.03 -50.35
CA ASP K 289 42.83 -55.73 -51.49
C ASP K 289 41.79 -56.12 -52.53
N THR K 290 40.50 -56.07 -52.20
CA THR K 290 39.45 -56.44 -53.15
C THR K 290 39.00 -55.25 -53.99
N ILE K 291 38.66 -54.14 -53.34
CA ILE K 291 38.18 -52.96 -54.05
C ILE K 291 39.36 -52.23 -54.68
N ASP K 292 39.30 -52.02 -55.98
CA ASP K 292 40.40 -51.36 -56.69
C ASP K 292 40.43 -49.87 -56.37
N ASN K 293 41.64 -49.31 -56.36
CA ASN K 293 41.86 -47.89 -56.05
C ASN K 293 41.26 -47.53 -54.70
N PHE K 294 41.45 -48.40 -53.71
CA PHE K 294 40.86 -48.18 -52.40
C PHE K 294 41.46 -46.95 -51.72
N ASP K 295 42.77 -46.74 -51.84
CA ASP K 295 43.41 -45.63 -51.15
C ASP K 295 42.92 -44.28 -51.65
N ASP K 296 42.72 -44.16 -52.97
CA ASP K 296 42.35 -42.88 -53.57
C ASP K 296 40.85 -42.60 -53.55
N GLU K 297 40.03 -43.57 -53.14
CA GLU K 297 38.58 -43.39 -53.16
C GLU K 297 37.87 -43.76 -51.87
N PHE K 298 38.61 -44.18 -50.83
CA PHE K 298 37.95 -44.58 -49.59
C PHE K 298 37.33 -43.37 -48.88
N ILE K 299 38.07 -42.27 -48.79
CA ILE K 299 37.56 -41.09 -48.11
C ILE K 299 36.36 -40.51 -48.84
N LEU K 300 36.39 -40.52 -50.18
CA LEU K 300 35.26 -40.04 -50.95
C LEU K 300 34.03 -40.91 -50.72
N PHE K 301 34.22 -42.23 -50.67
CA PHE K 301 33.10 -43.12 -50.42
C PHE K 301 32.51 -42.89 -49.03
N VAL K 302 33.38 -42.71 -48.03
CA VAL K 302 32.89 -42.46 -46.66
C VAL K 302 32.12 -41.15 -46.60
N LYS K 303 32.65 -40.11 -47.25
CA LYS K 303 31.96 -38.82 -47.26
C LYS K 303 30.61 -38.92 -47.95
N ASP K 304 30.55 -39.63 -49.07
CA ASP K 304 29.29 -39.79 -49.79
C ASP K 304 28.28 -40.61 -48.98
N TYR K 305 28.75 -41.64 -48.27
CA TYR K 305 27.87 -42.42 -47.41
C TYR K 305 27.32 -41.57 -46.28
N LEU K 306 28.17 -40.73 -45.67
CA LEU K 306 27.72 -39.86 -44.60
C LEU K 306 26.75 -38.79 -45.12
N ASP K 307 26.92 -38.37 -46.36
CA ASP K 307 26.06 -37.33 -46.91
C ASP K 307 24.61 -37.81 -47.09
N LYS K 308 24.38 -39.12 -47.09
CA LYS K 308 23.05 -39.67 -47.30
C LYS K 308 22.48 -40.39 -46.08
N TYR K 309 23.31 -41.10 -45.32
CA TYR K 309 22.83 -41.94 -44.23
C TYR K 309 23.06 -41.37 -42.84
N ASN K 310 24.06 -40.51 -42.66
CA ASN K 310 24.26 -39.81 -41.39
C ASN K 310 24.42 -38.32 -41.71
N SER K 311 23.29 -37.65 -41.90
CA SER K 311 23.28 -36.22 -42.18
C SER K 311 22.20 -35.45 -41.44
N LYS K 312 21.20 -36.11 -40.87
CA LYS K 312 20.15 -35.46 -40.10
C LYS K 312 20.41 -35.73 -38.62
N ILE K 313 20.70 -34.67 -37.87
CA ILE K 313 21.02 -34.82 -36.45
C ILE K 313 19.81 -35.31 -35.66
N LYS K 314 18.61 -34.87 -36.04
CA LYS K 314 17.41 -35.27 -35.33
C LYS K 314 16.98 -36.70 -35.66
N LEU K 315 17.21 -37.14 -36.90
CA LEU K 315 16.70 -38.42 -37.39
C LEU K 315 17.76 -39.51 -37.48
N HIS K 316 18.95 -39.21 -38.00
CA HIS K 316 19.97 -40.22 -38.25
C HIS K 316 20.76 -40.49 -36.97
N THR K 317 20.10 -41.14 -36.02
CA THR K 317 20.74 -41.60 -34.80
C THR K 317 21.59 -42.84 -35.11
N GLU K 318 22.55 -43.12 -34.23
CA GLU K 318 23.56 -44.17 -34.39
C GLU K 318 24.52 -43.86 -35.54
N THR K 319 25.76 -44.33 -35.42
CA THR K 319 26.80 -44.01 -36.37
C THR K 319 27.35 -45.26 -37.03
N PRO K 320 27.71 -45.20 -38.31
CA PRO K 320 28.28 -46.37 -38.98
C PRO K 320 29.68 -46.67 -38.48
N CYS K 321 30.06 -47.94 -38.63
CA CYS K 321 31.39 -48.41 -38.26
C CYS K 321 32.06 -49.06 -39.47
N PHE K 322 33.35 -48.78 -39.63
CA PHE K 322 34.14 -49.34 -40.73
C PHE K 322 35.36 -50.03 -40.16
N ILE K 323 35.56 -51.29 -40.57
CA ILE K 323 36.68 -52.10 -40.09
C ILE K 323 37.44 -52.61 -41.31
N LEU K 324 38.72 -52.24 -41.41
CA LEU K 324 39.55 -52.59 -42.55
C LEU K 324 40.55 -53.67 -42.17
N LYS K 325 40.95 -54.45 -43.18
CA LYS K 325 41.94 -55.51 -42.98
C LYS K 325 43.32 -54.98 -43.35
N THR K 326 43.85 -54.14 -42.48
CA THR K 326 45.17 -53.53 -42.66
C THR K 326 45.88 -53.52 -41.31
N ASP K 327 46.98 -52.78 -41.26
CA ASP K 327 47.74 -52.60 -40.03
C ASP K 327 47.38 -51.26 -39.38
N VAL K 328 47.88 -51.06 -38.16
CA VAL K 328 47.56 -49.85 -37.42
C VAL K 328 48.17 -48.62 -38.09
N ASN K 329 49.29 -48.79 -38.79
CA ASN K 329 49.98 -47.65 -39.38
C ASN K 329 49.12 -46.94 -40.43
N ASN K 330 48.41 -47.71 -41.26
CA ASN K 330 47.60 -47.08 -42.30
C ASN K 330 46.44 -46.29 -41.71
N LEU K 331 45.97 -46.66 -40.51
CA LEU K 331 44.93 -45.90 -39.86
C LEU K 331 45.37 -44.47 -39.59
N SER K 332 46.65 -44.26 -39.27
CA SER K 332 47.16 -42.92 -39.05
C SER K 332 47.04 -42.07 -40.32
N GLU K 333 47.43 -42.65 -41.47
CA GLU K 333 47.32 -41.92 -42.73
C GLU K 333 45.87 -41.64 -43.09
N TYR K 334 44.99 -42.62 -42.87
CA TYR K 334 43.58 -42.40 -43.17
C TYR K 334 42.98 -41.31 -42.27
N HIS K 335 43.34 -41.31 -40.99
CA HIS K 335 42.86 -40.28 -40.07
C HIS K 335 43.40 -38.91 -40.46
N LYS K 336 44.66 -38.84 -40.89
CA LYS K 336 45.23 -37.58 -41.35
C LYS K 336 44.50 -37.06 -42.59
N ARG K 337 44.16 -37.96 -43.52
CA ARG K 337 43.41 -37.54 -44.69
C ARG K 337 41.99 -37.12 -44.33
N PHE K 338 41.38 -37.78 -43.34
CA PHE K 338 40.02 -37.44 -42.96
C PHE K 338 39.96 -36.08 -42.25
N VAL K 339 40.91 -35.80 -41.36
CA VAL K 339 40.86 -34.54 -40.61
C VAL K 339 41.08 -33.36 -41.53
N SER K 340 41.92 -33.50 -42.56
CA SER K 340 42.10 -32.43 -43.54
C SER K 340 40.87 -32.25 -44.43
N ARG K 341 39.99 -33.26 -44.48
CA ARG K 341 38.75 -33.19 -45.23
C ARG K 341 37.59 -32.66 -44.38
N ASN K 342 37.87 -32.30 -43.13
CA ASN K 342 36.85 -31.79 -42.20
C ASN K 342 35.77 -32.84 -41.92
N ILE K 343 36.22 -34.08 -41.68
CA ILE K 343 35.36 -35.17 -41.27
C ILE K 343 35.84 -35.67 -39.91
N GLN K 344 34.93 -35.74 -38.95
CA GLN K 344 35.26 -36.12 -37.58
C GLN K 344 35.01 -37.61 -37.41
N ILE K 345 36.09 -38.37 -37.19
CA ILE K 345 36.01 -39.81 -36.98
C ILE K 345 36.84 -40.17 -35.75
N ILE K 346 36.58 -41.35 -35.21
CA ILE K 346 37.34 -41.91 -34.10
C ILE K 346 37.89 -43.26 -34.52
N THR K 347 39.13 -43.52 -34.15
CA THR K 347 39.80 -44.77 -34.48
C THR K 347 40.10 -45.64 -33.27
N GLY K 348 39.97 -45.11 -32.06
CA GLY K 348 40.28 -45.88 -30.86
C GLY K 348 41.75 -45.93 -30.53
N TYR K 349 42.61 -46.14 -31.52
CA TYR K 349 44.04 -46.20 -31.28
C TYR K 349 44.58 -44.83 -30.89
N ILE K 350 45.45 -44.80 -29.89
CA ILE K 350 46.01 -43.56 -29.37
C ILE K 350 47.53 -43.63 -29.49
N GLY K 351 48.02 -44.25 -30.56
CA GLY K 351 49.45 -44.50 -30.65
C GLY K 351 49.83 -45.97 -30.71
N ASP K 352 48.99 -46.77 -31.36
CA ASP K 352 49.12 -48.23 -31.55
C ASP K 352 48.68 -49.00 -30.31
N THR K 353 48.05 -48.32 -29.35
CA THR K 353 47.46 -48.97 -28.18
C THR K 353 45.96 -48.71 -28.22
N PHE K 354 45.19 -49.76 -28.46
CA PHE K 354 43.74 -49.63 -28.56
C PHE K 354 43.13 -49.45 -27.17
N TYR K 355 42.07 -48.64 -27.11
CA TYR K 355 41.36 -48.37 -25.87
C TYR K 355 39.89 -48.74 -26.05
N PHE K 356 39.40 -49.62 -25.17
CA PHE K 356 38.02 -50.07 -25.26
C PHE K 356 37.04 -48.93 -24.99
N LYS K 357 37.33 -48.08 -24.00
CA LYS K 357 36.41 -47.03 -23.62
C LYS K 357 36.30 -45.92 -24.66
N GLU K 358 37.26 -45.83 -25.59
CA GLU K 358 37.23 -44.80 -26.62
C GLU K 358 36.43 -45.21 -27.84
N PHE K 359 36.34 -46.51 -28.14
CA PHE K 359 35.63 -46.95 -29.33
C PHE K 359 34.13 -47.07 -29.08
N ASN K 360 33.71 -47.29 -27.84
CA ASN K 360 32.31 -47.47 -27.51
C ASN K 360 31.62 -46.18 -27.05
N LYS K 361 32.33 -45.06 -27.03
CA LYS K 361 31.72 -43.83 -26.58
C LYS K 361 30.65 -43.35 -27.56
N GLU K 362 29.54 -42.86 -27.02
CA GLU K 362 28.43 -42.37 -27.84
C GLU K 362 28.62 -40.89 -28.13
N PRO K 363 28.50 -40.46 -29.38
CA PRO K 363 28.75 -39.04 -29.71
C PRO K 363 27.71 -38.13 -29.04
N LYS K 364 28.16 -36.93 -28.72
CA LYS K 364 27.31 -35.92 -28.11
C LYS K 364 26.76 -35.01 -29.18
N ARG K 365 25.45 -34.76 -29.15
CA ARG K 365 24.77 -33.98 -30.17
C ARG K 365 24.27 -32.67 -29.59
N ILE K 366 24.57 -31.57 -30.28
CA ILE K 366 24.01 -30.26 -29.99
C ILE K 366 23.08 -29.93 -31.14
N ILE K 367 21.78 -30.13 -30.94
CA ILE K 367 20.82 -29.94 -32.02
C ILE K 367 20.74 -28.48 -32.42
N LYS K 368 20.77 -27.57 -31.44
CA LYS K 368 20.67 -26.15 -31.74
C LYS K 368 21.86 -25.64 -32.54
N ASP K 369 22.97 -26.38 -32.56
CA ASP K 369 24.16 -25.98 -33.29
C ASP K 369 24.48 -26.86 -34.48
N ASN K 370 23.74 -27.95 -34.68
CA ASN K 370 23.96 -28.89 -35.79
C ASN K 370 25.39 -29.43 -35.76
N TRP K 371 25.70 -30.13 -34.66
CA TRP K 371 27.06 -30.61 -34.40
C TRP K 371 27.00 -31.97 -33.74
N VAL K 372 27.92 -32.85 -34.14
CA VAL K 372 28.13 -34.15 -33.50
C VAL K 372 29.61 -34.32 -33.24
N GLU K 373 29.93 -35.08 -32.19
CA GLU K 373 31.34 -35.27 -31.81
C GLU K 373 32.11 -35.97 -32.92
N PHE K 374 31.54 -37.03 -33.48
CA PHE K 374 32.17 -37.73 -34.60
C PHE K 374 31.07 -38.34 -35.46
N LYS K 375 31.42 -38.61 -36.72
CA LYS K 375 30.45 -39.09 -37.69
C LYS K 375 30.53 -40.59 -37.93
N ALA K 376 31.71 -41.20 -37.78
CA ALA K 376 31.87 -42.62 -38.01
C ALA K 376 33.08 -43.13 -37.26
N ARG K 377 33.16 -44.45 -37.13
CA ARG K 377 34.30 -45.12 -36.52
C ARG K 377 35.03 -45.94 -37.58
N ILE K 378 36.33 -45.73 -37.69
CA ILE K 378 37.18 -46.48 -38.61
C ILE K 378 38.34 -47.08 -37.83
N SER K 379 38.45 -48.39 -37.85
CA SER K 379 39.48 -49.09 -37.09
C SER K 379 39.95 -50.30 -37.89
N CYS K 380 41.03 -50.92 -37.42
CA CYS K 380 41.64 -52.05 -38.11
C CYS K 380 40.89 -53.33 -37.73
N ASN K 381 41.42 -54.47 -38.18
CA ASN K 381 40.82 -55.78 -37.94
C ASN K 381 41.53 -56.55 -36.83
N SER K 382 42.00 -55.84 -35.81
CA SER K 382 42.70 -56.50 -34.71
C SER K 382 41.74 -57.34 -33.88
N ASP K 383 42.31 -58.26 -33.09
CA ASP K 383 41.49 -59.11 -32.24
C ASP K 383 40.85 -58.31 -31.10
N GLU K 384 41.54 -57.29 -30.61
CA GLU K 384 41.02 -56.51 -29.47
C GLU K 384 39.89 -55.58 -29.87
N VAL K 385 39.71 -55.31 -31.17
CA VAL K 385 38.60 -54.49 -31.62
C VAL K 385 37.40 -55.33 -32.08
N ILE K 386 37.62 -56.60 -32.45
CA ILE K 386 36.50 -57.48 -32.78
C ILE K 386 35.68 -57.77 -31.53
N LYS K 387 36.36 -57.97 -30.39
CA LYS K 387 35.65 -58.17 -29.13
C LYS K 387 34.83 -56.94 -28.76
N CYS K 388 35.31 -55.74 -29.11
CA CYS K 388 34.54 -54.53 -28.85
C CYS K 388 33.26 -54.50 -29.68
N ILE K 389 33.32 -55.00 -30.93
CA ILE K 389 32.12 -55.05 -31.76
C ILE K 389 31.09 -56.00 -31.16
N ASN K 390 31.53 -57.16 -30.67
CA ASN K 390 30.60 -58.13 -30.10
C ASN K 390 29.90 -57.59 -28.84
N TYR K 391 30.47 -56.58 -28.20
CA TYR K 391 29.82 -55.99 -27.03
C TYR K 391 28.49 -55.36 -27.41
N LYS K 392 28.45 -54.65 -28.54
CA LYS K 392 27.23 -54.03 -29.06
C LYS K 392 27.01 -54.55 -30.48
N LYS K 393 26.23 -55.63 -30.59
CA LYS K 393 25.98 -56.23 -31.89
C LYS K 393 25.12 -55.30 -32.74
N CYS K 394 25.46 -55.20 -34.02
CA CYS K 394 24.80 -54.29 -34.94
C CYS K 394 23.54 -54.93 -35.51
N ASP K 395 22.59 -54.06 -35.88
CA ASP K 395 21.36 -54.54 -36.51
C ASP K 395 21.66 -55.18 -37.86
N ASP K 396 22.55 -54.57 -38.64
CA ASP K 396 22.95 -55.10 -39.93
C ASP K 396 24.47 -55.12 -40.01
N LEU K 397 25.04 -56.23 -40.49
CA LEU K 397 26.47 -56.39 -40.64
C LEU K 397 26.77 -56.67 -42.10
N TYR K 398 27.52 -55.78 -42.73
CA TYR K 398 27.88 -55.89 -44.14
C TYR K 398 29.33 -56.33 -44.26
N ILE K 399 29.56 -57.39 -45.03
CA ILE K 399 30.90 -57.92 -45.26
C ILE K 399 31.22 -57.76 -46.75
N VAL K 400 32.32 -57.07 -47.03
CA VAL K 400 32.79 -56.86 -48.39
C VAL K 400 34.04 -57.69 -48.60
N GLY K 401 34.08 -58.45 -49.70
CA GLY K 401 35.21 -59.30 -49.97
C GLY K 401 35.09 -60.65 -49.27
N GLY K 402 36.25 -61.26 -49.03
CA GLY K 402 36.30 -62.56 -48.40
C GLY K 402 37.01 -62.54 -47.05
N VAL K 403 36.81 -61.46 -46.29
CA VAL K 403 37.45 -61.34 -44.99
C VAL K 403 36.84 -62.34 -44.02
N ASP K 404 37.67 -62.92 -43.15
CA ASP K 404 37.20 -63.90 -42.19
C ASP K 404 36.48 -63.21 -41.04
N VAL K 405 35.30 -63.72 -40.69
CA VAL K 405 34.51 -63.16 -39.60
C VAL K 405 34.24 -64.25 -38.56
N SER K 406 35.19 -65.19 -38.44
CA SER K 406 35.00 -66.30 -37.52
C SER K 406 35.06 -65.89 -36.05
N LEU K 407 35.68 -64.74 -35.75
CA LEU K 407 35.80 -64.28 -34.38
C LEU K 407 34.64 -63.39 -33.94
N LEU K 408 33.70 -63.09 -34.83
CA LEU K 408 32.57 -62.24 -34.50
C LEU K 408 31.37 -63.09 -34.10
N ASP K 409 30.66 -62.64 -33.07
CA ASP K 409 29.45 -63.31 -32.61
C ASP K 409 28.33 -62.98 -33.59
N THR K 410 28.08 -63.88 -34.53
CA THR K 410 27.07 -63.69 -35.56
C THR K 410 25.71 -64.28 -35.17
N ALA K 411 25.44 -64.41 -33.88
CA ALA K 411 24.16 -64.95 -33.42
C ALA K 411 23.10 -63.87 -33.50
N ASP K 412 22.02 -64.13 -34.23
CA ASP K 412 20.91 -63.21 -34.39
C ASP K 412 21.38 -61.87 -34.96
N VAL K 413 22.35 -61.91 -35.86
CA VAL K 413 22.88 -60.74 -36.53
C VAL K 413 22.70 -60.91 -38.02
N ASN K 414 22.05 -59.93 -38.66
CA ASN K 414 21.81 -60.00 -40.10
C ASN K 414 23.11 -59.78 -40.85
N ILE K 415 23.49 -60.76 -41.67
CA ILE K 415 24.75 -60.72 -42.42
C ILE K 415 24.42 -60.63 -43.90
N GLU K 416 24.95 -59.60 -44.55
CA GLU K 416 24.81 -59.42 -46.00
C GLU K 416 26.20 -59.43 -46.62
N ASN K 417 26.43 -60.37 -47.54
CA ASN K 417 27.71 -60.50 -48.22
C ASN K 417 27.62 -59.84 -49.59
N LEU K 418 28.48 -58.86 -49.83
CA LEU K 418 28.49 -58.11 -51.07
C LEU K 418 29.68 -58.54 -51.92
N GLU K 419 29.40 -59.03 -53.12
CA GLU K 419 30.43 -59.47 -54.06
C GLU K 419 30.66 -58.33 -55.05
N ILE K 420 31.68 -57.51 -54.77
CA ILE K 420 31.97 -56.33 -55.57
C ILE K 420 33.47 -56.27 -55.84
N ASN K 421 33.83 -55.48 -56.86
CA ASN K 421 35.23 -55.20 -57.15
C ASN K 421 35.46 -53.74 -57.51
N ASN K 422 34.51 -52.87 -57.19
CA ASN K 422 34.63 -51.44 -57.48
C ASN K 422 33.82 -50.66 -56.46
N PHE K 423 34.17 -49.38 -56.29
CA PHE K 423 33.40 -48.52 -55.40
C PHE K 423 32.07 -48.11 -56.01
N ARG K 424 31.99 -48.02 -57.34
CA ARG K 424 30.73 -47.70 -57.99
C ARG K 424 29.68 -48.78 -57.72
N GLU K 425 30.08 -50.04 -57.77
CA GLU K 425 29.16 -51.13 -57.45
C GLU K 425 28.73 -51.08 -55.99
N LEU K 426 29.65 -50.73 -55.08
CA LEU K 426 29.29 -50.60 -53.67
C LEU K 426 28.28 -49.49 -53.48
N LYS K 427 28.47 -48.35 -54.14
CA LYS K 427 27.52 -47.26 -54.04
C LYS K 427 26.17 -47.65 -54.63
N TYR K 428 26.18 -48.37 -55.75
CA TYR K 428 24.93 -48.81 -56.37
C TYR K 428 24.16 -49.77 -55.46
N LEU K 429 24.88 -50.69 -54.81
CA LEU K 429 24.23 -51.65 -53.92
C LEU K 429 23.59 -50.95 -52.72
N LEU K 430 24.28 -49.95 -52.16
CA LEU K 430 23.78 -49.21 -51.00
C LEU K 430 22.82 -48.10 -51.38
N SER K 431 22.25 -48.14 -52.58
CA SER K 431 21.26 -47.15 -53.05
C SER K 431 21.82 -45.73 -53.02
N MET K 432 23.12 -45.59 -53.24
CA MET K 432 23.75 -44.27 -53.31
C MET K 432 23.84 -43.73 -54.72
N LEU K 433 23.47 -44.52 -55.72
CA LEU K 433 23.51 -44.10 -57.12
C LEU K 433 22.35 -44.74 -57.86
N LYS K 434 22.01 -44.16 -59.01
CA LYS K 434 20.95 -44.68 -59.86
C LYS K 434 21.47 -45.42 -61.08
N GLU K 435 22.67 -45.09 -61.55
CA GLU K 435 23.25 -45.72 -62.72
C GLU K 435 24.04 -46.96 -62.31
N ILE K 436 24.80 -47.51 -63.25
CA ILE K 436 25.59 -48.73 -63.07
C ILE K 436 24.69 -49.93 -62.78
N VAL L 257 -16.13 -67.36 -66.37
CA VAL L 257 -15.82 -66.72 -65.10
C VAL L 257 -15.06 -65.42 -65.34
N LEU L 258 -14.32 -65.37 -66.46
CA LEU L 258 -13.55 -64.17 -66.78
C LEU L 258 -14.47 -63.00 -67.11
N THR L 259 -15.56 -63.26 -67.83
CA THR L 259 -16.48 -62.19 -68.20
C THR L 259 -17.14 -61.59 -66.97
N ARG L 260 -17.53 -62.43 -66.00
CA ARG L 260 -18.15 -61.93 -64.79
C ARG L 260 -17.17 -61.13 -63.94
N LYS L 261 -15.88 -61.45 -64.01
CA LYS L 261 -14.89 -60.69 -63.25
C LYS L 261 -14.80 -59.25 -63.73
N GLN L 262 -14.89 -59.04 -65.05
CA GLN L 262 -14.73 -57.70 -65.61
C GLN L 262 -15.97 -56.85 -65.40
N LEU L 263 -17.16 -57.45 -65.52
CA LEU L 263 -18.40 -56.69 -65.33
C LEU L 263 -18.49 -56.15 -63.91
N LEU L 264 -18.13 -56.96 -62.92
CA LEU L 264 -18.08 -56.46 -61.55
C LEU L 264 -16.98 -55.41 -61.37
N LYS L 265 -15.96 -55.42 -62.24
CA LYS L 265 -14.96 -54.36 -62.19
C LYS L 265 -15.53 -53.03 -62.64
N VAL L 266 -16.34 -53.03 -63.70
CA VAL L 266 -16.91 -51.76 -64.16
C VAL L 266 -18.03 -51.27 -63.26
N ARG L 267 -18.70 -52.16 -62.51
CA ARG L 267 -19.71 -51.71 -61.56
C ARG L 267 -19.06 -51.04 -60.35
N LYS L 268 -17.80 -51.35 -60.06
CA LYS L 268 -17.11 -50.75 -58.93
C LYS L 268 -16.86 -49.26 -59.15
N ASN L 269 -16.38 -48.89 -60.34
CA ASN L 269 -15.99 -47.51 -60.60
C ASN L 269 -17.18 -46.56 -60.58
N GLN L 270 -18.39 -47.06 -60.76
CA GLN L 270 -19.57 -46.21 -60.65
C GLN L 270 -19.88 -45.84 -59.21
N LEU L 271 -19.36 -46.59 -58.24
CA LEU L 271 -19.59 -46.32 -56.83
C LEU L 271 -18.39 -45.69 -56.14
N VAL L 272 -17.24 -45.63 -56.80
CA VAL L 272 -16.04 -45.07 -56.18
C VAL L 272 -16.22 -43.61 -55.78
N PRO L 273 -16.71 -42.71 -56.66
CA PRO L 273 -16.87 -41.32 -56.22
C PRO L 273 -17.81 -41.13 -55.05
N SER L 274 -18.86 -41.94 -54.94
CA SER L 274 -19.79 -41.81 -53.83
C SER L 274 -19.17 -42.32 -52.53
N LEU L 275 -18.38 -43.39 -52.60
CA LEU L 275 -17.78 -43.98 -51.41
C LEU L 275 -16.39 -43.39 -51.14
N ASN L 276 -16.31 -42.06 -51.16
CA ASN L 276 -15.06 -41.38 -50.86
C ASN L 276 -15.27 -40.17 -49.96
N ILE L 277 -16.50 -39.71 -49.83
CA ILE L 277 -16.79 -38.52 -49.03
C ILE L 277 -16.87 -38.92 -47.56
N ASN L 278 -16.17 -38.17 -46.70
CA ASN L 278 -16.07 -38.52 -45.30
C ASN L 278 -17.39 -38.40 -44.55
N SER L 279 -18.36 -37.65 -45.09
CA SER L 279 -19.65 -37.42 -44.43
C SER L 279 -20.77 -37.70 -45.43
N ARG L 280 -21.22 -38.95 -45.47
CA ARG L 280 -22.36 -39.33 -46.28
C ARG L 280 -23.22 -40.33 -45.51
N SER L 281 -24.53 -40.28 -45.76
CA SER L 281 -25.48 -41.17 -45.11
C SER L 281 -25.79 -42.31 -46.08
N ARG L 282 -25.28 -43.50 -45.78
CA ARG L 282 -25.49 -44.68 -46.61
C ARG L 282 -26.37 -45.68 -45.88
N TYR L 283 -27.44 -46.10 -46.53
CA TYR L 283 -28.36 -47.10 -46.00
C TYR L 283 -28.25 -48.38 -46.82
N PHE L 284 -28.29 -49.52 -46.14
CA PHE L 284 -28.22 -50.83 -46.78
C PHE L 284 -29.47 -51.63 -46.44
N ILE L 285 -30.13 -52.16 -47.47
CA ILE L 285 -31.26 -53.06 -47.30
C ILE L 285 -30.83 -54.40 -47.89
N ILE L 286 -30.70 -55.41 -47.04
CA ILE L 286 -30.07 -56.68 -47.40
C ILE L 286 -31.10 -57.80 -47.26
N ASP L 287 -31.11 -58.70 -48.25
CA ASP L 287 -31.88 -59.93 -48.15
C ASP L 287 -30.92 -61.06 -47.79
N PRO L 288 -31.02 -61.64 -46.59
CA PRO L 288 -30.03 -62.65 -46.18
C PRO L 288 -29.99 -63.88 -47.07
N ASP L 289 -31.11 -64.25 -47.68
CA ASP L 289 -31.17 -65.48 -48.46
C ASP L 289 -30.35 -65.42 -49.74
N THR L 290 -29.96 -64.23 -50.19
CA THR L 290 -29.25 -64.07 -51.44
C THR L 290 -27.73 -64.06 -51.28
N ILE L 291 -27.22 -64.19 -50.06
CA ILE L 291 -25.80 -64.18 -49.79
C ILE L 291 -25.41 -65.50 -49.15
N ASP L 292 -24.38 -66.15 -49.69
CA ASP L 292 -23.90 -67.41 -49.15
C ASP L 292 -23.21 -67.17 -47.81
N ASN L 293 -23.54 -68.00 -46.82
CA ASN L 293 -22.96 -67.92 -45.48
C ASN L 293 -23.16 -66.54 -44.88
N PHE L 294 -24.42 -66.11 -44.86
CA PHE L 294 -24.74 -64.78 -44.32
C PHE L 294 -24.55 -64.73 -42.81
N ASP L 295 -25.00 -65.75 -42.10
CA ASP L 295 -24.93 -65.73 -40.63
C ASP L 295 -23.49 -65.74 -40.14
N ASP L 296 -22.62 -66.51 -40.79
CA ASP L 296 -21.25 -66.67 -40.33
C ASP L 296 -20.33 -65.53 -40.75
N GLU L 297 -20.78 -64.61 -41.60
CA GLU L 297 -19.92 -63.56 -42.12
C GLU L 297 -20.53 -62.17 -42.01
N PHE L 298 -21.69 -62.03 -41.36
CA PHE L 298 -22.32 -60.72 -41.27
C PHE L 298 -21.53 -59.78 -40.37
N ILE L 299 -21.14 -60.27 -39.18
CA ILE L 299 -20.42 -59.42 -38.24
C ILE L 299 -19.05 -59.05 -38.79
N LEU L 300 -18.36 -59.99 -39.42
CA LEU L 300 -17.06 -59.70 -40.01
C LEU L 300 -17.18 -58.67 -41.13
N PHE L 301 -18.21 -58.78 -41.97
CA PHE L 301 -18.44 -57.79 -43.01
C PHE L 301 -18.71 -56.42 -42.42
N VAL L 302 -19.57 -56.35 -41.40
CA VAL L 302 -19.88 -55.07 -40.78
C VAL L 302 -18.65 -54.48 -40.11
N LYS L 303 -17.93 -55.29 -39.34
CA LYS L 303 -16.72 -54.80 -38.67
C LYS L 303 -15.69 -54.32 -39.68
N ASP L 304 -15.61 -54.99 -40.84
CA ASP L 304 -14.71 -54.52 -41.90
C ASP L 304 -15.19 -53.20 -42.50
N TYR L 305 -16.50 -52.92 -42.43
CA TYR L 305 -17.04 -51.68 -42.97
C TYR L 305 -16.72 -50.49 -42.08
N LEU L 306 -16.79 -50.69 -40.75
CA LEU L 306 -16.54 -49.59 -39.83
C LEU L 306 -15.09 -49.13 -39.86
N ASP L 307 -14.14 -50.05 -39.95
CA ASP L 307 -12.73 -49.64 -39.90
C ASP L 307 -12.30 -48.82 -41.11
N LYS L 308 -13.11 -48.76 -42.16
CA LYS L 308 -12.81 -47.96 -43.34
C LYS L 308 -13.69 -46.74 -43.50
N TYR L 309 -14.99 -46.86 -43.19
CA TYR L 309 -15.93 -45.76 -43.43
C TYR L 309 -16.44 -45.09 -42.16
N ASN L 310 -16.24 -45.69 -40.99
CA ASN L 310 -16.68 -45.08 -39.73
C ASN L 310 -15.60 -45.24 -38.67
N SER L 311 -14.35 -45.02 -39.04
CA SER L 311 -13.22 -45.21 -38.13
C SER L 311 -12.67 -43.91 -37.56
N LYS L 312 -13.07 -42.77 -38.08
CA LYS L 312 -12.57 -41.47 -37.62
C LYS L 312 -13.69 -40.69 -36.97
N ILE L 313 -13.48 -40.26 -35.73
CA ILE L 313 -14.49 -39.50 -35.00
C ILE L 313 -14.64 -38.10 -35.59
N LYS L 314 -13.53 -37.47 -35.95
CA LYS L 314 -13.59 -36.09 -36.43
C LYS L 314 -14.15 -36.01 -37.85
N LEU L 315 -13.77 -36.94 -38.72
CA LEU L 315 -14.14 -36.87 -40.12
C LEU L 315 -15.48 -37.54 -40.40
N HIS L 316 -15.60 -38.81 -40.07
CA HIS L 316 -16.83 -39.56 -40.31
C HIS L 316 -17.87 -39.18 -39.26
N THR L 317 -19.00 -38.62 -39.71
CA THR L 317 -20.02 -38.12 -38.80
C THR L 317 -21.41 -38.65 -39.14
N GLU L 318 -21.51 -39.77 -39.85
CA GLU L 318 -22.79 -40.37 -40.18
C GLU L 318 -22.77 -41.84 -39.83
N THR L 319 -23.92 -42.34 -39.37
CA THR L 319 -24.05 -43.70 -38.88
C THR L 319 -24.68 -44.59 -39.92
N PRO L 320 -24.01 -45.65 -40.37
CA PRO L 320 -24.63 -46.55 -41.36
C PRO L 320 -25.83 -47.26 -40.79
N CYS L 321 -26.77 -47.60 -41.67
CA CYS L 321 -27.99 -48.30 -41.32
C CYS L 321 -28.10 -49.58 -42.15
N PHE L 322 -28.27 -50.72 -41.48
CA PHE L 322 -28.42 -52.01 -42.14
C PHE L 322 -29.81 -52.56 -41.81
N ILE L 323 -30.63 -52.72 -42.84
CA ILE L 323 -31.97 -53.28 -42.71
C ILE L 323 -31.98 -54.65 -43.36
N LEU L 324 -32.42 -55.66 -42.61
CA LEU L 324 -32.40 -57.04 -43.07
C LEU L 324 -33.81 -57.58 -43.21
N LYS L 325 -33.99 -58.50 -44.16
CA LYS L 325 -35.27 -59.15 -44.38
C LYS L 325 -35.29 -60.44 -43.58
N THR L 326 -35.49 -60.29 -42.27
CA THR L 326 -35.50 -61.41 -41.35
C THR L 326 -36.46 -61.11 -40.21
N ASP L 327 -36.61 -62.08 -39.30
CA ASP L 327 -37.49 -61.93 -38.16
C ASP L 327 -36.80 -61.17 -37.03
N VAL L 328 -37.60 -60.65 -36.12
CA VAL L 328 -37.07 -59.91 -34.98
C VAL L 328 -36.28 -60.83 -34.06
N ASN L 329 -36.68 -62.11 -33.96
CA ASN L 329 -35.97 -63.05 -33.10
C ASN L 329 -34.53 -63.25 -33.55
N ASN L 330 -34.31 -63.41 -34.85
CA ASN L 330 -32.95 -63.57 -35.36
C ASN L 330 -32.12 -62.31 -35.19
N LEU L 331 -32.76 -61.16 -35.04
CA LEU L 331 -32.03 -59.92 -34.81
C LEU L 331 -31.37 -59.89 -33.44
N SER L 332 -32.00 -60.54 -32.45
CA SER L 332 -31.44 -60.57 -31.11
C SER L 332 -30.11 -61.33 -31.08
N GLU L 333 -30.02 -62.42 -31.83
CA GLU L 333 -28.76 -63.17 -31.90
C GLU L 333 -27.65 -62.32 -32.53
N TYR L 334 -27.99 -61.57 -33.58
CA TYR L 334 -27.02 -60.67 -34.18
C TYR L 334 -26.57 -59.60 -33.18
N HIS L 335 -27.52 -59.06 -32.41
CA HIS L 335 -27.17 -58.10 -31.38
C HIS L 335 -26.22 -58.72 -30.34
N LYS L 336 -26.53 -59.95 -29.92
CA LYS L 336 -25.67 -60.63 -28.94
C LYS L 336 -24.26 -60.82 -29.49
N ARG L 337 -24.15 -61.24 -30.76
CA ARG L 337 -22.83 -61.47 -31.34
C ARG L 337 -22.06 -60.17 -31.49
N PHE L 338 -22.75 -59.08 -31.88
CA PHE L 338 -22.09 -57.78 -31.99
C PHE L 338 -21.61 -57.29 -30.62
N VAL L 339 -22.42 -57.50 -29.58
CA VAL L 339 -21.99 -57.12 -28.23
C VAL L 339 -20.78 -57.94 -27.80
N SER L 340 -20.80 -59.25 -28.09
CA SER L 340 -19.66 -60.10 -27.74
C SER L 340 -18.41 -59.72 -28.53
N ARG L 341 -18.58 -59.14 -29.71
CA ARG L 341 -17.46 -58.70 -30.54
C ARG L 341 -17.03 -57.26 -30.22
N ASN L 342 -17.67 -56.63 -29.23
CA ASN L 342 -17.33 -55.27 -28.79
C ASN L 342 -17.61 -54.24 -29.90
N ILE L 343 -18.77 -54.36 -30.53
CA ILE L 343 -19.25 -53.38 -31.51
C ILE L 343 -20.57 -52.83 -30.99
N GLN L 344 -20.66 -51.51 -30.86
CA GLN L 344 -21.83 -50.87 -30.28
C GLN L 344 -22.82 -50.54 -31.39
N ILE L 345 -24.02 -51.12 -31.32
CA ILE L 345 -25.07 -50.88 -32.28
C ILE L 345 -26.37 -50.62 -31.54
N ILE L 346 -27.32 -50.03 -32.24
CA ILE L 346 -28.67 -49.84 -31.73
C ILE L 346 -29.65 -50.50 -32.71
N THR L 347 -30.76 -50.99 -32.17
CA THR L 347 -31.78 -51.68 -32.94
C THR L 347 -33.12 -50.99 -32.90
N GLY L 348 -33.47 -50.31 -31.82
CA GLY L 348 -34.79 -49.75 -31.64
C GLY L 348 -35.81 -50.72 -31.11
N TYR L 349 -35.42 -51.96 -30.84
CA TYR L 349 -36.32 -52.99 -30.35
C TYR L 349 -35.98 -53.29 -28.89
N ILE L 350 -36.96 -53.10 -28.00
CA ILE L 350 -36.83 -53.54 -26.62
C ILE L 350 -37.80 -54.70 -26.42
N GLY L 351 -37.29 -55.92 -26.57
CA GLY L 351 -38.14 -57.09 -26.49
C GLY L 351 -38.76 -57.42 -27.84
N ASP L 352 -40.01 -57.01 -28.03
CA ASP L 352 -40.70 -57.18 -29.29
C ASP L 352 -41.42 -55.92 -29.75
N THR L 353 -41.17 -54.80 -29.10
CA THR L 353 -41.81 -53.52 -29.43
C THR L 353 -40.77 -52.55 -29.98
N PHE L 354 -41.03 -51.99 -31.15
CA PHE L 354 -40.15 -51.03 -31.77
C PHE L 354 -40.44 -49.63 -31.23
N TYR L 355 -39.37 -48.87 -31.00
CA TYR L 355 -39.47 -47.51 -30.48
C TYR L 355 -38.84 -46.54 -31.46
N PHE L 356 -39.60 -45.52 -31.87
CA PHE L 356 -39.14 -44.57 -32.86
C PHE L 356 -37.99 -43.72 -32.32
N LYS L 357 -38.07 -43.29 -31.06
CA LYS L 357 -37.06 -42.39 -30.51
C LYS L 357 -35.71 -43.09 -30.36
N GLU L 358 -35.73 -44.38 -30.01
CA GLU L 358 -34.48 -45.12 -29.86
C GLU L 358 -33.76 -45.25 -31.20
N PHE L 359 -34.50 -45.48 -32.28
CA PHE L 359 -33.88 -45.67 -33.59
C PHE L 359 -33.40 -44.37 -34.20
N ASN L 360 -34.09 -43.26 -33.95
CA ASN L 360 -33.82 -42.00 -34.63
C ASN L 360 -32.80 -41.12 -33.90
N LYS L 361 -32.34 -41.52 -32.73
CA LYS L 361 -31.40 -40.70 -31.98
C LYS L 361 -30.02 -40.70 -32.64
N GLU L 362 -29.30 -39.59 -32.47
CA GLU L 362 -27.96 -39.44 -33.01
C GLU L 362 -26.91 -39.79 -31.95
N PRO L 363 -25.85 -40.49 -32.34
CA PRO L 363 -24.84 -40.89 -31.35
C PRO L 363 -24.08 -39.69 -30.80
N LYS L 364 -23.66 -39.82 -29.55
CA LYS L 364 -22.83 -38.81 -28.91
C LYS L 364 -21.36 -39.12 -29.14
N ARG L 365 -20.54 -38.06 -29.12
CA ARG L 365 -19.12 -38.18 -29.42
C ARG L 365 -18.29 -37.46 -28.36
N ILE L 366 -17.16 -38.07 -28.01
CA ILE L 366 -16.15 -37.45 -27.16
C ILE L 366 -14.82 -37.60 -27.89
N ILE L 367 -14.32 -36.49 -28.44
CA ILE L 367 -13.13 -36.56 -29.29
C ILE L 367 -11.89 -36.90 -28.48
N LYS L 368 -11.77 -36.34 -27.27
CA LYS L 368 -10.58 -36.57 -26.46
C LYS L 368 -10.47 -38.02 -25.98
N ASP L 369 -11.55 -38.79 -26.06
CA ASP L 369 -11.52 -40.19 -25.65
C ASP L 369 -11.75 -41.17 -26.80
N ASN L 370 -11.96 -40.67 -28.02
CA ASN L 370 -12.23 -41.51 -29.19
C ASN L 370 -13.44 -42.41 -28.96
N TRP L 371 -14.45 -41.86 -28.27
CA TRP L 371 -15.64 -42.61 -27.93
C TRP L 371 -16.83 -42.12 -28.73
N VAL L 372 -17.59 -43.06 -29.29
CA VAL L 372 -18.87 -42.78 -29.93
C VAL L 372 -19.89 -43.75 -29.35
N GLU L 373 -21.13 -43.26 -29.17
CA GLU L 373 -22.15 -44.07 -28.51
C GLU L 373 -22.41 -45.36 -29.27
N PHE L 374 -22.87 -45.25 -30.51
CA PHE L 374 -23.09 -46.41 -31.36
C PHE L 374 -22.59 -46.11 -32.76
N LYS L 375 -22.21 -47.16 -33.48
CA LYS L 375 -21.59 -47.02 -34.78
C LYS L 375 -22.42 -47.58 -35.93
N ALA L 376 -23.57 -48.19 -35.65
CA ALA L 376 -24.43 -48.72 -36.70
C ALA L 376 -25.85 -48.84 -36.19
N ARG L 377 -26.80 -48.87 -37.11
CA ARG L 377 -28.20 -49.10 -36.82
C ARG L 377 -28.64 -50.33 -37.62
N ILE L 378 -28.73 -51.47 -36.95
CA ILE L 378 -29.12 -52.73 -37.56
C ILE L 378 -30.53 -53.08 -37.10
N SER L 379 -31.44 -53.28 -38.05
CA SER L 379 -32.83 -53.52 -37.75
C SER L 379 -33.44 -54.38 -38.85
N CYS L 380 -34.70 -54.75 -38.67
CA CYS L 380 -35.44 -55.55 -39.64
C CYS L 380 -36.31 -54.67 -40.52
N ASN L 381 -36.89 -55.28 -41.54
CA ASN L 381 -37.70 -54.55 -42.53
C ASN L 381 -39.17 -54.53 -42.14
N SER L 382 -39.47 -54.12 -40.91
CA SER L 382 -40.85 -53.96 -40.50
C SER L 382 -41.40 -52.62 -41.00
N ASP L 383 -42.72 -52.47 -40.87
CA ASP L 383 -43.36 -51.24 -41.33
C ASP L 383 -42.88 -50.04 -40.54
N GLU L 384 -42.73 -50.19 -39.22
CA GLU L 384 -42.28 -49.08 -38.39
C GLU L 384 -40.86 -48.66 -38.74
N VAL L 385 -39.98 -49.63 -38.99
CA VAL L 385 -38.60 -49.30 -39.36
C VAL L 385 -38.56 -48.55 -40.67
N ILE L 386 -39.35 -49.01 -41.65
CA ILE L 386 -39.38 -48.35 -42.96
C ILE L 386 -39.93 -46.93 -42.82
N LYS L 387 -40.97 -46.76 -42.00
CA LYS L 387 -41.52 -45.42 -41.79
C LYS L 387 -40.49 -44.51 -41.13
N CYS L 388 -39.73 -45.04 -40.17
CA CYS L 388 -38.68 -44.25 -39.54
C CYS L 388 -37.59 -43.89 -40.54
N ILE L 389 -37.28 -44.79 -41.47
CA ILE L 389 -36.27 -44.52 -42.49
C ILE L 389 -36.72 -43.38 -43.39
N ASN L 390 -37.99 -43.38 -43.79
CA ASN L 390 -38.51 -42.33 -44.67
C ASN L 390 -38.47 -40.96 -44.00
N TYR L 391 -38.53 -40.91 -42.67
CA TYR L 391 -38.49 -39.63 -41.98
C TYR L 391 -37.15 -38.93 -42.19
N LYS L 392 -36.05 -39.69 -42.17
CA LYS L 392 -34.71 -39.17 -42.37
C LYS L 392 -34.14 -39.84 -43.63
N LYS L 393 -34.38 -39.22 -44.77
CA LYS L 393 -33.91 -39.79 -46.03
C LYS L 393 -32.39 -39.77 -46.11
N CYS L 394 -31.84 -40.74 -46.83
CA CYS L 394 -30.40 -40.94 -46.94
C CYS L 394 -29.89 -40.44 -48.29
N ASP L 395 -28.59 -40.15 -48.33
CA ASP L 395 -27.97 -39.73 -49.58
C ASP L 395 -27.79 -40.89 -50.54
N ASP L 396 -27.39 -42.05 -50.04
CA ASP L 396 -27.18 -43.24 -50.84
C ASP L 396 -27.95 -44.40 -50.24
N LEU L 397 -28.66 -45.15 -51.09
CA LEU L 397 -29.41 -46.33 -50.68
C LEU L 397 -28.95 -47.51 -51.52
N TYR L 398 -28.64 -48.63 -50.84
CA TYR L 398 -28.10 -49.81 -51.50
C TYR L 398 -29.08 -50.96 -51.31
N ILE L 399 -29.76 -51.34 -52.40
CA ILE L 399 -30.68 -52.47 -52.39
C ILE L 399 -29.91 -53.68 -52.89
N VAL L 400 -29.49 -54.54 -51.98
CA VAL L 400 -28.74 -55.75 -52.30
C VAL L 400 -29.62 -56.96 -52.00
N GLY L 401 -29.71 -57.88 -52.95
CA GLY L 401 -30.50 -59.08 -52.81
C GLY L 401 -31.85 -59.04 -53.49
N GLY L 402 -32.19 -57.96 -54.18
CA GLY L 402 -33.47 -57.88 -54.85
C GLY L 402 -34.66 -57.74 -53.93
N VAL L 403 -34.45 -57.25 -52.70
CA VAL L 403 -35.55 -57.08 -51.77
C VAL L 403 -36.49 -55.99 -52.28
N ASP L 404 -37.77 -56.10 -51.89
CA ASP L 404 -38.78 -55.15 -52.36
C ASP L 404 -38.42 -53.74 -51.92
N VAL L 405 -38.52 -52.79 -52.85
CA VAL L 405 -38.21 -51.39 -52.59
C VAL L 405 -39.47 -50.57 -52.31
N SER L 406 -40.65 -51.09 -52.64
CA SER L 406 -41.89 -50.37 -52.41
C SER L 406 -42.10 -50.11 -50.92
N LEU L 407 -43.06 -49.23 -50.63
CA LEU L 407 -43.40 -48.73 -49.30
C LEU L 407 -42.29 -47.85 -48.72
N LEU L 408 -41.20 -47.65 -49.45
CA LEU L 408 -40.09 -46.82 -49.01
C LEU L 408 -40.04 -45.57 -49.87
N ASP L 409 -40.00 -44.40 -49.23
CA ASP L 409 -40.01 -43.12 -49.95
C ASP L 409 -38.68 -42.96 -50.66
N THR L 410 -38.68 -43.18 -51.97
CA THR L 410 -37.49 -43.03 -52.82
C THR L 410 -37.72 -41.96 -53.87
N ALA L 411 -38.38 -40.87 -53.48
CA ALA L 411 -38.71 -39.81 -54.42
C ALA L 411 -37.45 -39.13 -54.94
N ASP L 412 -36.47 -38.88 -54.06
CA ASP L 412 -35.28 -38.13 -54.46
C ASP L 412 -34.01 -38.72 -53.87
N VAL L 413 -34.00 -40.03 -53.61
CA VAL L 413 -32.81 -40.70 -53.10
C VAL L 413 -32.11 -41.38 -54.26
N ASN L 414 -30.82 -41.66 -54.07
CA ASN L 414 -29.99 -42.27 -55.10
C ASN L 414 -29.94 -43.77 -54.86
N ILE L 415 -30.87 -44.49 -55.49
CA ILE L 415 -30.90 -45.94 -55.36
C ILE L 415 -29.76 -46.54 -56.19
N GLU L 416 -29.04 -47.49 -55.60
CA GLU L 416 -27.92 -48.17 -56.25
C GLU L 416 -28.08 -49.67 -56.02
N ASN L 417 -28.74 -50.34 -56.96
CA ASN L 417 -28.95 -51.77 -56.84
C ASN L 417 -27.63 -52.51 -57.00
N LEU L 418 -27.37 -53.46 -56.11
CA LEU L 418 -26.14 -54.26 -56.13
C LEU L 418 -26.50 -55.72 -56.29
N GLU L 419 -25.87 -56.37 -57.26
CA GLU L 419 -26.11 -57.78 -57.56
C GLU L 419 -24.86 -58.57 -57.21
N ILE L 420 -24.92 -59.33 -56.12
CA ILE L 420 -23.80 -60.11 -55.61
C ILE L 420 -24.29 -61.52 -55.28
N ASN L 421 -23.36 -62.37 -54.89
CA ASN L 421 -23.68 -63.73 -54.45
C ASN L 421 -23.06 -64.02 -53.09
N ASN L 422 -21.93 -63.39 -52.79
CA ASN L 422 -21.22 -63.59 -51.54
C ASN L 422 -20.66 -62.26 -51.05
N PHE L 423 -20.11 -62.28 -49.84
CA PHE L 423 -19.60 -61.05 -49.22
C PHE L 423 -18.29 -60.59 -49.83
N ARG L 424 -17.53 -61.50 -50.46
CA ARG L 424 -16.30 -61.08 -51.12
C ARG L 424 -16.58 -60.13 -52.26
N GLU L 425 -17.63 -60.39 -53.03
CA GLU L 425 -18.03 -59.47 -54.09
C GLU L 425 -18.51 -58.14 -53.52
N LEU L 426 -19.26 -58.18 -52.42
CA LEU L 426 -19.79 -56.95 -51.83
C LEU L 426 -18.65 -56.04 -51.36
N LYS L 427 -17.65 -56.61 -50.71
CA LYS L 427 -16.50 -55.81 -50.28
C LYS L 427 -15.73 -55.26 -51.47
N TYR L 428 -15.68 -56.01 -52.57
CA TYR L 428 -15.04 -55.51 -53.78
C TYR L 428 -15.77 -54.28 -54.33
N LEU L 429 -17.10 -54.31 -54.34
CA LEU L 429 -17.87 -53.19 -54.88
C LEU L 429 -17.75 -51.96 -54.00
N LEU L 430 -17.70 -52.15 -52.68
CA LEU L 430 -17.57 -51.04 -51.74
C LEU L 430 -16.12 -50.65 -51.48
N SER L 431 -15.20 -51.10 -52.34
CA SER L 431 -13.78 -50.74 -52.27
C SER L 431 -13.15 -51.13 -50.93
N MET L 432 -13.59 -52.25 -50.35
CA MET L 432 -13.00 -52.76 -49.13
C MET L 432 -11.88 -53.75 -49.37
N LEU L 433 -11.65 -54.15 -50.61
CA LEU L 433 -10.53 -55.02 -50.98
C LEU L 433 -10.26 -54.84 -52.46
N LYS L 434 -9.25 -55.56 -52.95
CA LYS L 434 -8.84 -55.47 -54.34
C LYS L 434 -8.88 -56.80 -55.08
N GLU L 435 -8.54 -57.90 -54.40
CA GLU L 435 -8.55 -59.23 -55.01
C GLU L 435 -9.86 -59.91 -54.65
N ILE L 436 -10.77 -60.01 -55.62
CA ILE L 436 -12.06 -60.65 -55.41
C ILE L 436 -11.88 -62.16 -55.26
N MET M 1 -25.30 2.69 -29.51
CA MET M 1 -25.87 3.24 -30.73
C MET M 1 -25.43 4.68 -30.94
N LYS M 2 -26.04 5.60 -30.18
CA LYS M 2 -25.69 7.01 -30.32
C LYS M 2 -24.24 7.27 -29.89
N ILE M 3 -23.82 6.65 -28.79
CA ILE M 3 -22.43 6.73 -28.32
C ILE M 3 -21.75 5.36 -28.41
N GLY M 4 -22.32 4.36 -27.76
CA GLY M 4 -21.73 3.04 -27.77
C GLY M 4 -22.46 2.12 -26.80
N SER M 5 -21.91 0.91 -26.67
CA SER M 5 -22.47 -0.11 -25.81
C SER M 5 -21.63 -0.23 -24.54
N VAL M 6 -22.19 -0.96 -23.57
CA VAL M 6 -21.53 -1.18 -22.29
C VAL M 6 -20.73 -2.48 -22.36
N ILE M 7 -19.55 -2.47 -21.75
CA ILE M 7 -18.67 -3.63 -21.75
C ILE M 7 -18.67 -4.35 -20.40
N GLU M 8 -18.70 -3.59 -19.31
CA GLU M 8 -18.72 -4.15 -17.96
C GLU M 8 -19.74 -3.40 -17.12
N SER M 9 -20.48 -4.15 -16.31
CA SER M 9 -21.51 -3.58 -15.44
C SER M 9 -21.24 -3.98 -14.00
N SER M 10 -21.18 -2.99 -13.13
CA SER M 10 -21.01 -3.17 -11.69
C SER M 10 -21.94 -2.21 -10.98
N PRO M 11 -22.31 -2.51 -9.72
CA PRO M 11 -23.21 -1.60 -9.00
C PRO M 11 -22.62 -0.22 -8.77
N HIS M 12 -21.31 -0.05 -8.86
CA HIS M 12 -20.67 1.24 -8.64
C HIS M 12 -19.99 1.81 -9.88
N SER M 13 -19.88 1.04 -10.96
CA SER M 13 -19.22 1.53 -12.17
C SER M 13 -19.69 0.72 -13.37
N ILE M 14 -19.87 1.41 -14.49
CA ILE M 14 -20.19 0.79 -15.77
C ILE M 14 -19.18 1.27 -16.80
N LEU M 15 -18.62 0.32 -17.55
CA LEU M 15 -17.67 0.64 -18.62
C LEU M 15 -18.42 0.72 -19.95
N VAL M 16 -18.18 1.80 -20.68
CA VAL M 16 -18.86 2.06 -21.95
C VAL M 16 -17.80 2.20 -23.04
N LYS M 17 -18.00 1.49 -24.14
CA LYS M 17 -17.08 1.53 -25.27
C LYS M 17 -17.68 2.39 -26.38
N ILE M 18 -16.93 3.42 -26.79
CA ILE M 18 -17.39 4.29 -27.87
C ILE M 18 -17.32 3.52 -29.19
N ASP M 19 -18.26 3.84 -30.09
CA ASP M 19 -18.37 3.12 -31.36
C ASP M 19 -17.10 3.27 -32.21
N THR M 20 -16.82 4.49 -32.67
CA THR M 20 -15.62 4.77 -33.44
C THR M 20 -15.10 6.15 -33.03
N LEU M 21 -14.12 6.65 -33.77
CA LEU M 21 -13.50 7.92 -33.44
C LEU M 21 -14.35 9.11 -33.85
N LYS M 22 -15.10 8.99 -34.95
CA LYS M 22 -15.85 10.13 -35.46
C LYS M 22 -16.98 10.54 -34.51
N ILE M 23 -17.69 9.57 -33.93
CA ILE M 23 -18.74 9.89 -32.97
C ILE M 23 -18.13 10.53 -31.72
N PHE M 24 -16.97 10.03 -31.28
CA PHE M 24 -16.31 10.62 -30.13
C PHE M 24 -15.91 12.07 -30.40
N GLU M 25 -15.39 12.34 -31.60
CA GLU M 25 -15.04 13.71 -31.95
C GLU M 25 -16.28 14.60 -32.03
N LYS M 26 -17.37 14.07 -32.59
CA LYS M 26 -18.61 14.85 -32.71
C LYS M 26 -19.18 15.19 -31.34
N ALA M 27 -19.15 14.24 -30.41
CA ALA M 27 -19.68 14.43 -29.07
C ALA M 27 -18.60 14.69 -28.03
N LYS M 28 -17.45 15.22 -28.46
CA LYS M 28 -16.35 15.46 -27.53
C LYS M 28 -16.71 16.51 -26.49
N SER M 29 -17.57 17.46 -26.84
CA SER M 29 -17.99 18.48 -25.88
C SER M 29 -18.77 17.87 -24.72
N ALA M 30 -19.67 16.93 -25.02
CA ALA M 30 -20.52 16.34 -23.99
C ALA M 30 -19.84 15.23 -23.22
N LEU M 31 -18.72 14.69 -23.71
CA LEU M 31 -18.00 13.62 -23.03
C LEU M 31 -16.90 14.24 -22.18
N GLN M 32 -17.27 14.64 -20.97
CA GLN M 32 -16.34 15.19 -20.00
C GLN M 32 -16.75 14.72 -18.62
N ILE M 33 -15.79 14.80 -17.68
CA ILE M 33 -16.04 14.33 -16.31
C ILE M 33 -17.08 15.23 -15.66
N GLY M 34 -18.11 14.62 -15.09
CA GLY M 34 -19.16 15.34 -14.40
C GLY M 34 -20.44 15.53 -15.20
N LYS M 35 -20.48 15.09 -16.45
CA LYS M 35 -21.69 15.20 -17.26
C LYS M 35 -22.50 13.90 -17.16
N TYR M 36 -23.63 13.87 -17.86
CA TYR M 36 -24.61 12.80 -17.70
C TYR M 36 -24.83 12.05 -19.01
N LEU M 37 -25.02 10.73 -18.88
CA LEU M 37 -25.40 9.86 -19.98
C LEU M 37 -26.56 8.99 -19.53
N LYS M 38 -27.23 8.36 -20.49
CA LYS M 38 -28.33 7.45 -20.20
C LYS M 38 -28.11 6.12 -20.89
N ILE M 39 -28.39 5.04 -20.17
CA ILE M 39 -28.26 3.68 -20.68
C ILE M 39 -29.64 3.05 -20.70
N GLN M 40 -29.95 2.34 -21.79
CA GLN M 40 -31.30 1.81 -22.02
C GLN M 40 -31.48 0.49 -21.27
N GLU M 41 -31.57 0.59 -19.96
CA GLU M 41 -31.87 -0.58 -19.14
C GLU M 41 -33.27 -1.09 -19.47
N GLY M 42 -33.36 -2.35 -19.89
CA GLY M 42 -34.64 -2.87 -20.30
C GLY M 42 -35.08 -2.29 -21.64
N ASN M 43 -36.37 -2.45 -21.92
CA ASN M 43 -36.95 -1.95 -23.16
C ASN M 43 -37.46 -0.52 -23.04
N HIS M 44 -37.82 -0.09 -21.84
CA HIS M 44 -38.36 1.25 -21.62
C HIS M 44 -37.59 2.07 -20.61
N ASN M 45 -37.02 1.44 -19.58
CA ASN M 45 -36.35 2.19 -18.52
C ASN M 45 -35.02 2.74 -19.00
N PHE M 46 -34.48 3.68 -18.23
CA PHE M 46 -33.19 4.28 -18.50
C PHE M 46 -32.43 4.48 -17.20
N VAL M 47 -31.13 4.22 -17.23
CA VAL M 47 -30.25 4.41 -16.09
C VAL M 47 -29.38 5.63 -16.38
N LEU M 48 -29.48 6.63 -15.51
CA LEU M 48 -28.70 7.86 -15.66
C LEU M 48 -27.37 7.71 -14.96
N CYS M 49 -26.28 7.98 -15.68
CA CYS M 49 -24.94 7.79 -15.18
C CYS M 49 -24.13 9.07 -15.34
N VAL M 50 -23.13 9.24 -14.47
CA VAL M 50 -22.25 10.39 -14.49
C VAL M 50 -20.85 9.91 -14.87
N ILE M 51 -20.20 10.63 -15.77
CA ILE M 51 -18.90 10.24 -16.30
C ILE M 51 -17.82 10.50 -15.25
N GLN M 52 -16.97 9.51 -15.02
CA GLN M 52 -15.88 9.62 -14.07
C GLN M 52 -14.50 9.57 -14.69
N ASN M 53 -14.33 8.85 -15.80
CA ASN M 53 -13.03 8.76 -16.43
C ASN M 53 -13.22 8.46 -17.92
N ILE M 54 -12.25 8.93 -18.72
CA ILE M 54 -12.25 8.71 -20.16
C ILE M 54 -10.85 8.29 -20.57
N LYS M 55 -10.75 7.24 -21.38
CA LYS M 55 -9.46 6.77 -21.89
C LYS M 55 -9.59 6.45 -23.37
N ILE M 56 -8.78 7.10 -24.19
CA ILE M 56 -8.70 6.82 -25.62
C ILE M 56 -7.25 6.48 -25.95
N SER M 57 -7.07 5.40 -26.71
CA SER M 57 -5.73 4.90 -27.00
C SER M 57 -5.69 4.25 -28.37
N THR M 58 -4.57 4.40 -29.06
CA THR M 58 -4.34 3.80 -30.37
C THR M 58 -2.95 3.19 -30.42
N ASP M 59 -2.60 2.42 -29.39
CA ASP M 59 -1.29 1.80 -29.29
C ASP M 59 -1.31 0.45 -30.01
N LYS M 60 -0.28 0.21 -30.83
CA LYS M 60 -0.12 -1.06 -31.55
C LYS M 60 -1.35 -1.38 -32.40
N ASP M 61 -1.90 -0.35 -33.05
CA ASP M 61 -3.09 -0.49 -33.89
C ASP M 61 -4.27 -1.07 -33.12
N GLU M 62 -4.40 -0.67 -31.86
CA GLU M 62 -5.48 -1.12 -30.98
C GLU M 62 -6.31 0.10 -30.60
N ASP M 63 -7.51 0.21 -31.15
CA ASP M 63 -8.40 1.35 -30.89
C ASP M 63 -9.22 1.06 -29.64
N ILE M 64 -8.92 1.77 -28.56
CA ILE M 64 -9.63 1.61 -27.29
C ILE M 64 -10.24 2.97 -26.92
N PHE M 65 -11.55 2.97 -26.68
CA PHE M 65 -12.28 4.18 -26.28
C PHE M 65 -13.24 3.75 -25.16
N ILE M 66 -12.78 3.88 -23.92
CA ILE M 66 -13.49 3.36 -22.76
C ILE M 66 -13.85 4.50 -21.84
N LEU M 67 -15.11 4.56 -21.42
CA LEU M 67 -15.61 5.56 -20.47
C LEU M 67 -16.05 4.84 -19.20
N THR M 68 -15.63 5.36 -18.06
CA THR M 68 -16.05 4.85 -16.76
C THR M 68 -17.12 5.78 -16.20
N VAL M 69 -18.34 5.25 -16.02
CA VAL M 69 -19.46 6.02 -15.55
C VAL M 69 -19.94 5.42 -14.22
N GLN M 70 -20.87 6.13 -13.57
CA GLN M 70 -21.39 5.74 -12.28
C GLN M 70 -22.89 6.01 -12.24
N PRO M 71 -23.70 5.01 -11.90
CA PRO M 71 -25.16 5.21 -11.91
C PRO M 71 -25.60 6.09 -10.75
N VAL M 72 -26.52 7.02 -11.03
CA VAL M 72 -26.98 7.96 -10.02
C VAL M 72 -28.51 7.99 -9.99
N GLY M 73 -29.15 7.06 -10.66
CA GLY M 73 -30.59 6.99 -10.65
C GLY M 73 -31.14 6.19 -11.81
N ILE M 74 -32.48 6.15 -11.86
CA ILE M 74 -33.21 5.43 -12.90
C ILE M 74 -34.32 6.33 -13.40
N PHE M 75 -34.86 5.97 -14.57
CA PHE M 75 -35.90 6.74 -15.25
C PHE M 75 -37.08 5.84 -15.62
N LYS M 76 -37.55 5.06 -14.65
CA LYS M 76 -38.67 4.15 -14.88
C LYS M 76 -39.97 4.91 -15.11
N GLY M 77 -40.31 5.13 -16.38
CA GLY M 77 -41.53 5.84 -16.73
C GLY M 77 -41.24 7.29 -17.09
N GLU M 78 -42.00 8.22 -16.48
CA GLU M 78 -41.80 9.64 -16.68
C GLU M 78 -41.29 10.34 -15.44
N GLU M 79 -40.75 9.58 -14.48
CA GLU M 79 -40.26 10.13 -13.23
C GLU M 79 -38.90 9.52 -12.90
N PHE M 80 -38.13 10.24 -12.10
CA PHE M 80 -36.74 9.89 -11.79
C PHE M 80 -36.67 9.31 -10.38
N PHE M 81 -36.11 8.11 -10.27
CA PHE M 81 -35.87 7.46 -8.99
C PHE M 81 -34.37 7.28 -8.81
N GLN M 82 -33.85 7.74 -7.67
CA GLN M 82 -32.44 7.61 -7.38
C GLN M 82 -32.11 6.21 -6.85
N GLY M 83 -30.83 5.90 -6.83
CA GLY M 83 -30.37 4.62 -6.33
C GLY M 83 -29.56 3.83 -7.34
N ASN M 84 -28.61 3.03 -6.86
CA ASN M 84 -27.78 2.19 -7.72
C ASN M 84 -28.43 0.82 -7.80
N SER M 85 -29.26 0.62 -8.82
CA SER M 85 -30.00 -0.62 -9.01
C SER M 85 -30.29 -0.81 -10.48
N MET M 86 -30.71 -2.03 -10.82
CA MET M 86 -31.06 -2.41 -12.20
C MET M 86 -29.87 -2.21 -13.13
N LEU M 87 -28.83 -3.01 -12.86
CA LEU M 87 -27.62 -2.94 -13.66
C LEU M 87 -27.91 -3.29 -15.12
N PRO M 88 -27.50 -2.46 -16.08
CA PRO M 88 -27.79 -2.76 -17.48
C PRO M 88 -27.04 -3.98 -17.97
N SER M 89 -27.68 -4.71 -18.89
CA SER M 89 -27.06 -5.87 -19.51
C SER M 89 -25.98 -5.42 -20.49
N PRO M 90 -25.00 -6.29 -20.76
CA PRO M 90 -23.94 -5.92 -21.70
C PRO M 90 -24.47 -5.67 -23.10
N THR M 91 -23.68 -4.93 -23.88
CA THR M 91 -24.02 -4.55 -25.25
C THR M 91 -25.36 -3.81 -25.31
N GLU M 92 -25.49 -2.78 -24.47
CA GLU M 92 -26.68 -1.97 -24.43
C GLU M 92 -26.33 -0.53 -24.76
N PRO M 93 -27.05 0.12 -25.67
CA PRO M 93 -26.61 1.44 -26.16
C PRO M 93 -26.68 2.53 -25.09
N VAL M 94 -25.82 3.52 -25.27
CA VAL M 94 -25.81 4.75 -24.47
C VAL M 94 -26.20 5.90 -25.39
N PHE M 95 -27.16 6.72 -24.94
CA PHE M 95 -27.84 7.66 -25.82
C PHE M 95 -27.68 9.11 -25.34
N LEU M 96 -26.49 9.47 -24.85
CA LEU M 96 -26.20 10.82 -24.33
C LEU M 96 -27.26 11.18 -23.29
N VAL M 97 -27.83 12.38 -23.35
CA VAL M 97 -28.94 12.77 -22.49
C VAL M 97 -29.63 13.95 -23.16
N GLU M 98 -30.96 13.95 -23.12
CA GLU M 98 -31.75 14.98 -23.79
C GLU M 98 -32.29 15.97 -22.78
N ASP M 99 -32.55 17.18 -23.28
CA ASP M 99 -33.06 18.25 -22.42
C ASP M 99 -34.46 17.95 -21.90
N ASP M 100 -35.22 17.08 -22.59
CA ASP M 100 -36.56 16.76 -22.13
C ASP M 100 -36.54 16.01 -20.81
N ILE M 101 -35.60 15.07 -20.64
CA ILE M 101 -35.55 14.30 -19.40
C ILE M 101 -34.76 15.04 -18.32
N LEU M 102 -33.83 15.91 -18.72
CA LEU M 102 -33.12 16.71 -17.72
C LEU M 102 -33.99 17.82 -17.14
N ASN M 103 -35.06 18.19 -17.83
CA ASN M 103 -35.98 19.21 -17.33
C ASN M 103 -36.94 18.65 -16.29
N LYS M 104 -36.97 17.34 -16.07
CA LYS M 104 -37.78 16.73 -15.03
C LYS M 104 -37.00 16.37 -13.79
N ILE M 105 -35.70 16.08 -13.92
CA ILE M 105 -34.88 15.76 -12.76
C ILE M 105 -34.67 16.99 -11.89
N PHE M 106 -34.38 18.13 -12.51
CA PHE M 106 -34.02 19.35 -11.78
C PHE M 106 -35.18 20.33 -11.66
N SER M 107 -35.75 20.75 -12.79
CA SER M 107 -36.75 21.81 -12.77
C SER M 107 -37.99 21.40 -11.99
N ASN M 108 -38.57 20.26 -12.31
CA ASN M 108 -39.78 19.73 -11.67
C ASN M 108 -40.89 20.80 -11.79
N GLU M 109 -41.84 20.80 -10.84
CA GLU M 109 -42.89 21.80 -10.84
C GLU M 109 -43.47 21.87 -9.43
N LYS M 110 -43.23 22.98 -8.74
CA LYS M 110 -43.73 23.16 -7.38
C LYS M 110 -43.56 24.64 -7.03
N THR M 111 -44.29 25.07 -5.98
CA THR M 111 -44.17 26.44 -5.52
C THR M 111 -42.77 26.71 -4.97
N LYS M 112 -42.19 25.74 -4.27
CA LYS M 112 -40.87 25.91 -3.66
C LYS M 112 -39.78 25.57 -4.69
N ILE M 113 -39.62 26.48 -5.65
CA ILE M 113 -38.61 26.36 -6.70
C ILE M 113 -37.74 27.60 -6.67
N PHE M 114 -36.42 27.40 -6.62
CA PHE M 114 -35.45 28.49 -6.58
C PHE M 114 -34.43 28.28 -7.69
N HIS M 115 -34.43 29.17 -8.67
CA HIS M 115 -33.52 29.06 -9.80
C HIS M 115 -32.11 29.50 -9.39
N LEU M 116 -31.12 28.77 -9.89
CA LEU M 116 -29.72 29.06 -9.58
C LEU M 116 -28.87 29.00 -10.85
N GLY M 117 -29.41 29.49 -11.96
CA GLY M 117 -28.68 29.52 -13.21
C GLY M 117 -28.98 28.36 -14.11
N ASN M 118 -27.99 27.94 -14.90
CA ASN M 118 -28.15 26.86 -15.86
C ASN M 118 -26.99 25.88 -15.73
N LEU M 119 -27.26 24.63 -16.11
CA LEU M 119 -26.25 23.58 -16.00
C LEU M 119 -25.08 23.86 -16.93
N ALA M 120 -23.91 23.34 -16.55
CA ALA M 120 -22.73 23.47 -17.40
C ALA M 120 -22.95 22.80 -18.76
N GLN M 121 -23.53 21.62 -18.75
CA GLN M 121 -23.95 20.94 -19.97
C GLN M 121 -25.42 21.23 -20.23
N ASN M 122 -25.76 21.43 -21.50
CA ASN M 122 -27.12 21.77 -21.92
C ASN M 122 -27.61 23.03 -21.19
N GLU M 123 -26.94 24.14 -21.53
CA GLU M 123 -27.23 25.43 -20.89
C GLU M 123 -28.68 25.87 -21.03
N GLU M 124 -29.47 25.20 -21.88
CA GLU M 124 -30.90 25.49 -21.97
C GLU M 124 -31.71 24.87 -20.84
N VAL M 125 -31.08 24.04 -20.00
CA VAL M 125 -31.76 23.41 -18.88
C VAL M 125 -31.58 24.29 -17.65
N SER M 126 -32.69 24.73 -17.07
CA SER M 126 -32.64 25.60 -15.89
C SER M 126 -32.47 24.76 -14.64
N PHE M 127 -31.44 25.07 -13.85
CA PHE M 127 -31.17 24.35 -12.61
C PHE M 127 -31.93 25.01 -11.47
N THR M 128 -32.87 24.27 -10.88
CA THR M 128 -33.72 24.77 -9.81
C THR M 128 -33.46 23.97 -8.55
N LEU M 129 -33.24 24.68 -7.44
CA LEU M 129 -33.03 24.07 -6.14
C LEU M 129 -34.34 24.08 -5.35
N ASP M 130 -34.30 23.47 -4.17
CA ASP M 130 -35.42 23.50 -3.24
C ASP M 130 -35.24 24.69 -2.30
N GLY M 131 -36.14 25.66 -2.38
CA GLY M 131 -35.99 26.87 -1.60
C GLY M 131 -36.12 26.68 -0.11
N ASP M 132 -36.73 25.59 0.32
CA ASP M 132 -36.93 25.33 1.75
C ASP M 132 -35.87 24.43 2.34
N LYS M 133 -35.23 23.58 1.55
CA LYS M 133 -34.13 22.74 2.02
C LYS M 133 -32.77 23.41 1.85
N PHE M 134 -32.72 24.60 1.27
CA PHE M 134 -31.48 25.32 1.03
C PHE M 134 -31.29 26.49 1.99
N PHE M 135 -32.31 27.32 2.18
CA PHE M 135 -32.18 28.52 2.99
C PHE M 135 -32.60 28.33 4.44
N SER M 136 -33.38 27.28 4.74
CA SER M 136 -33.73 27.01 6.13
C SER M 136 -32.57 26.42 6.90
N LYS M 137 -31.68 25.71 6.22
CA LYS M 137 -30.50 25.12 6.83
C LYS M 137 -29.28 25.99 6.50
N HIS M 138 -28.09 25.52 6.87
CA HIS M 138 -26.87 26.28 6.69
C HIS M 138 -26.24 25.99 5.33
N VAL M 139 -25.58 27.00 4.77
CA VAL M 139 -24.94 26.91 3.46
C VAL M 139 -23.49 27.34 3.60
N ALA M 140 -22.60 26.62 2.93
CA ALA M 140 -21.17 26.94 2.93
C ALA M 140 -20.73 27.22 1.49
N VAL M 141 -20.38 28.47 1.21
CA VAL M 141 -19.87 28.88 -0.10
C VAL M 141 -18.36 29.00 0.03
N VAL M 142 -17.63 28.03 -0.50
CA VAL M 142 -16.18 27.98 -0.38
C VAL M 142 -15.58 27.96 -1.78
N GLY M 143 -14.58 28.80 -1.99
CA GLY M 143 -13.88 28.89 -3.27
C GLY M 143 -12.46 29.33 -3.05
N SER M 144 -11.93 30.06 -4.04
CA SER M 144 -10.58 30.60 -3.97
C SER M 144 -10.58 32.01 -4.52
N THR M 145 -9.45 32.68 -4.39
CA THR M 145 -9.31 34.04 -4.90
C THR M 145 -9.37 34.04 -6.43
N GLY M 146 -10.23 34.87 -6.98
CA GLY M 146 -10.45 34.92 -8.42
C GLY M 146 -11.50 33.96 -8.94
N SER M 147 -12.00 33.06 -8.10
CA SER M 147 -13.04 32.13 -8.53
C SER M 147 -14.38 32.84 -8.70
N GLY M 148 -14.63 33.89 -7.93
CA GLY M 148 -15.87 34.63 -8.04
C GLY M 148 -16.85 34.33 -6.92
N LYS M 149 -16.36 34.26 -5.68
CA LYS M 149 -17.25 34.06 -4.55
C LYS M 149 -18.23 35.22 -4.41
N SER M 150 -17.73 36.45 -4.55
CA SER M 150 -18.60 37.62 -4.41
C SER M 150 -19.71 37.61 -5.45
N CYS M 151 -19.38 37.28 -6.70
CA CYS M 151 -20.39 37.24 -7.75
C CYS M 151 -21.44 36.17 -7.46
N ALA M 152 -21.02 34.99 -7.00
CA ALA M 152 -21.96 33.92 -6.70
C ALA M 152 -22.89 34.31 -5.57
N VAL M 153 -22.34 34.85 -4.48
CA VAL M 153 -23.16 35.26 -3.35
C VAL M 153 -24.12 36.37 -3.75
N ALA M 154 -23.63 37.35 -4.52
CA ALA M 154 -24.48 38.44 -4.96
C ALA M 154 -25.62 37.94 -5.84
N LYS M 155 -25.32 37.00 -6.75
CA LYS M 155 -26.38 36.45 -7.60
C LYS M 155 -27.42 35.71 -6.77
N ILE M 156 -26.97 34.90 -5.80
CA ILE M 156 -27.92 34.16 -4.97
C ILE M 156 -28.81 35.11 -4.19
N LEU M 157 -28.21 36.13 -3.57
CA LEU M 157 -29.01 37.05 -2.77
C LEU M 157 -29.92 37.91 -3.63
N GLN M 158 -29.48 38.28 -4.84
CA GLN M 158 -30.35 39.03 -5.75
C GLN M 158 -31.53 38.20 -6.18
N ASN M 159 -31.31 36.90 -6.45
CA ASN M 159 -32.43 36.02 -6.76
C ASN M 159 -33.38 35.90 -5.57
N VAL M 160 -32.83 35.83 -4.35
CA VAL M 160 -33.67 35.70 -3.17
C VAL M 160 -34.54 36.94 -2.97
N VAL M 161 -33.93 38.13 -3.03
CA VAL M 161 -34.66 39.34 -2.70
C VAL M 161 -35.50 39.87 -3.86
N GLY M 162 -35.26 39.39 -5.07
CA GLY M 162 -36.06 39.82 -6.21
C GLY M 162 -35.45 40.95 -7.00
N ILE M 163 -34.17 40.81 -7.35
CA ILE M 163 -33.47 41.77 -8.21
C ILE M 163 -33.05 41.04 -9.47
N ASN M 164 -33.55 41.49 -10.62
CA ASN M 164 -33.25 40.87 -11.90
C ASN M 164 -32.98 41.96 -12.93
N ASP M 165 -31.77 41.96 -13.49
CA ASP M 165 -31.36 42.94 -14.50
C ASP M 165 -31.55 44.37 -14.00
N ALA M 166 -31.15 44.61 -12.75
CA ALA M 166 -31.25 45.92 -12.10
C ALA M 166 -32.70 46.42 -12.05
N ARG M 167 -33.65 45.50 -11.90
CA ARG M 167 -35.05 45.83 -11.76
C ARG M 167 -35.63 45.13 -10.54
N ASN M 168 -36.64 45.74 -9.94
CA ASN M 168 -37.31 45.20 -8.77
C ASN M 168 -38.57 44.46 -9.22
N ILE M 169 -38.58 43.15 -9.01
CA ILE M 169 -39.74 42.35 -9.38
C ILE M 169 -40.95 42.70 -8.51
N ASN M 170 -40.71 43.01 -7.24
CA ASN M 170 -41.75 43.21 -6.24
C ASN M 170 -42.01 44.68 -5.96
N LYS M 171 -41.96 45.53 -6.98
CA LYS M 171 -42.20 46.96 -6.78
C LYS M 171 -43.62 47.23 -6.30
N SER M 172 -44.58 46.39 -6.70
CA SER M 172 -45.96 46.61 -6.30
C SER M 172 -46.19 46.27 -4.83
N ASP M 173 -45.65 45.15 -4.37
CA ASP M 173 -45.86 44.68 -3.01
C ASP M 173 -44.53 44.25 -2.41
N LYS M 174 -44.23 44.77 -1.21
CA LYS M 174 -43.01 44.37 -0.51
C LYS M 174 -43.10 42.93 -0.05
N LYS M 175 -41.99 42.19 -0.21
CA LYS M 175 -41.92 40.80 0.20
C LYS M 175 -41.38 40.71 1.63
N ASN M 176 -41.04 39.49 2.06
CA ASN M 176 -40.65 39.23 3.45
C ASN M 176 -39.21 38.75 3.57
N SER M 177 -38.37 39.02 2.56
CA SER M 177 -36.98 38.60 2.63
C SER M 177 -36.25 39.38 3.72
N HIS M 178 -35.33 38.70 4.40
CA HIS M 178 -34.60 39.30 5.52
C HIS M 178 -33.19 38.73 5.54
N ILE M 179 -32.22 39.50 5.07
CA ILE M 179 -30.83 39.08 4.99
C ILE M 179 -29.95 40.14 5.64
N ILE M 180 -28.99 39.68 6.44
CA ILE M 180 -28.01 40.57 7.08
C ILE M 180 -26.63 40.09 6.67
N ILE M 181 -25.84 40.98 6.08
CA ILE M 181 -24.56 40.63 5.48
C ILE M 181 -23.45 41.29 6.29
N PHE M 182 -22.54 40.47 6.81
CA PHE M 182 -21.36 40.96 7.53
C PHE M 182 -20.25 41.16 6.51
N ASP M 183 -20.22 42.35 5.89
CA ASP M 183 -19.25 42.66 4.85
C ASP M 183 -18.03 43.33 5.50
N ILE M 184 -16.99 42.54 5.78
CA ILE M 184 -15.78 43.10 6.34
C ILE M 184 -15.10 44.03 5.35
N HIS M 185 -15.20 43.73 4.06
CA HIS M 185 -14.76 44.63 3.00
C HIS M 185 -15.93 45.51 2.58
N SER M 186 -15.80 46.18 1.43
CA SER M 186 -16.87 47.05 0.96
C SER M 186 -17.30 46.67 -0.44
N GLU M 187 -17.55 45.38 -0.66
CA GLU M 187 -17.85 44.85 -1.99
C GLU M 187 -19.34 44.81 -2.29
N TYR M 188 -20.15 44.39 -1.32
CA TYR M 188 -21.55 44.04 -1.57
C TYR M 188 -22.51 45.22 -1.51
N LYS M 189 -22.02 46.42 -1.20
CA LYS M 189 -22.92 47.58 -1.22
C LYS M 189 -23.41 47.88 -2.64
N SER M 190 -22.51 47.77 -3.62
CA SER M 190 -22.88 48.05 -5.00
C SER M 190 -23.76 46.98 -5.63
N ALA M 191 -23.81 45.78 -5.03
CA ALA M 191 -24.61 44.70 -5.58
C ALA M 191 -26.10 44.87 -5.34
N PHE M 192 -26.50 45.83 -4.50
CA PHE M 192 -27.91 46.06 -4.21
C PHE M 192 -28.31 47.52 -4.38
N GLU M 193 -27.47 48.34 -5.00
CA GLU M 193 -27.76 49.76 -5.17
C GLU M 193 -28.34 50.01 -6.56
N ILE M 194 -29.58 49.55 -6.73
CA ILE M 194 -30.33 49.78 -7.96
C ILE M 194 -30.95 51.16 -7.91
N ASP M 195 -31.49 51.62 -9.04
CA ASP M 195 -32.02 52.97 -9.14
C ASP M 195 -33.18 53.18 -8.16
N LYS M 196 -33.33 54.42 -7.71
CA LYS M 196 -34.33 54.75 -6.70
C LYS M 196 -35.76 54.58 -7.21
N ASN M 197 -35.97 54.57 -8.52
CA ASN M 197 -37.32 54.40 -9.05
C ASN M 197 -37.86 53.00 -8.81
N GLU M 198 -37.00 52.04 -8.48
CA GLU M 198 -37.44 50.67 -8.26
C GLU M 198 -37.99 50.42 -6.87
N ASP M 199 -37.88 51.40 -5.96
CA ASP M 199 -38.41 51.31 -4.60
C ASP M 199 -37.80 50.11 -3.85
N PHE M 200 -36.48 50.14 -3.72
CA PHE M 200 -35.73 49.12 -3.00
C PHE M 200 -34.88 49.82 -1.95
N ASN M 201 -35.24 49.63 -0.68
CA ASN M 201 -34.50 50.23 0.42
C ASN M 201 -33.42 49.26 0.90
N LEU M 202 -32.17 49.72 0.89
CA LEU M 202 -31.04 48.92 1.33
C LEU M 202 -30.48 49.55 2.60
N ASN M 203 -30.44 48.78 3.68
CA ASN M 203 -30.00 49.28 4.98
C ASN M 203 -28.49 49.12 5.07
N TYR M 204 -27.77 50.18 4.70
CA TYR M 204 -26.32 50.18 4.75
C TYR M 204 -25.86 50.81 6.06
N LEU M 205 -24.99 50.12 6.78
CA LEU M 205 -24.48 50.58 8.06
C LEU M 205 -22.96 50.54 8.06
N ASP M 206 -22.35 51.55 8.65
CA ASP M 206 -20.90 51.65 8.73
C ASP M 206 -20.54 52.33 10.05
N VAL M 207 -19.28 52.77 10.17
CA VAL M 207 -18.81 53.36 11.42
C VAL M 207 -19.58 54.64 11.74
N GLU M 208 -19.82 55.48 10.74
CA GLU M 208 -20.48 56.76 10.98
C GLU M 208 -21.95 56.55 11.32
N LYS M 209 -22.65 55.72 10.54
CA LYS M 209 -24.09 55.53 10.69
C LYS M 209 -24.45 54.50 11.75
N LEU M 210 -23.53 54.13 12.63
CA LEU M 210 -23.79 53.15 13.67
C LEU M 210 -23.65 53.80 15.03
N LYS M 211 -24.64 53.58 15.89
CA LYS M 211 -24.59 53.94 17.30
C LYS M 211 -24.83 52.65 18.08
N LEU M 212 -23.75 51.90 18.31
CA LEU M 212 -23.80 50.62 19.02
C LEU M 212 -23.22 50.81 20.41
N PRO M 213 -24.06 51.07 21.42
CA PRO M 213 -23.54 51.38 22.76
C PRO M 213 -22.85 50.18 23.39
N TYR M 214 -21.93 50.49 24.31
CA TYR M 214 -21.15 49.45 24.98
C TYR M 214 -22.01 48.63 25.93
N TRP M 215 -23.05 49.22 26.52
CA TRP M 215 -23.82 48.49 27.53
C TRP M 215 -24.66 47.37 26.93
N LEU M 216 -24.78 47.29 25.61
CA LEU M 216 -25.44 46.15 24.99
C LEU M 216 -24.61 44.86 25.09
N MET M 217 -23.34 44.97 25.43
CA MET M 217 -22.46 43.82 25.48
C MET M 217 -22.75 42.97 26.72
N ASN M 218 -22.10 41.83 26.80
CA ASN M 218 -22.20 40.90 27.92
C ASN M 218 -20.83 40.78 28.58
N SER M 219 -20.74 39.83 29.52
CA SER M 219 -19.49 39.65 30.26
C SER M 219 -18.33 39.29 29.33
N GLU M 220 -18.58 38.40 28.36
CA GLU M 220 -17.52 37.96 27.47
C GLU M 220 -17.01 39.11 26.61
N GLU M 221 -17.91 39.92 26.08
CA GLU M 221 -17.50 41.03 25.23
C GLU M 221 -17.04 42.25 26.01
N LEU M 222 -17.33 42.32 27.31
CA LEU M 222 -16.85 43.43 28.13
C LEU M 222 -15.51 43.13 28.78
N GLU M 223 -15.22 41.86 29.05
CA GLU M 223 -13.94 41.48 29.64
C GLU M 223 -12.82 41.40 28.62
N THR M 224 -13.13 41.53 27.33
CA THR M 224 -12.12 41.54 26.28
C THR M 224 -11.76 42.95 25.81
N LEU M 225 -12.77 43.80 25.63
CA LEU M 225 -12.50 45.17 25.19
C LEU M 225 -11.74 45.97 26.24
N PHE M 226 -12.08 45.79 27.51
CA PHE M 226 -11.57 46.65 28.57
C PHE M 226 -10.52 45.99 29.45
N ILE M 227 -10.51 44.67 29.56
CA ILE M 227 -9.63 43.95 30.48
C ILE M 227 -8.69 43.08 29.65
N GLU M 228 -7.40 43.16 29.95
CA GLU M 228 -6.39 42.32 29.32
C GLU M 228 -6.10 41.13 30.23
N SER M 229 -6.20 39.92 29.68
CA SER M 229 -6.02 38.70 30.46
C SER M 229 -4.56 38.32 30.65
N ASN M 230 -3.63 39.05 30.02
CA ASN M 230 -2.21 38.72 30.14
C ASN M 230 -1.61 39.33 31.39
N GLU M 231 -2.24 39.06 32.55
CA GLU M 231 -1.74 39.57 33.82
C GLU M 231 -2.13 38.60 34.93
N GLN M 232 -1.39 38.66 36.03
CA GLN M 232 -1.66 37.81 37.18
C GLN M 232 -2.71 38.39 38.12
N ASN M 233 -3.10 39.66 37.93
CA ASN M 233 -4.11 40.31 38.75
C ASN M 233 -5.49 40.30 38.09
N SER M 234 -5.66 39.54 37.00
CA SER M 234 -6.92 39.56 36.27
C SER M 234 -8.07 39.04 37.12
N HIS M 235 -7.80 38.16 38.08
CA HIS M 235 -8.86 37.67 38.96
C HIS M 235 -9.49 38.83 39.72
N ASN M 236 -8.66 39.64 40.39
CA ASN M 236 -9.15 40.81 41.09
C ASN M 236 -9.77 41.83 40.12
N GLN M 237 -9.15 41.99 38.95
CA GLN M 237 -9.66 42.96 37.98
C GLN M 237 -11.09 42.61 37.58
N VAL M 238 -11.34 41.36 37.19
CA VAL M 238 -12.68 40.94 36.81
C VAL M 238 -13.63 41.05 38.00
N SER M 239 -13.20 40.65 39.20
CA SER M 239 -14.07 40.73 40.36
C SER M 239 -14.56 42.16 40.59
N GLN M 240 -13.63 43.12 40.66
CA GLN M 240 -14.01 44.49 40.96
C GLN M 240 -14.79 45.13 39.82
N PHE M 241 -14.40 44.86 38.57
CA PHE M 241 -15.11 45.42 37.43
C PHE M 241 -16.55 44.92 37.38
N LYS M 242 -16.74 43.62 37.60
CA LYS M 242 -18.09 43.05 37.60
C LYS M 242 -18.93 43.60 38.74
N ARG M 243 -18.32 43.83 39.91
CA ARG M 243 -19.04 44.45 41.02
C ARG M 243 -19.52 45.86 40.63
N ALA M 244 -18.60 46.68 40.12
CA ALA M 244 -18.90 48.07 39.79
C ALA M 244 -19.95 48.18 38.70
N VAL M 245 -19.88 47.33 37.68
CA VAL M 245 -20.83 47.42 36.57
C VAL M 245 -22.25 47.18 37.06
N VAL M 246 -22.43 46.15 37.89
CA VAL M 246 -23.77 45.82 38.38
C VAL M 246 -24.29 46.92 39.29
N LEU M 247 -23.41 47.44 40.17
CA LEU M 247 -23.85 48.53 41.04
C LEU M 247 -24.29 49.75 40.23
N ASN M 248 -23.52 50.12 39.21
CA ASN M 248 -23.90 51.25 38.36
C ASN M 248 -25.20 50.97 37.61
N LYS M 249 -25.37 49.75 37.11
CA LYS M 249 -26.59 49.39 36.39
C LYS M 249 -27.82 49.57 37.28
N GLU M 250 -27.76 49.05 38.51
CA GLU M 250 -28.88 49.26 39.41
C GLU M 250 -29.03 50.73 39.79
N LYS M 251 -27.94 51.50 39.78
CA LYS M 251 -28.07 52.93 40.01
C LYS M 251 -28.89 53.61 38.91
N TYR M 252 -28.70 53.22 37.66
CA TYR M 252 -29.41 53.86 36.56
C TYR M 252 -30.70 53.17 36.13
N ASN M 253 -30.98 51.97 36.63
CA ASN M 253 -32.20 51.24 36.28
C ASN M 253 -32.84 50.68 37.55
N PRO M 254 -33.49 51.55 38.33
CA PRO M 254 -34.06 51.09 39.61
C PRO M 254 -35.33 50.26 39.44
N GLU M 255 -36.09 50.48 38.38
CA GLU M 255 -37.36 49.75 38.21
C GLU M 255 -37.12 48.26 38.02
N PHE M 256 -36.10 47.89 37.24
CA PHE M 256 -35.82 46.49 36.98
C PHE M 256 -35.32 45.80 38.25
N LYS M 257 -35.67 44.52 38.38
CA LYS M 257 -35.29 43.73 39.54
C LYS M 257 -34.26 42.66 39.22
N LYS M 258 -34.52 41.81 38.22
CA LYS M 258 -33.58 40.77 37.80
C LYS M 258 -32.58 41.37 36.83
N ILE M 259 -31.75 42.26 37.36
CA ILE M 259 -30.69 42.93 36.60
C ILE M 259 -29.36 42.27 36.94
N THR M 260 -28.57 41.98 35.92
CA THR M 260 -27.37 41.17 36.09
C THR M 260 -26.23 41.78 35.28
N TYR M 261 -25.10 41.07 35.26
CA TYR M 261 -23.92 41.54 34.54
C TYR M 261 -24.15 41.58 33.03
N ASP M 262 -24.89 40.60 32.51
CA ASP M 262 -25.13 40.49 31.08
C ASP M 262 -26.40 41.19 30.61
N SER M 263 -27.10 41.87 31.50
CA SER M 263 -28.35 42.52 31.13
C SER M 263 -28.08 43.68 30.18
N PRO M 264 -28.76 43.74 29.02
CA PRO M 264 -28.57 44.86 28.10
C PRO M 264 -29.28 46.13 28.57
N VAL M 265 -28.74 46.73 29.62
CA VAL M 265 -29.30 47.92 30.24
C VAL M 265 -28.22 48.96 30.42
N TYR M 266 -28.65 50.21 30.58
CA TYR M 266 -27.72 51.34 30.56
C TYR M 266 -26.89 51.39 31.83
N PHE M 267 -25.62 51.77 31.67
CA PHE M 267 -24.73 52.05 32.80
C PHE M 267 -23.57 52.90 32.28
N ASN M 268 -23.11 53.81 33.13
CA ASN M 268 -22.05 54.73 32.75
C ASN M 268 -20.68 54.06 32.85
N ILE M 269 -19.85 54.27 31.82
CA ILE M 269 -18.52 53.69 31.81
C ILE M 269 -17.49 54.61 32.46
N ASN M 270 -17.74 55.92 32.52
CA ASN M 270 -16.83 56.83 33.21
C ASN M 270 -16.96 56.71 34.73
N GLU M 271 -18.16 56.40 35.22
CA GLU M 271 -18.33 56.23 36.66
C GLU M 271 -17.65 54.96 37.16
N VAL M 272 -17.61 53.91 36.34
CA VAL M 272 -16.84 52.72 36.69
C VAL M 272 -15.35 53.08 36.76
N PHE M 273 -14.90 53.95 35.87
CA PHE M 273 -13.52 54.42 35.91
C PHE M 273 -13.23 55.13 37.23
N ASN M 274 -14.14 56.00 37.66
CA ASN M 274 -13.96 56.70 38.94
C ASN M 274 -13.98 55.72 40.11
N TYR M 275 -14.87 54.73 40.06
CA TYR M 275 -14.95 53.75 41.13
C TYR M 275 -13.68 52.93 41.25
N ILE M 276 -13.11 52.50 40.12
CA ILE M 276 -11.87 51.73 40.15
C ILE M 276 -10.70 52.61 40.56
N TYR M 277 -10.67 53.86 40.08
CA TYR M 277 -9.60 54.78 40.44
C TYR M 277 -9.60 55.08 41.93
N ASN M 278 -10.79 55.23 42.52
CA ASN M 278 -10.87 55.48 43.96
C ASN M 278 -10.38 54.29 44.76
N LEU M 279 -10.69 53.06 44.30
CA LEU M 279 -10.15 51.87 44.95
C LEU M 279 -8.64 51.79 44.81
N ASN M 280 -8.07 52.44 43.79
CA ASN M 280 -6.63 52.49 43.62
C ASN M 280 -5.96 53.48 44.57
N GLU M 281 -6.73 54.36 45.21
CA GLU M 281 -6.20 55.33 46.16
C GLU M 281 -6.86 55.22 47.52
N GLU M 282 -7.56 54.11 47.80
CA GLU M 282 -8.34 54.00 49.02
C GLU M 282 -7.45 53.84 50.24
N VAL M 283 -7.76 54.60 51.30
CA VAL M 283 -7.05 54.51 52.58
C VAL M 283 -8.10 54.37 53.67
N ILE M 284 -8.01 53.30 54.46
CA ILE M 284 -8.99 53.01 55.49
C ILE M 284 -8.52 53.59 56.82
N ASN M 285 -9.41 54.33 57.48
CA ASN M 285 -9.10 54.87 58.79
C ASN M 285 -9.02 53.74 59.82
N LYS M 286 -8.02 53.83 60.71
CA LYS M 286 -7.77 52.79 61.70
C LYS M 286 -7.82 53.30 63.13
N ILE M 287 -8.21 54.56 63.34
CA ILE M 287 -8.31 55.10 64.69
C ILE M 287 -9.46 54.44 65.42
N GLU M 288 -9.29 54.20 66.72
CA GLU M 288 -10.31 53.55 67.51
C GLU M 288 -11.54 54.43 67.67
N GLY M 289 -12.66 53.81 68.04
CA GLY M 289 -13.92 54.51 68.19
C GLY M 289 -14.72 54.56 66.91
N GLU M 290 -14.27 55.38 65.96
CA GLU M 290 -14.94 55.46 64.67
C GLU M 290 -14.73 54.17 63.87
N PRO M 291 -15.70 53.77 63.08
CA PRO M 291 -15.58 52.52 62.32
C PRO M 291 -14.51 52.60 61.24
N SER M 292 -14.07 51.43 60.80
CA SER M 292 -13.06 51.34 59.75
C SER M 292 -13.67 51.71 58.40
N LEU M 293 -13.56 52.98 58.03
CA LEU M 293 -14.10 53.52 56.79
C LEU M 293 -13.03 54.34 56.09
N PRO M 294 -13.12 54.47 54.77
CA PRO M 294 -12.17 55.34 54.06
C PRO M 294 -12.25 56.77 54.56
N LYS M 295 -11.08 57.41 54.66
CA LYS M 295 -10.97 58.77 55.18
C LYS M 295 -10.40 59.68 54.09
N LEU M 296 -11.09 60.78 53.83
CA LEU M 296 -10.66 61.73 52.82
C LEU M 296 -9.54 62.62 53.35
N SER M 297 -9.03 63.48 52.48
CA SER M 297 -7.98 64.42 52.90
C SER M 297 -8.52 65.47 53.86
N ASN M 298 -9.77 65.89 53.68
CA ASN M 298 -10.38 66.90 54.54
C ASN M 298 -10.95 66.31 55.82
N GLY M 299 -10.65 65.04 56.12
CA GLY M 299 -11.12 64.41 57.33
C GLY M 299 -12.49 63.79 57.24
N GLU M 300 -13.25 64.06 56.19
CA GLU M 300 -14.57 63.46 56.04
C GLU M 300 -14.45 61.97 55.77
N LEU M 301 -15.30 61.19 56.42
CA LEU M 301 -15.35 59.75 56.22
C LEU M 301 -16.28 59.41 55.06
N VAL M 302 -16.08 58.21 54.50
CA VAL M 302 -16.90 57.74 53.40
C VAL M 302 -17.74 56.56 53.88
N GLU M 303 -18.97 56.85 54.33
CA GLU M 303 -19.84 55.79 54.80
C GLU M 303 -20.38 54.96 53.63
N ASN M 304 -20.82 55.62 52.56
CA ASN M 304 -21.37 54.96 51.39
C ASN M 304 -20.35 55.00 50.26
N ARG M 305 -20.04 53.83 49.71
CA ARG M 305 -19.07 53.73 48.63
C ARG M 305 -19.63 54.13 47.28
N GLN M 306 -20.94 54.39 47.18
CA GLN M 306 -21.52 54.81 45.91
C GLN M 306 -21.15 56.24 45.54
N ILE M 307 -20.58 57.02 46.45
CA ILE M 307 -20.07 58.34 46.12
C ILE M 307 -18.81 58.28 45.29
N TYR M 308 -18.23 57.09 45.13
CA TYR M 308 -17.05 56.93 44.29
C TYR M 308 -17.37 57.18 42.82
N PHE M 309 -18.62 56.93 42.41
CA PHE M 309 -19.01 57.08 41.01
C PHE M 309 -18.95 58.53 40.56
N ASN M 310 -19.36 59.46 41.42
CA ASN M 310 -19.58 60.84 41.00
C ASN M 310 -18.28 61.49 40.52
N GLU M 311 -17.20 61.36 41.29
CA GLU M 311 -15.96 62.02 40.93
C GLU M 311 -14.80 61.35 41.65
N LYS M 312 -13.60 61.62 41.16
CA LYS M 312 -12.39 61.16 41.83
C LYS M 312 -12.21 61.90 43.15
N LEU M 313 -11.61 61.19 44.12
CA LEU M 313 -11.45 61.72 45.47
C LEU M 313 -9.98 61.70 45.87
N GLU M 314 -9.63 62.62 46.77
CA GLU M 314 -8.29 62.69 47.33
C GLU M 314 -8.33 62.14 48.74
N PHE M 315 -7.54 61.09 49.00
CA PHE M 315 -7.54 60.43 50.29
C PHE M 315 -6.43 60.99 51.17
N THR M 316 -6.27 60.41 52.36
CA THR M 316 -5.25 60.81 53.30
C THR M 316 -3.98 59.98 53.06
N SER M 317 -3.02 60.08 53.96
CA SER M 317 -1.76 59.37 53.86
C SER M 317 -1.71 58.23 54.87
N SER M 318 -1.14 57.10 54.46
CA SER M 318 -1.03 55.94 55.31
C SER M 318 -0.02 56.21 56.42
N ASN M 319 -0.50 56.44 57.63
CA ASN M 319 0.33 56.75 58.78
C ASN M 319 0.51 55.52 59.66
N THR M 320 1.51 55.60 60.54
CA THR M 320 1.79 54.53 61.48
C THR M 320 1.64 54.94 62.94
N SER M 321 1.28 56.19 63.20
CA SER M 321 1.11 56.68 64.56
C SER M 321 -0.24 56.25 65.11
N LYS M 322 -0.53 56.64 66.36
CA LYS M 322 -1.78 56.29 67.00
C LYS M 322 -2.87 57.34 66.78
N ALA M 323 -2.49 58.62 66.74
CA ALA M 323 -3.48 59.69 66.62
C ALA M 323 -4.21 59.62 65.28
N THR M 324 -3.49 59.35 64.19
CA THR M 324 -4.05 59.36 62.85
C THR M 324 -3.68 58.08 62.11
N LYS M 325 -3.90 56.94 62.76
CA LYS M 325 -3.59 55.65 62.15
C LYS M 325 -4.46 55.41 60.93
N ALA M 326 -3.84 54.94 59.85
CA ALA M 326 -4.54 54.66 58.61
C ALA M 326 -3.79 53.59 57.84
N SER M 327 -4.53 52.74 57.14
CA SER M 327 -3.97 51.62 56.40
C SER M 327 -4.40 51.67 54.96
N ASN M 328 -3.59 51.05 54.10
CA ASN M 328 -3.88 50.99 52.68
C ASN M 328 -5.02 50.01 52.43
N GLY M 329 -5.83 50.33 51.41
CA GLY M 329 -6.96 49.49 51.04
C GLY M 329 -6.51 48.19 50.40
N PRO M 330 -7.43 47.23 50.30
CA PRO M 330 -7.07 45.93 49.71
C PRO M 330 -6.69 46.02 48.24
N PHE M 331 -7.08 47.09 47.53
CA PHE M 331 -6.81 47.24 46.11
C PHE M 331 -6.03 48.52 45.81
N ASN M 332 -5.23 48.98 46.78
CA ASN M 332 -4.45 50.19 46.59
C ASN M 332 -3.22 49.87 45.74
N GLY M 333 -3.13 50.50 44.57
CA GLY M 333 -1.99 50.30 43.70
C GLY M 333 -2.06 49.07 42.81
N GLU M 334 -3.16 48.34 42.84
CA GLU M 334 -3.29 47.12 42.05
C GLU M 334 -3.97 47.34 40.71
N PHE M 335 -4.39 48.58 40.39
CA PHE M 335 -5.11 48.86 39.15
C PHE M 335 -4.41 49.94 38.32
N ASN M 336 -3.14 50.25 38.62
CA ASN M 336 -2.46 51.32 37.90
C ASN M 336 -2.33 51.00 36.41
N ARG M 337 -1.97 49.75 36.09
CA ARG M 337 -1.87 49.36 34.68
C ARG M 337 -3.24 49.22 34.05
N PHE M 338 -4.23 48.76 34.81
CA PHE M 338 -5.57 48.62 34.28
C PHE M 338 -6.18 49.97 33.92
N LEU M 339 -5.97 50.98 34.76
CA LEU M 339 -6.57 52.28 34.52
C LEU M 339 -5.99 52.94 33.28
N SER M 340 -4.69 52.76 33.02
CA SER M 340 -4.08 53.36 31.84
C SER M 340 -4.71 52.80 30.57
N ARG M 341 -4.83 51.48 30.48
CA ARG M 341 -5.46 50.88 29.30
C ARG M 341 -6.93 51.27 29.20
N PHE M 342 -7.62 51.34 30.35
CA PHE M 342 -9.03 51.69 30.33
C PHE M 342 -9.24 53.11 29.82
N GLU M 343 -8.41 54.05 30.27
CA GLU M 343 -8.48 55.42 29.80
C GLU M 343 -8.08 55.53 28.33
N THR M 344 -7.10 54.74 27.90
CA THR M 344 -6.75 54.73 26.49
C THR M 344 -7.91 54.27 25.63
N LYS M 345 -8.63 53.23 26.08
CA LYS M 345 -9.82 52.78 25.36
C LYS M 345 -10.90 53.84 25.35
N LEU M 346 -11.10 54.52 26.49
CA LEU M 346 -12.14 55.55 26.56
C LEU M 346 -11.82 56.75 25.68
N THR M 347 -10.56 57.12 25.56
CA THR M 347 -10.17 58.31 24.82
C THR M 347 -9.86 58.04 23.34
N ASP M 348 -10.05 56.80 22.89
CA ASP M 348 -9.76 56.48 21.50
C ASP M 348 -10.84 57.05 20.58
N LYS M 349 -10.42 57.83 19.59
CA LYS M 349 -11.36 58.48 18.69
C LYS M 349 -11.89 57.55 17.60
N ARG M 350 -11.25 56.40 17.39
CA ARG M 350 -11.71 55.44 16.41
C ARG M 350 -12.78 54.50 16.94
N LEU M 351 -13.07 54.56 18.24
CA LEU M 351 -14.13 53.77 18.86
C LEU M 351 -15.34 54.63 19.22
N GLU M 352 -15.61 55.67 18.43
CA GLU M 352 -16.73 56.55 18.70
C GLU M 352 -18.08 55.91 18.44
N PHE M 353 -18.12 54.78 17.73
CA PHE M 353 -19.37 54.08 17.51
C PHE M 353 -19.85 53.31 18.73
N LEU M 354 -18.99 53.12 19.73
CA LEU M 354 -19.36 52.45 20.97
C LEU M 354 -19.90 53.40 22.03
N LEU M 355 -19.94 54.70 21.73
CA LEU M 355 -20.49 55.71 22.65
C LEU M 355 -19.77 55.67 24.01
N LEU M 356 -18.44 55.64 23.95
CA LEU M 356 -17.63 55.54 25.16
C LEU M 356 -17.31 56.90 25.77
N ASN M 357 -17.64 58.00 25.10
CA ASN M 357 -17.38 59.34 25.62
C ASN M 357 -18.69 59.91 26.17
N GLN M 358 -18.98 59.54 27.42
CA GLN M 358 -20.21 59.95 28.08
C GLN M 358 -20.08 61.23 28.88
N ASP M 359 -18.88 61.81 28.96
CA ASP M 359 -18.66 62.96 29.84
C ASP M 359 -19.14 64.26 29.20
N VAL M 360 -18.54 64.63 28.07
CA VAL M 360 -18.84 65.91 27.43
C VAL M 360 -19.71 65.75 26.17
N GLU M 361 -19.66 64.60 25.50
CA GLU M 361 -20.45 64.41 24.31
C GLU M 361 -21.91 64.12 24.67
N GLU M 362 -22.78 64.23 23.67
CA GLU M 362 -24.19 63.93 23.85
C GLU M 362 -24.49 62.47 23.53
N ASN M 363 -23.72 61.57 24.16
CA ASN M 363 -23.93 60.14 24.04
C ASN M 363 -24.74 59.57 25.19
N SER M 364 -25.07 60.39 26.19
CA SER M 364 -25.89 59.95 27.31
C SER M 364 -27.38 59.94 26.98
N LYS M 365 -27.77 60.47 25.82
CA LYS M 365 -29.18 60.44 25.44
C LYS M 365 -29.65 59.01 25.20
N TYR M 366 -28.78 58.16 24.66
CA TYR M 366 -29.13 56.78 24.34
C TYR M 366 -29.19 55.97 25.63
N ARG M 367 -30.35 56.01 26.28
CA ARG M 367 -30.58 55.26 27.50
C ARG M 367 -31.21 53.90 27.14
N THR M 368 -31.73 53.20 28.15
CA THR M 368 -32.25 51.85 27.93
C THR M 368 -33.47 51.87 27.01
N GLU M 369 -34.25 52.95 27.04
CA GLU M 369 -35.48 52.99 26.25
C GLU M 369 -35.22 53.05 24.75
N HIS M 370 -33.98 53.27 24.33
CA HIS M 370 -33.63 53.30 22.91
C HIS M 370 -33.21 51.93 22.39
N PHE M 371 -33.31 50.89 23.21
CA PHE M 371 -32.88 49.55 22.82
C PHE M 371 -33.68 49.04 21.63
N GLU M 372 -35.00 49.25 21.64
CA GLU M 372 -35.81 48.82 20.51
C GLU M 372 -35.42 49.55 19.24
N ASP M 373 -35.21 50.87 19.33
CA ASP M 373 -34.77 51.63 18.17
C ASP M 373 -33.43 51.15 17.66
N ILE M 374 -32.58 50.64 18.54
CA ILE M 374 -31.33 50.02 18.11
C ILE M 374 -31.58 48.69 17.39
N LEU M 375 -32.48 47.86 17.92
CA LEU M 375 -32.75 46.57 17.30
C LEU M 375 -33.33 46.71 15.90
N LYS M 376 -34.26 47.65 15.72
CA LYS M 376 -34.90 47.81 14.42
C LYS M 376 -33.94 48.33 13.36
N GLN M 377 -32.81 48.93 13.76
CA GLN M 377 -31.86 49.45 12.78
C GLN M 377 -31.07 48.35 12.10
N PHE M 378 -30.72 47.29 12.84
CA PHE M 378 -29.98 46.19 12.24
C PHE M 378 -30.87 45.32 11.37
N MET M 379 -32.15 45.18 11.74
CA MET M 379 -33.07 44.29 11.04
C MET M 379 -33.79 44.97 9.89
N GLY M 380 -33.46 46.22 9.59
CA GLY M 380 -34.09 46.92 8.49
C GLY M 380 -35.56 47.21 8.68
N TYR M 381 -35.96 47.64 9.88
CA TYR M 381 -37.34 47.96 10.17
C TYR M 381 -37.60 49.45 10.33
N LEU M 382 -36.55 50.28 10.39
CA LEU M 382 -36.76 51.72 10.43
C LEU M 382 -37.17 52.27 9.08
N ASP M 383 -36.78 51.59 7.99
CA ASP M 383 -37.16 52.03 6.65
C ASP M 383 -37.64 50.87 5.79
N ARG M 384 -37.97 49.72 6.37
CA ARG M 384 -38.48 48.55 5.65
C ARG M 384 -37.50 48.11 4.56
N SER M 385 -36.33 47.67 5.00
CA SER M 385 -35.25 47.23 4.12
C SER M 385 -35.10 45.72 4.23
N ASN M 386 -35.10 45.04 3.08
CA ASN M 386 -34.92 43.59 3.07
C ASN M 386 -33.47 43.20 3.36
N VAL M 387 -32.52 43.93 2.79
CA VAL M 387 -31.10 43.60 2.89
C VAL M 387 -30.44 44.64 3.78
N SER M 388 -29.78 44.17 4.84
CA SER M 388 -29.04 45.03 5.75
C SER M 388 -27.56 44.66 5.69
N ILE M 389 -26.75 45.54 5.12
CA ILE M 389 -25.32 45.33 5.01
C ILE M 389 -24.62 46.08 6.13
N ILE M 390 -23.76 45.38 6.85
CA ILE M 390 -22.96 45.97 7.92
C ILE M 390 -21.52 45.97 7.46
N ASP M 391 -20.98 47.15 7.16
CA ASP M 391 -19.62 47.30 6.68
C ASP M 391 -18.71 47.53 7.87
N LEU M 392 -17.81 46.58 8.13
CA LEU M 392 -16.90 46.63 9.26
C LEU M 392 -15.48 46.96 8.86
N SER M 393 -15.28 47.50 7.65
CA SER M 393 -13.94 47.85 7.19
C SER M 393 -13.32 48.94 8.04
N GLY M 394 -14.09 49.98 8.38
CA GLY M 394 -13.57 51.06 9.19
C GLY M 394 -13.37 50.70 10.65
N ILE M 395 -14.02 49.64 11.12
CA ILE M 395 -13.87 49.20 12.51
C ILE M 395 -12.44 48.71 12.74
N PRO M 396 -11.79 49.08 13.84
CA PRO M 396 -10.46 48.52 14.13
C PRO M 396 -10.51 47.01 14.27
N PHE M 397 -9.42 46.36 13.85
CA PHE M 397 -9.37 44.90 13.85
C PHE M 397 -9.43 44.31 15.25
N GLU M 398 -9.08 45.09 16.28
CA GLU M 398 -9.06 44.57 17.64
C GLU M 398 -10.46 44.44 18.26
N VAL M 399 -11.47 45.08 17.67
CA VAL M 399 -12.84 44.99 18.16
C VAL M 399 -13.78 44.43 17.09
N LEU M 400 -13.22 43.81 16.05
CA LEU M 400 -14.05 43.27 14.98
C LEU M 400 -14.88 42.08 15.46
N SER M 401 -14.27 41.18 16.23
CA SER M 401 -14.99 40.00 16.71
C SER M 401 -16.11 40.39 17.66
N ILE M 402 -15.87 41.39 18.52
CA ILE M 402 -16.85 41.78 19.53
C ILE M 402 -18.12 42.30 18.88
N THR M 403 -17.98 43.14 17.85
CA THR M 403 -19.16 43.72 17.20
C THR M 403 -20.00 42.64 16.53
N ILE M 404 -19.36 41.73 15.81
CA ILE M 404 -20.08 40.65 15.16
C ILE M 404 -20.78 39.77 16.19
N SER M 405 -20.08 39.45 17.28
CA SER M 405 -20.67 38.63 18.34
C SER M 405 -21.89 39.33 18.94
N LEU M 406 -21.79 40.63 19.20
CA LEU M 406 -22.90 41.36 19.81
C LEU M 406 -24.11 41.39 18.87
N ILE M 407 -23.88 41.68 17.58
CA ILE M 407 -24.99 41.75 16.64
C ILE M 407 -25.65 40.38 16.49
N SER M 408 -24.84 39.33 16.35
CA SER M 408 -25.39 37.98 16.22
C SER M 408 -26.18 37.58 17.47
N ARG M 409 -25.65 37.90 18.65
CA ARG M 409 -26.35 37.56 19.89
C ARG M 409 -27.67 38.30 20.00
N LEU M 410 -27.68 39.58 19.63
CA LEU M 410 -28.93 40.35 19.68
C LEU M 410 -29.97 39.75 18.75
N ILE M 411 -29.57 39.43 17.51
CA ILE M 411 -30.52 38.85 16.56
C ILE M 411 -31.03 37.51 17.07
N PHE M 412 -30.13 36.66 17.56
CA PHE M 412 -30.53 35.34 18.03
C PHE M 412 -31.48 35.43 19.21
N ASP M 413 -31.19 36.32 20.17
CA ASP M 413 -32.06 36.46 21.33
C ASP M 413 -33.42 37.01 20.95
N PHE M 414 -33.46 37.99 20.04
CA PHE M 414 -34.75 38.50 19.57
C PHE M 414 -35.56 37.40 18.92
N ALA M 415 -34.94 36.61 18.06
CA ALA M 415 -35.66 35.54 17.38
C ALA M 415 -36.11 34.46 18.36
N PHE M 416 -35.28 34.17 19.37
CA PHE M 416 -35.65 33.18 20.38
C PHE M 416 -36.89 33.62 21.16
N HIS M 417 -36.90 34.88 21.60
CA HIS M 417 -38.05 35.37 22.36
C HIS M 417 -39.29 35.45 21.47
N TYR M 418 -39.12 35.87 20.21
CA TYR M 418 -40.27 35.93 19.29
C TYR M 418 -40.82 34.53 19.03
N SER M 419 -39.94 33.54 18.89
CA SER M 419 -40.38 32.16 18.69
C SER M 419 -41.12 31.65 19.91
N LYS M 420 -40.64 31.99 21.11
CA LYS M 420 -41.37 31.60 22.32
C LYS M 420 -42.75 32.22 22.35
N LEU M 421 -42.85 33.51 22.02
CA LEU M 421 -44.16 34.17 22.01
C LEU M 421 -45.09 33.53 20.97
N GLN M 422 -44.57 33.19 19.80
CA GLN M 422 -45.38 32.55 18.79
C GLN M 422 -45.81 31.14 19.23
N HIS M 423 -44.92 30.42 19.91
CA HIS M 423 -45.27 29.11 20.43
C HIS M 423 -46.36 29.21 21.50
N GLN M 424 -46.40 30.32 22.23
CA GLN M 424 -47.51 30.55 23.15
C GLN M 424 -48.85 30.69 22.42
N LYS M 425 -48.84 30.98 21.12
CA LYS M 425 -50.04 31.13 20.34
C LYS M 425 -50.19 30.04 19.28
N ASP M 426 -49.53 28.89 19.49
CA ASP M 426 -49.59 27.76 18.56
C ASP M 426 -49.18 28.16 17.14
N GLU M 427 -48.14 28.98 17.04
CA GLU M 427 -47.61 29.44 15.77
C GLU M 427 -46.09 29.28 15.77
N LEU M 428 -45.48 29.65 14.64
CA LEU M 428 -44.04 29.56 14.45
C LEU M 428 -43.48 30.95 14.15
N ASN M 429 -42.19 30.99 13.85
CA ASN M 429 -41.51 32.25 13.53
C ASN M 429 -41.79 32.60 12.08
N ASP M 430 -42.54 33.68 11.86
CA ASP M 430 -42.90 34.11 10.52
C ASP M 430 -41.91 35.09 9.91
N ILE M 431 -40.86 35.47 10.65
CA ILE M 431 -39.84 36.39 10.14
C ILE M 431 -38.48 35.73 10.34
N PRO M 432 -38.09 34.79 9.49
CA PRO M 432 -36.75 34.19 9.60
C PRO M 432 -35.68 35.12 9.05
N PHE M 433 -34.45 34.84 9.45
CA PHE M 433 -33.30 35.66 9.07
C PHE M 433 -32.17 34.77 8.57
N MET M 434 -31.39 35.31 7.64
CA MET M 434 -30.19 34.68 7.14
C MET M 434 -29.02 35.63 7.33
N ILE M 435 -27.99 35.16 8.04
CA ILE M 435 -26.80 35.96 8.31
C ILE M 435 -25.69 35.45 7.40
N VAL M 436 -25.25 36.32 6.48
CA VAL M 436 -24.19 35.97 5.53
C VAL M 436 -22.86 36.35 6.16
N CYS M 437 -22.16 35.37 6.72
CA CYS M 437 -20.83 35.58 7.28
C CYS M 437 -19.80 35.50 6.15
N GLU M 438 -18.95 36.50 6.06
CA GLU M 438 -18.00 36.65 4.97
C GLU M 438 -16.58 36.74 5.51
N GLU M 439 -15.67 36.01 4.86
CA GLU M 439 -14.30 35.86 5.35
C GLU M 439 -14.30 35.36 6.79
N ALA M 440 -14.84 34.14 6.95
CA ALA M 440 -15.04 33.58 8.28
C ALA M 440 -13.72 33.38 9.02
N HIS M 441 -12.65 33.05 8.30
CA HIS M 441 -11.37 32.77 8.97
C HIS M 441 -10.83 34.00 9.68
N ASN M 442 -11.34 35.20 9.39
CA ASN M 442 -10.87 36.40 10.04
C ASN M 442 -11.40 36.55 11.46
N TYR M 443 -12.64 36.10 11.72
CA TYR M 443 -13.25 36.28 13.04
C TYR M 443 -13.81 35.01 13.67
N ILE M 444 -13.85 33.89 12.97
CA ILE M 444 -14.10 32.59 13.61
C ILE M 444 -13.06 31.59 13.10
N PRO M 445 -11.80 31.74 13.49
CA PRO M 445 -10.76 30.86 12.95
C PRO M 445 -10.77 29.49 13.60
N ARG M 446 -10.07 28.56 12.95
CA ARG M 446 -9.94 27.21 13.49
C ARG M 446 -9.20 27.22 14.82
N THR M 447 -8.06 27.91 14.87
CA THR M 447 -7.26 28.05 16.08
C THR M 447 -7.18 29.52 16.45
N GLY M 448 -7.56 29.84 17.68
CA GLY M 448 -7.54 31.22 18.12
C GLY M 448 -7.46 31.31 19.63
N GLY M 449 -7.09 32.49 20.12
CA GLY M 449 -6.96 32.72 21.53
C GLY M 449 -8.26 33.15 22.18
N ILE M 450 -8.20 34.20 23.01
CA ILE M 450 -9.39 34.68 23.70
C ILE M 450 -10.08 35.81 22.96
N GLU M 451 -9.37 36.54 22.11
CA GLU M 451 -9.98 37.65 21.37
C GLU M 451 -11.05 37.18 20.40
N PHE M 452 -11.00 35.92 19.96
CA PHE M 452 -11.99 35.36 19.04
C PHE M 452 -13.02 34.49 19.74
N LYS M 453 -12.97 34.40 21.07
CA LYS M 453 -13.88 33.50 21.79
C LYS M 453 -15.31 34.03 21.77
N ALA M 454 -15.48 35.35 21.82
CA ALA M 454 -16.82 35.93 21.84
C ALA M 454 -17.58 35.63 20.56
N ALA M 455 -16.92 35.75 19.41
CA ALA M 455 -17.59 35.47 18.15
C ALA M 455 -17.75 33.96 17.92
N LYS M 456 -16.80 33.15 18.41
CA LYS M 456 -16.86 31.71 18.20
C LYS M 456 -17.91 31.04 19.07
N LYS M 457 -18.48 31.74 20.05
CA LYS M 457 -19.54 31.18 20.87
C LYS M 457 -20.92 31.71 20.54
N SER M 458 -21.02 32.89 19.92
CA SER M 458 -22.30 33.40 19.46
C SER M 458 -22.70 32.86 18.10
N ILE M 459 -21.73 32.52 17.26
CA ILE M 459 -22.03 31.93 15.96
C ILE M 459 -22.33 30.44 16.10
N GLU M 460 -21.60 29.75 17.00
CA GLU M 460 -21.88 28.35 17.25
C GLU M 460 -23.28 28.16 17.84
N ARG M 461 -23.77 29.16 18.58
CA ARG M 461 -25.14 29.11 19.07
C ARG M 461 -26.14 29.10 17.91
N ILE M 462 -25.90 29.94 16.90
CA ILE M 462 -26.74 29.93 15.71
C ILE M 462 -26.54 28.65 14.91
N ALA M 463 -25.30 28.16 14.84
CA ALA M 463 -25.01 26.97 14.07
C ALA M 463 -25.70 25.74 14.63
N LYS M 464 -25.75 25.62 15.96
CA LYS M 464 -26.30 24.43 16.61
C LYS M 464 -27.79 24.56 16.89
N GLU M 465 -28.20 25.65 17.54
CA GLU M 465 -29.58 25.83 17.99
C GLU M 465 -30.23 27.03 17.30
N GLY M 466 -30.00 27.17 15.99
CA GLY M 466 -30.51 28.31 15.26
C GLY M 466 -31.68 28.00 14.35
N ARG M 467 -31.70 26.79 13.78
CA ARG M 467 -32.77 26.42 12.87
C ARG M 467 -34.12 26.36 13.57
N LYS M 468 -34.12 26.05 14.87
CA LYS M 468 -35.38 25.96 15.62
C LYS M 468 -36.07 27.32 15.70
N TYR M 469 -35.31 28.38 15.96
CA TYR M 469 -35.87 29.70 16.21
C TYR M 469 -35.93 30.57 14.97
N GLY M 470 -35.40 30.12 13.84
CA GLY M 470 -35.52 30.87 12.61
C GLY M 470 -34.28 31.64 12.18
N LEU M 471 -33.11 31.02 12.29
CA LEU M 471 -31.86 31.60 11.82
C LEU M 471 -31.16 30.62 10.90
N SER M 472 -30.40 31.17 9.96
CA SER M 472 -29.59 30.39 9.04
C SER M 472 -28.30 31.13 8.77
N LEU M 473 -27.27 30.38 8.37
CA LEU M 473 -25.95 30.94 8.16
C LEU M 473 -25.45 30.60 6.76
N MET M 474 -24.65 31.51 6.21
CA MET M 474 -23.97 31.30 4.93
C MET M 474 -22.50 31.66 5.13
N VAL M 475 -21.67 30.64 5.38
CA VAL M 475 -20.25 30.84 5.64
C VAL M 475 -19.53 30.91 4.30
N VAL M 476 -18.87 32.04 4.04
CA VAL M 476 -18.11 32.25 2.82
C VAL M 476 -16.64 32.42 3.21
N SER M 477 -15.79 31.57 2.65
CA SER M 477 -14.37 31.61 2.98
C SER M 477 -13.57 30.97 1.85
N GLN M 478 -12.45 31.60 1.49
CA GLN M 478 -11.54 31.06 0.50
C GLN M 478 -10.53 30.08 1.09
N ARG M 479 -10.48 29.96 2.41
CA ARG M 479 -9.60 29.03 3.11
C ARG M 479 -10.47 28.22 4.08
N PRO M 480 -11.19 27.21 3.58
CA PRO M 480 -12.09 26.45 4.45
C PRO M 480 -11.39 25.75 5.60
N SER M 481 -10.12 25.37 5.42
CA SER M 481 -9.39 24.68 6.48
C SER M 481 -9.14 25.56 7.69
N GLU M 482 -9.17 26.88 7.53
CA GLU M 482 -8.93 27.80 8.62
C GLU M 482 -10.20 28.27 9.32
N VAL M 483 -11.36 27.78 8.90
CA VAL M 483 -12.62 28.11 9.54
C VAL M 483 -12.89 27.09 10.63
N SER M 484 -13.60 27.50 11.67
CA SER M 484 -13.88 26.62 12.80
C SER M 484 -14.64 25.38 12.34
N ASP M 485 -14.16 24.21 12.78
CA ASP M 485 -14.79 22.96 12.39
C ASP M 485 -16.16 22.78 13.03
N THR M 486 -16.42 23.44 14.16
CA THR M 486 -17.71 23.31 14.82
C THR M 486 -18.83 23.94 14.00
N ILE M 487 -18.51 24.94 13.18
CA ILE M 487 -19.50 25.65 12.38
C ILE M 487 -19.61 25.08 10.99
N LEU M 488 -18.47 24.74 10.36
CA LEU M 488 -18.51 24.21 9.00
C LEU M 488 -19.11 22.81 8.93
N SER M 489 -19.15 22.09 10.04
CA SER M 489 -19.71 20.74 10.05
C SER M 489 -21.23 20.74 10.12
N GLN M 490 -21.85 21.87 10.42
CA GLN M 490 -23.31 21.96 10.48
C GLN M 490 -23.93 22.41 9.16
N CYS M 491 -23.14 22.63 8.12
CA CYS M 491 -23.64 23.05 6.83
C CYS M 491 -24.07 21.83 6.03
N ASN M 492 -25.28 21.90 5.48
CA ASN M 492 -25.85 20.79 4.72
C ASN M 492 -25.70 20.95 3.21
N ASN M 493 -25.67 22.19 2.72
CA ASN M 493 -25.50 22.46 1.30
C ASN M 493 -24.16 23.14 1.06
N PHE M 494 -23.49 22.73 -0.01
CA PHE M 494 -22.16 23.25 -0.35
C PHE M 494 -22.16 23.77 -1.78
N ILE M 495 -21.72 25.01 -1.95
CA ILE M 495 -21.50 25.58 -3.27
C ILE M 495 -20.00 25.80 -3.43
N ASN M 496 -19.32 24.82 -4.00
CA ASN M 496 -17.86 24.80 -4.06
C ASN M 496 -17.41 25.34 -5.41
N LEU M 497 -16.59 26.38 -5.38
CA LEU M 497 -15.93 26.91 -6.57
C LEU M 497 -14.54 26.30 -6.68
N ARG M 498 -13.73 26.83 -7.58
CA ARG M 498 -12.39 26.29 -7.80
C ARG M 498 -11.56 26.41 -6.53
N LEU M 499 -10.89 25.32 -6.16
CA LEU M 499 -10.01 25.29 -5.00
C LEU M 499 -8.65 24.78 -5.44
N THR M 500 -7.59 25.48 -5.05
CA THR M 500 -6.24 25.14 -5.47
C THR M 500 -5.35 24.71 -4.31
N ASN M 501 -5.91 24.49 -3.13
CA ASN M 501 -5.15 24.06 -1.95
C ASN M 501 -5.51 22.61 -1.63
N ILE M 502 -4.48 21.79 -1.40
CA ILE M 502 -4.71 20.37 -1.12
C ILE M 502 -5.46 20.20 0.20
N ASN M 503 -5.06 20.95 1.24
CA ASN M 503 -5.72 20.83 2.53
C ASN M 503 -7.19 21.22 2.45
N ASP M 504 -7.49 22.31 1.76
CA ASP M 504 -8.88 22.74 1.61
C ASP M 504 -9.68 21.70 0.83
N GLN M 505 -9.09 21.13 -0.22
CA GLN M 505 -9.77 20.11 -1.00
C GLN M 505 -10.09 18.88 -0.14
N ASN M 506 -9.11 18.44 0.67
CA ASN M 506 -9.33 17.28 1.53
C ASN M 506 -10.40 17.57 2.58
N TYR M 507 -10.38 18.77 3.15
CA TYR M 507 -11.38 19.14 4.14
C TYR M 507 -12.78 19.16 3.54
N ILE M 508 -12.91 19.73 2.34
CA ILE M 508 -14.21 19.77 1.67
C ILE M 508 -14.68 18.36 1.34
N LYS M 509 -13.77 17.51 0.85
CA LYS M 509 -14.14 16.14 0.53
C LYS M 509 -14.60 15.39 1.78
N ASN M 510 -13.94 15.62 2.92
CA ASN M 510 -14.37 15.00 4.16
C ASN M 510 -15.76 15.50 4.56
N LEU M 511 -16.01 16.80 4.42
CA LEU M 511 -17.34 17.32 4.75
C LEU M 511 -18.40 16.79 3.81
N LEU M 512 -18.10 16.68 2.52
CA LEU M 512 -19.10 16.33 1.53
C LEU M 512 -19.59 14.89 1.75
N PRO M 513 -20.85 14.62 1.44
CA PRO M 513 -21.36 13.26 1.56
C PRO M 513 -20.70 12.31 0.58
N ASP M 514 -20.72 11.02 0.91
CA ASP M 514 -20.10 10.01 0.07
C ASP M 514 -20.74 9.91 -1.30
N ASN M 515 -21.96 10.43 -1.47
CA ASN M 515 -22.60 10.42 -2.78
C ASN M 515 -21.88 11.30 -3.78
N SER M 516 -21.09 12.27 -3.31
CA SER M 516 -20.39 13.21 -4.20
C SER M 516 -18.88 13.13 -4.05
N ARG M 517 -18.36 12.17 -3.28
CA ARG M 517 -16.92 12.08 -3.08
C ARG M 517 -16.18 11.62 -4.32
N SER M 518 -16.89 11.10 -5.34
CA SER M 518 -16.27 10.74 -6.60
C SER M 518 -16.25 11.92 -7.57
N ILE M 519 -17.29 12.76 -7.55
CA ILE M 519 -17.33 13.94 -8.39
C ILE M 519 -16.55 15.10 -7.80
N SER M 520 -16.14 15.00 -6.54
CA SER M 520 -15.40 16.07 -5.88
C SER M 520 -14.00 16.28 -6.44
N GLU M 521 -13.50 15.36 -7.26
CA GLU M 521 -12.19 15.52 -7.87
C GLU M 521 -12.17 16.59 -8.95
N ILE M 522 -13.34 17.11 -9.36
CA ILE M 522 -13.41 18.15 -10.37
C ILE M 522 -13.21 19.55 -9.79
N LEU M 523 -13.04 19.66 -8.47
CA LEU M 523 -12.90 20.98 -7.85
C LEU M 523 -11.70 21.76 -8.36
N PRO M 524 -10.49 21.20 -8.46
CA PRO M 524 -9.35 22.01 -8.95
C PRO M 524 -9.51 22.49 -10.38
N THR M 525 -10.32 21.81 -11.19
CA THR M 525 -10.46 22.14 -12.61
C THR M 525 -11.72 22.92 -12.93
N LEU M 526 -12.43 23.42 -11.92
CA LEU M 526 -13.64 24.18 -12.17
C LEU M 526 -13.33 25.47 -12.91
N GLY M 527 -14.13 25.77 -13.93
CA GLY M 527 -13.93 26.98 -14.72
C GLY M 527 -14.52 28.20 -14.06
N ALA M 528 -14.31 29.35 -14.71
CA ALA M 528 -14.83 30.60 -14.20
C ALA M 528 -16.34 30.64 -14.31
N GLY M 529 -17.02 30.97 -13.21
CA GLY M 529 -18.45 31.02 -13.17
C GLY M 529 -19.14 29.69 -12.97
N GLU M 530 -18.40 28.60 -12.85
CA GLU M 530 -18.95 27.27 -12.66
C GLU M 530 -18.70 26.82 -11.23
N CYS M 531 -19.75 26.31 -10.58
CA CYS M 531 -19.68 25.87 -9.20
C CYS M 531 -20.29 24.49 -9.06
N LEU M 532 -19.75 23.69 -8.14
CA LEU M 532 -20.29 22.37 -7.84
C LEU M 532 -21.27 22.48 -6.68
N VAL M 533 -22.52 22.13 -6.93
CA VAL M 533 -23.57 22.19 -5.91
C VAL M 533 -23.82 20.79 -5.39
N VAL M 534 -23.56 20.58 -4.10
CA VAL M 534 -23.78 19.31 -3.45
C VAL M 534 -24.54 19.56 -2.15
N GLY M 535 -25.68 18.92 -1.99
CA GLY M 535 -26.46 19.09 -0.78
C GLY M 535 -27.75 18.32 -0.85
N ASP M 536 -28.52 18.40 0.24
CA ASP M 536 -29.81 17.73 0.31
C ASP M 536 -30.85 18.38 -0.59
N SER M 537 -30.68 19.66 -0.92
CA SER M 537 -31.66 20.35 -1.77
C SER M 537 -31.65 19.78 -3.18
N THR M 538 -30.47 19.64 -3.78
CA THR M 538 -30.40 19.07 -5.13
C THR M 538 -30.59 17.56 -5.09
N PRO M 539 -31.24 16.98 -6.09
CA PRO M 539 -31.36 15.51 -6.12
C PRO M 539 -30.02 14.83 -6.41
N ILE M 540 -29.26 15.35 -7.35
CA ILE M 540 -27.95 14.80 -7.71
C ILE M 540 -26.92 15.91 -7.60
N PRO M 541 -25.69 15.62 -7.18
CA PRO M 541 -24.63 16.63 -7.26
C PRO M 541 -24.46 17.11 -8.70
N SER M 542 -24.31 18.42 -8.86
CA SER M 542 -24.35 19.04 -10.17
C SER M 542 -23.26 20.09 -10.29
N ILE M 543 -22.92 20.42 -11.53
CA ILE M 543 -22.00 21.50 -11.87
C ILE M 543 -22.83 22.54 -12.62
N VAL M 544 -23.00 23.72 -12.01
CA VAL M 544 -23.89 24.75 -12.50
C VAL M 544 -23.07 25.98 -12.85
N LYS M 545 -23.30 26.52 -14.05
CA LYS M 545 -22.66 27.77 -14.46
C LYS M 545 -23.52 28.94 -13.99
N LEU M 546 -22.93 29.82 -13.20
CA LEU M 546 -23.65 30.92 -12.57
C LEU M 546 -23.58 32.16 -13.46
N GLU M 547 -24.74 32.75 -13.72
CA GLU M 547 -24.79 34.00 -14.47
C GLU M 547 -24.21 35.14 -13.63
N LEU M 548 -23.60 36.10 -14.31
CA LEU M 548 -23.02 37.24 -13.62
C LEU M 548 -24.12 38.11 -13.00
N PRO M 549 -23.85 38.70 -11.84
CA PRO M 549 -24.85 39.54 -11.20
C PRO M 549 -25.01 40.87 -11.91
N ASN M 550 -26.13 41.53 -11.62
CA ASN M 550 -26.42 42.87 -12.14
C ASN M 550 -27.28 43.58 -11.12
N PRO M 551 -26.72 44.53 -10.37
CA PRO M 551 -25.33 45.04 -10.42
C PRO M 551 -24.30 44.06 -9.86
N GLU M 552 -23.03 44.27 -10.18
CA GLU M 552 -21.85 43.49 -9.83
C GLU M 552 -21.17 44.06 -8.59
N PRO M 553 -20.78 43.20 -7.64
CA PRO M 553 -20.05 43.69 -6.46
C PRO M 553 -18.64 44.11 -6.83
N ARG M 554 -18.29 45.34 -6.45
CA ARG M 554 -16.97 45.90 -6.74
C ARG M 554 -16.39 46.50 -5.47
N SER M 555 -15.12 46.22 -5.22
CA SER M 555 -14.41 46.76 -4.06
C SER M 555 -13.50 47.89 -4.51
N GLN M 556 -13.67 49.07 -3.91
CA GLN M 556 -12.90 50.26 -4.26
C GLN M 556 -11.50 50.13 -3.66
N SER M 557 -10.64 49.40 -4.38
CA SER M 557 -9.28 49.16 -3.94
C SER M 557 -8.35 50.23 -4.52
N ILE M 558 -7.09 50.17 -4.09
CA ILE M 558 -6.07 51.14 -4.52
C ILE M 558 -4.99 50.38 -5.29
N LYS M 559 -4.63 50.90 -6.46
CA LYS M 559 -3.62 50.29 -7.31
C LYS M 559 -2.28 50.98 -7.07
N PHE M 560 -1.32 50.24 -6.51
CA PHE M 560 -0.04 50.83 -6.18
C PHE M 560 0.81 51.08 -7.43
N HIS M 561 0.83 50.13 -8.37
CA HIS M 561 1.66 50.28 -9.55
C HIS M 561 1.16 51.42 -10.43
N LYS M 562 -0.15 51.58 -10.57
CA LYS M 562 -0.70 52.67 -11.37
C LYS M 562 -0.34 54.02 -10.77
N LYS M 563 -0.44 54.14 -9.44
CA LYS M 563 -0.10 55.41 -8.80
C LYS M 563 1.40 55.65 -8.78
N TRP M 564 2.21 54.59 -8.84
CA TRP M 564 3.65 54.74 -8.83
C TRP M 564 4.23 55.19 -10.17
N SER M 565 3.41 55.17 -11.23
CA SER M 565 3.87 55.59 -12.54
C SER M 565 3.73 57.09 -12.79
N GLU M 566 3.11 57.82 -11.86
CA GLU M 566 2.91 59.25 -12.02
C GLU M 566 4.10 59.99 -11.40
N SER M 567 4.03 61.32 -11.37
CA SER M 567 5.09 62.15 -10.82
C SER M 567 4.90 62.33 -9.32
N TRP M 568 5.93 62.89 -8.68
CA TRP M 568 5.95 63.06 -7.24
C TRP M 568 4.81 63.98 -6.81
N ARG M 569 3.80 63.43 -6.13
CA ARG M 569 2.63 64.18 -5.72
C ARG M 569 2.72 64.47 -4.23
N THR M 570 2.51 65.75 -3.84
CA THR M 570 2.77 66.19 -2.46
C THR M 570 1.48 66.15 -1.65
N PRO M 571 1.38 65.24 -0.67
CA PRO M 571 0.24 65.07 0.25
C PRO M 571 0.28 66.10 1.40
N SER M 572 -0.39 67.23 1.20
CA SER M 572 -0.21 68.41 2.06
C SER M 572 -0.12 68.00 3.52
N PHE M 573 1.06 68.21 4.10
CA PHE M 573 1.41 67.67 5.41
C PHE M 573 0.96 68.61 6.53
N GLU M 574 0.08 69.54 6.21
CA GLU M 574 -0.40 70.47 7.21
C GLU M 574 -1.90 70.37 7.43
N GLU M 575 -2.67 70.13 6.38
CA GLU M 575 -4.07 69.74 6.55
C GLU M 575 -4.19 68.38 7.23
N VAL M 576 -3.31 67.45 6.86
CA VAL M 576 -3.35 66.11 7.45
C VAL M 576 -3.02 66.18 8.94
N ILE M 577 -1.97 66.93 9.29
CA ILE M 577 -1.57 67.02 10.70
C ILE M 577 -2.49 67.89 11.53
N MET M 578 -3.36 68.68 10.90
CA MET M 578 -4.46 69.28 11.66
C MET M 578 -5.62 68.33 11.84
N ARG M 579 -5.68 67.23 11.09
CA ARG M 579 -6.73 66.24 11.29
C ARG M 579 -6.36 65.20 12.33
N TRP M 580 -5.08 65.08 12.68
CA TRP M 580 -4.70 64.32 13.85
C TRP M 580 -5.37 64.88 15.10
N ARG M 581 -5.37 66.21 15.23
CA ARG M 581 -5.97 66.91 16.35
C ARG M 581 -7.31 67.45 15.88
N LYS M 582 -8.40 66.75 16.21
CA LYS M 582 -9.72 67.16 15.74
C LYS M 582 -10.04 68.59 16.19
N GLU M 583 -9.93 68.85 17.49
CA GLU M 583 -9.93 70.21 18.01
C GLU M 583 -8.62 70.54 18.70
N ASN M 584 -8.23 69.75 19.70
CA ASN M 584 -6.93 69.92 20.37
C ASN M 584 -6.62 68.61 21.07
N GLY M 585 -5.61 67.89 20.60
CA GLY M 585 -5.24 66.62 21.18
C GLY M 585 -3.78 66.23 21.00
N MET N 1 -2.18 -41.14 1.67
CA MET N 1 -2.80 -39.89 1.25
C MET N 1 -4.29 -39.89 1.56
N LYS N 2 -4.62 -39.80 2.86
CA LYS N 2 -6.02 -39.79 3.26
C LYS N 2 -6.75 -38.56 2.75
N ILE N 3 -6.10 -37.39 2.80
CA ILE N 3 -6.67 -36.13 2.35
C ILE N 3 -6.03 -35.66 1.07
N GLY N 4 -4.70 -35.61 1.02
CA GLY N 4 -4.00 -35.16 -0.17
C GLY N 4 -2.50 -35.13 -0.02
N SER N 5 -1.84 -34.30 -0.82
CA SER N 5 -0.39 -34.17 -0.79
C SER N 5 -0.01 -32.69 -0.79
N VAL N 6 1.17 -32.40 -0.26
CA VAL N 6 1.64 -31.03 -0.16
C VAL N 6 2.10 -30.56 -1.54
N ILE N 7 1.65 -29.37 -1.94
CA ILE N 7 2.12 -28.74 -3.17
C ILE N 7 3.31 -27.84 -2.90
N GLU N 8 3.28 -27.11 -1.79
CA GLU N 8 4.31 -26.13 -1.48
C GLU N 8 4.55 -26.11 0.02
N SER N 9 5.82 -25.97 0.41
CA SER N 9 6.20 -25.92 1.81
C SER N 9 7.15 -24.76 2.04
N SER N 10 6.78 -23.86 2.93
CA SER N 10 7.59 -22.72 3.36
C SER N 10 7.58 -22.70 4.88
N PRO N 11 8.59 -22.06 5.50
CA PRO N 11 8.62 -22.05 6.98
C PRO N 11 7.42 -21.38 7.61
N HIS N 12 6.70 -20.52 6.88
CA HIS N 12 5.53 -19.84 7.42
C HIS N 12 4.22 -20.44 6.94
N SER N 13 4.17 -21.03 5.75
CA SER N 13 2.93 -21.56 5.20
C SER N 13 3.22 -22.79 4.37
N ILE N 14 2.23 -23.67 4.28
CA ILE N 14 2.29 -24.89 3.47
C ILE N 14 1.00 -24.99 2.66
N LEU N 15 1.14 -25.25 1.37
CA LEU N 15 -0.01 -25.42 0.48
C LEU N 15 -0.22 -26.89 0.19
N VAL N 16 -1.45 -27.36 0.42
CA VAL N 16 -1.81 -28.77 0.29
C VAL N 16 -2.97 -28.89 -0.69
N LYS N 17 -2.89 -29.88 -1.58
CA LYS N 17 -3.93 -30.14 -2.57
C LYS N 17 -4.75 -31.34 -2.16
N ILE N 18 -6.07 -31.18 -2.16
CA ILE N 18 -6.98 -32.29 -1.91
C ILE N 18 -7.08 -33.14 -3.17
N ASP N 19 -7.15 -34.46 -2.99
CA ASP N 19 -7.08 -35.37 -4.14
C ASP N 19 -8.31 -35.27 -5.03
N THR N 20 -9.48 -35.58 -4.48
CA THR N 20 -10.72 -35.62 -5.25
C THR N 20 -11.84 -34.91 -4.49
N LEU N 21 -12.99 -34.78 -5.15
CA LEU N 21 -14.14 -34.16 -4.52
C LEU N 21 -14.79 -35.07 -3.49
N LYS N 22 -14.69 -36.39 -3.68
CA LYS N 22 -15.22 -37.33 -2.69
C LYS N 22 -14.50 -37.20 -1.36
N ILE N 23 -13.17 -37.09 -1.41
CA ILE N 23 -12.37 -37.00 -0.18
C ILE N 23 -12.71 -35.72 0.57
N PHE N 24 -12.81 -34.60 -0.16
CA PHE N 24 -13.14 -33.34 0.50
C PHE N 24 -14.52 -33.37 1.14
N GLU N 25 -15.51 -33.94 0.44
CA GLU N 25 -16.87 -33.93 0.95
C GLU N 25 -17.10 -34.96 2.05
N LYS N 26 -16.29 -36.03 2.10
CA LYS N 26 -16.45 -37.00 3.19
C LYS N 26 -15.78 -36.54 4.48
N ALA N 27 -14.92 -35.52 4.41
CA ALA N 27 -14.25 -34.97 5.59
C ALA N 27 -14.36 -33.45 5.62
N LYS N 28 -15.48 -32.91 5.11
CA LYS N 28 -15.64 -31.46 5.04
C LYS N 28 -15.69 -30.84 6.43
N SER N 29 -16.30 -31.53 7.39
CA SER N 29 -16.39 -31.00 8.74
C SER N 29 -15.00 -30.84 9.37
N ALA N 30 -14.12 -31.81 9.14
CA ALA N 30 -12.78 -31.75 9.72
C ALA N 30 -11.88 -30.74 9.02
N LEU N 31 -12.24 -30.28 7.83
CA LEU N 31 -11.45 -29.31 7.08
C LEU N 31 -12.07 -27.94 7.28
N GLN N 32 -11.78 -27.34 8.43
CA GLN N 32 -12.21 -25.98 8.75
C GLN N 32 -11.05 -25.22 9.39
N ILE N 33 -11.13 -23.90 9.34
CA ILE N 33 -10.07 -23.06 9.86
C ILE N 33 -9.92 -23.28 11.36
N GLY N 34 -8.68 -23.52 11.79
CA GLY N 34 -8.38 -23.73 13.19
C GLY N 34 -8.14 -25.18 13.57
N LYS N 35 -8.54 -26.12 12.72
CA LYS N 35 -8.36 -27.53 13.02
C LYS N 35 -6.96 -27.99 12.59
N TYR N 36 -6.64 -29.23 12.92
CA TYR N 36 -5.28 -29.74 12.79
C TYR N 36 -5.20 -30.85 11.76
N LEU N 37 -4.04 -30.93 11.10
CA LEU N 37 -3.70 -32.02 10.20
C LEU N 37 -2.28 -32.48 10.52
N LYS N 38 -1.98 -33.73 10.19
CA LYS N 38 -0.63 -34.27 10.33
C LYS N 38 -0.08 -34.55 8.94
N ILE N 39 1.07 -33.95 8.63
CA ILE N 39 1.74 -34.12 7.35
C ILE N 39 2.96 -35.00 7.56
N GLN N 40 3.09 -36.04 6.74
CA GLN N 40 4.21 -36.95 6.86
C GLN N 40 5.52 -36.22 6.57
N GLU N 41 6.59 -36.69 7.22
CA GLU N 41 7.92 -36.16 6.97
C GLU N 41 8.90 -37.30 7.13
N GLY N 42 9.66 -37.58 6.07
CA GLY N 42 10.49 -38.78 6.09
C GLY N 42 9.62 -40.02 6.07
N ASN N 43 9.84 -40.90 7.04
CA ASN N 43 9.07 -42.14 7.13
C ASN N 43 8.45 -42.33 8.50
N HIS N 44 9.10 -41.81 9.55
CA HIS N 44 8.66 -42.03 10.92
C HIS N 44 8.36 -40.72 11.64
N ASN N 45 8.22 -39.63 10.92
CA ASN N 45 7.99 -38.32 11.52
C ASN N 45 6.73 -37.69 10.93
N PHE N 46 6.06 -36.87 11.73
CA PHE N 46 4.85 -36.16 11.32
C PHE N 46 4.95 -34.70 11.75
N VAL N 47 4.40 -33.82 10.92
CA VAL N 47 4.35 -32.39 11.20
C VAL N 47 2.91 -32.03 11.50
N LEU N 48 2.67 -31.43 12.67
CA LEU N 48 1.34 -30.98 13.04
C LEU N 48 1.13 -29.57 12.52
N CYS N 49 0.08 -29.39 11.72
CA CYS N 49 -0.21 -28.12 11.08
C CYS N 49 -1.65 -27.71 11.35
N VAL N 50 -1.89 -26.40 11.34
CA VAL N 50 -3.21 -25.83 11.59
C VAL N 50 -3.70 -25.16 10.31
N ILE N 51 -4.95 -25.44 9.93
CA ILE N 51 -5.50 -24.90 8.70
C ILE N 51 -5.72 -23.40 8.85
N GLN N 52 -5.27 -22.64 7.85
CA GLN N 52 -5.45 -21.19 7.84
C GLN N 52 -6.41 -20.70 6.77
N ASN N 53 -6.42 -21.33 5.60
CA ASN N 53 -7.31 -20.90 4.52
C ASN N 53 -7.68 -22.10 3.67
N ILE N 54 -8.85 -22.00 3.04
CA ILE N 54 -9.36 -23.02 2.14
C ILE N 54 -9.85 -22.34 0.86
N LYS N 55 -9.46 -22.89 -0.29
CA LYS N 55 -9.93 -22.40 -1.58
C LYS N 55 -10.44 -23.58 -2.40
N ILE N 56 -11.68 -23.47 -2.88
CA ILE N 56 -12.32 -24.53 -3.66
C ILE N 56 -12.82 -23.89 -4.95
N SER N 57 -12.00 -23.95 -6.00
CA SER N 57 -12.30 -23.30 -7.26
C SER N 57 -12.69 -24.33 -8.31
N THR N 58 -13.43 -23.87 -9.31
CA THR N 58 -13.94 -24.74 -10.38
C THR N 58 -13.34 -24.39 -11.73
N ASP N 59 -13.47 -23.14 -12.17
CA ASP N 59 -13.03 -22.69 -13.50
C ASP N 59 -13.70 -23.57 -14.54
N LYS N 60 -12.99 -24.00 -15.59
CA LYS N 60 -13.53 -24.90 -16.61
C LYS N 60 -12.62 -26.12 -16.68
N ASP N 61 -13.08 -27.23 -16.12
CA ASP N 61 -12.29 -28.46 -16.02
C ASP N 61 -10.97 -28.23 -15.29
N GLU N 62 -10.97 -27.29 -14.35
CA GLU N 62 -9.78 -26.92 -13.59
C GLU N 62 -10.12 -26.82 -12.11
N ASP N 63 -10.77 -27.85 -11.58
CA ASP N 63 -11.13 -27.85 -10.17
C ASP N 63 -9.88 -27.92 -9.31
N ILE N 64 -9.73 -26.95 -8.40
CA ILE N 64 -8.57 -26.86 -7.53
C ILE N 64 -9.06 -26.79 -6.08
N PHE N 65 -8.46 -27.61 -5.22
CA PHE N 65 -8.78 -27.63 -3.79
C PHE N 65 -7.47 -27.42 -3.03
N ILE N 66 -7.26 -26.20 -2.53
CA ILE N 66 -6.00 -25.82 -1.88
C ILE N 66 -6.29 -25.51 -0.42
N LEU N 67 -5.47 -26.07 0.47
CA LEU N 67 -5.50 -25.75 1.90
C LEU N 67 -4.19 -25.08 2.28
N THR N 68 -4.29 -23.93 2.94
CA THR N 68 -3.13 -23.21 3.44
C THR N 68 -3.02 -23.50 4.94
N VAL N 69 -1.95 -24.16 5.34
CA VAL N 69 -1.74 -24.57 6.73
C VAL N 69 -0.42 -24.01 7.23
N GLN N 70 -0.25 -24.04 8.55
CA GLN N 70 0.96 -23.55 9.21
C GLN N 70 1.40 -24.58 10.23
N PRO N 71 2.64 -25.06 10.16
CA PRO N 71 3.11 -26.04 11.15
C PRO N 71 3.16 -25.45 12.55
N VAL N 72 2.87 -26.28 13.54
CA VAL N 72 2.87 -25.85 14.93
C VAL N 72 3.68 -26.82 15.78
N GLY N 73 4.42 -27.71 15.14
CA GLY N 73 5.28 -28.62 15.88
C GLY N 73 5.69 -29.81 15.02
N ILE N 74 6.46 -30.68 15.66
CA ILE N 74 6.95 -31.92 15.05
C ILE N 74 6.62 -33.08 15.98
N PHE N 75 6.36 -34.24 15.39
CA PHE N 75 6.01 -35.45 16.13
C PHE N 75 7.08 -36.50 15.85
N LYS N 76 8.14 -36.47 16.64
CA LYS N 76 9.23 -37.44 16.52
C LYS N 76 9.00 -38.57 17.52
N GLY N 77 8.97 -39.81 17.01
CA GLY N 77 8.65 -40.93 17.88
C GLY N 77 7.25 -40.81 18.42
N GLU N 78 7.12 -40.88 19.74
CA GLU N 78 5.85 -40.74 20.42
C GLU N 78 5.79 -39.49 21.29
N GLU N 79 6.67 -38.52 21.03
CA GLU N 79 6.73 -37.28 21.80
C GLU N 79 6.53 -36.10 20.86
N PHE N 80 5.79 -35.10 21.33
CA PHE N 80 5.49 -33.90 20.56
C PHE N 80 6.47 -32.81 20.93
N PHE N 81 7.19 -32.29 19.93
CA PHE N 81 8.18 -31.23 20.12
C PHE N 81 7.67 -29.97 19.42
N GLN N 82 7.29 -28.98 20.21
CA GLN N 82 6.77 -27.74 19.66
C GLN N 82 7.89 -26.94 19.00
N GLY N 83 7.57 -26.29 17.88
CA GLY N 83 8.55 -25.47 17.19
C GLY N 83 8.72 -25.89 15.75
N ASN N 84 8.69 -24.90 14.85
CA ASN N 84 8.87 -25.15 13.42
C ASN N 84 10.36 -25.30 13.13
N SER N 85 10.77 -26.49 12.72
CA SER N 85 12.18 -26.75 12.44
C SER N 85 12.42 -27.34 11.06
N MET N 86 11.50 -28.18 10.56
CA MET N 86 11.69 -28.87 9.30
C MET N 86 10.51 -28.63 8.39
N LEU N 87 10.75 -28.80 7.08
CA LEU N 87 9.74 -28.60 6.06
C LEU N 87 9.56 -29.88 5.26
N PRO N 88 8.34 -30.37 5.10
CA PRO N 88 8.13 -31.58 4.29
C PRO N 88 8.41 -31.33 2.81
N SER N 89 8.94 -32.35 2.16
CA SER N 89 9.19 -32.26 0.72
C SER N 89 7.87 -32.29 -0.04
N PRO N 90 7.83 -31.69 -1.24
CA PRO N 90 6.59 -31.65 -2.00
C PRO N 90 6.10 -33.04 -2.38
N THR N 91 4.79 -33.15 -2.60
CA THR N 91 4.11 -34.41 -2.89
C THR N 91 4.34 -35.42 -1.77
N GLU N 92 3.88 -35.06 -0.57
CA GLU N 92 4.03 -35.86 0.62
C GLU N 92 2.65 -36.02 1.25
N PRO N 93 2.28 -37.23 1.69
CA PRO N 93 0.90 -37.46 2.14
C PRO N 93 0.53 -36.59 3.34
N VAL N 94 -0.73 -36.16 3.34
CA VAL N 94 -1.31 -35.40 4.44
C VAL N 94 -2.54 -36.15 4.93
N PHE N 95 -2.60 -36.42 6.23
CA PHE N 95 -3.67 -37.21 6.82
C PHE N 95 -4.48 -36.36 7.79
N LEU N 96 -5.57 -36.94 8.28
CA LEU N 96 -6.38 -36.33 9.33
C LEU N 96 -5.86 -36.79 10.69
N VAL N 97 -5.65 -35.84 11.59
CA VAL N 97 -5.11 -36.15 12.90
C VAL N 97 -6.15 -36.95 13.69
N GLU N 98 -5.71 -38.04 14.30
CA GLU N 98 -6.59 -38.93 15.02
C GLU N 98 -6.57 -38.63 16.52
N ASP N 99 -7.46 -39.29 17.25
CA ASP N 99 -7.63 -39.05 18.68
C ASP N 99 -6.52 -39.65 19.53
N ASP N 100 -5.66 -40.49 18.95
CA ASP N 100 -4.58 -41.08 19.74
C ASP N 100 -3.37 -40.14 19.80
N ILE N 101 -2.97 -39.58 18.66
CA ILE N 101 -1.87 -38.63 18.65
C ILE N 101 -2.28 -37.33 19.34
N LEU N 102 -3.53 -36.91 19.16
CA LEU N 102 -4.02 -35.71 19.85
C LEU N 102 -4.04 -35.90 21.35
N ASN N 103 -4.32 -37.12 21.83
CA ASN N 103 -4.35 -37.39 23.25
C ASN N 103 -2.96 -37.36 23.88
N LYS N 104 -1.90 -37.37 23.09
CA LYS N 104 -0.54 -37.30 23.62
C LYS N 104 0.00 -35.88 23.72
N ILE N 105 -0.78 -34.88 23.30
CA ILE N 105 -0.38 -33.49 23.44
C ILE N 105 -0.96 -32.87 24.71
N PHE N 106 -2.26 -33.02 24.91
CA PHE N 106 -2.94 -32.49 26.09
C PHE N 106 -3.04 -33.53 27.20
N SER N 107 -1.91 -34.14 27.55
CA SER N 107 -1.87 -35.17 28.59
C SER N 107 -0.44 -35.27 29.11
N ASN N 108 -0.15 -36.37 29.81
CA ASN N 108 1.18 -36.63 30.40
C ASN N 108 1.50 -35.60 31.48
N GLU N 109 0.53 -35.32 32.33
CA GLU N 109 0.69 -34.42 33.47
C GLU N 109 0.15 -35.09 34.71
N LYS N 110 0.97 -35.16 35.76
CA LYS N 110 0.58 -35.74 37.03
C LYS N 110 0.54 -34.64 38.09
N THR N 111 -0.61 -34.53 38.77
CA THR N 111 -0.90 -33.53 39.80
C THR N 111 -0.98 -32.12 39.22
N LYS N 112 -0.70 -31.95 37.93
CA LYS N 112 -0.78 -30.66 37.26
C LYS N 112 -1.86 -30.61 36.20
N ILE N 113 -2.62 -31.69 36.02
CA ILE N 113 -3.64 -31.76 34.97
C ILE N 113 -4.90 -31.06 35.45
N PHE N 114 -5.42 -30.15 34.62
CA PHE N 114 -6.67 -29.46 34.90
C PHE N 114 -7.59 -29.63 33.71
N HIS N 115 -8.75 -30.26 33.93
CA HIS N 115 -9.69 -30.52 32.86
C HIS N 115 -10.58 -29.31 32.63
N LEU N 116 -10.68 -28.87 31.38
CA LEU N 116 -11.52 -27.74 30.99
C LEU N 116 -12.32 -28.11 29.74
N GLY N 117 -12.95 -29.28 29.77
CA GLY N 117 -13.78 -29.71 28.67
C GLY N 117 -13.00 -30.35 27.54
N ASN N 118 -13.72 -30.67 26.47
CA ASN N 118 -13.17 -31.35 25.31
C ASN N 118 -12.90 -30.37 24.18
N LEU N 119 -12.19 -30.86 23.16
CA LEU N 119 -11.88 -30.05 22.00
C LEU N 119 -13.12 -29.85 21.13
N ALA N 120 -13.11 -28.77 20.36
CA ALA N 120 -14.20 -28.49 19.44
C ALA N 120 -14.10 -29.27 18.14
N GLN N 121 -12.96 -29.89 17.86
CA GLN N 121 -12.77 -30.71 16.67
C GLN N 121 -12.82 -32.21 16.95
N ASN N 122 -12.83 -32.60 18.23
CA ASN N 122 -12.89 -34.01 18.58
C ASN N 122 -13.49 -34.12 19.98
N GLU N 123 -14.73 -34.59 20.05
CA GLU N 123 -15.42 -34.70 21.34
C GLU N 123 -14.80 -35.76 22.25
N GLU N 124 -14.04 -36.69 21.69
CA GLU N 124 -13.46 -37.79 22.45
C GLU N 124 -12.10 -37.43 23.05
N VAL N 125 -11.59 -36.24 22.79
CA VAL N 125 -10.28 -35.80 23.30
C VAL N 125 -10.53 -34.73 24.36
N SER N 126 -10.04 -34.98 25.57
CA SER N 126 -10.20 -34.06 26.69
C SER N 126 -9.05 -33.06 26.71
N PHE N 127 -9.39 -31.78 26.75
CA PHE N 127 -8.39 -30.72 26.76
C PHE N 127 -7.97 -30.44 28.20
N THR N 128 -6.67 -30.52 28.46
CA THR N 128 -6.12 -30.36 29.81
C THR N 128 -5.05 -29.29 29.81
N LEU N 129 -5.05 -28.48 30.86
CA LEU N 129 -4.07 -27.42 31.04
C LEU N 129 -3.17 -27.73 32.24
N ASP N 130 -2.10 -26.95 32.35
CA ASP N 130 -1.21 -27.01 33.51
C ASP N 130 -1.83 -26.13 34.61
N GLY N 131 -2.34 -26.76 35.66
CA GLY N 131 -3.02 -26.01 36.70
C GLY N 131 -2.12 -25.01 37.40
N ASP N 132 -0.87 -25.41 37.68
CA ASP N 132 0.06 -24.50 38.33
C ASP N 132 0.39 -23.30 37.44
N LYS N 133 0.54 -23.53 36.13
CA LYS N 133 0.87 -22.47 35.20
C LYS N 133 -0.34 -21.65 34.77
N PHE N 134 -1.56 -22.10 35.10
CA PHE N 134 -2.79 -21.40 34.71
C PHE N 134 -3.34 -20.54 35.83
N PHE N 135 -3.51 -21.11 37.02
CA PHE N 135 -4.19 -20.43 38.12
C PHE N 135 -3.23 -19.62 38.99
N SER N 136 -2.12 -19.15 38.43
CA SER N 136 -1.17 -18.34 39.17
C SER N 136 -0.61 -17.17 38.38
N LYS N 137 -1.08 -16.92 37.16
CA LYS N 137 -0.52 -15.88 36.31
C LYS N 137 -1.62 -15.04 35.67
N HIS N 138 -2.61 -14.64 36.47
CA HIS N 138 -3.56 -13.59 36.12
C HIS N 138 -4.36 -13.95 34.86
N VAL N 139 -5.21 -14.97 35.01
CA VAL N 139 -6.10 -15.37 33.93
C VAL N 139 -6.97 -14.19 33.50
N ALA N 140 -7.30 -14.15 32.22
CA ALA N 140 -8.19 -13.14 31.65
C ALA N 140 -9.28 -13.83 30.85
N VAL N 141 -10.53 -13.47 31.14
CA VAL N 141 -11.69 -14.00 30.42
C VAL N 141 -12.38 -12.84 29.74
N VAL N 142 -12.53 -12.93 28.41
CA VAL N 142 -13.14 -11.88 27.62
C VAL N 142 -14.18 -12.49 26.70
N GLY N 143 -15.10 -11.65 26.24
CA GLY N 143 -16.16 -12.12 25.36
C GLY N 143 -17.12 -10.99 25.05
N SER N 144 -18.33 -11.37 24.64
CA SER N 144 -19.38 -10.42 24.30
C SER N 144 -20.67 -10.87 24.98
N THR N 145 -21.64 -9.96 24.98
CA THR N 145 -22.94 -10.27 25.57
C THR N 145 -23.60 -11.41 24.81
N GLY N 146 -24.06 -12.42 25.55
CA GLY N 146 -24.66 -13.59 24.95
C GLY N 146 -23.69 -14.71 24.60
N SER N 147 -22.38 -14.47 24.72
CA SER N 147 -21.41 -15.52 24.44
C SER N 147 -21.34 -16.55 25.54
N GLY N 148 -21.77 -16.21 26.76
CA GLY N 148 -21.76 -17.15 27.86
C GLY N 148 -20.52 -17.07 28.72
N LYS N 149 -20.10 -15.85 29.06
CA LYS N 149 -18.95 -15.69 29.93
C LYS N 149 -19.20 -16.27 31.32
N SER N 150 -20.40 -16.04 31.85
CA SER N 150 -20.73 -16.51 33.19
C SER N 150 -20.67 -18.03 33.27
N CYS N 151 -21.19 -18.72 32.25
CA CYS N 151 -21.16 -20.18 32.26
C CYS N 151 -19.74 -20.71 32.25
N ALA N 152 -18.87 -20.11 31.42
CA ALA N 152 -17.48 -20.57 31.36
C ALA N 152 -16.76 -20.33 32.68
N VAL N 153 -16.95 -19.14 33.27
CA VAL N 153 -16.30 -18.84 34.55
C VAL N 153 -16.80 -19.78 35.63
N ALA N 154 -18.11 -20.02 35.67
CA ALA N 154 -18.67 -20.92 36.68
C ALA N 154 -18.16 -22.34 36.50
N LYS N 155 -18.05 -22.81 35.25
CA LYS N 155 -17.52 -24.14 35.02
C LYS N 155 -16.08 -24.26 35.48
N ILE N 156 -15.26 -23.24 35.18
CA ILE N 156 -13.86 -23.26 35.60
C ILE N 156 -13.77 -23.30 37.12
N LEU N 157 -14.53 -22.44 37.79
CA LEU N 157 -14.47 -22.39 39.25
C LEU N 157 -15.00 -23.66 39.88
N GLN N 158 -16.04 -24.26 39.29
CA GLN N 158 -16.56 -25.52 39.80
C GLN N 158 -15.54 -26.64 39.64
N ASN N 159 -14.84 -26.67 38.52
CA ASN N 159 -13.77 -27.64 38.35
C ASN N 159 -12.65 -27.41 39.35
N VAL N 160 -12.41 -26.14 39.70
CA VAL N 160 -11.39 -25.84 40.72
C VAL N 160 -11.83 -26.37 42.08
N VAL N 161 -13.06 -26.10 42.48
CA VAL N 161 -13.49 -26.42 43.84
C VAL N 161 -13.95 -27.87 43.96
N GLY N 162 -14.43 -28.47 42.88
CA GLY N 162 -14.83 -29.86 42.91
C GLY N 162 -16.33 -30.09 42.93
N ILE N 163 -17.07 -29.28 42.19
CA ILE N 163 -18.50 -29.45 42.01
C ILE N 163 -18.71 -30.08 40.64
N ASN N 164 -18.95 -31.38 40.60
CA ASN N 164 -19.16 -32.12 39.36
C ASN N 164 -20.55 -32.76 39.42
N ASP N 165 -21.37 -32.47 38.40
CA ASP N 165 -22.74 -32.98 38.31
C ASP N 165 -23.53 -32.64 39.57
N ALA N 166 -23.39 -31.40 40.03
CA ALA N 166 -24.10 -30.90 41.21
C ALA N 166 -23.81 -31.77 42.44
N ARG N 167 -22.55 -32.15 42.61
CA ARG N 167 -22.14 -32.97 43.74
C ARG N 167 -20.72 -32.59 44.14
N ASN N 168 -20.46 -32.65 45.45
CA ASN N 168 -19.15 -32.32 46.00
C ASN N 168 -18.31 -33.60 46.05
N ILE N 169 -17.25 -33.63 45.25
CA ILE N 169 -16.40 -34.82 45.19
C ILE N 169 -15.61 -34.99 46.48
N ASN N 170 -15.14 -33.89 47.06
CA ASN N 170 -14.32 -33.92 48.26
C ASN N 170 -15.17 -33.80 49.53
N LYS N 171 -16.16 -34.68 49.66
CA LYS N 171 -17.04 -34.61 50.83
C LYS N 171 -16.32 -35.06 52.10
N SER N 172 -15.52 -36.13 52.00
CA SER N 172 -14.86 -36.66 53.20
C SER N 172 -13.80 -35.70 53.71
N ASP N 173 -12.95 -35.20 52.84
CA ASP N 173 -11.87 -34.29 53.22
C ASP N 173 -12.00 -33.00 52.42
N LYS N 174 -12.01 -31.87 53.13
CA LYS N 174 -12.13 -30.57 52.48
C LYS N 174 -10.77 -30.14 51.93
N LYS N 175 -10.78 -29.63 50.70
CA LYS N 175 -9.55 -29.20 50.04
C LYS N 175 -9.17 -27.79 50.51
N ASN N 176 -8.19 -27.19 49.84
CA ASN N 176 -7.65 -25.90 50.21
C ASN N 176 -7.85 -24.87 49.10
N SER N 177 -9.02 -24.88 48.48
CA SER N 177 -9.33 -23.92 47.44
C SER N 177 -9.86 -22.63 48.04
N HIS N 178 -9.43 -21.50 47.49
CA HIS N 178 -9.84 -20.18 47.98
C HIS N 178 -10.10 -19.28 46.77
N ILE N 179 -11.38 -18.98 46.54
CA ILE N 179 -11.80 -18.10 45.46
C ILE N 179 -12.73 -17.04 46.02
N ILE N 180 -12.48 -15.78 45.67
CA ILE N 180 -13.32 -14.66 46.06
C ILE N 180 -13.82 -13.99 44.78
N ILE N 181 -15.14 -13.93 44.63
CA ILE N 181 -15.77 -13.42 43.41
C ILE N 181 -16.44 -12.09 43.74
N PHE N 182 -16.07 -11.05 42.99
CA PHE N 182 -16.70 -9.73 43.12
C PHE N 182 -17.91 -9.70 42.21
N ASP N 183 -19.04 -10.18 42.74
CA ASP N 183 -20.28 -10.26 41.98
C ASP N 183 -21.06 -8.96 42.12
N ILE N 184 -21.26 -8.27 41.01
CA ILE N 184 -22.02 -7.03 40.99
C ILE N 184 -23.35 -7.18 40.26
N HIS N 185 -23.69 -8.41 39.84
CA HIS N 185 -24.96 -8.67 39.19
C HIS N 185 -25.77 -9.76 39.87
N SER N 186 -25.23 -10.40 40.92
CA SER N 186 -25.94 -11.40 41.71
C SER N 186 -26.42 -12.57 40.83
N GLU N 187 -25.45 -13.28 40.26
CA GLU N 187 -25.74 -14.43 39.41
C GLU N 187 -24.94 -15.67 39.73
N TYR N 188 -23.94 -15.59 40.61
CA TYR N 188 -23.05 -16.71 40.88
C TYR N 188 -23.39 -17.45 42.16
N LYS N 189 -24.41 -17.02 42.90
CA LYS N 189 -24.85 -17.78 44.06
C LYS N 189 -25.44 -19.12 43.65
N SER N 190 -26.16 -19.15 42.53
CA SER N 190 -26.78 -20.39 42.08
C SER N 190 -25.75 -21.41 41.61
N ALA N 191 -24.64 -20.94 41.02
CA ALA N 191 -23.63 -21.85 40.48
C ALA N 191 -22.91 -22.65 41.57
N PHE N 192 -22.90 -22.15 42.81
CA PHE N 192 -22.21 -22.83 43.90
C PHE N 192 -23.16 -23.22 45.02
N GLU N 193 -24.46 -23.31 44.73
CA GLU N 193 -25.47 -23.68 45.73
C GLU N 193 -25.99 -25.08 45.39
N ILE N 194 -25.62 -26.05 46.23
CA ILE N 194 -26.06 -27.43 46.04
C ILE N 194 -26.80 -27.89 47.29
N ASP N 195 -27.23 -29.15 47.31
CA ASP N 195 -27.97 -29.67 48.43
C ASP N 195 -27.13 -29.65 49.70
N LYS N 196 -27.81 -29.44 50.84
CA LYS N 196 -27.11 -29.33 52.12
C LYS N 196 -26.45 -30.64 52.54
N ASN N 197 -26.84 -31.77 51.94
CA ASN N 197 -26.20 -33.04 52.28
C ASN N 197 -24.81 -33.16 51.69
N GLU N 198 -24.49 -32.35 50.68
CA GLU N 198 -23.19 -32.44 50.02
C GLU N 198 -22.06 -31.84 50.84
N ASP N 199 -22.36 -31.12 51.92
CA ASP N 199 -21.36 -30.52 52.80
C ASP N 199 -20.43 -29.58 52.01
N PHE N 200 -21.03 -28.54 51.45
CA PHE N 200 -20.31 -27.51 50.69
C PHE N 200 -20.80 -26.14 51.16
N ASN N 201 -20.12 -25.59 52.17
CA ASN N 201 -20.48 -24.27 52.67
C ASN N 201 -20.13 -23.21 51.64
N LEU N 202 -21.01 -22.24 51.47
CA LEU N 202 -20.81 -21.13 50.54
C LEU N 202 -20.87 -19.83 51.33
N ASN N 203 -19.74 -19.13 51.40
CA ASN N 203 -19.66 -17.86 52.13
C ASN N 203 -20.25 -16.77 51.25
N TYR N 204 -21.57 -16.62 51.31
CA TYR N 204 -22.28 -15.60 50.56
C TYR N 204 -22.46 -14.36 51.43
N LEU N 205 -21.84 -13.26 51.01
CA LEU N 205 -21.93 -11.99 51.72
C LEU N 205 -22.74 -11.02 50.88
N ASP N 206 -23.91 -10.63 51.38
CA ASP N 206 -24.75 -9.65 50.70
C ASP N 206 -24.21 -8.24 50.80
N VAL N 207 -23.19 -8.02 51.63
CA VAL N 207 -22.55 -6.72 51.83
C VAL N 207 -23.56 -5.71 52.36
N GLU N 208 -24.61 -5.41 51.57
CA GLU N 208 -25.61 -4.46 52.02
C GLU N 208 -26.28 -4.90 53.31
N LYS N 209 -26.39 -6.21 53.53
CA LYS N 209 -26.85 -6.75 54.80
C LYS N 209 -25.71 -7.12 55.73
N LEU N 210 -24.47 -6.93 55.29
CA LEU N 210 -23.29 -7.20 56.09
C LEU N 210 -22.75 -5.88 56.65
N LYS N 211 -21.57 -5.93 57.28
CA LYS N 211 -21.00 -4.77 57.93
C LYS N 211 -19.54 -4.61 57.54
N LEU N 212 -19.15 -3.39 57.20
CA LEU N 212 -17.76 -3.00 56.95
C LEU N 212 -17.47 -1.70 57.66
N PRO N 213 -16.71 -1.72 58.75
CA PRO N 213 -16.37 -0.46 59.42
C PRO N 213 -15.64 0.49 58.48
N TYR N 214 -15.97 1.77 58.60
CA TYR N 214 -15.38 2.78 57.71
C TYR N 214 -13.91 3.02 58.03
N TRP N 215 -13.50 2.78 59.27
CA TRP N 215 -12.12 3.06 59.67
C TRP N 215 -11.12 2.09 59.06
N LEU N 216 -11.57 1.02 58.42
CA LEU N 216 -10.65 0.15 57.69
C LEU N 216 -10.10 0.83 56.44
N MET N 217 -10.78 1.87 55.94
CA MET N 217 -10.36 2.54 54.73
C MET N 217 -9.11 3.37 54.96
N ASN N 218 -8.37 3.61 53.89
CA ASN N 218 -7.14 4.38 53.91
C ASN N 218 -7.43 5.83 53.54
N SER N 219 -6.36 6.61 53.33
CA SER N 219 -6.52 8.03 53.04
C SER N 219 -7.23 8.24 51.71
N GLU N 220 -6.88 7.47 50.68
CA GLU N 220 -7.45 7.68 49.36
C GLU N 220 -8.95 7.39 49.35
N GLU N 221 -9.38 6.32 50.03
CA GLU N 221 -10.80 6.00 50.06
C GLU N 221 -11.57 6.96 50.94
N LEU N 222 -10.97 7.40 52.05
CA LEU N 222 -11.65 8.33 52.94
C LEU N 222 -11.79 9.71 52.29
N GLU N 223 -10.76 10.14 51.55
CA GLU N 223 -10.81 11.45 50.91
C GLU N 223 -11.74 11.49 49.71
N THR N 224 -12.13 10.32 49.19
CA THR N 224 -13.09 10.28 48.09
C THR N 224 -14.53 10.19 48.59
N LEU N 225 -14.76 9.49 49.70
CA LEU N 225 -16.12 9.32 50.21
C LEU N 225 -16.66 10.61 50.80
N PHE N 226 -15.83 11.37 51.51
CA PHE N 226 -16.29 12.54 52.25
C PHE N 226 -15.89 13.86 51.63
N ILE N 227 -14.71 13.95 51.03
CA ILE N 227 -14.18 15.20 50.48
C ILE N 227 -14.42 15.21 48.98
N GLU N 228 -15.05 16.27 48.48
CA GLU N 228 -15.27 16.47 47.06
C GLU N 228 -14.47 17.68 46.61
N SER N 229 -13.49 17.46 45.74
CA SER N 229 -12.57 18.52 45.32
C SER N 229 -13.19 19.24 44.13
N ASN N 230 -13.82 20.38 44.40
CA ASN N 230 -14.40 21.20 43.33
C ASN N 230 -14.19 22.69 43.55
N GLU N 231 -13.49 23.11 44.60
CA GLU N 231 -13.27 24.51 44.90
C GLU N 231 -11.82 24.70 45.33
N GLN N 232 -11.43 25.96 45.54
CA GLN N 232 -10.08 26.27 46.00
C GLN N 232 -9.85 25.89 47.46
N ASN N 233 -10.89 25.50 48.19
CA ASN N 233 -10.80 25.13 49.59
C ASN N 233 -10.53 23.65 49.80
N SER N 234 -10.23 22.91 48.73
CA SER N 234 -10.03 21.47 48.85
C SER N 234 -8.83 21.15 49.73
N HIS N 235 -7.74 21.89 49.57
CA HIS N 235 -6.53 21.61 50.36
C HIS N 235 -6.77 21.80 51.84
N ASN N 236 -7.44 22.90 52.22
CA ASN N 236 -7.73 23.14 53.63
C ASN N 236 -8.63 22.06 54.20
N GLN N 237 -9.66 21.67 53.45
CA GLN N 237 -10.55 20.61 53.89
C GLN N 237 -9.80 19.30 54.11
N VAL N 238 -8.93 18.95 53.16
CA VAL N 238 -8.18 17.70 53.26
C VAL N 238 -7.26 17.73 54.47
N SER N 239 -6.55 18.85 54.67
CA SER N 239 -5.63 18.96 55.79
C SER N 239 -6.36 18.87 57.12
N GLN N 240 -7.46 19.61 57.27
CA GLN N 240 -8.20 19.59 58.52
C GLN N 240 -8.81 18.22 58.78
N PHE N 241 -9.36 17.57 57.74
CA PHE N 241 -9.94 16.24 57.91
C PHE N 241 -8.88 15.23 58.32
N LYS N 242 -7.70 15.29 57.69
CA LYS N 242 -6.63 14.37 58.05
C LYS N 242 -6.17 14.59 59.48
N ARG N 243 -6.01 15.85 59.89
CA ARG N 243 -5.59 16.14 61.25
C ARG N 243 -6.61 15.63 62.26
N ALA N 244 -7.90 15.88 62.01
CA ALA N 244 -8.94 15.43 62.92
C ALA N 244 -8.99 13.91 63.01
N VAL N 245 -8.86 13.23 61.87
CA VAL N 245 -8.90 11.78 61.86
C VAL N 245 -7.72 11.21 62.64
N VAL N 246 -6.53 11.76 62.43
CA VAL N 246 -5.35 11.27 63.15
C VAL N 246 -5.50 11.50 64.64
N LEU N 247 -5.99 12.68 65.03
CA LEU N 247 -6.17 12.98 66.45
C LEU N 247 -7.19 12.03 67.09
N ASN N 248 -8.30 11.77 66.39
CA ASN N 248 -9.30 10.86 66.93
C ASN N 248 -8.77 9.44 67.03
N LYS N 249 -8.00 9.00 66.04
CA LYS N 249 -7.40 7.67 66.09
C LYS N 249 -6.44 7.55 67.27
N GLU N 250 -5.63 8.57 67.50
CA GLU N 250 -4.72 8.55 68.65
C GLU N 250 -5.50 8.55 69.96
N LYS N 251 -6.59 9.31 70.02
CA LYS N 251 -7.39 9.38 71.25
C LYS N 251 -8.02 8.02 71.56
N TYR N 252 -8.59 7.36 70.55
CA TYR N 252 -9.32 6.12 70.81
C TYR N 252 -8.43 4.89 70.88
N ASN N 253 -7.17 5.01 70.49
CA ASN N 253 -6.22 3.89 70.56
C ASN N 253 -4.92 4.36 71.20
N PRO N 254 -4.95 4.60 72.53
CA PRO N 254 -3.74 5.11 73.19
C PRO N 254 -2.55 4.15 73.14
N GLU N 255 -2.79 2.84 73.15
CA GLU N 255 -1.69 1.90 73.20
C GLU N 255 -0.83 1.96 71.94
N PHE N 256 -1.46 2.06 70.78
CA PHE N 256 -0.71 2.12 69.53
C PHE N 256 0.08 3.42 69.44
N LYS N 257 1.31 3.32 68.94
CA LYS N 257 2.21 4.47 68.82
C LYS N 257 2.32 4.98 67.40
N LYS N 258 2.59 4.08 66.44
CA LYS N 258 2.74 4.46 65.04
C LYS N 258 1.37 4.51 64.34
N ILE N 259 0.52 5.41 64.83
CA ILE N 259 -0.80 5.62 64.25
C ILE N 259 -0.69 6.71 63.20
N THR N 260 -1.11 6.39 61.97
CA THR N 260 -1.06 7.34 60.86
C THR N 260 -2.45 7.46 60.25
N TYR N 261 -2.53 8.26 59.18
CA TYR N 261 -3.81 8.49 58.52
C TYR N 261 -4.32 7.20 57.86
N ASP N 262 -3.42 6.32 57.43
CA ASP N 262 -3.80 5.09 56.76
C ASP N 262 -3.89 3.89 57.71
N SER N 263 -3.69 4.10 59.00
CA SER N 263 -3.78 2.99 59.95
C SER N 263 -5.24 2.57 60.13
N PRO N 264 -5.55 1.29 59.97
CA PRO N 264 -6.94 0.81 60.18
C PRO N 264 -7.27 0.60 61.65
N VAL N 265 -7.47 1.71 62.35
CA VAL N 265 -7.84 1.70 63.76
C VAL N 265 -9.11 2.52 63.94
N TYR N 266 -9.83 2.23 65.01
CA TYR N 266 -11.15 2.83 65.20
C TYR N 266 -11.04 4.33 65.47
N PHE N 267 -11.98 5.08 64.89
CA PHE N 267 -12.11 6.51 65.16
C PHE N 267 -13.55 6.91 64.87
N ASN N 268 -14.15 7.64 65.82
CA ASN N 268 -15.54 8.06 65.66
C ASN N 268 -15.64 9.15 64.60
N ILE N 269 -16.62 9.01 63.71
CA ILE N 269 -16.77 9.97 62.63
C ILE N 269 -17.66 11.15 63.01
N ASN N 270 -18.62 10.93 63.91
CA ASN N 270 -19.43 12.04 64.42
C ASN N 270 -18.57 13.04 65.19
N GLU N 271 -17.56 12.55 65.90
CA GLU N 271 -16.63 13.45 66.58
C GLU N 271 -15.83 14.28 65.60
N VAL N 272 -15.42 13.69 64.48
CA VAL N 272 -14.72 14.44 63.45
C VAL N 272 -15.64 15.49 62.84
N PHE N 273 -16.91 15.13 62.62
CA PHE N 273 -17.88 16.10 62.13
C PHE N 273 -18.04 17.26 63.11
N ASN N 274 -18.11 16.95 64.40
CA ASN N 274 -18.22 18.00 65.42
C ASN N 274 -16.98 18.88 65.43
N TYR N 275 -15.80 18.27 65.27
CA TYR N 275 -14.56 19.04 65.23
C TYR N 275 -14.55 20.01 64.06
N ILE N 276 -14.94 19.54 62.87
CA ILE N 276 -14.98 20.41 61.71
C ILE N 276 -16.03 21.51 61.89
N TYR N 277 -17.18 21.16 62.47
CA TYR N 277 -18.23 22.15 62.69
C TYR N 277 -17.78 23.23 63.66
N ASN N 278 -17.07 22.84 64.72
CA ASN N 278 -16.58 23.83 65.67
C ASN N 278 -15.47 24.67 65.07
N LEU N 279 -14.64 24.08 64.21
CA LEU N 279 -13.64 24.88 63.49
C LEU N 279 -14.31 25.86 62.54
N ASN N 280 -15.50 25.52 62.04
CA ASN N 280 -16.21 26.41 61.13
C ASN N 280 -16.73 27.67 61.83
N GLU N 281 -16.95 27.61 63.15
CA GLU N 281 -17.47 28.74 63.91
C GLU N 281 -16.46 29.30 64.90
N GLU N 282 -15.17 29.05 64.68
CA GLU N 282 -14.16 29.42 65.66
C GLU N 282 -14.04 30.93 65.78
N VAL N 283 -14.02 31.42 67.02
CA VAL N 283 -13.82 32.83 67.33
C VAL N 283 -12.74 32.92 68.39
N ILE N 284 -11.71 33.72 68.13
CA ILE N 284 -10.56 33.83 69.02
C ILE N 284 -10.64 35.14 69.80
N ASN N 285 -10.44 35.07 71.11
CA ASN N 285 -10.45 36.26 71.95
C ASN N 285 -9.17 37.05 71.75
N LYS N 286 -9.32 38.33 71.43
CA LYS N 286 -8.18 39.18 71.10
C LYS N 286 -8.06 40.37 72.07
N ILE N 287 -8.52 40.19 73.32
CA ILE N 287 -8.34 41.22 74.33
C ILE N 287 -6.87 41.35 74.67
N GLU N 288 -6.39 42.60 74.74
CA GLU N 288 -4.98 42.85 75.03
C GLU N 288 -4.60 42.25 76.38
N GLY N 289 -3.49 41.55 76.41
CA GLY N 289 -3.04 40.86 77.62
C GLY N 289 -3.50 39.43 77.74
N GLU N 290 -4.78 39.18 77.50
CA GLU N 290 -5.31 37.83 77.56
C GLU N 290 -4.76 36.99 76.42
N PRO N 291 -4.58 35.68 76.64
CA PRO N 291 -4.07 34.82 75.57
C PRO N 291 -5.04 34.72 74.41
N SER N 292 -4.48 34.51 73.22
CA SER N 292 -5.27 34.37 72.00
C SER N 292 -5.81 32.95 71.92
N LEU N 293 -6.90 32.72 72.64
CA LEU N 293 -7.55 31.42 72.72
C LEU N 293 -9.02 31.55 72.37
N PRO N 294 -9.63 30.48 71.85
CA PRO N 294 -11.07 30.54 71.55
C PRO N 294 -11.88 30.83 72.81
N LYS N 295 -12.92 31.65 72.65
CA LYS N 295 -13.77 32.06 73.75
C LYS N 295 -15.19 31.57 73.51
N LEU N 296 -15.75 30.87 74.49
CA LEU N 296 -17.10 30.36 74.38
C LEU N 296 -18.12 31.49 74.49
N SER N 297 -19.38 31.15 74.27
CA SER N 297 -20.45 32.13 74.43
C SER N 297 -20.56 32.59 75.88
N ASN N 298 -20.40 31.68 76.83
CA ASN N 298 -20.53 32.01 78.24
C ASN N 298 -19.19 32.39 78.87
N GLY N 299 -18.45 33.28 78.20
CA GLY N 299 -17.26 33.88 78.78
C GLY N 299 -16.21 32.89 79.27
N GLU N 300 -15.97 31.81 78.52
CA GLU N 300 -15.02 30.79 78.93
C GLU N 300 -14.04 30.53 77.79
N LEU N 301 -12.75 30.55 78.11
CA LEU N 301 -11.73 30.27 77.12
C LEU N 301 -11.55 28.75 76.96
N VAL N 302 -11.06 28.36 75.80
CA VAL N 302 -10.81 26.96 75.48
C VAL N 302 -9.31 26.73 75.59
N GLU N 303 -8.91 25.96 76.61
CA GLU N 303 -7.50 25.67 76.82
C GLU N 303 -6.99 24.61 75.85
N ASN N 304 -7.60 23.42 75.90
CA ASN N 304 -7.23 22.32 75.03
C ASN N 304 -8.23 22.22 73.89
N ARG N 305 -7.73 22.19 72.66
CA ARG N 305 -8.60 22.10 71.49
C ARG N 305 -9.00 20.65 71.22
N GLN N 306 -9.53 19.98 72.25
CA GLN N 306 -10.03 18.62 72.10
C GLN N 306 -11.42 18.42 72.68
N ILE N 307 -12.03 19.47 73.22
CA ILE N 307 -13.42 19.40 73.67
C ILE N 307 -14.32 19.55 72.46
N TYR N 308 -13.72 19.81 71.30
CA TYR N 308 -14.48 19.94 70.06
C TYR N 308 -15.12 18.61 69.66
N PHE N 309 -14.47 17.49 69.96
CA PHE N 309 -15.01 16.19 69.58
C PHE N 309 -16.29 15.86 70.35
N ASN N 310 -16.37 16.31 71.61
CA ASN N 310 -17.47 15.87 72.49
C ASN N 310 -18.82 16.32 71.96
N GLU N 311 -18.93 17.59 71.55
CA GLU N 311 -20.21 18.14 71.13
C GLU N 311 -19.96 19.41 70.34
N LYS N 312 -21.05 20.07 69.95
CA LYS N 312 -20.99 21.33 69.22
C LYS N 312 -21.09 22.49 70.21
N LEU N 313 -20.16 23.42 70.13
CA LEU N 313 -20.12 24.57 71.03
C LEU N 313 -20.59 25.83 70.33
N GLU N 314 -21.05 26.78 71.14
CA GLU N 314 -21.49 28.09 70.65
C GLU N 314 -20.49 29.13 71.13
N PHE N 315 -19.93 29.90 70.19
CA PHE N 315 -18.89 30.86 70.48
C PHE N 315 -19.45 32.27 70.50
N THR N 316 -18.65 33.20 71.02
CA THR N 316 -19.06 34.59 71.14
C THR N 316 -19.05 35.27 69.78
N SER N 317 -19.84 36.34 69.67
CA SER N 317 -19.92 37.10 68.43
C SER N 317 -18.67 37.95 68.24
N SER N 318 -18.32 38.17 66.98
CA SER N 318 -17.16 38.99 66.66
C SER N 318 -17.42 40.45 67.03
N ASN N 319 -16.38 41.11 67.53
CA ASN N 319 -16.49 42.50 67.95
C ASN N 319 -15.14 43.17 67.81
N THR N 320 -15.16 44.51 67.78
CA THR N 320 -13.94 45.30 67.65
C THR N 320 -13.69 46.21 68.83
N SER N 321 -14.55 46.19 69.85
CA SER N 321 -14.35 47.04 71.01
C SER N 321 -13.21 46.52 71.86
N LYS N 322 -12.57 47.45 72.60
CA LYS N 322 -11.46 47.06 73.46
C LYS N 322 -11.93 46.21 74.64
N ALA N 323 -13.13 46.48 75.15
CA ALA N 323 -13.64 45.71 76.29
C ALA N 323 -13.81 44.24 75.93
N THR N 324 -14.34 43.96 74.73
CA THR N 324 -14.53 42.59 74.25
C THR N 324 -14.09 42.55 72.79
N LYS N 325 -12.82 42.23 72.57
CA LYS N 325 -12.26 42.14 71.23
C LYS N 325 -12.18 40.67 70.82
N ALA N 326 -12.88 40.32 69.74
CA ALA N 326 -12.90 38.96 69.23
C ALA N 326 -12.69 38.99 67.72
N SER N 327 -11.99 37.99 67.21
CA SER N 327 -11.68 37.90 65.79
C SER N 327 -12.10 36.54 65.25
N ASN N 328 -12.42 36.50 63.97
CA ASN N 328 -12.81 35.26 63.32
C ASN N 328 -11.63 34.29 63.25
N GLY N 329 -11.93 33.01 63.35
CA GLY N 329 -10.92 31.98 63.28
C GLY N 329 -10.35 31.83 61.88
N PRO N 330 -9.21 31.14 61.77
CA PRO N 330 -8.61 30.96 60.45
C PRO N 330 -9.50 30.20 59.48
N PHE N 331 -10.31 29.26 59.97
CA PHE N 331 -11.19 28.45 59.13
C PHE N 331 -12.67 28.73 59.44
N ASN N 332 -13.00 30.00 59.66
CA ASN N 332 -14.37 30.39 60.01
C ASN N 332 -15.15 30.65 58.73
N GLY N 333 -16.21 29.87 58.52
CA GLY N 333 -17.06 30.03 57.35
C GLY N 333 -16.56 29.38 56.08
N GLU N 334 -15.43 28.68 56.13
CA GLU N 334 -14.87 28.04 54.95
C GLU N 334 -15.31 26.60 54.77
N PHE N 335 -16.07 26.04 55.70
CA PHE N 335 -16.50 24.65 55.62
C PHE N 335 -18.02 24.54 55.59
N ASN N 336 -18.68 25.35 54.77
CA ASN N 336 -20.14 25.32 54.72
C ASN N 336 -20.65 24.17 53.86
N ARG N 337 -20.22 24.12 52.60
CA ARG N 337 -20.66 23.05 51.71
C ARG N 337 -20.14 21.69 52.16
N PHE N 338 -18.90 21.66 52.65
CA PHE N 338 -18.30 20.39 53.09
C PHE N 338 -19.09 19.78 54.23
N LEU N 339 -19.50 20.59 55.21
CA LEU N 339 -20.30 20.08 56.31
C LEU N 339 -21.67 19.58 55.84
N SER N 340 -22.28 20.29 54.88
CA SER N 340 -23.57 19.85 54.36
C SER N 340 -23.45 18.50 53.67
N ARG N 341 -22.42 18.33 52.84
CA ARG N 341 -22.21 17.05 52.17
C ARG N 341 -21.89 15.95 53.18
N PHE N 342 -21.09 16.28 54.20
CA PHE N 342 -20.75 15.30 55.22
C PHE N 342 -21.98 14.83 55.97
N GLU N 343 -22.86 15.76 56.34
CA GLU N 343 -24.10 15.40 57.02
C GLU N 343 -25.03 14.63 56.11
N THR N 344 -25.03 14.96 54.81
CA THR N 344 -25.84 14.19 53.86
C THR N 344 -25.36 12.75 53.80
N LYS N 345 -24.04 12.54 53.79
CA LYS N 345 -23.51 11.18 53.82
C LYS N 345 -23.88 10.48 55.13
N LEU N 346 -23.78 11.20 56.25
CA LEU N 346 -24.05 10.58 57.55
C LEU N 346 -25.52 10.15 57.66
N THR N 347 -26.44 11.08 57.39
CA THR N 347 -27.86 10.80 57.62
C THR N 347 -28.38 9.72 56.67
N ASP N 348 -27.89 9.71 55.43
CA ASP N 348 -28.29 8.67 54.49
C ASP N 348 -27.87 7.31 54.99
N LYS N 349 -28.82 6.37 55.02
CA LYS N 349 -28.58 5.05 55.61
C LYS N 349 -28.76 3.91 54.61
N ARG N 350 -28.57 4.21 53.32
CA ARG N 350 -28.27 3.13 52.39
C ARG N 350 -26.81 2.75 52.42
N LEU N 351 -26.00 3.48 53.19
CA LEU N 351 -24.62 3.12 53.49
C LEU N 351 -24.48 2.53 54.90
N GLU N 352 -25.54 1.88 55.40
CA GLU N 352 -25.49 1.31 56.74
C GLU N 352 -24.48 0.19 56.84
N PHE N 353 -24.19 -0.50 55.73
CA PHE N 353 -23.16 -1.53 55.74
C PHE N 353 -21.80 -0.94 56.05
N LEU N 354 -21.57 0.30 55.66
CA LEU N 354 -20.30 0.97 55.89
C LEU N 354 -20.14 1.50 57.31
N LEU N 355 -21.20 1.41 58.12
CA LEU N 355 -21.20 1.95 59.49
C LEU N 355 -20.84 3.43 59.48
N LEU N 356 -21.14 4.12 58.38
CA LEU N 356 -20.68 5.49 58.17
C LEU N 356 -21.27 6.45 59.19
N ASN N 357 -22.38 6.09 59.82
CA ASN N 357 -22.99 6.92 60.85
C ASN N 357 -23.68 6.00 61.84
N GLN N 358 -24.57 6.56 62.66
CA GLN N 358 -25.26 5.83 63.73
C GLN N 358 -24.26 5.19 64.68
N ASP N 359 -23.17 5.91 64.96
CA ASP N 359 -22.19 5.45 65.94
C ASP N 359 -22.75 5.50 67.36
N VAL N 360 -23.87 6.18 67.58
CA VAL N 360 -24.55 6.19 68.87
C VAL N 360 -25.64 5.14 68.96
N GLU N 361 -25.83 4.33 67.92
CA GLU N 361 -26.87 3.31 67.91
C GLU N 361 -26.53 2.11 68.79
N GLU N 362 -25.29 2.04 69.29
CA GLU N 362 -24.84 1.05 70.27
C GLU N 362 -24.68 -0.33 69.63
N ASN N 363 -25.09 -0.47 68.37
CA ASN N 363 -24.84 -1.69 67.61
C ASN N 363 -23.92 -1.48 66.42
N SER N 364 -23.76 -0.23 65.97
CA SER N 364 -22.78 0.12 64.96
C SER N 364 -21.44 0.53 65.58
N LYS N 365 -21.24 0.21 66.85
CA LYS N 365 -20.00 0.54 67.57
C LYS N 365 -19.11 -0.69 67.56
N TYR N 366 -18.28 -0.80 66.53
CA TYR N 366 -17.30 -1.87 66.40
C TYR N 366 -15.91 -1.30 66.63
N ARG N 367 -15.15 -1.92 67.52
CA ARG N 367 -13.83 -1.42 67.88
C ARG N 367 -12.76 -2.22 67.14
N THR N 368 -11.50 -1.91 67.45
CA THR N 368 -10.38 -2.50 66.73
C THR N 368 -10.27 -4.00 67.01
N GLU N 369 -10.82 -4.48 68.12
CA GLU N 369 -10.65 -5.88 68.50
C GLU N 369 -11.38 -6.84 67.56
N HIS N 370 -12.29 -6.35 66.71
CA HIS N 370 -13.07 -7.19 65.82
C HIS N 370 -12.50 -7.25 64.40
N PHE N 371 -11.29 -6.72 64.20
CA PHE N 371 -10.67 -6.66 62.88
C PHE N 371 -10.38 -8.07 62.35
N GLU N 372 -9.91 -8.96 63.24
CA GLU N 372 -9.67 -10.34 62.83
C GLU N 372 -10.96 -11.00 62.37
N ASP N 373 -12.06 -10.77 63.08
CA ASP N 373 -13.35 -11.29 62.64
C ASP N 373 -13.75 -10.75 61.28
N ILE N 374 -13.51 -9.46 61.02
CA ILE N 374 -13.76 -8.92 59.69
C ILE N 374 -12.99 -9.71 58.63
N LEU N 375 -11.69 -9.89 58.86
CA LEU N 375 -10.86 -10.59 57.87
C LEU N 375 -11.33 -12.02 57.65
N LYS N 376 -11.60 -12.75 58.74
CA LYS N 376 -12.01 -14.14 58.61
C LYS N 376 -13.37 -14.25 57.92
N GLN N 377 -14.30 -13.34 58.22
CA GLN N 377 -15.58 -13.35 57.53
C GLN N 377 -15.40 -13.10 56.04
N PHE N 378 -14.40 -12.29 55.67
CA PHE N 378 -14.16 -12.06 54.25
C PHE N 378 -13.20 -13.05 53.61
N MET N 379 -12.69 -14.03 54.35
CA MET N 379 -11.89 -15.09 53.73
C MET N 379 -12.47 -16.48 53.96
N GLY N 380 -13.74 -16.58 54.31
CA GLY N 380 -14.36 -17.88 54.49
C GLY N 380 -13.76 -18.71 55.60
N TYR N 381 -13.44 -18.08 56.73
CA TYR N 381 -12.83 -18.78 57.85
C TYR N 381 -13.70 -18.83 59.10
N LEU N 382 -14.71 -17.95 59.21
CA LEU N 382 -15.68 -18.11 60.29
C LEU N 382 -16.42 -19.43 60.15
N ASP N 383 -16.86 -19.74 58.94
CA ASP N 383 -17.33 -21.07 58.57
C ASP N 383 -16.53 -21.51 57.36
N ARG N 384 -15.99 -22.73 57.40
CA ARG N 384 -15.07 -23.19 56.38
C ARG N 384 -15.74 -23.23 55.01
N SER N 385 -15.35 -22.31 54.14
CA SER N 385 -15.92 -22.19 52.80
C SER N 385 -14.80 -21.99 51.79
N ASN N 386 -14.94 -22.63 50.63
CA ASN N 386 -13.95 -22.51 49.57
C ASN N 386 -14.21 -21.33 48.64
N VAL N 387 -15.48 -20.91 48.51
CA VAL N 387 -15.85 -19.82 47.62
C VAL N 387 -16.54 -18.74 48.44
N SER N 388 -16.08 -17.50 48.28
CA SER N 388 -16.70 -16.34 48.92
C SER N 388 -17.20 -15.41 47.84
N ILE N 389 -18.50 -15.15 47.82
CA ILE N 389 -19.13 -14.30 46.83
C ILE N 389 -19.46 -12.97 47.49
N ILE N 390 -18.81 -11.90 47.03
CA ILE N 390 -19.06 -10.56 47.55
C ILE N 390 -20.08 -9.91 46.61
N ASP N 391 -21.34 -9.90 47.04
CA ASP N 391 -22.44 -9.41 46.22
C ASP N 391 -22.58 -7.91 46.41
N LEU N 392 -22.22 -7.14 45.39
CA LEU N 392 -22.22 -5.68 45.44
C LEU N 392 -23.29 -5.09 44.55
N SER N 393 -24.46 -5.73 44.49
CA SER N 393 -25.54 -5.21 43.67
C SER N 393 -26.32 -4.11 44.38
N GLY N 394 -26.55 -4.27 45.68
CA GLY N 394 -27.27 -3.26 46.45
C GLY N 394 -26.44 -2.08 46.89
N ILE N 395 -25.14 -2.12 46.65
CA ILE N 395 -24.25 -1.01 47.04
C ILE N 395 -24.50 0.17 46.10
N PRO N 396 -24.59 1.40 46.62
CA PRO N 396 -24.75 2.56 45.73
C PRO N 396 -23.57 2.68 44.77
N PHE N 397 -23.87 3.17 43.56
CA PHE N 397 -22.86 3.20 42.50
C PHE N 397 -21.72 4.15 42.79
N GLU N 398 -21.90 5.11 43.70
CA GLU N 398 -20.85 6.08 44.01
C GLU N 398 -19.89 5.59 45.08
N VAL N 399 -20.13 4.43 45.68
CA VAL N 399 -19.23 3.88 46.68
C VAL N 399 -18.85 2.45 46.31
N LEU N 400 -19.09 2.08 45.05
CA LEU N 400 -18.75 0.73 44.61
C LEU N 400 -17.25 0.54 44.47
N SER N 401 -16.56 1.54 43.92
CA SER N 401 -15.10 1.45 43.79
C SER N 401 -14.43 1.44 45.15
N ILE N 402 -14.94 2.22 46.10
CA ILE N 402 -14.33 2.29 47.42
C ILE N 402 -14.38 0.94 48.12
N THR N 403 -15.53 0.26 48.06
CA THR N 403 -15.66 -1.05 48.71
C THR N 403 -14.72 -2.07 48.08
N ILE N 404 -14.64 -2.08 46.75
CA ILE N 404 -13.77 -3.03 46.06
C ILE N 404 -12.32 -2.78 46.43
N SER N 405 -11.91 -1.50 46.47
CA SER N 405 -10.55 -1.18 46.86
C SER N 405 -10.28 -1.59 48.30
N LEU N 406 -11.26 -1.39 49.19
CA LEU N 406 -11.09 -1.76 50.59
C LEU N 406 -10.92 -3.26 50.76
N ILE N 407 -11.75 -4.06 50.08
CA ILE N 407 -11.65 -5.50 50.21
C ILE N 407 -10.36 -6.01 49.56
N SER N 408 -10.01 -5.46 48.39
CA SER N 408 -8.79 -5.88 47.72
C SER N 408 -7.55 -5.53 48.55
N ARG N 409 -7.54 -4.34 49.14
CA ARG N 409 -6.39 -3.92 49.93
C ARG N 409 -6.23 -4.76 51.19
N LEU N 410 -7.35 -5.09 51.85
CA LEU N 410 -7.28 -5.90 53.07
C LEU N 410 -6.74 -7.29 52.79
N ILE N 411 -7.18 -7.91 51.70
CA ILE N 411 -6.70 -9.25 51.35
C ILE N 411 -5.22 -9.20 50.96
N PHE N 412 -4.82 -8.15 50.24
CA PHE N 412 -3.42 -8.03 49.83
C PHE N 412 -2.51 -7.85 51.04
N ASP N 413 -2.97 -7.11 52.05
CA ASP N 413 -2.15 -6.92 53.25
C ASP N 413 -1.93 -8.24 53.98
N PHE N 414 -2.97 -9.07 54.07
CA PHE N 414 -2.83 -10.37 54.72
C PHE N 414 -1.84 -11.25 53.96
N ALA N 415 -1.92 -11.27 52.64
CA ALA N 415 -0.98 -12.06 51.84
C ALA N 415 0.44 -11.53 51.97
N PHE N 416 0.60 -10.20 52.00
CA PHE N 416 1.91 -9.61 52.13
C PHE N 416 2.55 -9.95 53.47
N HIS N 417 1.76 -9.91 54.54
CA HIS N 417 2.29 -10.19 55.87
C HIS N 417 2.28 -11.68 56.21
N TYR N 418 1.69 -12.52 55.36
CA TYR N 418 1.81 -13.96 55.51
C TYR N 418 2.94 -14.53 54.66
N SER N 419 3.31 -13.86 53.58
CA SER N 419 4.56 -14.19 52.90
C SER N 419 5.74 -13.94 53.82
N LYS N 420 5.73 -12.79 54.50
CA LYS N 420 6.59 -12.60 55.66
C LYS N 420 6.01 -13.37 56.85
N LEU N 421 6.83 -13.52 57.90
CA LEU N 421 6.47 -14.28 59.09
C LEU N 421 6.40 -15.78 58.74
N GLN N 422 6.56 -16.10 57.46
CA GLN N 422 6.68 -17.48 57.00
C GLN N 422 7.94 -17.71 56.17
N HIS N 423 8.53 -16.67 55.58
CA HIS N 423 9.86 -16.80 54.99
C HIS N 423 10.92 -17.08 56.05
N GLN N 424 10.64 -16.74 57.31
CA GLN N 424 11.56 -17.08 58.39
C GLN N 424 11.69 -18.59 58.54
N LYS N 425 10.59 -19.31 58.39
CA LYS N 425 10.59 -20.77 58.44
C LYS N 425 10.98 -21.42 57.13
N ASP N 426 11.55 -20.64 56.20
CA ASP N 426 11.99 -21.13 54.89
C ASP N 426 10.83 -21.78 54.13
N GLU N 427 9.65 -21.19 54.22
CA GLU N 427 8.45 -21.66 53.55
C GLU N 427 7.87 -20.53 52.70
N LEU N 428 6.81 -20.86 51.96
CA LEU N 428 6.10 -19.92 51.10
C LEU N 428 4.66 -19.80 51.58
N ASN N 429 3.86 -19.05 50.82
CA ASN N 429 2.45 -18.86 51.14
C ASN N 429 1.69 -20.14 50.80
N ASP N 430 1.14 -20.79 51.83
CA ASP N 430 0.44 -22.06 51.67
C ASP N 430 -1.06 -21.88 51.52
N ILE N 431 -1.56 -20.66 51.54
CA ILE N 431 -2.99 -20.40 51.38
C ILE N 431 -3.19 -19.36 50.28
N PRO N 432 -3.00 -19.73 49.02
CA PRO N 432 -3.19 -18.76 47.94
C PRO N 432 -4.66 -18.42 47.74
N PHE N 433 -4.89 -17.22 47.19
CA PHE N 433 -6.24 -16.75 46.91
C PHE N 433 -6.32 -16.30 45.46
N MET N 434 -7.46 -16.57 44.82
CA MET N 434 -7.75 -16.09 43.48
C MET N 434 -8.96 -15.16 43.56
N ILE N 435 -8.79 -13.94 43.04
CA ILE N 435 -9.83 -12.92 43.06
C ILE N 435 -10.42 -12.81 41.66
N VAL N 436 -11.70 -13.14 41.53
CA VAL N 436 -12.39 -13.08 40.25
C VAL N 436 -13.06 -11.71 40.16
N CYS N 437 -12.43 -10.79 39.44
CA CYS N 437 -12.98 -9.47 39.18
C CYS N 437 -13.72 -9.51 37.85
N GLU N 438 -15.01 -9.20 37.89
CA GLU N 438 -15.87 -9.32 36.73
C GLU N 438 -16.65 -8.04 36.51
N GLU N 439 -17.03 -7.79 35.26
CA GLU N 439 -17.50 -6.48 34.82
C GLU N 439 -16.50 -5.41 35.23
N ALA N 440 -15.22 -5.69 34.94
CA ALA N 440 -14.13 -4.89 35.47
C ALA N 440 -14.15 -3.46 34.93
N HIS N 441 -14.75 -3.24 33.76
CA HIS N 441 -14.77 -1.89 33.21
C HIS N 441 -15.59 -0.92 34.06
N ASN N 442 -16.39 -1.43 35.01
CA ASN N 442 -17.16 -0.54 35.87
C ASN N 442 -16.28 0.12 36.92
N TYR N 443 -15.35 -0.62 37.52
CA TYR N 443 -14.57 -0.09 38.63
C TYR N 443 -13.08 0.11 38.32
N ILE N 444 -12.56 -0.50 37.27
CA ILE N 444 -11.19 -0.22 36.83
C ILE N 444 -11.20 0.08 35.34
N PRO N 445 -11.71 1.23 34.93
CA PRO N 445 -11.83 1.54 33.50
C PRO N 445 -10.50 2.03 32.92
N ARG N 446 -10.52 2.31 31.62
CA ARG N 446 -9.34 2.86 30.96
C ARG N 446 -9.22 4.36 31.19
N THR N 447 -10.23 5.12 30.76
CA THR N 447 -10.25 6.56 30.92
C THR N 447 -11.16 6.89 32.09
N GLY N 448 -10.57 6.97 33.29
CA GLY N 448 -11.33 7.26 34.49
C GLY N 448 -10.89 8.52 35.18
N GLY N 449 -11.76 9.08 36.02
CA GLY N 449 -11.45 10.30 36.74
C GLY N 449 -10.78 10.05 38.08
N ILE N 450 -11.39 10.54 39.16
CA ILE N 450 -10.82 10.43 40.49
C ILE N 450 -11.58 9.36 41.27
N GLU N 451 -12.86 9.16 40.93
CA GLU N 451 -13.69 8.22 41.67
C GLU N 451 -13.19 6.78 41.56
N PHE N 452 -12.43 6.45 40.52
CA PHE N 452 -11.91 5.11 40.31
C PHE N 452 -10.44 4.99 40.67
N LYS N 453 -9.88 5.98 41.38
CA LYS N 453 -8.45 5.98 41.67
C LYS N 453 -8.06 4.86 42.62
N ALA N 454 -8.81 4.71 43.72
CA ALA N 454 -8.44 3.75 44.76
C ALA N 454 -8.51 2.31 44.24
N ALA N 455 -9.61 1.96 43.56
CA ALA N 455 -9.75 0.60 43.04
C ALA N 455 -8.68 0.31 42.00
N LYS N 456 -8.42 1.26 41.10
CA LYS N 456 -7.39 1.07 40.09
C LYS N 456 -6.02 0.87 40.74
N LYS N 457 -5.69 1.68 41.74
CA LYS N 457 -4.40 1.54 42.41
C LYS N 457 -4.27 0.18 43.10
N SER N 458 -5.32 -0.24 43.81
CA SER N 458 -5.27 -1.51 44.54
C SER N 458 -5.14 -2.69 43.58
N ILE N 459 -5.96 -2.71 42.53
CA ILE N 459 -5.90 -3.82 41.58
C ILE N 459 -4.58 -3.80 40.81
N GLU N 460 -4.05 -2.62 40.50
CA GLU N 460 -2.74 -2.55 39.86
C GLU N 460 -1.65 -3.11 40.76
N ARG N 461 -1.72 -2.79 42.06
CA ARG N 461 -0.75 -3.35 42.99
C ARG N 461 -0.85 -4.87 43.05
N ILE N 462 -2.07 -5.40 43.11
CA ILE N 462 -2.26 -6.86 43.16
C ILE N 462 -1.76 -7.50 41.87
N ALA N 463 -1.96 -6.83 40.73
CA ALA N 463 -1.52 -7.39 39.46
C ALA N 463 0.00 -7.38 39.34
N LYS N 464 0.64 -6.28 39.73
CA LYS N 464 2.08 -6.14 39.55
C LYS N 464 2.87 -6.95 40.56
N GLU N 465 2.43 -6.98 41.83
CA GLU N 465 3.22 -7.57 42.89
C GLU N 465 2.49 -8.69 43.64
N GLY N 466 1.35 -9.15 43.14
CA GLY N 466 0.58 -10.14 43.87
C GLY N 466 0.95 -11.57 43.56
N ARG N 467 1.67 -11.79 42.46
CA ARG N 467 2.05 -13.16 42.08
C ARG N 467 3.01 -13.77 43.10
N LYS N 468 3.95 -12.98 43.60
CA LYS N 468 4.95 -13.48 44.53
C LYS N 468 4.43 -13.63 45.95
N TYR N 469 3.25 -13.08 46.26
CA TYR N 469 2.69 -13.18 47.60
C TYR N 469 1.58 -14.21 47.71
N GLY N 470 0.92 -14.56 46.61
CA GLY N 470 -0.11 -15.59 46.64
C GLY N 470 -1.48 -15.12 46.21
N LEU N 471 -1.52 -14.09 45.36
CA LEU N 471 -2.78 -13.56 44.84
C LEU N 471 -2.76 -13.57 43.32
N SER N 472 -3.89 -13.94 42.73
CA SER N 472 -4.07 -13.94 41.29
C SER N 472 -5.41 -13.33 40.95
N LEU N 473 -5.49 -12.75 39.75
CA LEU N 473 -6.70 -12.07 39.28
C LEU N 473 -7.27 -12.79 38.08
N MET N 474 -8.59 -12.92 38.04
CA MET N 474 -9.31 -13.47 36.90
C MET N 474 -10.25 -12.37 36.41
N VAL N 475 -9.73 -11.51 35.54
CA VAL N 475 -10.49 -10.36 35.05
C VAL N 475 -11.48 -10.84 33.99
N VAL N 476 -12.76 -10.63 34.25
CA VAL N 476 -13.83 -10.96 33.30
C VAL N 476 -14.46 -9.65 32.86
N SER N 477 -14.47 -9.41 31.54
CA SER N 477 -15.00 -8.18 30.99
C SER N 477 -15.50 -8.42 29.58
N GLN N 478 -16.68 -7.90 29.27
CA GLN N 478 -17.24 -8.01 27.93
C GLN N 478 -16.73 -6.92 26.99
N ARG N 479 -16.05 -5.89 27.52
CA ARG N 479 -15.46 -4.83 26.72
C ARG N 479 -14.01 -4.67 27.16
N PRO N 480 -13.12 -5.55 26.70
CA PRO N 480 -11.72 -5.49 27.17
C PRO N 480 -11.00 -4.21 26.80
N SER N 481 -11.47 -3.48 25.78
CA SER N 481 -10.82 -2.24 25.40
C SER N 481 -11.01 -1.14 26.41
N GLU N 482 -12.09 -1.20 27.21
CA GLU N 482 -12.36 -0.18 28.22
C GLU N 482 -11.72 -0.48 29.56
N VAL N 483 -11.11 -1.65 29.73
CA VAL N 483 -10.39 -1.98 30.94
C VAL N 483 -8.99 -1.37 30.87
N SER N 484 -8.44 -1.04 32.05
CA SER N 484 -7.13 -0.40 32.09
C SER N 484 -6.07 -1.30 31.47
N ASP N 485 -5.25 -0.70 30.60
CA ASP N 485 -4.18 -1.46 29.96
C ASP N 485 -3.10 -1.89 30.93
N THR N 486 -2.99 -1.23 32.08
CA THR N 486 -1.98 -1.62 33.06
C THR N 486 -2.26 -2.99 33.64
N ILE N 487 -3.54 -3.36 33.78
CA ILE N 487 -3.90 -4.62 34.40
C ILE N 487 -4.01 -5.75 33.38
N LEU N 488 -4.64 -5.49 32.23
CA LEU N 488 -4.83 -6.54 31.23
C LEU N 488 -3.50 -6.96 30.60
N SER N 489 -2.53 -6.06 30.53
CA SER N 489 -1.23 -6.41 29.94
C SER N 489 -0.47 -7.42 30.79
N GLN N 490 -0.77 -7.52 32.08
CA GLN N 490 -0.13 -8.51 32.94
C GLN N 490 -0.77 -9.89 32.85
N CYS N 491 -1.85 -10.03 32.09
CA CYS N 491 -2.52 -11.32 31.96
C CYS N 491 -1.74 -12.21 31.00
N ASN N 492 -1.48 -13.45 31.43
CA ASN N 492 -0.72 -14.41 30.64
C ASN N 492 -1.60 -15.37 29.85
N ASN N 493 -2.57 -15.99 30.51
CA ASN N 493 -3.47 -16.95 29.87
C ASN N 493 -4.80 -16.28 29.57
N PHE N 494 -5.36 -16.60 28.41
CA PHE N 494 -6.59 -15.97 27.93
C PHE N 494 -7.63 -17.04 27.61
N ILE N 495 -8.86 -16.77 28.02
CA ILE N 495 -10.02 -17.58 27.63
C ILE N 495 -10.95 -16.66 26.86
N ASN N 496 -10.80 -16.64 25.54
CA ASN N 496 -11.49 -15.69 24.68
C ASN N 496 -12.72 -16.34 24.08
N LEU N 497 -13.89 -15.80 24.39
CA LEU N 497 -15.14 -16.22 23.76
C LEU N 497 -15.41 -15.33 22.54
N ARG N 498 -16.62 -15.40 22.01
CA ARG N 498 -16.96 -14.60 20.84
C ARG N 498 -16.84 -13.12 21.13
N LEU N 499 -16.18 -12.40 20.22
CA LEU N 499 -15.93 -10.96 20.38
C LEU N 499 -16.35 -10.26 19.09
N THR N 500 -17.58 -9.74 19.07
CA THR N 500 -18.09 -9.03 17.91
C THR N 500 -17.89 -7.53 18.09
N ASN N 501 -16.63 -7.12 18.00
CA ASN N 501 -16.26 -5.71 18.06
C ASN N 501 -14.84 -5.57 17.53
N ILE N 502 -14.65 -4.64 16.59
CA ILE N 502 -13.35 -4.49 15.94
C ILE N 502 -12.30 -4.01 16.94
N ASN N 503 -12.66 -3.03 17.79
CA ASN N 503 -11.69 -2.50 18.75
C ASN N 503 -11.26 -3.57 19.74
N ASP N 504 -12.21 -4.35 20.27
CA ASP N 504 -11.88 -5.41 21.20
C ASP N 504 -11.01 -6.47 20.54
N GLN N 505 -11.34 -6.83 19.30
CA GLN N 505 -10.55 -7.83 18.58
C GLN N 505 -9.12 -7.34 18.39
N ASN N 506 -8.94 -6.09 17.99
CA ASN N 506 -7.61 -5.54 17.79
C ASN N 506 -6.84 -5.50 19.10
N TYR N 507 -7.48 -5.07 20.18
CA TYR N 507 -6.81 -5.00 21.47
C TYR N 507 -6.40 -6.39 21.96
N ILE N 508 -7.26 -7.39 21.76
CA ILE N 508 -6.91 -8.74 22.18
C ILE N 508 -5.77 -9.29 21.33
N LYS N 509 -5.82 -9.07 20.01
CA LYS N 509 -4.76 -9.58 19.14
C LYS N 509 -3.43 -8.90 19.44
N ASN N 510 -3.44 -7.63 19.87
CA ASN N 510 -2.20 -6.96 20.22
C ASN N 510 -1.59 -7.49 21.52
N LEU N 511 -2.37 -8.24 22.31
CA LEU N 511 -1.88 -8.77 23.58
C LEU N 511 -1.54 -10.25 23.52
N LEU N 512 -2.15 -11.01 22.61
CA LEU N 512 -1.90 -12.43 22.54
C LEU N 512 -0.48 -12.70 22.02
N PRO N 513 0.09 -13.85 22.37
CA PRO N 513 1.42 -14.20 21.85
C PRO N 513 1.40 -14.32 20.33
N ASP N 514 2.56 -14.05 19.72
CA ASP N 514 2.66 -14.00 18.27
C ASP N 514 2.35 -15.33 17.61
N ASN N 515 2.48 -16.45 18.33
CA ASN N 515 2.15 -17.74 17.74
C ASN N 515 0.66 -17.84 17.40
N SER N 516 -0.19 -17.31 18.26
CA SER N 516 -1.63 -17.30 18.03
C SER N 516 -2.08 -16.00 17.36
N ARG N 517 -1.46 -15.67 16.24
CA ARG N 517 -1.78 -14.47 15.48
C ARG N 517 -2.73 -14.75 14.33
N SER N 518 -2.44 -15.77 13.52
CA SER N 518 -3.33 -16.12 12.41
C SER N 518 -4.59 -16.82 12.90
N ILE N 519 -4.51 -17.54 14.02
CA ILE N 519 -5.69 -18.21 14.56
C ILE N 519 -6.63 -17.26 15.30
N SER N 520 -6.17 -16.04 15.59
CA SER N 520 -7.00 -15.07 16.29
C SER N 520 -8.14 -14.51 15.44
N GLU N 521 -8.13 -14.76 14.12
CA GLU N 521 -9.21 -14.31 13.26
C GLU N 521 -10.49 -15.11 13.44
N ILE N 522 -10.43 -16.22 14.20
CA ILE N 522 -11.62 -17.05 14.45
C ILE N 522 -12.49 -16.50 15.57
N LEU N 523 -12.06 -15.43 16.24
CA LEU N 523 -12.82 -14.89 17.37
C LEU N 523 -14.24 -14.48 17.01
N PRO N 524 -14.49 -13.69 15.96
CA PRO N 524 -15.88 -13.31 15.67
C PRO N 524 -16.76 -14.46 15.22
N THR N 525 -16.18 -15.57 14.77
CA THR N 525 -16.93 -16.71 14.26
C THR N 525 -17.08 -17.82 15.29
N LEU N 526 -16.68 -17.60 16.53
CA LEU N 526 -16.78 -18.63 17.54
C LEU N 526 -18.24 -18.90 17.90
N GLY N 527 -18.58 -20.16 18.06
CA GLY N 527 -19.94 -20.57 18.37
C GLY N 527 -20.25 -20.47 19.85
N ALA N 528 -21.44 -20.95 20.20
CA ALA N 528 -21.89 -20.93 21.58
C ALA N 528 -21.18 -22.03 22.38
N GLY N 529 -20.58 -21.65 23.50
CA GLY N 529 -19.87 -22.58 24.34
C GLY N 529 -18.45 -22.88 23.93
N GLU N 530 -17.97 -22.30 22.84
CA GLU N 530 -16.62 -22.53 22.35
C GLU N 530 -15.73 -21.36 22.74
N CYS N 531 -14.55 -21.67 23.27
CA CYS N 531 -13.60 -20.65 23.71
C CYS N 531 -12.25 -20.90 23.07
N LEU N 532 -11.47 -19.82 22.95
CA LEU N 532 -10.12 -19.88 22.40
C LEU N 532 -9.12 -19.73 23.55
N VAL N 533 -8.42 -20.81 23.86
CA VAL N 533 -7.48 -20.85 24.97
C VAL N 533 -6.08 -20.59 24.42
N VAL N 534 -5.48 -19.48 24.84
CA VAL N 534 -4.12 -19.10 24.43
C VAL N 534 -3.37 -18.65 25.67
N GLY N 535 -2.18 -19.19 25.87
CA GLY N 535 -1.37 -18.80 27.00
C GLY N 535 -0.25 -19.80 27.24
N ASP N 536 0.48 -19.57 28.33
CA ASP N 536 1.60 -20.44 28.68
C ASP N 536 1.13 -21.78 29.23
N SER N 537 -0.10 -21.86 29.73
CA SER N 537 -0.58 -23.10 30.33
C SER N 537 -0.87 -24.17 29.29
N THR N 538 -1.01 -23.80 28.01
CA THR N 538 -1.31 -24.79 26.99
C THR N 538 -0.14 -24.96 26.04
N PRO N 539 0.15 -26.19 25.61
CA PRO N 539 1.23 -26.38 24.63
C PRO N 539 0.99 -25.65 23.32
N ILE N 540 -0.27 -25.59 22.87
CA ILE N 540 -0.62 -24.88 21.64
C ILE N 540 -1.95 -24.18 21.83
N PRO N 541 -2.16 -23.08 21.10
CA PRO N 541 -3.48 -22.46 21.11
C PRO N 541 -4.55 -23.44 20.61
N SER N 542 -5.71 -23.40 21.26
CA SER N 542 -6.73 -24.40 21.00
C SER N 542 -8.11 -23.76 21.05
N ILE N 543 -9.06 -24.42 20.40
CA ILE N 543 -10.48 -24.09 20.47
C ILE N 543 -11.16 -25.20 21.27
N VAL N 544 -11.79 -24.82 22.37
CA VAL N 544 -12.29 -25.78 23.35
C VAL N 544 -13.80 -25.61 23.49
N LYS N 545 -14.52 -26.72 23.39
CA LYS N 545 -15.97 -26.74 23.60
C LYS N 545 -16.22 -27.03 25.08
N LEU N 546 -16.58 -25.98 25.82
CA LEU N 546 -16.83 -26.13 27.25
C LEU N 546 -18.19 -26.79 27.49
N GLU N 547 -18.34 -27.34 28.70
CA GLU N 547 -19.58 -27.98 29.12
C GLU N 547 -20.38 -27.01 30.00
N LEU N 548 -21.69 -27.17 29.95
CA LEU N 548 -22.56 -26.32 30.74
C LEU N 548 -22.37 -26.59 32.23
N PRO N 549 -22.42 -25.56 33.07
CA PRO N 549 -22.26 -25.78 34.51
C PRO N 549 -23.48 -26.46 35.11
N ASN N 550 -23.27 -27.04 36.29
CA ASN N 550 -24.34 -27.69 37.05
C ASN N 550 -24.05 -27.50 38.53
N PRO N 551 -24.78 -26.61 39.20
CA PRO N 551 -25.88 -25.76 38.70
C PRO N 551 -25.38 -24.59 37.86
N GLU N 552 -26.28 -23.95 37.09
CA GLU N 552 -25.93 -22.87 36.19
C GLU N 552 -26.16 -21.51 36.84
N PRO N 553 -25.36 -20.51 36.48
CA PRO N 553 -25.62 -19.15 36.96
C PRO N 553 -26.94 -18.61 36.41
N ARG N 554 -27.58 -17.77 37.20
CA ARG N 554 -28.86 -17.19 36.81
C ARG N 554 -29.03 -15.86 37.51
N SER N 555 -29.40 -14.83 36.75
CA SER N 555 -29.62 -13.49 37.27
C SER N 555 -31.12 -13.19 37.31
N GLN N 556 -31.61 -12.77 38.47
CA GLN N 556 -33.02 -12.43 38.62
C GLN N 556 -33.25 -11.05 38.02
N SER N 557 -33.99 -11.01 36.90
CA SER N 557 -34.27 -9.77 36.20
C SER N 557 -35.75 -9.70 35.87
N ILE N 558 -36.23 -8.47 35.72
CA ILE N 558 -37.64 -8.21 35.44
C ILE N 558 -37.86 -8.18 33.93
N LYS N 559 -38.81 -8.97 33.45
CA LYS N 559 -39.17 -9.01 32.04
C LYS N 559 -40.18 -7.89 31.80
N PHE N 560 -39.72 -6.79 31.20
CA PHE N 560 -40.58 -5.62 31.04
C PHE N 560 -41.76 -5.92 30.12
N HIS N 561 -41.50 -6.58 28.99
CA HIS N 561 -42.57 -6.86 28.04
C HIS N 561 -43.59 -7.83 28.62
N LYS N 562 -43.13 -8.84 29.36
CA LYS N 562 -44.04 -9.78 30.00
C LYS N 562 -44.90 -9.07 31.05
N LYS N 563 -44.29 -8.19 31.84
CA LYS N 563 -45.03 -7.46 32.86
C LYS N 563 -45.91 -6.37 32.29
N TRP N 564 -45.61 -5.89 31.08
CA TRP N 564 -46.43 -4.87 30.45
C TRP N 564 -47.63 -5.45 29.72
N SER N 565 -47.67 -6.76 29.49
CA SER N 565 -48.78 -7.40 28.80
C SER N 565 -49.90 -7.83 29.73
N GLU N 566 -49.71 -7.72 31.04
CA GLU N 566 -50.74 -8.10 31.99
C GLU N 566 -51.73 -6.95 32.19
N SER N 567 -52.75 -7.19 33.01
CA SER N 567 -53.74 -6.16 33.30
C SER N 567 -53.12 -5.07 34.17
N TRP N 568 -53.82 -3.93 34.22
CA TRP N 568 -53.33 -2.79 34.99
C TRP N 568 -53.20 -3.16 36.45
N ARG N 569 -52.05 -2.83 37.04
CA ARG N 569 -51.73 -3.18 38.42
C ARG N 569 -51.51 -1.91 39.23
N THR N 570 -52.10 -1.87 40.42
CA THR N 570 -51.98 -0.73 41.31
C THR N 570 -51.17 -1.12 42.55
N PRO N 571 -50.04 -0.49 42.80
CA PRO N 571 -49.26 -0.82 44.00
C PRO N 571 -49.91 -0.24 45.25
N SER N 572 -49.41 -0.69 46.40
CA SER N 572 -49.86 -0.17 47.70
C SER N 572 -48.98 1.03 48.03
N PHE N 573 -49.48 2.23 47.72
CA PHE N 573 -48.68 3.44 47.92
C PHE N 573 -48.50 3.76 49.40
N GLU N 574 -49.47 3.40 50.24
CA GLU N 574 -49.33 3.63 51.67
C GLU N 574 -48.13 2.87 52.23
N GLU N 575 -47.96 1.61 51.82
CA GLU N 575 -46.83 0.83 52.31
C GLU N 575 -45.50 1.41 51.83
N VAL N 576 -45.42 1.83 50.56
CA VAL N 576 -44.14 2.32 50.06
C VAL N 576 -43.80 3.66 50.70
N ILE N 577 -44.79 4.52 50.96
CA ILE N 577 -44.47 5.77 51.63
C ILE N 577 -44.15 5.53 53.11
N MET N 578 -44.77 4.51 53.72
CA MET N 578 -44.40 4.16 55.07
C MET N 578 -42.94 3.70 55.15
N ARG N 579 -42.49 2.93 54.17
CA ARG N 579 -41.09 2.55 54.12
C ARG N 579 -40.20 3.75 53.77
N TRP N 580 -40.70 4.66 52.95
CA TRP N 580 -40.03 5.93 52.69
C TRP N 580 -39.71 6.66 53.98
N ARG N 581 -40.70 6.79 54.86
CA ARG N 581 -40.58 7.60 56.06
C ARG N 581 -40.23 6.80 57.30
N LYS N 582 -39.96 5.50 57.17
CA LYS N 582 -39.70 4.66 58.32
C LYS N 582 -38.22 4.63 58.71
N GLU N 583 -37.32 4.54 57.72
CA GLU N 583 -35.89 4.43 58.04
C GLU N 583 -35.35 5.71 58.66
N ASN N 584 -35.88 6.87 58.27
CA ASN N 584 -35.44 8.15 58.82
C ASN N 584 -36.29 8.60 60.00
N GLY N 585 -37.32 7.85 60.37
CA GLY N 585 -38.17 8.20 61.49
C GLY N 585 -39.51 8.77 61.08
N MET O 1 37.78 -0.75 -19.54
CA MET O 1 37.11 0.55 -19.63
C MET O 1 35.64 0.38 -20.00
N LYS O 2 35.40 -0.12 -21.21
CA LYS O 2 34.04 -0.37 -21.66
C LYS O 2 33.39 -1.45 -20.81
N ILE O 3 32.14 -1.21 -20.39
CA ILE O 3 31.46 -2.11 -19.48
C ILE O 3 30.23 -2.71 -20.14
N GLY O 4 29.33 -1.86 -20.61
CA GLY O 4 28.09 -2.33 -21.22
C GLY O 4 27.41 -1.25 -22.02
N SER O 5 26.08 -1.33 -22.08
CA SER O 5 25.29 -0.38 -22.85
C SER O 5 23.99 -0.11 -22.13
N VAL O 6 23.45 1.09 -22.33
CA VAL O 6 22.20 1.47 -21.69
C VAL O 6 21.04 0.72 -22.33
N ILE O 7 19.99 0.48 -21.55
CA ILE O 7 18.78 -0.19 -22.01
C ILE O 7 17.57 0.73 -21.96
N GLU O 8 17.33 1.34 -20.81
CA GLU O 8 16.23 2.28 -20.64
C GLU O 8 16.77 3.54 -19.94
N SER O 9 16.41 4.70 -20.47
CA SER O 9 16.86 5.97 -19.93
C SER O 9 15.66 6.79 -19.48
N SER O 10 15.70 7.25 -18.24
CA SER O 10 14.67 8.09 -17.64
C SER O 10 15.35 9.18 -16.83
N PRO O 11 14.70 10.32 -16.62
CA PRO O 11 15.31 11.37 -15.78
C PRO O 11 15.56 10.92 -14.35
N HIS O 12 14.88 9.88 -13.88
CA HIS O 12 15.10 9.36 -12.54
C HIS O 12 16.23 8.33 -12.52
N SER O 13 16.11 7.26 -13.29
CA SER O 13 17.08 6.19 -13.30
C SER O 13 17.39 5.77 -14.74
N ILE O 14 18.61 5.32 -14.95
CA ILE O 14 19.07 4.80 -16.24
C ILE O 14 19.53 3.36 -16.04
N LEU O 15 19.03 2.45 -16.87
CA LEU O 15 19.37 1.04 -16.77
C LEU O 15 20.44 0.69 -17.79
N VAL O 16 21.52 0.07 -17.32
CA VAL O 16 22.63 -0.35 -18.17
C VAL O 16 22.80 -1.85 -18.04
N LYS O 17 23.10 -2.51 -19.16
CA LYS O 17 23.27 -3.96 -19.21
C LYS O 17 24.73 -4.29 -19.45
N ILE O 18 25.28 -5.18 -18.64
CA ILE O 18 26.68 -5.57 -18.75
C ILE O 18 26.86 -6.44 -19.98
N ASP O 19 27.99 -6.28 -20.67
CA ASP O 19 28.25 -7.03 -21.89
C ASP O 19 28.31 -8.54 -21.62
N THR O 20 29.30 -8.97 -20.84
CA THR O 20 29.53 -10.38 -20.57
C THR O 20 29.90 -10.56 -19.11
N LEU O 21 29.83 -11.82 -18.64
CA LEU O 21 30.21 -12.13 -17.28
C LEU O 21 31.70 -11.93 -17.05
N LYS O 22 32.53 -12.15 -18.08
CA LYS O 22 33.97 -11.94 -17.94
C LYS O 22 34.28 -10.48 -17.66
N ILE O 23 33.62 -9.56 -18.36
CA ILE O 23 33.83 -8.13 -18.13
C ILE O 23 33.37 -7.75 -16.73
N PHE O 24 32.23 -8.29 -16.29
CA PHE O 24 31.75 -8.00 -14.95
C PHE O 24 32.74 -8.48 -13.89
N GLU O 25 33.26 -9.70 -14.04
CA GLU O 25 34.23 -10.21 -13.09
C GLU O 25 35.54 -9.43 -13.13
N LYS O 26 35.89 -8.90 -14.30
CA LYS O 26 37.13 -8.13 -14.41
C LYS O 26 37.09 -6.87 -13.55
N ALA O 27 35.93 -6.19 -13.51
CA ALA O 27 35.80 -4.92 -12.81
C ALA O 27 34.57 -4.94 -11.92
N LYS O 28 34.41 -6.01 -11.13
CA LYS O 28 33.32 -6.06 -10.16
C LYS O 28 33.61 -5.25 -8.92
N SER O 29 34.87 -4.88 -8.68
CA SER O 29 35.19 -4.04 -7.54
C SER O 29 34.64 -2.63 -7.72
N ALA O 30 34.70 -2.10 -8.95
CA ALA O 30 34.20 -0.76 -9.23
C ALA O 30 32.69 -0.70 -9.41
N LEU O 31 32.02 -1.85 -9.53
CA LEU O 31 30.57 -1.89 -9.69
C LEU O 31 29.94 -2.15 -8.33
N GLN O 32 29.90 -1.11 -7.51
CA GLN O 32 29.30 -1.16 -6.20
C GLN O 32 28.39 0.04 -6.02
N ILE O 33 27.41 -0.09 -5.13
CA ILE O 33 26.44 0.97 -4.91
C ILE O 33 27.14 2.17 -4.30
N GLY O 34 26.96 3.34 -4.91
CA GLY O 34 27.60 4.56 -4.49
C GLY O 34 28.78 4.98 -5.34
N LYS O 35 29.32 4.07 -6.14
CA LYS O 35 30.43 4.40 -7.03
C LYS O 35 29.90 5.08 -8.30
N TYR O 36 30.81 5.61 -9.10
CA TYR O 36 30.47 6.47 -10.23
C TYR O 36 30.84 5.82 -11.55
N LEU O 37 29.97 6.01 -12.54
CA LEU O 37 30.20 5.60 -13.91
C LEU O 37 29.95 6.79 -14.82
N LYS O 38 30.41 6.69 -16.06
CA LYS O 38 30.14 7.71 -17.06
C LYS O 38 29.48 7.06 -18.27
N ILE O 39 28.40 7.68 -18.74
CA ILE O 39 27.66 7.22 -19.89
C ILE O 39 27.81 8.25 -21.00
N GLN O 40 28.14 7.79 -22.21
CA GLN O 40 28.31 8.69 -23.33
C GLN O 40 26.99 9.37 -23.67
N GLU O 41 27.10 10.58 -24.24
CA GLU O 41 25.91 11.32 -24.68
C GLU O 41 26.32 12.08 -25.94
N GLY O 42 26.06 11.47 -27.09
CA GLY O 42 26.51 12.02 -28.35
C GLY O 42 27.89 11.51 -28.70
N ASN O 43 28.79 12.43 -29.08
CA ASN O 43 30.14 12.07 -29.45
C ASN O 43 31.21 12.71 -28.58
N HIS O 44 30.92 13.85 -27.94
CA HIS O 44 31.91 14.55 -27.13
C HIS O 44 31.44 14.83 -25.72
N ASN O 45 30.25 14.37 -25.33
CA ASN O 45 29.69 14.66 -24.01
C ASN O 45 29.54 13.38 -23.21
N PHE O 46 29.69 13.51 -21.90
CA PHE O 46 29.56 12.38 -20.97
C PHE O 46 28.62 12.76 -19.84
N VAL O 47 27.88 11.76 -19.36
CA VAL O 47 26.96 11.94 -18.24
C VAL O 47 27.47 11.10 -17.07
N LEU O 48 27.74 11.76 -15.95
CA LEU O 48 28.22 11.07 -14.76
C LEU O 48 27.02 10.55 -13.96
N CYS O 49 27.09 9.29 -13.57
CA CYS O 49 25.98 8.62 -12.89
C CYS O 49 26.50 7.84 -11.69
N VAL O 50 25.61 7.62 -10.73
CA VAL O 50 25.92 6.88 -9.51
C VAL O 50 25.07 5.62 -9.47
N ILE O 51 25.70 4.49 -9.12
CA ILE O 51 25.00 3.21 -9.11
C ILE O 51 24.04 3.15 -7.93
N GLN O 52 22.83 2.65 -8.18
CA GLN O 52 21.82 2.50 -7.15
C GLN O 52 21.45 1.05 -6.86
N ASN O 53 21.56 0.15 -7.84
CA ASN O 53 21.19 -1.24 -7.64
C ASN O 53 21.93 -2.11 -8.65
N ILE O 54 22.18 -3.35 -8.25
CA ILE O 54 22.82 -4.35 -9.11
C ILE O 54 21.97 -5.62 -9.04
N LYS O 55 21.94 -6.36 -10.16
CA LYS O 55 21.19 -7.60 -10.21
C LYS O 55 21.80 -8.48 -11.29
N ILE O 56 22.48 -9.55 -10.89
CA ILE O 56 23.07 -10.51 -11.82
C ILE O 56 22.36 -11.84 -11.62
N SER O 57 21.76 -12.36 -12.69
CA SER O 57 20.97 -13.59 -12.62
C SER O 57 21.32 -14.48 -13.80
N THR O 58 21.23 -15.80 -13.56
CA THR O 58 21.48 -16.83 -14.56
C THR O 58 20.38 -17.88 -14.48
N ASP O 59 19.12 -17.43 -14.47
CA ASP O 59 17.99 -18.33 -14.38
C ASP O 59 17.81 -19.08 -15.70
N LYS O 60 17.85 -20.41 -15.63
CA LYS O 60 17.73 -21.30 -16.80
C LYS O 60 18.86 -20.93 -17.77
N ASP O 61 18.56 -20.62 -19.03
CA ASP O 61 19.57 -20.19 -19.98
C ASP O 61 19.58 -18.67 -20.17
N GLU O 62 18.88 -17.94 -19.30
CA GLU O 62 18.77 -16.49 -19.41
C GLU O 62 19.77 -15.83 -18.47
N ASP O 63 20.65 -15.02 -19.04
CA ASP O 63 21.62 -14.25 -18.26
C ASP O 63 21.20 -12.78 -18.25
N ILE O 64 21.05 -12.22 -17.06
CA ILE O 64 20.57 -10.85 -16.88
C ILE O 64 21.51 -10.13 -15.93
N PHE O 65 22.33 -9.23 -16.46
CA PHE O 65 23.20 -8.36 -15.66
C PHE O 65 22.74 -6.93 -15.88
N ILE O 66 21.93 -6.42 -14.96
CA ILE O 66 21.32 -5.09 -15.08
C ILE O 66 21.74 -4.25 -13.89
N LEU O 67 22.25 -3.05 -14.17
CA LEU O 67 22.55 -2.05 -13.16
C LEU O 67 21.51 -0.93 -13.24
N THR O 68 21.43 -0.15 -12.17
CA THR O 68 20.53 1.00 -12.11
C THR O 68 21.33 2.21 -11.65
N VAL O 69 21.61 3.12 -12.57
CA VAL O 69 22.41 4.30 -12.26
C VAL O 69 21.50 5.51 -12.22
N GLN O 70 21.98 6.57 -11.57
CA GLN O 70 21.25 7.82 -11.42
C GLN O 70 22.13 8.96 -11.88
N PRO O 71 21.77 9.67 -12.94
CA PRO O 71 22.65 10.73 -13.46
C PRO O 71 22.76 11.89 -12.48
N VAL O 72 23.98 12.41 -12.34
CA VAL O 72 24.23 13.54 -11.47
C VAL O 72 24.65 14.80 -12.23
N GLY O 73 25.37 14.66 -13.35
CA GLY O 73 25.78 15.82 -14.11
C GLY O 73 26.27 15.42 -15.48
N ILE O 74 26.68 16.44 -16.25
CA ILE O 74 27.23 16.26 -17.59
C ILE O 74 28.65 16.81 -17.63
N PHE O 75 29.52 16.10 -18.33
CA PHE O 75 30.89 16.55 -18.57
C PHE O 75 30.98 17.09 -20.00
N LYS O 76 30.45 18.31 -20.18
CA LYS O 76 30.52 18.98 -21.48
C LYS O 76 31.91 19.56 -21.68
N GLY O 77 32.50 19.27 -22.83
CA GLY O 77 33.83 19.76 -23.14
C GLY O 77 34.89 19.27 -22.16
N GLU O 78 35.39 20.19 -21.32
CA GLU O 78 36.34 19.83 -20.28
C GLU O 78 35.89 20.31 -18.90
N GLU O 79 34.62 20.72 -18.75
CA GLU O 79 34.10 21.20 -17.48
C GLU O 79 32.89 20.37 -17.08
N PHE O 80 32.69 20.26 -15.77
CA PHE O 80 31.61 19.46 -15.21
C PHE O 80 30.46 20.37 -14.81
N PHE O 81 29.28 20.12 -15.36
CA PHE O 81 28.07 20.86 -15.04
C PHE O 81 27.03 19.93 -14.44
N GLN O 82 26.43 20.34 -13.34
CA GLN O 82 25.43 19.53 -12.68
C GLN O 82 24.10 19.58 -13.43
N GLY O 83 23.26 18.59 -13.16
CA GLY O 83 21.97 18.49 -13.82
C GLY O 83 21.70 17.09 -14.36
N ASN O 84 20.44 16.80 -14.65
CA ASN O 84 20.02 15.49 -15.14
C ASN O 84 19.07 15.65 -16.32
N SER O 85 19.45 16.48 -17.28
CA SER O 85 18.61 16.84 -18.42
C SER O 85 19.23 16.42 -19.74
N MET O 86 19.80 15.21 -19.78
CA MET O 86 20.43 14.70 -21.00
C MET O 86 19.74 13.47 -21.55
N LEU O 87 19.52 12.44 -20.72
CA LEU O 87 18.85 11.21 -21.12
C LEU O 87 19.50 10.58 -22.35
N PRO O 88 20.66 9.97 -22.21
CA PRO O 88 21.33 9.37 -23.37
C PRO O 88 20.48 8.30 -24.04
N SER O 89 20.57 8.24 -25.36
CA SER O 89 19.79 7.30 -26.14
C SER O 89 20.25 5.86 -25.89
N PRO O 90 19.38 4.88 -26.13
CA PRO O 90 19.76 3.48 -25.91
C PRO O 90 20.94 3.05 -26.76
N THR O 91 21.50 1.89 -26.39
CA THR O 91 22.69 1.33 -27.03
C THR O 91 23.86 2.31 -26.97
N GLU O 92 23.98 3.02 -25.85
CA GLU O 92 25.10 3.94 -25.61
C GLU O 92 26.10 3.30 -24.68
N PRO O 93 27.39 3.34 -24.98
CA PRO O 93 28.38 2.65 -24.15
C PRO O 93 28.56 3.32 -22.79
N VAL O 94 29.02 2.52 -21.84
CA VAL O 94 29.41 2.97 -20.51
C VAL O 94 30.88 2.65 -20.31
N PHE O 95 31.67 3.63 -19.89
CA PHE O 95 33.13 3.54 -19.91
C PHE O 95 33.75 3.63 -18.52
N LEU O 96 33.06 3.12 -17.50
CA LEU O 96 33.56 3.16 -16.11
C LEU O 96 33.82 4.62 -15.75
N VAL O 97 34.98 4.96 -15.19
CA VAL O 97 35.36 6.34 -14.90
C VAL O 97 36.86 6.36 -14.68
N GLU O 98 37.50 7.44 -15.10
CA GLU O 98 38.95 7.56 -15.02
C GLU O 98 39.34 8.60 -13.98
N ASP O 99 40.65 8.64 -13.69
CA ASP O 99 41.15 9.53 -12.64
C ASP O 99 41.16 11.00 -13.09
N ASP O 100 41.37 11.25 -14.38
CA ASP O 100 41.46 12.63 -14.86
C ASP O 100 40.13 13.35 -14.69
N ILE O 101 39.04 12.71 -15.10
CA ILE O 101 37.72 13.35 -14.99
C ILE O 101 37.33 13.54 -13.53
N LEU O 102 37.65 12.56 -12.68
CA LEU O 102 37.35 12.70 -11.26
C LEU O 102 38.15 13.83 -10.62
N ASN O 103 39.42 13.95 -11.00
CA ASN O 103 40.23 15.06 -10.51
C ASN O 103 39.67 16.40 -10.97
N LYS O 104 39.22 16.46 -12.23
CA LYS O 104 38.62 17.70 -12.73
C LYS O 104 37.32 18.03 -11.99
N ILE O 105 36.59 17.00 -11.53
CA ILE O 105 35.38 17.25 -10.76
C ILE O 105 35.72 17.93 -9.44
N PHE O 106 36.70 17.39 -8.71
CA PHE O 106 37.13 17.97 -7.44
C PHE O 106 38.37 18.83 -7.67
N SER O 107 38.17 19.94 -8.37
CA SER O 107 39.25 20.88 -8.65
C SER O 107 39.02 22.24 -8.00
N ASN O 108 37.87 22.86 -8.26
CA ASN O 108 37.51 24.16 -7.69
C ASN O 108 38.59 25.21 -7.96
N GLU O 109 38.85 26.06 -6.97
CA GLU O 109 39.87 27.10 -7.08
C GLU O 109 41.21 26.57 -6.60
N LYS O 110 42.18 27.46 -6.41
CA LYS O 110 43.51 27.08 -5.96
C LYS O 110 43.84 27.59 -4.57
N THR O 111 42.91 28.29 -3.91
CA THR O 111 43.14 28.84 -2.57
C THR O 111 42.19 28.31 -1.52
N LYS O 112 40.91 28.11 -1.87
CA LYS O 112 39.90 27.65 -0.93
C LYS O 112 39.80 26.12 -0.90
N ILE O 113 40.85 25.41 -1.27
CA ILE O 113 40.84 23.95 -1.30
C ILE O 113 41.23 23.42 0.07
N PHE O 114 40.38 22.58 0.63
CA PHE O 114 40.64 21.91 1.90
C PHE O 114 40.70 20.40 1.65
N HIS O 115 41.84 19.79 1.96
CA HIS O 115 42.05 18.37 1.70
C HIS O 115 41.51 17.57 2.87
N LEU O 116 40.46 16.77 2.60
CA LEU O 116 39.82 15.97 3.63
C LEU O 116 40.15 14.49 3.52
N GLY O 117 40.45 13.99 2.32
CA GLY O 117 40.80 12.59 2.18
C GLY O 117 40.89 12.19 0.72
N ASN O 118 40.49 10.95 0.46
CA ASN O 118 40.52 10.35 -0.87
C ASN O 118 39.12 9.85 -1.22
N LEU O 119 39.02 9.11 -2.32
CA LEU O 119 37.76 8.53 -2.76
C LEU O 119 37.81 7.01 -2.63
N ALA O 120 36.71 6.43 -2.16
CA ALA O 120 36.60 4.98 -2.12
C ALA O 120 36.56 4.39 -3.52
N GLN O 121 36.00 5.12 -4.49
CA GLN O 121 35.98 4.65 -5.87
C GLN O 121 37.39 4.52 -6.44
N ASN O 122 38.24 5.52 -6.18
CA ASN O 122 39.60 5.53 -6.69
C ASN O 122 40.52 6.07 -5.61
N GLU O 123 41.51 5.26 -5.20
CA GLU O 123 42.42 5.66 -4.14
C GLU O 123 43.43 6.71 -4.57
N GLU O 124 43.56 6.97 -5.87
CA GLU O 124 44.51 7.95 -6.38
C GLU O 124 43.88 9.30 -6.68
N VAL O 125 42.62 9.50 -6.29
CA VAL O 125 41.91 10.75 -6.51
C VAL O 125 41.74 11.44 -5.16
N SER O 126 42.31 12.63 -5.04
CA SER O 126 42.21 13.39 -3.80
C SER O 126 40.87 14.10 -3.72
N PHE O 127 40.23 14.02 -2.55
CA PHE O 127 38.94 14.65 -2.33
C PHE O 127 39.16 16.00 -1.64
N THR O 128 38.65 17.06 -2.25
CA THR O 128 38.82 18.42 -1.74
C THR O 128 37.46 19.04 -1.47
N LEU O 129 37.43 20.00 -0.55
CA LEU O 129 36.22 20.67 -0.14
C LEU O 129 36.43 22.17 -0.16
N ASP O 130 35.32 22.90 -0.26
CA ASP O 130 35.34 24.35 -0.14
C ASP O 130 35.44 24.71 1.33
N GLY O 131 36.63 25.15 1.75
CA GLY O 131 36.84 25.47 3.16
C GLY O 131 35.94 26.60 3.64
N ASP O 132 35.69 27.58 2.77
CA ASP O 132 34.84 28.70 3.15
C ASP O 132 33.35 28.34 3.16
N LYS O 133 32.97 27.25 2.49
CA LYS O 133 31.59 26.77 2.52
C LYS O 133 31.41 25.60 3.49
N PHE O 134 32.47 25.17 4.17
CA PHE O 134 32.42 24.06 5.11
C PHE O 134 32.63 24.51 6.54
N PHE O 135 33.63 25.36 6.79
CA PHE O 135 33.94 25.79 8.15
C PHE O 135 33.19 27.05 8.56
N SER O 136 32.76 27.86 7.60
CA SER O 136 31.97 29.05 7.92
C SER O 136 30.54 28.72 8.32
N LYS O 137 30.11 27.47 8.14
CA LYS O 137 28.79 27.02 8.53
C LYS O 137 28.93 25.97 9.62
N HIS O 138 27.80 25.36 9.99
CA HIS O 138 27.75 24.38 11.06
C HIS O 138 27.87 22.98 10.48
N VAL O 139 28.82 22.21 11.02
CA VAL O 139 29.07 20.84 10.57
C VAL O 139 28.47 19.88 11.59
N ALA O 140 27.94 18.76 11.09
CA ALA O 140 27.34 17.74 11.94
C ALA O 140 28.01 16.41 11.64
N VAL O 141 28.86 15.95 12.55
CA VAL O 141 29.53 14.65 12.43
C VAL O 141 28.74 13.64 13.24
N VAL O 142 28.29 12.57 12.57
CA VAL O 142 27.47 11.56 13.20
C VAL O 142 28.04 10.18 12.88
N GLY O 143 27.68 9.21 13.71
CA GLY O 143 28.16 7.86 13.54
C GLY O 143 27.66 6.97 14.65
N SER O 144 28.26 5.78 14.74
CA SER O 144 27.93 4.81 15.76
C SER O 144 29.17 4.44 16.55
N THR O 145 28.95 3.84 17.72
CA THR O 145 30.05 3.40 18.56
C THR O 145 30.88 2.35 17.83
N GLY O 146 32.20 2.53 17.85
CA GLY O 146 33.10 1.64 17.16
C GLY O 146 33.40 2.02 15.72
N SER O 147 32.76 3.06 15.19
CA SER O 147 33.00 3.53 13.84
C SER O 147 34.17 4.51 13.77
N GLY O 148 34.79 4.84 14.89
CA GLY O 148 35.91 5.77 14.91
C GLY O 148 35.56 7.19 14.53
N LYS O 149 34.43 7.71 15.04
CA LYS O 149 34.07 9.10 14.76
C LYS O 149 35.02 10.09 15.43
N SER O 150 35.76 9.65 16.44
CA SER O 150 36.77 10.52 17.05
C SER O 150 37.97 10.71 16.14
N CYS O 151 38.31 9.69 15.36
CA CYS O 151 39.45 9.80 14.44
C CYS O 151 39.15 10.78 13.32
N ALA O 152 37.91 10.81 12.82
CA ALA O 152 37.55 11.72 11.75
C ALA O 152 37.66 13.16 12.19
N VAL O 153 37.15 13.48 13.38
CA VAL O 153 37.21 14.85 13.90
C VAL O 153 38.67 15.25 14.12
N ALA O 154 39.46 14.33 14.69
CA ALA O 154 40.88 14.63 14.91
C ALA O 154 41.60 14.90 13.60
N LYS O 155 41.32 14.09 12.56
CA LYS O 155 41.94 14.30 11.27
C LYS O 155 41.54 15.64 10.66
N ILE O 156 40.25 15.99 10.75
CA ILE O 156 39.78 17.26 10.20
C ILE O 156 40.46 18.44 10.91
N LEU O 157 40.51 18.38 12.24
CA LEU O 157 41.12 19.47 12.99
C LEU O 157 42.63 19.56 12.74
N GLN O 158 43.30 18.41 12.61
CA GLN O 158 44.73 18.40 12.31
C GLN O 158 45.00 19.01 10.94
N ASN O 159 44.16 18.68 9.95
CA ASN O 159 44.29 19.30 8.64
C ASN O 159 44.04 20.81 8.72
N VAL O 160 43.09 21.22 9.56
CA VAL O 160 42.80 22.65 9.70
C VAL O 160 44.01 23.38 10.28
N VAL O 161 44.57 22.87 11.37
CA VAL O 161 45.64 23.58 12.08
C VAL O 161 47.01 23.37 11.47
N GLY O 162 47.17 22.39 10.60
CA GLY O 162 48.44 22.16 9.95
C GLY O 162 49.34 21.19 10.69
N ILE O 163 48.81 20.02 11.01
CA ILE O 163 49.58 18.94 11.62
C ILE O 163 49.57 17.78 10.64
N ASN O 164 50.73 17.46 10.10
CA ASN O 164 50.89 16.38 9.12
C ASN O 164 52.07 15.53 9.52
N ASP O 165 51.84 14.22 9.67
CA ASP O 165 52.89 13.27 10.05
C ASP O 165 53.58 13.69 11.34
N ALA O 166 52.78 14.11 12.32
CA ALA O 166 53.28 14.56 13.63
C ALA O 166 54.28 15.70 13.50
N ARG O 167 54.01 16.61 12.57
CA ARG O 167 54.87 17.76 12.34
C ARG O 167 54.01 19.00 12.10
N ASN O 168 54.56 20.16 12.44
CA ASN O 168 53.88 21.44 12.25
C ASN O 168 54.42 22.07 10.96
N ILE O 169 53.58 22.11 9.93
CA ILE O 169 54.01 22.68 8.66
C ILE O 169 54.24 24.18 8.78
N ASN O 170 53.42 24.85 9.59
CA ASN O 170 53.52 26.29 9.78
C ASN O 170 54.44 26.64 10.94
N LYS O 171 55.67 26.09 10.92
CA LYS O 171 56.60 26.32 12.02
C LYS O 171 57.19 27.73 11.97
N SER O 172 57.41 28.27 10.77
CA SER O 172 58.01 29.61 10.66
C SER O 172 57.02 30.68 11.10
N ASP O 173 55.87 30.77 10.43
CA ASP O 173 54.84 31.72 10.76
C ASP O 173 53.57 30.98 11.13
N LYS O 174 52.98 31.33 12.28
CA LYS O 174 51.79 30.66 12.76
C LYS O 174 50.55 31.32 12.17
N LYS O 175 49.57 30.48 11.80
CA LYS O 175 48.38 30.96 11.13
C LYS O 175 47.34 31.42 12.15
N ASN O 176 46.11 31.66 11.69
CA ASN O 176 45.06 32.24 12.52
C ASN O 176 44.00 31.21 12.93
N SER O 177 44.31 29.94 12.84
CA SER O 177 43.32 28.90 13.19
C SER O 177 42.97 28.96 14.67
N HIS O 178 41.68 28.85 14.97
CA HIS O 178 41.19 28.90 16.33
C HIS O 178 40.09 27.85 16.49
N ILE O 179 40.36 26.84 17.31
CA ILE O 179 39.41 25.76 17.57
C ILE O 179 39.33 25.54 19.08
N ILE O 180 38.10 25.43 19.59
CA ILE O 180 37.86 25.13 21.00
C ILE O 180 37.05 23.85 21.05
N ILE O 181 37.56 22.86 21.79
CA ILE O 181 37.00 21.52 21.81
C ILE O 181 36.50 21.22 23.22
N PHE O 182 35.23 20.84 23.34
CA PHE O 182 34.64 20.49 24.63
C PHE O 182 34.83 18.99 24.83
N ASP O 183 35.98 18.62 25.39
CA ASP O 183 36.30 17.21 25.61
C ASP O 183 35.66 16.75 26.91
N ILE O 184 34.44 16.23 26.80
CA ILE O 184 33.76 15.69 27.98
C ILE O 184 34.53 14.48 28.52
N HIS O 185 34.98 13.60 27.62
CA HIS O 185 35.92 12.56 27.97
C HIS O 185 37.34 13.12 27.84
N SER O 186 38.35 12.25 27.87
CA SER O 186 39.75 12.66 27.71
C SER O 186 40.34 11.85 26.55
N GLU O 187 40.15 12.34 25.33
CA GLU O 187 40.64 11.65 24.14
C GLU O 187 41.49 12.54 23.24
N TYR O 188 41.13 13.81 23.09
CA TYR O 188 41.72 14.67 22.07
C TYR O 188 43.02 15.33 22.48
N LYS O 189 43.42 15.21 23.76
CA LYS O 189 44.69 15.80 24.17
C LYS O 189 45.86 15.10 23.48
N SER O 190 45.79 13.78 23.34
CA SER O 190 46.85 13.03 22.68
C SER O 190 46.88 13.22 21.17
N ALA O 191 45.83 13.81 20.59
CA ALA O 191 45.77 14.05 19.16
C ALA O 191 46.45 15.34 18.74
N PHE O 192 46.84 16.19 19.70
CA PHE O 192 47.50 17.46 19.38
C PHE O 192 48.78 17.66 20.18
N GLU O 193 49.24 16.64 20.88
CA GLU O 193 50.48 16.71 21.67
C GLU O 193 51.61 16.13 20.83
N ILE O 194 52.44 17.00 20.26
CA ILE O 194 53.57 16.58 19.45
C ILE O 194 54.86 17.05 20.10
N ASP O 195 56.00 16.75 19.46
CA ASP O 195 57.29 17.10 20.03
C ASP O 195 57.42 18.61 20.17
N LYS O 196 58.11 19.04 21.24
CA LYS O 196 58.26 20.46 21.52
C LYS O 196 59.12 21.17 20.49
N ASN O 197 59.90 20.42 19.69
CA ASN O 197 60.69 21.03 18.63
C ASN O 197 59.85 21.53 17.47
N GLU O 198 58.57 21.15 17.40
CA GLU O 198 57.68 21.56 16.33
C GLU O 198 57.04 22.92 16.57
N ASP O 199 57.26 23.51 17.74
CA ASP O 199 56.75 24.84 18.08
C ASP O 199 55.22 24.91 17.94
N PHE O 200 54.55 23.89 18.45
CA PHE O 200 53.09 23.86 18.51
C PHE O 200 52.66 23.86 19.97
N ASN O 201 51.81 24.82 20.33
CA ASN O 201 51.33 24.98 21.69
C ASN O 201 49.85 24.61 21.77
N LEU O 202 49.50 23.75 22.71
CA LEU O 202 48.13 23.30 22.89
C LEU O 202 47.62 23.85 24.22
N ASN O 203 46.51 24.57 24.17
CA ASN O 203 45.92 25.18 25.36
C ASN O 203 45.01 24.15 26.02
N TYR O 204 45.63 23.26 26.80
CA TYR O 204 44.90 22.21 27.52
C TYR O 204 44.45 22.77 28.86
N LEU O 205 43.14 22.86 29.05
CA LEU O 205 42.54 23.40 30.27
C LEU O 205 41.83 22.28 31.00
N ASP O 206 42.49 21.73 32.03
CA ASP O 206 41.84 20.79 32.94
C ASP O 206 41.02 21.63 33.92
N VAL O 207 39.76 21.87 33.54
CA VAL O 207 38.90 22.81 34.26
C VAL O 207 38.69 22.39 35.71
N GLU O 208 38.84 21.11 36.03
CA GLU O 208 38.78 20.68 37.43
C GLU O 208 39.94 21.24 38.25
N LYS O 209 41.02 21.66 37.59
CA LYS O 209 42.17 22.29 38.24
C LYS O 209 42.40 23.69 37.69
N LEU O 210 41.31 24.40 37.39
CA LEU O 210 41.37 25.70 36.75
C LEU O 210 40.48 26.67 37.52
N LYS O 211 40.77 27.96 37.37
CA LYS O 211 40.05 29.02 38.08
C LYS O 211 38.96 29.58 37.17
N LEU O 212 37.72 29.20 37.45
CA LEU O 212 36.56 29.66 36.68
C LEU O 212 35.53 30.21 37.65
N PRO O 213 35.60 31.50 37.97
CA PRO O 213 34.76 32.04 39.06
C PRO O 213 33.28 32.00 38.73
N TYR O 214 32.47 31.95 39.79
CA TYR O 214 31.03 31.86 39.65
C TYR O 214 30.41 33.17 39.19
N TRP O 215 31.01 34.30 39.55
CA TRP O 215 30.45 35.61 39.22
C TRP O 215 30.47 35.94 37.73
N LEU O 216 30.88 35.02 36.86
CA LEU O 216 30.76 35.21 35.42
C LEU O 216 29.44 34.68 34.86
N MET O 217 28.55 34.19 35.72
CA MET O 217 27.33 33.53 35.27
C MET O 217 26.16 34.51 35.23
N ASN O 218 25.10 34.08 34.55
CA ASN O 218 23.88 34.85 34.39
C ASN O 218 22.82 34.31 35.35
N SER O 219 21.58 34.79 35.18
CA SER O 219 20.49 34.39 36.07
C SER O 219 20.23 32.90 36.00
N GLU O 220 20.20 32.34 34.79
CA GLU O 220 19.81 30.94 34.62
C GLU O 220 20.81 29.99 35.30
N GLU O 221 22.10 30.20 35.05
CA GLU O 221 23.11 29.31 35.62
C GLU O 221 23.16 29.44 37.15
N LEU O 222 23.07 30.67 37.66
CA LEU O 222 23.08 30.86 39.11
C LEU O 222 21.87 30.22 39.76
N GLU O 223 20.70 30.35 39.13
CA GLU O 223 19.49 29.72 39.67
C GLU O 223 19.60 28.19 39.63
N THR O 224 20.15 27.64 38.54
CA THR O 224 20.29 26.19 38.45
C THR O 224 21.28 25.67 39.49
N LEU O 225 22.37 26.41 39.73
CA LEU O 225 23.41 25.94 40.64
C LEU O 225 22.96 25.99 42.10
N PHE O 226 22.17 27.00 42.48
CA PHE O 226 21.88 27.24 43.89
C PHE O 226 20.42 27.04 44.27
N ILE O 227 19.49 27.10 43.32
CA ILE O 227 18.06 27.02 43.61
C ILE O 227 17.51 25.76 42.98
N GLU O 228 16.79 24.96 43.78
CA GLU O 228 16.15 23.74 43.31
C GLU O 228 14.67 24.03 43.07
N SER O 229 14.23 23.83 41.82
CA SER O 229 12.84 24.11 41.46
C SER O 229 11.88 23.03 41.95
N ASN O 230 12.38 21.88 42.40
CA ASN O 230 11.49 20.83 42.90
C ASN O 230 10.74 21.29 44.14
N GLU O 231 11.44 21.97 45.06
CA GLU O 231 10.81 22.45 46.28
C GLU O 231 9.84 23.59 45.96
N GLN O 232 8.74 23.63 46.71
CA GLN O 232 7.72 24.66 46.50
C GLN O 232 8.23 26.00 47.04
N ASN O 233 7.41 27.04 46.83
CA ASN O 233 7.72 28.40 47.26
C ASN O 233 9.05 28.88 46.68
N SER O 234 9.30 28.51 45.42
CA SER O 234 10.55 28.88 44.76
C SER O 234 10.60 30.34 44.35
N HIS O 235 9.44 30.98 44.18
CA HIS O 235 9.42 32.39 43.75
C HIS O 235 10.07 33.29 44.79
N ASN O 236 9.76 33.07 46.07
CA ASN O 236 10.34 33.88 47.13
C ASN O 236 11.86 33.70 47.18
N GLN O 237 12.33 32.45 47.06
CA GLN O 237 13.76 32.20 47.05
C GLN O 237 14.43 32.89 45.86
N VAL O 238 13.82 32.80 44.69
CA VAL O 238 14.40 33.40 43.49
C VAL O 238 14.49 34.91 43.66
N SER O 239 13.41 35.54 44.14
CA SER O 239 13.40 36.98 44.30
C SER O 239 14.44 37.44 45.33
N GLN O 240 14.50 36.74 46.47
CA GLN O 240 15.46 37.12 47.50
C GLN O 240 16.89 36.94 47.02
N PHE O 241 17.18 35.82 46.34
CA PHE O 241 18.52 35.60 45.83
C PHE O 241 18.91 36.66 44.81
N LYS O 242 17.99 37.01 43.90
CA LYS O 242 18.28 38.03 42.91
C LYS O 242 18.54 39.38 43.56
N ARG O 243 17.71 39.75 44.54
CA ARG O 243 17.89 41.03 45.22
C ARG O 243 19.22 41.08 45.95
N ALA O 244 19.57 40.01 46.67
CA ALA O 244 20.83 39.98 47.40
C ALA O 244 22.02 40.02 46.45
N VAL O 245 21.96 39.29 45.35
CA VAL O 245 23.07 39.26 44.40
C VAL O 245 23.26 40.64 43.77
N VAL O 246 22.17 41.29 43.37
CA VAL O 246 22.29 42.61 42.77
C VAL O 246 22.82 43.62 43.79
N LEU O 247 22.35 43.55 45.03
CA LEU O 247 22.84 44.46 46.06
C LEU O 247 24.33 44.27 46.31
N ASN O 248 24.78 43.01 46.39
CA ASN O 248 26.20 42.75 46.60
C ASN O 248 27.02 43.22 45.40
N LYS O 249 26.52 43.01 44.19
CA LYS O 249 27.23 43.46 43.00
C LYS O 249 27.37 44.97 42.99
N GLU O 250 26.31 45.70 43.37
CA GLU O 250 26.39 47.15 43.46
C GLU O 250 27.37 47.58 44.55
N LYS O 251 27.36 46.89 45.69
CA LYS O 251 28.23 47.28 46.80
C LYS O 251 29.71 47.08 46.43
N TYR O 252 30.05 45.97 45.80
CA TYR O 252 31.44 45.68 45.51
C TYR O 252 31.94 46.35 44.23
N ASN O 253 31.05 46.90 43.40
CA ASN O 253 31.43 47.58 42.16
C ASN O 253 30.74 48.93 42.12
N PRO O 254 31.25 49.92 42.86
CA PRO O 254 30.59 51.23 42.90
C PRO O 254 30.77 52.06 41.65
N GLU O 255 31.83 51.84 40.87
CA GLU O 255 32.07 52.68 39.69
C GLU O 255 31.10 52.35 38.56
N PHE O 256 30.66 51.10 38.45
CA PHE O 256 29.75 50.73 37.39
C PHE O 256 28.35 51.26 37.68
N LYS O 257 27.63 51.60 36.62
CA LYS O 257 26.28 52.15 36.72
C LYS O 257 25.21 51.15 36.32
N LYS O 258 25.31 50.56 35.13
CA LYS O 258 24.31 49.59 34.65
C LYS O 258 24.73 48.20 35.15
N ILE O 259 24.37 47.93 36.40
CA ILE O 259 24.65 46.65 37.05
C ILE O 259 23.34 45.89 37.15
N THR O 260 23.30 44.71 36.55
CA THR O 260 22.11 43.87 36.53
C THR O 260 22.42 42.50 37.10
N TYR O 261 21.37 41.67 37.20
CA TYR O 261 21.54 40.31 37.70
C TYR O 261 22.44 39.47 36.79
N ASP O 262 22.55 39.82 35.52
CA ASP O 262 23.37 39.09 34.57
C ASP O 262 24.72 39.75 34.32
N SER O 263 25.07 40.77 35.09
CA SER O 263 26.34 41.45 34.91
C SER O 263 27.50 40.56 35.33
N PRO O 264 28.53 40.39 34.49
CA PRO O 264 29.72 39.64 34.90
C PRO O 264 30.65 40.47 35.76
N VAL O 265 30.21 40.76 36.98
CA VAL O 265 30.97 41.55 37.94
C VAL O 265 31.03 40.81 39.26
N TYR O 266 32.02 41.17 40.07
CA TYR O 266 32.32 40.41 41.27
C TYR O 266 31.27 40.64 42.37
N PHE O 267 30.97 39.58 43.11
CA PHE O 267 30.10 39.67 44.28
C PHE O 267 30.38 38.46 45.17
N ASN O 268 30.42 38.70 46.47
CA ASN O 268 30.66 37.61 47.42
C ASN O 268 29.42 36.75 47.56
N ILE O 269 29.62 35.44 47.68
CA ILE O 269 28.52 34.49 47.80
C ILE O 269 28.25 34.20 49.27
N ASN O 270 29.30 34.28 50.09
CA ASN O 270 29.12 34.11 51.53
C ASN O 270 28.27 35.23 52.10
N GLU O 271 28.43 36.45 51.58
CA GLU O 271 27.60 37.56 52.03
C GLU O 271 26.15 37.36 51.63
N VAL O 272 25.90 36.79 50.45
CA VAL O 272 24.52 36.48 50.05
C VAL O 272 23.93 35.42 50.96
N PHE O 273 24.73 34.40 51.30
CA PHE O 273 24.28 33.39 52.24
C PHE O 273 23.94 34.00 53.60
N ASN O 274 24.78 34.91 54.08
CA ASN O 274 24.51 35.59 55.34
C ASN O 274 23.24 36.42 55.26
N TYR O 275 23.02 37.10 54.14
CA TYR O 275 21.81 37.90 53.97
C TYR O 275 20.57 37.02 54.01
N ILE O 276 20.59 35.89 53.31
CA ILE O 276 19.45 34.99 53.31
C ILE O 276 19.23 34.40 54.70
N TYR O 277 20.32 34.04 55.39
CA TYR O 277 20.20 33.48 56.73
C TYR O 277 19.60 34.49 57.70
N ASN O 278 20.03 35.75 57.62
CA ASN O 278 19.47 36.78 58.49
C ASN O 278 18.02 37.06 58.16
N LEU O 279 17.66 37.02 56.87
CA LEU O 279 16.25 37.18 56.49
C LEU O 279 15.41 36.05 57.06
N ASN O 280 15.94 34.83 57.05
CA ASN O 280 15.22 33.67 57.58
C ASN O 280 15.05 33.75 59.09
N GLU O 281 15.81 34.59 59.78
CA GLU O 281 15.80 34.64 61.24
C GLU O 281 15.42 36.01 61.79
N GLU O 282 15.05 36.97 60.94
CA GLU O 282 14.79 38.32 61.41
C GLU O 282 13.51 38.38 62.23
N VAL O 283 13.48 39.33 63.17
CA VAL O 283 12.32 39.60 64.00
C VAL O 283 12.11 41.11 64.05
N ILE O 284 10.91 41.56 63.70
CA ILE O 284 10.60 42.97 63.63
C ILE O 284 10.01 43.44 64.96
N ASN O 285 10.28 44.68 65.32
CA ASN O 285 9.77 45.28 66.55
C ASN O 285 8.51 46.07 66.25
N LYS O 286 7.47 45.87 67.07
CA LYS O 286 6.18 46.52 66.86
C LYS O 286 5.77 47.38 68.06
N ILE O 287 6.75 47.88 68.81
CA ILE O 287 6.44 48.80 69.89
C ILE O 287 6.01 50.15 69.30
N GLU O 288 5.02 50.77 69.92
CA GLU O 288 4.53 52.05 69.43
C GLU O 288 5.60 53.13 69.61
N GLY O 289 5.49 54.17 68.79
CA GLY O 289 6.44 55.27 68.82
C GLY O 289 7.59 55.12 67.85
N GLU O 290 8.50 54.19 68.12
CA GLU O 290 9.64 54.02 67.22
C GLU O 290 9.24 53.20 65.99
N PRO O 291 9.91 53.41 64.86
CA PRO O 291 9.53 52.71 63.62
C PRO O 291 9.76 51.22 63.72
N SER O 292 9.01 50.48 62.90
CA SER O 292 9.09 49.03 62.84
C SER O 292 10.39 48.62 62.14
N LEU O 293 11.42 48.35 62.93
CA LEU O 293 12.73 47.94 62.44
C LEU O 293 13.12 46.62 63.10
N PRO O 294 13.95 45.81 62.43
CA PRO O 294 14.41 44.58 63.06
C PRO O 294 15.18 44.87 64.35
N LYS O 295 14.96 44.02 65.35
CA LYS O 295 15.54 44.19 66.67
C LYS O 295 16.49 43.04 66.96
N LEU O 296 17.71 43.37 67.38
CA LEU O 296 18.71 42.36 67.68
C LEU O 296 18.49 41.81 69.10
N SER O 297 19.34 40.86 69.50
CA SER O 297 19.22 40.25 70.81
C SER O 297 19.49 41.26 71.92
N ASN O 298 20.53 42.08 71.77
CA ASN O 298 20.91 43.02 72.81
C ASN O 298 19.94 44.20 72.92
N GLY O 299 19.01 44.35 71.98
CA GLY O 299 18.05 45.43 72.00
C GLY O 299 18.35 46.55 71.03
N GLU O 300 19.53 46.57 70.43
CA GLU O 300 19.86 47.60 69.45
C GLU O 300 19.11 47.37 68.15
N LEU O 301 18.48 48.41 67.63
CA LEU O 301 17.75 48.30 66.37
C LEU O 301 18.70 48.33 65.18
N VAL O 302 18.21 47.88 64.04
CA VAL O 302 18.98 47.80 62.81
C VAL O 302 18.46 48.88 61.87
N GLU O 303 19.25 49.95 61.69
CA GLU O 303 18.83 51.04 60.82
C GLU O 303 18.90 50.65 59.36
N ASN O 304 20.00 50.02 58.94
CA ASN O 304 20.23 49.64 57.55
C ASN O 304 20.28 48.13 57.44
N ARG O 305 19.49 47.57 56.53
CA ARG O 305 19.44 46.12 56.35
C ARG O 305 20.67 45.57 55.64
N GLN O 306 21.52 46.43 55.07
CA GLN O 306 22.72 45.95 54.40
C GLN O 306 23.77 45.40 55.36
N ILE O 307 23.61 45.61 56.67
CA ILE O 307 24.51 45.00 57.63
C ILE O 307 24.34 43.49 57.73
N TYR O 308 23.30 42.95 57.08
CA TYR O 308 23.10 41.51 57.08
C TYR O 308 24.23 40.80 56.32
N PHE O 309 24.88 41.50 55.40
CA PHE O 309 25.97 40.91 54.63
C PHE O 309 27.16 40.56 55.51
N ASN O 310 27.45 41.40 56.50
CA ASN O 310 28.72 41.31 57.22
C ASN O 310 28.85 40.00 57.98
N GLU O 311 27.84 39.64 58.76
CA GLU O 311 27.95 38.45 59.60
C GLU O 311 26.54 37.97 59.98
N LYS O 312 26.49 36.73 60.45
CA LYS O 312 25.25 36.18 60.98
C LYS O 312 24.87 36.91 62.27
N LEU O 313 23.57 37.04 62.50
CA LEU O 313 23.06 37.81 63.63
C LEU O 313 22.09 36.97 64.44
N GLU O 314 21.99 37.29 65.72
CA GLU O 314 21.02 36.69 66.63
C GLU O 314 19.95 37.73 66.95
N PHE O 315 18.71 37.42 66.60
CA PHE O 315 17.60 38.34 66.77
C PHE O 315 16.86 38.08 68.08
N THR O 316 16.01 39.03 68.45
CA THR O 316 15.24 38.92 69.68
C THR O 316 14.11 37.91 69.52
N SER O 317 13.69 37.34 70.66
CA SER O 317 12.58 36.40 70.66
C SER O 317 11.27 37.12 70.39
N SER O 318 10.35 36.42 69.72
CA SER O 318 9.05 36.99 69.40
C SER O 318 8.11 36.84 70.59
N ASN O 319 7.50 37.95 71.01
CA ASN O 319 6.58 37.97 72.12
C ASN O 319 5.35 38.78 71.76
N THR O 320 4.21 38.41 72.34
CA THR O 320 2.96 39.12 72.14
C THR O 320 2.66 40.12 73.26
N SER O 321 3.56 40.28 74.21
CA SER O 321 3.34 41.20 75.33
C SER O 321 3.35 42.64 74.84
N LYS O 322 2.62 43.50 75.55
CA LYS O 322 2.57 44.91 75.20
C LYS O 322 3.93 45.60 75.39
N ALA O 323 4.75 45.08 76.29
CA ALA O 323 6.05 45.70 76.54
C ALA O 323 7.01 45.50 75.38
N THR O 324 7.03 44.29 74.81
CA THR O 324 7.97 43.97 73.73
C THR O 324 7.29 43.91 72.37
N LYS O 325 6.25 43.08 72.23
CA LYS O 325 5.47 42.98 70.99
C LYS O 325 6.36 42.82 69.77
N ALA O 326 7.10 41.70 69.74
CA ALA O 326 7.99 41.39 68.64
C ALA O 326 7.34 40.39 67.70
N SER O 327 7.27 40.75 66.42
CA SER O 327 6.65 39.92 65.40
C SER O 327 7.71 39.30 64.50
N ASN O 328 7.33 38.20 63.85
CA ASN O 328 8.24 37.51 62.95
C ASN O 328 8.35 38.25 61.63
N GLY O 329 9.50 38.08 60.97
CA GLY O 329 9.75 38.70 59.69
C GLY O 329 8.92 38.09 58.58
N PRO O 330 8.77 38.81 57.47
CA PRO O 330 7.97 38.28 56.35
C PRO O 330 8.54 37.01 55.74
N PHE O 331 9.85 36.79 55.86
CA PHE O 331 10.51 35.62 55.28
C PHE O 331 11.11 34.71 56.35
N ASN O 332 10.55 34.75 57.56
CA ASN O 332 11.08 33.97 58.67
C ASN O 332 10.67 32.51 58.53
N GLY O 333 11.65 31.61 58.61
CA GLY O 333 11.39 30.19 58.56
C GLY O 333 11.06 29.64 57.20
N GLU O 334 11.21 30.44 56.13
CA GLU O 334 10.86 30.01 54.78
C GLU O 334 12.06 29.53 53.97
N PHE O 335 13.27 29.60 54.52
CA PHE O 335 14.48 29.23 53.80
C PHE O 335 15.28 28.16 54.53
N ASN O 336 14.59 27.29 55.27
CA ASN O 336 15.30 26.25 56.03
C ASN O 336 15.99 25.26 55.11
N ARG O 337 15.28 24.77 54.10
CA ARG O 337 15.87 23.83 53.15
C ARG O 337 16.81 24.52 52.17
N PHE O 338 16.50 25.76 51.80
CA PHE O 338 17.36 26.49 50.88
C PHE O 338 18.74 26.72 51.46
N LEU O 339 18.82 27.07 52.75
CA LEU O 339 20.10 27.35 53.37
C LEU O 339 20.96 26.10 53.47
N SER O 340 20.35 24.94 53.73
CA SER O 340 21.10 23.69 53.81
C SER O 340 21.76 23.36 52.47
N ARG O 341 21.00 23.46 51.38
CA ARG O 341 21.57 23.22 50.06
C ARG O 341 22.62 24.26 49.72
N PHE O 342 22.39 25.51 50.12
CA PHE O 342 23.36 26.58 49.86
C PHE O 342 24.69 26.27 50.55
N GLU O 343 24.63 25.85 51.82
CA GLU O 343 25.86 25.57 52.54
C GLU O 343 26.51 24.27 52.07
N THR O 344 25.71 23.32 51.58
CA THR O 344 26.30 22.13 50.97
C THR O 344 27.07 22.48 49.70
N LYS O 345 26.49 23.36 48.87
CA LYS O 345 27.18 23.81 47.67
C LYS O 345 28.45 24.59 48.02
N LEU O 346 28.37 25.47 49.02
CA LEU O 346 29.51 26.30 49.38
C LEU O 346 30.66 25.50 49.98
N THR O 347 30.39 24.30 50.48
CA THR O 347 31.40 23.48 51.14
C THR O 347 31.72 22.21 50.35
N ASP O 348 31.63 22.28 49.02
CA ASP O 348 31.95 21.15 48.15
C ASP O 348 33.38 21.31 47.65
N LYS O 349 34.23 20.32 47.95
CA LYS O 349 35.64 20.41 47.62
C LYS O 349 35.95 20.08 46.17
N ARG O 350 35.02 19.46 45.45
CA ARG O 350 35.21 19.20 44.03
C ARG O 350 34.58 20.25 43.14
N LEU O 351 34.00 21.29 43.74
CA LEU O 351 33.56 22.49 43.01
C LEU O 351 34.48 23.67 43.27
N GLU O 352 35.72 23.40 43.66
CA GLU O 352 36.68 24.47 43.95
C GLU O 352 37.08 25.26 42.71
N PHE O 353 36.76 24.77 41.51
CA PHE O 353 37.06 25.53 40.30
C PHE O 353 36.09 26.69 40.10
N LEU O 354 35.04 26.79 40.90
CA LEU O 354 34.16 27.95 40.88
C LEU O 354 34.70 29.12 41.71
N LEU O 355 35.79 28.91 42.45
CA LEU O 355 36.23 29.87 43.46
C LEU O 355 35.09 30.19 44.43
N LEU O 356 34.34 29.14 44.79
CA LEU O 356 33.10 29.30 45.53
C LEU O 356 33.31 29.45 47.03
N ASN O 357 34.54 29.24 47.51
CA ASN O 357 34.88 29.42 48.92
C ASN O 357 35.67 30.73 49.03
N GLN O 358 34.95 31.83 49.23
CA GLN O 358 35.56 33.14 49.27
C GLN O 358 36.32 33.41 50.55
N ASP O 359 36.20 32.54 51.56
CA ASP O 359 36.97 32.71 52.79
C ASP O 359 38.47 32.60 52.54
N VAL O 360 38.87 31.73 51.61
CA VAL O 360 40.29 31.57 51.30
C VAL O 360 40.81 32.83 50.61
N GLU O 361 42.01 33.25 51.01
CA GLU O 361 42.60 34.46 50.45
C GLU O 361 42.93 34.29 48.97
N GLU O 362 43.24 33.07 48.53
CA GLU O 362 43.58 32.83 47.14
C GLU O 362 42.37 32.88 46.22
N ASN O 363 41.16 32.67 46.76
CA ASN O 363 39.95 32.70 45.95
C ASN O 363 39.27 34.05 45.94
N SER O 364 39.58 34.94 46.89
CA SER O 364 39.01 36.27 46.93
C SER O 364 39.82 37.30 46.18
N LYS O 365 40.94 36.90 45.57
CA LYS O 365 41.79 37.80 44.81
C LYS O 365 41.38 37.91 43.35
N TYR O 366 40.38 37.16 42.92
CA TYR O 366 39.90 37.20 41.53
C TYR O 366 38.70 38.14 41.48
N ARG O 367 38.97 39.42 41.24
CA ARG O 367 37.95 40.45 41.19
C ARG O 367 37.62 40.78 39.73
N THR O 368 36.83 41.84 39.54
CA THR O 368 36.41 42.23 38.20
C THR O 368 37.61 42.61 37.33
N GLU O 369 38.70 43.07 37.93
CA GLU O 369 39.89 43.43 37.16
C GLU O 369 40.46 42.20 36.44
N HIS O 370 40.47 41.06 37.11
CA HIS O 370 40.99 39.84 36.49
C HIS O 370 39.93 39.16 35.63
N PHE O 371 39.33 39.93 34.72
CA PHE O 371 38.37 39.40 33.76
C PHE O 371 38.94 39.28 32.36
N GLU O 372 39.81 40.21 31.97
CA GLU O 372 40.46 40.14 30.67
C GLU O 372 41.41 38.95 30.58
N ASP O 373 41.93 38.49 31.72
CA ASP O 373 42.84 37.35 31.76
C ASP O 373 42.11 36.01 31.78
N ILE O 374 40.79 36.01 31.90
CA ILE O 374 40.03 34.76 31.84
C ILE O 374 39.59 34.46 30.40
N LEU O 375 39.17 35.48 29.66
CA LEU O 375 38.83 35.28 28.26
C LEU O 375 40.05 34.85 27.45
N LYS O 376 41.21 35.45 27.74
CA LYS O 376 42.45 35.02 27.08
C LYS O 376 42.76 33.57 27.38
N GLN O 377 42.34 33.07 28.54
CA GLN O 377 42.66 31.71 28.94
C GLN O 377 41.92 30.69 28.07
N PHE O 378 40.65 30.95 27.79
CA PHE O 378 39.84 30.03 27.00
C PHE O 378 39.96 30.25 25.50
N MET O 379 40.58 31.35 25.06
CA MET O 379 40.77 31.63 23.65
C MET O 379 42.20 31.37 23.19
N GLY O 380 43.02 30.75 24.02
CA GLY O 380 44.39 30.45 23.64
C GLY O 380 45.23 31.68 23.38
N TYR O 381 45.11 32.70 24.23
CA TYR O 381 45.83 33.95 24.05
C TYR O 381 46.79 34.26 25.19
N LEU O 382 47.19 33.24 25.96
CA LEU O 382 48.18 33.46 27.01
C LEU O 382 49.50 33.93 26.41
N ASP O 383 50.16 33.06 25.64
CA ASP O 383 51.26 33.48 24.78
C ASP O 383 50.90 33.28 23.31
N ARG O 384 50.52 32.08 22.90
CA ARG O 384 50.12 31.78 21.54
C ARG O 384 49.64 30.34 21.47
N SER O 385 48.43 30.12 20.95
CA SER O 385 47.86 28.78 20.87
C SER O 385 46.74 28.77 19.84
N ASN O 386 46.66 27.69 19.08
CA ASN O 386 45.64 27.51 18.05
C ASN O 386 44.51 26.59 18.48
N VAL O 387 44.81 25.54 19.24
CA VAL O 387 43.82 24.56 19.66
C VAL O 387 43.68 24.64 21.17
N SER O 388 42.46 24.84 21.64
CA SER O 388 42.13 24.83 23.06
C SER O 388 41.25 23.63 23.36
N ILE O 389 41.66 22.83 24.35
CA ILE O 389 40.92 21.63 24.74
C ILE O 389 40.48 21.81 26.19
N ILE O 390 39.18 21.91 26.40
CA ILE O 390 38.61 22.03 27.74
C ILE O 390 38.17 20.64 28.18
N ASP O 391 38.88 20.08 29.15
CA ASP O 391 38.65 18.70 29.59
C ASP O 391 37.59 18.73 30.69
N LEU O 392 36.34 18.50 30.29
CA LEU O 392 35.20 18.50 31.20
C LEU O 392 34.89 17.08 31.70
N SER O 393 35.89 16.43 32.27
CA SER O 393 35.76 15.05 32.73
C SER O 393 35.61 14.95 34.25
N GLY O 394 36.47 15.64 35.00
CA GLY O 394 36.39 15.60 36.45
C GLY O 394 35.31 16.46 37.07
N ILE O 395 34.62 17.26 36.26
CA ILE O 395 33.55 18.11 36.77
C ILE O 395 32.37 17.24 37.19
N PRO O 396 31.73 17.53 38.32
CA PRO O 396 30.50 16.81 38.66
C PRO O 396 29.44 16.97 37.58
N PHE O 397 28.70 15.90 37.32
CA PHE O 397 27.71 15.92 36.25
C PHE O 397 26.53 16.85 36.55
N GLU O 398 26.37 17.30 37.79
CA GLU O 398 25.32 18.28 38.09
C GLU O 398 25.58 19.60 37.38
N VAL O 399 26.84 20.03 37.32
CA VAL O 399 27.19 21.34 36.80
C VAL O 399 27.96 21.23 35.48
N LEU O 400 27.83 20.11 34.77
CA LEU O 400 28.49 19.98 33.48
C LEU O 400 27.90 20.92 32.45
N SER O 401 26.57 21.00 32.38
CA SER O 401 25.93 21.85 31.39
C SER O 401 26.13 23.33 31.70
N ILE O 402 26.19 23.69 32.99
CA ILE O 402 26.34 25.09 33.36
C ILE O 402 27.68 25.63 32.91
N THR O 403 28.75 24.85 33.07
CA THR O 403 30.08 25.29 32.63
C THR O 403 30.12 25.48 31.11
N ILE O 404 29.54 24.54 30.37
CA ILE O 404 29.49 24.67 28.92
C ILE O 404 28.71 25.91 28.53
N SER O 405 27.58 26.14 29.18
CA SER O 405 26.78 27.33 28.87
C SER O 405 27.56 28.61 29.16
N LEU O 406 28.29 28.65 30.28
CA LEU O 406 29.05 29.85 30.63
C LEU O 406 30.16 30.10 29.61
N ILE O 407 30.92 29.07 29.25
CA ILE O 407 32.02 29.25 28.31
C ILE O 407 31.49 29.66 26.94
N SER O 408 30.43 29.00 26.47
CA SER O 408 29.85 29.34 25.17
C SER O 408 29.30 30.76 25.18
N ARG O 409 28.64 31.17 26.26
CA ARG O 409 28.12 32.52 26.35
C ARG O 409 29.23 33.55 26.34
N LEU O 410 30.32 33.29 27.06
CA LEU O 410 31.45 34.22 27.06
C LEU O 410 32.04 34.36 25.66
N ILE O 411 32.24 33.22 24.97
CA ILE O 411 32.81 33.27 23.63
C ILE O 411 31.89 34.01 22.67
N PHE O 412 30.59 33.71 22.74
CA PHE O 412 29.64 34.35 21.83
C PHE O 412 29.55 35.85 22.09
N ASP O 413 29.54 36.25 23.36
CA ASP O 413 29.48 37.68 23.68
C ASP O 413 30.74 38.39 23.23
N PHE O 414 31.91 37.77 23.39
CA PHE O 414 33.13 38.37 22.89
C PHE O 414 33.07 38.55 21.38
N ALA O 415 32.61 37.52 20.66
CA ALA O 415 32.52 37.62 19.20
C ALA O 415 31.53 38.69 18.79
N PHE O 416 30.37 38.77 19.48
CA PHE O 416 29.35 39.75 19.14
C PHE O 416 29.86 41.17 19.36
N HIS O 417 30.51 41.42 20.50
CA HIS O 417 31.01 42.75 20.79
C HIS O 417 32.16 43.13 19.87
N TYR O 418 33.03 42.17 19.54
CA TYR O 418 34.12 42.45 18.60
C TYR O 418 33.59 42.77 17.21
N SER O 419 32.57 42.03 16.76
CA SER O 419 31.98 42.30 15.45
C SER O 419 31.28 43.66 15.43
N LYS O 420 30.55 43.99 16.50
CA LYS O 420 29.89 45.28 16.56
C LYS O 420 30.89 46.42 16.59
N LEU O 421 31.98 46.26 17.34
CA LEU O 421 33.00 47.30 17.40
C LEU O 421 33.70 47.48 16.05
N GLN O 422 34.01 46.38 15.37
CA GLN O 422 34.77 46.45 14.14
C GLN O 422 33.91 46.74 12.91
N HIS O 423 32.59 46.67 13.04
CA HIS O 423 31.71 47.04 11.92
C HIS O 423 31.78 48.53 11.65
N GLN O 424 31.91 49.34 12.70
CA GLN O 424 32.04 50.78 12.54
C GLN O 424 33.38 51.18 11.90
N LYS O 425 34.35 50.27 11.86
CA LYS O 425 35.64 50.52 11.24
C LYS O 425 35.70 50.04 9.80
N ASP O 426 34.55 49.70 9.21
CA ASP O 426 34.47 49.23 7.83
C ASP O 426 35.31 47.98 7.60
N GLU O 427 35.27 47.07 8.57
CA GLU O 427 36.01 45.81 8.48
C GLU O 427 35.09 44.68 8.96
N LEU O 428 35.67 43.50 9.13
CA LEU O 428 34.93 42.32 9.58
C LEU O 428 35.75 41.62 10.65
N ASN O 429 35.18 40.56 11.22
CA ASN O 429 35.87 39.77 12.23
C ASN O 429 37.09 39.10 11.63
N ASP O 430 38.22 39.20 12.33
CA ASP O 430 39.46 38.59 11.90
C ASP O 430 39.88 37.40 12.76
N ILE O 431 39.07 37.02 13.74
CA ILE O 431 39.37 35.86 14.58
C ILE O 431 38.17 34.92 14.64
N PRO O 432 37.74 34.32 13.52
CA PRO O 432 36.63 33.37 13.59
C PRO O 432 37.00 32.17 14.45
N PHE O 433 36.03 31.70 15.22
CA PHE O 433 36.23 30.60 16.15
C PHE O 433 35.31 29.45 15.79
N MET O 434 35.79 28.23 16.01
CA MET O 434 35.00 27.02 15.83
C MET O 434 34.93 26.25 17.14
N ILE O 435 33.75 25.75 17.45
CA ILE O 435 33.50 25.01 18.69
C ILE O 435 33.16 23.58 18.32
N VAL O 436 33.93 22.63 18.85
CA VAL O 436 33.70 21.22 18.63
C VAL O 436 32.97 20.67 19.84
N CYS O 437 31.80 20.07 19.62
CA CYS O 437 30.92 19.61 20.67
C CYS O 437 30.70 18.10 20.51
N GLU O 438 31.57 17.31 21.14
CA GLU O 438 31.43 15.86 21.11
C GLU O 438 30.52 15.40 22.24
N GLU O 439 29.82 14.29 22.01
CA GLU O 439 28.83 13.77 22.94
C GLU O 439 27.80 14.86 23.27
N ALA O 440 27.20 15.40 22.20
CA ALA O 440 26.29 16.53 22.35
C ALA O 440 25.05 16.15 23.14
N HIS O 441 24.53 14.93 22.93
CA HIS O 441 23.27 14.55 23.55
C HIS O 441 23.35 14.54 25.07
N ASN O 442 24.56 14.54 25.63
CA ASN O 442 24.69 14.57 27.09
C ASN O 442 24.17 15.88 27.67
N TYR O 443 24.40 17.01 26.99
CA TYR O 443 24.06 18.31 27.54
C TYR O 443 23.19 19.18 26.64
N ILE O 444 22.86 18.73 25.42
CA ILE O 444 21.82 19.38 24.63
C ILE O 444 20.89 18.31 24.08
N PRO O 445 20.10 17.65 24.92
CA PRO O 445 19.26 16.55 24.46
C PRO O 445 17.93 17.03 23.91
N ARG O 446 17.23 16.12 23.22
CA ARG O 446 15.92 16.44 22.67
C ARG O 446 14.89 16.64 23.78
N THR O 447 14.83 15.72 24.73
CA THR O 447 13.88 15.76 25.83
C THR O 447 14.63 16.09 27.10
N GLY O 448 14.76 17.39 27.38
CA GLY O 448 15.46 17.83 28.58
C GLY O 448 14.57 18.58 29.54
N GLY O 449 14.95 18.59 30.82
CA GLY O 449 14.16 19.28 31.82
C GLY O 449 14.61 20.71 32.04
N ILE O 450 15.04 21.01 33.26
CA ILE O 450 15.48 22.36 33.60
C ILE O 450 17.01 22.46 33.72
N GLU O 451 17.69 21.39 34.13
CA GLU O 451 19.14 21.45 34.28
C GLU O 451 19.84 21.67 32.94
N PHE O 452 19.22 21.25 31.84
CA PHE O 452 19.79 21.42 30.51
C PHE O 452 19.31 22.68 29.82
N LYS O 453 18.49 23.50 30.48
CA LYS O 453 17.97 24.70 29.84
C LYS O 453 19.08 25.72 29.58
N ALA O 454 20.03 25.85 30.51
CA ALA O 454 21.10 26.84 30.36
C ALA O 454 21.98 26.52 29.17
N ALA O 455 22.33 25.24 28.99
CA ALA O 455 23.21 24.86 27.89
C ALA O 455 22.51 24.97 26.55
N LYS O 456 21.25 24.52 26.47
CA LYS O 456 20.53 24.54 25.20
C LYS O 456 20.30 25.97 24.72
N LYS O 457 19.94 26.87 25.63
CA LYS O 457 19.70 28.26 25.24
C LYS O 457 20.96 28.93 24.73
N SER O 458 22.10 28.68 25.38
CA SER O 458 23.35 29.32 24.98
C SER O 458 23.83 28.79 23.63
N ILE O 459 23.74 27.48 23.42
CA ILE O 459 24.19 26.90 22.16
C ILE O 459 23.29 27.33 21.00
N GLU O 460 21.98 27.42 21.26
CA GLU O 460 21.05 27.84 20.20
C GLU O 460 21.34 29.25 19.73
N ARG O 461 21.92 30.09 20.59
CA ARG O 461 22.29 31.45 20.20
C ARG O 461 23.50 31.48 19.29
N ILE O 462 24.24 30.37 19.19
CA ILE O 462 25.39 30.27 18.29
C ILE O 462 24.96 29.51 17.04
N ALA O 463 24.00 28.61 17.19
CA ALA O 463 23.48 27.86 16.06
C ALA O 463 22.54 28.68 15.19
N LYS O 464 22.07 29.82 15.67
CA LYS O 464 21.17 30.68 14.90
C LYS O 464 21.78 32.03 14.56
N GLU O 465 22.65 32.57 15.41
CA GLU O 465 23.27 33.87 15.20
C GLU O 465 24.78 33.78 15.34
N GLY O 466 25.37 32.72 14.79
CA GLY O 466 26.80 32.52 14.90
C GLY O 466 27.58 32.85 13.65
N ARG O 467 26.94 32.72 12.50
CA ARG O 467 27.62 32.98 11.24
C ARG O 467 28.00 34.45 11.10
N LYS O 468 27.13 35.36 11.54
CA LYS O 468 27.38 36.78 11.37
C LYS O 468 28.60 37.24 12.16
N TYR O 469 28.73 36.79 13.41
CA TYR O 469 29.78 37.27 14.30
C TYR O 469 31.05 36.43 14.25
N GLY O 470 31.06 35.35 13.48
CA GLY O 470 32.26 34.55 13.33
C GLY O 470 32.38 33.38 14.29
N LEU O 471 31.33 32.57 14.37
CA LEU O 471 31.36 31.36 15.18
C LEU O 471 30.78 30.20 14.38
N SER O 472 31.31 29.00 14.63
CA SER O 472 30.87 27.79 13.95
C SER O 472 30.74 26.67 14.96
N LEU O 473 29.89 25.70 14.63
CA LEU O 473 29.62 24.55 15.49
C LEU O 473 29.92 23.26 14.75
N MET O 474 30.53 22.31 15.45
CA MET O 474 30.73 20.95 14.96
C MET O 474 30.06 20.01 15.95
N VAL O 475 28.79 19.70 15.71
CA VAL O 475 28.02 18.84 16.59
C VAL O 475 28.42 17.39 16.32
N VAL O 476 29.13 16.79 17.27
CA VAL O 476 29.57 15.41 17.17
C VAL O 476 28.77 14.59 18.18
N SER O 477 28.01 13.61 17.68
CA SER O 477 27.18 12.79 18.54
C SER O 477 26.94 11.45 17.87
N GLN O 478 26.92 10.39 18.68
CA GLN O 478 26.61 9.05 18.20
C GLN O 478 25.13 8.73 18.25
N ARG O 479 24.31 9.62 18.80
CA ARG O 479 22.85 9.45 18.86
C ARG O 479 22.23 10.73 18.32
N PRO O 480 22.21 10.90 16.99
CA PRO O 480 21.63 12.12 16.43
C PRO O 480 20.17 12.33 16.76
N SER O 481 19.41 11.25 16.93
CA SER O 481 18.00 11.38 17.29
C SER O 481 17.80 11.99 18.67
N GLU O 482 18.77 11.86 19.57
CA GLU O 482 18.66 12.40 20.91
C GLU O 482 19.07 13.87 20.99
N VAL O 483 19.89 14.36 20.07
CA VAL O 483 20.25 15.77 20.05
C VAL O 483 19.04 16.59 19.61
N SER O 484 18.91 17.79 20.18
CA SER O 484 17.78 18.65 19.87
C SER O 484 17.79 19.04 18.40
N ASP O 485 16.61 18.99 17.77
CA ASP O 485 16.49 19.32 16.36
C ASP O 485 16.76 20.80 16.10
N THR O 486 16.65 21.66 17.13
CA THR O 486 16.87 23.08 16.92
C THR O 486 18.32 23.37 16.52
N ILE O 487 19.25 22.52 16.94
CA ILE O 487 20.67 22.73 16.64
C ILE O 487 21.12 21.90 15.44
N LEU O 488 20.57 20.69 15.29
CA LEU O 488 20.98 19.85 14.16
C LEU O 488 20.40 20.33 12.84
N SER O 489 19.20 20.90 12.86
CA SER O 489 18.58 21.36 11.63
C SER O 489 19.26 22.60 11.04
N GLN O 490 20.15 23.24 11.79
CA GLN O 490 20.90 24.39 11.29
C GLN O 490 22.25 23.99 10.70
N CYS O 491 22.54 22.70 10.62
CA CYS O 491 23.80 22.22 10.06
C CYS O 491 23.66 22.05 8.56
N ASN O 492 24.61 22.58 7.80
CA ASN O 492 24.56 22.54 6.35
C ASN O 492 25.34 21.38 5.77
N ASN O 493 26.52 21.08 6.32
CA ASN O 493 27.38 20.01 5.82
C ASN O 493 27.40 18.87 6.82
N PHE O 494 27.38 17.64 6.30
CA PHE O 494 27.31 16.44 7.12
C PHE O 494 28.46 15.51 6.79
N ILE O 495 29.14 15.02 7.81
CA ILE O 495 30.12 13.94 7.67
C ILE O 495 29.56 12.72 8.38
N ASN O 496 28.86 11.87 7.62
CA ASN O 496 28.10 10.76 8.20
C ASN O 496 28.95 9.50 8.14
N LEU O 497 29.16 8.89 9.31
CA LEU O 497 29.81 7.59 9.42
C LEU O 497 28.75 6.51 9.49
N ARG O 498 29.17 5.28 9.81
CA ARG O 498 28.24 4.16 9.86
C ARG O 498 27.20 4.36 10.96
N LEU O 499 25.95 4.11 10.62
CA LEU O 499 24.84 4.18 11.58
C LEU O 499 24.09 2.86 11.55
N THR O 500 23.83 2.29 12.72
CA THR O 500 23.14 1.02 12.82
C THR O 500 21.78 1.12 13.50
N ASN O 501 21.42 2.26 14.05
CA ASN O 501 20.11 2.45 14.67
C ASN O 501 19.13 2.95 13.63
N ILE O 502 18.05 2.20 13.41
CA ILE O 502 17.07 2.56 12.41
C ILE O 502 16.40 3.88 12.76
N ASN O 503 16.30 4.19 14.06
CA ASN O 503 15.75 5.48 14.47
C ASN O 503 16.73 6.62 14.24
N ASP O 504 18.01 6.31 14.04
CA ASP O 504 19.02 7.33 13.75
C ASP O 504 19.15 7.57 12.25
N GLN O 505 19.10 6.51 11.44
CA GLN O 505 19.16 6.69 9.98
C GLN O 505 17.94 7.44 9.47
N ASN O 506 16.77 7.15 10.04
CA ASN O 506 15.54 7.83 9.60
C ASN O 506 15.61 9.33 9.87
N TYR O 507 16.14 9.71 11.02
CA TYR O 507 16.23 11.14 11.36
C TYR O 507 17.23 11.85 10.47
N ILE O 508 18.38 11.23 10.21
CA ILE O 508 19.41 11.89 9.42
C ILE O 508 19.05 11.89 7.93
N LYS O 509 18.27 10.91 7.47
CA LYS O 509 17.83 10.89 6.08
C LYS O 509 16.90 12.05 5.79
N ASN O 510 16.01 12.37 6.72
CA ASN O 510 15.08 13.48 6.54
C ASN O 510 15.75 14.85 6.72
N LEU O 511 16.98 14.88 7.24
CA LEU O 511 17.70 16.13 7.40
C LEU O 511 18.70 16.39 6.28
N LEU O 512 19.09 15.37 5.53
CA LEU O 512 20.00 15.54 4.42
C LEU O 512 19.31 16.21 3.24
N PRO O 513 20.07 16.83 2.34
CA PRO O 513 19.47 17.38 1.12
C PRO O 513 18.82 16.28 0.28
N ASP O 514 17.79 16.69 -0.47
CA ASP O 514 16.97 15.72 -1.20
C ASP O 514 17.79 14.98 -2.25
N ASN O 515 18.84 15.59 -2.80
CA ASN O 515 19.63 14.94 -3.82
C ASN O 515 20.41 13.74 -3.27
N SER O 516 20.72 13.76 -1.98
CA SER O 516 21.48 12.68 -1.35
C SER O 516 20.61 11.61 -0.71
N ARG O 517 19.28 11.72 -0.82
CA ARG O 517 18.41 10.71 -0.24
C ARG O 517 18.56 9.37 -0.94
N SER O 518 18.85 9.38 -2.24
CA SER O 518 19.05 8.12 -2.96
C SER O 518 20.33 7.43 -2.50
N ILE O 519 21.37 8.20 -2.19
CA ILE O 519 22.64 7.63 -1.74
C ILE O 519 22.71 7.47 -0.23
N SER O 520 21.67 7.86 0.50
CA SER O 520 21.66 7.78 1.95
C SER O 520 21.42 6.37 2.46
N GLU O 521 21.35 5.38 1.58
CA GLU O 521 21.16 3.99 1.98
C GLU O 521 22.47 3.26 2.25
N ILE O 522 23.60 3.96 2.15
CA ILE O 522 24.91 3.35 2.40
C ILE O 522 25.31 3.43 3.86
N LEU O 523 24.54 4.13 4.70
CA LEU O 523 24.94 4.35 6.09
C LEU O 523 25.14 3.05 6.87
N PRO O 524 24.22 2.07 6.84
CA PRO O 524 24.50 0.80 7.54
C PRO O 524 25.60 -0.02 6.88
N THR O 525 25.96 0.27 5.63
CA THR O 525 26.94 -0.53 4.91
C THR O 525 28.36 0.02 5.01
N LEU O 526 28.52 1.30 5.34
CA LEU O 526 29.84 1.90 5.41
C LEU O 526 30.69 1.21 6.47
N GLY O 527 31.97 1.02 6.15
CA GLY O 527 32.88 0.35 7.06
C GLY O 527 34.23 1.04 7.09
N ALA O 528 35.02 0.67 8.09
CA ALA O 528 36.38 1.20 8.31
C ALA O 528 36.27 2.73 8.47
N GLY O 529 37.16 3.50 7.87
CA GLY O 529 37.15 4.93 7.97
C GLY O 529 36.32 5.65 6.92
N GLU O 530 35.56 4.92 6.11
CA GLU O 530 34.76 5.55 5.07
C GLU O 530 33.65 6.40 5.67
N CYS O 531 33.46 7.59 5.10
CA CYS O 531 32.42 8.51 5.54
C CYS O 531 31.68 9.05 4.33
N LEU O 532 30.40 9.33 4.52
CA LEU O 532 29.54 9.87 3.47
C LEU O 532 29.47 11.39 3.64
N VAL O 533 30.15 12.11 2.76
CA VAL O 533 30.19 13.57 2.82
C VAL O 533 29.03 14.11 1.99
N VAL O 534 28.11 14.81 2.66
CA VAL O 534 26.94 15.41 2.02
C VAL O 534 26.79 16.83 2.55
N GLY O 535 26.62 17.78 1.66
CA GLY O 535 26.41 19.15 2.06
C GLY O 535 26.65 20.12 0.93
N ASP O 536 26.57 21.41 1.27
CA ASP O 536 26.80 22.45 0.29
C ASP O 536 28.28 22.59 -0.06
N SER O 537 29.17 22.21 0.87
CA SER O 537 30.60 22.36 0.64
C SER O 537 31.11 21.46 -0.47
N THR O 538 30.39 20.39 -0.80
CA THR O 538 30.80 19.49 -1.86
C THR O 538 29.94 19.68 -3.10
N PRO O 539 30.51 19.53 -4.30
CA PRO O 539 29.67 19.60 -5.51
C PRO O 539 28.65 18.48 -5.58
N ILE O 540 29.07 17.25 -5.33
CA ILE O 540 28.18 16.09 -5.32
C ILE O 540 28.46 15.26 -4.07
N PRO O 541 27.46 14.58 -3.52
CA PRO O 541 27.73 13.68 -2.39
C PRO O 541 28.69 12.57 -2.78
N SER O 542 29.57 12.21 -1.85
CA SER O 542 30.64 11.27 -2.14
C SER O 542 30.94 10.44 -0.90
N ILE O 543 31.70 9.37 -1.12
CA ILE O 543 32.20 8.50 -0.05
C ILE O 543 33.71 8.68 0.01
N VAL O 544 34.21 9.05 1.19
CA VAL O 544 35.61 9.43 1.37
C VAL O 544 36.24 8.47 2.36
N LYS O 545 37.38 7.90 1.99
CA LYS O 545 38.16 7.02 2.86
C LYS O 545 39.12 7.89 3.66
N LEU O 546 38.75 8.21 4.90
CA LEU O 546 39.59 9.05 5.74
C LEU O 546 40.83 8.29 6.20
N GLU O 547 41.93 9.01 6.32
CA GLU O 547 43.18 8.45 6.82
C GLU O 547 43.25 8.64 8.34
N LEU O 548 43.94 7.71 8.99
CA LEU O 548 44.06 7.76 10.44
C LEU O 548 44.88 8.98 10.86
N PRO O 549 44.51 9.63 11.97
CA PRO O 549 45.28 10.81 12.42
C PRO O 549 46.62 10.41 13.00
N ASN O 550 47.47 11.43 13.18
CA ASN O 550 48.78 11.23 13.76
C ASN O 550 49.20 12.47 14.55
N PRO O 551 49.27 12.39 15.88
CA PRO O 551 48.98 11.22 16.74
C PRO O 551 47.49 10.96 16.91
N GLU O 552 47.11 9.71 17.19
CA GLU O 552 45.72 9.34 17.31
C GLU O 552 45.18 9.68 18.69
N PRO O 553 43.88 9.98 18.80
CA PRO O 553 43.26 10.11 20.12
C PRO O 553 43.24 8.78 20.85
N ARG O 554 43.34 8.86 22.18
CA ARG O 554 43.41 7.65 23.00
C ARG O 554 42.91 7.98 24.40
N SER O 555 41.80 7.36 24.78
CA SER O 555 41.22 7.55 26.11
C SER O 555 41.85 6.56 27.08
N GLN O 556 42.33 7.08 28.21
CA GLN O 556 42.95 6.24 29.24
C GLN O 556 41.85 5.56 30.05
N SER O 557 41.25 4.55 29.44
CA SER O 557 40.15 3.83 30.07
C SER O 557 40.70 2.78 31.04
N ILE O 558 39.81 1.96 31.58
CA ILE O 558 40.17 0.94 32.57
C ILE O 558 39.62 -0.40 32.11
N LYS O 559 40.44 -1.44 32.18
CA LYS O 559 40.06 -2.78 31.75
C LYS O 559 39.66 -3.57 32.99
N PHE O 560 38.36 -3.82 33.14
CA PHE O 560 37.88 -4.57 34.30
C PHE O 560 38.31 -6.04 34.23
N HIS O 561 38.14 -6.67 33.07
CA HIS O 561 38.46 -8.09 32.95
C HIS O 561 39.95 -8.35 33.14
N LYS O 562 40.79 -7.51 32.56
CA LYS O 562 42.23 -7.68 32.73
C LYS O 562 42.65 -7.44 34.17
N LYS O 563 42.03 -6.45 34.83
CA LYS O 563 42.34 -6.20 36.23
C LYS O 563 41.75 -7.29 37.13
N TRP O 564 40.60 -7.84 36.76
CA TRP O 564 39.99 -8.90 37.57
C TRP O 564 40.74 -10.22 37.47
N SER O 565 41.48 -10.43 36.38
CA SER O 565 42.20 -11.68 36.19
C SER O 565 43.53 -11.74 36.94
N GLU O 566 43.96 -10.63 37.55
CA GLU O 566 45.20 -10.62 38.30
C GLU O 566 44.97 -11.19 39.70
N SER O 567 46.02 -11.18 40.52
CA SER O 567 45.92 -11.68 41.89
C SER O 567 45.18 -10.68 42.76
N TRP O 568 44.89 -11.10 43.99
CA TRP O 568 44.17 -10.25 44.93
C TRP O 568 45.00 -9.03 45.29
N ARG O 569 44.34 -7.86 45.36
CA ARG O 569 44.99 -6.60 45.65
C ARG O 569 44.37 -5.97 46.88
N THR O 570 45.21 -5.42 47.76
CA THR O 570 44.77 -4.76 48.99
C THR O 570 45.18 -3.29 48.94
N PRO O 571 44.26 -2.38 48.64
CA PRO O 571 44.60 -0.95 48.66
C PRO O 571 44.82 -0.45 50.08
N SER O 572 45.58 0.64 50.19
CA SER O 572 45.86 1.26 51.48
C SER O 572 44.65 2.09 51.88
N PHE O 573 43.83 1.55 52.79
CA PHE O 573 42.62 2.25 53.22
C PHE O 573 42.96 3.47 54.07
N GLU O 574 44.07 3.42 54.80
CA GLU O 574 44.45 4.57 55.63
C GLU O 574 44.69 5.81 54.78
N GLU O 575 45.37 5.65 53.65
CA GLU O 575 45.63 6.80 52.79
C GLU O 575 44.34 7.36 52.19
N VAL O 576 43.43 6.49 51.75
CA VAL O 576 42.21 6.98 51.12
C VAL O 576 41.31 7.66 52.16
N ILE O 577 41.27 7.14 53.39
CA ILE O 577 40.48 7.83 54.41
C ILE O 577 41.16 9.12 54.85
N MET O 578 42.50 9.18 54.78
CA MET O 578 43.18 10.44 55.04
C MET O 578 42.80 11.49 54.00
N ARG O 579 42.72 11.09 52.74
CA ARG O 579 42.26 12.03 51.71
C ARG O 579 40.78 12.35 51.86
N TRP O 580 40.00 11.40 52.39
CA TRP O 580 38.63 11.70 52.79
C TRP O 580 38.58 12.86 53.78
N ARG O 581 39.37 12.76 54.84
CA ARG O 581 39.25 13.67 55.98
C ARG O 581 40.10 14.93 55.84
N LYS O 582 40.97 15.01 54.82
CA LYS O 582 41.73 16.25 54.63
C LYS O 582 40.84 17.42 54.24
N GLU O 583 39.60 17.16 53.79
CA GLU O 583 38.67 18.24 53.50
C GLU O 583 38.34 19.03 54.76
N ASN O 584 38.13 18.33 55.88
CA ASN O 584 37.85 18.97 57.16
C ASN O 584 39.09 19.09 58.04
N GLY O 585 39.83 18.00 58.21
CA GLY O 585 41.03 18.01 59.02
C GLY O 585 41.15 16.82 59.95
N MET P 1 -30.74 -26.86 -11.04
CA MET P 1 -30.42 -25.44 -10.94
C MET P 1 -31.65 -24.58 -11.24
N LYS P 2 -31.78 -23.47 -10.52
CA LYS P 2 -32.87 -22.54 -10.72
C LYS P 2 -32.41 -21.14 -11.06
N ILE P 3 -31.35 -20.65 -10.41
CA ILE P 3 -30.83 -19.31 -10.69
C ILE P 3 -29.39 -19.42 -11.18
N GLY P 4 -28.69 -20.46 -10.73
CA GLY P 4 -27.31 -20.64 -11.14
C GLY P 4 -26.62 -21.69 -10.30
N SER P 5 -25.30 -21.72 -10.42
CA SER P 5 -24.47 -22.69 -9.72
C SER P 5 -23.25 -22.00 -9.13
N VAL P 6 -22.70 -22.60 -8.09
CA VAL P 6 -21.52 -22.06 -7.41
C VAL P 6 -20.26 -22.43 -8.16
N ILE P 7 -19.30 -21.51 -8.19
CA ILE P 7 -18.00 -21.74 -8.82
C ILE P 7 -16.90 -21.90 -7.77
N GLU P 8 -16.70 -20.87 -6.94
CA GLU P 8 -15.62 -20.87 -5.96
C GLU P 8 -16.21 -20.74 -4.56
N SER P 9 -15.68 -21.55 -3.63
CA SER P 9 -16.13 -21.55 -2.24
C SER P 9 -14.93 -21.25 -1.35
N SER P 10 -15.04 -20.21 -0.53
CA SER P 10 -14.02 -19.80 0.41
C SER P 10 -14.69 -19.43 1.71
N PRO P 11 -13.98 -19.53 2.84
CA PRO P 11 -14.56 -19.08 4.11
C PRO P 11 -14.98 -17.62 4.09
N HIS P 12 -14.29 -16.78 3.32
CA HIS P 12 -14.66 -15.37 3.24
C HIS P 12 -15.95 -15.19 2.44
N SER P 13 -15.94 -15.61 1.18
CA SER P 13 -17.08 -15.37 0.30
C SER P 13 -17.25 -16.55 -0.64
N ILE P 14 -18.43 -16.62 -1.25
CA ILE P 14 -18.81 -17.66 -2.20
C ILE P 14 -19.24 -17.01 -3.50
N LEU P 15 -18.74 -17.52 -4.62
CA LEU P 15 -19.03 -16.98 -5.94
C LEU P 15 -20.08 -17.84 -6.63
N VAL P 16 -21.10 -17.19 -7.18
CA VAL P 16 -22.23 -17.85 -7.82
C VAL P 16 -22.38 -17.32 -9.23
N LYS P 17 -22.54 -18.22 -10.20
CA LYS P 17 -22.68 -17.86 -11.60
C LYS P 17 -24.09 -18.19 -12.07
N ILE P 18 -24.77 -17.19 -12.65
CA ILE P 18 -26.09 -17.40 -13.23
C ILE P 18 -25.94 -18.16 -14.54
N ASP P 19 -26.84 -19.11 -14.77
CA ASP P 19 -26.73 -20.00 -15.93
C ASP P 19 -26.83 -19.22 -17.23
N THR P 20 -27.96 -18.59 -17.48
CA THR P 20 -28.23 -17.93 -18.77
C THR P 20 -28.69 -16.50 -18.54
N LEU P 21 -28.61 -15.70 -19.61
CA LEU P 21 -29.10 -14.34 -19.57
C LEU P 21 -30.60 -14.27 -19.36
N LYS P 22 -31.34 -15.24 -19.92
CA LYS P 22 -32.79 -15.25 -19.75
C LYS P 22 -33.18 -15.43 -18.29
N ILE P 23 -32.45 -16.30 -17.57
CA ILE P 23 -32.75 -16.50 -16.15
C ILE P 23 -32.48 -15.23 -15.35
N PHE P 24 -31.36 -14.56 -15.63
CA PHE P 24 -31.03 -13.33 -14.92
C PHE P 24 -32.05 -12.23 -15.20
N GLU P 25 -32.48 -12.09 -16.46
CA GLU P 25 -33.44 -11.06 -16.81
C GLU P 25 -34.82 -11.38 -16.24
N LYS P 26 -35.20 -12.66 -16.19
CA LYS P 26 -36.51 -13.02 -15.64
C LYS P 26 -36.62 -12.66 -14.18
N ALA P 27 -35.57 -12.92 -13.41
CA ALA P 27 -35.53 -12.60 -11.97
C ALA P 27 -34.33 -11.69 -11.73
N LYS P 28 -34.54 -10.39 -11.91
CA LYS P 28 -33.50 -9.39 -11.65
C LYS P 28 -33.77 -8.55 -10.42
N SER P 29 -35.05 -8.34 -10.07
CA SER P 29 -35.37 -7.61 -8.85
C SER P 29 -35.00 -8.39 -7.60
N ALA P 30 -34.89 -9.72 -7.70
CA ALA P 30 -34.52 -10.55 -6.56
C ALA P 30 -33.04 -10.86 -6.49
N LEU P 31 -32.23 -10.30 -7.39
CA LEU P 31 -30.80 -10.56 -7.44
C LEU P 31 -30.01 -9.28 -7.17
N GLN P 32 -30.52 -8.43 -6.30
CA GLN P 32 -29.85 -7.19 -5.92
C GLN P 32 -29.03 -7.39 -4.66
N ILE P 33 -28.18 -6.39 -4.38
CA ILE P 33 -27.33 -6.46 -3.19
C ILE P 33 -28.20 -6.35 -1.94
N GLY P 34 -28.00 -7.26 -1.01
CA GLY P 34 -28.76 -7.28 0.23
C GLY P 34 -29.91 -8.27 0.26
N LYS P 35 -30.17 -8.97 -0.84
CA LYS P 35 -31.23 -9.96 -0.90
C LYS P 35 -30.66 -11.36 -0.65
N TYR P 36 -31.56 -12.29 -0.36
CA TYR P 36 -31.18 -13.60 0.15
C TYR P 36 -31.32 -14.68 -0.91
N LEU P 37 -30.47 -15.70 -0.81
CA LEU P 37 -30.48 -16.84 -1.72
C LEU P 37 -30.26 -18.11 -0.91
N LYS P 38 -30.60 -19.25 -1.52
CA LYS P 38 -30.38 -20.57 -0.95
C LYS P 38 -29.41 -21.34 -1.83
N ILE P 39 -28.33 -21.83 -1.25
CA ILE P 39 -27.36 -22.67 -1.94
C ILE P 39 -27.46 -24.07 -1.36
N GLN P 40 -27.75 -25.05 -2.22
CA GLN P 40 -27.91 -26.42 -1.77
C GLN P 40 -26.58 -27.01 -1.35
N GLU P 41 -26.56 -27.65 -0.18
CA GLU P 41 -25.39 -28.33 0.34
C GLU P 41 -25.83 -29.72 0.78
N GLY P 42 -25.40 -30.74 0.04
CA GLY P 42 -25.91 -32.07 0.24
C GLY P 42 -27.28 -32.25 -0.41
N ASN P 43 -27.87 -33.42 -0.17
CA ASN P 43 -29.16 -33.75 -0.77
C ASN P 43 -30.34 -33.22 0.03
N HIS P 44 -30.13 -32.74 1.26
CA HIS P 44 -31.23 -32.29 2.10
C HIS P 44 -30.99 -30.95 2.77
N ASN P 45 -29.76 -30.48 2.89
CA ASN P 45 -29.47 -29.25 3.62
C ASN P 45 -29.30 -28.08 2.67
N PHE P 46 -29.59 -26.88 3.18
CA PHE P 46 -29.46 -25.65 2.43
C PHE P 46 -28.65 -24.64 3.24
N VAL P 47 -28.05 -23.69 2.54
CA VAL P 47 -27.26 -22.63 3.16
C VAL P 47 -27.89 -21.30 2.75
N LEU P 48 -28.37 -20.54 3.73
CA LEU P 48 -28.91 -19.22 3.46
C LEU P 48 -27.78 -18.20 3.35
N CYS P 49 -27.89 -17.33 2.36
CA CYS P 49 -26.79 -16.43 2.01
C CYS P 49 -27.36 -15.09 1.57
N VAL P 50 -26.55 -14.05 1.67
CA VAL P 50 -26.95 -12.68 1.34
C VAL P 50 -26.00 -12.13 0.29
N ILE P 51 -26.56 -11.54 -0.76
CA ILE P 51 -25.76 -11.03 -1.87
C ILE P 51 -24.98 -9.80 -1.43
N GLN P 52 -23.73 -9.70 -1.88
CA GLN P 52 -22.84 -8.61 -1.50
C GLN P 52 -22.35 -7.79 -2.69
N ASN P 53 -22.01 -8.43 -3.80
CA ASN P 53 -21.52 -7.71 -4.97
C ASN P 53 -21.95 -8.45 -6.23
N ILE P 54 -22.04 -7.69 -7.33
CA ILE P 54 -22.43 -8.22 -8.63
C ILE P 54 -21.42 -7.75 -9.67
N LYS P 55 -21.07 -8.64 -10.60
CA LYS P 55 -20.22 -8.31 -11.75
C LYS P 55 -20.92 -8.90 -12.97
N ILE P 56 -21.78 -8.09 -13.59
CA ILE P 56 -22.64 -8.58 -14.65
C ILE P 56 -21.83 -9.00 -15.87
N SER P 57 -20.84 -8.20 -16.26
CA SER P 57 -20.14 -8.40 -17.52
C SER P 57 -18.65 -8.53 -17.27
N THR P 58 -18.06 -9.60 -17.83
CA THR P 58 -16.61 -9.81 -17.78
C THR P 58 -16.01 -10.21 -19.11
N ASP P 59 -16.78 -10.79 -20.02
CA ASP P 59 -16.29 -11.24 -21.31
C ASP P 59 -17.21 -10.77 -22.42
N LYS P 60 -16.71 -10.82 -23.65
CA LYS P 60 -17.47 -10.43 -24.84
C LYS P 60 -17.97 -11.61 -25.64
N ASP P 61 -17.16 -12.67 -25.78
CA ASP P 61 -17.58 -13.85 -26.52
C ASP P 61 -18.79 -14.50 -25.85
N GLU P 62 -18.78 -14.62 -24.53
CA GLU P 62 -19.91 -15.14 -23.78
C GLU P 62 -20.17 -14.24 -22.58
N ASP P 63 -21.44 -14.14 -22.20
CA ASP P 63 -21.85 -13.32 -21.08
C ASP P 63 -21.81 -14.15 -19.80
N ILE P 64 -20.94 -13.77 -18.87
CA ILE P 64 -20.76 -14.47 -17.61
C ILE P 64 -21.22 -13.55 -16.48
N PHE P 65 -22.17 -14.03 -15.68
CA PHE P 65 -22.70 -13.30 -14.54
C PHE P 65 -22.15 -13.92 -13.26
N ILE P 66 -21.60 -13.08 -12.39
CA ILE P 66 -20.94 -13.56 -11.17
C ILE P 66 -21.51 -12.81 -9.98
N LEU P 67 -21.93 -13.56 -8.96
CA LEU P 67 -22.45 -13.00 -7.72
C LEU P 67 -21.53 -13.37 -6.56
N THR P 68 -21.14 -12.39 -5.77
CA THR P 68 -20.46 -12.62 -4.51
C THR P 68 -21.48 -12.62 -3.38
N VAL P 69 -21.43 -13.63 -2.52
CA VAL P 69 -22.51 -13.86 -1.57
C VAL P 69 -21.90 -14.37 -0.26
N GLN P 70 -22.52 -13.97 0.86
CA GLN P 70 -22.01 -14.28 2.19
C GLN P 70 -23.00 -15.15 2.95
N PRO P 71 -22.55 -16.27 3.54
CA PRO P 71 -23.47 -17.15 4.27
C PRO P 71 -23.92 -16.52 5.59
N VAL P 72 -25.11 -16.93 6.03
CA VAL P 72 -25.66 -16.44 7.29
C VAL P 72 -26.15 -17.60 8.15
N GLY P 73 -26.30 -18.77 7.55
CA GLY P 73 -26.79 -19.91 8.31
C GLY P 73 -26.95 -21.13 7.42
N ILE P 74 -27.41 -22.21 8.04
CA ILE P 74 -27.60 -23.50 7.38
C ILE P 74 -28.97 -24.03 7.75
N PHE P 75 -29.71 -24.53 6.77
CA PHE P 75 -31.02 -25.14 6.98
C PHE P 75 -30.82 -26.66 7.05
N LYS P 76 -30.76 -27.19 8.27
CA LYS P 76 -30.61 -28.64 8.47
C LYS P 76 -32.01 -29.23 8.61
N GLY P 77 -32.58 -29.63 7.47
CA GLY P 77 -33.93 -30.15 7.45
C GLY P 77 -34.97 -29.05 7.32
N GLU P 78 -35.56 -28.65 8.43
CA GLU P 78 -36.50 -27.54 8.47
C GLU P 78 -36.12 -26.45 9.46
N GLU P 79 -35.50 -26.81 10.58
CA GLU P 79 -35.05 -25.81 11.55
C GLU P 79 -33.89 -25.01 10.99
N PHE P 80 -33.85 -23.73 11.35
CA PHE P 80 -32.82 -22.81 10.89
C PHE P 80 -31.77 -22.64 11.97
N PHE P 81 -30.53 -23.03 11.67
CA PHE P 81 -29.41 -22.82 12.57
C PHE P 81 -28.73 -21.50 12.21
N GLN P 82 -27.56 -21.25 12.79
CA GLN P 82 -26.82 -20.02 12.49
C GLN P 82 -25.33 -20.32 12.54
N GLY P 83 -24.61 -19.86 11.52
CA GLY P 83 -23.18 -20.12 11.44
C GLY P 83 -22.61 -19.43 10.21
N ASN P 84 -21.30 -19.57 10.05
CA ASN P 84 -20.59 -18.92 8.96
C ASN P 84 -19.95 -19.91 7.99
N SER P 85 -19.15 -20.85 8.49
CA SER P 85 -18.35 -21.72 7.63
C SER P 85 -19.11 -23.02 7.37
N MET P 86 -19.55 -23.21 6.13
CA MET P 86 -20.12 -24.48 5.71
C MET P 86 -19.46 -24.95 4.42
N LEU P 87 -19.03 -24.00 3.58
CA LEU P 87 -18.26 -24.25 2.36
C LEU P 87 -18.95 -25.26 1.46
N PRO P 88 -20.03 -24.88 0.77
CA PRO P 88 -20.70 -25.82 -0.14
C PRO P 88 -19.79 -26.23 -1.29
N SER P 89 -19.99 -27.46 -1.76
CA SER P 89 -19.19 -28.00 -2.84
C SER P 89 -19.50 -27.24 -4.15
N PRO P 90 -18.54 -27.19 -5.07
CA PRO P 90 -18.78 -26.50 -6.34
C PRO P 90 -19.90 -27.16 -7.15
N THR P 91 -20.42 -26.39 -8.11
CA THR P 91 -21.51 -26.82 -8.99
C THR P 91 -22.74 -27.27 -8.19
N GLU P 92 -23.11 -26.45 -7.20
CA GLU P 92 -24.31 -26.66 -6.42
C GLU P 92 -25.34 -25.60 -6.77
N PRO P 93 -26.60 -25.98 -6.97
CA PRO P 93 -27.60 -25.01 -7.43
C PRO P 93 -27.93 -23.95 -6.39
N VAL P 94 -28.38 -22.80 -6.89
CA VAL P 94 -28.92 -21.72 -6.08
C VAL P 94 -30.39 -21.56 -6.42
N PHE P 95 -31.25 -21.51 -5.38
CA PHE P 95 -32.67 -21.74 -5.57
C PHE P 95 -33.56 -20.55 -5.23
N LEU P 96 -33.00 -19.37 -4.97
CA LEU P 96 -33.79 -18.14 -4.86
C LEU P 96 -34.86 -18.25 -3.76
N VAL P 97 -34.38 -18.30 -2.52
CA VAL P 97 -35.25 -18.49 -1.37
C VAL P 97 -36.44 -17.53 -1.42
N GLU P 98 -37.60 -18.01 -0.97
CA GLU P 98 -38.84 -17.27 -1.03
C GLU P 98 -39.02 -16.41 0.23
N ASP P 99 -40.14 -15.68 0.28
CA ASP P 99 -40.41 -14.78 1.40
C ASP P 99 -41.06 -15.49 2.58
N ASP P 100 -41.68 -16.65 2.37
CA ASP P 100 -42.29 -17.37 3.47
C ASP P 100 -41.23 -17.92 4.43
N ILE P 101 -40.11 -18.38 3.89
CA ILE P 101 -39.04 -18.92 4.73
C ILE P 101 -38.40 -17.80 5.55
N LEU P 102 -38.24 -16.61 4.96
CA LEU P 102 -37.62 -15.50 5.67
C LEU P 102 -38.47 -15.04 6.86
N ASN P 103 -39.79 -15.26 6.79
CA ASN P 103 -40.67 -14.87 7.89
C ASN P 103 -40.52 -15.76 9.11
N LYS P 104 -39.89 -16.92 8.98
CA LYS P 104 -39.63 -17.79 10.11
C LYS P 104 -38.26 -17.58 10.73
N ILE P 105 -37.49 -16.62 10.23
CA ILE P 105 -36.16 -16.31 10.74
C ILE P 105 -36.14 -14.97 11.44
N PHE P 106 -36.44 -13.88 10.71
CA PHE P 106 -36.50 -12.57 11.34
C PHE P 106 -37.75 -12.42 12.20
N SER P 107 -38.89 -12.87 11.71
CA SER P 107 -40.15 -12.82 12.46
C SER P 107 -40.38 -14.10 13.25
N ASN P 108 -39.39 -14.49 14.05
CA ASN P 108 -39.51 -15.67 14.89
C ASN P 108 -40.36 -15.32 16.11
N GLU P 109 -41.46 -16.06 16.30
CA GLU P 109 -42.46 -15.70 17.29
C GLU P 109 -42.01 -16.10 18.69
N LYS P 110 -42.95 -16.09 19.64
CA LYS P 110 -42.81 -16.43 21.06
C LYS P 110 -41.72 -15.61 21.74
N THR P 111 -41.45 -15.94 23.01
CA THR P 111 -40.48 -15.20 23.83
C THR P 111 -40.78 -13.71 23.86
N LYS P 112 -42.07 -13.37 24.01
CA LYS P 112 -42.53 -11.99 24.11
C LYS P 112 -42.08 -11.17 22.90
N ILE P 113 -42.60 -11.55 21.74
CA ILE P 113 -42.16 -10.94 20.49
C ILE P 113 -42.73 -9.52 20.37
N PHE P 114 -42.02 -8.67 19.63
CA PHE P 114 -42.40 -7.27 19.48
C PHE P 114 -42.10 -6.84 18.05
N HIS P 115 -43.14 -6.56 17.28
CA HIS P 115 -42.97 -6.13 15.89
C HIS P 115 -42.40 -4.72 15.85
N LEU P 116 -41.45 -4.50 14.94
CA LEU P 116 -40.86 -3.19 14.74
C LEU P 116 -41.13 -2.62 13.35
N GLY P 117 -41.21 -3.46 12.32
CA GLY P 117 -41.44 -2.96 10.97
C GLY P 117 -41.21 -4.04 9.94
N ASN P 118 -40.81 -3.61 8.75
CA ASN P 118 -40.53 -4.50 7.63
C ASN P 118 -39.11 -4.27 7.12
N LEU P 119 -38.52 -5.33 6.60
CA LEU P 119 -37.15 -5.26 6.10
C LEU P 119 -37.07 -4.30 4.92
N ALA P 120 -35.97 -3.54 4.86
CA ALA P 120 -35.81 -2.54 3.80
C ALA P 120 -35.71 -3.21 2.43
N GLN P 121 -34.95 -4.30 2.34
CA GLN P 121 -34.78 -4.97 1.05
C GLN P 121 -36.06 -5.67 0.61
N ASN P 122 -36.76 -6.31 1.54
CA ASN P 122 -37.98 -7.04 1.24
C ASN P 122 -39.09 -6.55 2.17
N GLU P 123 -40.06 -5.82 1.60
CA GLU P 123 -41.15 -5.27 2.40
C GLU P 123 -42.15 -6.34 2.84
N GLU P 124 -42.10 -7.54 2.26
CA GLU P 124 -43.02 -8.61 2.61
C GLU P 124 -42.58 -9.42 3.83
N VAL P 125 -41.42 -9.11 4.39
CA VAL P 125 -40.91 -9.82 5.57
C VAL P 125 -40.99 -8.88 6.76
N SER P 126 -41.76 -9.28 7.77
CA SER P 126 -41.88 -8.48 8.98
C SER P 126 -40.67 -8.68 9.87
N PHE P 127 -40.21 -7.58 10.48
CA PHE P 127 -39.08 -7.62 11.39
C PHE P 127 -39.57 -7.51 12.82
N THR P 128 -39.09 -8.39 13.69
CA THR P 128 -39.52 -8.44 15.08
C THR P 128 -38.31 -8.58 15.99
N LEU P 129 -38.49 -8.17 17.24
CA LEU P 129 -37.43 -8.21 18.24
C LEU P 129 -37.93 -8.89 19.50
N ASP P 130 -36.98 -9.22 20.38
CA ASP P 130 -37.29 -9.79 21.69
C ASP P 130 -37.57 -8.62 22.64
N GLY P 131 -38.83 -8.48 23.03
CA GLY P 131 -39.20 -7.37 23.89
C GLY P 131 -38.55 -7.43 25.27
N ASP P 132 -38.42 -8.65 25.80
CA ASP P 132 -37.79 -8.81 27.11
C ASP P 132 -36.33 -8.36 27.09
N LYS P 133 -35.61 -8.70 26.02
CA LYS P 133 -34.21 -8.31 25.90
C LYS P 133 -34.03 -6.88 25.40
N PHE P 134 -35.12 -6.22 25.00
CA PHE P 134 -35.06 -4.86 24.45
C PHE P 134 -35.46 -3.80 25.45
N PHE P 135 -36.57 -4.01 26.17
CA PHE P 135 -37.09 -2.98 27.06
C PHE P 135 -36.58 -3.11 28.49
N SER P 136 -36.17 -4.31 28.91
CA SER P 136 -35.63 -4.47 30.26
C SER P 136 -34.28 -3.81 30.44
N LYS P 137 -33.62 -3.44 29.33
CA LYS P 137 -32.33 -2.77 29.37
C LYS P 137 -32.48 -1.38 28.73
N HIS P 138 -31.35 -0.70 28.55
CA HIS P 138 -31.35 0.66 28.05
C HIS P 138 -31.26 0.69 26.53
N VAL P 139 -32.02 1.60 25.92
CA VAL P 139 -32.07 1.76 24.47
C VAL P 139 -31.59 3.16 24.13
N ALA P 140 -30.79 3.26 23.07
CA ALA P 140 -30.25 4.54 22.60
C ALA P 140 -30.72 4.76 21.17
N VAL P 141 -31.73 5.61 20.99
CA VAL P 141 -32.23 5.97 19.67
C VAL P 141 -31.50 7.24 19.25
N VAL P 142 -30.48 7.08 18.41
CA VAL P 142 -29.64 8.18 17.96
C VAL P 142 -29.78 8.32 16.46
N GLY P 143 -30.01 9.54 16.00
CA GLY P 143 -30.17 9.82 14.59
C GLY P 143 -29.92 11.28 14.30
N SER P 144 -30.67 11.81 13.34
CA SER P 144 -30.54 13.20 12.95
C SER P 144 -31.84 13.63 12.27
N THR P 145 -31.99 14.94 12.11
CA THR P 145 -33.17 15.48 11.46
C THR P 145 -33.23 15.06 9.98
N GLY P 146 -34.45 14.92 9.48
CA GLY P 146 -34.67 14.45 8.13
C GLY P 146 -34.80 12.95 8.00
N SER P 147 -34.57 12.19 9.07
CA SER P 147 -34.71 10.75 9.06
C SER P 147 -35.93 10.25 9.82
N GLY P 148 -36.63 11.13 10.55
CA GLY P 148 -37.80 10.73 11.30
C GLY P 148 -37.50 10.17 12.67
N LYS P 149 -36.64 10.87 13.42
CA LYS P 149 -36.29 10.42 14.76
C LYS P 149 -37.50 10.47 15.68
N SER P 150 -38.20 11.61 15.71
CA SER P 150 -39.40 11.73 16.51
C SER P 150 -40.47 10.75 16.03
N CYS P 151 -40.60 10.60 14.71
CA CYS P 151 -41.56 9.64 14.17
C CYS P 151 -41.22 8.22 14.59
N ALA P 152 -39.93 7.85 14.54
CA ALA P 152 -39.53 6.50 14.95
C ALA P 152 -39.84 6.26 16.42
N VAL P 153 -39.51 7.24 17.28
CA VAL P 153 -39.77 7.09 18.70
C VAL P 153 -41.27 6.98 18.96
N ALA P 154 -42.06 7.80 18.27
CA ALA P 154 -43.51 7.76 18.45
C ALA P 154 -44.08 6.42 18.00
N LYS P 155 -43.60 5.89 16.88
CA LYS P 155 -44.08 4.59 16.41
C LYS P 155 -43.74 3.49 17.40
N ILE P 156 -42.51 3.50 17.92
CA ILE P 156 -42.10 2.47 18.88
C ILE P 156 -42.97 2.55 20.13
N LEU P 157 -43.18 3.76 20.65
CA LEU P 157 -43.97 3.90 21.87
C LEU P 157 -45.43 3.57 21.64
N GLN P 158 -45.97 3.89 20.46
CA GLN P 158 -47.35 3.53 20.14
C GLN P 158 -47.51 2.01 20.04
N ASN P 159 -46.53 1.33 19.46
CA ASN P 159 -46.56 -0.13 19.47
C ASN P 159 -46.49 -0.67 20.89
N VAL P 160 -45.69 -0.03 21.75
CA VAL P 160 -45.58 -0.48 23.14
C VAL P 160 -46.91 -0.34 23.86
N VAL P 161 -47.56 0.81 23.72
CA VAL P 161 -48.75 1.10 24.52
C VAL P 161 -50.03 0.52 23.92
N GLY P 162 -50.03 0.21 22.63
CA GLY P 162 -51.20 -0.41 22.03
C GLY P 162 -52.07 0.56 21.24
N ILE P 163 -51.45 1.44 20.47
CA ILE P 163 -52.15 2.37 19.59
C ILE P 163 -51.82 1.98 18.16
N ASN P 164 -52.85 1.65 17.38
CA ASN P 164 -52.69 1.26 15.99
C ASN P 164 -53.80 1.90 15.17
N ASP P 165 -53.42 2.63 14.13
CA ASP P 165 -54.36 3.34 13.26
C ASP P 165 -55.27 4.26 14.06
N ALA P 166 -54.68 4.98 15.02
CA ALA P 166 -55.40 5.92 15.88
C ALA P 166 -56.52 5.26 16.66
N ARG P 167 -56.32 3.99 17.03
CA ARG P 167 -57.29 3.25 17.82
C ARG P 167 -56.59 2.51 18.94
N ASN P 168 -57.32 2.32 20.04
CA ASN P 168 -56.79 1.61 21.21
C ASN P 168 -57.20 0.14 21.10
N ILE P 169 -56.20 -0.74 20.92
CA ILE P 169 -56.47 -2.16 20.80
C ILE P 169 -56.80 -2.82 22.13
N ASN P 170 -56.55 -2.14 23.24
CA ASN P 170 -56.82 -2.67 24.58
C ASN P 170 -57.97 -1.94 25.25
N LYS P 171 -59.01 -1.62 24.49
CA LYS P 171 -60.15 -0.90 25.04
C LYS P 171 -60.88 -1.73 26.09
N SER P 172 -61.01 -3.04 25.86
CA SER P 172 -61.72 -3.90 26.79
C SER P 172 -61.00 -3.97 28.13
N ASP P 173 -59.67 -4.12 28.10
CA ASP P 173 -58.88 -4.26 29.31
C ASP P 173 -57.60 -3.45 29.15
N LYS P 174 -57.40 -2.48 30.05
CA LYS P 174 -56.19 -1.64 29.98
C LYS P 174 -54.98 -2.44 30.41
N LYS P 175 -53.89 -2.31 29.65
CA LYS P 175 -52.67 -3.05 29.91
C LYS P 175 -51.77 -2.29 30.86
N ASN P 176 -50.78 -3.00 31.41
CA ASN P 176 -49.90 -2.47 32.44
C ASN P 176 -48.60 -1.95 31.82
N SER P 177 -48.74 -0.95 30.95
CA SER P 177 -47.60 -0.30 30.32
C SER P 177 -47.41 1.08 30.93
N HIS P 178 -46.18 1.38 31.34
CA HIS P 178 -45.86 2.65 31.98
C HIS P 178 -44.69 3.30 31.27
N ILE P 179 -44.89 4.53 30.79
CA ILE P 179 -43.85 5.28 30.09
C ILE P 179 -43.91 6.73 30.58
N ILE P 180 -42.74 7.28 30.90
CA ILE P 180 -42.62 8.70 31.28
C ILE P 180 -41.68 9.36 30.28
N ILE P 181 -42.17 10.42 29.64
CA ILE P 181 -41.44 11.09 28.57
C ILE P 181 -41.03 12.47 29.08
N PHE P 182 -39.73 12.67 29.28
CA PHE P 182 -39.18 14.00 29.53
C PHE P 182 -39.02 14.69 28.18
N ASP P 183 -40.01 15.51 27.81
CA ASP P 183 -40.14 16.03 26.46
C ASP P 183 -39.97 17.55 26.47
N ILE P 184 -38.74 18.00 26.27
CA ILE P 184 -38.51 19.40 25.90
C ILE P 184 -38.77 19.55 24.41
N HIS P 185 -39.11 20.76 23.99
CA HIS P 185 -39.58 21.02 22.62
C HIS P 185 -40.80 20.15 22.31
N SER P 186 -41.88 20.45 23.05
CA SER P 186 -43.07 19.61 23.08
C SER P 186 -43.51 19.20 21.68
N GLU P 187 -43.42 17.89 21.41
CA GLU P 187 -43.85 17.31 20.15
C GLU P 187 -44.69 16.05 20.30
N TYR P 188 -44.63 15.33 21.42
CA TYR P 188 -45.23 14.02 21.56
C TYR P 188 -46.64 14.06 22.14
N LYS P 189 -47.16 15.25 22.49
CA LYS P 189 -48.51 15.32 23.02
C LYS P 189 -49.53 14.88 21.97
N SER P 190 -49.33 15.29 20.72
CA SER P 190 -50.27 14.93 19.65
C SER P 190 -50.17 13.46 19.24
N ALA P 191 -49.05 12.80 19.54
CA ALA P 191 -48.88 11.41 19.14
C ALA P 191 -49.69 10.43 19.99
N PHE P 192 -50.09 10.83 21.20
CA PHE P 192 -50.83 9.95 22.09
C PHE P 192 -52.22 10.47 22.40
N GLU P 193 -52.66 11.56 21.76
CA GLU P 193 -53.96 12.16 22.03
C GLU P 193 -54.95 11.67 20.97
N ILE P 194 -55.37 10.43 21.11
CA ILE P 194 -56.40 9.85 20.24
C ILE P 194 -57.77 10.25 20.77
N ASP P 195 -58.81 9.99 19.98
CA ASP P 195 -60.16 10.42 20.31
C ASP P 195 -60.61 9.82 21.65
N LYS P 196 -61.48 10.56 22.35
CA LYS P 196 -61.90 10.18 23.69
C LYS P 196 -62.69 8.89 23.72
N ASN P 197 -63.31 8.49 22.60
CA ASN P 197 -64.10 7.27 22.59
C ASN P 197 -63.25 6.02 22.68
N GLU P 198 -61.94 6.13 22.45
CA GLU P 198 -61.05 4.97 22.54
C GLU P 198 -60.59 4.70 23.97
N ASP P 199 -60.87 5.59 24.92
CA ASP P 199 -60.54 5.40 26.32
C ASP P 199 -59.03 5.18 26.52
N PHE P 200 -58.27 6.21 26.19
CA PHE P 200 -56.82 6.22 26.39
C PHE P 200 -56.44 7.55 27.04
N ASN P 201 -56.31 7.54 28.36
CA ASN P 201 -55.95 8.73 29.10
C ASN P 201 -54.45 9.02 28.96
N LEU P 202 -54.12 10.30 28.83
CA LEU P 202 -52.73 10.74 28.71
C LEU P 202 -52.45 11.74 29.84
N ASN P 203 -51.47 11.42 30.68
CA ASN P 203 -51.09 12.27 31.79
C ASN P 203 -50.08 13.30 31.31
N TYR P 204 -50.60 14.36 30.70
CA TYR P 204 -49.77 15.44 30.15
C TYR P 204 -49.60 16.51 31.22
N LEU P 205 -48.38 16.61 31.75
CA LEU P 205 -48.06 17.56 32.82
C LEU P 205 -47.26 18.71 32.22
N ASP P 206 -47.88 19.88 32.14
CA ASP P 206 -47.22 21.09 31.69
C ASP P 206 -46.86 21.94 32.92
N VAL P 207 -46.26 23.11 32.66
CA VAL P 207 -45.86 23.99 33.75
C VAL P 207 -47.08 24.48 34.53
N GLU P 208 -48.25 24.53 33.90
CA GLU P 208 -49.45 24.99 34.60
C GLU P 208 -49.96 23.94 35.58
N LYS P 209 -49.98 22.67 35.17
CA LYS P 209 -50.54 21.61 36.00
C LYS P 209 -49.51 20.88 36.84
N LEU P 210 -48.22 21.16 36.65
CA LEU P 210 -47.19 20.48 37.43
C LEU P 210 -47.19 20.99 38.87
N LYS P 211 -46.98 20.07 39.81
CA LYS P 211 -46.92 20.40 41.23
C LYS P 211 -45.69 19.71 41.82
N LEU P 212 -44.60 20.46 41.93
CA LEU P 212 -43.33 19.97 42.47
C LEU P 212 -42.98 20.82 43.69
N PRO P 213 -43.36 20.40 44.89
CA PRO P 213 -43.08 21.21 46.08
C PRO P 213 -41.59 21.42 46.28
N TYR P 214 -41.24 22.63 46.75
CA TYR P 214 -39.84 22.97 46.97
C TYR P 214 -39.24 22.25 48.17
N TRP P 215 -40.06 21.80 49.12
CA TRP P 215 -39.54 21.15 50.31
C TRP P 215 -39.17 19.69 50.09
N LEU P 216 -39.45 19.14 48.91
CA LEU P 216 -39.02 17.78 48.59
C LEU P 216 -37.59 17.72 48.09
N MET P 217 -36.92 18.86 47.94
CA MET P 217 -35.56 18.92 47.45
C MET P 217 -34.57 18.71 48.59
N ASN P 218 -33.31 18.47 48.21
CA ASN P 218 -32.23 18.26 49.16
C ASN P 218 -31.42 19.56 49.29
N SER P 219 -30.29 19.47 49.98
CA SER P 219 -29.49 20.67 50.27
C SER P 219 -28.99 21.33 48.99
N GLU P 220 -28.49 20.53 48.04
CA GLU P 220 -27.89 21.10 46.83
C GLU P 220 -28.93 21.86 46.01
N GLU P 221 -30.10 21.25 45.79
CA GLU P 221 -31.13 21.91 45.00
C GLU P 221 -31.71 23.12 45.73
N LEU P 222 -31.84 23.03 47.05
CA LEU P 222 -32.32 24.19 47.82
C LEU P 222 -31.37 25.36 47.72
N GLU P 223 -30.06 25.10 47.81
CA GLU P 223 -29.09 26.18 47.68
C GLU P 223 -29.03 26.70 46.25
N THR P 224 -29.20 25.82 45.26
CA THR P 224 -29.19 26.27 43.87
C THR P 224 -30.37 27.17 43.58
N LEU P 225 -31.55 26.84 44.10
CA LEU P 225 -32.76 27.59 43.79
C LEU P 225 -32.75 28.97 44.43
N PHE P 226 -32.22 29.08 45.64
CA PHE P 226 -32.33 30.31 46.42
C PHE P 226 -31.02 31.06 46.57
N ILE P 227 -29.96 30.39 47.05
CA ILE P 227 -28.68 31.07 47.24
C ILE P 227 -28.11 31.50 45.90
N GLU P 228 -28.31 30.71 44.85
CA GLU P 228 -27.90 31.03 43.49
C GLU P 228 -26.38 31.15 43.36
N SER P 229 -25.92 31.90 42.36
CA SER P 229 -24.51 31.96 42.02
C SER P 229 -24.26 33.27 41.26
N ASN P 230 -23.12 33.34 40.57
CA ASN P 230 -22.70 34.45 39.71
C ASN P 230 -22.60 35.78 40.46
N GLU P 231 -22.55 35.74 41.78
CA GLU P 231 -22.27 36.93 42.57
C GLU P 231 -21.49 36.52 43.81
N GLN P 232 -20.72 37.45 44.34
CA GLN P 232 -19.89 37.19 45.53
C GLN P 232 -20.78 37.21 46.75
N ASN P 233 -21.16 36.02 47.22
CA ASN P 233 -21.99 35.88 48.42
C ASN P 233 -21.08 35.94 49.64
N SER P 234 -21.23 36.99 50.44
CA SER P 234 -20.42 37.13 51.64
C SER P 234 -20.76 36.01 52.62
N HIS P 235 -19.78 35.65 53.44
CA HIS P 235 -19.97 34.59 54.42
C HIS P 235 -21.01 35.02 55.45
N ASN P 236 -21.34 34.09 56.35
CA ASN P 236 -22.49 34.15 57.26
C ASN P 236 -23.80 33.99 56.52
N GLN P 237 -23.78 33.92 55.20
CA GLN P 237 -24.92 33.45 54.42
C GLN P 237 -24.94 31.92 54.50
N VAL P 238 -25.83 31.28 53.75
CA VAL P 238 -25.93 29.83 53.67
C VAL P 238 -26.18 29.23 55.05
N SER P 239 -25.27 29.48 55.99
CA SER P 239 -25.42 28.93 57.34
C SER P 239 -26.69 29.45 58.01
N GLN P 240 -26.96 30.75 57.90
CA GLN P 240 -28.18 31.29 58.48
C GLN P 240 -29.41 30.73 57.77
N PHE P 241 -29.38 30.66 56.44
CA PHE P 241 -30.49 30.08 55.69
C PHE P 241 -30.70 28.62 56.07
N LYS P 242 -29.61 27.86 56.19
CA LYS P 242 -29.71 26.45 56.56
C LYS P 242 -30.31 26.29 57.95
N ARG P 243 -29.86 27.11 58.90
CA ARG P 243 -30.39 27.04 60.25
C ARG P 243 -31.87 27.39 60.29
N ALA P 244 -32.27 28.42 59.54
CA ALA P 244 -33.68 28.80 59.48
C ALA P 244 -34.53 27.69 58.88
N VAL P 245 -34.05 27.06 57.80
CA VAL P 245 -34.80 25.96 57.19
C VAL P 245 -34.93 24.79 58.15
N VAL P 246 -33.84 24.43 58.85
CA VAL P 246 -33.90 23.32 59.79
C VAL P 246 -34.87 23.62 60.92
N LEU P 247 -34.82 24.83 61.47
CA LEU P 247 -35.70 25.18 62.57
C LEU P 247 -37.16 25.20 62.14
N ASN P 248 -37.45 25.72 60.95
CA ASN P 248 -38.82 25.71 60.46
C ASN P 248 -39.30 24.28 60.21
N LYS P 249 -38.44 23.42 59.67
CA LYS P 249 -38.80 22.02 59.46
C LYS P 249 -39.13 21.34 60.77
N GLU P 250 -38.32 21.58 61.81
CA GLU P 250 -38.63 21.02 63.12
C GLU P 250 -39.90 21.60 63.70
N LYS P 251 -40.20 22.87 63.38
CA LYS P 251 -41.44 23.49 63.87
C LYS P 251 -42.66 22.82 63.26
N TYR P 252 -42.67 22.66 61.93
CA TYR P 252 -43.85 22.12 61.27
C TYR P 252 -43.95 20.61 61.30
N ASN P 253 -42.89 19.91 61.71
CA ASN P 253 -42.89 18.45 61.79
C ASN P 253 -42.38 18.03 63.16
N PRO P 254 -43.25 18.02 64.17
CA PRO P 254 -42.78 17.71 65.53
C PRO P 254 -42.55 16.22 65.77
N GLU P 255 -43.34 15.37 65.13
CA GLU P 255 -43.29 13.93 65.36
C GLU P 255 -42.28 13.23 64.43
N PHE P 256 -41.05 13.74 64.42
CA PHE P 256 -39.98 13.15 63.63
C PHE P 256 -38.74 13.00 64.51
N LYS P 257 -38.08 11.85 64.37
CA LYS P 257 -36.92 11.55 65.22
C LYS P 257 -35.79 12.54 64.97
N LYS P 258 -35.24 12.54 63.75
CA LYS P 258 -34.16 13.44 63.38
C LYS P 258 -34.54 14.19 62.12
N ILE P 259 -34.43 15.52 62.17
CA ILE P 259 -34.73 16.39 61.03
C ILE P 259 -33.47 17.15 60.69
N THR P 260 -33.06 17.08 59.42
CA THR P 260 -31.83 17.68 58.94
C THR P 260 -32.13 18.67 57.82
N TYR P 261 -31.05 19.21 57.24
CA TYR P 261 -31.20 20.24 56.21
C TYR P 261 -31.88 19.71 54.96
N ASP P 262 -31.51 18.49 54.54
CA ASP P 262 -32.05 17.91 53.32
C ASP P 262 -33.17 16.91 53.61
N SER P 263 -33.84 17.02 54.75
CA SER P 263 -34.96 16.15 55.06
C SER P 263 -36.17 16.55 54.22
N PRO P 264 -36.79 15.61 53.50
CA PRO P 264 -37.96 15.94 52.66
C PRO P 264 -39.24 16.13 53.48
N VAL P 265 -39.27 17.20 54.26
CA VAL P 265 -40.41 17.54 55.09
C VAL P 265 -40.81 18.99 54.84
N TYR P 266 -42.05 19.31 55.21
CA TYR P 266 -42.60 20.62 54.91
C TYR P 266 -41.93 21.72 55.73
N PHE P 267 -41.75 22.88 55.09
CA PHE P 267 -41.29 24.08 55.77
C PHE P 267 -41.73 25.28 54.96
N ASN P 268 -42.16 26.33 55.65
CA ASN P 268 -42.65 27.53 54.99
C ASN P 268 -41.49 28.40 54.55
N ILE P 269 -41.48 28.76 53.26
CA ILE P 269 -40.37 29.54 52.72
C ILE P 269 -40.55 31.02 53.02
N ASN P 270 -41.80 31.49 53.13
CA ASN P 270 -42.03 32.88 53.50
C ASN P 270 -41.54 33.17 54.91
N GLU P 271 -41.73 32.21 55.83
CA GLU P 271 -41.25 32.39 57.19
C GLU P 271 -39.73 32.44 57.24
N VAL P 272 -39.04 31.70 56.37
CA VAL P 272 -37.59 31.80 56.31
C VAL P 272 -37.16 33.19 55.85
N PHE P 273 -37.88 33.76 54.87
CA PHE P 273 -37.62 35.13 54.46
C PHE P 273 -37.84 36.10 55.61
N ASN P 274 -38.91 35.90 56.38
CA ASN P 274 -39.15 36.76 57.53
C ASN P 274 -38.02 36.64 58.55
N TYR P 275 -37.55 35.41 58.81
CA TYR P 275 -36.45 35.19 59.73
C TYR P 275 -35.20 35.93 59.26
N ILE P 276 -34.83 35.77 57.99
CA ILE P 276 -33.65 36.43 57.46
C ILE P 276 -33.84 37.94 57.48
N TYR P 277 -35.02 38.42 57.10
CA TYR P 277 -35.29 39.85 57.14
C TYR P 277 -35.27 40.38 58.56
N ASN P 278 -35.84 39.62 59.51
CA ASN P 278 -35.83 40.02 60.91
C ASN P 278 -34.48 39.83 61.58
N LEU P 279 -33.44 39.50 60.82
CA LEU P 279 -32.06 39.60 61.30
C LEU P 279 -31.46 40.97 61.04
N ASN P 280 -32.30 42.00 61.00
CA ASN P 280 -31.87 43.39 60.92
C ASN P 280 -31.86 44.01 62.31
N GLU P 281 -31.47 43.22 63.31
CA GLU P 281 -31.59 43.58 64.72
C GLU P 281 -30.58 44.66 65.04
N GLU P 282 -30.97 45.92 64.84
CA GLU P 282 -30.08 46.99 65.28
C GLU P 282 -30.13 47.19 66.78
N VAL P 283 -30.96 46.42 67.49
CA VAL P 283 -31.15 46.54 68.93
C VAL P 283 -30.91 45.19 69.57
N ILE P 284 -29.96 45.12 70.50
CA ILE P 284 -29.74 43.94 71.32
C ILE P 284 -29.75 44.36 72.79
N ASN P 285 -30.52 45.41 73.09
CA ASN P 285 -30.69 45.96 74.43
C ASN P 285 -29.42 46.63 74.92
N LYS P 286 -28.51 45.86 75.51
CA LYS P 286 -27.20 46.31 75.97
C LYS P 286 -27.26 47.35 77.07
N ILE P 287 -28.46 47.67 77.59
CA ILE P 287 -28.53 48.49 78.79
C ILE P 287 -28.02 47.68 79.97
N GLU P 288 -27.35 48.35 80.91
CA GLU P 288 -26.60 47.63 81.93
C GLU P 288 -27.52 46.80 82.82
N GLY P 289 -28.65 47.37 83.24
CA GLY P 289 -29.52 46.65 84.16
C GLY P 289 -30.16 45.42 83.55
N GLU P 290 -30.67 45.54 82.34
CA GLU P 290 -31.39 44.47 81.68
C GLU P 290 -30.44 43.60 80.87
N PRO P 291 -30.84 42.35 80.55
CA PRO P 291 -29.96 41.48 79.76
C PRO P 291 -29.83 41.93 78.31
N SER P 292 -28.99 41.25 77.55
CA SER P 292 -28.67 41.64 76.18
C SER P 292 -29.51 40.90 75.14
N LEU P 293 -30.73 40.53 75.50
CA LEU P 293 -31.63 39.91 74.53
C LEU P 293 -32.03 40.91 73.46
N PRO P 294 -32.29 40.45 72.24
CA PRO P 294 -32.82 41.36 71.21
C PRO P 294 -34.10 42.03 71.70
N LYS P 295 -34.20 43.35 71.44
CA LYS P 295 -35.36 44.14 71.95
C LYS P 295 -35.99 45.01 70.87
N LEU P 296 -37.22 45.49 71.07
CA LEU P 296 -37.93 46.24 69.99
C LEU P 296 -38.57 47.53 70.50
N SER P 297 -39.40 48.19 69.67
CA SER P 297 -40.06 49.50 70.02
C SER P 297 -40.83 49.40 71.34
N ASN P 298 -42.03 48.83 71.29
CA ASN P 298 -42.78 48.60 72.55
C ASN P 298 -41.78 48.43 73.70
N GLY P 299 -40.84 47.50 73.55
CA GLY P 299 -39.85 47.24 74.61
C GLY P 299 -39.81 45.77 74.97
N GLU P 300 -40.60 44.97 74.26
CA GLU P 300 -40.63 43.51 74.51
C GLU P 300 -39.23 42.94 74.28
N LEU P 301 -38.48 42.72 75.36
CA LEU P 301 -37.16 42.05 75.21
C LEU P 301 -37.42 40.63 74.70
N VAL P 302 -37.63 40.47 73.39
CA VAL P 302 -37.95 39.18 72.78
C VAL P 302 -37.17 38.09 73.51
N GLU P 303 -37.87 37.04 73.93
CA GLU P 303 -37.24 36.00 74.73
C GLU P 303 -36.52 34.95 73.89
N ASN P 304 -37.27 34.18 73.09
CA ASN P 304 -36.67 33.02 72.42
C ASN P 304 -35.99 33.42 71.11
N ARG P 305 -36.81 33.85 70.13
CA ARG P 305 -36.48 34.32 68.78
C ARG P 305 -37.45 33.72 67.77
N GLN P 306 -38.27 32.76 68.19
CA GLN P 306 -39.13 32.05 67.24
C GLN P 306 -40.29 32.88 66.74
N ILE P 307 -40.54 34.06 67.31
CA ILE P 307 -41.60 34.93 66.83
C ILE P 307 -41.12 35.66 65.58
N TYR P 308 -39.85 35.45 65.22
CA TYR P 308 -39.29 36.08 64.03
C TYR P 308 -39.83 35.45 62.75
N PHE P 309 -40.40 34.24 62.84
CA PHE P 309 -40.93 33.56 61.67
C PHE P 309 -42.28 34.13 61.24
N ASN P 310 -43.12 34.54 62.19
CA ASN P 310 -44.51 34.82 61.89
C ASN P 310 -44.66 36.07 61.02
N GLU P 311 -44.01 37.17 61.41
CA GLU P 311 -44.21 38.45 60.74
C GLU P 311 -42.89 39.21 60.67
N LYS P 312 -42.94 40.37 60.02
CA LYS P 312 -41.80 41.28 59.99
C LYS P 312 -41.90 42.26 61.15
N LEU P 313 -40.75 42.55 61.76
CA LEU P 313 -40.70 43.31 63.00
C LEU P 313 -39.88 44.58 62.81
N GLU P 314 -40.21 45.60 63.60
CA GLU P 314 -39.50 46.86 63.63
C GLU P 314 -38.93 47.08 65.02
N PHE P 315 -37.63 47.37 65.09
CA PHE P 315 -36.93 47.57 66.36
C PHE P 315 -36.72 49.06 66.59
N THR P 316 -36.02 49.38 67.68
CA THR P 316 -35.77 50.76 68.05
C THR P 316 -34.48 51.25 67.37
N SER P 317 -34.00 52.41 67.79
CA SER P 317 -32.87 53.04 67.14
C SER P 317 -31.54 52.45 67.63
N SER P 318 -30.46 52.85 66.96
CA SER P 318 -29.13 52.36 67.30
C SER P 318 -28.59 52.99 68.57
N ASN P 319 -29.02 54.22 68.90
CA ASN P 319 -28.62 54.90 70.12
C ASN P 319 -27.12 55.10 70.21
N THR P 320 -26.40 54.04 70.61
CA THR P 320 -24.95 54.08 70.78
C THR P 320 -24.55 55.14 71.81
N SER P 321 -25.49 55.48 72.69
CA SER P 321 -25.28 56.45 73.76
C SER P 321 -26.39 56.24 74.79
N LYS P 322 -26.40 57.08 75.83
CA LYS P 322 -27.43 57.06 76.85
C LYS P 322 -27.38 55.72 77.60
N ALA P 323 -28.26 55.52 78.58
CA ALA P 323 -28.28 54.25 79.30
C ALA P 323 -28.57 53.09 78.35
N THR P 324 -29.52 53.25 77.43
CA THR P 324 -29.86 52.22 76.47
C THR P 324 -28.80 52.18 75.39
N LYS P 325 -27.82 51.29 75.54
CA LYS P 325 -26.73 51.20 74.58
C LYS P 325 -27.16 50.60 73.25
N ALA P 326 -28.26 49.84 73.23
CA ALA P 326 -28.80 49.25 72.01
C ALA P 326 -27.77 48.38 71.31
N SER P 327 -27.04 48.96 70.35
CA SER P 327 -25.97 48.31 69.59
C SER P 327 -26.55 47.35 68.54
N ASN P 328 -26.00 47.41 67.34
CA ASN P 328 -26.49 46.58 66.24
C ASN P 328 -26.19 45.10 66.50
N GLY P 329 -27.03 44.25 65.90
CA GLY P 329 -26.88 42.82 66.06
C GLY P 329 -25.74 42.28 65.22
N PRO P 330 -25.47 40.98 65.38
CA PRO P 330 -24.35 40.37 64.65
C PRO P 330 -24.47 40.46 63.14
N PHE P 331 -25.69 40.38 62.59
CA PHE P 331 -25.89 40.34 61.14
C PHE P 331 -26.80 41.47 60.68
N ASN P 332 -26.62 42.67 61.26
CA ASN P 332 -27.42 43.83 60.91
C ASN P 332 -26.76 44.54 59.74
N GLY P 333 -27.41 44.49 58.57
CA GLY P 333 -26.91 45.12 57.37
C GLY P 333 -26.18 44.21 56.41
N GLU P 334 -25.85 42.98 56.83
CA GLU P 334 -25.15 42.06 55.94
C GLU P 334 -26.08 41.45 54.89
N PHE P 335 -27.37 41.33 55.19
CA PHE P 335 -28.33 40.69 54.30
C PHE P 335 -29.18 41.79 53.65
N ASN P 336 -28.71 42.32 52.53
CA ASN P 336 -29.46 43.33 51.79
C ASN P 336 -29.83 42.89 50.38
N ARG P 337 -28.84 42.49 49.57
CA ARG P 337 -29.15 42.04 48.22
C ARG P 337 -29.79 40.65 48.23
N PHE P 338 -29.43 39.83 49.21
CA PHE P 338 -30.03 38.51 49.35
C PHE P 338 -31.53 38.61 49.56
N LEU P 339 -31.97 39.56 50.39
CA LEU P 339 -33.40 39.77 50.60
C LEU P 339 -34.09 40.18 49.30
N SER P 340 -33.46 41.05 48.52
CA SER P 340 -34.07 41.49 47.27
C SER P 340 -34.23 40.33 46.30
N ARG P 341 -33.19 39.52 46.15
CA ARG P 341 -33.28 38.37 45.25
C ARG P 341 -34.30 37.36 45.77
N PHE P 342 -34.34 37.14 47.09
CA PHE P 342 -35.28 36.19 47.66
C PHE P 342 -36.72 36.62 47.44
N GLU P 343 -37.01 37.91 47.64
CA GLU P 343 -38.37 38.39 47.42
C GLU P 343 -38.71 38.45 45.94
N THR P 344 -37.72 38.62 45.07
CA THR P 344 -37.96 38.53 43.64
C THR P 344 -38.35 37.11 43.24
N LYS P 345 -37.67 36.12 43.81
CA LYS P 345 -37.97 34.72 43.46
C LYS P 345 -39.35 34.31 43.93
N LEU P 346 -39.72 34.66 45.16
CA LEU P 346 -41.00 34.21 45.72
C LEU P 346 -42.18 34.80 44.96
N THR P 347 -42.03 35.99 44.41
CA THR P 347 -43.11 36.66 43.69
C THR P 347 -43.12 36.34 42.20
N ASP P 348 -42.19 35.51 41.72
CA ASP P 348 -42.14 35.18 40.30
C ASP P 348 -43.29 34.26 39.92
N LYS P 349 -44.01 34.63 38.86
CA LYS P 349 -45.13 33.82 38.39
C LYS P 349 -44.69 32.66 37.50
N ARG P 350 -43.45 32.69 37.00
CA ARG P 350 -42.95 31.57 36.22
C ARG P 350 -42.74 30.35 37.10
N LEU P 351 -42.22 30.53 38.32
CA LEU P 351 -41.98 29.45 39.25
C LEU P 351 -43.20 29.19 40.13
N GLU P 352 -44.37 29.02 39.51
CA GLU P 352 -45.58 28.69 40.24
C GLU P 352 -45.78 27.19 40.40
N PHE P 353 -45.07 26.38 39.61
CA PHE P 353 -45.11 24.93 39.76
C PHE P 353 -44.32 24.45 40.97
N LEU P 354 -43.50 25.31 41.57
CA LEU P 354 -42.72 24.95 42.75
C LEU P 354 -43.46 25.25 44.05
N LEU P 355 -44.72 25.71 43.97
CA LEU P 355 -45.52 26.03 45.15
C LEU P 355 -44.79 27.04 46.04
N LEU P 356 -44.23 28.07 45.39
CA LEU P 356 -43.31 28.98 46.06
C LEU P 356 -44.00 30.05 46.89
N ASN P 357 -45.25 30.38 46.57
CA ASN P 357 -46.04 31.34 47.35
C ASN P 357 -46.95 30.57 48.30
N GLN P 358 -46.63 30.62 49.59
CA GLN P 358 -47.37 29.84 50.59
C GLN P 358 -48.48 30.66 51.24
N ASP P 359 -48.12 31.78 51.87
CA ASP P 359 -49.11 32.59 52.56
C ASP P 359 -50.05 33.30 51.60
N VAL P 360 -49.56 33.68 50.42
CA VAL P 360 -50.39 34.44 49.48
C VAL P 360 -51.56 33.61 48.98
N GLU P 361 -51.31 32.35 48.61
CA GLU P 361 -52.32 31.50 48.00
C GLU P 361 -52.58 30.29 48.89
N GLU P 362 -53.86 30.02 49.15
CA GLU P 362 -54.24 28.83 49.92
C GLU P 362 -54.17 27.55 49.10
N ASN P 363 -54.17 27.66 47.77
CA ASN P 363 -54.04 26.46 46.94
C ASN P 363 -52.65 25.84 47.06
N SER P 364 -51.62 26.66 47.25
CA SER P 364 -50.26 26.17 47.43
C SER P 364 -49.95 25.88 48.90
N LYS P 365 -50.80 25.07 49.53
CA LYS P 365 -50.64 24.70 50.94
C LYS P 365 -50.72 23.17 51.03
N TYR P 366 -49.57 22.52 50.83
CA TYR P 366 -49.44 21.08 51.00
C TYR P 366 -48.62 20.79 52.25
N ARG P 367 -48.75 19.56 52.74
CA ARG P 367 -48.04 19.13 53.94
C ARG P 367 -47.32 17.82 53.64
N THR P 368 -46.60 17.31 54.66
CA THR P 368 -45.84 16.08 54.48
C THR P 368 -46.75 14.89 54.24
N GLU P 369 -47.93 14.87 54.88
CA GLU P 369 -48.86 13.76 54.71
C GLU P 369 -49.47 13.70 53.32
N HIS P 370 -49.30 14.74 52.50
CA HIS P 370 -49.84 14.76 51.15
C HIS P 370 -48.86 14.27 50.11
N PHE P 371 -47.76 13.63 50.51
CA PHE P 371 -46.79 13.10 49.57
C PHE P 371 -47.21 11.71 49.07
N GLU P 372 -48.45 11.63 48.57
CA GLU P 372 -48.93 10.42 47.92
C GLU P 372 -49.56 10.79 46.58
N ASP P 373 -50.16 11.98 46.52
CA ASP P 373 -50.72 12.47 45.26
C ASP P 373 -49.66 13.12 44.39
N ILE P 374 -48.62 13.70 45.00
CA ILE P 374 -47.51 14.25 44.23
C ILE P 374 -46.77 13.13 43.51
N LEU P 375 -46.53 12.01 44.20
CA LEU P 375 -45.87 10.87 43.56
C LEU P 375 -46.76 10.23 42.52
N LYS P 376 -48.08 10.20 42.76
CA LYS P 376 -48.99 9.54 41.84
C LYS P 376 -49.12 10.29 40.52
N GLN P 377 -49.05 11.62 40.54
CA GLN P 377 -49.31 12.39 39.33
C GLN P 377 -48.23 12.19 38.27
N PHE P 378 -46.99 11.91 38.69
CA PHE P 378 -45.93 11.66 37.72
C PHE P 378 -46.06 10.31 37.06
N MET P 379 -46.62 9.33 37.76
CA MET P 379 -46.73 7.97 37.26
C MET P 379 -48.06 7.68 36.59
N GLY P 380 -48.94 8.68 36.47
CA GLY P 380 -50.22 8.46 35.84
C GLY P 380 -51.17 7.61 36.63
N TYR P 381 -50.99 7.54 37.96
CA TYR P 381 -51.83 6.73 38.82
C TYR P 381 -52.94 7.54 39.50
N LEU P 382 -53.19 8.77 39.03
CA LEU P 382 -54.26 9.57 39.59
C LEU P 382 -55.59 8.86 39.40
N ASP P 383 -56.04 8.70 38.16
CA ASP P 383 -57.10 7.73 37.91
C ASP P 383 -56.55 6.47 37.26
N ARG P 384 -56.08 6.59 36.01
CA ARG P 384 -55.49 5.53 35.20
C ARG P 384 -54.82 6.18 33.99
N SER P 385 -53.53 5.91 33.76
CA SER P 385 -52.84 6.51 32.62
C SER P 385 -51.58 5.72 32.32
N ASN P 386 -51.46 5.21 31.09
CA ASN P 386 -50.27 4.47 30.70
C ASN P 386 -49.10 5.37 30.39
N VAL P 387 -49.34 6.52 29.76
CA VAL P 387 -48.29 7.39 29.26
C VAL P 387 -48.35 8.72 29.99
N SER P 388 -47.22 9.15 30.52
CA SER P 388 -47.06 10.46 31.14
C SER P 388 -46.05 11.27 30.35
N ILE P 389 -46.42 12.52 30.04
CA ILE P 389 -45.58 13.41 29.25
C ILE P 389 -45.27 14.64 30.10
N ILE P 390 -44.03 14.76 30.55
CA ILE P 390 -43.58 15.91 31.30
C ILE P 390 -43.03 16.92 30.30
N ASP P 391 -43.77 18.00 30.06
CA ASP P 391 -43.38 19.03 29.11
C ASP P 391 -42.56 20.08 29.85
N LEU P 392 -41.28 20.17 29.52
CA LEU P 392 -40.35 21.08 30.18
C LEU P 392 -40.08 22.34 29.36
N SER P 393 -40.85 22.57 28.29
CA SER P 393 -40.63 23.75 27.48
C SER P 393 -40.88 25.04 28.26
N GLY P 394 -41.94 25.06 29.08
CA GLY P 394 -42.25 26.23 29.87
C GLY P 394 -41.41 26.39 31.12
N ILE P 395 -40.68 25.36 31.53
CA ILE P 395 -39.84 25.46 32.73
C ILE P 395 -38.67 26.40 32.45
N PRO P 396 -38.40 27.37 33.32
CA PRO P 396 -37.23 28.24 33.10
C PRO P 396 -35.93 27.44 33.13
N PHE P 397 -34.96 27.94 32.36
CA PHE P 397 -33.67 27.26 32.25
C PHE P 397 -32.94 27.21 33.58
N GLU P 398 -33.21 28.17 34.48
CA GLU P 398 -32.50 28.22 35.75
C GLU P 398 -32.90 27.05 36.66
N VAL P 399 -34.16 26.62 36.59
CA VAL P 399 -34.67 25.55 37.44
C VAL P 399 -34.90 24.26 36.67
N LEU P 400 -34.40 24.17 35.43
CA LEU P 400 -34.61 22.97 34.63
C LEU P 400 -33.83 21.78 35.17
N SER P 401 -32.59 22.00 35.60
CA SER P 401 -31.78 20.91 36.13
C SER P 401 -32.36 20.37 37.43
N ILE P 402 -32.85 21.25 38.30
CA ILE P 402 -33.43 20.82 39.57
C ILE P 402 -34.69 20.00 39.33
N THR P 403 -35.53 20.43 38.40
CA THR P 403 -36.77 19.71 38.12
C THR P 403 -36.50 18.29 37.63
N ILE P 404 -35.54 18.12 36.73
CA ILE P 404 -35.20 16.80 36.23
C ILE P 404 -34.54 15.96 37.33
N SER P 405 -33.70 16.60 38.15
CA SER P 405 -33.01 15.90 39.23
C SER P 405 -33.94 15.49 40.37
N LEU P 406 -35.17 16.00 40.39
CA LEU P 406 -36.12 15.68 41.44
C LEU P 406 -37.15 14.63 41.03
N ILE P 407 -37.70 14.75 39.83
CA ILE P 407 -38.67 13.76 39.36
C ILE P 407 -38.00 12.39 39.20
N SER P 408 -36.81 12.38 38.59
CA SER P 408 -36.09 11.11 38.42
C SER P 408 -35.73 10.50 39.76
N ARG P 409 -35.32 11.32 40.72
CA ARG P 409 -35.02 10.81 42.06
C ARG P 409 -36.25 10.21 42.71
N LEU P 410 -37.40 10.87 42.56
CA LEU P 410 -38.64 10.35 43.13
C LEU P 410 -39.00 9.00 42.51
N ILE P 411 -38.90 8.90 41.19
CA ILE P 411 -39.24 7.64 40.52
C ILE P 411 -38.29 6.54 40.95
N PHE P 412 -36.98 6.83 41.00
CA PHE P 412 -36.01 5.82 41.38
C PHE P 412 -36.22 5.36 42.82
N ASP P 413 -36.48 6.31 43.74
CA ASP P 413 -36.67 5.93 45.13
C ASP P 413 -37.95 5.13 45.33
N PHE P 414 -39.02 5.49 44.62
CA PHE P 414 -40.24 4.68 44.67
C PHE P 414 -39.98 3.27 44.17
N ALA P 415 -39.27 3.14 43.05
CA ALA P 415 -38.96 1.81 42.53
C ALA P 415 -38.11 1.03 43.53
N PHE P 416 -37.12 1.68 44.14
CA PHE P 416 -36.25 1.01 45.11
C PHE P 416 -37.05 0.49 46.30
N HIS P 417 -37.91 1.34 46.87
CA HIS P 417 -38.66 0.93 48.05
C HIS P 417 -39.70 -0.11 47.72
N TYR P 418 -40.34 -0.01 46.55
CA TYR P 418 -41.32 -1.00 46.15
C TYR P 418 -40.65 -2.36 45.91
N SER P 419 -39.45 -2.35 45.31
CA SER P 419 -38.72 -3.60 45.10
C SER P 419 -38.28 -4.20 46.44
N LYS P 420 -37.86 -3.35 47.38
CA LYS P 420 -37.49 -3.85 48.70
C LYS P 420 -38.70 -4.47 49.41
N LEU P 421 -39.87 -3.84 49.27
CA LEU P 421 -41.07 -4.42 49.88
C LEU P 421 -41.45 -5.74 49.22
N GLN P 422 -41.32 -5.82 47.88
CA GLN P 422 -41.71 -7.03 47.18
C GLN P 422 -40.78 -8.21 47.44
N HIS P 423 -39.52 -7.95 47.81
CA HIS P 423 -38.62 -9.05 48.10
C HIS P 423 -39.03 -9.83 49.34
N GLN P 424 -39.72 -9.17 50.27
CA GLN P 424 -40.23 -9.87 51.45
C GLN P 424 -41.33 -10.86 51.11
N LYS P 425 -41.99 -10.68 49.96
CA LYS P 425 -43.02 -11.60 49.49
C LYS P 425 -42.48 -12.58 48.45
N ASP P 426 -41.16 -12.64 48.27
CA ASP P 426 -40.53 -13.49 47.25
C ASP P 426 -41.07 -13.18 45.86
N GLU P 427 -41.11 -11.88 45.54
CA GLU P 427 -41.60 -11.41 44.26
C GLU P 427 -40.66 -10.32 43.73
N LEU P 428 -41.04 -9.74 42.59
CA LEU P 428 -40.26 -8.66 41.98
C LEU P 428 -41.15 -7.46 41.68
N ASN P 429 -40.61 -6.48 40.98
CA ASN P 429 -41.38 -5.29 40.62
C ASN P 429 -42.31 -5.61 39.45
N ASP P 430 -43.61 -5.56 39.71
CA ASP P 430 -44.62 -5.78 38.68
C ASP P 430 -45.24 -4.50 38.13
N ILE P 431 -44.66 -3.34 38.45
CA ILE P 431 -44.91 -2.11 37.70
C ILE P 431 -43.57 -1.54 37.27
N PRO P 432 -43.03 -2.00 36.14
CA PRO P 432 -41.80 -1.39 35.60
C PRO P 432 -42.10 -0.08 34.89
N PHE P 433 -41.06 0.72 34.71
CA PHE P 433 -41.16 2.02 34.08
C PHE P 433 -40.07 2.19 33.04
N MET P 434 -40.39 2.95 31.99
CA MET P 434 -39.43 3.35 30.97
C MET P 434 -39.43 4.87 30.87
N ILE P 435 -38.25 5.47 30.97
CA ILE P 435 -38.09 6.92 30.92
C ILE P 435 -37.46 7.27 29.58
N VAL P 436 -38.16 8.08 28.79
CA VAL P 436 -37.69 8.51 27.48
C VAL P 436 -37.18 9.94 27.62
N CYS P 437 -35.88 10.12 27.40
CA CYS P 437 -35.22 11.41 27.56
C CYS P 437 -35.06 12.04 26.18
N GLU P 438 -36.06 12.81 25.76
CA GLU P 438 -36.02 13.47 24.47
C GLU P 438 -35.04 14.63 24.51
N GLU P 439 -34.18 14.72 23.48
CA GLU P 439 -33.14 15.75 23.38
C GLU P 439 -32.25 15.71 24.62
N ALA P 440 -31.55 14.58 24.77
CA ALA P 440 -30.78 14.33 25.99
C ALA P 440 -29.63 15.32 26.14
N HIS P 441 -28.98 15.69 25.03
CA HIS P 441 -27.77 16.49 25.09
C HIS P 441 -28.01 17.86 25.74
N ASN P 442 -29.26 18.31 25.82
CA ASN P 442 -29.54 19.61 26.42
C ASN P 442 -29.29 19.62 27.93
N TYR P 443 -29.49 18.48 28.60
CA TYR P 443 -29.41 18.44 30.05
C TYR P 443 -28.63 17.26 30.62
N ILE P 444 -28.04 16.40 29.79
CA ILE P 444 -27.02 15.47 30.24
C ILE P 444 -25.85 15.54 29.28
N PRO P 445 -25.16 16.68 29.19
CA PRO P 445 -24.13 16.86 28.16
C PRO P 445 -22.79 16.27 28.57
N ARG P 446 -21.94 16.08 27.57
CA ARG P 446 -20.58 15.58 27.83
C ARG P 446 -19.69 16.65 28.43
N THR P 447 -19.87 17.90 28.03
CA THR P 447 -19.06 18.99 28.56
C THR P 447 -19.36 19.21 30.04
N GLY P 448 -18.31 19.50 30.79
CA GLY P 448 -18.47 19.74 32.21
C GLY P 448 -19.15 21.06 32.50
N GLY P 449 -19.62 21.19 33.74
CA GLY P 449 -20.31 22.39 34.18
C GLY P 449 -21.30 22.15 35.29
N ILE P 450 -21.32 23.05 36.27
CA ILE P 450 -22.22 22.90 37.41
C ILE P 450 -23.68 23.14 37.01
N GLU P 451 -23.93 23.74 35.85
CA GLU P 451 -25.28 24.12 35.48
C GLU P 451 -26.19 22.91 35.31
N PHE P 452 -25.63 21.73 35.05
CA PHE P 452 -26.43 20.52 34.88
C PHE P 452 -25.83 19.36 35.65
N LYS P 453 -25.24 19.63 36.81
CA LYS P 453 -24.63 18.57 37.61
C LYS P 453 -25.67 17.65 38.23
N ALA P 454 -26.71 18.23 38.83
CA ALA P 454 -27.70 17.43 39.55
C ALA P 454 -28.49 16.52 38.62
N ALA P 455 -28.83 17.02 37.43
CA ALA P 455 -29.58 16.20 36.48
C ALA P 455 -28.79 14.96 36.07
N LYS P 456 -27.51 15.14 35.76
CA LYS P 456 -26.67 13.99 35.42
C LYS P 456 -26.52 13.05 36.61
N LYS P 457 -26.34 13.60 37.81
CA LYS P 457 -26.21 12.75 38.98
C LYS P 457 -27.50 11.98 39.28
N SER P 458 -28.63 12.47 38.78
CA SER P 458 -29.90 11.77 38.93
C SER P 458 -30.18 10.77 37.81
N ILE P 459 -29.65 11.01 36.62
CA ILE P 459 -29.86 10.08 35.52
C ILE P 459 -28.84 8.94 35.53
N GLU P 460 -27.61 9.20 36.01
CA GLU P 460 -26.61 8.14 36.08
C GLU P 460 -27.05 7.04 37.05
N ARG P 461 -27.73 7.42 38.13
CA ARG P 461 -28.23 6.43 39.08
C ARG P 461 -29.24 5.49 38.42
N ILE P 462 -30.11 6.03 37.58
CA ILE P 462 -31.07 5.20 36.86
C ILE P 462 -30.35 4.33 35.84
N ALA P 463 -29.34 4.88 35.17
CA ALA P 463 -28.62 4.14 34.15
C ALA P 463 -27.73 3.04 34.71
N LYS P 464 -27.43 3.09 36.02
CA LYS P 464 -26.57 2.10 36.64
C LYS P 464 -27.26 1.23 37.67
N GLU P 465 -28.42 1.64 38.17
CA GLU P 465 -29.14 0.88 39.18
C GLU P 465 -30.59 0.60 38.83
N GLY P 466 -31.12 1.16 37.74
CA GLY P 466 -32.52 0.97 37.41
C GLY P 466 -32.86 -0.41 36.90
N ARG P 467 -31.87 -1.17 36.42
CA ARG P 467 -32.14 -2.50 35.91
C ARG P 467 -32.67 -3.42 37.01
N LYS P 468 -32.08 -3.36 38.20
CA LYS P 468 -32.51 -4.24 39.29
C LYS P 468 -33.91 -3.88 39.77
N TYR P 469 -34.22 -2.60 39.88
CA TYR P 469 -35.45 -2.13 40.50
C TYR P 469 -36.57 -1.88 39.50
N GLY P 470 -36.33 -2.07 38.21
CA GLY P 470 -37.38 -1.94 37.22
C GLY P 470 -37.44 -0.56 36.57
N LEU P 471 -36.30 -0.05 36.14
CA LEU P 471 -36.23 1.22 35.43
C LEU P 471 -35.35 1.07 34.20
N SER P 472 -35.76 1.71 33.11
CA SER P 472 -35.00 1.68 31.86
C SER P 472 -35.01 3.07 31.25
N LEU P 473 -34.03 3.32 30.39
CA LEU P 473 -33.85 4.62 29.76
C LEU P 473 -33.86 4.46 28.24
N MET P 474 -34.53 5.39 27.56
CA MET P 474 -34.52 5.48 26.11
C MET P 474 -33.93 6.85 25.77
N VAL P 475 -32.61 6.90 25.66
CA VAL P 475 -31.90 8.15 25.40
C VAL P 475 -32.09 8.49 23.92
N VAL P 476 -32.80 9.59 23.66
CA VAL P 476 -33.06 10.05 22.30
C VAL P 476 -32.31 11.36 22.11
N SER P 477 -31.42 11.39 21.12
CA SER P 477 -30.60 12.56 20.86
C SER P 477 -30.16 12.57 19.40
N GLN P 478 -30.21 13.74 18.79
CA GLN P 478 -29.75 13.91 17.42
C GLN P 478 -28.27 14.21 17.33
N ARG P 479 -27.60 14.46 18.45
CA ARG P 479 -26.15 14.69 18.50
C ARG P 479 -25.57 13.75 19.55
N PRO P 480 -25.30 12.49 19.18
CA PRO P 480 -24.79 11.54 20.17
C PRO P 480 -23.47 11.94 20.81
N SER P 481 -22.61 12.65 20.06
CA SER P 481 -21.32 13.06 20.61
C SER P 481 -21.44 14.06 21.75
N GLU P 482 -22.59 14.75 21.85
CA GLU P 482 -22.81 15.72 22.91
C GLU P 482 -23.43 15.12 24.16
N VAL P 483 -23.74 13.83 24.14
CA VAL P 483 -24.32 13.15 25.29
C VAL P 483 -23.20 12.53 26.11
N SER P 484 -23.40 12.47 27.42
CA SER P 484 -22.37 11.94 28.31
C SER P 484 -22.09 10.48 28.02
N ASP P 485 -20.79 10.13 27.97
CA ASP P 485 -20.39 8.75 27.73
C ASP P 485 -20.74 7.83 28.89
N THR P 486 -20.97 8.39 30.08
CA THR P 486 -21.33 7.57 31.23
C THR P 486 -22.69 6.92 31.04
N ILE P 487 -23.63 7.62 30.40
CA ILE P 487 -24.99 7.12 30.24
C ILE P 487 -25.12 6.29 28.97
N LEU P 488 -24.48 6.73 27.87
CA LEU P 488 -24.62 6.01 26.61
C LEU P 488 -23.90 4.67 26.63
N SER P 489 -22.82 4.55 27.41
CA SER P 489 -22.07 3.29 27.46
C SER P 489 -22.87 2.15 28.08
N GLN P 490 -23.92 2.47 28.85
CA GLN P 490 -24.74 1.44 29.47
C GLN P 490 -25.87 0.94 28.58
N CYS P 491 -26.05 1.54 27.40
CA CYS P 491 -27.10 1.11 26.48
C CYS P 491 -26.69 -0.17 25.78
N ASN P 492 -27.60 -1.15 25.78
CA ASN P 492 -27.34 -2.43 25.14
C ASN P 492 -27.94 -2.54 23.74
N ASN P 493 -29.02 -1.82 23.46
CA ASN P 493 -29.69 -1.85 22.17
C ASN P 493 -29.61 -0.47 21.52
N PHE P 494 -29.34 -0.45 20.22
CA PHE P 494 -29.22 0.78 19.46
C PHE P 494 -30.14 0.73 18.25
N ILE P 495 -30.90 1.80 18.05
CA ILE P 495 -31.69 1.99 16.83
C ILE P 495 -31.12 3.24 16.17
N ASN P 496 -30.24 3.03 15.19
CA ASN P 496 -29.50 4.12 14.57
C ASN P 496 -30.19 4.57 13.30
N LEU P 497 -30.45 5.88 13.20
CA LEU P 497 -30.99 6.50 12.02
C LEU P 497 -29.87 7.20 11.26
N ARG P 498 -30.23 7.97 10.24
CA ARG P 498 -29.23 8.66 9.43
C ARG P 498 -28.41 9.62 10.28
N LEU P 499 -27.09 9.56 10.13
CA LEU P 499 -26.16 10.39 10.89
C LEU P 499 -25.31 11.18 9.90
N THR P 500 -25.69 12.43 9.63
CA THR P 500 -24.95 13.28 8.70
C THR P 500 -23.94 14.11 9.49
N ASN P 501 -22.92 13.41 9.98
CA ASN P 501 -21.83 14.02 10.75
C ASN P 501 -20.73 12.97 10.89
N ILE P 502 -19.52 13.46 11.18
CA ILE P 502 -18.36 12.59 11.30
C ILE P 502 -18.11 12.18 12.75
N ASN P 503 -18.16 13.15 13.66
CA ASN P 503 -17.92 12.85 15.07
C ASN P 503 -18.98 11.89 15.62
N ASP P 504 -20.25 12.15 15.30
CA ASP P 504 -21.31 11.26 15.76
C ASP P 504 -21.15 9.87 15.17
N GLN P 505 -20.80 9.78 13.89
CA GLN P 505 -20.61 8.49 13.25
C GLN P 505 -19.49 7.71 13.93
N ASN P 506 -18.35 8.37 14.18
CA ASN P 506 -17.23 7.69 14.83
C ASN P 506 -17.61 7.24 16.24
N TYR P 507 -18.30 8.11 16.99
CA TYR P 507 -18.68 7.77 18.36
C TYR P 507 -19.62 6.56 18.37
N ILE P 508 -20.62 6.54 17.48
CA ILE P 508 -21.56 5.42 17.44
C ILE P 508 -20.85 4.14 16.99
N LYS P 509 -19.95 4.25 16.01
CA LYS P 509 -19.21 3.07 15.56
C LYS P 509 -18.36 2.50 16.68
N ASN P 510 -17.72 3.36 17.47
CA ASN P 510 -16.95 2.88 18.62
C ASN P 510 -17.86 2.24 19.66
N LEU P 511 -19.03 2.84 19.92
CA LEU P 511 -19.92 2.30 20.94
C LEU P 511 -20.58 0.99 20.50
N LEU P 512 -20.94 0.89 19.24
CA LEU P 512 -21.71 -0.25 18.78
C LEU P 512 -20.91 -1.54 18.90
N PRO P 513 -21.52 -2.63 19.39
CA PRO P 513 -20.89 -3.96 19.29
C PRO P 513 -21.08 -4.56 17.90
N ASP P 514 -20.52 -3.91 16.89
CA ASP P 514 -20.71 -4.31 15.51
C ASP P 514 -20.09 -5.67 15.24
N ASN P 515 -20.84 -6.55 14.56
CA ASN P 515 -20.34 -7.87 14.26
C ASN P 515 -19.14 -7.85 13.32
N SER P 516 -19.05 -6.82 12.48
CA SER P 516 -17.95 -6.69 11.53
C SER P 516 -17.80 -5.21 11.18
N ARG P 517 -16.99 -4.93 10.16
CA ARG P 517 -16.78 -3.57 9.68
C ARG P 517 -17.82 -3.15 8.65
N SER P 518 -18.66 -4.06 8.18
CA SER P 518 -19.68 -3.71 7.20
C SER P 518 -20.82 -2.91 7.82
N ILE P 519 -21.04 -3.03 9.13
CA ILE P 519 -22.14 -2.32 9.78
C ILE P 519 -21.96 -0.81 9.67
N SER P 520 -20.71 -0.34 9.80
CA SER P 520 -20.44 1.09 9.77
C SER P 520 -20.77 1.73 8.42
N GLU P 521 -20.90 0.93 7.37
CA GLU P 521 -21.19 1.49 6.05
C GLU P 521 -22.64 1.93 5.91
N ILE P 522 -23.56 1.29 6.64
CA ILE P 522 -24.97 1.63 6.53
C ILE P 522 -25.25 3.02 7.09
N LEU P 523 -24.56 3.38 8.19
CA LEU P 523 -24.87 4.60 8.93
C LEU P 523 -24.88 5.87 8.06
N PRO P 524 -23.89 6.13 7.20
CA PRO P 524 -23.98 7.34 6.36
C PRO P 524 -24.94 7.21 5.18
N THR P 525 -25.31 5.99 4.79
CA THR P 525 -26.15 5.76 3.62
C THR P 525 -27.58 5.43 3.98
N LEU P 526 -27.98 5.59 5.24
CA LEU P 526 -29.33 5.28 5.64
C LEU P 526 -30.33 6.25 5.00
N GLY P 527 -31.48 5.72 4.58
CA GLY P 527 -32.51 6.50 3.96
C GLY P 527 -33.43 7.15 4.98
N ALA P 528 -34.56 7.64 4.48
CA ALA P 528 -35.57 8.27 5.30
C ALA P 528 -36.57 7.22 5.78
N GLY P 529 -36.76 7.13 7.09
CA GLY P 529 -37.65 6.14 7.66
C GLY P 529 -37.05 4.77 7.85
N GLU P 530 -35.77 4.59 7.56
CA GLU P 530 -35.08 3.32 7.71
C GLU P 530 -34.09 3.41 8.87
N CYS P 531 -34.09 2.39 9.72
CA CYS P 531 -33.24 2.38 10.91
C CYS P 531 -32.43 1.10 10.95
N LEU P 532 -31.18 1.21 11.41
CA LEU P 532 -30.32 0.05 11.62
C LEU P 532 -30.43 -0.38 13.07
N VAL P 533 -30.83 -1.62 13.30
CA VAL P 533 -31.06 -2.15 14.64
C VAL P 533 -29.88 -3.04 14.99
N VAL P 534 -29.08 -2.61 15.98
CA VAL P 534 -27.93 -3.36 16.45
C VAL P 534 -28.05 -3.49 17.96
N GLY P 535 -28.13 -4.72 18.44
CA GLY P 535 -28.27 -4.95 19.86
C GLY P 535 -28.38 -6.43 20.17
N ASP P 536 -28.63 -6.71 21.45
CA ASP P 536 -28.73 -8.08 21.93
C ASP P 536 -30.08 -8.72 21.64
N SER P 537 -31.09 -7.93 21.27
CA SER P 537 -32.43 -8.46 21.04
C SER P 537 -32.60 -9.09 19.67
N THR P 538 -31.62 -8.94 18.78
CA THR P 538 -31.69 -9.52 17.44
C THR P 538 -30.41 -10.29 17.15
N PRO P 539 -30.50 -11.40 16.42
CA PRO P 539 -29.29 -12.15 16.08
C PRO P 539 -28.58 -11.60 14.85
N ILE P 540 -29.34 -10.96 13.96
CA ILE P 540 -28.79 -10.39 12.73
C ILE P 540 -29.12 -8.91 12.67
N PRO P 541 -28.14 -8.01 12.81
CA PRO P 541 -28.42 -6.59 12.59
C PRO P 541 -28.92 -6.36 11.17
N SER P 542 -29.89 -5.46 11.04
CA SER P 542 -30.57 -5.28 9.76
C SER P 542 -31.15 -3.88 9.69
N ILE P 543 -31.53 -3.49 8.48
CA ILE P 543 -32.19 -2.21 8.21
C ILE P 543 -33.69 -2.46 8.15
N VAL P 544 -34.46 -1.69 8.94
CA VAL P 544 -35.89 -1.86 9.04
C VAL P 544 -36.57 -0.60 8.54
N LYS P 545 -37.52 -0.77 7.62
CA LYS P 545 -38.31 0.35 7.10
C LYS P 545 -39.44 0.63 8.07
N LEU P 546 -39.23 1.60 8.96
CA LEU P 546 -40.23 1.93 9.96
C LEU P 546 -41.45 2.58 9.31
N GLU P 547 -42.63 2.24 9.82
CA GLU P 547 -43.88 2.80 9.31
C GLU P 547 -44.04 4.22 9.85
N LEU P 548 -45.19 4.84 9.55
CA LEU P 548 -45.44 6.20 9.95
C LEU P 548 -46.41 6.24 11.12
N PRO P 549 -46.16 7.08 12.13
CA PRO P 549 -47.06 7.15 13.28
C PRO P 549 -48.43 7.67 12.89
N ASN P 550 -49.44 7.25 13.65
CA ASN P 550 -50.81 7.71 13.43
C ASN P 550 -51.50 7.73 14.78
N PRO P 551 -51.69 8.91 15.38
CA PRO P 551 -51.33 10.26 14.89
C PRO P 551 -49.84 10.55 14.97
N GLU P 552 -49.37 11.62 14.28
CA GLU P 552 -47.97 11.99 14.15
C GLU P 552 -47.62 13.14 15.09
N PRO P 553 -46.36 13.20 15.52
CA PRO P 553 -45.93 14.32 16.37
C PRO P 553 -45.87 15.62 15.60
N ARG P 554 -45.90 16.72 16.36
CA ARG P 554 -45.79 18.04 15.77
C ARG P 554 -44.40 18.24 15.17
N SER P 555 -44.34 18.95 14.05
CA SER P 555 -43.11 19.23 13.34
C SER P 555 -42.74 20.69 13.53
N GLN P 556 -41.61 20.95 14.21
CA GLN P 556 -41.15 22.31 14.47
C GLN P 556 -40.08 22.69 13.44
N SER P 557 -40.55 22.84 12.19
CA SER P 557 -39.69 23.23 11.08
C SER P 557 -40.25 24.48 10.42
N ILE P 558 -39.36 25.41 10.09
CA ILE P 558 -39.74 26.67 9.46
C ILE P 558 -39.25 26.63 8.01
N LYS P 559 -40.16 26.84 7.08
CA LYS P 559 -39.84 26.88 5.66
C LYS P 559 -39.52 28.32 5.28
N PHE P 560 -38.23 28.61 5.10
CA PHE P 560 -37.80 29.99 4.89
C PHE P 560 -38.34 30.56 3.59
N HIS P 561 -38.30 29.77 2.51
CA HIS P 561 -38.71 30.30 1.20
C HIS P 561 -40.19 30.64 1.18
N LYS P 562 -41.03 29.79 1.74
CA LYS P 562 -42.47 30.07 1.73
C LYS P 562 -42.82 31.22 2.66
N LYS P 563 -42.05 31.41 3.73
CA LYS P 563 -42.26 32.55 4.62
C LYS P 563 -41.74 33.84 4.01
N TRP P 564 -40.73 33.76 3.15
CA TRP P 564 -40.20 34.92 2.46
C TRP P 564 -41.00 35.31 1.24
N SER P 565 -41.90 34.43 0.77
CA SER P 565 -42.73 34.72 -0.40
C SER P 565 -44.01 35.47 -0.05
N GLU P 566 -44.31 35.65 1.23
CA GLU P 566 -45.50 36.36 1.65
C GLU P 566 -45.22 37.87 1.68
N SER P 567 -46.22 38.63 2.11
CA SER P 567 -46.06 40.08 2.22
C SER P 567 -45.18 40.41 3.43
N TRP P 568 -44.87 41.71 3.56
CA TRP P 568 -44.03 42.16 4.66
C TRP P 568 -44.74 41.95 5.99
N ARG P 569 -44.00 41.42 6.96
CA ARG P 569 -44.53 41.14 8.29
C ARG P 569 -43.86 42.05 9.31
N THR P 570 -44.67 42.75 10.09
CA THR P 570 -44.19 43.62 11.15
C THR P 570 -44.44 42.97 12.50
N PRO P 571 -43.42 42.57 13.24
CA PRO P 571 -43.65 41.89 14.52
C PRO P 571 -43.97 42.89 15.63
N SER P 572 -44.39 42.34 16.77
CA SER P 572 -44.67 43.14 17.96
C SER P 572 -43.36 43.37 18.70
N PHE P 573 -42.73 44.52 18.41
CA PHE P 573 -41.43 44.80 18.99
C PHE P 573 -41.53 45.11 20.48
N GLU P 574 -42.69 45.59 20.94
CA GLU P 574 -42.84 45.91 22.35
C GLU P 574 -42.99 44.64 23.20
N GLU P 575 -43.71 43.64 22.69
CA GLU P 575 -43.91 42.41 23.45
C GLU P 575 -42.60 41.65 23.62
N VAL P 576 -41.80 41.56 22.55
CA VAL P 576 -40.57 40.77 22.61
C VAL P 576 -39.57 41.39 23.57
N ILE P 577 -39.43 42.73 23.57
CA ILE P 577 -38.50 43.35 24.50
C ILE P 577 -39.03 43.27 25.92
N MET P 578 -40.35 43.31 26.11
CA MET P 578 -40.91 43.12 27.44
C MET P 578 -40.60 41.73 27.98
N ARG P 579 -40.75 40.71 27.14
CA ARG P 579 -40.39 39.35 27.56
C ARG P 579 -38.90 39.24 27.83
N TRP P 580 -38.08 39.88 26.98
CA TRP P 580 -36.63 39.91 27.19
C TRP P 580 -36.30 40.48 28.56
N ARG P 581 -36.96 41.58 28.93
CA ARG P 581 -36.69 42.21 30.21
C ARG P 581 -37.17 41.37 31.38
N LYS P 582 -38.38 40.79 31.27
CA LYS P 582 -38.98 40.11 32.41
C LYS P 582 -38.39 38.73 32.64
N GLU P 583 -37.98 38.02 31.59
CA GLU P 583 -37.54 36.63 31.73
C GLU P 583 -36.02 36.57 31.84
N ASN P 584 -35.53 37.13 32.95
CA ASN P 584 -34.12 37.08 33.29
C ASN P 584 -33.81 36.06 34.39
N GLY P 585 -34.81 35.31 34.84
CA GLY P 585 -34.61 34.32 35.88
C GLY P 585 -35.87 33.53 36.20
N MET Q 1 30.04 -28.11 -6.05
CA MET Q 1 28.61 -28.03 -5.77
C MET Q 1 28.20 -29.09 -4.74
N LYS Q 2 28.75 -28.96 -3.53
CA LYS Q 2 28.42 -29.92 -2.48
C LYS Q 2 26.96 -29.83 -2.07
N ILE Q 3 26.43 -28.62 -1.92
CA ILE Q 3 25.04 -28.41 -1.56
C ILE Q 3 24.24 -27.84 -2.72
N GLY Q 4 24.76 -26.80 -3.36
CA GLY Q 4 24.05 -26.20 -4.47
C GLY Q 4 24.87 -25.13 -5.15
N SER Q 5 24.22 -24.36 -6.00
CA SER Q 5 24.85 -23.30 -6.75
C SER Q 5 24.01 -22.03 -6.67
N VAL Q 6 24.69 -20.89 -6.68
CA VAL Q 6 24.03 -19.59 -6.65
C VAL Q 6 23.41 -19.30 -8.01
N ILE Q 7 22.18 -18.78 -7.98
CA ILE Q 7 21.44 -18.48 -9.21
C ILE Q 7 21.05 -17.02 -9.33
N GLU Q 8 21.15 -16.23 -8.26
CA GLU Q 8 20.81 -14.82 -8.32
C GLU Q 8 21.55 -14.09 -7.21
N SER Q 9 22.28 -13.04 -7.57
CA SER Q 9 23.06 -12.26 -6.62
C SER Q 9 22.63 -10.81 -6.68
N SER Q 10 22.30 -10.25 -5.51
CA SER Q 10 21.88 -8.87 -5.38
C SER Q 10 22.49 -8.31 -4.09
N PRO Q 11 22.66 -6.98 -4.01
CA PRO Q 11 23.17 -6.40 -2.76
C PRO Q 11 22.20 -6.48 -1.59
N HIS Q 12 21.02 -7.07 -1.79
CA HIS Q 12 20.03 -7.28 -0.74
C HIS Q 12 19.90 -8.72 -0.31
N SER Q 13 19.91 -9.67 -1.24
CA SER Q 13 19.78 -11.08 -0.92
C SER Q 13 20.44 -11.91 -2.01
N ILE Q 14 20.74 -13.15 -1.67
CA ILE Q 14 21.38 -14.10 -2.58
C ILE Q 14 20.52 -15.36 -2.63
N LEU Q 15 20.26 -15.86 -3.83
CA LEU Q 15 19.46 -17.05 -4.03
C LEU Q 15 20.35 -18.23 -4.38
N VAL Q 16 20.19 -19.33 -3.65
CA VAL Q 16 21.00 -20.53 -3.82
C VAL Q 16 20.06 -21.69 -4.10
N LYS Q 17 20.34 -22.43 -5.17
CA LYS Q 17 19.51 -23.56 -5.59
C LYS Q 17 20.21 -24.87 -5.27
N ILE Q 18 19.54 -25.74 -4.52
CA ILE Q 18 20.07 -27.06 -4.21
C ILE Q 18 19.94 -27.95 -5.45
N ASP Q 19 21.00 -28.71 -5.73
CA ASP Q 19 21.07 -29.45 -6.98
C ASP Q 19 19.98 -30.51 -7.09
N THR Q 20 19.86 -31.37 -6.07
CA THR Q 20 18.96 -32.51 -6.13
C THR Q 20 18.17 -32.64 -4.84
N LEU Q 21 17.05 -33.35 -4.92
CA LEU Q 21 16.25 -33.64 -3.74
C LEU Q 21 17.02 -34.53 -2.76
N LYS Q 22 17.86 -35.43 -3.28
CA LYS Q 22 18.65 -36.29 -2.40
C LYS Q 22 19.60 -35.47 -1.53
N ILE Q 23 20.25 -34.47 -2.13
CA ILE Q 23 21.17 -33.62 -1.37
C ILE Q 23 20.43 -32.86 -0.28
N PHE Q 24 19.26 -32.29 -0.62
CA PHE Q 24 18.51 -31.53 0.36
C PHE Q 24 18.01 -32.43 1.49
N GLU Q 25 17.51 -33.63 1.16
CA GLU Q 25 17.02 -34.54 2.18
C GLU Q 25 18.14 -35.03 3.08
N LYS Q 26 19.33 -35.27 2.51
CA LYS Q 26 20.47 -35.69 3.31
C LYS Q 26 20.86 -34.61 4.32
N ALA Q 27 21.27 -33.45 3.82
CA ALA Q 27 21.65 -32.32 4.68
C ALA Q 27 20.48 -31.34 4.84
N LYS Q 28 19.41 -31.82 5.46
CA LYS Q 28 18.26 -30.94 5.74
C LYS Q 28 18.34 -30.30 7.11
N SER Q 29 19.02 -30.93 8.06
CA SER Q 29 19.21 -30.32 9.37
C SER Q 29 20.10 -29.09 9.28
N ALA Q 30 21.10 -29.12 8.39
CA ALA Q 30 21.99 -27.97 8.23
C ALA Q 30 21.34 -26.82 7.48
N LEU Q 31 20.32 -27.09 6.67
CA LEU Q 31 19.65 -26.04 5.90
C LEU Q 31 18.39 -25.59 6.62
N GLN Q 32 18.60 -24.89 7.72
CA GLN Q 32 17.52 -24.27 8.49
C GLN Q 32 17.78 -22.77 8.61
N ILE Q 33 16.72 -22.03 8.93
CA ILE Q 33 16.84 -20.59 9.07
C ILE Q 33 17.74 -20.26 10.25
N GLY Q 34 18.76 -19.45 10.00
CA GLY Q 34 19.74 -19.10 11.01
C GLY Q 34 21.05 -19.83 10.91
N LYS Q 35 21.14 -20.88 10.09
CA LYS Q 35 22.38 -21.62 9.90
C LYS Q 35 23.30 -20.83 8.96
N TYR Q 36 24.43 -21.41 8.61
CA TYR Q 36 25.45 -20.70 7.84
C TYR Q 36 25.85 -21.50 6.60
N LEU Q 37 26.15 -20.77 5.53
CA LEU Q 37 26.59 -21.37 4.27
C LEU Q 37 27.85 -20.65 3.80
N LYS Q 38 28.53 -21.27 2.84
CA LYS Q 38 29.79 -20.76 2.30
C LYS Q 38 29.71 -20.76 0.78
N ILE Q 39 29.62 -19.57 0.20
CA ILE Q 39 29.52 -19.40 -1.25
C ILE Q 39 30.89 -19.00 -1.79
N GLN Q 40 31.39 -19.76 -2.76
CA GLN Q 40 32.69 -19.46 -3.35
C GLN Q 40 32.62 -18.17 -4.17
N GLU Q 41 33.66 -17.35 -4.05
CA GLU Q 41 33.79 -16.10 -4.80
C GLU Q 41 35.21 -16.08 -5.35
N GLY Q 42 35.40 -16.62 -6.55
CA GLY Q 42 36.72 -16.74 -7.13
C GLY Q 42 37.26 -18.15 -7.04
N ASN Q 43 38.58 -18.29 -6.95
CA ASN Q 43 39.21 -19.60 -6.82
C ASN Q 43 39.77 -19.85 -5.43
N HIS Q 44 39.96 -18.82 -4.61
CA HIS Q 44 40.53 -18.97 -3.28
C HIS Q 44 39.71 -18.31 -2.18
N ASN Q 45 38.76 -17.45 -2.50
CA ASN Q 45 38.00 -16.72 -1.51
C ASN Q 45 36.63 -17.36 -1.29
N PHE Q 46 36.06 -17.10 -0.12
CA PHE Q 46 34.75 -17.61 0.25
C PHE Q 46 33.95 -16.49 0.91
N VAL Q 47 32.62 -16.61 0.82
CA VAL Q 47 31.71 -15.65 1.42
C VAL Q 47 30.83 -16.40 2.41
N LEU Q 48 30.91 -16.01 3.68
CA LEU Q 48 30.07 -16.61 4.71
C LEU Q 48 28.73 -15.91 4.74
N CYS Q 49 27.65 -16.69 4.78
CA CYS Q 49 26.30 -16.15 4.69
C CYS Q 49 25.38 -16.90 5.64
N VAL Q 50 24.28 -16.25 6.02
CA VAL Q 50 23.32 -16.79 6.97
C VAL Q 50 21.98 -16.98 6.27
N ILE Q 51 21.39 -18.16 6.44
CA ILE Q 51 20.15 -18.49 5.74
C ILE Q 51 19.01 -17.66 6.30
N GLN Q 52 18.23 -17.05 5.40
CA GLN Q 52 17.13 -16.17 5.80
C GLN Q 52 15.75 -16.72 5.42
N ASN Q 53 15.63 -17.44 4.32
CA ASN Q 53 14.34 -17.97 3.90
C ASN Q 53 14.55 -19.21 3.04
N ILE Q 54 13.56 -20.10 3.05
CA ILE Q 54 13.59 -21.35 2.32
C ILE Q 54 12.29 -21.51 1.55
N LYS Q 55 12.39 -21.95 0.30
CA LYS Q 55 11.22 -22.31 -0.49
C LYS Q 55 11.53 -23.61 -1.24
N ILE Q 56 10.53 -24.49 -1.33
CA ILE Q 56 10.75 -25.86 -1.75
C ILE Q 56 9.96 -26.24 -3.00
N SER Q 57 9.18 -25.33 -3.55
CA SER Q 57 8.14 -25.71 -4.51
C SER Q 57 7.96 -24.57 -5.51
N THR Q 58 6.77 -24.52 -6.13
CA THR Q 58 6.35 -23.61 -7.19
C THR Q 58 6.93 -24.12 -8.51
N ASP Q 59 7.16 -25.43 -8.57
CA ASP Q 59 7.44 -26.11 -9.83
C ASP Q 59 6.98 -27.55 -9.73
N LYS Q 60 6.37 -28.05 -10.80
CA LYS Q 60 5.83 -29.40 -10.82
C LYS Q 60 6.63 -30.37 -11.67
N ASP Q 61 7.11 -29.94 -12.84
CA ASP Q 61 7.91 -30.83 -13.68
C ASP Q 61 9.20 -31.22 -13.00
N GLU Q 62 9.87 -30.27 -12.35
CA GLU Q 62 11.07 -30.52 -11.57
C GLU Q 62 10.85 -30.04 -10.14
N ASP Q 63 11.90 -30.14 -9.33
CA ASP Q 63 11.89 -29.70 -7.94
C ASP Q 63 12.79 -28.50 -7.80
N ILE Q 64 12.25 -27.40 -7.28
CA ILE Q 64 12.98 -26.15 -7.13
C ILE Q 64 13.17 -25.90 -5.63
N PHE Q 65 14.41 -25.97 -5.18
CA PHE Q 65 14.78 -25.67 -3.80
C PHE Q 65 15.62 -24.40 -3.83
N ILE Q 66 15.10 -23.32 -3.26
CA ILE Q 66 15.79 -22.03 -3.24
C ILE Q 66 15.95 -21.56 -1.82
N LEU Q 67 17.14 -21.04 -1.51
CA LEU Q 67 17.45 -20.46 -0.21
C LEU Q 67 17.77 -18.99 -0.40
N THR Q 68 17.05 -18.12 0.30
CA THR Q 68 17.38 -16.71 0.34
C THR Q 68 18.35 -16.48 1.50
N VAL Q 69 19.56 -16.06 1.17
CA VAL Q 69 20.66 -16.05 2.14
C VAL Q 69 21.33 -14.68 2.12
N GLN Q 70 21.89 -14.29 3.27
CA GLN Q 70 22.42 -12.96 3.48
C GLN Q 70 23.90 -13.02 3.87
N PRO Q 71 24.77 -12.30 3.17
CA PRO Q 71 26.21 -12.35 3.50
C PRO Q 71 26.52 -11.69 4.83
N VAL Q 72 27.51 -12.25 5.53
CA VAL Q 72 27.92 -11.73 6.83
C VAL Q 72 29.44 -11.60 6.92
N GLY Q 73 30.13 -11.73 5.80
CA GLY Q 73 31.57 -11.59 5.80
C GLY Q 73 32.19 -12.23 4.59
N ILE Q 74 33.53 -12.32 4.63
CA ILE Q 74 34.30 -12.86 3.52
C ILE Q 74 35.59 -13.46 4.08
N PHE Q 75 36.06 -14.52 3.44
CA PHE Q 75 37.35 -15.15 3.74
C PHE Q 75 38.30 -14.86 2.58
N LYS Q 76 39.23 -13.93 2.78
CA LYS Q 76 40.25 -13.67 1.76
C LYS Q 76 41.15 -14.88 1.60
N GLY Q 77 41.82 -15.28 2.66
CA GLY Q 77 42.46 -16.58 2.73
C GLY Q 77 42.95 -16.91 4.11
N GLU Q 78 42.53 -18.07 4.64
CA GLU Q 78 42.89 -18.54 5.98
C GLU Q 78 42.56 -17.51 7.06
N GLU Q 79 41.72 -16.52 6.76
CA GLU Q 79 41.37 -15.49 7.72
C GLU Q 79 40.00 -14.91 7.37
N PHE Q 80 39.38 -14.27 8.35
CA PHE Q 80 38.06 -13.70 8.21
C PHE Q 80 38.15 -12.18 8.05
N PHE Q 81 37.15 -11.62 7.38
CA PHE Q 81 37.09 -10.17 7.15
C PHE Q 81 35.62 -9.78 7.11
N GLN Q 82 35.11 -9.23 8.20
CA GLN Q 82 33.71 -8.80 8.26
C GLN Q 82 33.46 -7.69 7.25
N GLY Q 83 32.38 -7.84 6.49
CA GLY Q 83 32.05 -6.85 5.48
C GLY Q 83 30.83 -7.27 4.70
N ASN Q 84 30.47 -6.44 3.73
CA ASN Q 84 29.29 -6.67 2.91
C ASN Q 84 29.57 -6.10 1.52
N SER Q 85 28.51 -5.92 0.72
CA SER Q 85 28.60 -5.36 -0.63
C SER Q 85 29.50 -6.21 -1.53
N MET Q 86 29.51 -7.52 -1.31
CA MET Q 86 30.24 -8.45 -2.16
C MET Q 86 29.25 -9.36 -2.86
N LEU Q 87 29.27 -9.34 -4.19
CA LEU Q 87 28.31 -10.10 -4.98
C LEU Q 87 28.99 -11.29 -5.63
N PRO Q 88 28.72 -12.52 -5.19
CA PRO Q 88 29.29 -13.68 -5.87
C PRO Q 88 28.65 -13.89 -7.23
N SER Q 89 29.48 -14.23 -8.22
CA SER Q 89 28.97 -14.48 -9.55
C SER Q 89 28.07 -15.70 -9.56
N PRO Q 90 27.04 -15.72 -10.41
CA PRO Q 90 26.14 -16.87 -10.46
C PRO Q 90 26.84 -18.14 -10.92
N THR Q 91 26.24 -19.28 -10.57
CA THR Q 91 26.67 -20.65 -10.86
C THR Q 91 27.82 -21.04 -9.93
N GLU Q 92 28.32 -20.12 -9.11
CA GLU Q 92 29.39 -20.45 -8.19
C GLU Q 92 28.91 -21.51 -7.19
N PRO Q 93 29.74 -22.49 -6.86
CA PRO Q 93 29.31 -23.55 -5.93
C PRO Q 93 29.05 -23.02 -4.54
N VAL Q 94 28.14 -23.67 -3.83
CA VAL Q 94 27.78 -23.32 -2.46
C VAL Q 94 28.02 -24.53 -1.57
N PHE Q 95 28.74 -24.32 -0.47
CA PHE Q 95 29.08 -25.37 0.48
C PHE Q 95 28.44 -25.06 1.83
N LEU Q 96 28.47 -26.03 2.73
CA LEU Q 96 28.04 -25.85 4.10
C LEU Q 96 29.28 -25.77 4.99
N VAL Q 97 29.30 -24.77 5.86
CA VAL Q 97 30.50 -24.47 6.65
C VAL Q 97 30.65 -25.49 7.76
N GLU Q 98 31.90 -25.87 8.06
CA GLU Q 98 32.19 -26.76 9.16
C GLU Q 98 32.17 -25.98 10.48
N ASP Q 99 32.09 -26.74 11.57
CA ASP Q 99 32.02 -26.10 12.89
C ASP Q 99 33.36 -25.54 13.33
N ASP Q 100 34.47 -26.11 12.85
CA ASP Q 100 35.78 -25.60 13.24
C ASP Q 100 36.01 -24.20 12.68
N ILE Q 101 35.54 -23.93 11.46
CA ILE Q 101 35.66 -22.59 10.89
C ILE Q 101 34.80 -21.61 11.69
N LEU Q 102 33.60 -22.03 12.08
CA LEU Q 102 32.73 -21.17 12.87
C LEU Q 102 33.31 -20.86 14.24
N ASN Q 103 34.24 -21.68 14.74
CA ASN Q 103 34.83 -21.43 16.05
C ASN Q 103 35.88 -20.33 16.02
N LYS Q 104 36.60 -20.17 14.91
CA LYS Q 104 37.52 -19.05 14.80
C LYS Q 104 36.77 -17.72 14.80
N ILE Q 105 35.55 -17.71 14.29
CA ILE Q 105 34.63 -16.60 14.51
C ILE Q 105 33.98 -16.77 15.88
N PHE Q 106 33.53 -15.65 16.45
CA PHE Q 106 32.98 -15.61 17.81
C PHE Q 106 34.04 -15.98 18.85
N SER Q 107 35.31 -15.78 18.51
CA SER Q 107 36.41 -16.04 19.42
C SER Q 107 37.39 -14.87 19.36
N ASN Q 108 38.09 -14.64 20.47
CA ASN Q 108 39.02 -13.53 20.58
C ASN Q 108 40.37 -13.99 21.10
N GLU Q 109 41.25 -13.05 21.42
CA GLU Q 109 42.52 -13.39 22.04
C GLU Q 109 42.30 -13.95 23.44
N LYS Q 110 43.19 -14.85 23.85
CA LYS Q 110 43.05 -15.54 25.13
C LYS Q 110 43.05 -14.58 26.31
N THR Q 111 43.59 -13.38 26.16
CA THR Q 111 43.62 -12.41 27.24
C THR Q 111 42.28 -11.72 27.45
N LYS Q 112 41.33 -11.85 26.52
CA LYS Q 112 40.04 -11.19 26.64
C LYS Q 112 38.89 -12.09 26.22
N ILE Q 113 39.03 -13.40 26.44
CA ILE Q 113 37.97 -14.36 26.11
C ILE Q 113 37.06 -14.51 27.32
N PHE Q 114 35.76 -14.33 27.10
CA PHE Q 114 34.75 -14.52 28.13
C PHE Q 114 33.64 -15.39 27.56
N HIS Q 115 33.63 -16.67 27.94
CA HIS Q 115 32.64 -17.61 27.43
C HIS Q 115 31.28 -17.31 28.02
N LEU Q 116 30.32 -16.93 27.19
CA LEU Q 116 28.97 -16.68 27.64
C LEU Q 116 28.08 -17.90 27.51
N GLY Q 117 28.34 -18.78 26.54
CA GLY Q 117 27.55 -19.98 26.36
C GLY Q 117 27.76 -20.63 25.02
N ASN Q 118 26.67 -21.04 24.37
CA ASN Q 118 26.73 -21.68 23.07
C ASN Q 118 25.66 -21.09 22.16
N LEU Q 119 25.92 -21.15 20.86
CA LEU Q 119 24.96 -20.63 19.90
C LEU Q 119 23.68 -21.46 19.92
N ALA Q 120 22.55 -20.77 19.71
CA ALA Q 120 21.26 -21.46 19.76
C ALA Q 120 21.12 -22.45 18.62
N GLN Q 121 21.44 -22.03 17.39
CA GLN Q 121 21.32 -22.92 16.24
C GLN Q 121 22.39 -23.99 16.25
N ASN Q 122 23.63 -23.62 16.54
CA ASN Q 122 24.76 -24.55 16.56
C ASN Q 122 25.15 -24.76 18.02
N GLU Q 123 24.76 -25.91 18.59
CA GLU Q 123 25.02 -26.19 19.99
C GLU Q 123 26.49 -26.48 20.26
N GLU Q 124 27.26 -26.83 19.24
CA GLU Q 124 28.67 -27.16 19.41
C GLU Q 124 29.59 -25.98 19.16
N VAL Q 125 29.05 -24.79 18.90
CA VAL Q 125 29.86 -23.59 18.66
C VAL Q 125 29.82 -22.73 19.91
N SER Q 126 30.99 -22.46 20.47
CA SER Q 126 31.10 -21.66 21.68
C SER Q 126 31.04 -20.17 21.35
N PHE Q 127 30.31 -19.43 22.18
CA PHE Q 127 30.15 -17.99 22.01
C PHE Q 127 30.98 -17.28 23.08
N THR Q 128 31.88 -16.41 22.65
CA THR Q 128 32.76 -15.68 23.54
C THR Q 128 32.62 -14.18 23.28
N LEU Q 129 32.44 -13.41 24.34
CA LEU Q 129 32.35 -11.96 24.25
C LEU Q 129 33.75 -11.36 24.46
N ASP Q 130 33.80 -10.03 24.61
CA ASP Q 130 35.03 -9.32 24.94
C ASP Q 130 34.89 -8.78 26.36
N GLY Q 131 35.69 -9.32 27.28
CA GLY Q 131 35.57 -8.93 28.67
C GLY Q 131 35.94 -7.47 28.92
N ASP Q 132 36.99 -6.99 28.26
CA ASP Q 132 37.42 -5.62 28.45
C ASP Q 132 36.41 -4.60 27.91
N LYS Q 133 35.49 -5.03 27.05
CA LYS Q 133 34.45 -4.15 26.54
C LYS Q 133 33.08 -4.41 27.16
N PHE Q 134 32.93 -5.50 27.92
CA PHE Q 134 31.65 -5.86 28.50
C PHE Q 134 31.52 -5.31 29.93
N PHE Q 135 32.43 -5.71 30.81
CA PHE Q 135 32.35 -5.32 32.22
C PHE Q 135 32.97 -3.97 32.50
N SER Q 136 33.73 -3.40 31.57
CA SER Q 136 34.28 -2.06 31.78
C SER Q 136 33.22 -0.98 31.62
N LYS Q 137 32.13 -1.27 30.94
CA LYS Q 137 31.02 -0.34 30.76
C LYS Q 137 29.76 -0.93 31.37
N HIS Q 138 28.66 -0.19 31.26
CA HIS Q 138 27.41 -0.59 31.88
C HIS Q 138 26.69 -1.65 31.05
N VAL Q 139 26.04 -2.57 31.73
CA VAL Q 139 25.32 -3.69 31.11
C VAL Q 139 23.90 -3.70 31.61
N ALA Q 140 22.95 -3.92 30.70
CA ALA Q 140 21.55 -4.08 31.04
C ALA Q 140 21.15 -5.53 30.84
N VAL Q 141 20.42 -6.08 31.80
CA VAL Q 141 20.10 -7.51 31.80
C VAL Q 141 18.58 -7.60 31.75
N VAL Q 142 17.96 -6.70 30.99
CA VAL Q 142 16.53 -6.77 30.66
C VAL Q 142 16.18 -8.19 30.27
N GLY Q 143 15.16 -8.76 30.91
CA GLY Q 143 14.87 -10.16 30.70
C GLY Q 143 13.43 -10.51 30.96
N SER Q 144 13.16 -11.81 30.97
CA SER Q 144 11.80 -12.31 31.10
C SER Q 144 11.25 -12.07 32.49
N THR Q 145 9.94 -11.85 32.57
CA THR Q 145 9.27 -11.70 33.85
C THR Q 145 9.14 -13.03 34.59
N GLY Q 146 9.21 -14.16 33.88
CA GLY Q 146 9.04 -15.45 34.50
C GLY Q 146 10.27 -15.98 35.20
N SER Q 147 10.97 -15.11 35.94
CA SER Q 147 12.11 -15.48 36.76
C SER Q 147 13.24 -16.11 35.94
N GLY Q 148 13.32 -15.77 34.65
CA GLY Q 148 14.40 -16.26 33.82
C GLY Q 148 15.67 -15.45 33.88
N LYS Q 149 15.61 -14.25 34.47
CA LYS Q 149 16.81 -13.41 34.56
C LYS Q 149 17.77 -13.91 35.63
N SER Q 150 17.24 -14.50 36.71
CA SER Q 150 18.09 -14.91 37.82
C SER Q 150 19.12 -15.94 37.40
N CYS Q 151 18.72 -16.93 36.60
CA CYS Q 151 19.66 -17.96 36.17
C CYS Q 151 20.76 -17.36 35.30
N ALA Q 152 20.40 -16.45 34.38
CA ALA Q 152 21.39 -15.84 33.51
C ALA Q 152 22.38 -15.00 34.31
N VAL Q 153 21.87 -14.19 35.25
CA VAL Q 153 22.74 -13.37 36.06
C VAL Q 153 23.67 -14.23 36.91
N ALA Q 154 23.11 -15.30 37.51
CA ALA Q 154 23.94 -16.19 38.32
C ALA Q 154 25.03 -16.85 37.50
N LYS Q 155 24.68 -17.31 36.30
CA LYS Q 155 25.68 -17.96 35.44
C LYS Q 155 26.78 -16.97 35.05
N ILE Q 156 26.40 -15.74 34.66
CA ILE Q 156 27.40 -14.75 34.26
C ILE Q 156 28.32 -14.43 35.43
N LEU Q 157 27.75 -14.20 36.61
CA LEU Q 157 28.56 -13.84 37.77
C LEU Q 157 29.45 -15.01 38.20
N GLN Q 158 28.94 -16.24 38.10
CA GLN Q 158 29.76 -17.39 38.44
C GLN Q 158 30.93 -17.55 37.46
N ASN Q 159 30.68 -17.29 36.17
CA ASN Q 159 31.77 -17.30 35.21
C ASN Q 159 32.80 -16.21 35.52
N VAL Q 160 32.32 -15.04 35.95
CA VAL Q 160 33.23 -13.95 36.31
C VAL Q 160 34.09 -14.33 37.50
N VAL Q 161 33.47 -14.86 38.55
CA VAL Q 161 34.20 -15.12 39.79
C VAL Q 161 34.95 -16.45 39.77
N GLY Q 162 34.61 -17.36 38.87
CA GLY Q 162 35.32 -18.61 38.76
C GLY Q 162 34.68 -19.76 39.51
N ILE Q 163 33.37 -19.96 39.32
CA ILE Q 163 32.65 -21.09 39.88
C ILE Q 163 32.16 -21.95 38.73
N ASN Q 164 32.60 -23.21 38.70
CA ASN Q 164 32.23 -24.14 37.64
C ASN Q 164 31.91 -25.49 38.26
N ASP Q 165 30.69 -25.98 38.00
CA ASP Q 165 30.23 -27.28 38.52
C ASP Q 165 30.36 -27.34 40.04
N ALA Q 166 29.94 -26.25 40.69
CA ALA Q 166 29.98 -26.12 42.15
C ALA Q 166 31.41 -26.29 42.69
N ARG Q 167 32.39 -25.84 41.92
CA ARG Q 167 33.79 -25.91 42.32
C ARG Q 167 34.47 -24.58 42.03
N ASN Q 168 35.47 -24.25 42.84
CA ASN Q 168 36.22 -23.00 42.70
C ASN Q 168 37.46 -23.29 41.88
N ILE Q 169 37.50 -22.77 40.64
CA ILE Q 169 38.64 -23.00 39.76
C ILE Q 169 39.87 -22.20 40.18
N ASN Q 170 39.70 -21.23 41.07
CA ASN Q 170 40.81 -20.40 41.56
C ASN Q 170 41.10 -20.67 43.03
N LYS Q 171 40.97 -21.93 43.44
CA LYS Q 171 41.23 -22.29 44.83
C LYS Q 171 42.69 -22.05 45.21
N SER Q 172 43.61 -22.39 44.32
CA SER Q 172 45.03 -22.21 44.62
C SER Q 172 45.39 -20.75 44.80
N ASP Q 173 44.86 -19.88 43.93
CA ASP Q 173 45.15 -18.45 43.98
C ASP Q 173 43.86 -17.68 43.77
N LYS Q 174 43.50 -16.86 44.75
CA LYS Q 174 42.30 -16.04 44.66
C LYS Q 174 42.51 -14.91 43.66
N LYS Q 175 41.48 -14.59 42.90
CA LYS Q 175 41.56 -13.57 41.86
C LYS Q 175 41.14 -12.21 42.42
N ASN Q 176 41.02 -11.22 41.54
CA ASN Q 176 40.73 -9.84 41.94
C ASN Q 176 39.35 -9.39 41.48
N SER Q 177 38.40 -10.32 41.37
CA SER Q 177 37.05 -9.97 40.99
C SER Q 177 36.30 -9.39 42.17
N HIS Q 178 35.69 -8.22 41.98
CA HIS Q 178 34.90 -7.55 43.01
C HIS Q 178 33.50 -7.28 42.47
N ILE Q 179 32.50 -7.81 43.15
CA ILE Q 179 31.10 -7.67 42.74
C ILE Q 179 30.26 -7.39 43.98
N ILE Q 180 29.40 -6.37 43.91
CA ILE Q 180 28.46 -6.05 44.97
C ILE Q 180 27.06 -6.16 44.38
N ILE Q 181 26.22 -6.98 45.00
CA ILE Q 181 24.88 -7.27 44.51
C ILE Q 181 23.86 -6.69 45.48
N PHE Q 182 23.02 -5.78 44.99
CA PHE Q 182 21.89 -5.26 45.75
C PHE Q 182 20.68 -6.15 45.47
N ASP Q 183 20.22 -6.85 46.49
CA ASP Q 183 19.07 -7.76 46.38
C ASP Q 183 17.95 -7.28 47.29
N ILE Q 184 16.75 -7.21 46.74
CA ILE Q 184 15.56 -6.82 47.50
C ILE Q 184 14.57 -7.96 47.66
N HIS Q 185 14.70 -9.04 46.88
CA HIS Q 185 13.86 -10.21 46.98
C HIS Q 185 14.66 -11.43 47.42
N SER Q 186 15.65 -11.20 48.28
CA SER Q 186 16.53 -12.23 48.82
C SER Q 186 17.23 -12.91 47.63
N GLU Q 187 17.15 -14.24 47.48
CA GLU Q 187 17.80 -15.04 46.44
C GLU Q 187 19.26 -14.67 46.20
N TYR Q 188 19.85 -15.25 45.15
CA TYR Q 188 21.23 -14.97 44.74
C TYR Q 188 22.24 -15.39 45.79
N LYS Q 189 21.78 -15.92 46.92
CA LYS Q 189 22.67 -16.36 47.98
C LYS Q 189 23.14 -17.79 47.80
N SER Q 190 22.26 -18.67 47.34
CA SER Q 190 22.65 -20.05 47.08
C SER Q 190 23.50 -20.19 45.83
N ALA Q 191 23.43 -19.21 44.92
CA ALA Q 191 24.24 -19.28 43.70
C ALA Q 191 25.72 -19.11 43.98
N PHE Q 192 26.10 -18.57 45.13
CA PHE Q 192 27.49 -18.38 45.50
C PHE Q 192 27.86 -19.07 46.80
N GLU Q 193 26.94 -19.81 47.42
CA GLU Q 193 27.23 -20.53 48.66
C GLU Q 193 27.59 -21.97 48.30
N ILE Q 194 28.89 -22.25 48.27
CA ILE Q 194 29.39 -23.58 47.93
C ILE Q 194 30.07 -24.18 49.16
N ASP Q 195 30.57 -25.41 49.01
CA ASP Q 195 31.19 -26.11 50.14
C ASP Q 195 32.39 -25.33 50.66
N LYS Q 196 32.58 -25.39 51.99
CA LYS Q 196 33.62 -24.62 52.64
C LYS Q 196 35.02 -25.07 52.25
N ASN Q 197 35.17 -26.29 51.76
CA ASN Q 197 36.48 -26.78 51.36
C ASN Q 197 37.01 -26.13 50.09
N GLU Q 198 36.18 -25.37 49.37
CA GLU Q 198 36.60 -24.72 48.15
C GLU Q 198 37.30 -23.40 48.39
N ASP Q 199 37.40 -22.95 49.64
CA ASP Q 199 38.09 -21.70 49.99
C ASP Q 199 37.46 -20.50 49.27
N PHE Q 200 36.14 -20.53 49.12
CA PHE Q 200 35.39 -19.43 48.52
C PHE Q 200 34.34 -18.98 49.54
N ASN Q 201 34.42 -17.71 49.94
CA ASN Q 201 33.52 -17.16 50.94
C ASN Q 201 32.72 -16.02 50.35
N LEU Q 202 31.50 -15.85 50.87
CA LEU Q 202 30.55 -14.86 50.38
C LEU Q 202 30.26 -13.86 51.50
N ASN Q 203 30.43 -12.57 51.18
CA ASN Q 203 30.18 -11.51 52.15
C ASN Q 203 28.69 -11.15 52.10
N TYR Q 204 27.89 -11.98 52.77
CA TYR Q 204 26.44 -11.81 52.80
C TYR Q 204 26.09 -10.90 53.98
N LEU Q 205 25.54 -9.72 53.68
CA LEU Q 205 25.17 -8.74 54.69
C LEU Q 205 23.66 -8.58 54.68
N ASP Q 206 23.03 -8.83 55.82
CA ASP Q 206 21.59 -8.67 56.00
C ASP Q 206 21.35 -7.63 57.10
N VAL Q 207 20.08 -7.50 57.50
CA VAL Q 207 19.72 -6.50 58.50
C VAL Q 207 20.43 -6.79 59.82
N GLU Q 208 20.57 -8.07 60.17
CA GLU Q 208 21.19 -8.43 61.44
C GLU Q 208 22.68 -8.16 61.44
N LYS Q 209 23.33 -8.21 60.28
CA LYS Q 209 24.78 -8.03 60.19
C LYS Q 209 25.20 -6.65 59.70
N LEU Q 210 24.34 -5.96 58.95
CA LEU Q 210 24.71 -4.68 58.38
C LEU Q 210 24.91 -3.63 59.47
N LYS Q 211 25.94 -2.81 59.30
CA LYS Q 211 26.29 -1.75 60.26
C LYS Q 211 26.44 -0.45 59.48
N LEU Q 212 25.34 0.30 59.38
CA LEU Q 212 25.32 1.60 58.70
C LEU Q 212 25.11 2.69 59.75
N PRO Q 213 26.17 3.28 60.29
CA PRO Q 213 25.98 4.36 61.26
C PRO Q 213 25.19 5.52 60.67
N TYR Q 214 24.31 6.09 61.49
CA TYR Q 214 23.45 7.17 61.00
C TYR Q 214 24.19 8.48 60.81
N TRP Q 215 25.33 8.67 61.49
CA TRP Q 215 26.05 9.93 61.35
C TRP Q 215 26.77 10.07 60.02
N LEU Q 216 26.86 8.99 59.23
CA LEU Q 216 27.45 9.07 57.90
C LEU Q 216 26.53 9.69 56.87
N MET Q 217 25.23 9.80 57.17
CA MET Q 217 24.27 10.37 56.24
C MET Q 217 24.42 11.89 56.18
N ASN Q 218 23.99 12.47 55.07
CA ASN Q 218 24.03 13.91 54.88
C ASN Q 218 22.74 14.54 55.41
N SER Q 219 22.53 15.81 55.11
CA SER Q 219 21.39 16.53 55.65
C SER Q 219 20.07 15.95 55.15
N GLU Q 220 19.99 15.65 53.85
CA GLU Q 220 18.73 15.18 53.26
C GLU Q 220 18.28 13.86 53.88
N GLU Q 221 19.20 12.91 54.01
CA GLU Q 221 18.84 11.61 54.58
C GLU Q 221 18.53 11.74 56.07
N LEU Q 222 19.26 12.62 56.78
CA LEU Q 222 18.96 12.85 58.18
C LEU Q 222 17.56 13.41 58.38
N GLU Q 223 17.16 14.37 57.53
CA GLU Q 223 15.81 14.92 57.62
C GLU Q 223 14.76 13.88 57.22
N THR Q 224 15.07 13.05 56.22
CA THR Q 224 14.14 12.02 55.79
C THR Q 224 13.90 11.00 56.90
N LEU Q 225 14.96 10.59 57.59
CA LEU Q 225 14.83 9.56 58.62
C LEU Q 225 14.07 10.08 59.84
N PHE Q 226 14.43 11.27 60.33
CA PHE Q 226 13.90 11.77 61.59
C PHE Q 226 12.80 12.80 61.40
N ILE Q 227 13.10 13.89 60.69
CA ILE Q 227 12.15 15.01 60.61
C ILE Q 227 10.94 14.64 59.76
N GLU Q 228 11.17 13.96 58.64
CA GLU Q 228 10.09 13.69 57.69
C GLU Q 228 8.98 12.87 58.33
N SER Q 229 7.74 13.30 58.11
CA SER Q 229 6.57 12.63 58.66
C SER Q 229 5.37 12.97 57.80
N ASN Q 230 4.30 12.20 57.98
CA ASN Q 230 3.07 12.44 57.22
C ASN Q 230 2.48 13.80 57.55
N GLU Q 231 2.45 14.17 58.83
CA GLU Q 231 1.92 15.46 59.23
C GLU Q 231 2.89 16.58 58.87
N GLN Q 232 2.34 17.78 58.73
CA GLN Q 232 3.15 18.93 58.37
C GLN Q 232 4.07 19.34 59.53
N ASN Q 233 5.16 20.00 59.18
CA ASN Q 233 6.14 20.45 60.16
C ASN Q 233 5.83 21.87 60.61
N SER Q 234 6.72 22.44 61.42
CA SER Q 234 6.61 23.80 61.91
C SER Q 234 7.85 24.59 61.52
N HIS Q 235 7.87 25.87 61.88
CA HIS Q 235 8.97 26.74 61.53
C HIS Q 235 10.11 26.72 62.54
N ASN Q 236 9.97 25.92 63.62
CA ASN Q 236 11.02 25.80 64.62
C ASN Q 236 11.47 24.36 64.83
N GLN Q 237 10.99 23.42 64.01
CA GLN Q 237 11.35 22.02 64.17
C GLN Q 237 12.64 21.67 63.42
N VAL Q 238 12.71 22.02 62.13
CA VAL Q 238 13.92 21.75 61.36
C VAL Q 238 15.06 22.63 61.83
N SER Q 239 14.77 23.88 62.18
CA SER Q 239 15.82 24.81 62.58
C SER Q 239 16.52 24.36 63.86
N GLN Q 240 15.75 23.93 64.86
CA GLN Q 240 16.34 23.53 66.13
C GLN Q 240 17.06 22.20 66.05
N PHE Q 241 16.49 21.24 65.30
CA PHE Q 241 17.13 19.93 65.16
C PHE Q 241 18.49 20.05 64.48
N LYS Q 242 18.58 20.87 63.42
CA LYS Q 242 19.84 21.07 62.74
C LYS Q 242 20.87 21.71 63.65
N ARG Q 243 20.45 22.71 64.43
CA ARG Q 243 21.36 23.37 65.36
C ARG Q 243 21.87 22.38 66.41
N ALA Q 244 20.98 21.55 66.96
CA ALA Q 244 21.39 20.57 67.94
C ALA Q 244 22.36 19.56 67.36
N VAL Q 245 22.10 19.10 66.12
CA VAL Q 245 23.00 18.15 65.48
C VAL Q 245 24.38 18.77 65.26
N VAL Q 246 24.41 20.02 64.81
CA VAL Q 246 25.69 20.70 64.57
C VAL Q 246 26.45 20.86 65.88
N LEU Q 247 25.75 21.26 66.95
CA LEU Q 247 26.41 21.43 68.25
C LEU Q 247 26.95 20.11 68.77
N ASN Q 248 26.19 19.02 68.62
CA ASN Q 248 26.67 17.72 69.07
C ASN Q 248 27.89 17.28 68.27
N LYS Q 249 27.86 17.49 66.95
CA LYS Q 249 29.02 17.15 66.12
C LYS Q 249 30.25 17.95 66.54
N GLU Q 250 30.07 19.24 66.82
CA GLU Q 250 31.20 20.06 67.28
C GLU Q 250 31.73 19.55 68.61
N LYS Q 251 30.83 19.21 69.54
CA LYS Q 251 31.26 18.78 70.87
C LYS Q 251 32.01 17.46 70.81
N TYR Q 252 31.51 16.49 70.04
CA TYR Q 252 32.14 15.17 70.01
C TYR Q 252 33.32 15.08 69.08
N ASN Q 253 33.57 16.09 68.24
CA ASN Q 253 34.69 16.09 67.30
C ASN Q 253 35.44 17.40 67.44
N PRO Q 254 36.31 17.52 68.45
CA PRO Q 254 37.05 18.78 68.64
C PRO Q 254 38.24 18.93 67.71
N GLU Q 255 38.81 17.83 67.20
CA GLU Q 255 39.98 17.95 66.33
C GLU Q 255 39.62 18.54 64.97
N PHE Q 256 38.42 18.28 64.46
CA PHE Q 256 38.00 18.84 63.19
C PHE Q 256 37.80 20.34 63.29
N LYS Q 257 38.08 21.04 62.20
CA LYS Q 257 37.97 22.50 62.14
C LYS Q 257 36.62 22.95 61.60
N LYS Q 258 36.28 22.51 60.40
CA LYS Q 258 35.01 22.89 59.75
C LYS Q 258 34.00 21.77 59.99
N ILE Q 259 33.00 22.04 60.81
CA ILE Q 259 31.93 21.10 61.12
C ILE Q 259 30.61 21.71 60.67
N THR Q 260 29.86 20.96 59.86
CA THR Q 260 28.60 21.43 59.31
C THR Q 260 27.54 20.35 59.50
N TYR Q 261 26.32 20.66 59.04
CA TYR Q 261 25.21 19.72 59.17
C TYR Q 261 25.42 18.48 58.32
N ASP Q 262 26.08 18.62 57.16
CA ASP Q 262 26.31 17.51 56.25
C ASP Q 262 27.64 16.81 56.50
N SER Q 263 28.42 17.26 57.49
CA SER Q 263 29.72 16.66 57.73
C SER Q 263 29.55 15.25 58.29
N PRO Q 264 30.20 14.23 57.69
CA PRO Q 264 30.08 12.85 58.18
C PRO Q 264 30.94 12.58 59.41
N VAL Q 265 30.49 13.07 60.56
CA VAL Q 265 31.19 12.92 61.82
C VAL Q 265 30.21 12.39 62.88
N TYR Q 266 30.77 11.72 63.87
CA TYR Q 266 29.96 11.07 64.89
C TYR Q 266 29.25 12.09 65.77
N PHE Q 267 27.99 11.80 66.10
CA PHE Q 267 27.22 12.62 67.01
C PHE Q 267 26.14 11.75 67.65
N ASN Q 268 25.95 11.93 68.96
CA ASN Q 268 24.99 11.12 69.70
C ASN Q 268 23.57 11.61 69.43
N ILE Q 269 22.70 10.68 69.03
CA ILE Q 269 21.32 11.06 68.74
C ILE Q 269 20.50 11.18 70.02
N ASN Q 270 20.86 10.42 71.07
CA ASN Q 270 20.17 10.55 72.34
C ASN Q 270 20.42 11.90 72.98
N GLU Q 271 21.63 12.45 72.80
CA GLU Q 271 21.91 13.80 73.30
C GLU Q 271 21.04 14.83 72.58
N VAL Q 272 20.86 14.67 71.27
CA VAL Q 272 19.97 15.58 70.53
C VAL Q 272 18.53 15.41 71.01
N PHE Q 273 18.11 14.18 71.29
CA PHE Q 273 16.77 13.96 71.82
C PHE Q 273 16.59 14.66 73.16
N ASN Q 274 17.58 14.55 74.05
CA ASN Q 274 17.51 15.22 75.34
C ASN Q 274 17.51 16.73 75.18
N TYR Q 275 18.30 17.25 74.24
CA TYR Q 275 18.32 18.69 73.98
C TYR Q 275 16.95 19.18 73.51
N ILE Q 276 16.33 18.45 72.59
CA ILE Q 276 15.01 18.85 72.10
C ILE Q 276 13.97 18.75 73.21
N TYR Q 277 14.05 17.70 74.03
CA TYR Q 277 13.09 17.54 75.12
C TYR Q 277 13.22 18.66 76.15
N ASN Q 278 14.46 19.04 76.48
CA ASN Q 278 14.67 20.12 77.44
C ASN Q 278 14.26 21.46 76.87
N LEU Q 279 14.54 21.70 75.58
CA LEU Q 279 14.08 22.92 74.94
C LEU Q 279 12.56 22.97 74.85
N ASN Q 280 11.91 21.80 74.81
CA ASN Q 280 10.46 21.74 74.70
C ASN Q 280 9.75 22.23 75.95
N GLU Q 281 10.41 22.18 77.11
CA GLU Q 281 9.81 22.60 78.37
C GLU Q 281 10.80 23.53 79.10
N GLU Q 282 10.67 24.83 78.84
CA GLU Q 282 11.44 25.85 79.53
C GLU Q 282 10.50 26.85 80.17
N VAL Q 283 10.89 27.36 81.33
CA VAL Q 283 10.03 28.23 82.12
C VAL Q 283 10.70 29.57 82.38
N ILE Q 284 11.52 30.03 81.43
CA ILE Q 284 12.22 31.30 81.56
C ILE Q 284 11.83 32.20 80.38
N ASN Q 285 11.56 33.46 80.69
CA ASN Q 285 11.21 34.46 79.69
C ASN Q 285 12.47 35.08 79.10
N LYS Q 286 12.31 36.18 78.36
CA LYS Q 286 13.43 36.82 77.68
C LYS Q 286 14.21 37.73 78.62
N ILE Q 287 13.52 38.64 79.30
CA ILE Q 287 14.13 39.67 80.14
C ILE Q 287 15.18 40.44 79.34
N GLU Q 288 14.76 40.97 78.20
CA GLU Q 288 15.63 41.77 77.33
C GLU Q 288 16.89 41.00 76.94
N GLY Q 289 17.92 41.73 76.49
CA GLY Q 289 19.17 41.11 76.10
C GLY Q 289 20.20 41.07 77.21
N GLU Q 290 19.80 40.56 78.38
CA GLU Q 290 20.69 40.48 79.52
C GLU Q 290 21.20 39.06 79.65
N PRO Q 291 22.51 38.81 79.45
CA PRO Q 291 23.02 37.43 79.60
C PRO Q 291 22.90 36.87 81.00
N SER Q 292 22.78 37.72 82.02
CA SER Q 292 22.70 37.29 83.40
C SER Q 292 21.29 37.52 83.95
N LEU Q 293 20.73 36.47 84.58
CA LEU Q 293 19.47 36.32 85.30
C LEU Q 293 18.50 35.40 84.54
N PRO Q 294 18.25 35.61 83.22
CA PRO Q 294 17.38 34.62 82.54
C PRO Q 294 18.08 33.31 82.20
N LYS Q 295 18.15 32.42 83.19
CA LYS Q 295 18.68 31.08 83.00
C LYS Q 295 17.54 30.07 83.03
N LEU Q 296 17.89 28.79 82.85
CA LEU Q 296 16.91 27.72 82.81
C LEU Q 296 16.22 27.48 84.15
N SER Q 297 16.72 28.08 85.23
CA SER Q 297 16.10 27.99 86.55
C SER Q 297 16.12 26.57 87.09
N ASN Q 298 14.97 25.89 87.05
CA ASN Q 298 14.75 24.53 87.56
C ASN Q 298 15.23 24.35 89.00
N GLY Q 299 15.35 25.45 89.75
CA GLY Q 299 15.81 25.39 91.13
C GLY Q 299 17.26 25.81 91.34
N GLU Q 300 17.95 26.26 90.30
CA GLU Q 300 19.32 26.71 90.41
C GLU Q 300 19.59 27.64 89.22
N LEU Q 301 20.87 27.91 88.95
CA LEU Q 301 21.26 28.70 87.79
C LEU Q 301 22.46 28.05 87.12
N VAL Q 302 22.36 27.84 85.81
CA VAL Q 302 23.45 27.32 85.00
C VAL Q 302 23.56 28.19 83.75
N GLU Q 303 24.71 28.83 83.55
CA GLU Q 303 24.88 29.72 82.42
C GLU Q 303 24.98 28.95 81.10
N ASN Q 304 25.77 27.87 81.09
CA ASN Q 304 25.97 27.10 79.87
C ASN Q 304 24.76 26.22 79.59
N ARG Q 305 24.40 26.11 78.31
CA ARG Q 305 23.28 25.28 77.88
C ARG Q 305 23.72 23.91 77.40
N GLN Q 306 25.01 23.58 77.50
CA GLN Q 306 25.49 22.28 77.08
C GLN Q 306 25.05 21.16 78.01
N ILE Q 307 24.54 21.48 79.20
CA ILE Q 307 24.02 20.46 80.10
C ILE Q 307 22.70 19.89 79.64
N TYR Q 308 22.11 20.48 78.59
CA TYR Q 308 20.85 19.95 78.06
C TYR Q 308 21.03 18.55 77.48
N PHE Q 309 22.19 18.29 76.87
CA PHE Q 309 22.43 17.01 76.23
C PHE Q 309 22.45 15.86 77.23
N ASN Q 310 23.04 16.09 78.41
CA ASN Q 310 23.36 14.99 79.31
C ASN Q 310 22.11 14.32 79.86
N GLU Q 311 21.14 15.10 80.33
CA GLU Q 311 20.00 14.53 81.03
C GLU Q 311 18.76 15.36 80.75
N LYS Q 312 17.60 14.76 81.02
CA LYS Q 312 16.30 15.43 80.90
C LYS Q 312 16.06 16.22 82.17
N LEU Q 313 16.42 17.51 82.15
CA LEU Q 313 16.27 18.36 83.30
C LEU Q 313 14.79 18.61 83.60
N GLU Q 314 14.46 18.63 84.89
CA GLU Q 314 13.10 18.91 85.36
C GLU Q 314 13.05 20.36 85.80
N PHE Q 315 12.18 21.15 85.16
CA PHE Q 315 12.15 22.59 85.37
C PHE Q 315 11.13 22.96 86.44
N THR Q 316 11.07 24.25 86.76
CA THR Q 316 10.14 24.77 87.75
C THR Q 316 8.81 25.12 87.07
N SER Q 317 7.95 25.83 87.77
CA SER Q 317 6.65 26.23 87.26
C SER Q 317 6.65 27.71 86.89
N SER Q 318 5.56 28.14 86.27
CA SER Q 318 5.42 29.52 85.81
C SER Q 318 4.62 30.33 86.84
N ASN Q 319 5.28 30.59 87.97
CA ASN Q 319 4.66 31.34 89.06
C ASN Q 319 5.36 32.65 89.36
N THR Q 320 6.68 32.62 89.58
CA THR Q 320 7.41 33.81 90.00
C THR Q 320 7.71 34.68 88.80
N SER Q 321 6.99 35.79 88.66
CA SER Q 321 7.24 36.74 87.59
C SER Q 321 7.10 38.19 88.03
N LYS Q 322 6.93 38.45 89.32
CA LYS Q 322 6.74 39.83 89.78
C LYS Q 322 8.02 40.65 89.62
N ALA Q 323 9.18 40.08 89.98
CA ALA Q 323 10.46 40.75 89.83
C ALA Q 323 11.40 39.98 88.91
N THR Q 324 11.56 38.67 89.14
CA THR Q 324 12.32 37.81 88.24
C THR Q 324 11.35 37.19 87.25
N LYS Q 325 11.43 37.62 85.99
CA LYS Q 325 10.46 37.23 84.98
C LYS Q 325 10.82 35.84 84.46
N ALA Q 326 9.97 34.85 84.77
CA ALA Q 326 10.22 33.48 84.34
C ALA Q 326 8.86 32.80 84.18
N SER Q 327 8.34 32.76 82.96
CA SER Q 327 7.07 32.10 82.67
C SER Q 327 7.24 30.91 81.74
N ASN Q 328 7.79 31.10 80.55
CA ASN Q 328 7.94 30.01 79.60
C ASN Q 328 8.96 30.40 78.53
N GLY Q 329 9.61 29.38 77.97
CA GLY Q 329 10.62 29.59 76.96
C GLY Q 329 10.02 29.80 75.58
N PRO Q 330 10.90 30.11 74.63
CA PRO Q 330 10.42 30.34 73.25
C PRO Q 330 9.74 29.13 72.63
N PHE Q 331 10.17 27.92 72.97
CA PHE Q 331 9.60 26.71 72.38
C PHE Q 331 8.98 25.83 73.45
N ASN Q 332 8.21 26.43 74.36
CA ASN Q 332 7.61 25.68 75.46
C ASN Q 332 6.44 24.84 74.93
N GLY Q 333 6.65 23.53 74.84
CA GLY Q 333 5.59 22.62 74.44
C GLY Q 333 5.34 22.53 72.95
N GLU Q 334 6.18 23.14 72.12
CA GLU Q 334 5.94 23.11 70.69
C GLU Q 334 6.31 21.76 70.08
N PHE Q 335 7.39 21.14 70.55
CA PHE Q 335 7.80 19.84 70.06
C PHE Q 335 7.10 18.69 70.80
N ASN Q 336 5.76 18.74 70.83
CA ASN Q 336 5.01 17.71 71.54
C ASN Q 336 4.87 16.45 70.70
N ARG Q 337 4.41 16.60 69.45
CA ARG Q 337 4.23 15.45 68.57
C ARG Q 337 5.55 14.95 68.00
N PHE Q 338 6.51 15.85 67.79
CA PHE Q 338 7.80 15.45 67.22
C PHE Q 338 8.55 14.52 68.16
N LEU Q 339 8.52 14.80 69.46
CA LEU Q 339 9.26 13.98 70.41
C LEU Q 339 8.71 12.55 70.47
N SER Q 340 7.39 12.40 70.39
CA SER Q 340 6.80 11.06 70.43
C SER Q 340 7.26 10.23 69.23
N ARG Q 341 7.18 10.81 68.03
CA ARG Q 341 7.64 10.11 66.83
C ARG Q 341 9.13 9.79 66.92
N PHE Q 342 9.92 10.73 67.43
CA PHE Q 342 11.37 10.55 67.44
C PHE Q 342 11.78 9.48 68.45
N GLU Q 343 11.13 9.45 69.61
CA GLU Q 343 11.41 8.41 70.60
C GLU Q 343 10.87 7.07 70.14
N THR Q 344 9.79 7.05 69.36
CA THR Q 344 9.36 5.80 68.75
C THR Q 344 10.39 5.30 67.76
N LYS Q 345 10.99 6.20 66.98
CA LYS Q 345 12.04 5.82 66.05
C LYS Q 345 13.25 5.27 66.79
N LEU Q 346 13.63 5.88 67.92
CA LEU Q 346 14.75 5.34 68.69
C LEU Q 346 14.34 4.20 69.60
N THR Q 347 13.53 3.26 69.11
CA THR Q 347 13.22 2.02 69.80
C THR Q 347 13.14 0.80 68.89
N ASP Q 348 13.05 0.99 67.57
CA ASP Q 348 12.70 -0.09 66.67
C ASP Q 348 13.81 -1.13 66.59
N LYS Q 349 13.43 -2.41 66.66
CA LYS Q 349 14.38 -3.50 66.48
C LYS Q 349 14.73 -3.72 65.02
N ARG Q 350 13.88 -3.26 64.09
CA ARG Q 350 14.20 -3.39 62.67
C ARG Q 350 15.11 -2.27 62.19
N LEU Q 351 15.05 -1.10 62.83
CA LEU Q 351 15.99 -0.02 62.55
C LEU Q 351 17.21 -0.10 63.46
N GLU Q 352 17.84 -1.28 63.50
CA GLU Q 352 19.02 -1.49 64.33
C GLU Q 352 20.32 -1.40 63.54
N PHE Q 353 20.27 -1.48 62.21
CA PHE Q 353 21.46 -1.34 61.41
C PHE Q 353 21.88 0.11 61.22
N LEU Q 354 21.01 1.07 61.56
CA LEU Q 354 21.42 2.46 61.64
C LEU Q 354 22.05 2.82 62.98
N LEU Q 355 22.01 1.91 63.96
CA LEU Q 355 22.65 2.09 65.26
C LEU Q 355 22.07 3.30 66.01
N LEU Q 356 20.75 3.28 66.18
CA LEU Q 356 20.08 4.41 66.82
C LEU Q 356 20.41 4.48 68.31
N ASN Q 357 20.33 3.35 69.00
CA ASN Q 357 20.46 3.31 70.46
C ASN Q 357 21.94 3.41 70.84
N GLN Q 358 22.48 4.62 70.70
CA GLN Q 358 23.85 4.88 71.11
C GLN Q 358 24.02 4.72 72.62
N ASP Q 359 23.06 5.22 73.39
CA ASP Q 359 23.08 5.07 74.83
C ASP Q 359 22.66 3.66 75.23
N VAL Q 360 22.85 3.36 76.52
CA VAL Q 360 22.50 2.07 77.11
C VAL Q 360 23.30 0.96 76.44
N GLU Q 361 23.00 0.69 75.17
CA GLU Q 361 23.74 -0.32 74.43
C GLU Q 361 25.17 0.14 74.17
N GLU Q 362 26.13 -0.77 74.36
CA GLU Q 362 27.53 -0.46 74.14
C GLU Q 362 28.07 -1.00 72.83
N ASN Q 363 27.43 -2.04 72.27
CA ASN Q 363 27.87 -2.57 70.98
C ASN Q 363 27.64 -1.57 69.87
N SER Q 364 26.61 -0.72 70.00
CA SER Q 364 26.31 0.30 68.99
C SER Q 364 27.03 1.60 69.32
N LYS Q 365 28.37 1.52 69.38
CA LYS Q 365 29.22 2.68 69.65
C LYS Q 365 30.42 2.61 68.71
N TYR Q 366 30.27 3.21 67.53
CA TYR Q 366 31.35 3.34 66.56
C TYR Q 366 31.69 4.82 66.42
N ARG Q 367 32.96 5.15 66.57
CA ARG Q 367 33.41 6.54 66.50
C ARG Q 367 33.88 6.85 65.09
N THR Q 368 34.40 8.07 64.89
CA THR Q 368 34.84 8.49 63.57
C THR Q 368 36.03 7.66 63.09
N GLU Q 369 36.96 7.34 63.99
CA GLU Q 369 38.15 6.60 63.62
C GLU Q 369 37.87 5.17 63.17
N HIS Q 370 36.68 4.65 63.43
CA HIS Q 370 36.30 3.30 63.00
C HIS Q 370 35.54 3.31 61.68
N PHE Q 371 35.79 4.32 60.83
CA PHE Q 371 35.13 4.39 59.54
C PHE Q 371 35.70 3.39 58.54
N GLU Q 372 36.95 2.97 58.74
CA GLU Q 372 37.59 2.05 57.78
C GLU Q 372 36.89 0.71 57.73
N ASP Q 373 36.47 0.19 58.89
CA ASP Q 373 35.77 -1.09 58.92
C ASP Q 373 34.43 -1.01 58.20
N ILE Q 374 33.76 0.14 58.29
CA ILE Q 374 32.48 0.32 57.60
C ILE Q 374 32.68 0.22 56.10
N LEU Q 375 33.72 0.87 55.57
CA LEU Q 375 34.01 0.74 54.14
C LEU Q 375 34.42 -0.68 53.78
N LYS Q 376 35.18 -1.34 54.66
CA LYS Q 376 35.68 -2.69 54.35
C LYS Q 376 34.55 -3.71 54.30
N GLN Q 377 33.53 -3.56 55.15
CA GLN Q 377 32.49 -4.59 55.20
C GLN Q 377 31.68 -4.64 53.92
N PHE Q 378 31.51 -3.52 53.23
CA PHE Q 378 30.77 -3.54 51.96
C PHE Q 378 31.60 -4.16 50.84
N MET Q 379 32.91 -3.89 50.85
CA MET Q 379 33.78 -4.33 49.77
C MET Q 379 34.28 -5.76 49.95
N GLY Q 380 33.90 -6.43 51.03
CA GLY Q 380 34.36 -7.78 51.27
C GLY Q 380 35.81 -7.88 51.69
N TYR Q 381 36.38 -6.80 52.21
CA TYR Q 381 37.78 -6.77 52.62
C TYR Q 381 37.97 -7.07 54.10
N LEU Q 382 36.92 -7.52 54.80
CA LEU Q 382 37.04 -7.85 56.21
C LEU Q 382 38.05 -8.97 56.40
N ASP Q 383 37.74 -10.17 55.92
CA ASP Q 383 38.79 -11.18 55.81
C ASP Q 383 39.35 -11.21 54.40
N ARG Q 384 38.54 -11.67 53.45
CA ARG Q 384 38.73 -11.70 52.01
C ARG Q 384 37.41 -12.14 51.38
N SER Q 385 37.00 -11.47 50.31
CA SER Q 385 35.74 -11.84 49.66
C SER Q 385 35.68 -11.19 48.28
N ASN Q 386 35.13 -11.94 47.32
CA ASN Q 386 34.95 -11.44 45.96
C ASN Q 386 33.53 -10.96 45.69
N VAL Q 387 32.52 -11.63 46.24
CA VAL Q 387 31.13 -11.28 46.03
C VAL Q 387 30.53 -10.85 47.35
N SER Q 388 30.02 -9.62 47.40
CA SER Q 388 29.33 -9.10 48.58
C SER Q 388 27.87 -8.86 48.22
N ILE Q 389 26.97 -9.45 49.00
CA ILE Q 389 25.54 -9.41 48.72
C ILE Q 389 24.85 -8.66 49.85
N ILE Q 390 24.25 -7.52 49.52
CA ILE Q 390 23.47 -6.75 50.47
C ILE Q 390 22.01 -7.13 50.28
N ASP Q 391 21.44 -7.83 51.26
CA ASP Q 391 20.05 -8.28 51.20
C ASP Q 391 19.17 -7.20 51.81
N LEU Q 392 18.34 -6.57 50.98
CA LEU Q 392 17.47 -5.49 51.41
C LEU Q 392 16.04 -5.95 51.66
N SER Q 393 15.80 -7.26 51.71
CA SER Q 393 14.45 -7.76 51.93
C SER Q 393 13.92 -7.35 53.30
N GLY Q 394 14.76 -7.45 54.33
CA GLY Q 394 14.33 -7.08 55.67
C GLY Q 394 14.37 -5.61 55.99
N ILE Q 395 14.94 -4.79 55.11
CA ILE Q 395 15.01 -3.35 55.35
C ILE Q 395 13.61 -2.76 55.23
N PRO Q 396 13.17 -1.94 56.19
CA PRO Q 396 11.86 -1.27 56.04
C PRO Q 396 11.85 -0.34 54.83
N PHE Q 397 10.66 -0.22 54.23
CA PHE Q 397 10.53 0.60 53.03
C PHE Q 397 10.81 2.07 53.29
N GLU Q 398 10.65 2.52 54.53
CA GLU Q 398 10.86 3.94 54.86
C GLU Q 398 12.33 4.33 54.89
N VAL Q 399 13.25 3.36 54.86
CA VAL Q 399 14.68 3.67 54.92
C VAL Q 399 15.41 2.95 53.79
N LEU Q 400 14.65 2.41 52.83
CA LEU Q 400 15.28 1.67 51.74
C LEU Q 400 16.09 2.58 50.83
N SER Q 401 15.55 3.77 50.52
CA SER Q 401 16.28 4.71 49.68
C SER Q 401 17.55 5.20 50.37
N ILE Q 402 17.47 5.47 51.67
CA ILE Q 402 18.60 6.01 52.41
C ILE Q 402 19.76 5.02 52.41
N THR Q 403 19.47 3.74 52.64
CA THR Q 403 20.53 2.73 52.69
C THR Q 403 21.27 2.61 51.37
N ILE Q 404 20.52 2.48 50.27
CA ILE Q 404 21.13 2.36 48.95
C ILE Q 404 21.91 3.61 48.61
N SER Q 405 21.34 4.79 48.91
CA SER Q 405 22.03 6.04 48.62
C SER Q 405 23.35 6.12 49.38
N LEU Q 406 23.33 5.77 50.66
CA LEU Q 406 24.54 5.84 51.48
C LEU Q 406 25.60 4.87 50.98
N ILE Q 407 25.21 3.63 50.68
CA ILE Q 407 26.18 2.64 50.22
C ILE Q 407 26.78 3.06 48.88
N SER Q 408 25.93 3.52 47.95
CA SER Q 408 26.43 3.94 46.65
C SER Q 408 27.36 5.14 46.77
N ARG Q 409 27.00 6.10 47.64
CA ARG Q 409 27.86 7.27 47.83
C ARG Q 409 29.20 6.87 48.41
N LEU Q 410 29.20 5.96 49.41
CA LEU Q 410 30.46 5.51 49.99
C LEU Q 410 31.34 4.83 48.95
N ILE Q 411 30.76 3.94 48.14
CA ILE Q 411 31.54 3.23 47.13
C ILE Q 411 32.09 4.21 46.10
N PHE Q 412 31.25 5.13 45.62
CA PHE Q 412 31.70 6.09 44.62
C PHE Q 412 32.81 6.98 45.15
N ASP Q 413 32.67 7.45 46.40
CA ASP Q 413 33.67 8.34 46.96
C ASP Q 413 34.98 7.60 47.20
N PHE Q 414 34.93 6.35 47.66
CA PHE Q 414 36.14 5.56 47.79
C PHE Q 414 36.83 5.38 46.44
N ALA Q 415 36.06 5.05 45.40
CA ALA Q 415 36.64 4.90 44.07
C ALA Q 415 37.27 6.19 43.60
N PHE Q 416 36.58 7.32 43.81
CA PHE Q 416 37.10 8.62 43.39
C PHE Q 416 38.42 8.93 44.09
N HIS Q 417 38.46 8.79 45.41
CA HIS Q 417 39.68 9.14 46.15
C HIS Q 417 40.82 8.18 45.80
N TYR Q 418 40.54 6.89 45.67
CA TYR Q 418 41.59 5.94 45.33
C TYR Q 418 42.14 6.21 43.93
N SER Q 419 41.26 6.57 42.99
CA SER Q 419 41.72 6.95 41.66
C SER Q 419 42.58 8.20 41.72
N LYS Q 420 42.20 9.17 42.57
CA LYS Q 420 43.00 10.38 42.72
C LYS Q 420 44.40 10.06 43.24
N LEU Q 421 44.51 9.19 44.24
CA LEU Q 421 45.84 8.77 44.69
C LEU Q 421 46.59 8.03 43.60
N GLN Q 422 45.91 7.15 42.86
CA GLN Q 422 46.60 6.34 41.85
C GLN Q 422 47.14 7.19 40.71
N HIS Q 423 46.49 8.32 40.41
CA HIS Q 423 46.97 9.19 39.34
C HIS Q 423 48.31 9.84 39.68
N GLN Q 424 48.65 9.93 40.97
CA GLN Q 424 49.95 10.49 41.35
C GLN Q 424 51.10 9.54 41.06
N LYS Q 425 50.83 8.25 40.97
CA LYS Q 425 51.84 7.26 40.65
C LYS Q 425 51.77 6.80 39.19
N ASP Q 426 51.13 7.59 38.33
CA ASP Q 426 50.94 7.25 36.92
C ASP Q 426 50.23 5.91 36.76
N GLU Q 427 49.26 5.64 37.63
CA GLU Q 427 48.51 4.40 37.59
C GLU Q 427 47.00 4.68 37.57
N LEU Q 428 46.20 3.63 37.68
CA LEU Q 428 44.76 3.73 37.71
C LEU Q 428 44.23 2.87 38.85
N ASN Q 429 42.90 2.79 38.94
CA ASN Q 429 42.26 1.97 39.97
C ASN Q 429 42.46 0.51 39.65
N ASP Q 430 43.26 -0.18 40.46
CA ASP Q 430 43.50 -1.61 40.29
C ASP Q 430 42.51 -2.48 41.06
N ILE Q 431 41.52 -1.87 41.69
CA ILE Q 431 40.45 -2.61 42.36
C ILE Q 431 39.12 -2.09 41.83
N PRO Q 432 38.69 -2.51 40.64
CA PRO Q 432 37.38 -2.09 40.13
C PRO Q 432 36.26 -2.86 40.82
N PHE Q 433 35.06 -2.31 40.70
CA PHE Q 433 33.87 -2.90 41.30
C PHE Q 433 32.73 -2.90 40.29
N MET Q 434 31.86 -3.90 40.41
CA MET Q 434 30.66 -4.02 39.59
C MET Q 434 29.46 -4.11 40.52
N ILE Q 435 28.52 -3.19 40.35
CA ILE Q 435 27.31 -3.14 41.18
C ILE Q 435 26.17 -3.75 40.37
N VAL Q 436 25.59 -4.83 40.88
CA VAL Q 436 24.50 -5.55 40.22
C VAL Q 436 23.23 -5.22 40.97
N CYS Q 437 22.28 -4.58 40.29
CA CYS Q 437 21.01 -4.17 40.87
C CYS Q 437 19.94 -5.21 40.52
N GLU Q 438 19.25 -5.70 41.54
CA GLU Q 438 18.20 -6.69 41.36
C GLU Q 438 16.84 -5.99 41.48
N GLU Q 439 16.02 -6.12 40.43
CA GLU Q 439 14.73 -5.44 40.35
C GLU Q 439 14.90 -3.94 40.55
N ALA Q 440 15.63 -3.32 39.61
CA ALA Q 440 15.99 -1.92 39.73
C ALA Q 440 14.76 -1.02 39.73
N HIS Q 441 13.69 -1.41 39.04
CA HIS Q 441 12.52 -0.55 38.91
C HIS Q 441 11.88 -0.23 40.26
N ASN Q 442 12.18 -1.02 41.29
CA ASN Q 442 11.61 -0.75 42.61
C ASN Q 442 12.13 0.55 43.20
N TYR Q 443 13.43 0.83 43.07
CA TYR Q 443 14.05 1.95 43.75
C TYR Q 443 14.74 2.95 42.84
N ILE Q 444 14.72 2.75 41.52
CA ILE Q 444 15.07 3.83 40.59
C ILE Q 444 14.00 3.88 39.50
N PRO Q 445 12.77 4.27 39.82
CA PRO Q 445 11.69 4.22 38.85
C PRO Q 445 11.58 5.52 38.03
N ARG Q 446 11.01 5.37 36.84
CA ARG Q 446 10.78 6.52 35.97
C ARG Q 446 9.75 7.46 36.57
N THR Q 447 8.60 6.92 36.97
CA THR Q 447 7.52 7.73 37.55
C THR Q 447 7.67 7.75 39.08
N GLY Q 448 8.65 8.52 39.53
CA GLY Q 448 8.93 8.64 40.94
C GLY Q 448 8.96 10.08 41.38
N GLY Q 449 8.53 10.31 42.62
CA GLY Q 449 8.50 11.64 43.18
C GLY Q 449 9.58 11.85 44.23
N ILE Q 450 9.19 11.78 45.50
CA ILE Q 450 10.12 11.96 46.61
C ILE Q 450 10.42 10.67 47.35
N GLU Q 451 9.68 9.58 47.06
CA GLU Q 451 9.91 8.32 47.77
C GLU Q 451 11.31 7.78 47.48
N PHE Q 452 11.75 7.84 46.22
CA PHE Q 452 13.07 7.37 45.83
C PHE Q 452 13.74 8.51 45.07
N LYS Q 453 14.40 9.40 45.81
CA LYS Q 453 15.13 10.53 45.23
C LYS Q 453 16.62 10.47 45.52
N ALA Q 454 17.02 10.15 46.76
CA ALA Q 454 18.43 10.00 47.06
C ALA Q 454 19.01 8.77 46.38
N ALA Q 455 18.25 7.67 46.35
CA ALA Q 455 18.73 6.46 45.70
C ALA Q 455 18.93 6.66 44.20
N LYS Q 456 18.00 7.37 43.55
CA LYS Q 456 18.17 7.65 42.13
C LYS Q 456 19.40 8.52 41.88
N LYS Q 457 19.60 9.55 42.71
CA LYS Q 457 20.74 10.43 42.51
C LYS Q 457 22.06 9.71 42.75
N SER Q 458 22.13 8.87 43.79
CA SER Q 458 23.37 8.16 44.07
C SER Q 458 23.73 7.20 42.95
N ILE Q 459 22.75 6.45 42.44
CA ILE Q 459 23.03 5.52 41.35
C ILE Q 459 23.32 6.27 40.06
N GLU Q 460 22.61 7.35 39.80
CA GLU Q 460 22.83 8.13 38.58
C GLU Q 460 24.24 8.72 38.53
N ARG Q 461 24.79 9.08 39.69
CA ARG Q 461 26.17 9.56 39.73
C ARG Q 461 27.17 8.48 39.38
N ILE Q 462 26.78 7.21 39.48
CA ILE Q 462 27.65 6.12 39.05
C ILE Q 462 27.51 5.87 37.56
N ALA Q 463 26.29 5.98 37.03
CA ALA Q 463 26.07 5.73 35.61
C ALA Q 463 26.77 6.77 34.75
N LYS Q 464 26.73 8.03 35.17
CA LYS Q 464 27.28 9.12 34.36
C LYS Q 464 28.71 9.49 34.71
N GLU Q 465 29.25 8.97 35.82
CA GLU Q 465 30.58 9.35 36.25
C GLU Q 465 31.41 8.21 36.82
N GLY Q 466 30.92 6.98 36.78
CA GLY Q 466 31.63 5.88 37.40
C GLY Q 466 32.66 5.18 36.54
N ARG Q 467 32.57 5.36 35.22
CA ARG Q 467 33.52 4.69 34.32
C ARG Q 467 34.91 5.30 34.43
N LYS Q 468 35.00 6.58 34.79
CA LYS Q 468 36.31 7.23 34.89
C LYS Q 468 37.08 6.75 36.12
N TYR Q 469 36.37 6.40 37.20
CA TYR Q 469 37.01 6.02 38.46
C TYR Q 469 36.94 4.52 38.73
N GLY Q 470 36.74 3.71 37.70
CA GLY Q 470 36.70 2.28 37.86
C GLY Q 470 35.49 1.79 38.64
N LEU Q 471 34.30 1.95 38.05
CA LEU Q 471 33.07 1.57 38.72
C LEU Q 471 32.00 1.34 37.65
N SER Q 472 31.43 0.16 37.61
CA SER Q 472 30.46 -0.22 36.59
C SER Q 472 29.11 -0.55 37.22
N LEU Q 473 28.12 -0.76 36.36
CA LEU Q 473 26.76 -1.06 36.78
C LEU Q 473 26.21 -2.22 35.95
N MET Q 474 25.27 -2.96 36.54
CA MET Q 474 24.57 -4.05 35.85
C MET Q 474 23.11 -3.96 36.26
N VAL Q 475 22.33 -3.22 35.46
CA VAL Q 475 20.91 -3.01 35.75
C VAL Q 475 20.14 -4.25 35.32
N VAL Q 476 19.62 -4.99 36.29
CA VAL Q 476 18.81 -6.18 36.03
C VAL Q 476 17.38 -5.86 36.41
N SER Q 477 16.46 -6.00 35.46
CA SER Q 477 15.06 -5.69 35.72
C SER Q 477 14.20 -6.45 34.73
N GLN Q 478 12.92 -6.59 35.09
CA GLN Q 478 11.92 -7.20 34.22
C GLN Q 478 10.87 -6.22 33.73
N ARG Q 479 10.93 -4.97 34.17
CA ARG Q 479 10.01 -3.91 33.73
C ARG Q 479 10.84 -2.72 33.30
N PRO Q 480 11.44 -2.77 32.10
CA PRO Q 480 12.27 -1.65 31.64
C PRO Q 480 11.52 -0.33 31.53
N SER Q 481 10.23 -0.39 31.20
CA SER Q 481 9.46 0.85 31.08
C SER Q 481 9.37 1.59 32.40
N GLU Q 482 9.46 0.88 33.52
CA GLU Q 482 9.43 1.54 34.83
C GLU Q 482 10.81 2.04 35.23
N VAL Q 483 11.88 1.43 34.73
CA VAL Q 483 13.23 1.85 35.06
C VAL Q 483 13.50 3.22 34.46
N SER Q 484 14.19 4.07 35.22
CA SER Q 484 14.47 5.43 34.76
C SER Q 484 15.25 5.42 33.45
N ASP Q 485 14.86 6.30 32.53
CA ASP Q 485 15.51 6.36 31.23
C ASP Q 485 16.90 6.95 31.30
N THR Q 486 17.17 7.78 32.31
CA THR Q 486 18.49 8.38 32.45
C THR Q 486 19.55 7.33 32.74
N ILE Q 487 19.19 6.27 33.44
CA ILE Q 487 20.15 5.24 33.82
C ILE Q 487 20.30 4.18 32.73
N LEU Q 488 19.19 3.72 32.16
CA LEU Q 488 19.25 2.68 31.13
C LEU Q 488 19.88 3.18 29.83
N SER Q 489 19.87 4.48 29.58
CA SER Q 489 20.43 5.01 28.35
C SER Q 489 21.95 5.00 28.33
N GLN Q 490 22.60 4.75 29.47
CA GLN Q 490 24.05 4.72 29.55
C GLN Q 490 24.64 3.33 29.38
N CYS Q 491 23.80 2.32 29.11
CA CYS Q 491 24.28 0.95 28.95
C CYS Q 491 24.69 0.71 27.51
N ASN Q 492 25.89 0.16 27.32
CA ASN Q 492 26.41 -0.11 25.99
C ASN Q 492 26.12 -1.53 25.51
N ASN Q 493 25.97 -2.48 26.43
CA ASN Q 493 25.71 -3.87 26.09
C ASN Q 493 24.40 -4.31 26.72
N PHE Q 494 23.61 -5.08 25.96
CA PHE Q 494 22.31 -5.55 26.39
C PHE Q 494 22.24 -7.06 26.24
N ILE Q 495 21.80 -7.74 27.29
CA ILE Q 495 21.51 -9.17 27.26
C ILE Q 495 20.00 -9.30 27.46
N ASN Q 496 19.28 -9.44 26.36
CA ASN Q 496 17.82 -9.44 26.37
C ASN Q 496 17.28 -10.87 26.40
N LEU Q 497 16.14 -11.03 27.06
CA LEU Q 497 15.42 -12.29 27.12
C LEU Q 497 14.00 -12.06 26.59
N ARG Q 498 13.16 -13.08 26.72
CA ARG Q 498 11.80 -13.01 26.22
C ARG Q 498 10.99 -11.92 26.90
N LEU Q 499 10.62 -10.89 26.14
CA LEU Q 499 9.80 -9.80 26.64
C LEU Q 499 8.37 -9.98 26.10
N THR Q 500 7.39 -10.01 27.00
CA THR Q 500 6.01 -10.22 26.64
C THR Q 500 5.23 -8.93 26.47
N ASN Q 501 5.44 -7.95 27.35
CA ASN Q 501 4.72 -6.69 27.26
C ASN Q 501 5.15 -5.90 26.03
N ILE Q 502 4.18 -5.28 25.36
CA ILE Q 502 4.47 -4.54 24.14
C ILE Q 502 5.26 -3.26 24.45
N ASN Q 503 4.92 -2.59 25.56
CA ASN Q 503 5.62 -1.35 25.91
C ASN Q 503 7.08 -1.61 26.21
N ASP Q 504 7.38 -2.69 26.95
CA ASP Q 504 8.77 -3.04 27.22
C ASP Q 504 9.51 -3.37 25.93
N GLN Q 505 8.86 -4.10 25.03
CA GLN Q 505 9.49 -4.43 23.75
C GLN Q 505 9.82 -3.17 22.95
N ASN Q 506 8.88 -2.22 22.89
CA ASN Q 506 9.13 -0.99 22.16
C ASN Q 506 10.25 -0.18 22.81
N TYR Q 507 10.24 -0.09 24.14
CA TYR Q 507 11.29 0.67 24.84
C TYR Q 507 12.66 0.05 24.60
N ILE Q 508 12.76 -1.27 24.63
CA ILE Q 508 14.04 -1.93 24.38
C ILE Q 508 14.45 -1.74 22.92
N LYS Q 509 13.50 -1.81 22.00
CA LYS Q 509 13.82 -1.63 20.58
C LYS Q 509 14.34 -0.22 20.30
N ASN Q 510 13.77 0.79 20.97
CA ASN Q 510 14.22 2.16 20.76
C ASN Q 510 15.58 2.45 21.37
N LEU Q 511 16.13 1.53 22.16
CA LEU Q 511 17.39 1.78 22.86
C LEU Q 511 18.56 0.95 22.35
N LEU Q 512 18.30 -0.17 21.67
CA LEU Q 512 19.38 -1.04 21.24
C LEU Q 512 20.27 -0.33 20.21
N PRO Q 513 21.60 -0.43 20.34
CA PRO Q 513 22.47 0.19 19.33
C PRO Q 513 22.25 -0.36 17.94
N ASP Q 514 21.94 -1.65 17.81
CA ASP Q 514 21.68 -2.29 16.52
C ASP Q 514 20.26 -2.85 16.59
N ASN Q 515 19.28 -2.01 16.27
CA ASN Q 515 17.86 -2.37 16.35
C ASN Q 515 17.27 -2.60 14.97
N SER Q 516 18.04 -3.22 14.08
CA SER Q 516 17.56 -3.53 12.74
C SER Q 516 16.34 -4.46 12.82
N ARG Q 517 15.66 -4.61 11.68
CA ARG Q 517 14.42 -5.37 11.64
C ARG Q 517 14.63 -6.81 12.06
N SER Q 518 15.73 -7.42 11.61
CA SER Q 518 16.02 -8.80 12.00
C SER Q 518 16.22 -8.92 13.50
N ILE Q 519 16.93 -7.98 14.11
CA ILE Q 519 17.10 -7.99 15.56
C ILE Q 519 15.79 -7.63 16.26
N SER Q 520 15.04 -6.69 15.69
CA SER Q 520 13.80 -6.23 16.33
C SER Q 520 12.77 -7.35 16.41
N GLU Q 521 12.64 -8.14 15.33
CA GLU Q 521 11.62 -9.18 15.32
C GLU Q 521 11.93 -10.32 16.28
N ILE Q 522 13.22 -10.54 16.58
CA ILE Q 522 13.62 -11.63 17.48
C ILE Q 522 13.71 -11.04 18.89
N LEU Q 523 12.57 -11.04 19.58
CA LEU Q 523 12.50 -10.59 20.97
C LEU Q 523 11.45 -11.38 21.75
N PRO Q 524 10.21 -11.52 21.27
CA PRO Q 524 9.27 -12.41 21.96
C PRO Q 524 9.42 -13.87 21.59
N THR Q 525 10.15 -14.18 20.51
CA THR Q 525 10.31 -15.55 20.06
C THR Q 525 11.26 -16.35 20.95
N LEU Q 526 12.18 -15.67 21.65
CA LEU Q 526 13.16 -16.37 22.46
C LEU Q 526 12.50 -17.26 23.50
N GLY Q 527 12.99 -18.47 23.62
CA GLY Q 527 12.42 -19.44 24.55
C GLY Q 527 12.98 -19.32 25.95
N ALA Q 528 13.33 -20.45 26.56
CA ALA Q 528 13.87 -20.49 27.91
C ALA Q 528 15.36 -20.77 27.85
N GLY Q 529 16.15 -19.95 28.54
CA GLY Q 529 17.59 -20.08 28.56
C GLY Q 529 18.30 -19.49 27.37
N GLU Q 530 17.58 -18.85 26.45
CA GLU Q 530 18.18 -18.23 25.27
C GLU Q 530 18.16 -16.71 25.46
N CYS Q 531 19.31 -16.09 25.25
CA CYS Q 531 19.47 -14.65 25.42
C CYS Q 531 20.00 -14.02 24.14
N LEU Q 532 19.49 -12.83 23.82
CA LEU Q 532 19.96 -12.07 22.68
C LEU Q 532 20.96 -11.03 23.15
N VAL Q 533 22.19 -11.13 22.66
CA VAL Q 533 23.28 -10.24 23.07
C VAL Q 533 23.46 -9.18 21.99
N VAL Q 534 23.27 -7.92 22.35
CA VAL Q 534 23.44 -6.80 21.44
C VAL Q 534 24.33 -5.77 22.13
N GLY Q 535 25.48 -5.49 21.55
CA GLY Q 535 26.38 -4.50 22.13
C GLY Q 535 27.68 -4.45 21.38
N ASP Q 536 28.58 -3.61 21.90
CA ASP Q 536 29.90 -3.43 21.31
C ASP Q 536 30.86 -4.58 21.61
N SER Q 537 30.53 -5.42 22.60
CA SER Q 537 31.41 -6.54 22.93
C SER Q 537 31.50 -7.54 21.78
N THR Q 538 30.38 -7.80 21.11
CA THR Q 538 30.36 -8.73 19.99
C THR Q 538 30.08 -8.01 18.68
N PRO Q 539 30.66 -8.46 17.57
CA PRO Q 539 30.34 -7.84 16.27
C PRO Q 539 29.04 -8.35 15.67
N ILE Q 540 28.57 -9.53 16.07
CA ILE Q 540 27.33 -10.11 15.56
C ILE Q 540 26.35 -10.24 16.72
N PRO Q 541 25.35 -9.36 16.78
CA PRO Q 541 24.30 -9.54 17.80
C PRO Q 541 23.53 -10.82 17.54
N SER Q 542 23.68 -11.78 18.45
CA SER Q 542 23.27 -13.15 18.18
C SER Q 542 22.54 -13.74 19.39
N ILE Q 543 21.89 -14.87 19.14
CA ILE Q 543 21.18 -15.62 20.17
C ILE Q 543 22.13 -16.65 20.78
N VAL Q 544 22.20 -16.69 22.10
CA VAL Q 544 23.09 -17.60 22.82
C VAL Q 544 22.26 -18.47 23.74
N LYS Q 545 22.49 -19.78 23.68
CA LYS Q 545 21.82 -20.74 24.55
C LYS Q 545 22.62 -20.81 25.85
N LEU Q 546 22.17 -20.08 26.87
CA LEU Q 546 22.87 -20.05 28.14
C LEU Q 546 22.79 -21.40 28.83
N GLU Q 547 23.84 -21.74 29.57
CA GLU Q 547 23.90 -22.98 30.32
C GLU Q 547 23.09 -22.82 31.61
N LEU Q 548 23.12 -23.84 32.46
CA LEU Q 548 22.38 -23.83 33.71
C LEU Q 548 23.33 -23.64 34.87
N PRO Q 549 23.10 -22.65 35.74
CA PRO Q 549 24.03 -22.41 36.84
C PRO Q 549 24.02 -23.53 37.86
N ASN Q 550 25.17 -23.69 38.53
CA ASN Q 550 25.33 -24.67 39.58
C ASN Q 550 26.24 -24.11 40.67
N PRO Q 551 25.71 -23.82 41.87
CA PRO Q 551 24.33 -24.00 42.32
C PRO Q 551 23.36 -22.97 41.75
N GLU Q 552 22.06 -23.24 41.81
CA GLU Q 552 20.99 -22.39 41.32
C GLU Q 552 20.48 -21.47 42.43
N PRO Q 553 19.94 -20.31 42.07
CA PRO Q 553 19.36 -19.42 43.09
C PRO Q 553 18.07 -19.97 43.66
N ARG Q 554 17.45 -19.24 44.58
CA ARG Q 554 16.19 -19.64 45.19
C ARG Q 554 15.04 -18.99 44.44
N SER Q 555 14.06 -19.81 44.04
CA SER Q 555 12.93 -19.35 43.25
C SER Q 555 11.71 -19.21 44.13
N GLN Q 556 11.09 -18.03 44.10
CA GLN Q 556 9.88 -17.75 44.89
C GLN Q 556 8.66 -17.91 43.99
N SER Q 557 8.31 -19.16 43.72
CA SER Q 557 7.16 -19.50 42.89
C SER Q 557 6.17 -20.30 43.73
N ILE Q 558 4.91 -19.86 43.73
CA ILE Q 558 3.85 -20.52 44.48
C ILE Q 558 2.98 -21.28 43.51
N LYS Q 559 2.93 -22.60 43.65
CA LYS Q 559 2.11 -23.45 42.80
C LYS Q 559 0.70 -23.47 43.38
N PHE Q 560 -0.19 -22.68 42.77
CA PHE Q 560 -1.54 -22.52 43.32
C PHE Q 560 -2.31 -23.84 43.31
N HIS Q 561 -2.24 -24.58 42.20
CA HIS Q 561 -2.99 -25.82 42.11
C HIS Q 561 -2.44 -26.88 43.05
N LYS Q 562 -1.12 -26.91 43.24
CA LYS Q 562 -0.52 -27.86 44.19
C LYS Q 562 -0.99 -27.59 45.61
N LYS Q 563 -1.04 -26.31 46.01
CA LYS Q 563 -1.49 -25.98 47.36
C LYS Q 563 -2.99 -26.19 47.51
N TRP Q 564 -3.77 -25.96 46.45
CA TRP Q 564 -5.21 -26.16 46.54
C TRP Q 564 -5.56 -27.64 46.67
N SER Q 565 -4.74 -28.53 46.11
CA SER Q 565 -5.01 -29.97 46.16
C SER Q 565 -4.80 -30.56 47.55
N GLU Q 566 -4.16 -29.82 48.45
CA GLU Q 566 -3.92 -30.32 49.80
C GLU Q 566 -5.18 -30.16 50.65
N SER Q 567 -5.08 -30.55 51.92
CA SER Q 567 -6.20 -30.42 52.84
C SER Q 567 -6.35 -28.97 53.29
N TRP Q 568 -7.42 -28.72 54.05
CA TRP Q 568 -7.70 -27.37 54.52
C TRP Q 568 -6.61 -26.89 55.46
N ARG Q 569 -6.13 -25.66 55.23
CA ARG Q 569 -5.08 -25.05 56.02
C ARG Q 569 -5.63 -23.83 56.74
N THR Q 570 -5.37 -23.74 58.04
CA THR Q 570 -5.79 -22.61 58.85
C THR Q 570 -4.57 -21.80 59.25
N PRO Q 571 -4.48 -20.53 58.87
CA PRO Q 571 -3.30 -19.73 59.19
C PRO Q 571 -3.39 -19.17 60.61
N SER Q 572 -2.29 -18.57 61.04
CA SER Q 572 -2.22 -17.91 62.35
C SER Q 572 -2.63 -16.46 62.15
N PHE Q 573 -3.92 -16.19 62.36
CA PHE Q 573 -4.42 -14.84 62.16
C PHE Q 573 -3.89 -13.86 63.20
N GLU Q 574 -3.70 -14.33 64.44
CA GLU Q 574 -3.15 -13.44 65.48
C GLU Q 574 -1.76 -12.95 65.10
N GLU Q 575 -0.92 -13.84 64.59
CA GLU Q 575 0.43 -13.45 64.21
C GLU Q 575 0.42 -12.41 63.10
N VAL Q 576 -0.39 -12.61 62.07
CA VAL Q 576 -0.39 -11.69 60.93
C VAL Q 576 -1.00 -10.35 61.33
N ILE Q 577 -2.05 -10.35 62.16
CA ILE Q 577 -2.59 -9.07 62.59
C ILE Q 577 -1.62 -8.34 63.51
N MET Q 578 -0.87 -9.07 64.34
CA MET Q 578 0.14 -8.43 65.16
C MET Q 578 1.25 -7.82 64.31
N ARG Q 579 1.68 -8.53 63.27
CA ARG Q 579 2.71 -8.01 62.39
C ARG Q 579 2.21 -6.82 61.57
N TRP Q 580 0.92 -6.82 61.20
CA TRP Q 580 0.36 -5.72 60.42
C TRP Q 580 0.16 -4.49 61.28
N ARG Q 581 -0.28 -4.66 62.53
CA ARG Q 581 -0.48 -3.52 63.41
C ARG Q 581 0.84 -2.88 63.78
N LYS Q 582 1.83 -3.68 64.16
CA LYS Q 582 3.16 -3.19 64.49
C LYS Q 582 3.99 -3.22 63.21
N GLU Q 583 3.94 -2.13 62.45
CA GLU Q 583 4.69 -2.06 61.19
C GLU Q 583 6.19 -2.14 61.43
N ASN Q 584 6.68 -1.45 62.46
CA ASN Q 584 8.09 -1.49 62.81
C ASN Q 584 8.37 -1.71 64.29
N GLY Q 585 7.42 -1.43 65.16
CA GLY Q 585 7.64 -1.62 66.60
C GLY Q 585 6.51 -1.05 67.44
N MET R 1 3.50 16.80 -38.20
CA MET R 1 4.23 15.94 -37.27
C MET R 1 5.70 16.35 -37.19
N LYS R 2 5.94 17.55 -36.65
CA LYS R 2 7.31 18.03 -36.51
C LYS R 2 8.10 17.16 -35.54
N ILE R 3 7.48 16.76 -34.43
CA ILE R 3 8.11 15.93 -33.41
C ILE R 3 7.53 14.52 -33.40
N GLY R 4 6.22 14.39 -33.18
CA GLY R 4 5.60 13.09 -33.13
C GLY R 4 4.08 13.14 -33.13
N SER R 5 3.45 12.13 -32.52
CA SER R 5 2.00 12.01 -32.50
C SER R 5 1.54 11.56 -31.13
N VAL R 6 0.29 11.85 -30.82
CA VAL R 6 -0.31 11.48 -29.54
C VAL R 6 -0.78 10.02 -29.62
N ILE R 7 -0.36 9.21 -28.65
CA ILE R 7 -0.72 7.80 -28.63
C ILE R 7 -1.81 7.54 -27.60
N GLU R 8 -1.83 8.34 -26.53
CA GLU R 8 -2.84 8.18 -25.49
C GLU R 8 -3.28 9.56 -25.00
N SER R 9 -4.58 9.68 -24.69
CA SER R 9 -5.14 10.90 -24.13
C SER R 9 -6.02 10.53 -22.95
N SER R 10 -5.80 11.20 -21.83
CA SER R 10 -6.55 11.01 -20.59
C SER R 10 -6.91 12.38 -20.04
N PRO R 11 -7.92 12.46 -19.18
CA PRO R 11 -8.33 13.77 -18.66
C PRO R 11 -7.24 14.48 -17.87
N HIS R 12 -6.23 13.74 -17.39
CA HIS R 12 -5.11 14.33 -16.67
C HIS R 12 -3.84 14.39 -17.50
N SER R 13 -3.39 13.27 -18.05
CA SER R 13 -2.12 13.18 -18.75
C SER R 13 -2.32 12.78 -20.20
N ILE R 14 -1.40 13.21 -21.05
CA ILE R 14 -1.40 12.86 -22.47
C ILE R 14 -0.04 12.25 -22.81
N LEU R 15 -0.06 11.10 -23.46
CA LEU R 15 1.15 10.40 -23.84
C LEU R 15 1.43 10.62 -25.33
N VAL R 16 2.67 11.00 -25.65
CA VAL R 16 3.08 11.36 -27.00
C VAL R 16 4.27 10.51 -27.39
N LYS R 17 4.28 10.06 -28.65
CA LYS R 17 5.35 9.22 -29.18
C LYS R 17 6.17 10.02 -30.19
N ILE R 18 7.49 10.02 -30.01
CA ILE R 18 8.39 10.69 -30.93
C ILE R 18 8.60 9.82 -32.16
N ASP R 19 8.61 10.45 -33.34
CA ASP R 19 8.57 9.70 -34.59
C ASP R 19 9.83 8.86 -34.78
N THR R 20 11.00 9.46 -34.69
CA THR R 20 12.25 8.79 -35.03
C THR R 20 13.36 9.23 -34.09
N LEU R 21 14.46 8.48 -34.13
CA LEU R 21 15.64 8.85 -33.35
C LEU R 21 16.30 10.11 -33.87
N LYS R 22 16.27 10.32 -35.19
CA LYS R 22 16.85 11.53 -35.77
C LYS R 22 16.10 12.77 -35.28
N ILE R 23 14.78 12.70 -35.24
CA ILE R 23 13.98 13.83 -34.75
C ILE R 23 14.29 14.10 -33.29
N PHE R 24 14.39 13.04 -32.49
CA PHE R 24 14.70 13.21 -31.07
C PHE R 24 16.07 13.85 -30.87
N GLU R 25 17.08 13.34 -31.56
CA GLU R 25 18.43 13.88 -31.38
C GLU R 25 18.56 15.30 -31.93
N LYS R 26 17.77 15.63 -32.95
CA LYS R 26 17.83 16.98 -33.51
C LYS R 26 17.20 18.01 -32.59
N ALA R 27 16.20 17.60 -31.80
CA ALA R 27 15.44 18.53 -30.97
C ALA R 27 15.33 18.04 -29.53
N LYS R 28 16.36 17.35 -29.02
CA LYS R 28 16.33 16.91 -27.63
C LYS R 28 16.57 18.04 -26.65
N SER R 29 17.17 19.15 -27.10
CA SER R 29 17.33 20.31 -26.23
C SER R 29 15.97 20.91 -25.86
N ALA R 30 15.05 20.96 -26.83
CA ALA R 30 13.71 21.48 -26.56
C ALA R 30 12.79 20.45 -25.93
N LEU R 31 13.15 19.18 -25.97
CA LEU R 31 12.34 18.12 -25.37
C LEU R 31 12.88 17.77 -23.98
N GLN R 32 12.80 18.75 -23.08
CA GLN R 32 13.18 18.59 -21.69
C GLN R 32 11.97 18.80 -20.80
N ILE R 33 12.09 18.36 -19.55
CA ILE R 33 10.99 18.50 -18.60
C ILE R 33 10.78 19.97 -18.29
N GLY R 34 9.53 20.43 -18.43
CA GLY R 34 9.17 21.81 -18.22
C GLY R 34 8.98 22.61 -19.49
N LYS R 35 9.43 22.11 -20.63
CA LYS R 35 9.23 22.79 -21.89
C LYS R 35 7.79 22.60 -22.38
N TYR R 36 7.41 23.40 -23.37
CA TYR R 36 6.04 23.44 -23.86
C TYR R 36 5.94 22.84 -25.25
N LEU R 37 4.80 22.23 -25.54
CA LEU R 37 4.53 21.61 -26.83
C LEU R 37 3.13 22.00 -27.29
N LYS R 38 2.92 21.90 -28.60
CA LYS R 38 1.63 22.16 -29.21
C LYS R 38 1.10 20.87 -29.83
N ILE R 39 -0.14 20.52 -29.49
CA ILE R 39 -0.82 19.36 -30.06
C ILE R 39 -2.04 19.86 -30.83
N GLN R 40 -2.08 19.56 -32.13
CA GLN R 40 -3.21 19.96 -32.95
C GLN R 40 -4.48 19.28 -32.47
N GLU R 41 -5.55 20.06 -32.35
CA GLU R 41 -6.85 19.56 -31.91
C GLU R 41 -7.88 20.04 -32.93
N GLY R 42 -8.19 19.18 -33.89
CA GLY R 42 -9.04 19.56 -35.01
C GLY R 42 -8.23 19.96 -36.21
N ASN R 43 -8.67 21.01 -36.92
CA ASN R 43 -7.93 21.53 -38.05
C ASN R 43 -7.33 22.90 -37.81
N HIS R 44 -7.84 23.66 -36.86
CA HIS R 44 -7.37 25.00 -36.58
C HIS R 44 -6.90 25.19 -35.15
N ASN R 45 -7.60 24.62 -34.18
CA ASN R 45 -7.27 24.84 -32.78
C ASN R 45 -6.02 24.07 -32.37
N PHE R 46 -5.34 24.58 -31.34
CA PHE R 46 -4.16 23.96 -30.79
C PHE R 46 -4.32 23.80 -29.29
N VAL R 47 -3.59 22.84 -28.73
CA VAL R 47 -3.57 22.59 -27.30
C VAL R 47 -2.14 22.71 -26.81
N LEU R 48 -1.90 23.63 -25.87
CA LEU R 48 -0.56 23.86 -25.33
C LEU R 48 -0.39 23.02 -24.07
N CYS R 49 0.66 22.20 -24.05
CA CYS R 49 0.94 21.31 -22.92
C CYS R 49 2.38 21.49 -22.47
N VAL R 50 2.67 20.99 -21.28
CA VAL R 50 4.00 21.05 -20.70
C VAL R 50 4.46 19.63 -20.38
N ILE R 51 5.73 19.35 -20.67
CA ILE R 51 6.28 18.01 -20.48
C ILE R 51 6.56 17.78 -19.00
N GLN R 52 6.13 16.63 -18.49
CA GLN R 52 6.45 16.25 -17.11
C GLN R 52 7.29 14.99 -17.00
N ASN R 53 7.22 14.08 -17.98
CA ASN R 53 7.97 12.83 -17.92
C ASN R 53 8.45 12.45 -19.31
N ILE R 54 9.64 11.85 -19.36
CA ILE R 54 10.24 11.36 -20.59
C ILE R 54 10.74 9.94 -20.33
N LYS R 55 10.46 9.03 -21.26
CA LYS R 55 10.94 7.65 -21.16
C LYS R 55 11.32 7.16 -22.54
N ILE R 56 12.61 6.86 -22.71
CA ILE R 56 13.13 6.30 -23.96
C ILE R 56 13.64 4.90 -23.68
N SER R 57 13.24 3.95 -24.52
CA SER R 57 13.60 2.55 -24.32
C SER R 57 13.54 1.84 -25.67
N THR R 58 13.78 0.53 -25.65
CA THR R 58 13.82 -0.29 -26.84
C THR R 58 12.66 -1.27 -26.82
N ASP R 59 11.92 -1.31 -27.92
CA ASP R 59 10.84 -2.29 -28.11
C ASP R 59 11.45 -3.62 -28.55
N LYS R 60 10.62 -4.53 -29.05
CA LYS R 60 11.11 -5.82 -29.53
C LYS R 60 12.13 -5.63 -30.64
N ASP R 61 11.87 -4.73 -31.57
CA ASP R 61 12.80 -4.45 -32.66
C ASP R 61 13.15 -2.98 -32.78
N GLU R 62 12.21 -2.09 -32.55
CA GLU R 62 12.43 -0.65 -32.70
C GLU R 62 12.64 0.00 -31.33
N ASP R 63 12.77 1.32 -31.34
CA ASP R 63 12.93 2.11 -30.14
C ASP R 63 11.69 2.99 -29.94
N ILE R 64 11.28 3.16 -28.70
CA ILE R 64 10.10 3.95 -28.36
C ILE R 64 10.53 5.11 -27.47
N PHE R 65 10.11 6.32 -27.84
CA PHE R 65 10.33 7.52 -27.05
C PHE R 65 8.97 8.11 -26.70
N ILE R 66 8.55 7.96 -25.46
CA ILE R 66 7.24 8.42 -25.01
C ILE R 66 7.41 9.63 -24.11
N LEU R 67 6.47 10.57 -24.22
CA LEU R 67 6.47 11.80 -23.44
C LEU R 67 5.13 11.95 -22.75
N THR R 68 5.14 12.15 -21.44
CA THR R 68 3.92 12.39 -20.68
C THR R 68 3.81 13.88 -20.41
N VAL R 69 2.68 14.48 -20.80
CA VAL R 69 2.50 15.92 -20.72
C VAL R 69 1.18 16.26 -20.05
N GLN R 70 1.12 17.48 -19.52
CA GLN R 70 -0.06 18.04 -18.88
C GLN R 70 -0.58 19.20 -19.71
N PRO R 71 -1.81 19.17 -20.21
CA PRO R 71 -2.36 20.32 -20.93
C PRO R 71 -2.51 21.53 -20.01
N VAL R 72 -2.15 22.70 -20.54
CA VAL R 72 -2.24 23.93 -19.78
C VAL R 72 -3.09 25.00 -20.45
N GLY R 73 -3.41 24.86 -21.74
CA GLY R 73 -4.21 25.88 -22.41
C GLY R 73 -4.60 25.42 -23.79
N ILE R 74 -5.44 26.24 -24.42
CA ILE R 74 -5.96 25.97 -25.76
C ILE R 74 -5.88 27.25 -26.59
N PHE R 75 -5.47 27.10 -27.84
CA PHE R 75 -5.43 28.21 -28.79
C PHE R 75 -6.58 28.05 -29.77
N LYS R 76 -7.57 28.95 -29.69
CA LYS R 76 -8.69 28.96 -30.62
C LYS R 76 -8.41 30.06 -31.66
N GLY R 77 -7.60 29.70 -32.65
CA GLY R 77 -7.19 30.66 -33.66
C GLY R 77 -5.94 31.41 -33.24
N GLU R 78 -6.11 32.63 -32.72
CA GLU R 78 -4.99 33.42 -32.22
C GLU R 78 -5.21 33.89 -30.79
N GLU R 79 -6.20 33.33 -30.08
CA GLU R 79 -6.50 33.70 -28.71
C GLU R 79 -6.17 32.53 -27.78
N PHE R 80 -5.40 32.81 -26.74
CA PHE R 80 -5.01 31.80 -25.77
C PHE R 80 -6.03 31.79 -24.63
N PHE R 81 -6.74 30.67 -24.49
CA PHE R 81 -7.75 30.49 -23.45
C PHE R 81 -7.19 29.51 -22.42
N GLN R 82 -6.71 30.05 -21.30
CA GLN R 82 -6.18 29.22 -20.24
C GLN R 82 -7.29 28.40 -19.59
N GLY R 83 -6.98 27.18 -19.23
CA GLY R 83 -7.92 26.29 -18.60
C GLY R 83 -7.56 24.84 -18.87
N ASN R 84 -8.57 24.04 -19.19
CA ASN R 84 -8.41 22.62 -19.46
C ASN R 84 -8.71 22.34 -20.93
N SER R 85 -7.93 21.44 -21.52
CA SER R 85 -8.13 21.07 -22.92
C SER R 85 -9.36 20.19 -23.07
N MET R 86 -9.61 19.74 -24.30
CA MET R 86 -10.77 18.92 -24.61
C MET R 86 -10.35 17.57 -25.19
N LEU R 87 -9.34 16.94 -24.58
CA LEU R 87 -8.96 15.57 -24.88
C LEU R 87 -8.59 15.39 -26.35
N PRO R 88 -7.42 15.87 -26.77
CA PRO R 88 -7.04 15.74 -28.19
C PRO R 88 -7.03 14.29 -28.64
N SER R 89 -7.49 14.07 -29.87
CA SER R 89 -7.62 12.72 -30.39
C SER R 89 -6.25 12.10 -30.62
N PRO R 90 -6.18 10.76 -30.64
CA PRO R 90 -4.90 10.10 -30.88
C PRO R 90 -4.41 10.35 -32.31
N THR R 91 -3.10 10.12 -32.49
CA THR R 91 -2.39 10.30 -33.75
C THR R 91 -2.42 11.75 -34.24
N GLU R 92 -2.70 12.70 -33.35
CA GLU R 92 -2.61 14.11 -33.73
C GLU R 92 -1.17 14.58 -33.69
N PRO R 93 -0.74 15.37 -34.68
CA PRO R 93 0.66 15.81 -34.71
C PRO R 93 1.02 16.71 -33.52
N VAL R 94 2.28 16.65 -33.12
CA VAL R 94 2.81 17.43 -32.02
C VAL R 94 3.97 18.26 -32.53
N PHE R 95 3.94 19.57 -32.25
CA PHE R 95 4.94 20.50 -32.73
C PHE R 95 5.62 21.21 -31.56
N LEU R 96 6.85 21.66 -31.81
CA LEU R 96 7.53 22.51 -30.85
C LEU R 96 6.92 23.91 -30.85
N VAL R 97 6.83 24.52 -29.68
CA VAL R 97 6.27 25.85 -29.53
C VAL R 97 7.35 26.87 -29.81
N GLU R 98 6.97 27.98 -30.45
CA GLU R 98 7.89 29.07 -30.74
C GLU R 98 7.95 30.04 -29.57
N ASP R 99 9.02 30.85 -29.55
CA ASP R 99 9.21 31.79 -28.46
C ASP R 99 8.19 32.93 -28.51
N ASP R 100 7.73 33.29 -29.70
CA ASP R 100 6.77 34.38 -29.81
C ASP R 100 5.44 34.03 -29.16
N ILE R 101 5.01 32.77 -29.30
CA ILE R 101 3.76 32.34 -28.68
C ILE R 101 3.86 32.40 -27.16
N LEU R 102 4.99 31.94 -26.60
CA LEU R 102 5.18 31.97 -25.16
C LEU R 102 5.20 33.40 -24.64
N ASN R 103 5.85 34.32 -25.35
CA ASN R 103 5.90 35.71 -24.92
C ASN R 103 4.53 36.39 -25.05
N LYS R 104 3.60 35.80 -25.81
CA LYS R 104 2.24 36.31 -25.88
C LYS R 104 1.36 35.80 -24.74
N ILE R 105 1.89 34.94 -23.89
CA ILE R 105 1.14 34.38 -22.75
C ILE R 105 1.62 34.99 -21.43
N PHE R 106 2.92 34.89 -21.15
CA PHE R 106 3.43 35.41 -19.88
C PHE R 106 3.53 36.92 -19.91
N SER R 107 3.95 37.50 -21.04
CA SER R 107 4.17 38.93 -21.17
C SER R 107 3.00 39.65 -21.82
N ASN R 108 1.77 39.17 -21.61
CA ASN R 108 0.58 39.79 -22.18
C ASN R 108 -0.09 40.65 -21.11
N GLU R 109 0.43 41.88 -20.98
CA GLU R 109 -0.11 42.84 -20.02
C GLU R 109 -0.26 44.20 -20.70
N LYS R 110 -1.24 44.97 -20.25
CA LYS R 110 -1.54 46.28 -20.80
C LYS R 110 -1.43 47.33 -19.70
N THR R 111 -0.37 48.13 -19.74
CA THR R 111 -0.09 49.21 -18.80
C THR R 111 -0.02 48.73 -17.35
N LYS R 112 0.07 47.42 -17.13
CA LYS R 112 0.21 46.86 -15.78
C LYS R 112 1.28 45.77 -15.78
N ILE R 113 2.33 45.95 -16.54
CA ILE R 113 3.36 44.94 -16.75
C ILE R 113 4.53 45.23 -15.81
N PHE R 114 4.99 44.19 -15.11
CA PHE R 114 6.15 44.28 -14.23
C PHE R 114 7.12 43.17 -14.62
N HIS R 115 8.21 43.53 -15.28
CA HIS R 115 9.21 42.56 -15.71
C HIS R 115 9.98 42.04 -14.50
N LEU R 116 9.70 40.81 -14.10
CA LEU R 116 10.39 40.21 -12.97
C LEU R 116 11.70 39.54 -13.37
N GLY R 117 11.75 38.94 -14.55
CA GLY R 117 12.96 38.29 -15.03
C GLY R 117 12.75 37.47 -16.29
N ASN R 118 13.37 36.31 -16.35
CA ASN R 118 13.25 35.40 -17.48
C ASN R 118 12.99 33.99 -16.96
N LEU R 119 12.29 33.20 -17.78
CA LEU R 119 11.98 31.82 -17.40
C LEU R 119 13.26 31.01 -17.26
N ALA R 120 13.29 30.16 -16.22
CA ALA R 120 14.48 29.35 -15.96
C ALA R 120 14.75 28.38 -17.10
N GLN R 121 13.69 27.72 -17.61
CA GLN R 121 13.88 26.74 -18.67
C GLN R 121 14.16 27.40 -20.01
N ASN R 122 13.48 28.52 -20.30
CA ASN R 122 13.65 29.25 -21.54
C ASN R 122 14.10 30.67 -21.22
N GLU R 123 15.36 30.97 -21.51
CA GLU R 123 15.93 32.27 -21.16
C GLU R 123 15.54 33.38 -22.15
N GLU R 124 14.91 33.04 -23.27
CA GLU R 124 14.47 34.02 -24.24
C GLU R 124 13.03 34.48 -24.02
N VAL R 125 12.39 34.02 -22.95
CA VAL R 125 11.01 34.38 -22.62
C VAL R 125 11.02 35.27 -21.39
N SER R 126 10.37 36.43 -21.49
CA SER R 126 10.30 37.37 -20.39
C SER R 126 9.08 37.09 -19.53
N PHE R 127 9.29 37.03 -18.22
CA PHE R 127 8.22 36.77 -17.27
C PHE R 127 7.75 38.08 -16.66
N THR R 128 6.44 38.34 -16.77
CA THR R 128 5.85 39.59 -16.31
C THR R 128 4.70 39.30 -15.36
N LEU R 129 4.57 40.13 -14.33
CA LEU R 129 3.47 40.04 -13.38
C LEU R 129 2.56 41.25 -13.51
N ASP R 130 1.38 41.14 -12.90
CA ASP R 130 0.44 42.26 -12.82
C ASP R 130 0.83 43.11 -11.61
N GLY R 131 1.32 44.33 -11.89
CA GLY R 131 1.79 45.18 -10.81
C GLY R 131 0.68 45.61 -9.87
N ASP R 132 -0.51 45.88 -10.41
CA ASP R 132 -1.62 46.31 -9.58
C ASP R 132 -2.16 45.21 -8.68
N LYS R 133 -1.81 43.95 -8.97
CA LYS R 133 -2.21 42.84 -8.11
C LYS R 133 -1.06 42.32 -7.26
N PHE R 134 0.17 42.75 -7.53
CA PHE R 134 1.34 42.29 -6.79
C PHE R 134 1.69 43.23 -5.64
N PHE R 135 1.98 44.49 -5.95
CA PHE R 135 2.42 45.45 -4.94
C PHE R 135 1.27 46.05 -4.15
N SER R 136 0.04 45.94 -4.65
CA SER R 136 -1.11 46.48 -3.92
C SER R 136 -1.50 45.59 -2.74
N LYS R 137 -1.05 44.35 -2.70
CA LYS R 137 -1.31 43.44 -1.60
C LYS R 137 0.02 43.02 -0.96
N HIS R 138 -0.09 42.31 0.15
CA HIS R 138 1.08 41.93 0.92
C HIS R 138 1.88 40.86 0.17
N VAL R 139 3.21 41.00 0.20
CA VAL R 139 4.12 40.10 -0.51
C VAL R 139 5.05 39.47 0.51
N ALA R 140 5.32 38.17 0.32
CA ALA R 140 6.23 37.43 1.18
C ALA R 140 7.42 36.96 0.34
N VAL R 141 8.62 37.34 0.76
CA VAL R 141 9.86 36.97 0.07
C VAL R 141 10.67 36.13 1.04
N VAL R 142 10.58 34.81 0.93
CA VAL R 142 11.29 33.90 1.80
C VAL R 142 12.46 33.29 1.03
N GLY R 143 13.37 32.65 1.77
CA GLY R 143 14.53 32.06 1.16
C GLY R 143 15.50 31.55 2.22
N SER R 144 16.77 31.47 1.84
CA SER R 144 17.81 30.99 2.74
C SER R 144 19.14 31.57 2.30
N THR R 145 20.16 31.36 3.14
CA THR R 145 21.48 31.85 2.84
C THR R 145 22.06 31.14 1.62
N GLY R 146 22.73 31.91 0.76
CA GLY R 146 23.31 31.39 -0.44
C GLY R 146 22.40 31.39 -1.65
N SER R 147 21.12 31.70 -1.48
CA SER R 147 20.17 31.77 -2.58
C SER R 147 20.00 33.16 -3.14
N GLY R 148 20.72 34.15 -2.61
CA GLY R 148 20.59 35.52 -3.07
C GLY R 148 19.26 36.16 -2.77
N LYS R 149 18.73 35.95 -1.56
CA LYS R 149 17.48 36.59 -1.18
C LYS R 149 17.61 38.11 -1.17
N SER R 150 18.71 38.62 -0.61
CA SER R 150 18.94 40.06 -0.61
C SER R 150 19.09 40.58 -2.04
N CYS R 151 19.78 39.81 -2.89
CA CYS R 151 19.93 40.22 -4.29
C CYS R 151 18.58 40.27 -4.99
N ALA R 152 17.72 39.28 -4.74
CA ALA R 152 16.39 39.27 -5.37
C ALA R 152 15.56 40.46 -4.89
N VAL R 153 15.59 40.74 -3.59
CA VAL R 153 14.82 41.87 -3.06
C VAL R 153 15.33 43.18 -3.64
N ALA R 154 16.66 43.33 -3.71
CA ALA R 154 17.24 44.54 -4.28
C ALA R 154 16.88 44.69 -5.75
N LYS R 155 16.90 43.60 -6.51
CA LYS R 155 16.53 43.66 -7.92
C LYS R 155 15.08 44.07 -8.09
N ILE R 156 14.18 43.52 -7.27
CA ILE R 156 12.77 43.88 -7.35
C ILE R 156 12.58 45.35 -7.01
N LEU R 157 13.23 45.83 -5.95
CA LEU R 157 13.10 47.23 -5.57
C LEU R 157 13.66 48.16 -6.63
N GLN R 158 14.80 47.79 -7.23
CA GLN R 158 15.38 48.60 -8.29
C GLN R 158 14.48 48.65 -9.52
N ASN R 159 13.85 47.54 -9.86
CA ASN R 159 12.87 47.54 -10.95
C ASN R 159 11.69 48.44 -10.61
N VAL R 160 11.27 48.43 -9.33
CA VAL R 160 10.16 49.29 -8.91
C VAL R 160 10.54 50.76 -9.07
N VAL R 161 11.72 51.14 -8.62
CA VAL R 161 12.08 52.55 -8.59
C VAL R 161 12.68 53.03 -9.91
N GLY R 162 13.29 52.14 -10.68
CA GLY R 162 13.81 52.53 -11.98
C GLY R 162 15.31 52.64 -12.06
N ILE R 163 16.02 51.75 -11.37
CA ILE R 163 17.47 51.69 -11.41
C ILE R 163 17.85 50.51 -12.31
N ASN R 164 18.30 50.81 -13.52
CA ASN R 164 18.68 49.79 -14.49
C ASN R 164 20.12 50.04 -14.92
N ASP R 165 20.98 49.02 -14.74
CA ASP R 165 22.39 49.11 -15.10
C ASP R 165 23.06 50.31 -14.44
N ALA R 166 22.77 50.52 -13.16
CA ALA R 166 23.32 51.62 -12.37
C ALA R 166 22.99 52.98 -12.96
N ARG R 167 21.82 53.10 -13.59
CA ARG R 167 21.34 54.35 -14.15
C ARG R 167 19.89 54.57 -13.74
N ASN R 168 19.53 55.84 -13.57
CA ASN R 168 18.15 56.22 -13.26
C ASN R 168 17.43 56.50 -14.57
N ILE R 169 16.47 55.65 -14.91
CA ILE R 169 15.75 55.81 -16.18
C ILE R 169 14.89 57.08 -16.15
N ASN R 170 14.33 57.41 -14.99
CA ASN R 170 13.43 58.56 -14.87
C ASN R 170 14.20 59.80 -14.42
N LYS R 171 15.19 60.17 -15.24
CA LYS R 171 16.02 61.33 -14.91
C LYS R 171 15.29 62.63 -15.15
N SER R 172 14.56 62.74 -16.25
CA SER R 172 13.88 64.00 -16.59
C SER R 172 12.75 64.29 -15.62
N ASP R 173 11.89 63.29 -15.37
CA ASP R 173 10.78 63.43 -14.44
C ASP R 173 10.87 62.31 -13.42
N LYS R 174 10.77 62.65 -12.14
CA LYS R 174 10.94 61.68 -11.07
C LYS R 174 9.60 61.08 -10.70
N LYS R 175 9.54 59.74 -10.71
CA LYS R 175 8.28 59.03 -10.55
C LYS R 175 7.83 59.02 -9.09
N ASN R 176 6.58 58.59 -8.89
CA ASN R 176 5.93 58.63 -7.59
C ASN R 176 6.01 57.25 -6.91
N SER R 177 7.24 56.83 -6.61
CA SER R 177 7.49 55.56 -5.94
C SER R 177 7.92 55.82 -4.51
N HIS R 178 7.23 55.16 -3.56
CA HIS R 178 7.52 55.32 -2.14
C HIS R 178 7.76 53.95 -1.54
N ILE R 179 8.95 53.75 -0.98
CA ILE R 179 9.33 52.49 -0.33
C ILE R 179 10.10 52.82 0.94
N ILE R 180 9.73 52.16 2.03
CA ILE R 180 10.41 52.30 3.32
C ILE R 180 10.95 50.94 3.71
N ILE R 181 12.26 50.86 3.94
CA ILE R 181 12.94 49.61 4.25
C ILE R 181 13.40 49.64 5.69
N PHE R 182 13.13 48.56 6.42
CA PHE R 182 13.61 48.39 7.79
C PHE R 182 14.80 47.41 7.74
N ASP R 183 16.00 47.96 7.77
CA ASP R 183 17.23 47.18 7.64
C ASP R 183 17.94 47.14 8.98
N ILE R 184 18.19 45.93 9.48
CA ILE R 184 18.88 45.72 10.74
C ILE R 184 20.30 45.24 10.56
N HIS R 185 20.74 45.04 9.32
CA HIS R 185 22.10 44.57 9.04
C HIS R 185 22.92 45.57 8.22
N SER R 186 22.32 46.68 7.80
CA SER R 186 23.01 47.72 7.01
C SER R 186 23.63 47.12 5.75
N GLU R 187 22.76 46.58 4.89
CA GLU R 187 23.22 45.90 3.68
C GLU R 187 22.43 46.32 2.44
N TYR R 188 21.67 47.42 2.50
CA TYR R 188 20.86 47.85 1.37
C TYR R 188 21.19 49.26 0.88
N LYS R 189 22.09 49.98 1.55
CA LYS R 189 22.46 51.31 1.08
C LYS R 189 23.21 51.24 -0.25
N SER R 190 24.00 50.19 -0.47
CA SER R 190 24.77 50.09 -1.70
C SER R 190 23.87 49.93 -2.92
N ALA R 191 22.77 49.19 -2.78
CA ALA R 191 21.89 48.92 -3.91
C ALA R 191 21.18 50.17 -4.42
N PHE R 192 21.15 51.25 -3.63
CA PHE R 192 20.46 52.47 -4.03
C PHE R 192 21.37 53.69 -4.01
N GLU R 193 22.69 53.51 -3.91
CA GLU R 193 23.65 54.61 -3.91
C GLU R 193 24.35 54.63 -5.26
N ILE R 194 23.88 55.50 -6.15
CA ILE R 194 24.47 55.64 -7.48
C ILE R 194 25.09 57.01 -7.63
N ASP R 195 25.70 57.28 -8.78
CA ASP R 195 26.39 58.54 -9.00
C ASP R 195 25.43 59.72 -8.91
N LYS R 196 25.95 60.84 -8.42
CA LYS R 196 25.12 62.03 -8.24
C LYS R 196 24.64 62.63 -9.55
N ASN R 197 25.25 62.26 -10.68
CA ASN R 197 24.80 62.76 -11.97
C ASN R 197 23.44 62.20 -12.36
N GLU R 198 23.01 61.10 -11.75
CA GLU R 198 21.72 60.50 -12.06
C GLU R 198 20.56 61.18 -11.34
N ASP R 199 20.84 62.09 -10.40
CA ASP R 199 19.82 62.83 -9.67
C ASP R 199 18.85 61.90 -8.96
N PHE R 200 19.38 60.83 -8.36
CA PHE R 200 18.61 59.88 -7.57
C PHE R 200 19.18 59.89 -6.16
N ASN R 201 18.38 60.38 -5.20
CA ASN R 201 18.80 60.49 -3.81
C ASN R 201 18.08 59.47 -2.95
N LEU R 202 18.77 59.02 -1.91
CA LEU R 202 18.28 57.99 -1.00
C LEU R 202 18.21 58.54 0.41
N ASN R 203 17.08 58.31 1.09
CA ASN R 203 16.87 58.81 2.45
C ASN R 203 17.37 57.74 3.42
N TYR R 204 18.67 57.76 3.70
CA TYR R 204 19.29 56.80 4.59
C TYR R 204 19.31 57.38 6.00
N LEU R 205 18.47 56.83 6.88
CA LEU R 205 18.35 57.30 8.25
C LEU R 205 19.00 56.28 9.19
N ASP R 206 20.15 56.64 9.74
CA ASP R 206 20.84 55.82 10.73
C ASP R 206 20.62 56.42 12.11
N VAL R 207 21.27 55.82 13.11
CA VAL R 207 21.08 56.27 14.49
C VAL R 207 21.58 57.70 14.67
N GLU R 208 22.54 58.13 13.85
CA GLU R 208 23.05 59.49 13.97
C GLU R 208 22.10 60.52 13.38
N LYS R 209 21.46 60.19 12.25
CA LYS R 209 20.59 61.13 11.55
C LYS R 209 19.12 60.93 11.87
N LEU R 210 18.77 60.02 12.78
CA LEU R 210 17.38 59.78 13.12
C LEU R 210 16.96 60.67 14.28
N LYS R 211 15.74 61.21 14.19
CA LYS R 211 15.19 62.11 15.20
C LYS R 211 13.78 61.63 15.56
N LEU R 212 13.68 60.81 16.59
CA LEU R 212 12.40 60.35 17.11
C LEU R 212 12.21 60.88 18.52
N PRO R 213 11.46 61.95 18.71
CA PRO R 213 11.26 62.49 20.06
C PRO R 213 10.53 61.50 20.95
N TYR R 214 10.86 61.53 22.25
CA TYR R 214 10.25 60.63 23.21
C TYR R 214 8.81 60.99 23.53
N TRP R 215 8.42 62.25 23.38
CA TRP R 215 7.07 62.66 23.76
C TRP R 215 6.00 62.15 22.79
N LEU R 216 6.41 61.58 21.65
CA LEU R 216 5.46 61.03 20.69
C LEU R 216 5.00 59.63 21.06
N MET R 217 5.52 59.04 22.12
CA MET R 217 5.19 57.68 22.51
C MET R 217 3.96 57.67 23.41
N ASN R 218 3.32 56.50 23.48
CA ASN R 218 2.13 56.30 24.30
C ASN R 218 2.54 55.79 25.69
N SER R 219 1.56 55.36 26.47
CA SER R 219 1.83 54.90 27.84
C SER R 219 2.71 53.66 27.84
N GLU R 220 2.42 52.70 26.97
CA GLU R 220 3.17 51.45 26.97
C GLU R 220 4.63 51.67 26.60
N GLU R 221 4.89 52.49 25.57
CA GLU R 221 6.26 52.73 25.15
C GLU R 221 7.03 53.56 26.17
N LEU R 222 6.35 54.54 26.80
CA LEU R 222 7.01 55.35 27.82
C LEU R 222 7.38 54.50 29.03
N GLU R 223 6.49 53.60 29.46
CA GLU R 223 6.76 52.78 30.63
C GLU R 223 7.73 51.63 30.34
N THR R 224 7.88 51.24 29.08
CA THR R 224 8.86 50.23 28.70
C THR R 224 10.25 50.81 28.44
N LEU R 225 10.40 52.12 28.55
CA LEU R 225 11.69 52.78 28.37
C LEU R 225 12.25 53.35 29.67
N PHE R 226 11.40 53.88 30.54
CA PHE R 226 11.82 54.49 31.80
C PHE R 226 11.53 53.63 33.02
N ILE R 227 10.33 53.07 33.11
CA ILE R 227 9.92 52.36 34.32
C ILE R 227 10.30 50.89 34.26
N GLU R 228 10.07 50.23 33.13
CA GLU R 228 10.30 48.79 33.06
C GLU R 228 11.77 48.46 33.27
N SER R 229 12.01 47.44 34.09
CA SER R 229 13.35 46.94 34.35
C SER R 229 13.25 45.46 34.70
N ASN R 230 14.37 44.89 35.15
CA ASN R 230 14.40 43.50 35.57
C ASN R 230 14.14 43.33 37.07
N GLU R 231 13.89 44.42 37.79
CA GLU R 231 13.60 44.37 39.21
C GLU R 231 12.09 44.48 39.44
N GLN R 232 11.70 44.52 40.71
CA GLN R 232 10.31 44.66 41.09
C GLN R 232 9.97 46.13 41.27
N ASN R 233 8.95 46.60 40.57
CA ASN R 233 8.54 47.99 40.66
C ASN R 233 8.03 48.31 42.06
N SER R 234 8.54 49.39 42.64
CA SER R 234 8.15 49.78 43.98
C SER R 234 6.73 50.36 43.99
N HIS R 235 6.13 50.34 45.18
CA HIS R 235 4.79 50.90 45.33
C HIS R 235 4.82 52.40 45.10
N ASN R 236 3.75 52.91 44.48
CA ASN R 236 3.57 54.35 44.23
C ASN R 236 4.68 54.92 43.35
N GLN R 237 5.26 54.09 42.48
CA GLN R 237 6.30 54.54 41.55
C GLN R 237 5.75 54.89 40.19
N VAL R 238 4.93 54.01 39.60
CA VAL R 238 4.33 54.29 38.30
C VAL R 238 3.35 55.45 38.40
N SER R 239 2.58 55.51 39.49
CA SER R 239 1.57 56.56 39.64
C SER R 239 2.20 57.95 39.67
N GLN R 240 3.28 58.11 40.44
CA GLN R 240 3.92 59.41 40.54
C GLN R 240 4.54 59.84 39.21
N PHE R 241 5.18 58.90 38.51
CA PHE R 241 5.74 59.21 37.19
C PHE R 241 4.65 59.62 36.22
N LYS R 242 3.53 58.89 36.21
CA LYS R 242 2.42 59.24 35.32
C LYS R 242 1.85 60.61 35.66
N ARG R 243 1.68 60.89 36.95
CA ARG R 243 1.14 62.20 37.35
C ARG R 243 2.08 63.33 36.96
N ALA R 244 3.38 63.14 37.16
CA ALA R 244 4.35 64.17 36.77
C ALA R 244 4.35 64.38 35.26
N VAL R 245 4.26 63.29 34.49
CA VAL R 245 4.23 63.42 33.04
C VAL R 245 3.00 64.18 32.59
N VAL R 246 1.84 63.86 33.17
CA VAL R 246 0.60 64.56 32.82
C VAL R 246 0.71 66.04 33.18
N LEU R 247 1.26 66.34 34.36
CA LEU R 247 1.40 67.74 34.77
C LEU R 247 2.32 68.50 33.84
N ASN R 248 3.44 67.90 33.45
CA ASN R 248 4.36 68.56 32.52
C ASN R 248 3.71 68.77 31.16
N LYS R 249 2.99 67.77 30.67
CA LYS R 249 2.31 67.89 29.39
C LYS R 249 1.28 69.02 29.41
N GLU R 250 0.52 69.11 30.50
CA GLU R 250 -0.46 70.19 30.62
C GLU R 250 0.22 71.55 30.71
N LYS R 251 1.33 71.64 31.45
CA LYS R 251 2.02 72.91 31.61
C LYS R 251 2.59 73.40 30.28
N TYR R 252 3.23 72.51 29.53
CA TYR R 252 3.89 72.93 28.29
C TYR R 252 2.92 73.07 27.12
N ASN R 253 1.68 72.60 27.25
CA ASN R 253 0.68 72.68 26.19
C ASN R 253 -0.61 73.25 26.78
N PRO R 254 -0.67 74.57 26.98
CA PRO R 254 -1.88 75.16 27.57
C PRO R 254 -3.03 75.31 26.58
N GLU R 255 -2.69 75.46 25.30
CA GLU R 255 -3.72 75.67 24.28
C GLU R 255 -4.60 74.42 24.12
N PHE R 256 -4.01 73.24 24.27
CA PHE R 256 -4.76 72.01 24.09
C PHE R 256 -5.83 71.86 25.17
N LYS R 257 -7.00 71.39 24.77
CA LYS R 257 -8.13 71.29 25.70
C LYS R 257 -7.97 70.09 26.65
N LYS R 258 -7.92 68.89 26.09
CA LYS R 258 -7.80 67.67 26.88
C LYS R 258 -6.43 67.06 26.66
N ILE R 259 -5.69 66.87 27.75
CA ILE R 259 -4.35 66.29 27.72
C ILE R 259 -4.35 65.07 28.62
N THR R 260 -3.90 63.94 28.09
CA THR R 260 -3.85 62.68 28.83
C THR R 260 -2.43 62.14 28.79
N TYR R 261 -2.25 60.96 29.39
CA TYR R 261 -0.95 60.31 29.46
C TYR R 261 -0.50 59.74 28.12
N ASP R 262 -1.42 59.61 27.16
CA ASP R 262 -1.10 59.11 25.83
C ASP R 262 -1.07 60.20 24.76
N SER R 263 -1.31 61.45 25.14
CA SER R 263 -1.37 62.53 24.17
C SER R 263 0.02 62.84 23.62
N PRO R 264 0.24 62.77 22.31
CA PRO R 264 1.57 63.08 21.77
C PRO R 264 1.90 64.56 21.81
N VAL R 265 2.20 65.08 23.01
CA VAL R 265 2.53 66.48 23.19
C VAL R 265 3.84 66.58 23.95
N TYR R 266 4.52 67.72 23.78
CA TYR R 266 5.85 67.88 24.34
C TYR R 266 5.81 67.97 25.86
N PHE R 267 6.78 67.32 26.50
CA PHE R 267 6.98 67.43 27.93
C PHE R 267 8.46 67.19 28.22
N ASN R 268 9.02 67.98 29.13
CA ASN R 268 10.44 67.90 29.44
C ASN R 268 10.70 66.75 30.40
N ILE R 269 11.44 65.74 29.95
CA ILE R 269 11.73 64.59 30.79
C ILE R 269 12.65 64.97 31.94
N ASN R 270 13.53 65.95 31.73
CA ASN R 270 14.40 66.42 32.81
C ASN R 270 13.57 67.06 33.93
N GLU R 271 12.51 67.78 33.57
CA GLU R 271 11.63 68.35 34.58
C GLU R 271 10.92 67.24 35.37
N VAL R 272 10.53 66.16 34.70
CA VAL R 272 9.92 65.03 35.41
C VAL R 272 10.94 64.40 36.35
N PHE R 273 12.19 64.28 35.91
CA PHE R 273 13.24 63.75 36.78
C PHE R 273 13.45 64.65 37.99
N ASN R 274 13.40 65.97 37.78
CA ASN R 274 13.52 66.90 38.89
C ASN R 274 12.35 66.76 39.86
N TYR R 275 11.13 66.58 39.33
CA TYR R 275 9.97 66.39 40.18
C TYR R 275 10.10 65.13 41.03
N ILE R 276 10.56 64.04 40.42
CA ILE R 276 10.79 62.81 41.19
C ILE R 276 11.93 63.00 42.18
N TYR R 277 12.93 63.82 41.84
CA TYR R 277 14.04 64.06 42.74
C TYR R 277 13.61 64.79 44.00
N ASN R 278 12.42 65.39 44.01
CA ASN R 278 11.83 65.95 45.22
C ASN R 278 11.31 64.88 46.16
N LEU R 279 11.72 63.65 45.87
CA LEU R 279 11.64 62.51 46.77
C LEU R 279 12.00 62.92 48.19
N ASN R 280 13.03 63.76 48.32
CA ASN R 280 13.50 64.20 49.63
C ASN R 280 12.58 65.25 50.22
N GLU R 281 11.37 64.85 50.59
CA GLU R 281 10.45 65.71 51.34
C GLU R 281 10.54 65.31 52.81
N GLU R 282 10.83 66.29 53.66
CA GLU R 282 11.12 66.03 55.06
C GLU R 282 10.19 66.74 56.03
N VAL R 283 9.18 67.45 55.54
CA VAL R 283 8.45 68.41 56.37
C VAL R 283 6.94 68.29 56.27
N ILE R 284 6.43 67.21 55.67
CA ILE R 284 4.99 67.07 55.55
C ILE R 284 4.59 65.61 55.32
N ASN R 285 3.61 65.13 56.09
CA ASN R 285 2.95 63.85 55.81
C ASN R 285 1.49 64.07 55.46
N LYS R 286 0.72 64.67 56.37
CA LYS R 286 -0.68 64.99 56.11
C LYS R 286 -1.11 66.33 56.67
N ILE R 287 -0.44 66.85 57.70
CA ILE R 287 -0.80 68.09 58.38
C ILE R 287 -2.22 67.97 58.94
N GLU R 288 -2.33 67.65 60.23
CA GLU R 288 -3.64 67.47 60.86
C GLU R 288 -4.36 68.81 60.99
N GLY R 289 -5.69 68.75 60.90
CA GLY R 289 -6.53 69.92 61.06
C GLY R 289 -6.80 70.68 59.78
N GLU R 290 -6.14 70.33 58.67
CA GLU R 290 -6.34 71.00 57.40
C GLU R 290 -6.41 69.95 56.30
N PRO R 291 -7.24 70.17 55.28
CA PRO R 291 -7.38 69.18 54.20
C PRO R 291 -6.06 68.93 53.46
N SER R 292 -5.50 69.97 52.86
CA SER R 292 -4.23 69.84 52.15
C SER R 292 -3.57 71.22 52.12
N LEU R 293 -2.57 71.41 52.98
CA LEU R 293 -1.81 72.66 53.02
C LEU R 293 -0.32 72.34 53.04
N PRO R 294 0.51 73.23 52.50
CA PRO R 294 1.94 72.95 52.38
C PRO R 294 2.74 73.31 53.62
N LYS R 295 3.90 72.64 53.74
CA LYS R 295 4.85 72.93 54.81
C LYS R 295 6.28 72.90 54.28
N LEU R 296 6.46 73.02 52.97
CA LEU R 296 7.75 72.79 52.35
C LEU R 296 8.81 73.75 52.86
N SER R 297 10.03 73.26 53.01
CA SER R 297 11.15 74.08 53.46
C SER R 297 11.92 74.67 52.28
N ASN R 298 11.18 75.31 51.37
CA ASN R 298 11.76 76.17 50.33
C ASN R 298 11.22 77.57 50.58
N GLY R 299 12.11 78.52 50.83
CA GLY R 299 11.68 79.79 51.37
C GLY R 299 11.18 79.58 52.78
N GLU R 300 9.89 79.81 53.02
CA GLU R 300 9.29 79.47 54.31
C GLU R 300 8.22 78.41 54.16
N LEU R 301 7.17 78.65 53.37
CA LEU R 301 6.01 77.76 53.28
C LEU R 301 5.48 77.71 51.86
N VAL R 302 6.37 77.58 50.88
CA VAL R 302 6.00 77.66 49.48
C VAL R 302 4.87 76.67 49.18
N GLU R 303 3.85 77.15 48.46
CA GLU R 303 2.61 76.41 48.26
C GLU R 303 2.61 75.60 46.97
N ASN R 304 2.75 76.28 45.83
CA ASN R 304 2.64 75.61 44.54
C ASN R 304 3.79 74.64 44.34
N ARG R 305 3.47 73.45 43.84
CA ARG R 305 4.46 72.42 43.59
C ARG R 305 5.01 72.44 42.17
N GLN R 306 4.60 73.41 41.34
CA GLN R 306 5.14 73.52 40.00
C GLN R 306 6.61 73.92 39.99
N ILE R 307 7.11 74.48 41.09
CA ILE R 307 8.52 74.82 41.20
C ILE R 307 9.41 73.60 41.33
N TYR R 308 8.81 72.42 41.57
CA TYR R 308 9.59 71.19 41.62
C TYR R 308 10.30 70.92 40.29
N PHE R 309 9.66 71.28 39.18
CA PHE R 309 10.24 71.01 37.87
C PHE R 309 11.47 71.87 37.62
N ASN R 310 11.44 73.14 38.03
CA ASN R 310 12.47 74.09 37.62
C ASN R 310 13.82 73.74 38.22
N GLU R 311 13.86 73.38 39.50
CA GLU R 311 15.12 73.14 40.19
C GLU R 311 15.01 71.85 41.00
N LYS R 312 16.15 71.40 41.52
CA LYS R 312 16.18 70.20 42.35
C LYS R 312 15.68 70.46 43.77
N LEU R 313 15.97 71.65 44.32
CA LEU R 313 15.53 72.07 45.65
C LEU R 313 16.21 71.28 46.76
N GLU R 314 16.40 71.91 47.91
CA GLU R 314 16.95 71.28 49.10
C GLU R 314 16.11 71.67 50.31
N PHE R 315 15.83 70.70 51.17
CA PHE R 315 14.95 70.89 52.31
C PHE R 315 15.72 70.69 53.61
N THR R 316 15.06 71.01 54.72
CA THR R 316 15.66 70.92 56.04
C THR R 316 15.47 69.51 56.60
N SER R 317 15.79 69.32 57.87
CA SER R 317 15.65 68.04 58.55
C SER R 317 14.32 67.95 59.27
N SER R 318 14.03 66.76 59.79
CA SER R 318 12.78 66.49 60.49
C SER R 318 12.87 66.73 61.99
N ASN R 319 14.02 67.19 62.49
CA ASN R 319 14.17 67.44 63.92
C ASN R 319 13.63 68.81 64.30
N THR R 320 12.38 69.09 63.91
CA THR R 320 11.73 70.34 64.21
C THR R 320 10.24 70.18 63.95
N SER R 321 9.47 71.19 64.33
CA SER R 321 8.03 71.17 64.13
C SER R 321 7.50 72.60 64.22
N LYS R 322 6.22 72.74 63.93
CA LYS R 322 5.53 74.03 63.98
C LYS R 322 4.08 73.76 64.35
N ALA R 323 3.21 74.74 64.10
CA ALA R 323 1.78 74.53 64.33
C ALA R 323 1.24 73.35 63.54
N THR R 324 1.89 73.01 62.43
CA THR R 324 1.56 71.85 61.62
C THR R 324 2.65 70.78 61.78
N LYS R 325 2.50 69.69 61.03
CA LYS R 325 3.41 68.57 61.12
C LYS R 325 4.64 68.81 60.23
N ALA R 326 5.79 68.33 60.71
CA ALA R 326 7.06 68.53 60.01
C ALA R 326 7.86 67.23 59.96
N SER R 327 7.19 66.15 59.57
CA SER R 327 7.84 64.86 59.40
C SER R 327 8.11 64.60 57.92
N ASN R 328 8.75 63.46 57.65
CA ASN R 328 9.19 63.13 56.30
C ASN R 328 8.01 63.11 55.33
N GLY R 329 8.33 63.20 54.04
CA GLY R 329 7.33 63.20 53.00
C GLY R 329 6.63 61.86 52.87
N PRO R 330 5.44 61.86 52.28
CA PRO R 330 4.71 60.60 52.10
C PRO R 330 5.47 59.60 51.24
N PHE R 331 6.23 60.07 50.25
CA PHE R 331 7.00 59.19 49.38
C PHE R 331 8.48 59.19 49.71
N ASN R 332 8.90 59.86 50.78
CA ASN R 332 10.32 60.06 51.06
C ASN R 332 11.05 58.74 51.22
N GLY R 333 12.26 58.68 50.66
CA GLY R 333 13.13 57.53 50.84
C GLY R 333 12.62 56.25 50.22
N GLU R 334 12.00 56.33 49.04
CA GLU R 334 11.54 55.13 48.36
C GLU R 334 11.85 55.09 46.86
N PHE R 335 12.30 56.19 46.25
CA PHE R 335 12.62 56.23 44.84
C PHE R 335 14.12 56.23 44.57
N ASN R 336 14.96 56.13 45.60
CA ASN R 336 16.40 56.28 45.44
C ASN R 336 16.95 55.32 44.40
N ARG R 337 16.41 54.10 44.33
CA ARG R 337 16.85 53.15 43.31
C ARG R 337 16.37 53.54 41.92
N PHE R 338 15.18 54.15 41.82
CA PHE R 338 14.62 54.49 40.52
C PHE R 338 15.41 55.61 39.86
N LEU R 339 15.79 56.63 40.62
CA LEU R 339 16.47 57.78 40.03
C LEU R 339 17.83 57.41 39.45
N SER R 340 18.51 56.42 40.02
CA SER R 340 19.82 56.04 39.49
C SER R 340 19.72 55.59 38.04
N ARG R 341 18.84 54.62 37.77
CA ARG R 341 18.64 54.17 36.40
C ARG R 341 18.02 55.27 35.54
N PHE R 342 17.10 56.06 36.13
CA PHE R 342 16.40 57.08 35.37
C PHE R 342 17.37 58.13 34.84
N GLU R 343 18.35 58.54 35.66
CA GLU R 343 19.37 59.48 35.21
C GLU R 343 20.46 58.80 34.41
N THR R 344 20.69 57.50 34.60
CA THR R 344 21.62 56.79 33.72
C THR R 344 21.11 56.78 32.29
N LYS R 345 19.80 56.59 32.10
CA LYS R 345 19.25 56.57 30.75
C LYS R 345 19.38 57.93 30.08
N LEU R 346 19.15 59.02 30.82
CA LEU R 346 19.15 60.34 30.21
C LEU R 346 20.52 60.77 29.70
N THR R 347 21.60 60.16 30.21
CA THR R 347 22.96 60.53 29.81
C THR R 347 23.58 59.51 28.86
N ASP R 348 22.79 58.57 28.34
CA ASP R 348 23.32 57.55 27.44
C ASP R 348 23.42 58.10 26.02
N LYS R 349 24.60 57.97 25.43
CA LYS R 349 24.82 58.47 24.07
C LYS R 349 24.21 57.56 23.01
N ARG R 350 23.93 56.30 23.35
CA ARG R 350 23.29 55.40 22.38
C ARG R 350 21.86 55.82 22.09
N LEU R 351 21.16 56.38 23.08
CA LEU R 351 19.79 56.85 22.92
C LEU R 351 19.72 58.33 22.56
N GLU R 352 20.73 58.87 21.87
CA GLU R 352 20.74 60.27 21.51
C GLU R 352 19.70 60.62 20.46
N PHE R 353 19.14 59.62 19.77
CA PHE R 353 18.11 59.88 18.77
C PHE R 353 16.72 60.00 19.37
N LEU R 354 16.56 59.77 20.67
CA LEU R 354 15.30 60.01 21.36
C LEU R 354 15.11 61.46 21.76
N LEU R 355 16.12 62.31 21.52
CA LEU R 355 16.15 63.68 22.06
C LEU R 355 15.96 63.65 23.56
N LEU R 356 16.61 62.68 24.21
CA LEU R 356 16.37 62.41 25.63
C LEU R 356 16.94 63.52 26.50
N ASN R 357 18.14 64.01 26.17
CA ASN R 357 18.78 65.08 26.93
C ASN R 357 18.29 66.42 26.39
N GLN R 358 17.31 67.01 27.08
CA GLN R 358 16.68 68.23 26.61
C GLN R 358 17.49 69.48 26.91
N ASP R 359 18.59 69.36 27.67
CA ASP R 359 19.42 70.53 27.95
C ASP R 359 20.08 71.07 26.68
N VAL R 360 20.51 70.18 25.79
CA VAL R 360 21.13 70.61 24.54
C VAL R 360 20.09 71.34 23.68
N GLU R 361 20.53 72.41 23.01
CA GLU R 361 19.60 73.24 22.25
C GLU R 361 19.01 72.49 21.06
N GLU R 362 19.81 71.63 20.42
CA GLU R 362 19.30 70.92 19.25
C GLU R 362 18.22 69.92 19.62
N ASN R 363 18.28 69.34 20.82
CA ASN R 363 17.25 68.40 21.25
C ASN R 363 16.01 69.09 21.78
N SER R 364 16.09 70.38 22.10
CA SER R 364 14.97 71.12 22.66
C SER R 364 14.25 72.00 21.63
N LYS R 365 14.78 72.09 20.41
CA LYS R 365 14.12 72.88 19.37
C LYS R 365 12.92 72.17 18.77
N TYR R 366 12.80 70.86 18.96
CA TYR R 366 11.69 70.09 18.42
C TYR R 366 10.57 70.05 19.44
N ARG R 367 9.41 70.59 19.07
CA ARG R 367 8.27 70.68 19.98
C ARG R 367 7.01 70.29 19.20
N THR R 368 5.85 70.59 19.80
CA THR R 368 4.58 70.14 19.23
C THR R 368 4.34 70.74 17.85
N GLU R 369 4.66 72.02 17.68
CA GLU R 369 4.44 72.68 16.39
C GLU R 369 5.40 72.22 15.31
N HIS R 370 6.46 71.47 15.66
CA HIS R 370 7.44 71.00 14.71
C HIS R 370 7.25 69.53 14.35
N PHE R 371 6.09 68.95 14.68
CA PHE R 371 5.85 67.53 14.39
C PHE R 371 5.78 67.26 12.90
N GLU R 372 5.45 68.27 12.08
CA GLU R 372 5.36 68.07 10.64
C GLU R 372 6.72 67.69 10.05
N ASP R 373 7.79 68.35 10.51
CA ASP R 373 9.12 68.04 9.99
C ASP R 373 9.57 66.64 10.37
N ILE R 374 9.22 66.18 11.58
CA ILE R 374 9.57 64.84 12.00
C ILE R 374 8.89 63.79 11.13
N LEU R 375 7.61 64.00 10.82
CA LEU R 375 6.87 63.03 10.00
C LEU R 375 7.44 62.94 8.60
N LYS R 376 7.79 64.08 7.99
CA LYS R 376 8.32 64.08 6.64
C LYS R 376 9.69 63.42 6.55
N GLN R 377 10.38 63.25 7.67
CA GLN R 377 11.70 62.63 7.66
C GLN R 377 11.64 61.18 7.20
N PHE R 378 10.61 60.44 7.66
CA PHE R 378 10.51 59.02 7.34
C PHE R 378 10.03 58.78 5.91
N MET R 379 9.23 59.69 5.37
CA MET R 379 8.66 59.52 4.04
C MET R 379 9.51 60.12 2.94
N GLY R 380 10.68 60.66 3.26
CA GLY R 380 11.57 61.24 2.26
C GLY R 380 11.01 62.45 1.57
N TYR R 381 10.27 63.30 2.28
CA TYR R 381 9.71 64.52 1.72
C TYR R 381 10.55 65.75 2.06
N LEU R 382 11.68 65.56 2.74
CA LEU R 382 12.61 66.64 2.99
C LEU R 382 13.68 66.75 1.91
N ASP R 383 13.87 65.70 1.10
CA ASP R 383 14.86 65.74 0.02
C ASP R 383 14.33 65.11 -1.27
N ARG R 384 13.04 64.77 -1.34
CA ARG R 384 12.43 64.19 -2.53
C ARG R 384 13.14 62.88 -2.93
N SER R 385 13.05 61.91 -2.03
CA SER R 385 13.69 60.61 -2.22
C SER R 385 12.64 59.52 -2.35
N ASN R 386 12.85 58.62 -3.32
CA ASN R 386 11.89 57.55 -3.56
C ASN R 386 12.01 56.44 -2.52
N VAL R 387 13.21 56.15 -2.05
CA VAL R 387 13.47 55.04 -1.14
C VAL R 387 14.03 55.60 0.16
N SER R 388 13.44 55.19 1.28
CA SER R 388 13.95 55.49 2.60
C SER R 388 14.38 54.20 3.29
N ILE R 389 15.57 54.21 3.85
CA ILE R 389 16.14 53.04 4.52
C ILE R 389 16.44 53.41 5.97
N ILE R 390 15.77 52.74 6.91
CA ILE R 390 15.99 52.96 8.33
C ILE R 390 16.97 51.89 8.80
N ASP R 391 18.18 52.31 9.17
CA ASP R 391 19.22 51.40 9.64
C ASP R 391 19.07 51.23 11.16
N LEU R 392 18.56 50.08 11.58
CA LEU R 392 18.31 49.81 12.98
C LEU R 392 19.45 49.06 13.66
N SER R 393 20.58 48.91 12.98
CA SER R 393 21.72 48.21 13.58
C SER R 393 22.26 48.96 14.79
N GLY R 394 22.34 50.29 14.71
CA GLY R 394 22.86 51.07 15.82
C GLY R 394 21.90 51.26 16.97
N ILE R 395 20.62 50.99 16.75
CA ILE R 395 19.64 51.13 17.83
C ILE R 395 19.87 50.06 18.88
N PRO R 396 19.94 50.40 20.16
CA PRO R 396 20.10 49.37 21.19
C PRO R 396 18.92 48.40 21.20
N PHE R 397 19.22 47.15 21.57
CA PHE R 397 18.21 46.10 21.53
C PHE R 397 17.06 46.37 22.51
N GLU R 398 17.34 47.09 23.60
CA GLU R 398 16.30 47.36 24.59
C GLU R 398 15.21 48.29 24.07
N VAL R 399 15.52 49.12 23.06
CA VAL R 399 14.56 50.07 22.53
C VAL R 399 14.26 49.78 21.05
N LEU R 400 14.60 48.59 20.57
CA LEU R 400 14.37 48.27 19.17
C LEU R 400 12.89 48.18 18.85
N SER R 401 12.10 47.52 19.70
CA SER R 401 10.68 47.38 19.44
C SER R 401 9.97 48.73 19.49
N ILE R 402 10.37 49.60 20.40
CA ILE R 402 9.73 50.91 20.55
C ILE R 402 9.90 51.74 19.29
N THR R 403 11.11 51.74 18.71
CA THR R 403 11.37 52.52 17.52
C THR R 403 10.52 52.04 16.35
N ILE R 404 10.48 50.73 16.12
CA ILE R 404 9.69 50.19 15.02
C ILE R 404 8.21 50.47 15.23
N SER R 405 7.73 50.29 16.47
CA SER R 405 6.33 50.56 16.77
C SER R 405 5.97 52.00 16.50
N LEU R 406 6.82 52.93 16.95
CA LEU R 406 6.54 54.36 16.75
C LEU R 406 6.54 54.72 15.27
N ILE R 407 7.53 54.24 14.51
CA ILE R 407 7.59 54.58 13.09
C ILE R 407 6.39 54.01 12.36
N SER R 408 6.05 52.76 12.63
CA SER R 408 4.92 52.13 11.96
C SER R 408 3.61 52.83 12.32
N ARG R 409 3.44 53.19 13.59
CA ARG R 409 2.22 53.87 14.01
C ARG R 409 2.11 55.24 13.35
N LEU R 410 3.22 55.97 13.25
CA LEU R 410 3.19 57.28 12.59
C LEU R 410 2.81 57.14 11.12
N ILE R 411 3.41 56.17 10.43
CA ILE R 411 3.10 55.98 9.01
C ILE R 411 1.63 55.59 8.83
N PHE R 412 1.15 54.66 9.66
CA PHE R 412 -0.23 54.21 9.54
C PHE R 412 -1.20 55.34 9.84
N ASP R 413 -0.92 56.14 10.86
CA ASP R 413 -1.81 57.25 11.20
C ASP R 413 -1.82 58.30 10.10
N PHE R 414 -0.66 58.60 9.53
CA PHE R 414 -0.63 59.54 8.41
C PHE R 414 -1.45 59.01 7.24
N ALA R 415 -1.30 57.73 6.91
CA ALA R 415 -2.08 57.16 5.81
C ALA R 415 -3.57 57.20 6.11
N PHE R 416 -3.95 56.86 7.34
CA PHE R 416 -5.37 56.86 7.72
C PHE R 416 -5.96 58.25 7.60
N HIS R 417 -5.28 59.25 8.16
CA HIS R 417 -5.83 60.61 8.15
C HIS R 417 -5.82 61.21 6.76
N TYR R 418 -4.82 60.91 5.94
CA TYR R 418 -4.82 61.38 4.56
C TYR R 418 -5.94 60.74 3.74
N SER R 419 -6.17 59.43 3.94
CA SER R 419 -7.25 58.76 3.23
C SER R 419 -8.60 59.32 3.64
N LYS R 420 -8.81 59.56 4.94
CA LYS R 420 -10.06 60.15 5.39
C LYS R 420 -10.22 61.58 4.89
N LEU R 421 -9.12 62.33 4.80
CA LEU R 421 -9.18 63.70 4.31
C LEU R 421 -9.48 63.74 2.82
N GLN R 422 -8.98 62.77 2.05
CA GLN R 422 -9.17 62.75 0.61
C GLN R 422 -10.48 62.07 0.20
N HIS R 423 -11.18 61.43 1.13
CA HIS R 423 -12.48 60.86 0.81
C HIS R 423 -13.54 61.93 0.61
N GLN R 424 -13.32 63.14 1.13
CA GLN R 424 -14.26 64.23 0.94
C GLN R 424 -14.26 64.79 -0.48
N LYS R 425 -13.26 64.44 -1.29
CA LYS R 425 -13.21 64.83 -2.69
C LYS R 425 -13.51 63.66 -3.62
N ASP R 426 -14.12 62.59 -3.09
CA ASP R 426 -14.39 61.37 -3.85
C ASP R 426 -13.12 60.81 -4.48
N GLU R 427 -12.04 60.78 -3.69
CA GLU R 427 -10.75 60.30 -4.15
C GLU R 427 -10.14 59.40 -3.08
N LEU R 428 -9.19 58.58 -3.51
CA LEU R 428 -8.47 57.68 -2.63
C LEU R 428 -7.05 58.21 -2.39
N ASN R 429 -6.28 57.45 -1.63
CA ASN R 429 -4.89 57.80 -1.40
C ASN R 429 -4.10 57.75 -2.69
N ASP R 430 -3.22 58.74 -2.88
CA ASP R 430 -2.42 58.84 -4.08
C ASP R 430 -0.92 58.79 -3.79
N ILE R 431 -0.55 58.50 -2.55
CA ILE R 431 0.86 58.30 -2.18
C ILE R 431 0.94 56.97 -1.44
N PRO R 432 0.91 55.85 -2.16
CA PRO R 432 1.00 54.55 -1.51
C PRO R 432 2.41 54.27 -1.03
N PHE R 433 2.50 53.45 0.01
CA PHE R 433 3.78 53.11 0.63
C PHE R 433 3.90 51.60 0.76
N MET R 434 5.13 51.12 0.57
CA MET R 434 5.47 49.71 0.74
C MET R 434 6.54 49.60 1.80
N ILE R 435 6.27 48.83 2.85
CA ILE R 435 7.18 48.66 3.98
C ILE R 435 7.87 47.31 3.82
N VAL R 436 9.17 47.34 3.60
CA VAL R 436 9.98 46.13 3.51
C VAL R 436 10.61 45.84 4.87
N CYS R 437 10.49 44.60 5.31
CA CYS R 437 10.97 44.18 6.63
C CYS R 437 12.10 43.18 6.44
N GLU R 438 13.33 43.66 6.53
CA GLU R 438 14.50 42.81 6.34
C GLU R 438 14.76 42.02 7.62
N GLU R 439 14.79 40.69 7.50
CA GLU R 439 14.93 39.78 8.64
C GLU R 439 13.83 40.02 9.68
N ALA R 440 12.61 39.77 9.22
CA ALA R 440 11.43 40.07 10.04
C ALA R 440 11.37 39.21 11.30
N HIS R 441 11.87 37.97 11.24
CA HIS R 441 11.73 37.04 12.36
C HIS R 441 12.33 37.56 13.66
N ASN R 442 13.07 38.67 13.63
CA ASN R 442 13.65 39.21 14.86
C ASN R 442 12.61 39.97 15.67
N TYR R 443 12.01 41.02 15.10
CA TYR R 443 11.11 41.90 15.83
C TYR R 443 9.64 41.53 15.69
N ILE R 444 9.30 40.51 14.89
CA ILE R 444 7.96 39.94 14.93
C ILE R 444 8.06 38.42 14.99
N PRO R 445 8.56 37.85 16.08
CA PRO R 445 8.71 36.40 16.15
C PRO R 445 7.40 35.69 16.40
N ARG R 446 7.37 34.40 16.04
CA ARG R 446 6.19 33.59 16.28
C ARG R 446 5.97 33.38 17.78
N THR R 447 7.00 32.97 18.49
CA THR R 447 6.93 32.74 19.93
C THR R 447 8.01 33.57 20.62
N GLY R 448 7.63 34.31 21.65
CA GLY R 448 8.58 35.15 22.36
C GLY R 448 7.90 35.85 23.51
N GLY R 449 8.69 36.62 24.23
CA GLY R 449 8.20 37.37 25.38
C GLY R 449 7.54 38.68 24.96
N ILE R 450 7.27 39.51 25.98
CA ILE R 450 6.64 40.81 25.75
C ILE R 450 7.60 41.85 25.24
N GLU R 451 8.85 41.49 24.97
CA GLU R 451 9.82 42.47 24.48
C GLU R 451 9.42 43.05 23.14
N PHE R 452 8.91 42.20 22.23
CA PHE R 452 8.52 42.63 20.90
C PHE R 452 7.00 42.71 20.74
N LYS R 453 6.27 42.86 21.85
CA LYS R 453 4.81 42.98 21.77
C LYS R 453 4.41 44.27 21.06
N ALA R 454 5.11 45.37 21.34
CA ALA R 454 4.75 46.66 20.72
C ALA R 454 4.97 46.61 19.21
N ALA R 455 6.08 46.04 18.76
CA ALA R 455 6.35 45.96 17.32
C ALA R 455 5.34 45.09 16.61
N LYS R 456 4.95 43.96 17.21
CA LYS R 456 4.01 43.06 16.56
C LYS R 456 2.64 43.72 16.39
N LYS R 457 2.18 44.45 17.41
CA LYS R 457 0.86 45.08 17.33
C LYS R 457 0.82 46.15 16.24
N SER R 458 1.87 46.97 16.14
CA SER R 458 1.89 48.03 15.12
C SER R 458 1.95 47.44 13.72
N ILE R 459 2.76 46.40 13.52
CA ILE R 459 2.85 45.78 12.20
C ILE R 459 1.56 45.07 11.85
N GLU R 460 0.91 44.44 12.85
CA GLU R 460 -0.34 43.74 12.60
C GLU R 460 -1.43 44.69 12.11
N ARG R 461 -1.37 45.97 12.52
CA ARG R 461 -2.31 46.96 12.00
C ARG R 461 -2.13 47.12 10.49
N ILE R 462 -0.88 47.16 10.03
CA ILE R 462 -0.62 47.30 8.60
C ILE R 462 -0.88 46.00 7.85
N ALA R 463 -0.99 44.87 8.56
CA ALA R 463 -1.29 43.61 7.89
C ALA R 463 -2.79 43.42 7.71
N LYS R 464 -3.57 43.66 8.76
CA LYS R 464 -5.02 43.51 8.71
C LYS R 464 -5.73 44.78 8.25
N GLU R 465 -5.01 45.90 8.14
CA GLU R 465 -5.53 47.15 7.61
C GLU R 465 -4.45 47.75 6.73
N GLY R 466 -4.61 49.03 6.39
CA GLY R 466 -3.62 49.69 5.56
C GLY R 466 -3.83 49.45 4.08
N ARG R 467 -4.23 48.23 3.72
CA ARG R 467 -4.63 47.96 2.35
C ARG R 467 -5.83 48.81 1.95
N LYS R 468 -6.70 49.12 2.91
CA LYS R 468 -7.76 50.10 2.70
C LYS R 468 -7.25 51.53 2.68
N TYR R 469 -6.09 51.78 3.31
CA TYR R 469 -5.56 53.13 3.45
C TYR R 469 -4.29 53.36 2.65
N GLY R 470 -3.86 52.38 1.85
CA GLY R 470 -2.70 52.58 1.01
C GLY R 470 -1.39 52.16 1.64
N LEU R 471 -1.32 50.92 2.15
CA LEU R 471 -0.11 50.40 2.75
C LEU R 471 0.05 48.93 2.38
N SER R 472 1.28 48.52 2.12
CA SER R 472 1.60 47.14 1.77
C SER R 472 2.84 46.70 2.54
N LEU R 473 2.97 45.39 2.71
CA LEU R 473 4.07 44.80 3.46
C LEU R 473 4.82 43.80 2.60
N MET R 474 6.14 43.84 2.67
CA MET R 474 7.01 42.87 2.01
C MET R 474 7.84 42.21 3.11
N VAL R 475 7.30 41.14 3.69
CA VAL R 475 7.96 40.44 4.79
C VAL R 475 9.08 39.59 4.21
N VAL R 476 10.33 40.00 4.43
CA VAL R 476 11.50 39.28 3.95
C VAL R 476 12.14 38.58 5.14
N SER R 477 12.21 37.26 5.09
CA SER R 477 12.75 36.49 6.19
C SER R 477 13.27 35.16 5.66
N GLN R 478 14.46 34.77 6.12
CA GLN R 478 15.05 33.49 5.74
C GLN R 478 14.64 32.37 6.68
N ARG R 479 13.87 32.66 7.72
CA ARG R 479 13.34 31.65 8.63
C ARG R 479 11.83 31.86 8.75
N PRO R 480 11.07 31.42 7.76
CA PRO R 480 9.62 31.65 7.79
C PRO R 480 8.91 31.04 8.98
N SER R 481 9.41 29.92 9.51
CA SER R 481 8.75 29.26 10.63
C SER R 481 8.84 30.07 11.92
N GLU R 482 9.76 31.01 12.01
CA GLU R 482 9.91 31.85 13.19
C GLU R 482 9.17 33.17 13.08
N VAL R 483 8.48 33.41 11.98
CA VAL R 483 7.71 34.64 11.78
C VAL R 483 6.27 34.37 12.20
N SER R 484 5.63 35.39 12.77
CA SER R 484 4.27 35.25 13.27
C SER R 484 3.32 34.86 12.15
N ASP R 485 2.48 33.86 12.41
CA ASP R 485 1.50 33.40 11.42
C ASP R 485 0.39 34.42 11.20
N THR R 486 0.12 35.28 12.18
CA THR R 486 -0.90 36.31 12.03
C THR R 486 -0.51 37.36 10.99
N ILE R 487 0.75 37.43 10.59
CA ILE R 487 1.21 38.38 9.60
C ILE R 487 1.50 37.69 8.27
N LEU R 488 2.08 36.49 8.30
CA LEU R 488 2.39 35.77 7.06
C LEU R 488 1.16 35.21 6.38
N SER R 489 0.03 35.10 7.10
CA SER R 489 -1.18 34.56 6.51
C SER R 489 -1.95 35.58 5.67
N GLN R 490 -1.58 36.86 5.75
CA GLN R 490 -2.24 37.90 4.97
C GLN R 490 -1.56 38.16 3.64
N CYS R 491 -0.48 37.46 3.33
CA CYS R 491 0.25 37.67 2.09
C CYS R 491 -0.43 36.90 0.95
N ASN R 492 -0.71 37.61 -0.14
CA ASN R 492 -1.37 37.00 -1.30
C ASN R 492 -0.38 36.50 -2.34
N ASN R 493 0.82 37.06 -2.39
CA ASN R 493 1.83 36.67 -3.37
C ASN R 493 3.08 36.19 -2.65
N PHE R 494 3.67 35.10 -3.16
CA PHE R 494 4.85 34.51 -2.56
C PHE R 494 5.95 34.37 -3.61
N ILE R 495 7.14 34.85 -3.28
CA ILE R 495 8.34 34.61 -4.07
C ILE R 495 9.23 33.70 -3.23
N ASN R 496 9.26 32.42 -3.60
CA ASN R 496 9.95 31.39 -2.82
C ASN R 496 11.31 31.10 -3.43
N LEU R 497 12.36 31.21 -2.60
CA LEU R 497 13.70 30.83 -3.00
C LEU R 497 14.01 29.46 -2.41
N ARG R 498 15.25 29.01 -2.57
CA ARG R 498 15.63 27.68 -2.11
C ARG R 498 15.57 27.62 -0.59
N LEU R 499 14.70 26.75 -0.07
CA LEU R 499 14.55 26.53 1.35
C LEU R 499 15.18 25.19 1.73
N THR R 500 16.07 25.21 2.72
CA THR R 500 16.77 24.02 3.14
C THR R 500 16.13 23.33 4.34
N ASN R 501 15.66 24.10 5.32
CA ASN R 501 15.05 23.52 6.50
C ASN R 501 13.71 22.86 6.14
N ILE R 502 13.48 21.68 6.72
CA ILE R 502 12.24 20.95 6.44
C ILE R 502 11.04 21.68 7.04
N ASN R 503 11.22 22.25 8.24
CA ASN R 503 10.10 22.96 8.87
C ASN R 503 9.68 24.17 8.05
N ASP R 504 10.64 24.94 7.54
CA ASP R 504 10.30 26.09 6.70
C ASP R 504 9.60 25.63 5.43
N GLN R 505 10.09 24.55 4.82
CA GLN R 505 9.46 24.02 3.61
C GLN R 505 8.02 23.63 3.87
N ASN R 506 7.77 22.92 4.97
CA ASN R 506 6.41 22.50 5.30
C ASN R 506 5.51 23.69 5.58
N TYR R 507 6.01 24.68 6.31
CA TYR R 507 5.20 25.86 6.62
C TYR R 507 4.85 26.63 5.35
N ILE R 508 5.82 26.82 4.46
CA ILE R 508 5.56 27.52 3.20
C ILE R 508 4.58 26.74 2.34
N LYS R 509 4.75 25.41 2.27
CA LYS R 509 3.84 24.59 1.47
C LYS R 509 2.42 24.68 2.01
N ASN R 510 2.26 24.67 3.34
CA ASN R 510 0.93 24.81 3.92
C ASN R 510 0.34 26.18 3.62
N LEU R 511 1.15 27.24 3.69
CA LEU R 511 0.63 28.59 3.49
C LEU R 511 0.38 28.93 2.03
N LEU R 512 0.97 28.21 1.09
CA LEU R 512 0.89 28.59 -0.32
C LEU R 512 -0.53 28.43 -0.84
N PRO R 513 -1.06 29.43 -1.57
CA PRO R 513 -2.41 29.29 -2.14
C PRO R 513 -2.52 28.16 -3.15
N ASP R 514 -1.47 27.89 -3.91
CA ASP R 514 -1.51 26.88 -4.98
C ASP R 514 -0.34 25.91 -4.78
N ASN R 515 -0.66 24.68 -4.34
CA ASN R 515 0.32 23.62 -4.16
C ASN R 515 -0.25 22.28 -4.67
N SER R 516 -0.05 22.01 -5.95
CA SER R 516 -0.60 20.81 -6.60
C SER R 516 0.48 20.12 -7.42
N ARG R 517 1.26 19.27 -6.75
CA ARG R 517 2.18 18.34 -7.40
C ARG R 517 3.27 19.02 -8.22
N SER R 518 3.31 20.35 -8.22
CA SER R 518 4.32 21.08 -8.96
C SER R 518 4.88 22.27 -8.18
N ILE R 519 4.47 22.45 -6.92
CA ILE R 519 4.95 23.55 -6.09
C ILE R 519 5.55 22.96 -4.83
N SER R 520 5.08 21.78 -4.45
CA SER R 520 5.52 21.10 -3.25
C SER R 520 6.80 20.29 -3.43
N GLU R 521 7.31 20.20 -4.66
CA GLU R 521 8.51 19.42 -4.94
C GLU R 521 9.65 20.24 -5.53
N ILE R 522 9.41 21.49 -5.91
CA ILE R 522 10.45 22.30 -6.54
C ILE R 522 11.21 23.17 -5.53
N LEU R 523 10.64 23.40 -4.34
CA LEU R 523 11.28 24.27 -3.36
C LEU R 523 12.68 23.80 -2.96
N PRO R 524 12.92 22.53 -2.62
CA PRO R 524 14.30 22.13 -2.30
C PRO R 524 15.21 22.01 -3.51
N THR R 525 14.64 21.92 -4.72
CA THR R 525 15.42 21.74 -5.93
C THR R 525 15.76 23.05 -6.63
N LEU R 526 15.34 24.19 -6.07
CA LEU R 526 15.62 25.48 -6.71
C LEU R 526 17.12 25.75 -6.72
N GLY R 527 17.57 26.40 -7.78
CA GLY R 527 18.96 26.75 -7.95
C GLY R 527 19.29 28.10 -7.36
N ALA R 528 20.44 28.63 -7.75
CA ALA R 528 20.89 29.93 -7.30
C ALA R 528 20.36 31.01 -8.24
N GLY R 529 19.63 31.97 -7.68
CA GLY R 529 19.03 33.03 -8.45
C GLY R 529 17.67 32.71 -9.05
N GLU R 530 17.18 31.49 -8.88
CA GLU R 530 15.88 31.08 -9.40
C GLU R 530 14.87 31.08 -8.27
N CYS R 531 13.71 31.69 -8.51
CA CYS R 531 12.64 31.79 -7.53
C CYS R 531 11.33 31.36 -8.14
N LEU R 532 10.49 30.74 -7.32
CA LEU R 532 9.16 30.30 -7.74
C LEU R 532 8.14 31.34 -7.29
N VAL R 533 7.30 31.77 -8.23
CA VAL R 533 6.31 32.82 -7.99
C VAL R 533 4.92 32.19 -7.97
N VAL R 534 4.26 32.28 -6.83
CA VAL R 534 2.92 31.75 -6.64
C VAL R 534 2.06 32.85 -6.05
N GLY R 535 0.97 33.20 -6.74
CA GLY R 535 0.09 34.22 -6.23
C GLY R 535 -0.90 34.66 -7.29
N ASP R 536 -1.63 35.73 -6.96
CA ASP R 536 -2.65 36.26 -7.87
C ASP R 536 -2.04 37.04 -9.02
N SER R 537 -0.81 37.52 -8.88
CA SER R 537 -0.20 38.35 -9.93
C SER R 537 0.09 37.56 -11.20
N THR R 538 0.14 36.23 -11.12
CA THR R 538 0.40 35.41 -12.28
C THR R 538 -0.65 34.31 -12.40
N PRO R 539 -1.04 33.96 -13.63
CA PRO R 539 -2.00 32.86 -13.80
C PRO R 539 -1.34 31.49 -13.69
N ILE R 540 -0.10 31.40 -14.13
CA ILE R 540 0.64 30.14 -14.11
C ILE R 540 1.86 30.29 -13.21
N PRO R 541 1.91 29.60 -12.08
CA PRO R 541 3.13 29.61 -11.25
C PRO R 541 4.30 29.05 -12.04
N SER R 542 5.48 29.66 -11.85
CA SER R 542 6.63 29.29 -12.66
C SER R 542 7.91 29.66 -11.91
N ILE R 543 9.02 29.10 -12.41
CA ILE R 543 10.34 29.41 -11.89
C ILE R 543 10.97 30.49 -12.77
N VAL R 544 11.47 31.55 -12.14
CA VAL R 544 12.01 32.69 -12.84
C VAL R 544 13.45 32.92 -12.39
N LYS R 545 14.36 33.08 -13.34
CA LYS R 545 15.75 33.41 -13.05
C LYS R 545 15.91 34.93 -13.07
N LEU R 546 16.29 35.50 -11.94
CA LEU R 546 16.39 36.95 -11.79
C LEU R 546 17.82 37.40 -12.01
N GLU R 547 17.98 38.46 -12.82
CA GLU R 547 19.30 39.01 -13.08
C GLU R 547 19.87 39.64 -11.81
N LEU R 548 21.20 39.64 -11.71
CA LEU R 548 21.85 40.19 -10.54
C LEU R 548 21.64 41.70 -10.47
N PRO R 549 21.43 42.25 -9.27
CA PRO R 549 21.22 43.70 -9.16
C PRO R 549 22.48 44.48 -9.50
N ASN R 550 22.27 45.71 -9.96
CA ASN R 550 23.37 46.62 -10.28
C ASN R 550 22.98 48.03 -9.84
N PRO R 551 23.58 48.56 -8.76
CA PRO R 551 24.63 47.96 -7.91
C PRO R 551 24.12 46.85 -7.01
N GLU R 552 25.01 45.98 -6.51
CA GLU R 552 24.70 44.86 -5.65
C GLU R 552 24.66 45.29 -4.18
N PRO R 553 23.86 44.63 -3.35
CA PRO R 553 23.87 44.92 -1.92
C PRO R 553 25.19 44.51 -1.28
N ARG R 554 25.53 45.22 -0.21
CA ARG R 554 26.77 44.93 0.53
C ARG R 554 26.51 43.83 1.55
N SER R 555 26.36 42.61 1.02
CA SER R 555 26.16 41.43 1.85
C SER R 555 27.53 40.85 2.19
N GLN R 556 27.97 41.07 3.43
CA GLN R 556 29.29 40.65 3.88
C GLN R 556 29.15 39.41 4.76
N SER R 557 29.83 38.33 4.38
CA SER R 557 29.85 37.10 5.16
C SER R 557 31.30 36.70 5.39
N ILE R 558 31.64 36.40 6.65
CA ILE R 558 33.02 36.05 6.98
C ILE R 558 33.32 34.65 6.47
N LYS R 559 34.45 34.51 5.76
CA LYS R 559 34.91 33.24 5.25
C LYS R 559 35.98 32.69 6.20
N PHE R 560 35.65 31.63 6.93
CA PHE R 560 36.50 31.16 8.01
C PHE R 560 37.85 30.68 7.49
N HIS R 561 37.85 29.87 6.43
CA HIS R 561 39.11 29.33 5.92
C HIS R 561 39.98 30.44 5.35
N LYS R 562 39.38 31.41 4.65
CA LYS R 562 40.15 32.50 4.08
C LYS R 562 40.79 33.37 5.18
N LYS R 563 40.02 33.68 6.23
CA LYS R 563 40.57 34.48 7.32
C LYS R 563 41.68 33.73 8.05
N TRP R 564 41.53 32.42 8.21
CA TRP R 564 42.64 31.60 8.68
C TRP R 564 43.73 31.57 7.62
N SER R 565 44.92 31.12 8.04
CA SER R 565 46.11 31.12 7.19
C SER R 565 46.48 32.53 6.72
N GLU R 566 46.22 33.52 7.57
CA GLU R 566 46.59 34.91 7.33
C GLU R 566 47.40 35.43 8.51
N SER R 567 48.41 34.66 8.91
CA SER R 567 49.26 34.98 10.05
C SER R 567 48.45 35.05 11.34
N TRP R 568 49.03 35.62 12.39
CA TRP R 568 48.40 35.68 13.70
C TRP R 568 47.86 37.09 13.94
N ARG R 569 46.59 37.18 14.29
CA ARG R 569 45.92 38.45 14.54
C ARG R 569 45.63 38.59 16.03
N THR R 570 46.08 39.71 16.60
CA THR R 570 45.89 39.98 18.02
C THR R 570 44.89 41.12 18.21
N PRO R 571 43.66 40.84 18.60
CA PRO R 571 42.69 41.93 18.82
C PRO R 571 43.00 42.72 20.08
N SER R 572 42.42 43.91 20.15
CA SER R 572 42.54 44.76 21.33
C SER R 572 41.50 44.32 22.34
N PHE R 573 41.94 43.59 23.37
CA PHE R 573 41.01 43.04 24.35
C PHE R 573 40.41 44.14 25.22
N GLU R 574 41.18 45.20 25.50
CA GLU R 574 40.67 46.26 26.35
C GLU R 574 39.44 46.93 25.73
N GLU R 575 39.48 47.18 24.42
CA GLU R 575 38.37 47.85 23.76
C GLU R 575 37.11 46.99 23.81
N VAL R 576 37.23 45.69 23.55
CA VAL R 576 36.04 44.85 23.52
C VAL R 576 35.49 44.61 24.92
N ILE R 577 36.37 44.50 25.92
CA ILE R 577 35.84 44.34 27.28
C ILE R 577 35.25 45.66 27.78
N MET R 578 35.71 46.79 27.27
CA MET R 578 35.09 48.06 27.63
C MET R 578 33.72 48.21 26.98
N ARG R 579 33.61 47.85 25.70
CA ARG R 579 32.31 47.88 25.04
C ARG R 579 31.35 46.85 25.64
N TRP R 580 31.89 45.75 26.17
CA TRP R 580 31.06 44.74 26.83
C TRP R 580 30.37 45.33 28.05
N ARG R 581 31.07 46.17 28.80
CA ARG R 581 30.54 46.76 30.04
C ARG R 581 29.51 47.86 29.77
N LYS R 582 29.05 48.01 28.52
CA LYS R 582 28.06 49.03 28.16
C LYS R 582 28.55 50.43 28.50
N GLU R 583 29.84 50.68 28.26
CA GLU R 583 30.45 51.99 28.52
C GLU R 583 30.61 52.82 27.26
N ASN R 584 31.01 52.20 26.15
CA ASN R 584 31.21 52.90 24.89
C ASN R 584 30.62 52.10 23.74
N GLY R 585 29.42 51.55 23.95
CA GLY R 585 28.74 50.76 22.93
C GLY R 585 28.29 51.57 21.74
#